data_9F3S
#
_entry.id   9F3S
#
_cell.length_a   1.00
_cell.length_b   1.00
_cell.length_c   1.00
_cell.angle_alpha   90.00
_cell.angle_beta   90.00
_cell.angle_gamma   90.00
#
_symmetry.space_group_name_H-M   'P 1'
#
loop_
_entity.id
_entity.type
_entity.pdbx_description
1 polymer 'Microtubule-associated protein RP/EB family member 3'
2 polymer 'Detyrosinated tubulin alpha-1B chain'
3 polymer 'Tubulin beta-3 chain'
4 non-polymer "GUANOSINE-5'-TRIPHOSPHATE"
5 non-polymer 'MAGNESIUM ION'
#
loop_
_entity_poly.entity_id
_entity_poly.type
_entity_poly.pdbx_seq_one_letter_code
_entity_poly.pdbx_strand_id
1 'polypeptide(L)'
;MAVNVYSTSVTSENLSRHDMLAWVNDSLHLNYTKIEQLCSGAAYCQFMDMLFPGCVHLRKVKFQAKLEHEYIHNFKVLQA
AFKKMGVDKIIPVEKLVKGKFQDNFEFIQWFKKFFDANYDGKDYNPLLARQ
;
S,T
2 'polypeptide(L)'
;MRECISIHVGQAGVQIGNACWELYCLEHGIQPDGQMPSDKTIHHHHHHGGGHHHFNTFDSFNTFFSETGAGKHVPRAVFV
DLEPTVIDEVRTGTYRQLFHPEQLITGKEDAANNYARGHYTIGKEIIDLVLDRIRKLADQCTGLQGFLVFHSFGGGTGSG
FTSLLMERLSVDYGKKSKLEFSIYPAPQVSTAVVEPYNSILTTHTTLEHSDCAFMVDNEAIYDICRRNLDIERPTYTNLN
RLISQIVSSITASLRFDGALNVDLTNFQTNLVPYPRIHFPLATYAPVISAEKAYHEQLSVAEITNACFEPANQMVKCDPR
HGKYMACCLLYRGDVVPKDVNAAIATIKTKRSIQFVDWCPTGFKVGINYQPPTVVPGGDLAKVQRAVCMLSNTTAIAEAW
ARLDHKFDLMYAKRAFVHWYVGEGMEEGEFSEAREDMAALEKDYEEVGVDSVE
;
A,G,C,I,E,K
3 'polypeptide(L)'
;MREIVHIQAGQCGNQIGAKFWEVISDEHGIDPSGNYVGDSDLQLERISVYYNEASSHKYVPRAILVDLEPGTMDSVRSGA
FGHLFRPDNFIFGQSGAGNNWAKGHYTEGAELVDSVLDVVRKECENCDCLQGFQLTHSLGGGTGSGMGTLLISKVREEYP
DRIMNTFSVVPSPKVSDTVVEPYNATLSIHQLVENTDETYCIDNEALYDICFRTLKLATPTYGDLNHLVSATMSGVTTSL
RFPGQLNADLRKLAVNMVPFPRLHFFMPGFAPLTARGSQQYRALTVPELTQQMFDAKNMMAACDPRHGRYLTVATVFRGR
MSMKEVDEQMLAIQSKNSSYFVEWIPNNVKVAVCDIPPRGLKMSSTFIGNSTAIQELFKRISEQFTAMFRRKAFLHWYTG
EGMDEMEFTEAESNMNDLVSEYQQYQDATAEEEGEMYEDDEEESEAQGPKENLYFQ
;
B,N,D,P,F,R
#
# COMPACT_ATOMS: atom_id res chain seq x y z
N MET A 1 -11.49 -11.20 45.44
CA MET A 1 -10.56 -10.08 45.55
C MET A 1 -9.33 -10.48 46.36
N ALA A 2 -8.23 -9.77 46.12
CA ALA A 2 -6.97 -10.02 46.81
C ALA A 2 -6.36 -8.70 47.26
N VAL A 3 -5.55 -8.78 48.32
CA VAL A 3 -4.90 -7.60 48.88
C VAL A 3 -3.53 -7.44 48.25
N ASN A 4 -3.22 -6.23 47.81
CA ASN A 4 -1.99 -5.92 47.11
C ASN A 4 -0.93 -5.38 48.07
N VAL A 5 0.33 -5.55 47.69
CA VAL A 5 1.47 -5.01 48.42
C VAL A 5 2.43 -4.37 47.44
N TYR A 6 3.27 -3.48 47.94
CA TYR A 6 4.33 -2.85 47.17
C TYR A 6 5.69 -3.20 47.76
N SER A 7 6.75 -2.81 47.04
CA SER A 7 8.11 -3.09 47.48
C SER A 7 9.03 -2.03 46.89
N THR A 8 9.48 -1.10 47.74
CA THR A 8 10.41 -0.06 47.31
C THR A 8 11.76 -0.18 48.01
N SER A 9 11.79 -0.16 49.34
CA SER A 9 13.04 -0.23 50.07
C SER A 9 12.77 -0.76 51.47
N VAL A 10 13.09 -2.03 51.71
CA VAL A 10 12.90 -2.67 53.01
C VAL A 10 14.21 -3.32 53.43
N THR A 11 14.32 -3.60 54.72
CA THR A 11 15.48 -4.25 55.30
C THR A 11 15.06 -5.48 56.11
N SER A 12 15.98 -6.43 56.23
CA SER A 12 15.78 -7.69 56.94
C SER A 12 14.62 -8.50 56.40
N GLU A 13 14.10 -8.15 55.22
CA GLU A 13 13.01 -8.88 54.59
C GLU A 13 13.35 -9.38 53.18
N ASN A 14 14.35 -8.81 52.53
CA ASN A 14 14.78 -9.31 51.23
C ASN A 14 15.59 -10.59 51.40
N LEU A 15 15.31 -11.57 50.56
CA LEU A 15 15.94 -12.88 50.65
C LEU A 15 17.10 -12.98 49.66
N SER A 16 17.99 -13.94 49.92
CA SER A 16 19.12 -14.16 49.04
C SER A 16 18.68 -14.79 47.73
N ARG A 17 19.53 -14.64 46.71
CA ARG A 17 19.21 -15.21 45.40
C ARG A 17 19.16 -16.73 45.46
N HIS A 18 20.08 -17.35 46.21
CA HIS A 18 20.08 -18.80 46.33
C HIS A 18 18.82 -19.30 47.03
N ASP A 19 18.43 -18.62 48.12
CA ASP A 19 17.27 -19.08 48.89
C ASP A 19 15.97 -18.92 48.12
N MET A 20 15.86 -17.84 47.33
CA MET A 20 14.65 -17.64 46.54
C MET A 20 14.45 -18.77 45.53
N LEU A 21 15.53 -19.24 44.91
CA LEU A 21 15.44 -20.39 44.02
C LEU A 21 15.00 -21.64 44.78
N ALA A 22 15.49 -21.81 46.00
CA ALA A 22 15.10 -22.97 46.80
C ALA A 22 13.62 -22.95 47.12
N TRP A 23 13.07 -21.77 47.42
CA TRP A 23 11.64 -21.67 47.71
C TRP A 23 10.80 -22.02 46.50
N VAL A 24 11.20 -21.56 45.31
CA VAL A 24 10.45 -21.86 44.10
C VAL A 24 10.52 -23.34 43.77
N ASN A 25 11.73 -23.92 43.87
CA ASN A 25 11.88 -25.35 43.56
C ASN A 25 11.10 -26.21 44.54
N ASP A 26 11.14 -25.86 45.83
CA ASP A 26 10.43 -26.65 46.84
C ASP A 26 8.92 -26.58 46.61
N SER A 27 8.39 -25.40 46.30
CA SER A 27 6.95 -25.22 46.26
C SER A 27 6.30 -26.05 45.16
N LEU A 28 6.87 -26.04 43.96
CA LEU A 28 6.28 -26.73 42.82
C LEU A 28 6.99 -28.03 42.45
N HIS A 29 8.05 -28.39 43.17
CA HIS A 29 8.77 -29.66 42.97
C HIS A 29 9.29 -29.80 41.54
N LEU A 30 10.20 -28.90 41.17
CA LEU A 30 10.90 -28.99 39.90
C LEU A 30 12.38 -28.76 40.16
N ASN A 31 13.15 -28.62 39.09
CA ASN A 31 14.61 -28.57 39.18
C ASN A 31 15.14 -27.33 38.46
N TYR A 32 14.56 -26.17 38.73
CA TYR A 32 15.10 -24.92 38.22
C TYR A 32 16.48 -24.67 38.83
N THR A 33 17.43 -24.28 37.97
CA THR A 33 18.80 -24.05 38.42
C THR A 33 19.22 -22.59 38.39
N LYS A 34 18.50 -21.73 37.66
CA LYS A 34 18.80 -20.32 37.61
C LYS A 34 17.51 -19.53 37.77
N ILE A 35 17.64 -18.31 38.32
CA ILE A 35 16.47 -17.46 38.47
C ILE A 35 16.09 -16.81 37.15
N GLU A 36 17.00 -16.80 36.17
CA GLU A 36 16.67 -16.36 34.83
C GLU A 36 15.89 -17.39 34.04
N GLN A 37 15.76 -18.61 34.56
CA GLN A 37 14.96 -19.65 33.94
C GLN A 37 13.47 -19.47 34.20
N LEU A 38 13.09 -18.49 35.02
CA LEU A 38 11.68 -18.16 35.24
C LEU A 38 11.09 -17.38 34.08
N CYS A 39 11.79 -17.33 32.94
CA CYS A 39 11.32 -16.61 31.77
C CYS A 39 10.07 -17.25 31.17
N SER A 40 9.89 -18.56 31.37
CA SER A 40 8.79 -19.27 30.72
C SER A 40 7.44 -18.74 31.19
N GLY A 41 7.32 -18.44 32.48
CA GLY A 41 6.05 -18.03 33.04
C GLY A 41 5.16 -19.17 33.48
N ALA A 42 5.57 -20.42 33.25
CA ALA A 42 4.78 -21.56 33.71
C ALA A 42 4.72 -21.61 35.23
N ALA A 43 5.83 -21.31 35.90
CA ALA A 43 5.86 -21.33 37.36
C ALA A 43 4.92 -20.29 37.94
N TYR A 44 4.89 -19.08 37.35
CA TYR A 44 4.01 -18.04 37.84
C TYR A 44 2.54 -18.44 37.71
N CYS A 45 2.18 -19.07 36.58
CA CYS A 45 0.80 -19.50 36.38
C CYS A 45 0.39 -20.55 37.40
N GLN A 46 1.29 -21.47 37.73
CA GLN A 46 0.99 -22.47 38.76
C GLN A 46 0.86 -21.81 40.13
N PHE A 47 1.58 -20.73 40.38
CA PHE A 47 1.48 -20.04 41.66
C PHE A 47 0.09 -19.45 41.86
N MET A 48 -0.50 -18.89 40.81
CA MET A 48 -1.85 -18.31 40.93
C MET A 48 -2.87 -19.40 41.23
N ASP A 49 -2.68 -20.61 40.70
CA ASP A 49 -3.57 -21.71 41.03
C ASP A 49 -3.48 -22.05 42.51
N MET A 50 -2.27 -22.02 43.08
CA MET A 50 -2.10 -22.32 44.49
C MET A 50 -2.78 -21.27 45.37
N LEU A 51 -2.67 -19.99 44.99
CA LEU A 51 -3.24 -18.93 45.81
C LEU A 51 -4.77 -18.97 45.80
N PHE A 52 -5.36 -19.09 44.61
CA PHE A 52 -6.82 -19.10 44.46
C PHE A 52 -7.19 -20.32 43.62
N PRO A 53 -7.89 -21.31 44.19
CA PRO A 53 -8.33 -22.45 43.38
C PRO A 53 -9.16 -21.99 42.19
N GLY A 54 -8.95 -22.64 41.06
CA GLY A 54 -9.61 -22.21 39.85
C GLY A 54 -9.03 -20.89 39.35
N CYS A 55 -9.85 -20.19 38.56
CA CYS A 55 -9.60 -18.86 38.00
C CYS A 55 -8.47 -18.84 36.98
N VAL A 56 -7.78 -19.97 36.77
CA VAL A 56 -6.75 -20.09 35.75
C VAL A 56 -6.98 -21.40 35.01
N HIS A 57 -7.15 -21.32 33.69
CA HIS A 57 -7.31 -22.52 32.86
C HIS A 57 -5.92 -23.03 32.54
N LEU A 58 -5.44 -23.99 33.32
CA LEU A 58 -4.09 -24.49 33.19
C LEU A 58 -3.84 -25.23 31.89
N ARG A 59 -4.92 -25.62 31.18
CA ARG A 59 -4.73 -26.30 29.91
C ARG A 59 -4.23 -25.35 28.83
N LYS A 60 -4.59 -24.07 28.91
CA LYS A 60 -4.17 -23.11 27.89
C LYS A 60 -2.66 -22.93 27.87
N VAL A 61 -2.04 -22.87 29.04
CA VAL A 61 -0.60 -22.63 29.10
C VAL A 61 0.16 -23.89 28.71
N LYS A 62 1.39 -23.69 28.24
CA LYS A 62 2.30 -24.78 27.91
C LYS A 62 3.61 -24.56 28.65
N PHE A 63 4.08 -25.62 29.32
CA PHE A 63 5.30 -25.54 30.13
C PHE A 63 6.55 -25.88 29.34
N GLN A 64 6.43 -26.32 28.09
CA GLN A 64 7.57 -26.66 27.26
C GLN A 64 7.93 -25.54 26.29
N ALA A 65 7.72 -24.29 26.70
CA ALA A 65 8.01 -23.15 25.83
C ALA A 65 9.51 -22.90 25.75
N LYS A 66 10.01 -22.74 24.53
CA LYS A 66 11.43 -22.47 24.33
C LYS A 66 11.69 -21.37 23.31
N LEU A 67 10.67 -20.71 22.78
CA LEU A 67 10.83 -19.66 21.79
C LEU A 67 10.30 -18.34 22.32
N GLU A 68 10.67 -17.25 21.65
CA GLU A 68 10.28 -15.92 22.10
C GLU A 68 8.77 -15.73 22.04
N HIS A 69 8.13 -16.22 20.98
CA HIS A 69 6.69 -16.04 20.83
C HIS A 69 5.89 -16.93 21.78
N GLU A 70 6.47 -18.06 22.20
CA GLU A 70 5.78 -18.94 23.13
C GLU A 70 5.77 -18.37 24.54
N TYR A 71 6.79 -17.59 24.89
CA TYR A 71 6.85 -17.00 26.23
C TYR A 71 5.78 -15.94 26.42
N ILE A 72 5.49 -15.17 25.38
CA ILE A 72 4.52 -14.09 25.50
C ILE A 72 3.12 -14.63 25.76
N HIS A 73 2.76 -15.74 25.09
CA HIS A 73 1.44 -16.32 25.28
C HIS A 73 1.23 -16.77 26.72
N ASN A 74 2.27 -17.31 27.35
CA ASN A 74 2.15 -17.77 28.73
C ASN A 74 1.85 -16.59 29.66
N PHE A 75 2.48 -15.44 29.42
CA PHE A 75 2.24 -14.28 30.27
C PHE A 75 0.89 -13.65 29.99
N LYS A 76 0.37 -13.76 28.77
CA LYS A 76 -0.94 -13.21 28.45
C LYS A 76 -2.03 -13.90 29.26
N VAL A 77 -1.87 -15.21 29.52
CA VAL A 77 -2.80 -15.91 30.41
C VAL A 77 -2.70 -15.33 31.82
N LEU A 78 -1.47 -15.06 32.28
CA LEU A 78 -1.29 -14.45 33.59
C LEU A 78 -1.90 -13.05 33.65
N GLN A 79 -1.95 -12.35 32.51
CA GLN A 79 -2.57 -11.03 32.49
C GLN A 79 -4.06 -11.12 32.81
N ALA A 80 -4.74 -12.12 32.25
CA ALA A 80 -6.17 -12.27 32.51
C ALA A 80 -6.44 -12.64 33.97
N ALA A 81 -5.60 -13.53 34.53
CA ALA A 81 -5.80 -13.93 35.92
C ALA A 81 -5.57 -12.77 36.88
N PHE A 82 -4.62 -11.88 36.56
CA PHE A 82 -4.39 -10.71 37.41
C PHE A 82 -5.61 -9.79 37.44
N LYS A 83 -6.25 -9.60 36.30
CA LYS A 83 -7.44 -8.74 36.24
C LYS A 83 -8.59 -9.35 37.05
N LYS A 84 -8.76 -10.67 36.98
CA LYS A 84 -9.87 -11.31 37.68
C LYS A 84 -9.75 -11.14 39.19
N MET A 85 -8.54 -11.33 39.74
CA MET A 85 -8.31 -11.15 41.16
C MET A 85 -8.31 -9.69 41.59
N GLY A 86 -8.31 -8.76 40.64
CA GLY A 86 -8.37 -7.35 40.98
C GLY A 86 -7.04 -6.71 41.31
N VAL A 87 -5.92 -7.42 41.15
CA VAL A 87 -4.63 -6.81 41.40
C VAL A 87 -4.31 -5.78 40.30
N ASP A 88 -3.40 -4.86 40.63
CA ASP A 88 -3.09 -3.76 39.73
C ASP A 88 -1.60 -3.65 39.44
N LYS A 89 -0.84 -4.72 39.63
CA LYS A 89 0.58 -4.73 39.31
C LYS A 89 0.75 -5.00 37.82
N ILE A 90 1.28 -4.03 37.09
CA ILE A 90 1.46 -4.16 35.66
C ILE A 90 2.74 -4.94 35.39
N ILE A 91 2.61 -6.06 34.68
CA ILE A 91 3.75 -6.91 34.36
C ILE A 91 4.47 -6.35 33.14
N PRO A 92 5.76 -6.01 33.24
CA PRO A 92 6.52 -5.58 32.05
C PRO A 92 6.95 -6.78 31.21
N VAL A 93 5.99 -7.32 30.46
CA VAL A 93 6.21 -8.55 29.71
C VAL A 93 7.29 -8.38 28.66
N GLU A 94 7.38 -7.19 28.06
CA GLU A 94 8.38 -6.96 27.01
C GLU A 94 9.80 -7.11 27.55
N LYS A 95 10.01 -6.81 28.82
CA LYS A 95 11.35 -6.86 29.42
C LYS A 95 11.65 -8.19 30.11
N LEU A 96 10.63 -8.89 30.62
CA LEU A 96 10.88 -10.19 31.25
C LEU A 96 11.29 -11.25 30.24
N VAL A 97 10.71 -11.20 29.03
CA VAL A 97 10.90 -12.28 28.08
C VAL A 97 12.34 -12.38 27.57
N LYS A 98 13.16 -11.35 27.79
CA LYS A 98 14.54 -11.40 27.34
C LYS A 98 15.41 -12.31 28.20
N GLY A 99 14.92 -12.78 29.34
CA GLY A 99 15.66 -13.70 30.18
C GLY A 99 16.91 -13.12 30.82
N LYS A 100 16.84 -11.90 31.33
CA LYS A 100 17.95 -11.28 32.04
C LYS A 100 17.72 -11.33 33.54
N PHE A 101 18.82 -11.17 34.29
CA PHE A 101 18.74 -11.30 35.75
C PHE A 101 17.99 -10.13 36.38
N GLN A 102 18.20 -8.92 35.86
CA GLN A 102 17.72 -7.72 36.54
C GLN A 102 16.20 -7.74 36.70
N ASP A 103 15.47 -7.71 35.58
CA ASP A 103 14.01 -7.60 35.67
C ASP A 103 13.38 -8.87 36.21
N ASN A 104 13.97 -10.04 35.92
CA ASN A 104 13.40 -11.29 36.40
C ASN A 104 13.48 -11.40 37.92
N PHE A 105 14.53 -10.83 38.53
CA PHE A 105 14.66 -10.87 39.98
C PHE A 105 13.72 -9.89 40.66
N GLU A 106 13.49 -8.73 40.05
CA GLU A 106 12.60 -7.74 40.67
C GLU A 106 11.17 -8.26 40.73
N PHE A 107 10.71 -8.93 39.68
CA PHE A 107 9.33 -9.44 39.67
C PHE A 107 9.14 -10.56 40.68
N ILE A 108 10.08 -11.51 40.72
CA ILE A 108 9.96 -12.61 41.68
C ILE A 108 10.14 -12.08 43.11
N GLN A 109 10.85 -10.97 43.28
CA GLN A 109 10.92 -10.34 44.59
C GLN A 109 9.55 -9.84 45.03
N TRP A 110 8.79 -9.23 44.12
CA TRP A 110 7.46 -8.75 44.46
C TRP A 110 6.49 -9.91 44.66
N PHE A 111 6.63 -10.98 43.87
CA PHE A 111 5.71 -12.11 43.98
C PHE A 111 5.84 -12.81 45.33
N LYS A 112 7.05 -12.84 45.89
CA LYS A 112 7.23 -13.43 47.21
C LYS A 112 6.45 -12.64 48.26
N LYS A 113 6.49 -11.31 48.19
CA LYS A 113 5.67 -10.50 49.08
C LYS A 113 4.19 -10.71 48.81
N PHE A 114 3.79 -10.83 47.54
CA PHE A 114 2.40 -11.08 47.19
C PHE A 114 1.97 -12.48 47.62
N PHE A 115 2.89 -13.44 47.56
CA PHE A 115 2.58 -14.82 47.96
C PHE A 115 2.24 -14.90 49.45
N ASP A 116 3.05 -14.23 50.29
CA ASP A 116 2.89 -14.37 51.73
C ASP A 116 1.58 -13.79 52.22
N ALA A 117 1.15 -12.66 51.63
CA ALA A 117 -0.06 -12.00 52.08
C ALA A 117 -1.31 -12.85 51.81
N ASN A 118 -1.35 -13.52 50.66
CA ASN A 118 -2.54 -14.24 50.20
C ASN A 118 -2.35 -15.75 50.25
N TYR A 119 -1.71 -16.26 51.30
CA TYR A 119 -1.55 -17.69 51.49
C TYR A 119 -2.34 -18.13 52.72
N ASP A 120 -3.21 -19.11 52.54
CA ASP A 120 -4.06 -19.62 53.61
C ASP A 120 -3.54 -20.93 54.19
N GLY A 121 -2.37 -21.39 53.75
CA GLY A 121 -1.78 -22.61 54.27
C GLY A 121 -2.24 -23.89 53.62
N LYS A 122 -3.05 -23.82 52.55
CA LYS A 122 -3.46 -25.03 51.85
C LYS A 122 -2.28 -25.65 51.11
N ASP A 123 -2.36 -26.96 50.89
CA ASP A 123 -1.29 -27.70 50.25
C ASP A 123 -1.86 -28.78 49.35
N TYR A 124 -1.16 -29.02 48.23
CA TYR A 124 -1.48 -30.09 47.32
C TYR A 124 -0.26 -30.38 46.47
N ASN A 125 -0.29 -31.51 45.76
CA ASN A 125 0.81 -31.90 44.90
C ASN A 125 0.59 -31.39 43.49
N PRO A 126 1.50 -30.60 42.92
CA PRO A 126 1.31 -30.10 41.55
C PRO A 126 1.59 -31.13 40.47
N LEU A 127 2.00 -32.35 40.83
CA LEU A 127 2.34 -33.35 39.83
C LEU A 127 1.11 -33.72 39.00
N LEU A 128 -0.01 -34.02 39.66
CA LEU A 128 -1.23 -34.33 38.93
C LEU A 128 -1.86 -33.09 38.33
N ALA A 129 -1.68 -31.92 38.96
CA ALA A 129 -2.17 -30.68 38.38
C ALA A 129 -1.46 -30.36 37.07
N ARG A 130 -0.15 -30.59 37.01
CA ARG A 130 0.59 -30.36 35.78
C ARG A 130 0.25 -31.40 34.72
N GLN A 131 -0.07 -32.63 35.13
CA GLN A 131 -0.40 -33.68 34.19
C GLN A 131 -1.73 -34.33 34.53
N MET B 1 -46.94 -18.12 -11.40
CA MET B 1 -45.94 -17.29 -10.74
C MET B 1 -45.01 -18.14 -9.88
N ALA B 2 -43.82 -17.60 -9.59
CA ALA B 2 -42.83 -18.29 -8.79
C ALA B 2 -42.28 -17.34 -7.73
N VAL B 3 -41.85 -17.92 -6.61
CA VAL B 3 -41.30 -17.15 -5.49
C VAL B 3 -39.82 -16.91 -5.74
N ASN B 4 -39.39 -15.66 -5.61
CA ASN B 4 -38.02 -15.27 -5.86
C ASN B 4 -37.16 -15.43 -4.61
N VAL B 5 -35.85 -15.54 -4.83
CA VAL B 5 -34.88 -15.66 -3.74
C VAL B 5 -33.68 -14.77 -4.05
N TYR B 6 -32.87 -14.54 -3.03
CA TYR B 6 -31.66 -13.75 -3.15
C TYR B 6 -30.46 -14.55 -2.63
N SER B 7 -29.26 -14.07 -2.97
CA SER B 7 -28.04 -14.75 -2.54
C SER B 7 -26.93 -13.70 -2.47
N THR B 8 -26.67 -13.20 -1.26
CA THR B 8 -25.60 -12.24 -1.03
C THR B 8 -24.52 -12.76 -0.09
N SER B 9 -24.89 -13.20 1.12
CA SER B 9 -23.92 -13.73 2.07
C SER B 9 -24.65 -14.70 2.99
N VAL B 10 -24.52 -16.00 2.71
CA VAL B 10 -25.13 -17.06 3.50
C VAL B 10 -24.09 -18.15 3.74
N THR B 11 -24.06 -18.67 4.96
CA THR B 11 -23.15 -19.75 5.33
C THR B 11 -23.92 -21.05 5.47
N SER B 12 -23.18 -22.14 5.66
CA SER B 12 -23.70 -23.49 5.87
C SER B 12 -24.57 -23.99 4.72
N GLU B 13 -24.58 -23.27 3.59
CA GLU B 13 -25.34 -23.68 2.42
C GLU B 13 -24.55 -23.59 1.13
N ASN B 14 -23.30 -23.15 1.18
CA ASN B 14 -22.47 -23.03 -0.02
C ASN B 14 -21.89 -24.41 -0.35
N LEU B 15 -22.34 -24.97 -1.46
CA LEU B 15 -21.86 -26.28 -1.89
C LEU B 15 -20.60 -26.15 -2.73
N SER B 16 -19.75 -27.17 -2.65
CA SER B 16 -18.51 -27.18 -3.39
C SER B 16 -18.78 -27.43 -4.87
N ARG B 17 -17.75 -27.21 -5.69
CA ARG B 17 -17.88 -27.43 -7.13
C ARG B 17 -18.18 -28.89 -7.44
N HIS B 18 -17.57 -29.82 -6.69
CA HIS B 18 -17.80 -31.24 -6.93
C HIS B 18 -19.25 -31.62 -6.66
N ASP B 19 -19.82 -31.10 -5.57
CA ASP B 19 -21.21 -31.43 -5.24
C ASP B 19 -22.18 -30.75 -6.19
N MET B 20 -21.90 -29.49 -6.55
CA MET B 20 -22.76 -28.79 -7.50
C MET B 20 -22.75 -29.48 -8.86
N LEU B 21 -21.58 -29.92 -9.31
CA LEU B 21 -21.51 -30.67 -10.57
C LEU B 21 -22.26 -31.99 -10.46
N ALA B 22 -22.13 -32.66 -9.32
CA ALA B 22 -22.84 -33.93 -9.12
C ALA B 22 -24.35 -33.72 -9.16
N TRP B 23 -24.84 -32.65 -8.55
CA TRP B 23 -26.28 -32.37 -8.56
C TRP B 23 -26.77 -32.09 -9.98
N VAL B 24 -26.01 -31.34 -10.77
CA VAL B 24 -26.40 -31.05 -12.14
C VAL B 24 -26.35 -32.33 -12.98
N ASN B 25 -25.26 -33.10 -12.83
CA ASN B 25 -25.10 -34.30 -13.65
C ASN B 25 -26.16 -35.35 -13.33
N ASP B 26 -26.49 -35.51 -12.05
CA ASP B 26 -27.46 -36.53 -11.67
C ASP B 26 -28.90 -36.12 -12.04
N SER B 27 -29.20 -34.83 -11.99
CA SER B 27 -30.57 -34.37 -12.23
C SER B 27 -30.97 -34.56 -13.68
N LEU B 28 -30.08 -34.25 -14.62
CA LEU B 28 -30.40 -34.28 -16.04
C LEU B 28 -29.66 -35.37 -16.81
N HIS B 29 -28.81 -36.14 -16.15
CA HIS B 29 -28.12 -37.30 -16.75
C HIS B 29 -27.27 -36.89 -17.95
N LEU B 30 -26.25 -36.08 -17.68
CA LEU B 30 -25.21 -35.79 -18.65
C LEU B 30 -23.86 -36.24 -18.09
N ASN B 31 -22.79 -35.88 -18.79
CA ASN B 31 -21.44 -36.22 -18.37
C ASN B 31 -20.56 -34.98 -18.26
N TYR B 32 -21.09 -33.93 -17.64
CA TYR B 32 -20.32 -32.70 -17.46
C TYR B 32 -19.15 -32.95 -16.52
N THR B 33 -18.00 -32.36 -16.86
CA THR B 33 -16.81 -32.47 -16.03
C THR B 33 -16.32 -31.13 -15.48
N LYS B 34 -16.74 -30.01 -16.07
CA LYS B 34 -16.34 -28.69 -15.60
C LYS B 34 -17.58 -27.83 -15.43
N ILE B 35 -17.59 -27.00 -14.38
CA ILE B 35 -18.70 -26.09 -14.17
C ILE B 35 -18.66 -24.95 -15.18
N GLU B 36 -17.51 -24.73 -15.81
CA GLU B 36 -17.40 -23.73 -16.87
C GLU B 36 -18.08 -24.16 -18.16
N GLN B 37 -18.52 -25.41 -18.25
CA GLN B 37 -19.18 -25.93 -19.44
C GLN B 37 -20.67 -25.66 -19.45
N LEU B 38 -21.19 -24.94 -18.45
CA LEU B 38 -22.60 -24.61 -18.38
C LEU B 38 -22.96 -23.35 -19.15
N CYS B 39 -21.98 -22.71 -19.81
CA CYS B 39 -22.23 -21.50 -20.58
C CYS B 39 -23.07 -21.77 -21.82
N SER B 40 -23.22 -23.02 -22.24
CA SER B 40 -24.02 -23.32 -23.43
C SER B 40 -25.49 -23.01 -23.18
N GLY B 41 -25.97 -23.20 -21.96
CA GLY B 41 -27.35 -22.94 -21.61
C GLY B 41 -28.30 -24.08 -21.90
N ALA B 42 -27.82 -25.18 -22.48
CA ALA B 42 -28.71 -26.30 -22.78
C ALA B 42 -29.23 -26.96 -21.51
N ALA B 43 -28.35 -27.19 -20.53
CA ALA B 43 -28.79 -27.77 -19.27
C ALA B 43 -29.71 -26.82 -18.51
N TYR B 44 -29.48 -25.52 -18.63
CA TYR B 44 -30.29 -24.54 -17.91
C TYR B 44 -31.73 -24.56 -18.41
N CYS B 45 -31.93 -24.71 -19.73
CA CYS B 45 -33.27 -24.72 -20.29
C CYS B 45 -34.09 -25.87 -19.75
N GLN B 46 -33.48 -27.06 -19.63
CA GLN B 46 -34.19 -28.22 -19.13
C GLN B 46 -34.61 -28.05 -17.67
N PHE B 47 -33.87 -27.24 -16.92
CA PHE B 47 -34.24 -26.99 -15.52
C PHE B 47 -35.57 -26.27 -15.43
N MET B 48 -35.82 -25.30 -16.32
CA MET B 48 -37.10 -24.61 -16.32
C MET B 48 -38.24 -25.56 -16.66
N ASP B 49 -38.01 -26.48 -17.59
CA ASP B 49 -39.05 -27.45 -17.93
C ASP B 49 -39.39 -28.33 -16.73
N MET B 50 -38.38 -28.75 -15.98
CA MET B 50 -38.64 -29.55 -14.77
C MET B 50 -39.39 -28.74 -13.73
N LEU B 51 -38.98 -27.48 -13.51
CA LEU B 51 -39.59 -26.66 -12.47
C LEU B 51 -41.05 -26.36 -12.80
N PHE B 52 -41.32 -25.98 -14.05
CA PHE B 52 -42.68 -25.67 -14.49
C PHE B 52 -42.94 -26.42 -15.79
N PRO B 53 -43.90 -27.35 -15.83
CA PRO B 53 -44.22 -28.02 -17.09
C PRO B 53 -44.62 -27.01 -18.15
N GLY B 54 -44.18 -27.26 -19.38
CA GLY B 54 -44.44 -26.32 -20.45
C GLY B 54 -43.63 -25.04 -20.27
N CYS B 55 -44.21 -23.94 -20.73
CA CYS B 55 -43.69 -22.57 -20.59
C CYS B 55 -42.31 -22.40 -21.23
N VAL B 56 -41.80 -23.46 -21.86
CA VAL B 56 -40.54 -23.42 -22.59
C VAL B 56 -40.65 -24.35 -23.78
N HIS B 57 -40.51 -23.80 -24.98
CA HIS B 57 -40.56 -24.62 -26.20
C HIS B 57 -39.19 -25.27 -26.38
N LEU B 58 -39.09 -26.55 -26.03
CA LEU B 58 -37.83 -27.29 -26.06
C LEU B 58 -37.38 -27.62 -27.48
N ARG B 59 -38.03 -27.12 -28.52
CA ARG B 59 -37.62 -27.41 -29.89
C ARG B 59 -36.69 -26.34 -30.45
N LYS B 60 -36.94 -25.07 -30.15
CA LYS B 60 -36.10 -24.00 -30.67
C LYS B 60 -34.74 -23.94 -29.97
N VAL B 61 -34.62 -24.54 -28.78
CA VAL B 61 -33.34 -24.59 -28.09
C VAL B 61 -32.47 -25.67 -28.72
N LYS B 62 -31.22 -25.32 -29.02
CA LYS B 62 -30.26 -26.26 -29.58
C LYS B 62 -29.21 -26.61 -28.53
N PHE B 63 -28.93 -27.91 -28.40
CA PHE B 63 -28.00 -28.41 -27.40
C PHE B 63 -26.60 -28.62 -27.93
N GLN B 64 -26.41 -28.66 -29.26
CA GLN B 64 -25.11 -28.89 -29.86
C GLN B 64 -24.38 -27.59 -30.20
N ALA B 65 -24.66 -26.51 -29.48
CA ALA B 65 -24.00 -25.24 -29.74
C ALA B 65 -22.53 -25.33 -29.33
N LYS B 66 -21.65 -24.86 -30.22
CA LYS B 66 -20.22 -24.91 -29.97
C LYS B 66 -19.49 -23.61 -30.28
N LEU B 67 -20.14 -22.63 -30.89
CA LEU B 67 -19.55 -21.34 -31.19
C LEU B 67 -20.13 -20.27 -30.27
N GLU B 68 -19.68 -19.03 -30.47
CA GLU B 68 -20.06 -17.95 -29.56
C GLU B 68 -21.44 -17.38 -29.87
N HIS B 69 -21.99 -17.62 -31.06
CA HIS B 69 -23.21 -16.93 -31.46
C HIS B 69 -24.49 -17.70 -31.13
N GLU B 70 -24.44 -19.03 -31.05
CA GLU B 70 -25.61 -19.78 -30.62
C GLU B 70 -25.75 -19.83 -29.11
N TYR B 71 -24.69 -19.49 -28.37
CA TYR B 71 -24.83 -19.34 -26.93
C TYR B 71 -25.72 -18.17 -26.57
N ILE B 72 -25.61 -17.06 -27.32
CA ILE B 72 -26.46 -15.90 -27.09
C ILE B 72 -27.92 -16.25 -27.38
N HIS B 73 -28.17 -16.94 -28.49
CA HIS B 73 -29.53 -17.35 -28.81
C HIS B 73 -30.06 -18.35 -27.80
N ASN B 74 -29.20 -19.20 -27.25
CA ASN B 74 -29.64 -20.17 -26.26
C ASN B 74 -30.17 -19.50 -25.01
N PHE B 75 -29.49 -18.45 -24.53
CA PHE B 75 -29.96 -17.73 -23.35
C PHE B 75 -31.18 -16.87 -23.65
N LYS B 76 -31.37 -16.46 -24.91
CA LYS B 76 -32.58 -15.74 -25.28
C LYS B 76 -33.82 -16.62 -25.19
N VAL B 77 -33.66 -17.93 -25.06
CA VAL B 77 -34.78 -18.84 -24.86
C VAL B 77 -34.84 -19.37 -23.43
N LEU B 78 -33.70 -19.55 -22.76
CA LEU B 78 -33.68 -20.10 -21.41
C LEU B 78 -34.53 -19.28 -20.45
N GLN B 79 -34.14 -18.02 -20.24
CA GLN B 79 -34.83 -17.18 -19.26
C GLN B 79 -35.74 -16.15 -19.92
N ALA B 80 -36.14 -16.40 -21.18
CA ALA B 80 -37.28 -15.66 -21.72
C ALA B 80 -38.55 -16.06 -21.02
N ALA B 81 -38.57 -17.26 -20.42
CA ALA B 81 -39.64 -17.69 -19.53
C ALA B 81 -39.52 -17.05 -18.16
N PHE B 82 -38.41 -16.40 -17.83
CA PHE B 82 -38.32 -15.65 -16.59
C PHE B 82 -39.36 -14.53 -16.55
N LYS B 83 -39.51 -13.82 -17.67
CA LYS B 83 -40.57 -12.81 -17.77
C LYS B 83 -41.94 -13.46 -17.68
N LYS B 84 -42.12 -14.62 -18.33
CA LYS B 84 -43.39 -15.34 -18.24
C LYS B 84 -43.66 -15.82 -16.82
N MET B 85 -42.63 -16.31 -16.14
CA MET B 85 -42.81 -16.83 -14.78
C MET B 85 -42.78 -15.74 -13.72
N GLY B 86 -42.41 -14.51 -14.07
CA GLY B 86 -42.41 -13.41 -13.15
C GLY B 86 -41.13 -13.20 -12.36
N VAL B 87 -40.16 -14.11 -12.47
CA VAL B 87 -38.90 -13.92 -11.77
C VAL B 87 -38.09 -12.82 -12.46
N ASP B 88 -37.56 -11.90 -11.66
CA ASP B 88 -36.94 -10.68 -12.17
C ASP B 88 -35.42 -10.68 -12.03
N LYS B 89 -34.80 -11.85 -11.99
CA LYS B 89 -33.34 -11.92 -11.92
C LYS B 89 -32.77 -11.74 -13.32
N ILE B 90 -31.89 -10.76 -13.49
CA ILE B 90 -31.24 -10.47 -14.76
C ILE B 90 -29.78 -10.86 -14.65
N ILE B 91 -29.31 -11.67 -15.60
CA ILE B 91 -27.95 -12.20 -15.55
C ILE B 91 -27.12 -11.57 -16.67
N PRO B 92 -25.80 -11.46 -16.50
CA PRO B 92 -24.95 -10.93 -17.59
C PRO B 92 -24.59 -12.02 -18.60
N VAL B 93 -25.54 -12.32 -19.48
CA VAL B 93 -25.30 -13.31 -20.53
C VAL B 93 -24.19 -12.85 -21.46
N GLU B 94 -24.03 -11.53 -21.63
CA GLU B 94 -22.89 -11.02 -22.38
C GLU B 94 -21.57 -11.48 -21.79
N LYS B 95 -21.51 -11.59 -20.45
CA LYS B 95 -20.30 -12.03 -19.77
C LYS B 95 -20.32 -13.52 -19.44
N LEU B 96 -21.52 -14.13 -19.34
CA LEU B 96 -21.60 -15.55 -19.03
C LEU B 96 -21.06 -16.42 -20.16
N VAL B 97 -21.34 -16.06 -21.41
CA VAL B 97 -21.00 -16.91 -22.55
C VAL B 97 -19.50 -17.08 -22.76
N LYS B 98 -18.67 -16.32 -22.04
CA LYS B 98 -17.23 -16.45 -22.16
C LYS B 98 -16.69 -17.73 -21.54
N GLY B 99 -17.51 -18.47 -20.78
CA GLY B 99 -17.08 -19.72 -20.20
C GLY B 99 -15.99 -19.60 -19.15
N LYS B 100 -16.12 -18.65 -18.23
CA LYS B 100 -15.17 -18.47 -17.15
C LYS B 100 -15.79 -18.86 -15.81
N PHE B 101 -14.92 -19.10 -14.83
CA PHE B 101 -15.38 -19.45 -13.49
C PHE B 101 -15.97 -18.24 -12.77
N GLN B 102 -15.68 -17.04 -13.25
CA GLN B 102 -16.15 -15.79 -12.64
C GLN B 102 -17.64 -15.82 -12.31
N ASP B 103 -18.49 -16.01 -13.31
CA ASP B 103 -19.93 -15.94 -13.13
C ASP B 103 -20.64 -17.27 -13.25
N ASN B 104 -20.07 -18.22 -14.01
CA ASN B 104 -20.74 -19.50 -14.21
C ASN B 104 -20.97 -20.23 -12.90
N PHE B 105 -20.19 -19.91 -11.86
CA PHE B 105 -20.46 -20.43 -10.53
C PHE B 105 -21.45 -19.57 -9.77
N GLU B 106 -21.42 -18.25 -9.95
CA GLU B 106 -22.35 -17.38 -9.22
C GLU B 106 -23.79 -17.63 -9.65
N PHE B 107 -24.03 -17.80 -10.95
CA PHE B 107 -25.39 -18.01 -11.43
C PHE B 107 -25.91 -19.39 -11.03
N ILE B 108 -25.07 -20.42 -11.15
CA ILE B 108 -25.51 -21.75 -10.75
C ILE B 108 -25.71 -21.82 -9.25
N GLN B 109 -24.95 -21.03 -8.49
CA GLN B 109 -25.16 -20.96 -7.05
C GLN B 109 -26.52 -20.36 -6.73
N TRP B 110 -26.91 -19.32 -7.47
CA TRP B 110 -28.23 -18.74 -7.28
C TRP B 110 -29.32 -19.68 -7.78
N PHE B 111 -29.08 -20.36 -8.89
CA PHE B 111 -30.09 -21.25 -9.46
C PHE B 111 -30.38 -22.42 -8.53
N LYS B 112 -29.39 -22.88 -7.77
CA LYS B 112 -29.63 -23.95 -6.80
C LYS B 112 -30.62 -23.52 -5.74
N LYS B 113 -30.48 -22.28 -5.24
CA LYS B 113 -31.46 -21.76 -4.29
C LYS B 113 -32.82 -21.58 -4.93
N PHE B 114 -32.85 -21.07 -6.16
CA PHE B 114 -34.12 -20.87 -6.86
C PHE B 114 -34.80 -22.19 -7.16
N PHE B 115 -34.03 -23.20 -7.58
CA PHE B 115 -34.61 -24.50 -7.89
C PHE B 115 -35.19 -25.16 -6.65
N ASP B 116 -34.49 -25.06 -5.52
CA ASP B 116 -34.94 -25.73 -4.30
C ASP B 116 -36.23 -25.12 -3.76
N ALA B 117 -36.46 -23.84 -4.03
CA ALA B 117 -37.64 -23.18 -3.48
C ALA B 117 -38.91 -23.62 -4.21
N ASN B 118 -38.85 -23.80 -5.53
CA ASN B 118 -40.02 -24.09 -6.34
C ASN B 118 -40.14 -25.55 -6.73
N TYR B 119 -39.35 -26.44 -6.12
CA TYR B 119 -39.40 -27.86 -6.44
C TYR B 119 -40.36 -28.55 -5.48
N ASP B 120 -41.38 -29.20 -6.03
CA ASP B 120 -42.39 -29.90 -5.23
C ASP B 120 -42.14 -31.40 -5.16
N GLY B 121 -41.07 -31.89 -5.78
CA GLY B 121 -40.77 -33.30 -5.77
C GLY B 121 -41.17 -34.08 -7.00
N LYS B 122 -41.62 -33.41 -8.05
CA LYS B 122 -41.98 -34.10 -9.28
C LYS B 122 -40.74 -34.69 -9.94
N ASP B 123 -40.92 -35.84 -10.60
CA ASP B 123 -39.82 -36.54 -11.25
C ASP B 123 -40.21 -36.89 -12.68
N TYR B 124 -39.28 -36.66 -13.61
CA TYR B 124 -39.48 -37.00 -15.01
C TYR B 124 -38.13 -37.25 -15.64
N ASN B 125 -38.09 -38.20 -16.58
CA ASN B 125 -36.81 -38.47 -17.22
C ASN B 125 -36.53 -37.44 -18.32
N PRO B 126 -35.27 -37.09 -18.55
CA PRO B 126 -34.92 -36.13 -19.60
C PRO B 126 -34.54 -36.76 -20.94
N LEU B 127 -34.47 -38.09 -21.03
CA LEU B 127 -34.00 -38.73 -22.25
C LEU B 127 -34.97 -38.49 -23.41
N LEU B 128 -36.26 -38.76 -23.21
CA LEU B 128 -37.22 -38.54 -24.28
C LEU B 128 -37.52 -37.05 -24.47
N ALA B 129 -37.44 -36.26 -23.40
CA ALA B 129 -37.64 -34.82 -23.54
C ALA B 129 -36.54 -34.20 -24.40
N ARG B 130 -35.29 -34.61 -24.20
CA ARG B 130 -34.19 -34.10 -25.02
C ARG B 130 -34.34 -34.56 -26.46
N GLN B 131 -34.70 -35.82 -26.67
CA GLN B 131 -34.86 -36.36 -28.02
C GLN B 131 -36.32 -36.30 -28.47
N MET C 1 -10.04 2.99 -13.11
CA MET C 1 -10.43 1.67 -13.59
C MET C 1 -11.26 0.94 -12.55
N ARG C 2 -11.12 1.34 -11.29
CA ARG C 2 -11.88 0.78 -10.18
C ARG C 2 -12.84 1.84 -9.68
N GLU C 3 -14.14 1.52 -9.71
CA GLU C 3 -15.18 2.50 -9.42
C GLU C 3 -16.04 2.01 -8.27
N CYS C 4 -16.29 2.89 -7.30
CA CYS C 4 -17.24 2.65 -6.23
C CYS C 4 -18.17 3.85 -6.14
N ILE C 5 -19.46 3.58 -5.90
CA ILE C 5 -20.45 4.66 -5.90
C ILE C 5 -21.03 4.81 -4.51
N SER C 6 -21.51 6.02 -4.21
CA SER C 6 -21.98 6.38 -2.89
C SER C 6 -23.44 6.82 -2.95
N ILE C 7 -24.23 6.32 -2.01
CA ILE C 7 -25.64 6.65 -1.87
C ILE C 7 -25.85 7.24 -0.49
N HIS C 8 -26.45 8.43 -0.45
CA HIS C 8 -26.71 9.14 0.80
C HIS C 8 -28.21 9.22 1.03
N VAL C 9 -28.66 8.67 2.15
CA VAL C 9 -30.09 8.57 2.46
C VAL C 9 -30.36 9.34 3.74
N GLY C 10 -31.35 10.23 3.70
CA GLY C 10 -31.75 11.00 4.87
C GLY C 10 -30.94 12.28 5.02
N GLN C 11 -31.39 13.10 5.98
CA GLN C 11 -30.74 14.38 6.23
C GLN C 11 -29.31 14.19 6.73
N ALA C 12 -29.12 13.27 7.68
CA ALA C 12 -27.78 13.00 8.20
C ALA C 12 -26.86 12.51 7.08
N GLY C 13 -27.35 11.59 6.27
CA GLY C 13 -26.55 11.10 5.16
C GLY C 13 -26.19 12.19 4.18
N VAL C 14 -27.15 13.07 3.87
CA VAL C 14 -26.89 14.15 2.91
C VAL C 14 -25.84 15.12 3.46
N GLN C 15 -25.95 15.48 4.75
CA GLN C 15 -24.98 16.41 5.32
C GLN C 15 -23.59 15.79 5.41
N ILE C 16 -23.50 14.54 5.85
CA ILE C 16 -22.22 13.85 5.91
C ILE C 16 -21.63 13.73 4.52
N GLY C 17 -22.46 13.45 3.51
CA GLY C 17 -21.96 13.38 2.15
C GLY C 17 -21.50 14.72 1.62
N ASN C 18 -22.17 15.80 2.00
CA ASN C 18 -21.72 17.13 1.61
C ASN C 18 -20.33 17.40 2.16
N ALA C 19 -20.12 17.11 3.45
CA ALA C 19 -18.80 17.28 4.02
C ALA C 19 -17.76 16.39 3.35
N CYS C 20 -18.13 15.13 3.08
CA CYS C 20 -17.20 14.18 2.47
C CYS C 20 -16.82 14.62 1.07
N TRP C 21 -17.78 15.13 0.29
CA TRP C 21 -17.47 15.54 -1.08
C TRP C 21 -16.67 16.83 -1.10
N GLU C 22 -16.91 17.74 -0.14
CA GLU C 22 -16.00 18.88 0.01
C GLU C 22 -14.59 18.40 0.27
N LEU C 23 -14.43 17.41 1.16
CA LEU C 23 -13.10 16.88 1.47
C LEU C 23 -12.46 16.25 0.23
N TYR C 24 -13.23 15.47 -0.54
CA TYR C 24 -12.68 14.85 -1.74
C TYR C 24 -12.27 15.88 -2.78
N CYS C 25 -13.12 16.88 -3.01
CA CYS C 25 -12.77 17.93 -3.98
C CYS C 25 -11.52 18.67 -3.54
N LEU C 26 -11.36 18.90 -2.24
CA LEU C 26 -10.12 19.48 -1.75
C LEU C 26 -8.93 18.54 -2.00
N GLU C 27 -9.12 17.26 -1.74
CA GLU C 27 -8.00 16.31 -1.81
C GLU C 27 -7.50 16.14 -3.24
N HIS C 28 -8.40 16.11 -4.21
CA HIS C 28 -8.01 15.89 -5.60
C HIS C 28 -7.76 17.19 -6.36
N GLY C 29 -7.80 18.33 -5.68
CA GLY C 29 -7.56 19.60 -6.36
C GLY C 29 -8.63 19.97 -7.37
N ILE C 30 -9.90 19.73 -7.05
CA ILE C 30 -11.01 20.04 -7.93
C ILE C 30 -11.70 21.29 -7.42
N GLN C 31 -11.89 22.27 -8.30
CA GLN C 31 -12.58 23.49 -7.93
C GLN C 31 -14.05 23.22 -7.67
N PRO C 32 -14.72 24.08 -6.91
CA PRO C 32 -16.15 23.86 -6.63
C PRO C 32 -17.02 23.79 -7.87
N ASP C 33 -16.63 24.44 -8.96
CA ASP C 33 -17.42 24.43 -10.18
C ASP C 33 -17.17 23.20 -11.04
N GLY C 34 -16.27 22.30 -10.62
CA GLY C 34 -16.01 21.07 -11.33
C GLY C 34 -14.73 21.06 -12.14
N GLN C 35 -14.18 22.23 -12.44
CA GLN C 35 -12.92 22.31 -13.18
C GLN C 35 -11.74 22.09 -12.22
N MET C 36 -10.56 21.93 -12.80
CA MET C 36 -9.32 21.85 -12.02
C MET C 36 -8.26 22.69 -12.70
N PRO C 37 -7.35 23.30 -11.92
CA PRO C 37 -6.29 24.14 -12.47
C PRO C 37 -5.30 23.36 -13.33
N HIS C 43 2.05 10.25 -6.92
CA HIS C 43 0.79 9.72 -6.42
C HIS C 43 -0.39 10.32 -7.18
N HIS C 44 -0.22 11.57 -7.61
CA HIS C 44 -1.28 12.33 -8.26
C HIS C 44 -1.01 12.42 -9.76
N HIS C 45 -2.04 12.11 -10.54
CA HIS C 45 -1.94 12.17 -12.00
C HIS C 45 -2.68 13.38 -12.55
N ASP C 59 -5.97 6.51 -13.14
CA ASP C 59 -5.87 7.81 -12.49
C ASP C 59 -6.54 7.77 -11.12
N SER C 60 -6.38 8.85 -10.35
CA SER C 60 -6.97 8.91 -9.01
C SER C 60 -8.43 9.34 -9.09
N PHE C 61 -8.69 10.54 -9.60
CA PHE C 61 -10.05 11.08 -9.58
C PHE C 61 -10.99 10.25 -10.43
N ASN C 62 -10.47 9.38 -11.30
CA ASN C 62 -11.33 8.50 -12.08
C ASN C 62 -12.13 7.56 -11.20
N THR C 63 -11.61 7.23 -10.00
CA THR C 63 -12.31 6.29 -9.14
C THR C 63 -13.54 6.89 -8.47
N PHE C 64 -13.66 8.20 -8.44
CA PHE C 64 -14.78 8.87 -7.81
C PHE C 64 -15.45 9.89 -8.72
N PHE C 65 -14.68 10.58 -9.56
CA PHE C 65 -15.20 11.67 -10.40
C PHE C 65 -15.25 11.18 -11.84
N SER C 66 -16.45 11.12 -12.40
CA SER C 66 -16.59 10.80 -13.81
C SER C 66 -16.28 12.04 -14.64
N GLU C 67 -15.44 11.86 -15.66
CA GLU C 67 -14.83 12.96 -16.39
C GLU C 67 -15.57 13.14 -17.72
N THR C 68 -16.14 14.32 -17.93
CA THR C 68 -17.04 14.57 -19.05
C THR C 68 -16.27 15.10 -20.26
N GLY C 69 -16.99 15.59 -21.26
CA GLY C 69 -16.35 16.05 -22.48
C GLY C 69 -15.36 17.17 -22.25
N ALA C 70 -15.78 18.18 -21.48
CA ALA C 70 -14.88 19.25 -21.07
C ALA C 70 -14.07 18.79 -19.86
N GLY C 71 -13.36 19.72 -19.23
CA GLY C 71 -12.59 19.39 -18.05
C GLY C 71 -13.41 19.17 -16.79
N LYS C 72 -14.73 19.30 -16.88
CA LYS C 72 -15.58 19.17 -15.70
C LYS C 72 -15.64 17.72 -15.24
N HIS C 73 -15.45 17.50 -13.94
CA HIS C 73 -15.63 16.21 -13.30
C HIS C 73 -16.87 16.25 -12.43
N VAL C 74 -17.73 15.25 -12.56
CA VAL C 74 -18.93 15.20 -11.73
C VAL C 74 -18.87 13.98 -10.81
N PRO C 75 -19.32 14.10 -9.57
CA PRO C 75 -19.20 12.98 -8.63
C PRO C 75 -20.16 11.85 -8.97
N ARG C 76 -19.81 10.66 -8.48
CA ARG C 76 -20.65 9.47 -8.61
C ARG C 76 -21.54 9.30 -7.39
N ALA C 77 -22.31 10.34 -7.06
CA ALA C 77 -23.14 10.36 -5.86
C ALA C 77 -24.61 10.43 -6.24
N VAL C 78 -25.45 9.79 -5.42
CA VAL C 78 -26.90 9.77 -5.63
C VAL C 78 -27.53 10.26 -4.34
N PHE C 79 -27.80 11.57 -4.26
CA PHE C 79 -28.49 12.14 -3.11
C PHE C 79 -29.98 11.87 -3.24
N VAL C 80 -30.55 11.15 -2.27
CA VAL C 80 -31.96 10.80 -2.28
C VAL C 80 -32.58 11.21 -0.94
N ASP C 81 -33.73 11.87 -1.00
CA ASP C 81 -34.45 12.23 0.21
C ASP C 81 -35.93 12.36 -0.11
N LEU C 82 -36.74 12.33 0.94
CA LEU C 82 -38.19 12.50 0.83
C LEU C 82 -38.64 13.93 1.07
N GLU C 83 -38.13 14.57 2.12
CA GLU C 83 -38.40 15.99 2.37
C GLU C 83 -37.37 16.84 1.63
N PRO C 84 -37.79 17.83 0.85
CA PRO C 84 -36.88 18.51 -0.07
C PRO C 84 -36.06 19.63 0.56
N THR C 85 -36.20 19.91 1.86
CA THR C 85 -35.56 21.08 2.44
C THR C 85 -34.04 21.01 2.34
N VAL C 86 -33.45 19.90 2.80
CA VAL C 86 -32.00 19.81 2.83
C VAL C 86 -31.43 19.74 1.43
N ILE C 87 -32.11 19.06 0.51
CA ILE C 87 -31.62 18.96 -0.86
C ILE C 87 -31.70 20.31 -1.55
N ASP C 88 -32.76 21.09 -1.30
CA ASP C 88 -32.81 22.45 -1.83
C ASP C 88 -31.71 23.31 -1.23
N GLU C 89 -31.40 23.11 0.05
CA GLU C 89 -30.27 23.81 0.64
C GLU C 89 -28.96 23.46 -0.07
N VAL C 90 -28.77 22.18 -0.38
CA VAL C 90 -27.58 21.75 -1.11
C VAL C 90 -27.54 22.38 -2.49
N ARG C 91 -28.70 22.41 -3.17
CA ARG C 91 -28.78 23.02 -4.50
C ARG C 91 -28.40 24.49 -4.45
N THR C 92 -28.91 25.22 -3.45
CA THR C 92 -28.63 26.65 -3.35
C THR C 92 -27.20 26.91 -2.88
N GLY C 93 -26.59 25.95 -2.19
CA GLY C 93 -25.26 26.14 -1.63
C GLY C 93 -24.16 26.35 -2.64
N THR C 94 -22.92 26.50 -2.14
CA THR C 94 -21.79 26.77 -3.02
C THR C 94 -21.45 25.61 -3.93
N TYR C 95 -21.82 24.38 -3.56
CA TYR C 95 -21.58 23.22 -4.41
C TYR C 95 -22.79 22.94 -5.29
N ARG C 96 -23.12 23.95 -6.10
CA ARG C 96 -24.29 23.91 -6.98
C ARG C 96 -23.94 23.40 -8.37
N GLN C 97 -22.83 23.86 -8.94
CA GLN C 97 -22.42 23.47 -10.28
C GLN C 97 -21.77 22.09 -10.33
N LEU C 98 -21.43 21.51 -9.18
CA LEU C 98 -20.69 20.26 -9.17
C LEU C 98 -21.60 19.07 -9.47
N PHE C 99 -22.65 18.89 -8.67
CA PHE C 99 -23.47 17.69 -8.77
C PHE C 99 -24.29 17.69 -10.06
N HIS C 100 -24.60 16.50 -10.53
CA HIS C 100 -25.49 16.34 -11.68
C HIS C 100 -26.92 16.61 -11.22
N PRO C 101 -27.64 17.56 -11.84
CA PRO C 101 -28.98 17.90 -11.34
C PRO C 101 -29.95 16.74 -11.30
N GLU C 102 -29.82 15.78 -12.22
CA GLU C 102 -30.73 14.64 -12.22
C GLU C 102 -30.47 13.70 -11.05
N GLN C 103 -29.26 13.70 -10.50
CA GLN C 103 -28.92 12.77 -9.43
C GLN C 103 -29.62 13.12 -8.11
N LEU C 104 -29.92 14.40 -7.89
CA LEU C 104 -30.59 14.82 -6.66
C LEU C 104 -32.08 14.51 -6.76
N ILE C 105 -32.54 13.58 -5.94
CA ILE C 105 -33.91 13.07 -6.00
C ILE C 105 -34.63 13.45 -4.71
N THR C 106 -35.80 14.07 -4.85
CA THR C 106 -36.61 14.50 -3.72
C THR C 106 -38.02 13.96 -3.86
N GLY C 107 -38.71 13.86 -2.73
CA GLY C 107 -40.12 13.51 -2.68
C GLY C 107 -40.99 14.73 -2.45
N LYS C 108 -42.10 14.52 -1.75
CA LYS C 108 -43.00 15.61 -1.39
C LYS C 108 -43.17 15.77 0.11
N GLU C 109 -43.30 14.68 0.85
CA GLU C 109 -43.41 14.72 2.31
C GLU C 109 -42.50 13.67 2.92
N ASP C 110 -42.01 13.96 4.12
CA ASP C 110 -41.04 13.11 4.78
C ASP C 110 -41.70 11.87 5.37
N ALA C 111 -40.87 10.90 5.77
CA ALA C 111 -41.37 9.71 6.44
C ALA C 111 -41.79 10.00 7.87
N ALA C 112 -41.30 11.09 8.45
CA ALA C 112 -41.73 11.55 9.77
C ALA C 112 -41.45 10.52 10.86
N ASN C 113 -40.21 10.05 10.92
CA ASN C 113 -39.76 9.13 11.96
C ASN C 113 -40.59 7.86 12.02
N ASN C 114 -41.19 7.49 10.88
CA ASN C 114 -42.04 6.32 10.79
C ASN C 114 -41.40 5.35 9.80
N TYR C 115 -40.90 4.22 10.32
CA TYR C 115 -40.33 3.20 9.45
C TYR C 115 -41.36 2.66 8.48
N ALA C 116 -42.61 2.48 8.95
CA ALA C 116 -43.67 2.02 8.06
C ALA C 116 -43.91 3.00 6.93
N ARG C 117 -43.97 4.30 7.25
CA ARG C 117 -44.18 5.31 6.21
C ARG C 117 -43.02 5.34 5.23
N GLY C 118 -41.78 5.20 5.73
CA GLY C 118 -40.63 5.28 4.87
C GLY C 118 -40.31 4.02 4.10
N HIS C 119 -40.90 2.89 4.46
CA HIS C 119 -40.59 1.62 3.80
C HIS C 119 -41.75 1.02 3.02
N TYR C 120 -42.99 1.21 3.44
CA TYR C 120 -44.13 0.56 2.81
C TYR C 120 -44.99 1.50 1.97
N THR C 121 -45.33 2.68 2.48
CA THR C 121 -46.30 3.56 1.85
C THR C 121 -45.65 4.56 0.90
N ILE C 122 -44.75 5.40 1.41
CA ILE C 122 -44.21 6.50 0.62
C ILE C 122 -42.98 6.08 -0.18
N GLY C 123 -42.03 5.40 0.48
CA GLY C 123 -40.78 5.04 -0.17
C GLY C 123 -40.92 4.15 -1.38
N LYS C 124 -42.09 3.55 -1.58
CA LYS C 124 -42.35 2.71 -2.74
C LYS C 124 -42.65 3.51 -3.99
N GLU C 125 -42.80 4.83 -3.89
CA GLU C 125 -43.16 5.67 -5.03
C GLU C 125 -41.98 6.39 -5.66
N ILE C 126 -40.77 6.20 -5.14
CA ILE C 126 -39.59 6.90 -5.65
C ILE C 126 -38.45 5.90 -5.81
N ILE C 127 -38.66 4.68 -5.31
CA ILE C 127 -37.63 3.65 -5.36
C ILE C 127 -37.30 3.30 -6.80
N ASP C 128 -38.30 3.31 -7.69
CA ASP C 128 -38.04 2.99 -9.08
C ASP C 128 -37.13 4.02 -9.73
N LEU C 129 -37.37 5.31 -9.47
CA LEU C 129 -36.51 6.35 -10.01
C LEU C 129 -35.09 6.23 -9.44
N VAL C 130 -34.99 5.97 -8.13
CA VAL C 130 -33.67 5.83 -7.51
C VAL C 130 -32.92 4.66 -8.15
N LEU C 131 -33.60 3.53 -8.34
CA LEU C 131 -32.95 2.36 -8.93
C LEU C 131 -32.56 2.61 -10.37
N ASP C 132 -33.39 3.33 -11.12
CA ASP C 132 -33.04 3.65 -12.51
C ASP C 132 -31.78 4.51 -12.57
N ARG C 133 -31.70 5.53 -11.71
CA ARG C 133 -30.49 6.35 -11.67
C ARG C 133 -29.27 5.54 -11.26
N ILE C 134 -29.43 4.65 -10.28
CA ILE C 134 -28.32 3.81 -9.83
C ILE C 134 -27.85 2.90 -10.95
N ARG C 135 -28.80 2.30 -11.69
CA ARG C 135 -28.45 1.42 -12.80
C ARG C 135 -27.73 2.19 -13.90
N LYS C 136 -28.19 3.40 -14.21
CA LYS C 136 -27.50 4.21 -15.21
C LYS C 136 -26.08 4.53 -14.78
N LEU C 137 -25.90 4.91 -13.51
CA LEU C 137 -24.56 5.22 -13.02
C LEU C 137 -23.66 3.98 -13.06
N ALA C 138 -24.19 2.82 -12.69
CA ALA C 138 -23.40 1.61 -12.71
C ALA C 138 -23.01 1.20 -14.13
N ASP C 139 -23.95 1.34 -15.07
CA ASP C 139 -23.66 1.00 -16.46
C ASP C 139 -22.71 2.00 -17.10
N GLN C 140 -22.63 3.23 -16.58
CA GLN C 140 -21.67 4.19 -17.11
C GLN C 140 -20.24 3.71 -16.90
N CYS C 141 -19.95 3.18 -15.71
CA CYS C 141 -18.59 2.74 -15.38
C CYS C 141 -18.37 1.29 -15.81
N THR C 142 -17.11 0.88 -15.80
CA THR C 142 -16.71 -0.45 -16.25
C THR C 142 -16.18 -1.34 -15.14
N GLY C 143 -15.49 -0.79 -14.16
CA GLY C 143 -14.86 -1.58 -13.11
C GLY C 143 -15.49 -1.40 -11.75
N LEU C 144 -16.81 -1.42 -11.70
CA LEU C 144 -17.54 -1.14 -10.46
C LEU C 144 -17.09 -2.06 -9.33
N GLN C 145 -16.81 -1.47 -8.18
CA GLN C 145 -16.34 -2.20 -7.01
C GLN C 145 -17.43 -2.40 -5.96
N GLY C 146 -18.10 -1.34 -5.54
CA GLY C 146 -19.09 -1.49 -4.49
C GLY C 146 -19.84 -0.21 -4.22
N PHE C 147 -20.69 -0.28 -3.19
CA PHE C 147 -21.56 0.80 -2.77
C PHE C 147 -21.19 1.24 -1.37
N LEU C 148 -21.22 2.55 -1.14
CA LEU C 148 -21.00 3.15 0.17
C LEU C 148 -22.26 3.92 0.54
N VAL C 149 -22.95 3.49 1.58
CA VAL C 149 -24.26 4.01 1.94
C VAL C 149 -24.14 4.80 3.24
N PHE C 150 -24.44 6.10 3.16
CA PHE C 150 -24.41 6.99 4.32
C PHE C 150 -25.84 7.25 4.77
N HIS C 151 -26.20 6.72 5.94
CA HIS C 151 -27.55 6.84 6.46
C HIS C 151 -27.51 6.74 7.97
N SER C 152 -28.61 7.16 8.60
CA SER C 152 -28.76 7.10 10.05
C SER C 152 -29.61 5.90 10.44
N PHE C 153 -29.92 5.79 11.73
CA PHE C 153 -30.77 4.72 12.26
C PHE C 153 -32.06 5.22 12.87
N GLY C 154 -32.02 6.33 13.61
CA GLY C 154 -33.23 6.86 14.22
C GLY C 154 -34.23 7.38 13.20
N GLY C 155 -33.74 8.02 12.13
CA GLY C 155 -34.60 8.58 11.12
C GLY C 155 -35.48 7.59 10.40
N GLY C 156 -36.76 7.94 10.24
CA GLY C 156 -37.68 7.04 9.57
C GLY C 156 -37.34 6.81 8.12
N THR C 157 -37.11 7.89 7.37
CA THR C 157 -36.76 7.74 5.97
C THR C 157 -35.41 7.06 5.81
N GLY C 158 -34.45 7.40 6.67
CA GLY C 158 -33.16 6.72 6.62
C GLY C 158 -33.30 5.22 6.78
N SER C 159 -33.98 4.79 7.85
CA SER C 159 -34.13 3.36 8.10
C SER C 159 -34.91 2.67 6.97
N GLY C 160 -36.09 3.21 6.63
CA GLY C 160 -36.93 2.53 5.65
C GLY C 160 -36.30 2.48 4.28
N PHE C 161 -35.77 3.60 3.80
CA PHE C 161 -35.19 3.63 2.47
C PHE C 161 -33.87 2.89 2.42
N THR C 162 -33.10 2.87 3.51
CA THR C 162 -31.91 2.03 3.53
C THR C 162 -32.28 0.55 3.42
N SER C 163 -33.34 0.14 4.12
CA SER C 163 -33.80 -1.25 4.00
C SER C 163 -34.23 -1.56 2.58
N LEU C 164 -35.04 -0.67 1.98
CA LEU C 164 -35.53 -0.90 0.63
C LEU C 164 -34.39 -0.94 -0.38
N LEU C 165 -33.45 0.00 -0.27
CA LEU C 165 -32.31 0.03 -1.19
C LEU C 165 -31.44 -1.19 -1.02
N MET C 166 -31.23 -1.64 0.22
CA MET C 166 -30.47 -2.86 0.45
C MET C 166 -31.12 -4.04 -0.25
N GLU C 167 -32.43 -4.20 -0.07
CA GLU C 167 -33.13 -5.32 -0.71
C GLU C 167 -33.02 -5.24 -2.22
N ARG C 168 -33.27 -4.05 -2.79
CA ARG C 168 -33.28 -3.91 -4.24
C ARG C 168 -31.90 -4.11 -4.84
N LEU C 169 -30.86 -3.54 -4.20
CA LEU C 169 -29.51 -3.70 -4.72
C LEU C 169 -29.03 -5.14 -4.58
N SER C 170 -29.36 -5.80 -3.48
CA SER C 170 -28.99 -7.21 -3.34
C SER C 170 -29.71 -8.07 -4.37
N VAL C 171 -30.94 -7.72 -4.73
CA VAL C 171 -31.65 -8.47 -5.76
C VAL C 171 -31.02 -8.22 -7.13
N ASP C 172 -30.69 -6.97 -7.45
CA ASP C 172 -30.18 -6.65 -8.77
C ASP C 172 -28.74 -7.13 -8.95
N TYR C 173 -27.82 -6.62 -8.15
CA TYR C 173 -26.42 -7.02 -8.20
C TYR C 173 -26.19 -8.10 -7.15
N GLY C 174 -25.69 -9.26 -7.61
CA GLY C 174 -25.57 -10.42 -6.74
C GLY C 174 -24.59 -10.29 -5.59
N LYS C 175 -23.30 -10.21 -5.90
CA LYS C 175 -22.25 -10.21 -4.88
C LYS C 175 -21.35 -9.00 -5.10
N LYS C 176 -21.63 -7.92 -4.39
CA LYS C 176 -20.80 -6.72 -4.39
C LYS C 176 -20.64 -6.21 -2.97
N SER C 177 -19.54 -5.51 -2.73
CA SER C 177 -19.32 -4.90 -1.42
C SER C 177 -20.34 -3.80 -1.18
N LYS C 178 -20.99 -3.83 -0.02
CA LYS C 178 -21.99 -2.84 0.36
C LYS C 178 -21.64 -2.34 1.76
N LEU C 179 -20.78 -1.33 1.84
CA LEU C 179 -20.39 -0.77 3.11
C LEU C 179 -21.39 0.29 3.54
N GLU C 180 -21.67 0.34 4.84
CA GLU C 180 -22.59 1.32 5.39
C GLU C 180 -21.89 2.10 6.50
N PHE C 181 -22.19 3.39 6.59
CA PHE C 181 -21.68 4.25 7.65
C PHE C 181 -22.88 4.75 8.44
N SER C 182 -23.24 3.99 9.48
CA SER C 182 -24.45 4.23 10.25
C SER C 182 -24.22 5.32 11.30
N ILE C 183 -25.29 5.64 12.03
CA ILE C 183 -25.25 6.55 13.17
C ILE C 183 -26.00 5.86 14.29
N TYR C 184 -25.27 5.16 15.17
CA TYR C 184 -25.91 4.44 16.27
C TYR C 184 -26.50 5.43 17.26
N PRO C 185 -27.73 5.18 17.73
CA PRO C 185 -28.31 6.07 18.74
C PRO C 185 -27.51 6.04 20.04
N ALA C 186 -27.32 7.22 20.62
CA ALA C 186 -26.51 7.34 21.82
C ALA C 186 -27.30 6.89 23.06
N PRO C 187 -26.60 6.39 24.08
CA PRO C 187 -27.32 5.94 25.29
C PRO C 187 -28.12 7.04 25.98
N GLN C 188 -27.60 8.26 26.00
CA GLN C 188 -28.26 9.38 26.68
C GLN C 188 -28.67 10.49 25.72
N VAL C 189 -27.74 10.99 24.91
CA VAL C 189 -28.08 12.02 23.94
C VAL C 189 -29.00 11.44 22.89
N SER C 190 -30.12 12.12 22.63
CA SER C 190 -31.11 11.60 21.71
C SER C 190 -31.99 12.73 21.20
N THR C 191 -32.67 12.47 20.09
CA THR C 191 -33.55 13.44 19.46
C THR C 191 -34.91 12.89 19.06
N ALA C 192 -35.21 11.63 19.34
CA ALA C 192 -36.45 11.00 18.92
C ALA C 192 -36.99 10.10 20.03
N VAL C 193 -38.22 9.62 19.83
CA VAL C 193 -38.87 8.76 20.80
C VAL C 193 -39.11 7.35 20.27
N VAL C 194 -39.20 7.16 18.96
CA VAL C 194 -39.39 5.85 18.36
C VAL C 194 -38.05 5.26 17.88
N GLU C 195 -36.94 5.76 18.42
CA GLU C 195 -35.62 5.24 18.02
C GLU C 195 -35.45 3.75 18.26
N PRO C 196 -35.86 3.17 19.41
CA PRO C 196 -35.73 1.71 19.54
C PRO C 196 -36.50 0.94 18.48
N TYR C 197 -37.73 1.38 18.16
CA TYR C 197 -38.51 0.71 17.12
C TYR C 197 -37.79 0.77 15.79
N ASN C 198 -37.37 1.98 15.38
CA ASN C 198 -36.73 2.15 14.08
C ASN C 198 -35.44 1.33 14.00
N SER C 199 -34.61 1.40 15.06
CA SER C 199 -33.33 0.71 15.05
C SER C 199 -33.51 -0.80 14.99
N ILE C 200 -34.42 -1.34 15.81
CA ILE C 200 -34.65 -2.77 15.81
C ILE C 200 -35.13 -3.24 14.44
N LEU C 201 -36.10 -2.52 13.88
CA LEU C 201 -36.65 -2.93 12.59
C LEU C 201 -35.60 -2.89 11.49
N THR C 202 -34.81 -1.80 11.43
CA THR C 202 -33.83 -1.70 10.35
C THR C 202 -32.70 -2.72 10.52
N THR C 203 -32.28 -2.97 11.77
CA THR C 203 -31.24 -3.96 11.99
C THR C 203 -31.71 -5.36 11.60
N HIS C 204 -32.95 -5.71 11.97
CA HIS C 204 -33.47 -7.02 11.59
C HIS C 204 -33.60 -7.14 10.09
N THR C 205 -34.03 -6.06 9.41
CA THR C 205 -34.24 -6.15 7.97
C THR C 205 -32.92 -6.25 7.21
N THR C 206 -31.94 -5.41 7.56
CA THR C 206 -30.69 -5.34 6.82
C THR C 206 -29.55 -6.08 7.50
N LEU C 207 -29.86 -7.02 8.39
CA LEU C 207 -28.81 -7.85 8.98
C LEU C 207 -28.24 -8.85 7.97
N GLU C 208 -28.95 -9.15 6.90
CA GLU C 208 -28.52 -10.14 5.92
C GLU C 208 -28.11 -9.53 4.59
N HIS C 209 -28.19 -8.20 4.45
CA HIS C 209 -27.88 -7.54 3.19
C HIS C 209 -26.74 -6.53 3.33
N SER C 210 -25.80 -6.80 4.24
CA SER C 210 -24.71 -5.88 4.49
C SER C 210 -23.41 -6.66 4.64
N ASP C 211 -22.40 -6.29 3.86
CA ASP C 211 -21.09 -6.92 3.97
C ASP C 211 -20.33 -6.42 5.18
N CYS C 212 -20.48 -5.13 5.51
CA CYS C 212 -19.81 -4.54 6.66
C CYS C 212 -20.50 -3.24 7.00
N ALA C 213 -20.81 -3.03 8.27
CA ALA C 213 -21.56 -1.86 8.73
C ALA C 213 -20.79 -1.18 9.85
N PHE C 214 -20.01 -0.16 9.49
CA PHE C 214 -19.31 0.65 10.48
C PHE C 214 -20.29 1.47 11.30
N MET C 215 -20.04 1.57 12.59
CA MET C 215 -20.94 2.24 13.52
C MET C 215 -20.27 3.50 14.08
N VAL C 216 -21.03 4.58 14.15
CA VAL C 216 -20.56 5.86 14.67
C VAL C 216 -21.63 6.45 15.56
N ASP C 217 -21.23 6.98 16.72
CA ASP C 217 -22.16 7.55 17.68
C ASP C 217 -21.87 9.03 17.87
N ASN C 218 -22.93 9.80 18.15
CA ASN C 218 -22.79 11.24 18.29
C ASN C 218 -22.18 11.62 19.64
N GLU C 219 -22.55 10.93 20.71
CA GLU C 219 -22.08 11.29 22.04
C GLU C 219 -20.57 11.09 22.18
N ALA C 220 -20.04 10.00 21.62
CA ALA C 220 -18.60 9.75 21.69
C ALA C 220 -17.83 10.83 20.94
N ILE C 221 -18.34 11.24 19.77
CA ILE C 221 -17.67 12.31 19.02
C ILE C 221 -17.78 13.63 19.77
N TYR C 222 -18.90 13.87 20.45
CA TYR C 222 -19.03 15.05 21.30
C TYR C 222 -17.95 15.07 22.36
N ASP C 223 -17.77 13.94 23.05
CA ASP C 223 -16.76 13.86 24.11
C ASP C 223 -15.37 14.05 23.54
N ILE C 224 -15.10 13.44 22.38
CA ILE C 224 -13.77 13.55 21.76
C ILE C 224 -13.47 14.99 21.40
N CYS C 225 -14.44 15.67 20.78
CA CYS C 225 -14.24 17.06 20.39
C CYS C 225 -14.12 17.97 21.60
N ARG C 226 -14.82 17.64 22.70
CA ARG C 226 -14.71 18.46 23.90
C ARG C 226 -13.35 18.30 24.56
N ARG C 227 -12.84 17.07 24.64
CA ARG C 227 -11.64 16.80 25.42
C ARG C 227 -10.37 16.94 24.59
N ASN C 228 -10.25 16.18 23.51
CA ASN C 228 -8.99 16.14 22.77
C ASN C 228 -8.74 17.45 22.02
N LEU C 229 -9.76 17.94 21.30
CA LEU C 229 -9.60 19.08 20.41
C LEU C 229 -9.89 20.42 21.10
N ASP C 230 -10.60 20.40 22.23
CA ASP C 230 -10.90 21.60 23.01
C ASP C 230 -11.75 22.59 22.23
N ILE C 231 -12.96 22.15 21.90
CA ILE C 231 -14.00 23.02 21.36
C ILE C 231 -15.22 22.90 22.27
N GLU C 232 -15.74 24.04 22.72
CA GLU C 232 -16.89 24.07 23.61
C GLU C 232 -18.20 24.39 22.87
N ARG C 233 -18.15 24.64 21.57
CA ARG C 233 -19.35 24.78 20.74
C ARG C 233 -19.26 23.82 19.56
N PRO C 234 -19.38 22.51 19.82
CA PRO C 234 -19.26 21.51 18.73
C PRO C 234 -20.56 21.21 17.98
N THR C 235 -20.86 22.05 16.99
CA THR C 235 -22.02 21.83 16.15
C THR C 235 -21.81 20.60 15.25
N TYR C 236 -22.83 20.29 14.46
CA TYR C 236 -22.81 19.08 13.64
C TYR C 236 -21.72 19.09 12.57
N THR C 237 -21.22 20.29 12.22
CA THR C 237 -20.20 20.38 11.18
C THR C 237 -18.92 19.66 11.58
N ASN C 238 -18.52 19.79 12.84
CA ASN C 238 -17.30 19.13 13.30
C ASN C 238 -17.44 17.61 13.25
N LEU C 239 -18.59 17.08 13.69
CA LEU C 239 -18.82 15.65 13.60
C LEU C 239 -18.80 15.18 12.15
N ASN C 240 -19.43 15.95 11.25
CA ASN C 240 -19.42 15.59 9.84
C ASN C 240 -17.99 15.58 9.30
N ARG C 241 -17.18 16.56 9.69
CA ARG C 241 -15.79 16.60 9.24
C ARG C 241 -15.01 15.38 9.74
N LEU C 242 -15.21 14.99 11.00
CA LEU C 242 -14.52 13.83 11.53
C LEU C 242 -14.91 12.56 10.78
N ILE C 243 -16.20 12.38 10.54
CA ILE C 243 -16.65 11.18 9.83
C ILE C 243 -16.13 11.18 8.39
N SER C 244 -16.10 12.35 7.76
CA SER C 244 -15.56 12.45 6.41
C SER C 244 -14.07 12.10 6.39
N GLN C 245 -13.33 12.54 7.41
CA GLN C 245 -11.92 12.18 7.50
C GLN C 245 -11.75 10.68 7.63
N ILE C 246 -12.59 10.03 8.45
CA ILE C 246 -12.51 8.57 8.59
C ILE C 246 -12.76 7.89 7.24
N VAL C 247 -13.80 8.34 6.54
CA VAL C 247 -14.16 7.71 5.27
C VAL C 247 -13.03 7.90 4.25
N SER C 248 -12.46 9.10 4.20
CA SER C 248 -11.36 9.37 3.27
C SER C 248 -10.14 8.53 3.61
N SER C 249 -9.87 8.34 4.91
CA SER C 249 -8.75 7.48 5.30
C SER C 249 -9.00 6.04 4.88
N ILE C 250 -10.26 5.59 4.95
CA ILE C 250 -10.59 4.24 4.49
C ILE C 250 -10.34 4.12 2.99
N THR C 251 -10.77 5.11 2.21
CA THR C 251 -10.73 5.00 0.75
C THR C 251 -9.37 5.41 0.16
N ALA C 252 -8.47 5.97 0.98
CA ALA C 252 -7.18 6.42 0.48
C ALA C 252 -6.37 5.30 -0.15
N SER C 253 -6.53 4.07 0.32
CA SER C 253 -5.78 2.96 -0.26
C SER C 253 -6.19 2.72 -1.70
N LEU C 254 -7.50 2.76 -1.98
CA LEU C 254 -7.96 2.67 -3.37
C LEU C 254 -7.52 3.88 -4.17
N ARG C 255 -7.62 5.08 -3.59
CA ARG C 255 -7.41 6.30 -4.35
C ARG C 255 -5.94 6.58 -4.65
N PHE C 256 -5.01 6.06 -3.85
CA PHE C 256 -3.61 6.42 -3.97
C PHE C 256 -2.74 5.18 -3.89
N ASP C 257 -1.49 5.33 -4.29
CA ASP C 257 -0.50 4.26 -4.18
C ASP C 257 0.11 4.26 -2.79
N GLY C 258 0.69 3.12 -2.42
CA GLY C 258 1.30 2.99 -1.11
C GLY C 258 2.18 1.76 -1.04
N ALA C 259 2.94 1.68 0.06
CA ALA C 259 3.85 0.56 0.25
C ALA C 259 3.09 -0.75 0.41
N LEU C 260 1.97 -0.73 1.12
CA LEU C 260 1.17 -1.94 1.37
C LEU C 260 -0.30 -1.55 1.21
N ASN C 261 -0.88 -1.89 0.07
CA ASN C 261 -2.24 -1.48 -0.27
C ASN C 261 -3.26 -2.45 0.29
N VAL C 262 -4.45 -1.91 0.56
CA VAL C 262 -5.61 -2.69 0.99
C VAL C 262 -6.81 -2.24 0.16
N ASP C 263 -7.84 -3.08 0.13
CA ASP C 263 -9.03 -2.82 -0.66
C ASP C 263 -10.28 -2.99 0.19
N LEU C 264 -11.43 -2.68 -0.42
CA LEU C 264 -12.70 -2.92 0.24
C LEU C 264 -12.90 -4.40 0.53
N THR C 265 -12.55 -5.26 -0.43
CA THR C 265 -12.61 -6.69 -0.19
C THR C 265 -11.62 -7.10 0.89
N ASN C 266 -10.48 -6.42 0.99
CA ASN C 266 -9.54 -6.72 2.05
C ASN C 266 -10.13 -6.42 3.42
N PHE C 267 -10.71 -5.23 3.58
CA PHE C 267 -11.42 -4.90 4.81
C PHE C 267 -12.48 -5.93 5.13
N GLN C 268 -13.33 -6.23 4.15
CA GLN C 268 -14.43 -7.17 4.31
C GLN C 268 -13.94 -8.56 4.75
N THR C 269 -12.95 -9.10 4.04
CA THR C 269 -12.42 -10.42 4.36
C THR C 269 -11.77 -10.44 5.74
N ASN C 270 -10.97 -9.43 6.05
CA ASN C 270 -10.17 -9.46 7.28
C ASN C 270 -10.97 -9.05 8.50
N LEU C 271 -12.15 -8.45 8.33
CA LEU C 271 -12.94 -7.99 9.48
C LEU C 271 -14.21 -8.78 9.73
N VAL C 272 -14.71 -9.55 8.76
CA VAL C 272 -15.93 -10.30 9.04
C VAL C 272 -15.60 -11.79 9.18
N PRO C 273 -15.54 -12.33 10.41
CA PRO C 273 -15.22 -13.75 10.57
C PRO C 273 -16.45 -14.65 10.51
N TYR C 274 -17.61 -14.11 10.89
CA TYR C 274 -18.86 -14.84 10.91
C TYR C 274 -19.92 -14.04 10.17
N PRO C 275 -20.90 -14.72 9.55
CA PRO C 275 -21.86 -14.00 8.69
C PRO C 275 -22.64 -12.91 9.40
N ARG C 276 -23.00 -13.10 10.67
CA ARG C 276 -23.76 -12.11 11.41
C ARG C 276 -22.90 -11.08 12.12
N ILE C 277 -21.67 -11.44 12.48
CA ILE C 277 -20.80 -10.54 13.26
C ILE C 277 -20.03 -9.70 12.24
N HIS C 278 -20.66 -8.62 11.80
CA HIS C 278 -20.06 -7.69 10.86
C HIS C 278 -20.35 -6.25 11.29
N PHE C 279 -20.12 -5.95 12.57
CA PHE C 279 -20.37 -4.62 13.13
C PHE C 279 -19.09 -4.09 13.78
N PRO C 280 -18.12 -3.67 12.98
CA PRO C 280 -16.91 -3.06 13.55
C PRO C 280 -17.16 -1.61 13.95
N LEU C 281 -16.22 -1.09 14.73
CA LEU C 281 -16.25 0.31 15.17
C LEU C 281 -14.95 0.98 14.78
N ALA C 282 -15.06 2.26 14.43
CA ALA C 282 -13.95 3.03 13.87
C ALA C 282 -13.33 3.96 14.92
N THR C 283 -12.06 4.30 14.68
CA THR C 283 -11.34 5.24 15.51
C THR C 283 -10.31 5.95 14.65
N TYR C 284 -10.06 7.22 14.96
CA TYR C 284 -9.12 8.04 14.21
C TYR C 284 -8.08 8.63 15.13
N ALA C 285 -6.88 8.86 14.60
CA ALA C 285 -5.81 9.47 15.37
C ALA C 285 -4.86 10.16 14.41
N PRO C 286 -4.23 11.26 14.81
CA PRO C 286 -4.40 11.97 16.08
C PRO C 286 -5.38 13.13 15.94
N VAL C 287 -6.19 13.39 16.96
CA VAL C 287 -7.12 14.51 16.94
C VAL C 287 -6.66 15.56 17.93
N ILE C 288 -5.86 16.52 17.46
CA ILE C 288 -5.32 17.58 18.29
C ILE C 288 -5.56 18.91 17.59
N SER C 289 -5.61 19.98 18.38
CA SER C 289 -5.85 21.31 17.84
C SER C 289 -4.57 21.90 17.30
N ALA C 290 -4.63 23.17 16.89
CA ALA C 290 -3.46 23.83 16.33
C ALA C 290 -2.45 24.22 17.40
N GLU C 291 -2.93 24.68 18.56
CA GLU C 291 -2.02 25.10 19.62
C GLU C 291 -1.24 23.93 20.20
N LYS C 292 -1.89 22.77 20.35
CA LYS C 292 -1.21 21.61 20.91
C LYS C 292 -0.35 20.87 19.88
N ALA C 293 -0.40 21.26 18.60
CA ALA C 293 0.37 20.57 17.58
C ALA C 293 1.86 20.90 17.68
N TYR C 294 2.20 22.14 18.00
CA TYR C 294 3.61 22.53 18.06
C TYR C 294 4.37 21.90 19.22
N HIS C 295 3.65 21.41 20.23
CA HIS C 295 4.28 20.85 21.43
C HIS C 295 4.25 19.33 21.44
N GLU C 296 4.03 18.70 20.29
CA GLU C 296 3.96 17.24 20.21
C GLU C 296 4.85 16.74 19.09
N GLN C 297 5.39 15.54 19.27
CA GLN C 297 6.29 14.94 18.30
C GLN C 297 5.55 14.14 17.23
N LEU C 298 4.43 13.51 17.60
CA LEU C 298 3.60 12.74 16.67
C LEU C 298 4.39 11.59 16.04
N SER C 299 4.80 10.66 16.90
CA SER C 299 5.50 9.45 16.47
C SER C 299 4.49 8.32 16.24
N VAL C 300 4.95 7.30 15.50
CA VAL C 300 4.06 6.19 15.13
C VAL C 300 3.60 5.45 16.38
N ALA C 301 4.52 5.19 17.32
CA ALA C 301 4.15 4.46 18.53
C ALA C 301 3.12 5.22 19.34
N GLU C 302 3.31 6.54 19.50
CA GLU C 302 2.38 7.29 20.34
C GLU C 302 1.04 7.51 19.65
N ILE C 303 1.01 7.65 18.32
CA ILE C 303 -0.28 7.74 17.65
C ILE C 303 -1.01 6.39 17.69
N THR C 304 -0.27 5.28 17.63
CA THR C 304 -0.90 3.98 17.81
C THR C 304 -1.48 3.84 19.21
N ASN C 305 -0.73 4.27 20.23
CA ASN C 305 -1.25 4.23 21.59
C ASN C 305 -2.49 5.10 21.74
N ALA C 306 -2.48 6.29 21.13
CA ALA C 306 -3.63 7.18 21.20
C ALA C 306 -4.85 6.55 20.53
N CYS C 307 -4.66 5.92 19.37
CA CYS C 307 -5.79 5.29 18.70
C CYS C 307 -6.28 4.07 19.45
N PHE C 308 -5.41 3.41 20.21
CA PHE C 308 -5.80 2.25 20.99
C PHE C 308 -6.30 2.60 22.39
N GLU C 309 -6.21 3.87 22.79
CA GLU C 309 -6.74 4.26 24.09
C GLU C 309 -8.26 4.13 24.10
N PRO C 310 -8.86 3.87 25.28
CA PRO C 310 -10.32 3.65 25.31
C PRO C 310 -11.12 4.92 25.11
N ALA C 311 -10.60 6.07 25.52
CA ALA C 311 -11.36 7.31 25.43
C ALA C 311 -11.47 7.83 24.00
N ASN C 312 -10.65 7.32 23.08
CA ASN C 312 -10.66 7.81 21.71
C ASN C 312 -11.64 7.06 20.83
N GLN C 313 -12.22 5.96 21.31
CA GLN C 313 -13.19 5.21 20.51
C GLN C 313 -14.43 6.05 20.24
N MET C 314 -15.00 5.89 19.05
CA MET C 314 -16.11 6.73 18.60
C MET C 314 -17.46 6.04 18.76
N VAL C 315 -17.52 4.97 19.55
CA VAL C 315 -18.78 4.35 19.96
C VAL C 315 -18.74 4.24 21.49
N LYS C 316 -19.85 4.62 22.13
CA LYS C 316 -19.89 4.69 23.60
C LYS C 316 -19.92 3.28 24.16
N CYS C 317 -18.73 2.67 24.22
CA CYS C 317 -18.52 1.36 24.81
C CYS C 317 -17.02 1.15 24.97
N ASP C 318 -16.61 0.73 26.16
CA ASP C 318 -15.19 0.55 26.42
C ASP C 318 -14.77 -0.89 26.14
N PRO C 319 -13.90 -1.13 25.16
CA PRO C 319 -13.55 -2.51 24.80
C PRO C 319 -12.93 -3.31 25.94
N ARG C 320 -12.64 -2.67 27.08
CA ARG C 320 -12.18 -3.42 28.24
C ARG C 320 -13.21 -4.44 28.70
N HIS C 321 -14.49 -4.17 28.47
CA HIS C 321 -15.51 -5.15 28.81
C HIS C 321 -15.56 -6.33 27.84
N GLY C 322 -14.87 -6.24 26.70
CA GLY C 322 -14.92 -7.28 25.70
C GLY C 322 -13.53 -7.75 25.28
N LYS C 323 -13.52 -8.64 24.30
CA LYS C 323 -12.30 -9.18 23.73
C LYS C 323 -12.26 -8.83 22.24
N TYR C 324 -11.13 -8.30 21.78
CA TYR C 324 -10.99 -7.97 20.37
C TYR C 324 -11.02 -9.24 19.53
N MET C 325 -11.78 -9.18 18.45
CA MET C 325 -11.86 -10.29 17.49
C MET C 325 -11.03 -10.04 16.23
N ALA C 326 -10.99 -8.81 15.74
CA ALA C 326 -10.17 -8.48 14.59
C ALA C 326 -9.86 -6.99 14.62
N CYS C 327 -8.69 -6.64 14.09
CA CYS C 327 -8.25 -5.24 14.05
C CYS C 327 -7.63 -4.93 12.71
N CYS C 328 -7.87 -3.71 12.24
CA CYS C 328 -7.33 -3.21 10.97
C CYS C 328 -6.77 -1.82 11.20
N LEU C 329 -5.45 -1.69 11.08
CA LEU C 329 -4.76 -0.42 11.16
C LEU C 329 -4.47 0.10 9.76
N LEU C 330 -4.70 1.39 9.54
CA LEU C 330 -4.43 2.05 8.27
C LEU C 330 -3.64 3.32 8.54
N TYR C 331 -2.36 3.30 8.20
CA TYR C 331 -1.48 4.45 8.38
C TYR C 331 -1.38 5.22 7.08
N ARG C 332 -1.32 6.54 7.18
CA ARG C 332 -1.08 7.40 6.03
C ARG C 332 0.03 8.38 6.38
N GLY C 333 1.00 8.53 5.48
CA GLY C 333 2.05 9.51 5.65
C GLY C 333 3.44 8.91 5.74
N ASP C 334 4.36 9.64 6.38
CA ASP C 334 5.74 9.19 6.55
C ASP C 334 5.77 8.12 7.63
N VAL C 335 5.47 6.89 7.22
CA VAL C 335 5.33 5.76 8.12
C VAL C 335 6.36 4.70 7.75
N VAL C 336 7.08 4.21 8.74
CA VAL C 336 8.12 3.19 8.55
C VAL C 336 7.56 1.85 9.01
N PRO C 337 7.58 0.82 8.16
CA PRO C 337 7.03 -0.48 8.57
C PRO C 337 7.72 -1.08 9.78
N LYS C 338 9.02 -0.83 9.97
CA LYS C 338 9.70 -1.31 11.17
C LYS C 338 9.11 -0.69 12.42
N ASP C 339 8.88 0.64 12.39
CA ASP C 339 8.26 1.31 13.52
C ASP C 339 6.84 0.80 13.76
N VAL C 340 6.08 0.57 12.68
CA VAL C 340 4.74 0.04 12.81
C VAL C 340 4.77 -1.33 13.47
N ASN C 341 5.69 -2.19 13.03
CA ASN C 341 5.81 -3.53 13.59
C ASN C 341 6.17 -3.48 15.07
N ALA C 342 7.14 -2.63 15.44
CA ALA C 342 7.54 -2.54 16.84
C ALA C 342 6.39 -2.03 17.70
N ALA C 343 5.69 -0.99 17.24
CA ALA C 343 4.57 -0.44 18.00
C ALA C 343 3.46 -1.46 18.17
N ILE C 344 3.14 -2.21 17.11
CA ILE C 344 2.07 -3.19 17.18
C ILE C 344 2.46 -4.34 18.10
N ALA C 345 3.72 -4.76 18.06
CA ALA C 345 4.18 -5.79 18.99
C ALA C 345 4.06 -5.33 20.43
N THR C 346 4.45 -4.08 20.70
CA THR C 346 4.31 -3.54 22.06
C THR C 346 2.86 -3.50 22.48
N ILE C 347 1.97 -3.07 21.57
CA ILE C 347 0.54 -3.00 21.90
C ILE C 347 -0.01 -4.38 22.19
N LYS C 348 0.37 -5.38 21.39
CA LYS C 348 -0.05 -6.74 21.66
C LYS C 348 0.46 -7.22 23.00
N THR C 349 1.68 -6.81 23.37
CA THR C 349 2.23 -7.17 24.67
C THR C 349 1.45 -6.50 25.81
N LYS C 350 0.91 -5.31 25.58
CA LYS C 350 0.28 -4.52 26.63
C LYS C 350 -0.85 -5.29 27.32
N ARG C 351 -1.12 -4.90 28.57
CA ARG C 351 -2.06 -5.63 29.41
C ARG C 351 -3.49 -5.43 28.96
N SER C 352 -3.88 -4.19 28.67
CA SER C 352 -5.28 -3.86 28.44
C SER C 352 -5.83 -4.50 27.16
N ILE C 353 -4.97 -4.85 26.21
CA ILE C 353 -5.39 -5.45 24.96
C ILE C 353 -5.47 -6.95 25.15
N GLN C 354 -6.68 -7.50 25.07
CA GLN C 354 -6.91 -8.94 25.20
C GLN C 354 -7.64 -9.42 23.96
N PHE C 355 -7.14 -10.50 23.36
CA PHE C 355 -7.72 -11.06 22.15
C PHE C 355 -8.51 -12.32 22.48
N VAL C 356 -9.11 -12.90 21.46
CA VAL C 356 -9.86 -14.15 21.60
C VAL C 356 -8.91 -15.31 21.36
N ASP C 357 -9.19 -16.43 22.02
CA ASP C 357 -8.28 -17.57 21.98
C ASP C 357 -8.10 -18.13 20.57
N TRP C 358 -9.16 -18.13 19.76
CA TRP C 358 -9.10 -18.72 18.43
C TRP C 358 -8.63 -17.74 17.37
N CYS C 359 -8.05 -16.61 17.76
CA CYS C 359 -7.51 -15.63 16.80
C CYS C 359 -6.06 -15.35 17.18
N PRO C 360 -5.16 -16.30 16.90
CA PRO C 360 -3.74 -16.05 17.19
C PRO C 360 -3.17 -14.86 16.44
N THR C 361 -3.63 -14.63 15.22
CA THR C 361 -3.24 -13.47 14.43
C THR C 361 -4.42 -12.50 14.40
N GLY C 362 -4.18 -11.27 14.84
CA GLY C 362 -5.28 -10.33 14.99
C GLY C 362 -5.00 -8.90 14.53
N PHE C 363 -4.19 -8.73 13.50
CA PHE C 363 -3.88 -7.39 13.00
C PHE C 363 -3.74 -7.43 11.49
N LYS C 364 -4.42 -6.50 10.81
CA LYS C 364 -4.22 -6.28 9.38
C LYS C 364 -3.73 -4.86 9.19
N VAL C 365 -2.57 -4.70 8.56
CA VAL C 365 -1.85 -3.44 8.50
C VAL C 365 -1.84 -2.94 7.06
N GLY C 366 -2.21 -1.69 6.86
CA GLY C 366 -2.08 -1.04 5.57
C GLY C 366 -1.35 0.28 5.72
N ILE C 367 -0.55 0.62 4.71
CA ILE C 367 0.27 1.82 4.72
C ILE C 367 0.07 2.57 3.41
N ASN C 368 -0.12 3.88 3.50
CA ASN C 368 -0.34 4.73 2.34
C ASN C 368 0.63 5.91 2.38
N TYR C 369 1.01 6.38 1.18
CA TYR C 369 2.02 7.41 1.02
C TYR C 369 1.45 8.81 0.96
N GLN C 370 0.13 8.98 1.09
CA GLN C 370 -0.48 10.28 0.96
C GLN C 370 -0.82 10.83 2.33
N PRO C 371 -0.19 11.90 2.80
CA PRO C 371 -0.53 12.47 4.09
C PRO C 371 -1.94 13.05 4.06
N PRO C 372 -2.64 13.06 5.19
CA PRO C 372 -3.99 13.62 5.21
C PRO C 372 -4.00 15.11 4.94
N THR C 373 -5.07 15.56 4.29
CA THR C 373 -5.24 16.97 3.95
C THR C 373 -6.07 17.68 5.02
N VAL C 374 -6.05 19.01 4.96
CA VAL C 374 -6.71 19.85 5.95
C VAL C 374 -7.69 20.78 5.24
N VAL C 375 -8.92 20.80 5.72
CA VAL C 375 -9.93 21.74 5.20
C VAL C 375 -9.66 23.12 5.77
N PRO C 376 -9.58 24.17 4.95
CA PRO C 376 -9.31 25.51 5.50
C PRO C 376 -10.48 25.98 6.34
N GLY C 377 -10.16 26.58 7.49
CA GLY C 377 -11.16 26.90 8.47
C GLY C 377 -11.56 25.74 9.36
N GLY C 378 -10.97 24.56 9.17
CA GLY C 378 -11.31 23.41 9.98
C GLY C 378 -10.66 23.47 11.35
N ASP C 379 -11.21 22.64 12.25
CA ASP C 379 -10.70 22.59 13.62
C ASP C 379 -9.37 21.86 13.71
N LEU C 380 -9.21 20.78 12.95
CA LEU C 380 -7.99 19.99 13.02
C LEU C 380 -6.82 20.73 12.37
N ALA C 381 -5.61 20.36 12.78
CA ALA C 381 -4.39 20.95 12.27
C ALA C 381 -3.67 19.99 11.32
N LYS C 382 -2.72 20.54 10.57
CA LYS C 382 -1.98 19.74 9.59
C LYS C 382 -1.09 18.74 10.31
N VAL C 383 -1.13 17.49 9.85
CA VAL C 383 -0.31 16.41 10.40
C VAL C 383 0.32 15.65 9.26
N GLN C 384 1.48 15.04 9.52
CA GLN C 384 2.16 14.23 8.52
C GLN C 384 1.94 12.74 8.70
N ARG C 385 1.30 12.31 9.79
CA ARG C 385 0.98 10.91 10.01
C ARG C 385 -0.46 10.81 10.50
N ALA C 386 -1.18 9.81 10.01
CA ALA C 386 -2.55 9.58 10.42
C ALA C 386 -2.81 8.08 10.54
N VAL C 387 -3.70 7.71 11.46
CA VAL C 387 -4.05 6.31 11.71
C VAL C 387 -5.57 6.20 11.76
N CYS C 388 -6.11 5.22 11.03
CA CYS C 388 -7.51 4.84 11.12
C CYS C 388 -7.58 3.39 11.55
N MET C 389 -8.27 3.12 12.66
CA MET C 389 -8.31 1.80 13.26
C MET C 389 -9.74 1.30 13.29
N LEU C 390 -9.99 0.17 12.64
CA LEU C 390 -11.30 -0.46 12.61
C LEU C 390 -11.23 -1.76 13.39
N SER C 391 -12.04 -1.88 14.43
CA SER C 391 -11.99 -3.04 15.32
C SER C 391 -13.33 -3.74 15.33
N ASN C 392 -13.31 -5.04 15.06
CA ASN C 392 -14.46 -5.90 15.28
C ASN C 392 -14.24 -6.57 16.63
N THR C 393 -15.06 -6.19 17.61
CA THR C 393 -14.90 -6.66 18.98
C THR C 393 -16.20 -7.20 19.54
N THR C 394 -16.23 -7.48 20.85
CA THR C 394 -17.41 -8.03 21.51
C THR C 394 -18.13 -7.00 22.37
N ALA C 395 -17.57 -5.80 22.53
CA ALA C 395 -18.17 -4.80 23.41
C ALA C 395 -19.48 -4.24 22.86
N ILE C 396 -19.81 -4.49 21.59
CA ILE C 396 -21.08 -4.02 21.03
C ILE C 396 -22.27 -4.82 21.53
N ALA C 397 -22.02 -5.95 22.19
CA ALA C 397 -23.12 -6.75 22.74
C ALA C 397 -23.88 -5.99 23.80
N GLU C 398 -23.17 -5.17 24.60
CA GLU C 398 -23.86 -4.38 25.62
C GLU C 398 -24.76 -3.32 24.99
N ALA C 399 -24.32 -2.71 23.88
CA ALA C 399 -25.17 -1.75 23.18
C ALA C 399 -26.39 -2.43 22.60
N TRP C 400 -26.20 -3.61 22.00
CA TRP C 400 -27.35 -4.35 21.48
C TRP C 400 -28.33 -4.71 22.60
N ALA C 401 -27.80 -5.14 23.75
CA ALA C 401 -28.66 -5.48 24.88
C ALA C 401 -29.43 -4.26 25.39
N ARG C 402 -28.76 -3.11 25.47
CA ARG C 402 -29.44 -1.90 25.92
C ARG C 402 -30.56 -1.50 24.96
N LEU C 403 -30.28 -1.54 23.66
CA LEU C 403 -31.32 -1.21 22.68
C LEU C 403 -32.47 -2.20 22.75
N ASP C 404 -32.17 -3.49 22.92
CA ASP C 404 -33.21 -4.50 23.03
C ASP C 404 -34.07 -4.27 24.27
N HIS C 405 -33.44 -3.91 25.40
CA HIS C 405 -34.19 -3.64 26.61
C HIS C 405 -35.09 -2.42 26.44
N LYS C 406 -34.59 -1.38 25.78
CA LYS C 406 -35.42 -0.20 25.52
C LYS C 406 -36.63 -0.57 24.66
N PHE C 407 -36.39 -1.36 23.60
CA PHE C 407 -37.48 -1.77 22.72
C PHE C 407 -38.52 -2.59 23.48
N ASP C 408 -38.05 -3.53 24.31
CA ASP C 408 -38.99 -4.36 25.08
C ASP C 408 -39.79 -3.51 26.06
N LEU C 409 -39.14 -2.58 26.75
CA LEU C 409 -39.83 -1.73 27.70
C LEU C 409 -40.90 -0.89 27.00
N MET C 410 -40.58 -0.36 25.82
CA MET C 410 -41.56 0.47 25.11
C MET C 410 -42.69 -0.37 24.51
N TYR C 411 -42.39 -1.58 24.05
CA TYR C 411 -43.37 -2.41 23.38
C TYR C 411 -44.22 -3.24 24.34
N ALA C 412 -43.85 -3.30 25.61
CA ALA C 412 -44.63 -4.10 26.57
C ALA C 412 -46.08 -3.64 26.65
N LYS C 413 -46.36 -2.36 26.38
CA LYS C 413 -47.72 -1.85 26.46
C LYS C 413 -48.17 -1.18 25.17
N ARG C 414 -47.54 -1.50 24.04
CA ARG C 414 -48.05 -1.16 22.71
C ARG C 414 -48.20 0.36 22.52
N ALA C 415 -47.05 1.04 22.53
CA ALA C 415 -46.99 2.47 22.29
C ALA C 415 -46.49 2.75 20.87
N PHE C 416 -47.19 3.64 20.17
CA PHE C 416 -46.89 4.06 18.80
C PHE C 416 -47.14 2.92 17.82
N VAL C 417 -47.48 1.74 18.37
CA VAL C 417 -47.84 0.61 17.54
C VAL C 417 -49.11 0.90 16.76
N HIS C 418 -49.98 1.79 17.26
CA HIS C 418 -51.15 2.17 16.46
C HIS C 418 -50.73 2.89 15.19
N TRP C 419 -49.76 3.81 15.28
CA TRP C 419 -49.21 4.42 14.07
C TRP C 419 -48.61 3.36 13.15
N TYR C 420 -47.75 2.51 13.70
CA TYR C 420 -47.03 1.55 12.87
C TYR C 420 -47.98 0.57 12.19
N VAL C 421 -49.01 0.12 12.90
CA VAL C 421 -49.97 -0.81 12.33
C VAL C 421 -50.85 -0.11 11.30
N GLY C 422 -51.30 1.11 11.59
CA GLY C 422 -52.11 1.84 10.64
C GLY C 422 -51.37 2.13 9.34
N GLU C 423 -50.05 2.27 9.41
CA GLU C 423 -49.27 2.47 8.18
C GLU C 423 -48.76 1.16 7.59
N GLY C 424 -49.67 0.20 7.38
CA GLY C 424 -49.35 -1.01 6.64
C GLY C 424 -48.33 -1.94 7.26
N MET C 425 -48.46 -2.25 8.54
CA MET C 425 -47.60 -3.23 9.21
C MET C 425 -48.41 -3.95 10.27
N GLU C 426 -47.90 -5.11 10.69
CA GLU C 426 -48.54 -5.95 11.69
C GLU C 426 -47.57 -6.27 12.81
N GLU C 427 -48.12 -6.66 13.96
CA GLU C 427 -47.31 -6.96 15.14
C GLU C 427 -46.42 -8.18 14.93
N GLY C 428 -46.72 -9.01 13.93
CA GLY C 428 -45.84 -10.13 13.63
C GLY C 428 -44.45 -9.67 13.26
N GLU C 429 -44.34 -8.56 12.52
CA GLU C 429 -43.02 -8.02 12.18
C GLU C 429 -42.26 -7.61 13.44
N PHE C 430 -42.94 -6.94 14.38
CA PHE C 430 -42.29 -6.57 15.63
C PHE C 430 -41.81 -7.80 16.39
N SER C 431 -42.65 -8.84 16.48
CA SER C 431 -42.25 -10.04 17.21
C SER C 431 -41.06 -10.74 16.55
N GLU C 432 -41.08 -10.86 15.22
CA GLU C 432 -39.96 -11.49 14.53
C GLU C 432 -38.68 -10.68 14.67
N ALA C 433 -38.78 -9.35 14.60
CA ALA C 433 -37.61 -8.52 14.81
C ALA C 433 -37.05 -8.70 16.22
N ARG C 434 -37.92 -8.77 17.22
CA ARG C 434 -37.48 -8.98 18.59
C ARG C 434 -36.75 -10.32 18.72
N GLU C 435 -37.34 -11.39 18.19
CA GLU C 435 -36.71 -12.70 18.33
C GLU C 435 -35.41 -12.78 17.55
N ASP C 436 -35.33 -12.13 16.39
CA ASP C 436 -34.09 -12.12 15.62
C ASP C 436 -33.00 -11.36 16.35
N MET C 437 -33.34 -10.24 16.99
CA MET C 437 -32.34 -9.51 17.77
C MET C 437 -31.87 -10.32 18.96
N ALA C 438 -32.79 -11.03 19.62
CA ALA C 438 -32.39 -11.90 20.73
C ALA C 438 -31.44 -12.99 20.25
N ALA C 439 -31.76 -13.61 19.11
CA ALA C 439 -30.88 -14.65 18.56
C ALA C 439 -29.51 -14.08 18.20
N LEU C 440 -29.48 -12.88 17.62
CA LEU C 440 -28.20 -12.25 17.28
C LEU C 440 -27.37 -11.98 18.52
N GLU C 441 -28.01 -11.48 19.59
CA GLU C 441 -27.28 -11.22 20.83
C GLU C 441 -26.74 -12.53 21.42
N LYS C 442 -27.55 -13.59 21.40
CA LYS C 442 -27.10 -14.88 21.91
C LYS C 442 -25.91 -15.40 21.11
N ASP C 443 -25.97 -15.29 19.78
CA ASP C 443 -24.86 -15.74 18.94
C ASP C 443 -23.61 -14.94 19.22
N TYR C 444 -23.74 -13.62 19.36
CA TYR C 444 -22.59 -12.76 19.63
C TYR C 444 -21.94 -13.16 20.95
N GLU C 445 -22.74 -13.35 21.99
CA GLU C 445 -22.19 -13.71 23.30
C GLU C 445 -21.52 -15.08 23.24
N GLU C 446 -22.17 -16.05 22.58
CA GLU C 446 -21.61 -17.39 22.51
C GLU C 446 -20.29 -17.42 21.76
N VAL C 447 -20.20 -16.67 20.64
CA VAL C 447 -18.95 -16.62 19.89
C VAL C 447 -17.87 -15.91 20.69
N GLY C 448 -18.22 -14.81 21.36
CA GLY C 448 -17.23 -14.06 22.11
C GLY C 448 -16.68 -14.84 23.29
N VAL C 449 -17.54 -15.58 23.99
CA VAL C 449 -17.10 -16.31 25.18
C VAL C 449 -16.20 -17.48 24.76
N ASP C 450 -15.34 -17.88 25.68
CA ASP C 450 -14.45 -19.01 25.43
C ASP C 450 -15.19 -20.33 25.56
N SER C 451 -14.61 -21.37 24.97
CA SER C 451 -15.18 -22.70 25.03
C SER C 451 -14.04 -23.73 25.10
N VAL C 452 -14.26 -24.77 25.89
CA VAL C 452 -13.25 -25.81 26.06
C VAL C 452 -13.20 -26.66 24.80
N GLU C 453 -12.02 -27.21 24.53
CA GLU C 453 -11.77 -28.03 23.34
C GLU C 453 -12.17 -27.32 22.05
N MET D 1 22.99 -19.05 -23.81
CA MET D 1 22.43 -20.38 -23.55
C MET D 1 21.98 -20.49 -22.09
N ARG D 2 21.17 -21.52 -21.82
CA ARG D 2 20.62 -21.78 -20.48
C ARG D 2 19.82 -20.58 -19.99
N GLU D 3 18.78 -20.24 -20.74
CA GLU D 3 17.93 -19.11 -20.40
C GLU D 3 17.08 -19.42 -19.18
N ILE D 4 16.80 -18.38 -18.39
CA ILE D 4 15.98 -18.49 -17.19
C ILE D 4 14.82 -17.53 -17.33
N VAL D 5 13.60 -18.02 -17.08
CA VAL D 5 12.38 -17.22 -17.18
C VAL D 5 11.98 -16.78 -15.78
N HIS D 6 11.77 -15.48 -15.61
CA HIS D 6 11.44 -14.89 -14.32
C HIS D 6 9.98 -14.51 -14.28
N ILE D 7 9.28 -14.95 -13.23
CA ILE D 7 7.86 -14.66 -13.03
C ILE D 7 7.69 -14.00 -11.68
N GLN D 8 6.93 -12.91 -11.64
CA GLN D 8 6.72 -12.14 -10.41
C GLN D 8 5.22 -12.06 -10.13
N ALA D 9 4.86 -12.27 -8.87
CA ALA D 9 3.46 -12.30 -8.46
C ALA D 9 3.24 -11.40 -7.26
N GLY D 10 2.06 -10.77 -7.21
CA GLY D 10 1.67 -9.95 -6.09
C GLY D 10 2.52 -8.70 -5.96
N GLN D 11 2.12 -7.87 -4.99
CA GLN D 11 2.86 -6.65 -4.70
C GLN D 11 4.28 -6.94 -4.27
N CYS D 12 4.46 -7.94 -3.42
CA CYS D 12 5.80 -8.30 -2.95
C CYS D 12 6.66 -8.79 -4.10
N GLY D 13 6.12 -9.68 -4.94
CA GLY D 13 6.86 -10.14 -6.10
C GLY D 13 7.24 -9.00 -7.03
N ASN D 14 6.31 -8.08 -7.27
CA ASN D 14 6.60 -6.96 -8.18
C ASN D 14 7.72 -6.08 -7.62
N GLN D 15 7.66 -5.73 -6.34
CA GLN D 15 8.67 -4.86 -5.76
C GLN D 15 10.03 -5.55 -5.70
N ILE D 16 10.06 -6.81 -5.26
CA ILE D 16 11.32 -7.54 -5.20
C ILE D 16 11.90 -7.71 -6.59
N GLY D 17 11.05 -7.95 -7.59
CA GLY D 17 11.53 -8.05 -8.96
C GLY D 17 12.08 -6.75 -9.49
N ALA D 18 11.44 -5.63 -9.14
CA ALA D 18 11.96 -4.33 -9.56
C ALA D 18 13.37 -4.10 -9.00
N LYS D 19 13.54 -4.38 -7.70
CA LYS D 19 14.87 -4.24 -7.11
C LYS D 19 15.86 -5.22 -7.74
N PHE D 20 15.41 -6.44 -8.02
CA PHE D 20 16.27 -7.46 -8.60
C PHE D 20 16.76 -7.05 -10.00
N TRP D 21 15.86 -6.49 -10.81
CA TRP D 21 16.27 -6.06 -12.15
C TRP D 21 17.14 -4.83 -12.09
N GLU D 22 16.91 -3.95 -11.10
CA GLU D 22 17.87 -2.87 -10.84
C GLU D 22 19.27 -3.43 -10.61
N VAL D 23 19.38 -4.42 -9.71
CA VAL D 23 20.69 -4.99 -9.39
C VAL D 23 21.30 -5.67 -10.61
N ILE D 24 20.49 -6.42 -11.37
CA ILE D 24 21.01 -7.15 -12.53
C ILE D 24 21.49 -6.18 -13.61
N SER D 25 20.72 -5.12 -13.86
CA SER D 25 21.15 -4.14 -14.84
C SER D 25 22.44 -3.45 -14.41
N ASP D 26 22.56 -3.13 -13.12
CA ASP D 26 23.81 -2.54 -12.64
C ASP D 26 24.97 -3.51 -12.81
N GLU D 27 24.74 -4.80 -12.55
CA GLU D 27 25.78 -5.80 -12.68
C GLU D 27 26.23 -5.97 -14.12
N HIS D 28 25.29 -5.99 -15.05
CA HIS D 28 25.59 -6.21 -16.47
C HIS D 28 25.88 -4.93 -17.23
N GLY D 29 25.85 -3.78 -16.56
CA GLY D 29 26.12 -2.53 -17.26
C GLY D 29 25.08 -2.15 -18.29
N ILE D 30 23.80 -2.34 -17.97
CA ILE D 30 22.71 -2.04 -18.89
C ILE D 30 22.08 -0.72 -18.46
N ASP D 31 22.01 0.23 -19.40
CA ASP D 31 21.40 1.51 -19.11
C ASP D 31 19.90 1.33 -18.85
N PRO D 32 19.30 2.19 -18.03
CA PRO D 32 17.84 2.10 -17.81
C PRO D 32 17.03 2.18 -19.08
N SER D 33 17.52 2.90 -20.10
CA SER D 33 16.83 2.95 -21.38
C SER D 33 16.83 1.60 -22.08
N GLY D 34 17.76 0.71 -21.76
CA GLY D 34 17.80 -0.62 -22.32
C GLY D 34 18.95 -0.91 -23.27
N ASN D 35 19.95 -0.03 -23.36
CA ASN D 35 21.07 -0.22 -24.26
C ASN D 35 22.36 -0.36 -23.47
N TYR D 36 23.29 -1.15 -24.02
CA TYR D 36 24.56 -1.42 -23.34
C TYR D 36 25.41 -0.14 -23.25
N VAL D 37 25.96 0.10 -22.06
CA VAL D 37 26.77 1.28 -21.81
C VAL D 37 28.06 0.88 -21.11
N GLY D 38 28.19 -0.39 -20.75
CA GLY D 38 29.32 -0.86 -19.98
C GLY D 38 30.62 -0.86 -20.78
N ASP D 39 31.70 -1.25 -20.09
CA ASP D 39 33.03 -1.22 -20.66
C ASP D 39 33.56 -2.61 -21.00
N SER D 40 33.58 -3.53 -20.04
CA SER D 40 34.17 -4.85 -20.25
C SER D 40 33.24 -5.74 -21.06
N ASP D 41 33.84 -6.63 -21.84
CA ASP D 41 33.10 -7.58 -22.67
C ASP D 41 32.66 -8.83 -21.92
N LEU D 42 33.19 -9.07 -20.72
CA LEU D 42 32.75 -10.22 -19.93
C LEU D 42 31.28 -10.13 -19.56
N GLN D 43 30.75 -8.92 -19.44
CA GLN D 43 29.31 -8.75 -19.23
C GLN D 43 28.52 -9.22 -20.45
N LEU D 44 29.02 -8.90 -21.65
CA LEU D 44 28.33 -9.29 -22.88
C LEU D 44 28.57 -10.75 -23.25
N GLU D 45 29.55 -11.41 -22.63
CA GLU D 45 29.83 -12.80 -22.98
C GLU D 45 28.62 -13.69 -22.75
N ARG D 46 27.93 -13.52 -21.62
CA ARG D 46 26.71 -14.28 -21.32
C ARG D 46 25.66 -13.30 -20.80
N ILE D 47 24.88 -12.73 -21.72
CA ILE D 47 23.78 -11.84 -21.37
C ILE D 47 22.42 -12.42 -21.73
N SER D 48 22.38 -13.46 -22.57
CA SER D 48 21.11 -14.04 -22.98
C SER D 48 20.45 -14.89 -21.90
N VAL D 49 21.15 -15.17 -20.80
CA VAL D 49 20.57 -15.99 -19.74
C VAL D 49 19.40 -15.27 -19.09
N TYR D 50 19.52 -13.98 -18.86
CA TYR D 50 18.45 -13.16 -18.29
C TYR D 50 17.81 -12.23 -19.30
N TYR D 51 18.62 -11.45 -20.01
CA TYR D 51 18.08 -10.47 -20.94
C TYR D 51 17.73 -11.13 -22.28
N ASN D 52 17.15 -10.34 -23.17
CA ASN D 52 16.76 -10.81 -24.50
C ASN D 52 17.09 -9.72 -25.50
N GLU D 53 17.77 -10.10 -26.57
CA GLU D 53 18.18 -9.15 -27.59
C GLU D 53 16.97 -8.69 -28.41
N ALA D 54 17.06 -7.45 -28.89
CA ALA D 54 15.99 -6.87 -29.70
C ALA D 54 16.61 -5.86 -30.65
N SER D 55 15.88 -5.56 -31.72
CA SER D 55 16.37 -4.72 -32.80
C SER D 55 16.90 -3.39 -32.26
N SER D 56 17.83 -2.79 -33.02
CA SER D 56 18.58 -1.61 -32.59
C SER D 56 19.34 -1.90 -31.29
N HIS D 57 19.87 -3.12 -31.18
CA HIS D 57 20.74 -3.54 -30.08
C HIS D 57 20.10 -3.33 -28.71
N LYS D 58 18.77 -3.29 -28.64
CA LYS D 58 18.10 -3.13 -27.36
C LYS D 58 18.13 -4.44 -26.58
N TYR D 59 17.99 -4.32 -25.26
CA TYR D 59 17.92 -5.48 -24.37
C TYR D 59 16.68 -5.36 -23.51
N VAL D 60 15.84 -6.39 -23.53
CA VAL D 60 14.58 -6.41 -22.79
C VAL D 60 14.65 -7.55 -21.78
N PRO D 61 14.27 -7.32 -20.53
CA PRO D 61 14.30 -8.41 -19.55
C PRO D 61 13.30 -9.51 -19.89
N ARG D 62 13.64 -10.73 -19.52
CA ARG D 62 12.77 -11.89 -19.70
C ARG D 62 11.92 -12.11 -18.46
N ALA D 63 11.16 -11.08 -18.10
CA ALA D 63 10.32 -11.09 -16.92
C ALA D 63 8.85 -10.98 -17.32
N ILE D 64 8.00 -11.62 -16.52
CA ILE D 64 6.55 -11.61 -16.73
C ILE D 64 5.92 -11.14 -15.43
N LEU D 65 5.68 -9.84 -15.31
CA LEU D 65 5.09 -9.26 -14.12
C LEU D 65 3.58 -9.35 -14.21
N VAL D 66 2.94 -9.87 -13.17
CA VAL D 66 1.51 -10.09 -13.20
C VAL D 66 0.96 -10.04 -11.78
N ASP D 67 -0.19 -9.38 -11.62
CA ASP D 67 -0.86 -9.24 -10.33
C ASP D 67 -2.28 -8.79 -10.61
N LEU D 68 -3.21 -9.22 -9.76
CA LEU D 68 -4.63 -8.96 -10.01
C LEU D 68 -4.94 -7.46 -9.93
N GLU D 69 -4.46 -6.79 -8.90
CA GLU D 69 -4.75 -5.37 -8.74
C GLU D 69 -3.79 -4.55 -9.60
N PRO D 70 -4.30 -3.54 -10.32
CA PRO D 70 -3.44 -2.79 -11.27
C PRO D 70 -2.56 -1.73 -10.63
N GLY D 71 -2.67 -1.50 -9.31
CA GLY D 71 -1.90 -0.44 -8.69
C GLY D 71 -0.41 -0.64 -8.78
N THR D 72 0.06 -1.87 -8.51
CA THR D 72 1.48 -2.16 -8.59
C THR D 72 2.01 -2.00 -10.02
N MET D 73 1.22 -2.45 -11.00
CA MET D 73 1.64 -2.29 -12.39
C MET D 73 1.72 -0.82 -12.77
N ASP D 74 0.74 -0.02 -12.35
CA ASP D 74 0.80 1.41 -12.64
C ASP D 74 2.01 2.05 -11.99
N SER D 75 2.32 1.66 -10.75
CA SER D 75 3.48 2.22 -10.06
C SER D 75 4.77 1.86 -10.78
N VAL D 76 4.91 0.59 -11.17
CA VAL D 76 6.16 0.16 -11.81
C VAL D 76 6.28 0.75 -13.21
N ARG D 77 5.17 1.02 -13.89
CA ARG D 77 5.23 1.64 -15.20
C ARG D 77 5.56 3.13 -15.11
N SER D 78 4.92 3.84 -14.16
CA SER D 78 5.12 5.28 -14.06
C SER D 78 6.45 5.64 -13.42
N GLY D 79 6.97 4.80 -12.54
CA GLY D 79 8.22 5.09 -11.88
C GLY D 79 9.41 4.94 -12.81
N ALA D 80 10.56 5.35 -12.30
CA ALA D 80 11.80 5.24 -13.06
C ALA D 80 12.16 3.77 -13.27
N PHE D 81 12.96 3.53 -14.31
CA PHE D 81 13.38 2.19 -14.70
C PHE D 81 12.17 1.31 -15.03
N GLY D 82 11.18 1.90 -15.69
CA GLY D 82 10.07 1.16 -16.25
C GLY D 82 9.94 1.27 -17.75
N HIS D 83 10.97 1.78 -18.43
CA HIS D 83 10.95 2.00 -19.87
C HIS D 83 11.56 0.85 -20.66
N LEU D 84 11.97 -0.24 -19.99
CA LEU D 84 12.64 -1.34 -20.66
C LEU D 84 11.83 -2.63 -20.66
N PHE D 85 10.86 -2.79 -19.76
CA PHE D 85 10.03 -3.98 -19.77
C PHE D 85 9.14 -4.00 -21.01
N ARG D 86 8.79 -5.21 -21.45
CA ARG D 86 7.91 -5.31 -22.60
C ARG D 86 6.45 -5.17 -22.17
N PRO D 87 5.70 -4.24 -22.77
CA PRO D 87 4.32 -3.99 -22.30
C PRO D 87 3.43 -5.22 -22.36
N ASP D 88 3.65 -6.11 -23.33
CA ASP D 88 2.86 -7.33 -23.42
C ASP D 88 2.96 -8.13 -22.12
N ASN D 89 4.13 -8.14 -21.50
CA ASN D 89 4.31 -8.87 -20.24
C ASN D 89 3.51 -8.27 -19.09
N PHE D 90 3.07 -7.02 -19.20
CA PHE D 90 2.31 -6.37 -18.14
C PHE D 90 0.88 -6.91 -18.17
N ILE D 91 0.58 -7.86 -17.29
CA ILE D 91 -0.72 -8.51 -17.21
C ILE D 91 -1.33 -8.19 -15.85
N PHE D 92 -2.58 -7.73 -15.85
CA PHE D 92 -3.27 -7.45 -14.60
C PHE D 92 -4.77 -7.60 -14.81
N GLY D 93 -5.48 -7.75 -13.70
CA GLY D 93 -6.92 -7.80 -13.67
C GLY D 93 -7.53 -6.47 -13.28
N GLN D 94 -8.70 -6.54 -12.65
CA GLN D 94 -9.39 -5.34 -12.20
C GLN D 94 -9.59 -5.31 -10.68
N SER D 95 -10.05 -6.42 -10.09
CA SER D 95 -10.29 -6.49 -8.66
C SER D 95 -9.30 -7.46 -8.03
N GLY D 96 -8.72 -7.04 -6.90
CA GLY D 96 -7.74 -7.87 -6.22
C GLY D 96 -8.35 -9.12 -5.61
N ALA D 97 -7.45 -10.02 -5.18
CA ALA D 97 -7.89 -11.28 -4.59
C ALA D 97 -8.48 -11.10 -3.20
N GLY D 98 -8.20 -9.97 -2.55
CA GLY D 98 -8.75 -9.72 -1.22
C GLY D 98 -8.27 -10.69 -0.16
N ASN D 99 -7.00 -11.07 -0.22
CA ASN D 99 -6.40 -12.00 0.74
C ASN D 99 -7.18 -13.31 0.83
N ASN D 100 -7.68 -13.79 -0.31
CA ASN D 100 -8.47 -15.01 -0.37
C ASN D 100 -7.80 -15.99 -1.32
N TRP D 101 -7.40 -17.15 -0.78
CA TRP D 101 -6.81 -18.18 -1.62
C TRP D 101 -7.83 -18.70 -2.64
N ALA D 102 -9.08 -18.84 -2.22
CA ALA D 102 -10.12 -19.30 -3.15
C ALA D 102 -10.29 -18.32 -4.31
N LYS D 103 -10.33 -17.02 -4.01
CA LYS D 103 -10.43 -16.02 -5.07
C LYS D 103 -9.20 -15.98 -5.95
N GLY D 104 -8.01 -16.18 -5.39
CA GLY D 104 -6.81 -16.17 -6.19
C GLY D 104 -6.52 -17.45 -6.95
N HIS D 105 -7.22 -18.54 -6.64
CA HIS D 105 -6.99 -19.81 -7.29
C HIS D 105 -8.13 -20.31 -8.15
N TYR D 106 -9.36 -19.83 -7.95
CA TYR D 106 -10.50 -20.35 -8.68
C TYR D 106 -11.35 -19.31 -9.39
N THR D 107 -11.17 -18.02 -9.11
CA THR D 107 -12.05 -16.99 -9.65
C THR D 107 -11.39 -16.14 -10.71
N GLU D 108 -10.31 -15.43 -10.37
CA GLU D 108 -9.53 -14.68 -11.35
C GLU D 108 -8.40 -15.51 -11.92
N GLY D 109 -8.04 -16.58 -11.22
CA GLY D 109 -6.95 -17.43 -11.68
C GLY D 109 -7.19 -17.99 -13.06
N ALA D 110 -8.44 -18.32 -13.39
CA ALA D 110 -8.72 -18.93 -14.68
C ALA D 110 -8.19 -18.08 -15.83
N GLU D 111 -8.76 -16.89 -16.02
CA GLU D 111 -8.35 -16.04 -17.13
C GLU D 111 -6.91 -15.58 -16.97
N LEU D 112 -6.51 -15.27 -15.73
CA LEU D 112 -5.17 -14.74 -15.54
C LEU D 112 -4.10 -15.76 -15.95
N VAL D 113 -4.30 -17.03 -15.56
CA VAL D 113 -3.33 -18.05 -15.95
C VAL D 113 -3.47 -18.43 -17.41
N ASP D 114 -4.67 -18.28 -18.00
CA ASP D 114 -4.74 -18.47 -19.45
C ASP D 114 -3.82 -17.50 -20.18
N SER D 115 -3.96 -16.21 -19.87
CA SER D 115 -3.11 -15.21 -20.53
C SER D 115 -1.64 -15.40 -20.16
N VAL D 116 -1.36 -15.68 -18.89
CA VAL D 116 0.02 -15.84 -18.45
C VAL D 116 0.66 -17.06 -19.10
N LEU D 117 -0.09 -18.15 -19.25
CA LEU D 117 0.44 -19.34 -19.89
C LEU D 117 0.68 -19.10 -21.37
N ASP D 118 -0.18 -18.33 -22.03
CA ASP D 118 0.08 -17.95 -23.41
C ASP D 118 1.41 -17.21 -23.53
N VAL D 119 1.60 -16.21 -22.67
CA VAL D 119 2.84 -15.42 -22.72
C VAL D 119 4.04 -16.28 -22.37
N VAL D 120 3.90 -17.17 -21.38
CA VAL D 120 4.99 -18.03 -20.96
C VAL D 120 5.39 -18.98 -22.09
N ARG D 121 4.40 -19.55 -22.77
CA ARG D 121 4.70 -20.44 -23.89
C ARG D 121 5.41 -19.69 -25.01
N LYS D 122 4.95 -18.47 -25.32
CA LYS D 122 5.61 -17.70 -26.37
C LYS D 122 7.06 -17.42 -26.00
N GLU D 123 7.30 -17.01 -24.74
CA GLU D 123 8.66 -16.70 -24.30
C GLU D 123 9.54 -17.94 -24.34
N CYS D 124 9.01 -19.09 -23.89
CA CYS D 124 9.80 -20.31 -23.86
C CYS D 124 10.16 -20.78 -25.26
N GLU D 125 9.20 -20.75 -26.19
CA GLU D 125 9.52 -21.11 -27.58
C GLU D 125 10.50 -20.13 -28.20
N ASN D 126 10.45 -18.85 -27.81
CA ASN D 126 11.46 -17.92 -28.26
C ASN D 126 12.84 -18.26 -27.69
N CYS D 127 12.88 -18.80 -26.47
CA CYS D 127 14.15 -19.17 -25.87
C CYS D 127 14.80 -20.32 -26.63
N ASP D 128 16.14 -20.35 -26.60
CA ASP D 128 16.89 -21.38 -27.32
C ASP D 128 16.95 -22.69 -26.52
N CYS D 129 17.55 -22.65 -25.34
CA CYS D 129 17.68 -23.82 -24.48
C CYS D 129 17.29 -23.39 -23.07
N LEU D 130 16.05 -23.70 -22.68
CA LEU D 130 15.54 -23.27 -21.39
C LEU D 130 16.28 -23.99 -20.26
N GLN D 131 16.64 -23.22 -19.23
CA GLN D 131 17.30 -23.75 -18.05
C GLN D 131 16.35 -23.95 -16.88
N GLY D 132 15.53 -22.96 -16.58
CA GLY D 132 14.60 -23.08 -15.46
C GLY D 132 13.77 -21.84 -15.28
N PHE D 133 12.96 -21.87 -14.23
CA PHE D 133 12.02 -20.81 -13.90
C PHE D 133 12.33 -20.23 -12.52
N GLN D 134 11.96 -18.97 -12.33
CA GLN D 134 12.08 -18.30 -11.03
C GLN D 134 10.77 -17.60 -10.72
N LEU D 135 10.28 -17.81 -9.49
CA LEU D 135 9.03 -17.19 -9.06
C LEU D 135 9.22 -16.61 -7.66
N THR D 136 8.97 -15.31 -7.51
CA THR D 136 9.08 -14.62 -6.23
C THR D 136 7.69 -14.21 -5.77
N HIS D 137 7.33 -14.59 -4.55
CA HIS D 137 5.97 -14.35 -4.06
C HIS D 137 5.94 -14.43 -2.54
N SER D 138 4.75 -14.31 -1.98
CA SER D 138 4.53 -14.38 -0.54
C SER D 138 3.47 -15.44 -0.25
N LEU D 139 3.65 -16.15 0.86
CA LEU D 139 2.70 -17.18 1.27
C LEU D 139 1.58 -16.63 2.14
N GLY D 140 1.54 -15.32 2.36
CA GLY D 140 0.53 -14.73 3.21
C GLY D 140 -0.58 -14.02 2.46
N GLY D 141 -0.27 -13.48 1.28
CA GLY D 141 -1.27 -12.80 0.49
C GLY D 141 -2.19 -13.76 -0.23
N GLY D 142 -3.20 -13.19 -0.89
CA GLY D 142 -4.13 -14.00 -1.65
C GLY D 142 -3.71 -14.24 -3.09
N THR D 143 -3.53 -13.15 -3.85
CA THR D 143 -3.21 -13.28 -5.26
C THR D 143 -1.85 -13.95 -5.45
N GLY D 144 -0.82 -13.45 -4.77
CA GLY D 144 0.49 -14.06 -4.88
C GLY D 144 0.45 -15.54 -4.59
N SER D 145 -0.04 -15.90 -3.41
CA SER D 145 -0.09 -17.31 -3.00
C SER D 145 -0.85 -18.16 -4.01
N GLY D 146 -2.16 -17.88 -4.18
CA GLY D 146 -2.98 -18.76 -4.99
C GLY D 146 -2.57 -18.81 -6.45
N MET D 147 -2.34 -17.63 -7.05
CA MET D 147 -2.05 -17.61 -8.47
C MET D 147 -0.63 -18.07 -8.77
N GLY D 148 0.34 -17.83 -7.89
CA GLY D 148 1.64 -18.45 -8.06
C GLY D 148 1.56 -19.96 -7.95
N THR D 149 0.71 -20.46 -7.05
CA THR D 149 0.49 -21.91 -6.97
C THR D 149 -0.08 -22.45 -8.28
N LEU D 150 -1.08 -21.75 -8.83
CA LEU D 150 -1.68 -22.19 -10.08
C LEU D 150 -0.67 -22.15 -11.23
N LEU D 151 0.14 -21.09 -11.29
CA LEU D 151 1.19 -20.99 -12.31
C LEU D 151 2.19 -22.11 -12.17
N ILE D 152 2.60 -22.42 -10.93
CA ILE D 152 3.57 -23.49 -10.70
C ILE D 152 2.99 -24.83 -11.15
N SER D 153 1.72 -25.08 -10.83
CA SER D 153 1.09 -26.34 -11.24
C SER D 153 1.03 -26.46 -12.76
N LYS D 154 0.61 -25.39 -13.43
CA LYS D 154 0.49 -25.45 -14.89
C LYS D 154 1.86 -25.58 -15.55
N VAL D 155 2.86 -24.88 -15.03
CA VAL D 155 4.21 -24.97 -15.59
C VAL D 155 4.80 -26.36 -15.36
N ARG D 156 4.52 -26.96 -14.19
CA ARG D 156 4.96 -28.33 -13.94
C ARG D 156 4.30 -29.30 -14.92
N GLU D 157 3.00 -29.09 -15.18
CA GLU D 157 2.32 -29.95 -16.15
C GLU D 157 2.92 -29.80 -17.54
N GLU D 158 3.23 -28.57 -17.94
CA GLU D 158 3.69 -28.34 -19.31
C GLU D 158 5.15 -28.76 -19.51
N TYR D 159 6.01 -28.54 -18.51
CA TYR D 159 7.45 -28.82 -18.63
C TYR D 159 7.88 -29.67 -17.45
N PRO D 160 7.65 -30.98 -17.51
CA PRO D 160 8.02 -31.84 -16.37
C PRO D 160 9.51 -31.88 -16.09
N ASP D 161 10.35 -31.86 -17.10
CA ASP D 161 11.79 -32.05 -16.94
C ASP D 161 12.53 -30.71 -16.85
N ARG D 162 12.07 -29.87 -15.93
CA ARG D 162 12.67 -28.54 -15.78
C ARG D 162 12.72 -28.17 -14.31
N ILE D 163 13.60 -27.23 -13.99
CA ILE D 163 13.83 -26.77 -12.62
C ILE D 163 13.14 -25.42 -12.42
N MET D 164 12.67 -25.18 -11.20
CA MET D 164 12.18 -23.86 -10.87
C MET D 164 12.42 -23.57 -9.40
N ASN D 165 12.85 -22.35 -9.13
CA ASN D 165 13.08 -21.85 -7.79
C ASN D 165 11.95 -20.92 -7.38
N THR D 166 11.56 -21.00 -6.10
CA THR D 166 10.53 -20.13 -5.54
C THR D 166 11.12 -19.39 -4.35
N PHE D 167 11.04 -18.07 -4.41
CA PHE D 167 11.49 -17.19 -3.33
C PHE D 167 10.24 -16.71 -2.60
N SER D 168 9.95 -17.34 -1.46
CA SER D 168 8.71 -17.12 -0.74
C SER D 168 8.98 -16.30 0.51
N VAL D 169 8.16 -15.27 0.71
CA VAL D 169 8.21 -14.45 1.92
C VAL D 169 7.25 -15.07 2.92
N VAL D 170 7.81 -15.85 3.86
CA VAL D 170 7.05 -16.60 4.85
C VAL D 170 6.50 -15.64 5.91
N PRO D 171 5.32 -15.89 6.46
CA PRO D 171 4.79 -15.01 7.52
C PRO D 171 5.65 -15.03 8.78
N SER D 172 5.64 -13.90 9.49
CA SER D 172 6.40 -13.70 10.72
C SER D 172 5.66 -14.31 11.92
N PRO D 173 6.41 -14.77 12.94
CA PRO D 173 5.75 -15.29 14.14
C PRO D 173 5.29 -14.20 15.10
N LYS D 174 6.03 -13.10 15.18
CA LYS D 174 5.74 -12.06 16.16
C LYS D 174 4.47 -11.29 15.80
N VAL D 175 4.47 -10.63 14.65
CA VAL D 175 3.36 -9.78 14.23
C VAL D 175 2.91 -10.24 12.85
N SER D 176 1.60 -10.43 12.70
CA SER D 176 1.01 -10.91 11.46
C SER D 176 0.54 -9.73 10.62
N ASP D 177 0.87 -9.75 9.33
CA ASP D 177 0.44 -8.69 8.43
C ASP D 177 -1.05 -8.80 8.12
N THR D 178 -1.55 -10.02 7.96
CA THR D 178 -2.96 -10.27 7.70
C THR D 178 -3.51 -11.20 8.77
N VAL D 179 -4.79 -11.04 9.09
CA VAL D 179 -5.40 -11.83 10.15
C VAL D 179 -5.48 -13.30 9.73
N VAL D 180 -6.00 -13.57 8.54
CA VAL D 180 -6.07 -14.96 8.03
C VAL D 180 -4.80 -15.18 7.22
N GLU D 181 -3.70 -15.44 7.94
CA GLU D 181 -2.47 -15.94 7.35
C GLU D 181 -2.44 -17.47 7.24
N PRO D 182 -2.75 -18.21 8.32
CA PRO D 182 -2.47 -19.66 8.31
C PRO D 182 -3.17 -20.43 7.21
N TYR D 183 -4.39 -20.06 6.83
CA TYR D 183 -5.09 -20.80 5.79
C TYR D 183 -4.31 -20.75 4.48
N ASN D 184 -3.98 -19.54 4.04
CA ASN D 184 -3.22 -19.37 2.80
C ASN D 184 -1.84 -20.01 2.92
N ALA D 185 -1.18 -19.83 4.06
CA ALA D 185 0.16 -20.39 4.23
C ALA D 185 0.12 -21.91 4.12
N THR D 186 -0.85 -22.55 4.77
CA THR D 186 -0.93 -24.01 4.75
C THR D 186 -1.24 -24.52 3.35
N LEU D 187 -2.23 -23.92 2.68
CA LEU D 187 -2.58 -24.40 1.34
C LEU D 187 -1.41 -24.20 0.37
N SER D 188 -0.76 -23.04 0.42
CA SER D 188 0.36 -22.77 -0.48
C SER D 188 1.51 -23.71 -0.21
N ILE D 189 1.82 -23.97 1.07
CA ILE D 189 2.93 -24.86 1.40
C ILE D 189 2.63 -26.28 0.97
N HIS D 190 1.36 -26.71 1.11
CA HIS D 190 0.98 -28.03 0.63
C HIS D 190 1.20 -28.15 -0.87
N GLN D 191 0.73 -27.15 -1.63
CA GLN D 191 0.89 -27.21 -3.09
C GLN D 191 2.36 -27.15 -3.49
N LEU D 192 3.16 -26.33 -2.81
CA LEU D 192 4.59 -26.24 -3.12
C LEU D 192 5.28 -27.57 -2.83
N VAL D 193 5.02 -28.16 -1.66
CA VAL D 193 5.59 -29.46 -1.33
C VAL D 193 5.19 -30.48 -2.39
N GLU D 194 3.96 -30.39 -2.88
CA GLU D 194 3.53 -31.30 -3.93
C GLU D 194 4.35 -31.13 -5.20
N ASN D 195 4.48 -29.90 -5.70
CA ASN D 195 4.95 -29.74 -7.09
C ASN D 195 5.94 -28.58 -7.27
N THR D 196 6.93 -28.46 -6.38
CA THR D 196 8.07 -27.58 -6.64
C THR D 196 9.36 -28.39 -6.46
N ASP D 197 10.48 -27.75 -6.78
CA ASP D 197 11.79 -28.41 -6.72
C ASP D 197 12.63 -27.83 -5.59
N GLU D 198 12.83 -26.52 -5.54
CA GLU D 198 13.56 -25.89 -4.45
C GLU D 198 12.88 -24.59 -4.06
N THR D 199 12.98 -24.25 -2.78
CA THR D 199 12.28 -23.09 -2.21
C THR D 199 13.18 -22.43 -1.18
N TYR D 200 13.42 -21.13 -1.33
CA TYR D 200 14.24 -20.36 -0.40
C TYR D 200 13.30 -19.52 0.46
N CYS D 201 13.09 -19.97 1.70
CA CYS D 201 12.20 -19.26 2.62
C CYS D 201 12.88 -18.01 3.16
N ILE D 202 12.18 -16.87 3.10
CA ILE D 202 12.72 -15.60 3.59
C ILE D 202 11.68 -14.95 4.49
N ASP D 203 12.13 -14.46 5.64
CA ASP D 203 11.27 -13.79 6.61
C ASP D 203 11.51 -12.29 6.57
N ASN D 204 10.63 -11.56 7.26
CA ASN D 204 10.71 -10.10 7.34
C ASN D 204 11.26 -9.62 8.68
N GLU D 205 10.85 -10.25 9.78
CA GLU D 205 11.37 -9.90 11.09
C GLU D 205 12.86 -10.19 11.20
N ALA D 206 13.32 -11.29 10.62
CA ALA D 206 14.74 -11.59 10.62
C ALA D 206 15.51 -10.56 9.81
N LEU D 207 14.97 -10.15 8.67
CA LEU D 207 15.60 -9.10 7.88
C LEU D 207 15.66 -7.79 8.65
N TYR D 208 14.59 -7.48 9.39
CA TYR D 208 14.57 -6.24 10.17
C TYR D 208 15.60 -6.28 11.29
N ASP D 209 15.73 -7.43 11.96
CA ASP D 209 16.75 -7.59 12.99
C ASP D 209 18.14 -7.42 12.38
N ILE D 210 18.37 -8.03 11.22
CA ILE D 210 19.67 -7.93 10.55
C ILE D 210 19.97 -6.47 10.22
N CYS D 211 18.98 -5.75 9.70
CA CYS D 211 19.20 -4.36 9.29
C CYS D 211 19.43 -3.46 10.49
N PHE D 212 18.70 -3.69 11.59
CA PHE D 212 18.82 -2.82 12.75
C PHE D 212 20.12 -3.08 13.50
N ARG D 213 20.49 -4.34 13.69
CA ARG D 213 21.64 -4.66 14.53
C ARG D 213 22.95 -4.60 13.74
N THR D 214 23.04 -5.37 12.66
CA THR D 214 24.29 -5.44 11.90
C THR D 214 24.52 -4.19 11.06
N LEU D 215 23.55 -3.86 10.20
CA LEU D 215 23.70 -2.70 9.33
C LEU D 215 23.62 -1.39 10.09
N LYS D 216 23.08 -1.41 11.32
CA LYS D 216 22.95 -0.21 12.15
C LYS D 216 22.18 0.89 11.42
N LEU D 217 20.93 0.58 11.09
CA LEU D 217 20.02 1.51 10.43
C LEU D 217 18.88 1.87 11.36
N ALA D 218 18.53 3.16 11.40
CA ALA D 218 17.49 3.61 12.31
C ALA D 218 16.10 3.38 11.74
N THR D 219 15.93 3.57 10.43
CA THR D 219 14.63 3.45 9.76
C THR D 219 14.76 2.47 8.61
N PRO D 220 14.75 1.17 8.89
CA PRO D 220 14.83 0.16 7.82
C PRO D 220 13.50 0.08 7.08
N THR D 221 13.56 0.10 5.76
CA THR D 221 12.37 0.12 4.93
C THR D 221 12.38 -1.01 3.92
N TYR D 222 11.24 -1.14 3.23
CA TYR D 222 11.07 -2.21 2.26
C TYR D 222 12.07 -2.09 1.13
N GLY D 223 12.52 -0.87 0.82
CA GLY D 223 13.58 -0.72 -0.17
C GLY D 223 14.84 -1.46 0.23
N ASP D 224 15.28 -1.28 1.47
CA ASP D 224 16.47 -1.98 1.95
C ASP D 224 16.24 -3.48 2.05
N LEU D 225 15.05 -3.90 2.49
CA LEU D 225 14.76 -5.33 2.58
C LEU D 225 14.82 -6.00 1.21
N ASN D 226 14.16 -5.38 0.21
CA ASN D 226 14.21 -5.91 -1.14
C ASN D 226 15.61 -5.84 -1.72
N HIS D 227 16.40 -4.83 -1.33
CA HIS D 227 17.79 -4.77 -1.76
C HIS D 227 18.56 -5.98 -1.27
N LEU D 228 18.38 -6.34 0.00
CA LEU D 228 19.06 -7.51 0.55
C LEU D 228 18.63 -8.79 -0.16
N VAL D 229 17.32 -8.95 -0.37
CA VAL D 229 16.82 -10.16 -1.01
C VAL D 229 17.34 -10.27 -2.44
N SER D 230 17.33 -9.14 -3.17
CA SER D 230 17.82 -9.14 -4.55
C SER D 230 19.31 -9.42 -4.60
N ALA D 231 20.08 -8.91 -3.63
CA ALA D 231 21.50 -9.23 -3.58
C ALA D 231 21.72 -10.72 -3.40
N THR D 232 20.92 -11.35 -2.51
CA THR D 232 21.04 -12.79 -2.34
C THR D 232 20.72 -13.53 -3.64
N MET D 233 19.66 -13.12 -4.34
CA MET D 233 19.27 -13.81 -5.57
C MET D 233 20.34 -13.64 -6.66
N SER D 234 20.89 -12.43 -6.79
CA SER D 234 21.95 -12.21 -7.76
C SER D 234 23.19 -13.03 -7.43
N GLY D 235 23.53 -13.13 -6.14
CA GLY D 235 24.63 -13.98 -5.74
C GLY D 235 24.39 -15.44 -6.08
N VAL D 236 23.13 -15.88 -6.00
CA VAL D 236 22.80 -17.25 -6.39
C VAL D 236 23.03 -17.44 -7.89
N THR D 237 22.58 -16.49 -8.70
CA THR D 237 22.63 -16.68 -10.16
C THR D 237 24.02 -16.43 -10.75
N THR D 238 24.87 -15.66 -10.07
CA THR D 238 26.15 -15.27 -10.65
C THR D 238 27.05 -16.45 -10.99
N SER D 239 26.84 -17.60 -10.36
CA SER D 239 27.72 -18.75 -10.59
C SER D 239 27.66 -19.20 -12.05
N LEU D 240 26.44 -19.32 -12.60
CA LEU D 240 26.31 -19.64 -14.01
C LEU D 240 26.25 -18.40 -14.89
N ARG D 241 26.02 -17.20 -14.31
CA ARG D 241 26.07 -16.01 -15.13
C ARG D 241 27.49 -15.62 -15.50
N PHE D 242 28.48 -15.98 -14.68
CA PHE D 242 29.85 -15.51 -14.88
C PHE D 242 30.81 -16.68 -14.77
N PRO D 243 31.97 -16.58 -15.44
CA PRO D 243 32.98 -17.64 -15.31
C PRO D 243 33.69 -17.60 -13.97
N GLY D 244 34.22 -18.75 -13.57
CA GLY D 244 34.90 -18.85 -12.30
C GLY D 244 35.78 -20.07 -12.25
N GLN D 245 36.54 -20.18 -11.15
CA GLN D 245 37.44 -21.31 -10.97
C GLN D 245 36.68 -22.62 -10.80
N LEU D 246 35.60 -22.60 -10.03
CA LEU D 246 34.79 -23.80 -9.75
C LEU D 246 33.33 -23.40 -9.93
N ASN D 247 32.81 -23.63 -11.13
CA ASN D 247 31.45 -23.19 -11.45
C ASN D 247 30.42 -24.13 -10.81
N ALA D 248 29.23 -23.57 -10.58
CA ALA D 248 28.08 -24.32 -10.12
C ALA D 248 26.84 -23.79 -10.82
N ASP D 249 25.84 -24.66 -10.94
CA ASP D 249 24.60 -24.33 -11.63
C ASP D 249 23.41 -24.58 -10.70
N LEU D 250 22.22 -24.21 -11.17
CA LEU D 250 21.00 -24.46 -10.41
C LEU D 250 20.78 -25.95 -10.20
N ARG D 251 20.99 -26.75 -11.25
CA ARG D 251 20.86 -28.19 -11.11
C ARG D 251 21.89 -28.76 -10.14
N LYS D 252 23.12 -28.23 -10.19
CA LYS D 252 24.15 -28.68 -9.26
C LYS D 252 23.74 -28.39 -7.81
N LEU D 253 23.24 -27.18 -7.57
CA LEU D 253 22.80 -26.83 -6.22
C LEU D 253 21.64 -27.71 -5.77
N ALA D 254 20.67 -27.95 -6.66
CA ALA D 254 19.54 -28.79 -6.29
C ALA D 254 20.00 -30.21 -5.95
N VAL D 255 20.89 -30.76 -6.77
CA VAL D 255 21.39 -32.11 -6.53
C VAL D 255 22.13 -32.19 -5.21
N ASN D 256 22.97 -31.19 -4.92
CA ASN D 256 23.78 -31.25 -3.72
C ASN D 256 23.00 -30.96 -2.45
N MET D 257 21.93 -30.15 -2.53
CA MET D 257 21.21 -29.72 -1.33
C MET D 257 19.89 -30.44 -1.10
N VAL D 258 19.38 -31.20 -2.07
CA VAL D 258 18.11 -31.87 -1.87
C VAL D 258 18.36 -33.38 -1.76
N PRO D 259 18.40 -33.94 -0.55
CA PRO D 259 18.65 -35.37 -0.41
C PRO D 259 17.39 -36.20 -0.63
N PHE D 260 16.24 -35.62 -0.32
CA PHE D 260 14.95 -36.30 -0.45
C PHE D 260 13.94 -35.38 -1.08
N PRO D 261 12.96 -35.93 -1.81
CA PRO D 261 12.08 -35.09 -2.64
C PRO D 261 11.23 -34.10 -1.85
N ARG D 262 10.98 -34.34 -0.56
CA ARG D 262 10.13 -33.46 0.23
C ARG D 262 10.92 -32.47 1.07
N LEU D 263 12.25 -32.46 0.96
CA LEU D 263 13.10 -31.61 1.80
C LEU D 263 13.84 -30.64 0.89
N HIS D 264 13.21 -29.50 0.62
CA HIS D 264 13.81 -28.46 -0.22
C HIS D 264 13.44 -27.08 0.29
N PHE D 265 13.51 -26.87 1.60
CA PHE D 265 13.22 -25.59 2.21
C PHE D 265 14.51 -25.06 2.83
N PHE D 266 15.16 -24.14 2.12
CA PHE D 266 16.48 -23.66 2.49
C PHE D 266 16.40 -22.33 3.22
N MET D 267 17.49 -22.01 3.93
CA MET D 267 17.63 -20.74 4.62
C MET D 267 18.81 -19.98 4.00
N PRO D 268 18.60 -18.79 3.45
CA PRO D 268 19.69 -18.05 2.82
C PRO D 268 20.38 -17.10 3.80
N GLY D 269 21.55 -16.63 3.38
CA GLY D 269 22.31 -15.65 4.14
C GLY D 269 23.37 -15.02 3.26
N PHE D 270 23.78 -13.82 3.63
CA PHE D 270 24.70 -13.04 2.82
C PHE D 270 25.83 -12.49 3.69
N ALA D 271 27.00 -12.32 3.07
CA ALA D 271 28.13 -11.72 3.75
C ALA D 271 28.96 -10.98 2.71
N PRO D 272 29.64 -9.90 3.10
CA PRO D 272 29.64 -9.24 4.41
C PRO D 272 28.59 -8.15 4.52
N LEU D 273 28.04 -7.94 5.71
CA LEU D 273 27.09 -6.86 5.98
C LEU D 273 27.72 -5.95 7.02
N THR D 274 28.03 -4.71 6.62
CA THR D 274 28.67 -3.75 7.50
C THR D 274 28.04 -2.38 7.30
N ALA D 275 28.07 -1.57 8.36
CA ALA D 275 27.59 -0.20 8.28
C ALA D 275 28.52 0.64 7.42
N ARG D 276 28.01 1.79 6.98
CA ARG D 276 28.81 2.69 6.16
C ARG D 276 30.01 3.23 6.92
N GLY D 277 29.80 3.62 8.18
CA GLY D 277 30.91 4.18 8.95
C GLY D 277 31.97 3.17 9.30
N SER D 278 31.56 1.95 9.66
CA SER D 278 32.48 0.93 10.15
C SER D 278 32.92 -0.05 9.06
N GLN D 279 33.04 0.40 7.82
CA GLN D 279 33.47 -0.47 6.74
C GLN D 279 34.96 -0.39 6.47
N GLN D 280 35.63 0.68 6.90
CA GLN D 280 37.06 0.86 6.69
C GLN D 280 37.91 0.35 7.84
N TYR D 281 37.29 -0.23 8.87
CA TYR D 281 38.00 -0.76 10.03
C TYR D 281 38.11 -2.28 10.00
N ARG D 282 37.71 -2.91 8.91
CA ARG D 282 37.72 -4.37 8.79
C ARG D 282 38.56 -4.78 7.59
N ALA D 283 39.29 -5.87 7.74
CA ALA D 283 40.07 -6.45 6.65
C ALA D 283 39.21 -7.49 5.93
N LEU D 284 38.88 -7.21 4.67
CA LEU D 284 38.03 -8.11 3.89
C LEU D 284 38.80 -9.36 3.52
N THR D 285 38.45 -10.49 4.13
CA THR D 285 39.15 -11.74 3.87
C THR D 285 38.22 -12.91 4.13
N VAL D 286 38.60 -14.06 3.57
CA VAL D 286 37.75 -15.26 3.69
C VAL D 286 37.53 -15.67 5.14
N PRO D 287 38.52 -15.63 6.05
CA PRO D 287 38.23 -15.97 7.46
C PRO D 287 37.05 -15.21 8.05
N GLU D 288 37.11 -13.88 8.03
CA GLU D 288 36.03 -13.09 8.60
C GLU D 288 34.75 -13.21 7.79
N LEU D 289 34.87 -13.41 6.47
CA LEU D 289 33.68 -13.63 5.65
C LEU D 289 32.91 -14.86 6.12
N THR D 290 33.62 -15.98 6.29
CA THR D 290 32.99 -17.20 6.75
C THR D 290 32.49 -17.06 8.18
N GLN D 291 33.25 -16.36 9.02
CA GLN D 291 32.82 -16.15 10.41
C GLN D 291 31.50 -15.38 10.47
N GLN D 292 31.36 -14.34 9.66
CA GLN D 292 30.11 -13.61 9.60
C GLN D 292 29.00 -14.45 8.97
N MET D 293 29.37 -15.31 8.01
CA MET D 293 28.38 -16.17 7.37
C MET D 293 27.76 -17.15 8.36
N PHE D 294 28.58 -17.76 9.21
CA PHE D 294 28.17 -18.95 9.97
C PHE D 294 27.72 -18.63 11.38
N ASP D 295 27.05 -17.50 11.60
CA ASP D 295 26.46 -17.18 12.88
C ASP D 295 24.96 -16.91 12.71
N ALA D 296 24.18 -17.41 13.68
CA ALA D 296 22.73 -17.37 13.55
C ALA D 296 22.20 -15.96 13.36
N LYS D 297 22.79 -14.99 14.07
CA LYS D 297 22.33 -13.61 13.96
C LYS D 297 22.35 -13.13 12.52
N ASN D 298 23.26 -13.64 11.70
CA ASN D 298 23.27 -13.33 10.27
C ASN D 298 22.52 -14.41 9.49
N MET D 299 21.26 -14.63 9.85
CA MET D 299 20.38 -15.54 9.14
C MET D 299 19.12 -14.81 8.73
N MET D 300 18.72 -14.97 7.47
CA MET D 300 17.58 -14.26 6.92
C MET D 300 16.25 -14.93 7.21
N ALA D 301 16.26 -16.12 7.82
CA ALA D 301 15.04 -16.80 8.23
C ALA D 301 15.00 -16.86 9.74
N ALA D 302 13.84 -16.54 10.33
CA ALA D 302 13.69 -16.46 11.78
C ALA D 302 13.64 -17.87 12.37
N CYS D 303 14.77 -18.56 12.28
CA CYS D 303 14.94 -19.86 12.89
C CYS D 303 16.38 -19.97 13.36
N ASP D 304 16.56 -20.38 14.62
CA ASP D 304 17.90 -20.48 15.19
C ASP D 304 18.48 -21.85 14.83
N PRO D 305 19.55 -21.90 14.04
CA PRO D 305 20.11 -23.21 13.66
C PRO D 305 20.62 -24.01 14.85
N ARG D 306 20.89 -23.36 15.98
CA ARG D 306 21.30 -24.08 17.18
C ARG D 306 20.20 -25.03 17.66
N HIS D 307 18.96 -24.83 17.24
CA HIS D 307 17.88 -25.74 17.58
C HIS D 307 17.81 -26.95 16.67
N GLY D 308 18.66 -27.02 15.65
CA GLY D 308 18.63 -28.15 14.73
C GLY D 308 20.00 -28.52 14.20
N ARG D 309 20.04 -29.35 13.17
CA ARG D 309 21.28 -29.80 12.55
C ARG D 309 21.27 -29.47 11.07
N TYR D 310 22.41 -29.00 10.56
CA TYR D 310 22.55 -28.66 9.14
C TYR D 310 22.58 -29.94 8.32
N LEU D 311 21.49 -30.23 7.61
CA LEU D 311 21.49 -31.37 6.71
C LEU D 311 22.49 -31.19 5.58
N THR D 312 22.54 -30.00 4.99
CA THR D 312 23.49 -29.71 3.93
C THR D 312 23.71 -28.20 3.88
N VAL D 313 24.87 -27.81 3.39
CA VAL D 313 25.24 -26.39 3.29
C VAL D 313 25.90 -26.16 1.94
N ALA D 314 25.55 -25.04 1.30
CA ALA D 314 26.20 -24.59 0.08
C ALA D 314 26.73 -23.18 0.29
N THR D 315 27.87 -22.91 -0.34
CA THR D 315 28.55 -21.61 -0.19
C THR D 315 29.05 -21.17 -1.55
N VAL D 316 28.49 -20.07 -2.06
CA VAL D 316 28.90 -19.49 -3.33
C VAL D 316 29.68 -18.23 -3.03
N PHE D 317 30.99 -18.27 -3.21
CA PHE D 317 31.84 -17.10 -3.05
C PHE D 317 31.82 -16.27 -4.33
N ARG D 318 32.36 -15.06 -4.22
CA ARG D 318 32.54 -14.18 -5.37
C ARG D 318 33.88 -13.48 -5.22
N GLY D 319 34.21 -12.65 -6.20
CA GLY D 319 35.49 -11.98 -6.16
C GLY D 319 36.64 -12.94 -6.44
N ARG D 320 37.84 -12.49 -6.09
CA ARG D 320 39.06 -13.26 -6.27
C ARG D 320 39.62 -13.66 -4.91
N MET D 321 39.87 -14.96 -4.75
CA MET D 321 40.37 -15.48 -3.48
C MET D 321 41.22 -16.71 -3.77
N SER D 322 41.54 -17.46 -2.72
CA SER D 322 42.38 -18.64 -2.82
C SER D 322 41.60 -19.88 -2.41
N MET D 323 41.59 -20.90 -3.26
CA MET D 323 40.89 -22.13 -2.96
C MET D 323 41.47 -22.81 -1.73
N LYS D 324 42.79 -22.68 -1.52
CA LYS D 324 43.40 -23.23 -0.31
C LYS D 324 42.76 -22.63 0.93
N GLU D 325 42.66 -21.30 0.98
CA GLU D 325 42.03 -20.65 2.12
C GLU D 325 40.58 -21.07 2.26
N VAL D 326 39.86 -21.13 1.14
CA VAL D 326 38.43 -21.44 1.20
C VAL D 326 38.21 -22.82 1.78
N ASP D 327 38.89 -23.84 1.23
CA ASP D 327 38.69 -25.20 1.70
C ASP D 327 39.25 -25.39 3.11
N GLU D 328 40.36 -24.74 3.45
CA GLU D 328 40.90 -24.86 4.79
C GLU D 328 39.93 -24.29 5.83
N GLN D 329 39.32 -23.14 5.53
CA GLN D 329 38.36 -22.58 6.47
C GLN D 329 37.08 -23.39 6.53
N MET D 330 36.64 -23.96 5.40
CA MET D 330 35.48 -24.84 5.45
C MET D 330 35.76 -26.06 6.33
N LEU D 331 36.94 -26.65 6.20
CA LEU D 331 37.31 -27.79 7.04
C LEU D 331 37.37 -27.39 8.50
N ALA D 332 37.95 -26.22 8.80
CA ALA D 332 38.03 -25.75 10.18
C ALA D 332 36.64 -25.53 10.77
N ILE D 333 35.74 -24.92 10.00
CA ILE D 333 34.38 -24.68 10.48
C ILE D 333 33.67 -26.00 10.73
N GLN D 334 33.82 -26.95 9.81
CA GLN D 334 33.16 -28.25 10.00
C GLN D 334 33.71 -28.98 11.22
N SER D 335 35.02 -28.90 11.44
CA SER D 335 35.63 -29.62 12.57
C SER D 335 35.24 -28.98 13.90
N LYS D 336 35.28 -27.65 13.98
CA LYS D 336 34.96 -26.97 15.22
C LYS D 336 33.47 -27.05 15.52
N ASN D 337 32.64 -27.01 14.49
CA ASN D 337 31.19 -26.90 14.63
C ASN D 337 30.49 -28.21 14.29
N SER D 338 31.11 -29.34 14.63
CA SER D 338 30.58 -30.64 14.24
C SER D 338 29.27 -30.95 14.94
N SER D 339 29.05 -30.38 16.12
CA SER D 339 27.93 -30.78 16.96
C SER D 339 26.59 -30.62 16.25
N TYR D 340 26.41 -29.52 15.51
CA TYR D 340 25.18 -29.31 14.75
C TYR D 340 25.33 -29.65 13.28
N PHE D 341 26.11 -30.68 12.95
CA PHE D 341 26.14 -31.24 11.61
C PHE D 341 25.71 -32.71 11.64
N VAL D 342 25.00 -33.12 10.60
CA VAL D 342 24.42 -34.45 10.55
C VAL D 342 25.52 -35.49 10.39
N GLU D 343 25.43 -36.56 11.18
CA GLU D 343 26.51 -37.55 11.23
C GLU D 343 26.48 -38.46 10.00
N TRP D 344 25.30 -38.83 9.52
CA TRP D 344 25.23 -39.81 8.43
C TRP D 344 25.40 -39.18 7.06
N ILE D 345 25.59 -37.86 6.98
CA ILE D 345 26.01 -37.23 5.73
C ILE D 345 27.43 -36.71 5.92
N PRO D 346 28.45 -37.54 5.69
CA PRO D 346 29.82 -37.03 5.69
C PRO D 346 30.04 -36.09 4.53
N ASN D 347 30.94 -35.12 4.72
CA ASN D 347 31.31 -34.17 3.67
C ASN D 347 30.09 -33.35 3.22
N ASN D 348 29.40 -32.77 4.19
CA ASN D 348 28.15 -32.06 3.93
C ASN D 348 28.40 -30.56 3.76
N VAL D 349 29.28 -30.23 2.81
CA VAL D 349 29.54 -28.84 2.44
C VAL D 349 29.85 -28.77 0.95
N LYS D 350 29.12 -27.96 0.22
CA LYS D 350 29.37 -27.68 -1.18
C LYS D 350 29.89 -26.26 -1.32
N VAL D 351 30.95 -26.09 -2.11
CA VAL D 351 31.59 -24.79 -2.27
C VAL D 351 31.76 -24.50 -3.75
N ALA D 352 31.38 -23.29 -4.16
CA ALA D 352 31.59 -22.81 -5.52
C ALA D 352 32.21 -21.43 -5.46
N VAL D 353 33.03 -21.11 -6.45
CA VAL D 353 33.77 -19.84 -6.50
C VAL D 353 33.57 -19.21 -7.87
N CYS D 354 33.18 -17.94 -7.88
CA CYS D 354 33.08 -17.15 -9.09
C CYS D 354 34.32 -16.25 -9.20
N ASP D 355 34.33 -15.37 -10.21
CA ASP D 355 35.48 -14.52 -10.45
C ASP D 355 35.18 -13.05 -10.58
N ILE D 356 33.91 -12.64 -10.56
CA ILE D 356 33.53 -11.24 -10.69
C ILE D 356 32.95 -10.78 -9.36
N PRO D 357 33.61 -9.88 -8.64
CA PRO D 357 33.05 -9.36 -7.40
C PRO D 357 31.87 -8.45 -7.67
N PRO D 358 30.98 -8.28 -6.70
CA PRO D 358 29.84 -7.37 -6.89
C PRO D 358 30.31 -5.93 -6.97
N ARG D 359 29.37 -5.04 -7.31
CA ARG D 359 29.70 -3.64 -7.50
C ARG D 359 30.11 -3.01 -6.17
N GLY D 360 31.28 -2.37 -6.17
CA GLY D 360 31.78 -1.71 -4.97
C GLY D 360 32.12 -2.63 -3.82
N LEU D 361 32.73 -3.78 -4.11
CA LEU D 361 33.13 -4.71 -3.06
C LEU D 361 34.27 -5.58 -3.57
N LYS D 362 35.21 -5.90 -2.68
CA LYS D 362 36.32 -6.77 -3.07
C LYS D 362 35.87 -8.21 -3.19
N MET D 363 35.07 -8.69 -2.24
CA MET D 363 34.57 -10.06 -2.28
C MET D 363 33.32 -10.15 -1.42
N SER D 364 32.53 -11.18 -1.66
CA SER D 364 31.31 -11.44 -0.90
C SER D 364 31.09 -12.95 -0.85
N SER D 365 29.92 -13.35 -0.36
CA SER D 365 29.59 -14.76 -0.25
C SER D 365 28.11 -14.91 0.06
N THR D 366 27.51 -15.95 -0.52
CA THR D 366 26.13 -16.31 -0.28
C THR D 366 26.07 -17.73 0.27
N PHE D 367 25.36 -17.91 1.38
CA PHE D 367 25.28 -19.18 2.07
C PHE D 367 23.85 -19.69 2.01
N ILE D 368 23.68 -20.96 1.67
CA ILE D 368 22.36 -21.58 1.53
C ILE D 368 22.37 -22.85 2.35
N GLY D 369 21.62 -22.85 3.46
CA GLY D 369 21.61 -24.01 4.32
C GLY D 369 20.31 -24.76 4.35
N ASN D 370 20.35 -26.05 4.01
CA ASN D 370 19.20 -26.93 4.21
C ASN D 370 19.38 -27.53 5.60
N SER D 371 18.61 -27.03 6.56
CA SER D 371 18.71 -27.43 7.96
C SER D 371 17.38 -28.03 8.42
N THR D 372 17.29 -28.32 9.71
CA THR D 372 16.10 -28.90 10.31
C THR D 372 15.40 -27.93 11.25
N ALA D 373 15.71 -26.65 11.17
CA ALA D 373 15.06 -25.65 12.00
C ALA D 373 13.75 -25.15 11.39
N ILE D 374 13.45 -25.50 10.14
CA ILE D 374 12.17 -25.14 9.53
C ILE D 374 11.04 -25.92 10.18
N GLN D 375 11.36 -27.01 10.89
CA GLN D 375 10.35 -27.78 11.59
C GLN D 375 9.56 -26.92 12.56
N GLU D 376 10.24 -26.00 13.26
CA GLU D 376 9.54 -25.13 14.21
C GLU D 376 8.58 -24.19 13.49
N LEU D 377 8.97 -23.67 12.33
CA LEU D 377 8.08 -22.79 11.57
C LEU D 377 6.85 -23.54 11.08
N PHE D 378 7.06 -24.73 10.53
CA PHE D 378 5.92 -25.54 10.08
C PHE D 378 5.02 -25.92 11.24
N LYS D 379 5.61 -26.24 12.39
CA LYS D 379 4.82 -26.58 13.57
C LYS D 379 3.98 -25.41 14.05
N ARG D 380 4.56 -24.21 14.09
CA ARG D 380 3.82 -23.03 14.51
C ARG D 380 2.66 -22.75 13.56
N ILE D 381 2.92 -22.80 12.24
CA ILE D 381 1.87 -22.55 11.27
C ILE D 381 0.76 -23.58 11.39
N SER D 382 1.15 -24.86 11.55
CA SER D 382 0.16 -25.93 11.69
C SER D 382 -0.68 -25.75 12.94
N GLU D 383 -0.06 -25.33 14.06
CA GLU D 383 -0.82 -25.12 15.28
C GLU D 383 -1.82 -23.98 15.12
N GLN D 384 -1.40 -22.87 14.53
CA GLN D 384 -2.31 -21.75 14.30
C GLN D 384 -3.48 -22.16 13.41
N PHE D 385 -3.17 -22.88 12.31
CA PHE D 385 -4.22 -23.36 11.42
C PHE D 385 -5.15 -24.32 12.14
N THR D 386 -4.61 -25.19 12.99
CA THR D 386 -5.43 -26.14 13.72
C THR D 386 -6.41 -25.42 14.64
N ALA D 387 -5.94 -24.41 15.37
CA ALA D 387 -6.84 -23.65 16.23
C ALA D 387 -7.93 -22.97 15.42
N MET D 388 -7.54 -22.26 14.36
CA MET D 388 -8.50 -21.49 13.56
C MET D 388 -9.54 -22.42 12.92
N PHE D 389 -9.09 -23.57 12.41
CA PHE D 389 -10.02 -24.49 11.76
C PHE D 389 -10.89 -25.21 12.78
N ARG D 390 -10.37 -25.50 13.97
CA ARG D 390 -11.17 -26.12 15.02
C ARG D 390 -12.32 -25.21 15.43
N ARG D 391 -12.05 -23.91 15.57
CA ARG D 391 -13.14 -22.99 15.88
C ARG D 391 -13.92 -22.56 14.65
N LYS D 392 -13.48 -22.94 13.44
CA LYS D 392 -14.23 -22.72 12.20
C LYS D 392 -14.50 -21.23 11.98
N ALA D 393 -13.41 -20.47 11.85
CA ALA D 393 -13.48 -19.03 11.64
C ALA D 393 -12.96 -18.68 10.26
N PHE D 394 -13.60 -17.70 9.62
CA PHE D 394 -13.26 -17.17 8.30
C PHE D 394 -13.42 -18.21 7.20
N LEU D 395 -14.00 -19.38 7.49
CA LEU D 395 -13.97 -20.49 6.56
C LEU D 395 -15.11 -20.50 5.55
N HIS D 396 -16.22 -19.82 5.84
CA HIS D 396 -17.34 -19.80 4.91
C HIS D 396 -17.05 -18.94 3.68
N TRP D 397 -16.01 -18.12 3.73
CA TRP D 397 -15.50 -17.33 2.61
C TRP D 397 -14.42 -18.05 1.82
N TYR D 398 -13.97 -19.21 2.28
CA TYR D 398 -13.30 -20.17 1.41
C TYR D 398 -14.24 -21.24 0.88
N THR D 399 -15.28 -21.56 1.65
CA THR D 399 -16.28 -22.51 1.20
C THR D 399 -17.23 -21.90 0.17
N GLY D 400 -17.45 -20.59 0.24
CA GLY D 400 -18.39 -19.95 -0.66
C GLY D 400 -17.88 -19.70 -2.05
N GLU D 401 -16.62 -20.04 -2.33
CA GLU D 401 -16.04 -19.84 -3.65
C GLU D 401 -15.40 -21.12 -4.17
N GLY D 402 -16.01 -22.26 -3.85
CA GLY D 402 -15.58 -23.51 -4.45
C GLY D 402 -15.03 -24.57 -3.52
N MET D 403 -14.26 -24.16 -2.51
CA MET D 403 -13.54 -25.10 -1.68
C MET D 403 -14.46 -25.79 -0.68
N ASP D 404 -13.88 -26.66 0.14
CA ASP D 404 -14.60 -27.35 1.20
C ASP D 404 -13.60 -27.75 2.27
N GLU D 405 -14.13 -28.24 3.39
CA GLU D 405 -13.28 -28.61 4.53
C GLU D 405 -12.39 -29.81 4.25
N MET D 406 -12.72 -30.60 3.23
CA MET D 406 -11.87 -31.73 2.87
C MET D 406 -10.48 -31.27 2.46
N GLU D 407 -10.41 -30.19 1.68
CA GLU D 407 -9.12 -29.65 1.27
C GLU D 407 -8.30 -29.19 2.47
N PHE D 408 -8.95 -28.51 3.42
CA PHE D 408 -8.25 -28.04 4.60
C PHE D 408 -7.72 -29.21 5.43
N THR D 409 -8.55 -30.25 5.61
CA THR D 409 -8.09 -31.41 6.37
C THR D 409 -6.91 -32.09 5.68
N GLU D 410 -6.97 -32.23 4.35
CA GLU D 410 -5.88 -32.86 3.62
C GLU D 410 -4.60 -32.03 3.74
N ALA D 411 -4.72 -30.71 3.62
CA ALA D 411 -3.54 -29.85 3.74
C ALA D 411 -2.93 -29.93 5.14
N GLU D 412 -3.77 -29.94 6.17
CA GLU D 412 -3.25 -30.06 7.53
C GLU D 412 -2.56 -31.40 7.75
N SER D 413 -3.15 -32.47 7.22
CA SER D 413 -2.52 -33.79 7.35
C SER D 413 -1.17 -33.82 6.64
N ASN D 414 -1.10 -33.24 5.44
CA ASN D 414 0.16 -33.19 4.71
C ASN D 414 1.21 -32.40 5.47
N MET D 415 0.83 -31.25 6.03
CA MET D 415 1.76 -30.44 6.80
C MET D 415 2.29 -31.20 8.02
N ASN D 416 1.39 -31.87 8.74
CA ASN D 416 1.80 -32.63 9.92
C ASN D 416 2.73 -33.77 9.54
N ASP D 417 2.42 -34.48 8.45
CA ASP D 417 3.30 -35.55 8.00
C ASP D 417 4.67 -35.02 7.62
N LEU D 418 4.72 -33.87 6.93
CA LEU D 418 6.00 -33.29 6.55
C LEU D 418 6.83 -32.91 7.77
N VAL D 419 6.20 -32.28 8.77
CA VAL D 419 6.96 -31.88 9.94
C VAL D 419 7.42 -33.09 10.75
N SER D 420 6.58 -34.13 10.81
CA SER D 420 6.98 -35.34 11.53
C SER D 420 8.16 -36.01 10.86
N GLU D 421 8.13 -36.10 9.52
CA GLU D 421 9.26 -36.69 8.81
C GLU D 421 10.52 -35.85 8.98
N TYR D 422 10.37 -34.52 8.96
CA TYR D 422 11.51 -33.65 9.15
C TYR D 422 12.17 -33.89 10.51
N GLN D 423 11.36 -33.98 11.56
CA GLN D 423 11.91 -34.23 12.89
C GLN D 423 12.54 -35.62 12.96
N GLN D 424 11.87 -36.63 12.39
CA GLN D 424 12.38 -37.99 12.47
C GLN D 424 13.68 -38.16 11.70
N TYR D 425 13.91 -37.34 10.68
CA TYR D 425 15.20 -37.39 9.99
C TYR D 425 16.25 -36.52 10.67
N GLN D 426 15.82 -35.48 11.40
CA GLN D 426 16.76 -34.74 12.23
C GLN D 426 17.32 -35.62 13.34
N ASP D 427 16.47 -36.46 13.94
CA ASP D 427 16.85 -37.29 15.07
C ASP D 427 17.22 -38.71 14.65
N ALA D 428 17.79 -38.88 13.46
CA ALA D 428 18.23 -40.18 12.98
C ALA D 428 19.71 -40.37 13.23
N THR D 429 20.11 -41.61 13.50
CA THR D 429 21.51 -41.94 13.77
C THR D 429 22.11 -42.75 12.63
N MET E 1 57.23 -40.54 -35.54
CA MET E 1 56.87 -41.92 -35.83
C MET E 1 55.98 -42.47 -34.73
N ARG E 2 56.18 -41.98 -33.51
CA ARG E 2 55.38 -42.40 -32.35
C ARG E 2 54.51 -41.25 -31.91
N GLU E 3 53.21 -41.33 -32.19
CA GLU E 3 52.26 -40.29 -31.82
C GLU E 3 51.35 -40.81 -30.72
N CYS E 4 50.99 -39.91 -29.79
CA CYS E 4 50.00 -40.19 -28.78
C CYS E 4 49.09 -38.98 -28.65
N ILE E 5 47.79 -39.22 -28.47
CA ILE E 5 46.79 -38.16 -28.39
C ILE E 5 46.24 -38.12 -26.97
N SER E 6 45.84 -36.92 -26.54
CA SER E 6 45.37 -36.68 -25.20
C SER E 6 43.93 -36.18 -25.23
N ILE E 7 43.11 -36.73 -24.33
CA ILE E 7 41.70 -36.37 -24.22
C ILE E 7 41.47 -35.75 -22.85
N HIS E 8 40.91 -34.55 -22.82
CA HIS E 8 40.61 -33.83 -21.59
C HIS E 8 39.10 -33.78 -21.40
N VAL E 9 38.64 -34.34 -20.28
CA VAL E 9 37.22 -34.50 -20.01
C VAL E 9 36.86 -33.76 -18.74
N GLY E 10 35.80 -32.97 -18.79
CA GLY E 10 35.35 -32.22 -17.63
C GLY E 10 36.11 -30.92 -17.46
N GLN E 11 35.77 -30.22 -16.37
CA GLN E 11 36.44 -28.96 -16.08
C GLN E 11 37.85 -29.18 -15.55
N ALA E 12 38.04 -30.21 -14.74
CA ALA E 12 39.37 -30.50 -14.21
C ALA E 12 40.35 -30.83 -15.33
N GLY E 13 39.92 -31.64 -16.29
CA GLY E 13 40.81 -31.99 -17.39
C GLY E 13 41.13 -30.80 -18.28
N VAL E 14 40.12 -29.98 -18.59
CA VAL E 14 40.34 -28.82 -19.44
C VAL E 14 41.25 -27.81 -18.75
N GLN E 15 41.03 -27.57 -17.46
CA GLN E 15 41.84 -26.60 -16.75
C GLN E 15 43.28 -27.08 -16.60
N ILE E 16 43.47 -28.37 -16.33
CA ILE E 16 44.81 -28.93 -16.27
C ILE E 16 45.47 -28.88 -17.64
N GLY E 17 44.74 -29.27 -18.68
CA GLY E 17 45.27 -29.24 -20.03
C GLY E 17 45.55 -27.85 -20.55
N ASN E 18 44.90 -26.83 -19.98
CA ASN E 18 45.19 -25.46 -20.36
C ASN E 18 46.60 -25.06 -19.92
N ALA E 19 47.09 -25.65 -18.83
CA ALA E 19 48.45 -25.39 -18.36
C ALA E 19 49.44 -26.41 -18.90
N CYS E 20 48.98 -27.61 -19.28
CA CYS E 20 49.87 -28.62 -19.83
C CYS E 20 50.33 -28.22 -21.23
N TRP E 21 49.41 -27.78 -22.09
CA TRP E 21 49.75 -27.39 -23.44
C TRP E 21 50.50 -26.07 -23.50
N GLU E 22 50.49 -25.29 -22.41
CA GLU E 22 51.36 -24.12 -22.35
C GLU E 22 52.81 -24.54 -22.12
N LEU E 23 53.01 -25.67 -21.44
CA LEU E 23 54.36 -26.14 -21.15
C LEU E 23 55.01 -26.77 -22.40
N TYR E 24 54.23 -27.52 -23.18
CA TYR E 24 54.79 -28.14 -24.38
C TYR E 24 55.21 -27.09 -25.42
N CYS E 25 54.38 -26.05 -25.59
CA CYS E 25 54.75 -24.99 -26.53
C CYS E 25 56.01 -24.26 -26.12
N LEU E 26 56.41 -24.35 -24.85
CA LEU E 26 57.63 -23.73 -24.38
C LEU E 26 58.84 -24.66 -24.53
N GLU E 27 58.64 -25.95 -24.31
CA GLU E 27 59.73 -26.91 -24.45
C GLU E 27 60.21 -27.00 -25.89
N HIS E 28 59.28 -27.00 -26.84
CA HIS E 28 59.61 -27.12 -28.26
C HIS E 28 59.77 -25.78 -28.95
N GLY E 29 59.68 -24.67 -28.22
CA GLY E 29 59.82 -23.36 -28.82
C GLY E 29 58.71 -23.00 -29.78
N ILE E 30 57.46 -23.28 -29.42
CA ILE E 30 56.31 -23.01 -30.27
C ILE E 30 55.62 -21.75 -29.78
N GLN E 31 55.40 -20.80 -30.68
CA GLN E 31 54.69 -19.58 -30.34
C GLN E 31 53.23 -19.88 -30.08
N PRO E 32 52.53 -19.01 -29.34
CA PRO E 32 51.11 -19.28 -29.05
C PRO E 32 50.24 -19.42 -30.28
N ASP E 33 50.57 -18.73 -31.38
CA ASP E 33 49.78 -18.82 -32.60
C ASP E 33 50.14 -20.03 -33.45
N GLY E 34 51.09 -20.85 -33.04
CA GLY E 34 51.45 -22.05 -33.75
C GLY E 34 52.70 -21.95 -34.61
N GLN E 35 53.22 -20.75 -34.84
CA GLN E 35 54.41 -20.57 -35.64
C GLN E 35 55.65 -20.96 -34.85
N MET E 36 56.82 -20.81 -35.48
CA MET E 36 58.10 -21.05 -34.84
C MET E 36 59.02 -19.88 -35.15
N PRO E 37 59.94 -19.54 -34.23
CA PRO E 37 60.88 -18.43 -34.45
C PRO E 37 61.88 -18.73 -35.56
N HIS E 43 68.52 -33.81 -29.52
CA HIS E 43 67.20 -33.37 -29.07
C HIS E 43 66.35 -32.94 -30.25
N HIS E 44 66.88 -32.02 -31.06
CA HIS E 44 66.21 -31.54 -32.26
C HIS E 44 67.09 -31.78 -33.48
N HIS E 45 66.47 -32.21 -34.57
CA HIS E 45 67.20 -32.54 -35.79
C HIS E 45 66.82 -31.62 -36.94
N ASP E 59 60.92 -36.10 -35.45
CA ASP E 59 61.39 -34.91 -34.77
C ASP E 59 60.82 -34.82 -33.36
N SER E 60 61.02 -33.69 -32.70
CA SER E 60 60.55 -33.52 -31.33
C SER E 60 59.05 -33.28 -31.28
N PHE E 61 58.57 -32.25 -31.99
CA PHE E 61 57.16 -31.89 -31.96
C PHE E 61 56.26 -32.89 -32.69
N ASN E 62 56.83 -33.84 -33.43
CA ASN E 62 56.02 -34.75 -34.22
C ASN E 62 55.12 -35.61 -33.34
N THR E 63 55.61 -36.02 -32.17
CA THR E 63 54.85 -36.92 -31.30
C THR E 63 53.61 -36.26 -30.72
N PHE E 64 53.60 -34.93 -30.58
CA PHE E 64 52.48 -34.22 -29.98
C PHE E 64 51.82 -33.22 -30.93
N PHE E 65 52.60 -32.55 -31.77
CA PHE E 65 52.09 -31.54 -32.67
C PHE E 65 52.04 -32.11 -34.08
N SER E 66 50.89 -31.97 -34.75
CA SER E 66 50.75 -32.35 -36.14
C SER E 66 51.05 -31.14 -37.00
N GLU E 67 52.02 -31.27 -37.90
CA GLU E 67 52.54 -30.15 -38.68
C GLU E 67 51.74 -30.03 -39.98
N THR E 68 51.14 -28.86 -40.21
CA THR E 68 50.26 -28.64 -41.34
C THR E 68 51.06 -28.14 -42.55
N GLY E 69 50.34 -27.69 -43.58
CA GLY E 69 51.02 -27.26 -44.80
C GLY E 69 51.94 -26.08 -44.57
N ALA E 70 51.47 -25.07 -43.85
CA ALA E 70 52.31 -23.93 -43.49
C ALA E 70 53.15 -24.29 -42.27
N GLY E 71 53.82 -23.30 -41.69
CA GLY E 71 54.63 -23.55 -40.51
C GLY E 71 53.83 -23.78 -39.25
N LYS E 72 52.52 -23.68 -39.31
CA LYS E 72 51.68 -23.83 -38.13
C LYS E 72 51.65 -25.30 -37.68
N HIS E 73 51.81 -25.49 -36.36
CA HIS E 73 51.62 -26.79 -35.73
C HIS E 73 50.38 -26.73 -34.85
N VAL E 74 49.51 -27.72 -34.98
CA VAL E 74 48.31 -27.79 -34.14
C VAL E 74 48.43 -28.99 -33.20
N PRO E 75 47.89 -28.91 -32.00
CA PRO E 75 48.03 -30.04 -31.05
C PRO E 75 47.21 -31.25 -31.43
N ARG E 76 47.33 -32.31 -30.65
CA ARG E 76 46.58 -33.55 -30.84
C ARG E 76 45.61 -33.78 -29.69
N ALA E 77 44.99 -32.71 -29.20
CA ALA E 77 44.12 -32.77 -28.04
C ALA E 77 42.66 -32.67 -28.47
N VAL E 78 41.79 -33.30 -27.67
CA VAL E 78 40.35 -33.29 -27.91
C VAL E 78 39.70 -32.81 -26.62
N PHE E 79 39.43 -31.50 -26.53
CA PHE E 79 38.77 -30.93 -25.37
C PHE E 79 37.27 -31.19 -25.46
N VAL E 80 36.72 -31.89 -24.48
CA VAL E 80 35.31 -32.25 -24.48
C VAL E 80 34.71 -31.88 -23.12
N ASP E 81 33.57 -31.19 -23.14
CA ASP E 81 32.82 -30.88 -21.94
C ASP E 81 31.36 -30.71 -22.30
N LEU E 82 30.49 -30.86 -21.30
CA LEU E 82 29.07 -30.68 -21.50
C LEU E 82 28.63 -29.23 -21.26
N GLU E 83 29.09 -28.64 -20.17
CA GLU E 83 28.79 -27.23 -19.92
C GLU E 83 29.68 -26.35 -20.78
N PRO E 84 29.13 -25.35 -21.46
CA PRO E 84 29.95 -24.54 -22.38
C PRO E 84 30.64 -23.35 -21.71
N THR E 85 30.71 -23.34 -20.39
CA THR E 85 31.23 -22.17 -19.69
C THR E 85 32.75 -22.13 -19.61
N VAL E 86 33.42 -23.29 -19.66
CA VAL E 86 34.87 -23.31 -19.52
C VAL E 86 35.57 -23.37 -20.88
N ILE E 87 34.96 -24.00 -21.88
CA ILE E 87 35.56 -24.06 -23.20
C ILE E 87 35.66 -22.65 -23.80
N ASP E 88 34.65 -21.81 -23.53
CA ASP E 88 34.68 -20.44 -24.04
C ASP E 88 35.87 -19.66 -23.50
N GLU E 89 36.38 -20.02 -22.32
CA GLU E 89 37.59 -19.40 -21.82
C GLU E 89 38.79 -19.74 -22.70
N VAL E 90 38.87 -20.99 -23.16
CA VAL E 90 39.95 -21.39 -24.06
C VAL E 90 39.80 -20.72 -25.41
N ARG E 91 38.57 -20.65 -25.93
CA ARG E 91 38.33 -20.04 -27.23
C ARG E 91 38.68 -18.56 -27.22
N THR E 92 38.59 -17.92 -26.06
CA THR E 92 38.82 -16.47 -25.94
C THR E 92 40.23 -16.15 -25.47
N GLY E 93 40.84 -17.00 -24.65
CA GLY E 93 42.13 -16.73 -24.05
C GLY E 93 43.28 -16.62 -25.04
N THR E 94 44.50 -16.51 -24.51
CA THR E 94 45.66 -16.26 -25.36
C THR E 94 45.95 -17.43 -26.29
N TYR E 95 45.65 -18.66 -25.87
CA TYR E 95 45.86 -19.84 -26.71
C TYR E 95 44.61 -20.13 -27.54
N ARG E 96 44.23 -19.12 -28.32
CA ARG E 96 43.05 -19.19 -29.19
C ARG E 96 43.39 -19.67 -30.59
N GLN E 97 44.50 -19.21 -31.15
CA GLN E 97 44.88 -19.54 -32.52
C GLN E 97 45.56 -20.91 -32.62
N LEU E 98 45.82 -21.57 -31.50
CA LEU E 98 46.56 -22.83 -31.53
C LEU E 98 45.67 -24.02 -31.85
N PHE E 99 44.63 -24.21 -31.04
CA PHE E 99 43.81 -25.42 -31.16
C PHE E 99 43.00 -25.41 -32.45
N HIS E 100 42.73 -26.61 -32.94
CA HIS E 100 41.82 -26.76 -34.08
C HIS E 100 40.41 -26.43 -33.64
N PRO E 101 39.71 -25.52 -34.32
CA PRO E 101 38.43 -25.04 -33.80
C PRO E 101 37.39 -26.14 -33.62
N GLU E 102 37.40 -27.18 -34.47
CA GLU E 102 36.41 -28.24 -34.36
C GLU E 102 36.71 -29.16 -33.19
N GLN E 103 37.97 -29.29 -32.78
CA GLN E 103 38.32 -30.22 -31.71
C GLN E 103 37.64 -29.86 -30.40
N LEU E 104 37.48 -28.56 -30.13
CA LEU E 104 36.83 -28.11 -28.90
C LEU E 104 35.35 -28.43 -28.98
N ILE E 105 34.94 -29.54 -28.35
CA ILE E 105 33.57 -30.02 -28.40
C ILE E 105 32.86 -29.62 -27.12
N THR E 106 31.67 -29.04 -27.24
CA THR E 106 30.90 -28.59 -26.10
C THR E 106 29.44 -28.98 -26.29
N GLY E 107 28.74 -29.11 -25.17
CA GLY E 107 27.33 -29.43 -25.14
C GLY E 107 26.48 -28.21 -24.85
N LYS E 108 25.38 -28.45 -24.14
CA LYS E 108 24.46 -27.37 -23.76
C LYS E 108 24.31 -27.20 -22.26
N GLU E 109 24.23 -28.28 -21.50
CA GLU E 109 24.11 -28.22 -20.05
C GLU E 109 25.00 -29.27 -19.43
N ASP E 110 25.42 -29.01 -18.19
CA ASP E 110 26.36 -29.87 -17.49
C ASP E 110 25.68 -31.14 -16.99
N ALA E 111 26.48 -32.04 -16.40
CA ALA E 111 25.95 -33.24 -15.79
C ALA E 111 25.43 -33.01 -14.38
N ALA E 112 25.68 -31.83 -13.81
CA ALA E 112 25.15 -31.45 -12.50
C ALA E 112 25.59 -32.41 -11.40
N ASN E 113 26.88 -32.76 -11.42
CA ASN E 113 27.48 -33.65 -10.42
C ASN E 113 26.76 -34.99 -10.32
N ASN E 114 26.08 -35.40 -11.39
CA ASN E 114 25.32 -36.64 -11.43
C ASN E 114 26.01 -37.64 -12.35
N TYR E 115 26.27 -38.84 -11.83
CA TYR E 115 26.88 -39.87 -12.66
C TYR E 115 25.93 -40.34 -13.75
N ALA E 116 24.66 -40.56 -13.40
CA ALA E 116 23.69 -41.05 -14.36
C ALA E 116 23.39 -40.05 -15.46
N ARG E 117 23.38 -38.75 -15.15
CA ARG E 117 23.10 -37.75 -16.16
C ARG E 117 24.19 -37.70 -17.22
N GLY E 118 25.45 -37.78 -16.80
CA GLY E 118 26.57 -37.72 -17.72
C GLY E 118 26.99 -39.05 -18.30
N HIS E 119 26.25 -40.12 -18.06
CA HIS E 119 26.59 -41.44 -18.56
C HIS E 119 25.45 -42.17 -19.25
N TYR E 120 24.20 -41.81 -18.97
CA TYR E 120 23.06 -42.51 -19.52
C TYR E 120 22.18 -41.66 -20.42
N THR E 121 21.89 -40.42 -20.03
CA THR E 121 20.91 -39.59 -20.74
C THR E 121 21.53 -38.42 -21.48
N ILE E 122 22.28 -37.56 -20.80
CA ILE E 122 22.78 -36.34 -21.43
C ILE E 122 24.07 -36.60 -22.20
N GLY E 123 24.98 -37.39 -21.64
CA GLY E 123 26.23 -37.67 -22.32
C GLY E 123 26.12 -38.60 -23.50
N LYS E 124 24.99 -39.29 -23.65
CA LYS E 124 24.80 -40.20 -24.77
C LYS E 124 24.47 -39.47 -26.07
N GLU E 125 24.04 -38.21 -25.99
CA GLU E 125 23.72 -37.42 -27.17
C GLU E 125 24.94 -36.74 -27.77
N ILE E 126 26.12 -36.90 -27.17
CA ILE E 126 27.33 -36.27 -27.66
C ILE E 126 28.47 -37.25 -27.87
N ILE E 127 28.36 -38.50 -27.40
CA ILE E 127 29.48 -39.44 -27.49
C ILE E 127 29.79 -39.80 -28.94
N ASP E 128 28.77 -39.81 -29.81
CA ASP E 128 29.01 -40.17 -31.20
C ASP E 128 29.84 -39.12 -31.92
N LEU E 129 29.68 -37.85 -31.57
CA LEU E 129 30.46 -36.80 -32.19
C LEU E 129 31.90 -36.82 -31.72
N VAL E 130 32.13 -37.13 -30.43
CA VAL E 130 33.49 -37.17 -29.89
C VAL E 130 34.28 -38.29 -30.53
N LEU E 131 33.67 -39.48 -30.65
CA LEU E 131 34.37 -40.62 -31.24
C LEU E 131 34.71 -40.37 -32.70
N ASP E 132 33.92 -39.57 -33.40
CA ASP E 132 34.21 -39.24 -34.79
C ASP E 132 35.53 -38.47 -34.89
N ARG E 133 35.75 -37.52 -33.98
CA ARG E 133 36.99 -36.76 -34.02
C ARG E 133 38.19 -37.60 -33.62
N ILE E 134 38.00 -38.56 -32.71
CA ILE E 134 39.09 -39.43 -32.32
C ILE E 134 39.56 -40.28 -33.51
N ARG E 135 38.61 -40.81 -34.27
CA ARG E 135 38.96 -41.61 -35.44
C ARG E 135 39.64 -40.77 -36.51
N LYS E 136 39.24 -39.51 -36.66
CA LYS E 136 39.90 -38.65 -37.64
C LYS E 136 41.32 -38.33 -37.24
N LEU E 137 41.59 -38.19 -35.94
CA LEU E 137 42.95 -37.96 -35.47
C LEU E 137 43.80 -39.22 -35.54
N ALA E 138 43.23 -40.36 -35.18
CA ALA E 138 43.99 -41.61 -35.18
C ALA E 138 44.40 -42.02 -36.59
N ASP E 139 43.50 -41.85 -37.56
CA ASP E 139 43.81 -42.24 -38.93
C ASP E 139 44.87 -41.34 -39.57
N GLN E 140 45.04 -40.11 -39.09
CA GLN E 140 46.03 -39.21 -39.66
C GLN E 140 47.45 -39.62 -39.27
N CYS E 141 47.63 -40.12 -38.06
CA CYS E 141 48.94 -40.56 -37.60
C CYS E 141 49.16 -42.02 -37.96
N THR E 142 50.43 -42.42 -37.95
CA THR E 142 50.84 -43.76 -38.37
C THR E 142 51.23 -44.68 -37.22
N GLY E 143 51.94 -44.16 -36.23
CA GLY E 143 52.47 -44.99 -35.15
C GLY E 143 51.85 -44.75 -33.81
N LEU E 144 50.52 -44.64 -33.77
CA LEU E 144 49.80 -44.32 -32.54
C LEU E 144 50.19 -45.27 -31.41
N GLN E 145 50.53 -44.69 -30.26
CA GLN E 145 50.95 -45.45 -29.09
C GLN E 145 49.79 -45.67 -28.12
N GLY E 146 49.17 -44.59 -27.65
CA GLY E 146 48.09 -44.72 -26.68
C GLY E 146 47.45 -43.38 -26.41
N PHE E 147 46.50 -43.41 -25.49
CA PHE E 147 45.70 -42.24 -25.13
C PHE E 147 46.04 -41.79 -23.71
N LEU E 148 46.03 -40.48 -23.49
CA LEU E 148 46.15 -39.90 -22.16
C LEU E 148 44.84 -39.20 -21.83
N VAL E 149 44.24 -39.55 -20.71
CA VAL E 149 42.94 -39.03 -20.30
C VAL E 149 43.13 -38.24 -19.01
N PHE E 150 42.76 -36.96 -19.04
CA PHE E 150 42.81 -36.09 -17.87
C PHE E 150 41.38 -35.86 -17.41
N HIS E 151 41.03 -36.44 -16.27
CA HIS E 151 39.67 -36.32 -15.73
C HIS E 151 39.72 -36.42 -14.22
N SER E 152 38.69 -35.89 -13.57
CA SER E 152 38.56 -35.96 -12.13
C SER E 152 37.73 -37.17 -11.73
N PHE E 153 37.36 -37.25 -10.46
CA PHE E 153 36.56 -38.36 -9.95
C PHE E 153 35.24 -37.94 -9.32
N GLY E 154 35.19 -36.76 -8.68
CA GLY E 154 33.97 -36.32 -8.05
C GLY E 154 32.98 -35.62 -8.95
N GLY E 155 33.39 -35.27 -10.17
CA GLY E 155 32.53 -34.55 -11.08
C GLY E 155 31.48 -35.44 -11.71
N GLY E 156 30.60 -34.79 -12.49
CA GLY E 156 29.56 -35.51 -13.19
C GLY E 156 29.96 -35.91 -14.59
N THR E 157 30.43 -34.96 -15.39
CA THR E 157 30.91 -35.26 -16.73
C THR E 157 32.38 -35.62 -16.77
N GLY E 158 33.11 -35.44 -15.67
CA GLY E 158 34.49 -35.89 -15.60
C GLY E 158 34.65 -37.28 -15.05
N SER E 159 33.58 -37.87 -14.55
CA SER E 159 33.59 -39.21 -13.96
C SER E 159 32.55 -40.13 -14.56
N GLY E 160 31.43 -39.59 -15.04
CA GLY E 160 30.41 -40.40 -15.67
C GLY E 160 30.56 -40.47 -17.17
N PHE E 161 31.05 -39.39 -17.77
CA PHE E 161 31.26 -39.36 -19.21
C PHE E 161 32.58 -39.99 -19.62
N THR E 162 33.60 -39.93 -18.76
CA THR E 162 34.86 -40.56 -19.09
C THR E 162 34.79 -42.08 -18.97
N SER E 163 33.80 -42.61 -18.26
CA SER E 163 33.56 -44.05 -18.26
C SER E 163 32.85 -44.51 -19.53
N LEU E 164 32.23 -43.58 -20.26
CA LEU E 164 31.64 -43.87 -21.55
C LEU E 164 32.65 -43.82 -22.69
N LEU E 165 33.84 -43.27 -22.43
CA LEU E 165 34.88 -43.19 -23.46
C LEU E 165 35.76 -44.44 -23.48
N MET E 166 36.19 -44.92 -22.30
CA MET E 166 36.99 -46.13 -22.26
C MET E 166 36.18 -47.34 -22.69
N GLU E 167 34.88 -47.37 -22.40
CA GLU E 167 34.03 -48.45 -22.88
C GLU E 167 33.95 -48.47 -24.39
N ARG E 168 34.09 -47.31 -25.04
CA ARG E 168 34.02 -47.22 -26.49
C ARG E 168 35.40 -47.28 -27.15
N LEU E 169 36.40 -46.64 -26.54
CA LEU E 169 37.75 -46.65 -27.10
C LEU E 169 38.34 -48.06 -27.10
N SER E 170 38.07 -48.84 -26.04
CA SER E 170 38.59 -50.20 -25.96
C SER E 170 38.02 -51.07 -27.08
N VAL E 171 36.74 -50.88 -27.42
CA VAL E 171 36.13 -51.67 -28.49
C VAL E 171 36.72 -51.27 -29.84
N ASP E 172 36.84 -49.98 -30.10
CA ASP E 172 37.34 -49.52 -31.40
C ASP E 172 38.81 -49.89 -31.58
N TYR E 173 39.64 -49.58 -30.59
CA TYR E 173 41.06 -49.95 -30.60
C TYR E 173 41.27 -51.02 -29.54
N GLY E 174 41.63 -52.21 -29.99
CA GLY E 174 41.68 -53.38 -29.11
C GLY E 174 42.61 -53.29 -27.93
N LYS E 175 43.92 -53.25 -28.18
CA LYS E 175 44.93 -53.29 -27.13
C LYS E 175 45.92 -52.14 -27.33
N LYS E 176 45.64 -51.01 -26.67
CA LYS E 176 46.54 -49.88 -26.62
C LYS E 176 46.63 -49.39 -25.19
N SER E 177 47.77 -48.81 -24.84
CA SER E 177 47.97 -48.28 -23.49
C SER E 177 47.06 -47.07 -23.29
N LYS E 178 46.32 -47.07 -22.18
CA LYS E 178 45.37 -46.00 -21.85
C LYS E 178 45.71 -45.49 -20.46
N LEU E 179 46.63 -44.53 -20.40
CA LEU E 179 47.01 -43.92 -19.12
C LEU E 179 46.00 -42.85 -18.72
N GLU E 180 45.71 -42.80 -17.43
CA GLU E 180 44.81 -41.80 -16.88
C GLU E 180 45.55 -40.95 -15.85
N PHE E 181 45.05 -39.73 -15.66
CA PHE E 181 45.56 -38.82 -14.64
C PHE E 181 44.35 -38.33 -13.85
N SER E 182 43.96 -39.11 -12.84
CA SER E 182 42.77 -38.80 -12.07
C SER E 182 43.08 -37.77 -10.99
N ILE E 183 42.01 -37.24 -10.39
CA ILE E 183 42.10 -36.33 -9.26
C ILE E 183 41.32 -36.98 -8.13
N TYR E 184 42.03 -37.59 -7.19
CA TYR E 184 41.38 -38.30 -6.11
C TYR E 184 40.63 -37.35 -5.20
N PRO E 185 39.47 -37.75 -4.67
CA PRO E 185 38.78 -36.91 -3.67
C PRO E 185 39.55 -36.92 -2.36
N ALA E 186 39.90 -35.73 -1.88
CA ALA E 186 40.68 -35.62 -0.66
C ALA E 186 39.87 -36.05 0.55
N PRO E 187 40.52 -36.50 1.63
CA PRO E 187 39.74 -36.98 2.79
C PRO E 187 39.08 -35.86 3.56
N GLN E 188 39.76 -34.73 3.78
CA GLN E 188 39.20 -33.62 4.53
C GLN E 188 38.74 -32.48 3.63
N VAL E 189 39.63 -31.97 2.79
CA VAL E 189 39.26 -30.92 1.84
C VAL E 189 38.36 -31.51 0.77
N SER E 190 37.22 -30.86 0.53
CA SER E 190 36.25 -31.41 -0.41
C SER E 190 35.25 -30.37 -0.87
N THR E 191 34.81 -30.48 -2.12
CA THR E 191 33.85 -29.54 -2.70
C THR E 191 32.47 -30.15 -2.88
N ALA E 192 32.36 -31.32 -3.48
CA ALA E 192 31.05 -31.92 -3.73
C ALA E 192 30.55 -32.65 -2.49
N VAL E 193 29.25 -32.97 -2.51
CA VAL E 193 28.62 -33.69 -1.42
C VAL E 193 28.37 -35.16 -1.77
N VAL E 194 28.22 -35.48 -3.06
CA VAL E 194 27.94 -36.85 -3.48
C VAL E 194 29.21 -37.45 -4.10
N GLU E 195 30.36 -36.96 -3.66
CA GLU E 195 31.62 -37.51 -4.15
C GLU E 195 31.78 -39.01 -3.91
N PRO E 196 31.41 -39.57 -2.76
CA PRO E 196 31.52 -41.04 -2.60
C PRO E 196 30.67 -41.81 -3.59
N TYR E 197 29.56 -41.24 -4.06
CA TYR E 197 28.70 -41.95 -5.00
C TYR E 197 29.33 -42.03 -6.38
N ASN E 198 29.95 -40.94 -6.84
CA ASN E 198 30.54 -40.93 -8.18
C ASN E 198 31.82 -41.75 -8.23
N SER E 199 32.64 -41.67 -7.18
CA SER E 199 33.92 -42.36 -7.19
C SER E 199 33.76 -43.87 -7.24
N ILE E 200 32.82 -44.41 -6.46
CA ILE E 200 32.62 -45.86 -6.43
C ILE E 200 32.11 -46.36 -7.78
N LEU E 201 31.14 -45.65 -8.36
CA LEU E 201 30.58 -46.07 -9.64
C LEU E 201 31.61 -46.00 -10.76
N THR E 202 32.46 -44.98 -10.75
CA THR E 202 33.47 -44.83 -11.80
C THR E 202 34.54 -45.91 -11.70
N THR E 203 35.02 -46.17 -10.48
CA THR E 203 36.10 -47.14 -10.31
C THR E 203 35.68 -48.53 -10.76
N HIS E 204 34.45 -48.93 -10.42
CA HIS E 204 33.96 -50.24 -10.84
C HIS E 204 33.85 -50.34 -12.36
N THR E 205 33.42 -49.25 -13.01
CA THR E 205 33.22 -49.28 -14.45
C THR E 205 34.56 -49.25 -15.20
N THR E 206 35.50 -48.43 -14.74
CA THR E 206 36.76 -48.23 -15.43
C THR E 206 37.86 -49.21 -15.00
N LEU E 207 37.55 -50.12 -14.07
CA LEU E 207 38.55 -51.07 -13.58
C LEU E 207 38.96 -52.09 -14.63
N GLU E 208 38.21 -52.21 -15.74
CA GLU E 208 38.50 -53.21 -16.75
C GLU E 208 38.96 -52.63 -18.08
N HIS E 209 39.06 -51.31 -18.20
CA HIS E 209 39.45 -50.66 -19.44
C HIS E 209 40.52 -49.60 -19.22
N SER E 210 41.44 -49.84 -18.28
CA SER E 210 42.50 -48.90 -17.97
C SER E 210 43.79 -49.67 -17.71
N ASP E 211 44.84 -49.36 -18.46
CA ASP E 211 46.13 -50.01 -18.26
C ASP E 211 46.85 -49.47 -17.03
N CYS E 212 46.73 -48.17 -16.76
CA CYS E 212 47.39 -47.56 -15.62
C CYS E 212 46.68 -46.26 -15.29
N ALA E 213 46.44 -46.03 -14.00
CA ALA E 213 45.70 -44.85 -13.53
C ALA E 213 46.50 -44.18 -12.44
N PHE E 214 47.26 -43.15 -12.81
CA PHE E 214 47.99 -42.37 -11.83
C PHE E 214 47.04 -41.55 -10.97
N MET E 215 47.25 -41.59 -9.66
CA MET E 215 46.38 -40.92 -8.70
C MET E 215 47.06 -39.66 -8.18
N VAL E 216 46.32 -38.56 -8.18
CA VAL E 216 46.79 -37.28 -7.66
C VAL E 216 45.69 -36.69 -6.80
N ASP E 217 46.06 -36.18 -5.62
CA ASP E 217 45.12 -35.62 -4.67
C ASP E 217 45.31 -34.11 -4.58
N ASN E 218 44.25 -33.41 -4.20
CA ASN E 218 44.32 -31.95 -4.08
C ASN E 218 44.81 -31.52 -2.71
N GLU E 219 44.48 -32.27 -1.66
CA GLU E 219 44.93 -31.91 -0.32
C GLU E 219 46.45 -32.00 -0.20
N ALA E 220 47.04 -33.04 -0.78
CA ALA E 220 48.49 -33.24 -0.65
C ALA E 220 49.28 -32.12 -1.32
N ILE E 221 48.86 -31.70 -2.52
CA ILE E 221 49.57 -30.64 -3.22
C ILE E 221 49.44 -29.31 -2.50
N TYR E 222 48.39 -29.13 -1.70
CA TYR E 222 48.29 -27.91 -0.89
C TYR E 222 49.44 -27.82 0.11
N ASP E 223 49.77 -28.95 0.75
CA ASP E 223 50.84 -28.93 1.75
C ASP E 223 52.21 -28.80 1.09
N ILE E 224 52.40 -29.40 -0.09
CA ILE E 224 53.67 -29.32 -0.77
C ILE E 224 53.99 -27.88 -1.16
N CYS E 225 53.00 -27.16 -1.68
CA CYS E 225 53.22 -25.77 -2.06
C CYS E 225 53.34 -24.87 -0.83
N ARG E 226 52.69 -25.23 0.28
CA ARG E 226 52.75 -24.41 1.48
C ARG E 226 54.11 -24.49 2.15
N ARG E 227 54.66 -25.70 2.28
CA ARG E 227 55.88 -25.91 3.06
C ARG E 227 57.14 -25.85 2.20
N ASN E 228 57.21 -26.69 1.16
CA ASN E 228 58.41 -26.76 0.34
C ASN E 228 58.62 -25.49 -0.46
N LEU E 229 57.56 -24.98 -1.08
CA LEU E 229 57.69 -23.84 -1.98
C LEU E 229 57.41 -22.51 -1.29
N ASP E 230 56.79 -22.54 -0.12
CA ASP E 230 56.53 -21.34 0.69
C ASP E 230 55.63 -20.35 -0.05
N ILE E 231 54.40 -20.80 -0.32
CA ILE E 231 53.34 -19.95 -0.84
C ILE E 231 52.14 -20.09 0.08
N GLU E 232 51.56 -18.95 0.49
CA GLU E 232 50.44 -18.96 1.41
C GLU E 232 49.09 -18.92 0.71
N ARG E 233 49.06 -18.60 -0.59
CA ARG E 233 47.81 -18.51 -1.35
C ARG E 233 47.95 -19.33 -2.64
N PRO E 234 48.00 -20.66 -2.53
CA PRO E 234 48.12 -21.50 -3.74
C PRO E 234 46.80 -21.74 -4.45
N THR E 235 46.40 -20.83 -5.33
CA THR E 235 45.17 -21.00 -6.10
C THR E 235 45.29 -22.19 -7.04
N TYR E 236 44.19 -22.52 -7.74
CA TYR E 236 44.19 -23.67 -8.63
C TYR E 236 45.16 -23.52 -9.79
N THR E 237 45.57 -22.30 -10.11
CA THR E 237 46.59 -22.11 -11.15
C THR E 237 47.94 -22.64 -10.71
N ASN E 238 48.26 -22.55 -9.41
CA ASN E 238 49.55 -23.03 -8.93
C ASN E 238 49.58 -24.55 -8.88
N LEU E 239 48.45 -25.18 -8.52
CA LEU E 239 48.40 -26.63 -8.47
C LEU E 239 48.52 -27.24 -9.86
N ASN E 240 47.90 -26.63 -10.86
CA ASN E 240 47.94 -27.17 -12.22
C ASN E 240 49.34 -27.06 -12.83
N ARG E 241 50.19 -26.17 -12.31
CA ARG E 241 51.56 -26.09 -12.78
C ARG E 241 52.41 -27.24 -12.23
N LEU E 242 52.12 -27.68 -11.00
CA LEU E 242 52.86 -28.80 -10.42
C LEU E 242 52.46 -30.12 -11.09
N ILE E 243 51.18 -30.29 -11.40
CA ILE E 243 50.70 -31.52 -12.03
C ILE E 243 51.25 -31.63 -13.45
N SER E 244 51.30 -30.51 -14.18
CA SER E 244 51.75 -30.55 -15.56
C SER E 244 53.21 -30.98 -15.69
N GLN E 245 54.03 -30.70 -14.67
CA GLN E 245 55.43 -31.09 -14.72
C GLN E 245 55.58 -32.61 -14.70
N ILE E 246 54.76 -33.30 -13.91
CA ILE E 246 54.81 -34.76 -13.86
C ILE E 246 54.41 -35.34 -15.21
N VAL E 247 53.38 -34.78 -15.83
CA VAL E 247 52.89 -35.30 -17.11
C VAL E 247 53.98 -35.19 -18.17
N SER E 248 54.68 -34.05 -18.22
CA SER E 248 55.77 -33.88 -19.16
C SER E 248 56.96 -34.76 -18.85
N SER E 249 57.11 -35.18 -17.58
CA SER E 249 58.22 -36.07 -17.23
C SER E 249 57.97 -37.49 -17.70
N ILE E 250 56.70 -37.91 -17.76
CA ILE E 250 56.39 -39.27 -18.20
C ILE E 250 56.78 -39.46 -19.67
N THR E 251 56.47 -38.48 -20.52
CA THR E 251 56.73 -38.56 -21.94
C THR E 251 58.00 -37.82 -22.35
N ALA E 252 58.95 -37.67 -21.42
CA ALA E 252 60.19 -36.97 -21.75
C ALA E 252 61.08 -37.82 -22.66
N SER E 253 61.01 -39.15 -22.54
CA SER E 253 61.84 -40.02 -23.36
C SER E 253 61.33 -40.12 -24.78
N LEU E 254 60.03 -39.94 -24.99
CA LEU E 254 59.47 -40.00 -26.34
C LEU E 254 59.99 -38.88 -27.21
N ARG E 255 60.12 -37.68 -26.65
CA ARG E 255 60.44 -36.49 -27.43
C ARG E 255 61.92 -36.12 -27.37
N PHE E 256 62.71 -36.73 -26.50
CA PHE E 256 64.11 -36.37 -26.35
C PHE E 256 64.96 -37.64 -26.23
N ASP E 257 66.22 -37.53 -26.62
CA ASP E 257 67.15 -38.64 -26.50
C ASP E 257 67.63 -38.78 -25.07
N GLY E 258 68.04 -39.99 -24.71
CA GLY E 258 68.49 -40.25 -23.36
C GLY E 258 69.44 -41.43 -23.31
N ALA E 259 70.15 -41.53 -22.18
CA ALA E 259 71.07 -42.64 -21.98
C ALA E 259 70.34 -43.94 -21.71
N LEU E 260 69.12 -43.86 -21.17
CA LEU E 260 68.31 -45.04 -20.90
C LEU E 260 66.86 -44.64 -21.11
N ASN E 261 66.34 -44.87 -22.31
CA ASN E 261 64.99 -44.44 -22.66
C ASN E 261 63.95 -45.36 -22.05
N VAL E 262 62.77 -44.80 -21.79
CA VAL E 262 61.64 -45.53 -21.25
C VAL E 262 60.39 -45.11 -22.01
N ASP E 263 59.82 -46.02 -22.79
CA ASP E 263 58.63 -45.72 -23.57
C ASP E 263 57.37 -45.88 -22.73
N LEU E 264 56.22 -45.59 -23.34
CA LEU E 264 54.95 -45.67 -22.63
C LEU E 264 54.62 -47.11 -22.25
N THR E 265 54.95 -48.07 -23.11
CA THR E 265 54.64 -49.46 -22.84
C THR E 265 55.44 -50.02 -21.66
N ASN E 266 56.57 -49.39 -21.33
CA ASN E 266 57.41 -49.88 -20.24
C ASN E 266 56.74 -49.78 -18.88
N PHE E 267 55.74 -48.90 -18.74
CA PHE E 267 55.09 -48.71 -17.44
C PHE E 267 54.12 -49.84 -17.12
N GLN E 268 53.44 -50.37 -18.15
CA GLN E 268 52.47 -51.44 -17.91
C GLN E 268 53.15 -52.71 -17.39
N THR E 269 54.32 -53.04 -17.94
CA THR E 269 54.99 -54.28 -17.61
C THR E 269 55.94 -54.16 -16.43
N ASN E 270 56.01 -52.98 -15.80
CA ASN E 270 56.89 -52.78 -14.66
C ASN E 270 56.17 -52.33 -13.39
N LEU E 271 54.96 -51.79 -13.50
CA LEU E 271 54.22 -51.29 -12.35
C LEU E 271 52.89 -51.99 -12.13
N VAL E 272 52.57 -53.02 -12.90
CA VAL E 272 51.27 -53.68 -12.81
C VAL E 272 51.50 -55.18 -12.60
N PRO E 273 51.85 -55.62 -11.38
CA PRO E 273 52.04 -57.05 -11.15
C PRO E 273 50.80 -57.89 -11.40
N TYR E 274 49.62 -57.35 -11.13
CA TYR E 274 48.36 -58.06 -11.28
C TYR E 274 47.38 -57.20 -12.05
N PRO E 275 46.43 -57.81 -12.77
CA PRO E 275 45.56 -57.03 -13.66
C PRO E 275 44.72 -55.99 -12.93
N ARG E 276 44.43 -56.17 -11.64
CA ARG E 276 43.63 -55.21 -10.90
C ARG E 276 44.45 -54.19 -10.13
N ILE E 277 45.68 -54.53 -9.74
CA ILE E 277 46.52 -53.62 -8.94
C ILE E 277 47.31 -52.79 -9.94
N HIS E 278 46.68 -51.70 -10.39
CA HIS E 278 47.29 -50.77 -11.33
C HIS E 278 46.99 -49.33 -10.93
N PHE E 279 47.20 -49.01 -9.65
CA PHE E 279 46.93 -47.68 -9.10
C PHE E 279 48.18 -47.11 -8.46
N PRO E 280 49.15 -46.66 -9.25
CA PRO E 280 50.33 -45.99 -8.70
C PRO E 280 50.01 -44.56 -8.33
N LEU E 281 50.98 -43.93 -7.66
CA LEU E 281 50.86 -42.53 -7.23
C LEU E 281 52.13 -41.79 -7.58
N ALA E 282 51.97 -40.58 -8.12
CA ALA E 282 53.09 -39.82 -8.62
C ALA E 282 53.80 -39.06 -7.50
N THR E 283 55.01 -38.60 -7.80
CA THR E 283 55.82 -37.81 -6.87
C THR E 283 56.86 -37.06 -7.69
N TYR E 284 57.13 -35.81 -7.31
CA TYR E 284 58.07 -34.97 -8.03
C TYR E 284 59.09 -34.39 -7.06
N ALA E 285 60.30 -34.14 -7.58
CA ALA E 285 61.39 -33.57 -6.80
C ALA E 285 62.44 -33.06 -7.76
N PRO E 286 63.10 -31.92 -7.45
CA PRO E 286 62.93 -31.06 -6.29
C PRO E 286 61.89 -29.97 -6.49
N VAL E 287 61.14 -29.61 -5.45
CA VAL E 287 60.17 -28.53 -5.49
C VAL E 287 60.65 -27.49 -4.49
N ILE E 288 61.41 -26.51 -4.97
CA ILE E 288 61.96 -25.46 -4.13
C ILE E 288 61.69 -24.11 -4.77
N SER E 289 61.68 -23.07 -3.93
CA SER E 289 61.43 -21.72 -4.39
C SER E 289 62.69 -21.15 -5.03
N ALA E 290 62.63 -19.88 -5.47
CA ALA E 290 63.78 -19.24 -6.08
C ALA E 290 64.84 -18.86 -5.04
N GLU E 291 64.41 -18.36 -3.88
CA GLU E 291 65.35 -17.92 -2.87
C GLU E 291 66.08 -19.10 -2.23
N LYS E 292 65.41 -20.24 -2.05
CA LYS E 292 66.05 -21.40 -1.47
C LYS E 292 66.89 -22.19 -2.46
N ALA E 293 66.86 -21.83 -3.74
CA ALA E 293 67.64 -22.55 -4.74
C ALA E 293 69.13 -22.21 -4.69
N TYR E 294 69.46 -20.97 -4.34
CA TYR E 294 70.85 -20.54 -4.32
C TYR E 294 71.64 -21.17 -3.17
N HIS E 295 70.97 -21.66 -2.14
CA HIS E 295 71.63 -22.21 -0.97
C HIS E 295 71.66 -23.73 -0.97
N GLU E 296 71.31 -24.37 -2.08
CA GLU E 296 71.35 -25.82 -2.20
C GLU E 296 72.12 -26.20 -3.45
N GLN E 297 72.87 -27.30 -3.36
CA GLN E 297 73.68 -27.78 -4.47
C GLN E 297 72.92 -28.69 -5.42
N LEU E 298 71.85 -29.33 -4.96
CA LEU E 298 70.99 -30.17 -5.79
C LEU E 298 71.78 -31.31 -6.44
N SER E 299 72.31 -32.19 -5.60
CA SER E 299 73.03 -33.36 -6.06
C SER E 299 72.07 -34.51 -6.32
N VAL E 300 72.53 -35.47 -7.12
CA VAL E 300 71.71 -36.62 -7.46
C VAL E 300 71.43 -37.47 -6.22
N ALA E 301 72.34 -37.47 -5.25
CA ALA E 301 72.23 -38.36 -4.11
C ALA E 301 71.20 -37.90 -3.08
N GLU E 302 70.68 -36.68 -3.21
CA GLU E 302 69.71 -36.18 -2.23
C GLU E 302 68.33 -35.93 -2.81
N ILE E 303 68.23 -35.54 -4.09
CA ILE E 303 66.91 -35.42 -4.70
C ILE E 303 66.24 -36.79 -4.79
N THR E 304 67.03 -37.86 -4.88
CA THR E 304 66.48 -39.20 -4.73
C THR E 304 65.95 -39.40 -3.31
N ASN E 305 66.69 -38.88 -2.31
CA ASN E 305 66.23 -38.98 -0.93
C ASN E 305 64.99 -38.13 -0.68
N ALA E 306 64.91 -36.96 -1.31
CA ALA E 306 63.78 -36.07 -1.09
C ALA E 306 62.47 -36.68 -1.60
N CYS E 307 62.51 -37.33 -2.76
CA CYS E 307 61.31 -37.90 -3.34
C CYS E 307 60.80 -39.12 -2.59
N PHE E 308 61.62 -39.72 -1.72
CA PHE E 308 61.20 -40.88 -0.95
C PHE E 308 60.66 -40.53 0.43
N GLU E 309 60.74 -39.27 0.85
CA GLU E 309 60.23 -38.88 2.15
C GLU E 309 58.71 -38.87 2.13
N PRO E 310 58.08 -39.11 3.29
CA PRO E 310 56.61 -39.21 3.31
C PRO E 310 55.89 -37.88 3.20
N ALA E 311 56.56 -36.76 3.49
CA ALA E 311 55.92 -35.46 3.40
C ALA E 311 55.89 -34.89 1.99
N ASN E 312 56.63 -35.47 1.05
CA ASN E 312 56.68 -34.99 -0.31
C ASN E 312 55.79 -35.79 -1.26
N GLN E 313 55.06 -36.77 -0.75
CA GLN E 313 54.16 -37.55 -1.59
C GLN E 313 52.96 -36.70 -1.99
N MET E 314 52.44 -36.95 -3.20
CA MET E 314 51.35 -36.15 -3.75
C MET E 314 50.00 -36.79 -3.55
N VAL E 315 49.90 -37.85 -2.76
CA VAL E 315 48.64 -38.43 -2.34
C VAL E 315 48.65 -38.54 -0.82
N LYS E 316 47.55 -38.15 -0.19
CA LYS E 316 47.50 -38.11 1.26
C LYS E 316 47.42 -39.52 1.84
N CYS E 317 48.51 -40.27 1.70
CA CYS E 317 48.65 -41.59 2.27
C CYS E 317 50.09 -41.77 2.73
N ASP E 318 50.27 -42.45 3.86
CA ASP E 318 51.60 -42.65 4.41
C ASP E 318 52.22 -43.90 3.79
N PRO E 319 53.31 -43.79 3.02
CA PRO E 319 53.94 -44.99 2.44
C PRO E 319 54.54 -45.90 3.48
N ARG E 320 54.81 -45.42 4.70
CA ARG E 320 55.42 -46.26 5.72
C ARG E 320 54.47 -47.35 6.19
N HIS E 321 53.16 -47.12 6.11
CA HIS E 321 52.19 -48.11 6.57
C HIS E 321 52.10 -49.31 5.62
N GLY E 322 52.55 -49.16 4.37
CA GLY E 322 52.49 -50.24 3.42
C GLY E 322 53.84 -50.68 2.90
N LYS E 323 53.83 -51.52 1.87
CA LYS E 323 55.06 -52.03 1.26
C LYS E 323 55.09 -51.64 -0.21
N TYR E 324 56.28 -51.30 -0.70
CA TYR E 324 56.46 -50.89 -2.08
C TYR E 324 56.45 -52.13 -2.97
N MET E 325 55.41 -52.25 -3.81
CA MET E 325 55.34 -53.36 -4.74
C MET E 325 56.31 -53.18 -5.89
N ALA E 326 56.39 -51.96 -6.43
CA ALA E 326 57.32 -51.64 -7.51
C ALA E 326 57.52 -50.13 -7.52
N CYS E 327 58.61 -49.71 -8.17
CA CYS E 327 58.94 -48.29 -8.26
C CYS E 327 59.40 -47.97 -9.68
N CYS E 328 59.54 -46.69 -9.95
CA CYS E 328 60.00 -46.22 -11.27
C CYS E 328 60.53 -44.80 -11.11
N LEU E 329 61.83 -44.63 -11.34
CA LEU E 329 62.48 -43.33 -11.24
C LEU E 329 62.87 -42.85 -12.63
N LEU E 330 62.55 -41.59 -12.92
CA LEU E 330 62.77 -41.00 -14.24
C LEU E 330 63.57 -39.70 -14.07
N TYR E 331 64.90 -39.83 -14.06
CA TYR E 331 65.76 -38.67 -13.97
C TYR E 331 65.81 -37.93 -15.29
N ARG E 332 66.28 -36.69 -15.25
CA ARG E 332 66.47 -35.90 -16.45
C ARG E 332 67.42 -34.74 -16.14
N GLY E 333 68.26 -34.41 -17.11
CA GLY E 333 69.22 -33.33 -16.94
C GLY E 333 70.65 -33.81 -16.83
N ASP E 334 71.49 -33.04 -16.15
CA ASP E 334 72.89 -33.41 -15.95
C ASP E 334 72.89 -34.49 -14.89
N VAL E 335 72.78 -35.74 -15.33
CA VAL E 335 72.73 -36.89 -14.45
C VAL E 335 73.70 -37.94 -14.96
N VAL E 336 74.54 -38.46 -14.07
CA VAL E 336 75.52 -39.49 -14.40
C VAL E 336 74.93 -40.84 -14.00
N PRO E 337 75.04 -41.88 -14.83
CA PRO E 337 74.40 -43.16 -14.49
C PRO E 337 75.14 -43.94 -13.43
N LYS E 338 76.14 -43.33 -12.79
CA LYS E 338 76.89 -44.02 -11.74
C LYS E 338 76.31 -43.72 -10.35
N ASP E 339 76.26 -42.44 -9.97
CA ASP E 339 75.75 -42.09 -8.65
C ASP E 339 74.25 -42.34 -8.52
N VAL E 340 73.54 -42.53 -9.65
CA VAL E 340 72.16 -42.99 -9.59
C VAL E 340 72.10 -44.38 -8.99
N ASN E 341 72.99 -45.27 -9.43
CA ASN E 341 73.06 -46.60 -8.85
C ASN E 341 73.52 -46.56 -7.40
N ALA E 342 74.46 -45.67 -7.08
CA ALA E 342 74.95 -45.56 -5.70
C ALA E 342 73.88 -45.02 -4.77
N ALA E 343 73.15 -43.98 -5.19
CA ALA E 343 72.11 -43.41 -4.35
C ALA E 343 70.97 -44.40 -4.13
N ILE E 344 70.60 -45.13 -5.18
CA ILE E 344 69.50 -46.09 -5.05
C ILE E 344 69.88 -47.24 -4.14
N ALA E 345 71.13 -47.70 -4.22
CA ALA E 345 71.59 -48.77 -3.33
C ALA E 345 71.53 -48.34 -1.87
N THR E 346 71.86 -47.07 -1.60
CA THR E 346 71.75 -46.56 -0.25
C THR E 346 70.31 -46.54 0.23
N ILE E 347 69.38 -46.16 -0.65
CA ILE E 347 67.97 -46.06 -0.28
C ILE E 347 67.43 -47.43 0.13
N LYS E 348 67.80 -48.48 -0.62
CA LYS E 348 67.31 -49.82 -0.30
C LYS E 348 67.79 -50.27 1.07
N THR E 349 69.02 -49.93 1.43
CA THR E 349 69.56 -50.34 2.73
C THR E 349 68.82 -49.67 3.88
N LYS E 350 68.46 -48.40 3.73
CA LYS E 350 67.72 -47.69 4.78
C LYS E 350 66.38 -48.37 5.03
N ARG E 351 66.06 -48.59 6.31
CA ARG E 351 64.91 -49.39 6.70
C ARG E 351 63.70 -48.54 7.05
N SER E 352 63.56 -47.37 6.44
CA SER E 352 62.32 -46.63 6.47
C SER E 352 61.39 -47.02 5.34
N ILE E 353 61.89 -47.72 4.32
CA ILE E 353 61.11 -48.20 3.20
C ILE E 353 61.33 -49.71 3.08
N GLN E 354 60.28 -50.44 2.74
CA GLN E 354 60.32 -51.88 2.67
C GLN E 354 59.67 -52.36 1.39
N PHE E 355 60.10 -53.53 0.91
CA PHE E 355 59.61 -54.14 -0.30
C PHE E 355 58.93 -55.47 0.01
N VAL E 356 58.05 -55.89 -0.89
CA VAL E 356 57.36 -57.17 -0.72
C VAL E 356 58.34 -58.30 -0.96
N ASP E 357 58.06 -59.47 -0.36
CA ASP E 357 58.98 -60.59 -0.44
C ASP E 357 59.11 -61.12 -1.86
N TRP E 358 58.00 -61.21 -2.59
CA TRP E 358 58.02 -61.79 -3.94
C TRP E 358 58.52 -60.83 -5.00
N CYS E 359 59.15 -59.72 -4.62
CA CYS E 359 59.71 -58.75 -5.57
C CYS E 359 61.16 -58.47 -5.16
N PRO E 360 62.07 -59.40 -5.48
CA PRO E 360 63.48 -59.17 -5.12
C PRO E 360 64.09 -57.94 -5.75
N THR E 361 63.71 -57.62 -6.98
CA THR E 361 64.15 -56.40 -7.66
C THR E 361 62.94 -55.51 -7.87
N GLY E 362 63.01 -54.28 -7.38
CA GLY E 362 61.87 -53.40 -7.43
C GLY E 362 62.17 -51.97 -7.84
N PHE E 363 63.13 -51.78 -8.74
CA PHE E 363 63.47 -50.45 -9.22
C PHE E 363 63.62 -50.46 -10.74
N LYS E 364 63.18 -49.38 -11.37
CA LYS E 364 63.32 -49.18 -12.81
C LYS E 364 63.72 -47.74 -13.04
N VAL E 365 64.86 -47.54 -13.68
CA VAL E 365 65.44 -46.21 -13.83
C VAL E 365 65.31 -45.76 -15.29
N GLY E 366 65.45 -44.45 -15.49
CA GLY E 366 65.44 -43.87 -16.81
C GLY E 366 66.07 -42.49 -16.79
N ILE E 367 67.00 -42.24 -17.70
CA ILE E 367 67.78 -41.01 -17.71
C ILE E 367 67.58 -40.30 -19.04
N ASN E 368 67.40 -38.98 -18.96
CA ASN E 368 67.20 -38.14 -20.14
C ASN E 368 68.19 -36.99 -20.11
N TYR E 369 68.50 -36.47 -21.30
CA TYR E 369 69.47 -35.39 -21.44
C TYR E 369 68.82 -34.01 -21.52
N GLN E 370 67.51 -33.91 -21.34
CA GLN E 370 66.83 -32.63 -21.44
C GLN E 370 66.49 -32.12 -20.04
N PRO E 371 67.14 -31.07 -19.55
CA PRO E 371 66.80 -30.55 -18.23
C PRO E 371 65.40 -29.97 -18.24
N PRO E 372 64.68 -30.03 -17.12
CA PRO E 372 63.32 -29.48 -17.08
C PRO E 372 63.31 -27.99 -17.35
N THR E 373 62.29 -27.54 -18.08
CA THR E 373 62.14 -26.14 -18.40
C THR E 373 61.25 -25.46 -17.37
N VAL E 374 61.32 -24.14 -17.34
CA VAL E 374 60.52 -23.32 -16.43
C VAL E 374 59.69 -22.35 -17.25
N VAL E 375 58.44 -22.17 -16.85
CA VAL E 375 57.56 -21.20 -17.51
C VAL E 375 57.75 -19.83 -16.87
N PRO E 376 57.78 -18.75 -17.64
CA PRO E 376 57.93 -17.43 -17.02
C PRO E 376 56.73 -17.09 -16.14
N GLY E 377 57.02 -16.44 -15.01
CA GLY E 377 56.00 -16.16 -14.03
C GLY E 377 55.64 -17.33 -13.13
N GLY E 378 56.32 -18.47 -13.28
CA GLY E 378 56.01 -19.62 -12.46
C GLY E 378 56.63 -19.54 -11.08
N ASP E 379 56.10 -20.38 -10.18
CA ASP E 379 56.58 -20.40 -8.80
C ASP E 379 57.91 -21.14 -8.68
N LEU E 380 58.09 -22.20 -9.45
CA LEU E 380 59.32 -22.99 -9.38
C LEU E 380 60.49 -22.24 -10.01
N ALA E 381 61.70 -22.63 -9.61
CA ALA E 381 62.92 -22.02 -10.10
C ALA E 381 63.63 -22.97 -11.06
N LYS E 382 64.55 -22.40 -11.84
CA LYS E 382 65.28 -23.19 -12.82
C LYS E 382 66.23 -24.16 -12.14
N VAL E 383 66.19 -25.42 -12.58
CA VAL E 383 67.04 -26.48 -12.04
C VAL E 383 67.64 -27.26 -13.20
N GLN E 384 68.70 -27.99 -12.91
CA GLN E 384 69.36 -28.83 -13.90
C GLN E 384 69.12 -30.32 -13.67
N ARG E 385 68.42 -30.68 -12.60
CA ARG E 385 68.08 -32.07 -12.33
C ARG E 385 66.65 -32.16 -11.85
N ALA E 386 66.01 -33.30 -12.10
CA ALA E 386 64.64 -33.52 -11.68
C ALA E 386 64.39 -35.02 -11.56
N VAL E 387 63.45 -35.38 -10.69
CA VAL E 387 63.08 -36.78 -10.47
C VAL E 387 61.57 -36.88 -10.42
N CYS E 388 61.01 -37.83 -11.16
CA CYS E 388 59.59 -38.14 -11.12
C CYS E 388 59.44 -39.62 -10.78
N MET E 389 58.94 -39.90 -9.57
CA MET E 389 58.86 -41.25 -9.05
C MET E 389 57.41 -41.73 -9.10
N LEU E 390 57.19 -42.88 -9.72
CA LEU E 390 55.89 -43.53 -9.78
C LEU E 390 55.97 -44.82 -8.97
N SER E 391 55.32 -44.84 -7.81
CA SER E 391 55.39 -45.97 -6.89
C SER E 391 54.03 -46.65 -6.81
N ASN E 392 54.00 -47.95 -7.05
CA ASN E 392 52.83 -48.77 -6.85
C ASN E 392 52.97 -49.41 -5.47
N THR E 393 52.26 -48.88 -4.48
CA THR E 393 52.43 -49.30 -3.10
C THR E 393 51.11 -49.81 -2.54
N THR E 394 51.23 -50.66 -1.52
CA THR E 394 50.07 -51.20 -0.83
C THR E 394 49.39 -50.14 0.04
N ALA E 395 50.09 -49.05 0.36
CA ALA E 395 49.52 -48.02 1.23
C ALA E 395 48.28 -47.36 0.65
N ILE E 396 48.08 -47.46 -0.68
CA ILE E 396 46.88 -46.89 -1.28
C ILE E 396 45.62 -47.67 -0.93
N ALA E 397 45.76 -48.86 -0.34
CA ALA E 397 44.60 -49.62 0.08
C ALA E 397 43.81 -48.90 1.18
N GLU E 398 44.48 -48.07 1.98
CA GLU E 398 43.78 -47.29 2.98
C GLU E 398 42.87 -46.25 2.35
N ALA E 399 43.25 -45.74 1.17
CA ALA E 399 42.40 -44.76 0.48
C ALA E 399 41.10 -45.38 0.00
N TRP E 400 41.13 -46.63 -0.44
CA TRP E 400 39.91 -47.31 -0.86
C TRP E 400 39.01 -47.65 0.32
N ALA E 401 39.59 -48.01 1.46
CA ALA E 401 38.78 -48.34 2.63
C ALA E 401 38.04 -47.12 3.17
N ARG E 402 38.70 -45.96 3.17
CA ARG E 402 38.05 -44.75 3.66
C ARG E 402 36.91 -44.33 2.74
N LEU E 403 37.15 -44.33 1.44
CA LEU E 403 36.10 -43.97 0.48
C LEU E 403 34.95 -44.96 0.50
N ASP E 404 35.26 -46.25 0.69
CA ASP E 404 34.22 -47.27 0.77
C ASP E 404 33.39 -47.13 2.04
N HIS E 405 33.94 -46.52 3.09
CA HIS E 405 33.17 -46.30 4.32
C HIS E 405 32.16 -45.19 4.14
N LYS E 406 32.52 -44.12 3.41
CA LYS E 406 31.58 -43.04 3.16
C LYS E 406 30.40 -43.52 2.32
N PHE E 407 30.65 -44.38 1.35
CA PHE E 407 29.58 -44.91 0.52
C PHE E 407 28.57 -45.70 1.35
N ASP E 408 29.06 -46.52 2.27
CA ASP E 408 28.16 -47.35 3.07
C ASP E 408 27.34 -46.51 4.04
N LEU E 409 27.88 -45.39 4.50
CA LEU E 409 27.14 -44.54 5.44
C LEU E 409 25.96 -43.85 4.75
N MET E 410 26.18 -43.28 3.57
CA MET E 410 25.14 -42.55 2.89
C MET E 410 24.12 -43.49 2.25
N TYR E 411 24.57 -44.61 1.69
CA TYR E 411 23.67 -45.55 1.03
C TYR E 411 22.85 -46.36 2.01
N ALA E 412 23.23 -46.39 3.29
CA ALA E 412 22.47 -47.15 4.27
C ALA E 412 21.05 -46.61 4.42
N LYS E 413 20.89 -45.29 4.38
CA LYS E 413 19.58 -44.66 4.49
C LYS E 413 19.13 -44.05 3.16
N ARG E 414 19.74 -44.48 2.04
CA ARG E 414 19.27 -44.15 0.69
C ARG E 414 19.26 -42.64 0.45
N ALA E 415 20.27 -41.94 0.97
CA ALA E 415 20.39 -40.51 0.74
C ALA E 415 20.87 -40.25 -0.69
N PHE E 416 20.28 -39.24 -1.33
CA PHE E 416 20.62 -38.75 -2.66
C PHE E 416 20.36 -39.78 -3.76
N VAL E 417 19.82 -40.95 -3.44
CA VAL E 417 19.64 -41.99 -4.44
C VAL E 417 18.59 -41.60 -5.47
N HIS E 418 17.54 -40.89 -5.03
CA HIS E 418 16.42 -40.58 -5.91
C HIS E 418 16.84 -39.75 -7.12
N TRP E 419 17.98 -39.06 -7.07
CA TRP E 419 18.47 -38.37 -8.25
C TRP E 419 19.06 -39.33 -9.28
N TYR E 420 19.67 -40.42 -8.83
CA TYR E 420 20.26 -41.40 -9.74
C TYR E 420 19.20 -42.34 -10.31
N VAL E 421 18.28 -42.80 -9.47
CA VAL E 421 17.29 -43.78 -9.90
C VAL E 421 16.39 -43.21 -11.00
N GLY E 422 16.01 -41.94 -10.85
CA GLY E 422 15.14 -41.30 -11.82
C GLY E 422 15.80 -40.82 -13.09
N GLU E 423 17.08 -41.16 -13.28
CA GLU E 423 17.80 -40.73 -14.47
C GLU E 423 18.34 -41.92 -15.24
N GLY E 424 17.51 -42.93 -15.45
CA GLY E 424 17.91 -44.12 -16.18
C GLY E 424 18.95 -44.97 -15.49
N MET E 425 18.84 -45.17 -14.19
CA MET E 425 19.76 -46.00 -13.43
C MET E 425 18.95 -46.85 -12.45
N GLU E 426 19.37 -48.10 -12.29
CA GLU E 426 18.65 -49.05 -11.44
C GLU E 426 19.24 -49.09 -10.05
N GLU E 427 18.42 -49.51 -9.09
CA GLU E 427 18.87 -49.63 -7.70
C GLU E 427 19.94 -50.71 -7.55
N GLY E 428 19.82 -51.81 -8.31
CA GLY E 428 20.76 -52.90 -8.20
C GLY E 428 22.16 -52.56 -8.67
N GLU E 429 22.31 -51.48 -9.44
CA GLU E 429 23.64 -51.08 -9.90
C GLU E 429 24.52 -50.63 -8.73
N PHE E 430 23.93 -49.97 -7.74
CA PHE E 430 24.71 -49.54 -6.58
C PHE E 430 25.26 -50.71 -5.79
N SER E 431 24.48 -51.80 -5.68
CA SER E 431 24.94 -52.97 -4.94
C SER E 431 26.11 -53.66 -5.64
N GLU E 432 26.04 -53.80 -6.97
CA GLU E 432 27.11 -54.45 -7.70
C GLU E 432 28.41 -53.65 -7.61
N ALA E 433 28.32 -52.33 -7.75
CA ALA E 433 29.51 -51.48 -7.63
C ALA E 433 30.03 -51.42 -6.20
N ARG E 434 29.23 -51.86 -5.23
CA ARG E 434 29.68 -51.86 -3.84
C ARG E 434 30.44 -53.15 -3.50
N GLU E 435 29.91 -54.30 -3.89
CA GLU E 435 30.59 -55.56 -3.61
C GLU E 435 31.88 -55.69 -4.41
N ASP E 436 31.95 -55.07 -5.59
CA ASP E 436 33.17 -55.13 -6.39
C ASP E 436 34.32 -54.43 -5.69
N MET E 437 34.06 -53.27 -5.09
CA MET E 437 35.11 -52.57 -4.36
C MET E 437 35.55 -53.31 -3.11
N ALA E 438 34.68 -54.15 -2.54
CA ALA E 438 35.09 -55.00 -1.43
C ALA E 438 36.06 -56.08 -1.89
N ALA E 439 35.87 -56.60 -3.11
CA ALA E 439 36.79 -57.59 -3.64
C ALA E 439 38.14 -56.97 -3.98
N LEU E 440 38.13 -55.76 -4.53
CA LEU E 440 39.38 -55.09 -4.88
C LEU E 440 40.20 -54.78 -3.62
N GLU E 441 39.54 -54.33 -2.56
CA GLU E 441 40.24 -54.08 -1.30
C GLU E 441 40.78 -55.39 -0.72
N LYS E 442 39.99 -56.46 -0.79
CA LYS E 442 40.46 -57.75 -0.29
C LYS E 442 41.67 -58.25 -1.07
N ASP E 443 41.65 -58.08 -2.40
CA ASP E 443 42.77 -58.52 -3.21
C ASP E 443 44.03 -57.70 -2.92
N TYR E 444 43.86 -56.40 -2.66
CA TYR E 444 45.01 -55.54 -2.43
C TYR E 444 45.78 -55.94 -1.17
N GLU E 445 45.06 -56.25 -0.10
CA GLU E 445 45.72 -56.66 1.14
C GLU E 445 46.22 -58.09 1.07
N GLU E 446 45.43 -58.99 0.49
CA GLU E 446 45.82 -60.40 0.44
C GLU E 446 47.07 -60.61 -0.39
N VAL E 447 47.15 -59.94 -1.55
CA VAL E 447 48.33 -60.10 -2.40
C VAL E 447 49.56 -59.49 -1.73
N GLY E 448 49.40 -58.31 -1.13
CA GLY E 448 50.52 -57.62 -0.50
C GLY E 448 51.00 -58.25 0.79
N VAL E 449 50.16 -59.06 1.45
CA VAL E 449 50.58 -59.67 2.71
C VAL E 449 51.51 -60.84 2.43
N ASP E 450 52.23 -61.26 3.46
CA ASP E 450 53.19 -62.35 3.34
C ASP E 450 52.46 -63.67 3.09
N SER E 451 53.23 -64.64 2.59
CA SER E 451 52.71 -65.97 2.30
C SER E 451 53.69 -67.02 2.83
N VAL E 452 53.15 -68.19 3.14
CA VAL E 452 53.98 -69.26 3.71
C VAL E 452 54.96 -69.76 2.66
N GLU E 453 56.05 -70.34 3.13
CA GLU E 453 57.12 -70.88 2.29
C GLU E 453 57.67 -69.82 1.33
N MET F 1 -44.44 23.94 -1.50
CA MET F 1 -44.87 22.59 -1.19
C MET F 1 -45.31 22.47 0.26
N ARG F 2 -46.11 21.44 0.55
CA ARG F 2 -46.62 21.19 1.91
C ARG F 2 -47.36 22.42 2.44
N GLU F 3 -48.28 22.94 1.64
CA GLU F 3 -49.04 24.12 2.02
C GLU F 3 -50.02 23.79 3.14
N ILE F 4 -50.34 24.79 3.96
CA ILE F 4 -51.21 24.63 5.12
C ILE F 4 -52.38 25.58 4.97
N VAL F 5 -53.59 25.07 5.17
CA VAL F 5 -54.82 25.84 5.09
C VAL F 5 -55.21 26.28 6.49
N HIS F 6 -55.42 27.59 6.66
CA HIS F 6 -55.75 28.17 7.95
C HIS F 6 -57.23 28.54 7.99
N ILE F 7 -57.94 28.05 9.00
CA ILE F 7 -59.36 28.32 9.19
C ILE F 7 -59.55 28.98 10.55
N GLN F 8 -60.27 30.11 10.56
CA GLN F 8 -60.54 30.85 11.79
C GLN F 8 -62.05 30.95 11.99
N ALA F 9 -62.52 30.59 13.18
CA ALA F 9 -63.93 30.63 13.50
C ALA F 9 -64.14 31.33 14.84
N GLY F 10 -65.25 32.04 14.95
CA GLY F 10 -65.59 32.74 16.17
C GLY F 10 -64.87 34.07 16.31
N GLN F 11 -65.18 34.76 17.40
CA GLN F 11 -64.55 36.06 17.65
C GLN F 11 -63.11 35.89 18.10
N CYS F 12 -62.85 34.92 18.99
CA CYS F 12 -61.49 34.69 19.46
C CYS F 12 -60.58 34.26 18.32
N GLY F 13 -61.07 33.40 17.43
CA GLY F 13 -60.26 32.99 16.30
C GLY F 13 -59.93 34.13 15.36
N ASN F 14 -60.91 35.02 15.11
CA ASN F 14 -60.66 36.16 14.25
C ASN F 14 -59.71 37.15 14.91
N GLN F 15 -59.81 37.33 16.23
CA GLN F 15 -58.91 38.25 16.92
C GLN F 15 -57.52 37.67 17.04
N ILE F 16 -57.40 36.37 17.32
CA ILE F 16 -56.10 35.71 17.33
C ILE F 16 -55.52 35.67 15.93
N GLY F 17 -56.35 35.31 14.94
CA GLY F 17 -55.87 35.24 13.57
C GLY F 17 -55.40 36.57 13.03
N ALA F 18 -56.10 37.65 13.39
CA ALA F 18 -55.68 38.98 12.94
C ALA F 18 -54.31 39.33 13.47
N LYS F 19 -53.94 38.83 14.65
CA LYS F 19 -52.60 39.03 15.19
C LYS F 19 -51.63 37.96 14.69
N PHE F 20 -52.11 36.76 14.39
CA PHE F 20 -51.25 35.70 13.89
C PHE F 20 -50.64 36.06 12.54
N TRP F 21 -51.46 36.61 11.64
CA TRP F 21 -50.97 36.99 10.33
C TRP F 21 -50.11 38.24 10.35
N GLU F 22 -50.07 38.96 11.47
CA GLU F 22 -49.12 40.06 11.61
C GLU F 22 -47.71 39.52 11.84
N VAL F 23 -47.58 38.44 12.60
CA VAL F 23 -46.27 37.86 12.86
C VAL F 23 -45.70 37.21 11.60
N ILE F 24 -46.52 36.47 10.87
CA ILE F 24 -46.05 35.77 9.68
C ILE F 24 -45.57 36.75 8.63
N SER F 25 -46.32 37.84 8.43
CA SER F 25 -45.92 38.84 7.44
C SER F 25 -44.58 39.48 7.82
N ASP F 26 -44.39 39.78 9.11
CA ASP F 26 -43.12 40.34 9.54
C ASP F 26 -41.98 39.34 9.34
N GLU F 27 -42.25 38.05 9.57
CA GLU F 27 -41.23 37.04 9.38
C GLU F 27 -40.78 36.96 7.92
N HIS F 28 -41.74 37.01 6.99
CA HIS F 28 -41.45 36.90 5.57
C HIS F 28 -41.26 38.24 4.89
N GLY F 29 -41.36 39.35 5.63
CA GLY F 29 -41.19 40.67 5.02
C GLY F 29 -42.24 41.03 4.01
N ILE F 30 -43.50 40.73 4.30
CA ILE F 30 -44.62 41.02 3.41
C ILE F 30 -45.25 42.34 3.85
N ASP F 31 -45.30 43.30 2.94
CA ASP F 31 -45.92 44.59 3.22
C ASP F 31 -47.43 44.39 3.45
N PRO F 32 -48.03 45.22 4.30
CA PRO F 32 -49.49 45.12 4.51
C PRO F 32 -50.28 45.21 3.21
N SER F 33 -49.80 45.95 2.22
CA SER F 33 -50.48 46.00 0.93
C SER F 33 -50.46 44.66 0.22
N GLY F 34 -49.52 43.77 0.56
CA GLY F 34 -49.46 42.45 -0.01
C GLY F 34 -48.31 42.16 -0.95
N ASN F 35 -47.37 43.09 -1.11
CA ASN F 35 -46.24 42.91 -2.00
C ASN F 35 -44.96 42.74 -1.19
N TYR F 36 -44.08 41.86 -1.68
CA TYR F 36 -42.85 41.54 -0.96
C TYR F 36 -41.94 42.76 -0.88
N VAL F 37 -41.38 42.99 0.31
CA VAL F 37 -40.47 44.11 0.55
C VAL F 37 -39.21 43.69 1.29
N GLY F 38 -39.07 42.41 1.64
CA GLY F 38 -37.94 41.96 2.43
C GLY F 38 -36.63 42.02 1.65
N ASP F 39 -35.55 41.72 2.37
CA ASP F 39 -34.20 41.78 1.83
C ASP F 39 -33.59 40.42 1.58
N SER F 40 -33.56 39.54 2.58
CA SER F 40 -32.95 38.23 2.42
C SER F 40 -33.81 37.34 1.54
N ASP F 41 -33.16 36.55 0.68
CA ASP F 41 -33.86 35.65 -0.22
C ASP F 41 -34.28 34.34 0.43
N LEU F 42 -33.82 34.07 1.66
CA LEU F 42 -34.24 32.85 2.35
C LEU F 42 -35.71 32.87 2.70
N GLN F 43 -36.29 34.06 2.89
CA GLN F 43 -37.70 34.16 3.24
C GLN F 43 -38.59 33.69 2.09
N LEU F 44 -38.23 34.04 0.86
CA LEU F 44 -39.05 33.71 -0.30
C LEU F 44 -38.84 32.29 -0.80
N GLU F 45 -37.88 31.55 -0.24
CA GLU F 45 -37.66 30.17 -0.69
C GLU F 45 -38.88 29.30 -0.44
N ARG F 46 -39.49 29.41 0.73
CA ARG F 46 -40.72 28.69 1.07
C ARG F 46 -41.75 29.71 1.51
N ILE F 47 -42.47 30.26 0.53
CA ILE F 47 -43.55 31.21 0.79
C ILE F 47 -44.92 30.65 0.47
N SER F 48 -45.01 29.59 -0.35
CA SER F 48 -46.29 29.03 -0.73
C SER F 48 -46.94 28.23 0.39
N VAL F 49 -46.19 27.89 1.45
CA VAL F 49 -46.74 27.07 2.52
C VAL F 49 -47.90 27.77 3.20
N TYR F 50 -47.75 29.07 3.48
CA TYR F 50 -48.80 29.87 4.10
C TYR F 50 -49.44 30.84 3.11
N TYR F 51 -48.63 31.55 2.34
CA TYR F 51 -49.14 32.56 1.42
C TYR F 51 -49.49 31.92 0.08
N ASN F 52 -49.96 32.74 -0.85
CA ASN F 52 -50.39 32.28 -2.17
C ASN F 52 -50.04 33.35 -3.19
N GLU F 53 -49.18 32.99 -4.15
CA GLU F 53 -48.76 33.94 -5.17
C GLU F 53 -49.93 34.30 -6.09
N ALA F 54 -50.06 35.60 -6.38
CA ALA F 54 -51.11 36.07 -7.27
C ALA F 54 -50.52 36.96 -8.36
N SER F 55 -51.38 37.59 -9.15
CA SER F 55 -50.91 38.44 -10.23
C SER F 55 -50.23 39.69 -9.71
N SER F 56 -49.27 40.20 -10.48
CA SER F 56 -48.51 41.41 -10.14
C SER F 56 -47.85 41.31 -8.77
N HIS F 57 -47.29 40.14 -8.48
CA HIS F 57 -46.54 39.89 -7.24
C HIS F 57 -47.38 40.17 -6.00
N LYS F 58 -48.62 39.69 -6.02
CA LYS F 58 -49.48 39.73 -4.85
C LYS F 58 -49.35 38.42 -4.06
N TYR F 59 -49.54 38.52 -2.75
CA TYR F 59 -49.30 37.41 -1.83
C TYR F 59 -50.47 37.26 -0.87
N VAL F 60 -51.68 37.17 -1.42
CA VAL F 60 -52.86 37.00 -0.56
C VAL F 60 -52.72 35.73 0.27
N PRO F 61 -53.11 35.72 1.53
CA PRO F 61 -52.91 34.54 2.37
C PRO F 61 -53.91 33.44 2.09
N ARG F 62 -53.56 32.24 2.55
CA ARG F 62 -54.44 31.08 2.45
C ARG F 62 -55.24 30.90 3.75
N ALA F 63 -56.04 31.91 4.04
CA ALA F 63 -56.84 31.94 5.27
C ALA F 63 -58.32 32.02 4.92
N ILE F 64 -59.14 31.34 5.74
CA ILE F 64 -60.59 31.36 5.61
C ILE F 64 -61.16 31.84 6.93
N LEU F 65 -61.91 32.93 6.90
CA LEU F 65 -62.50 33.53 8.09
C LEU F 65 -64.01 33.36 8.02
N VAL F 66 -64.59 32.73 9.04
CA VAL F 66 -66.01 32.43 9.06
C VAL F 66 -66.56 32.80 10.44
N ASP F 67 -67.72 33.46 10.44
CA ASP F 67 -68.36 33.87 11.68
C ASP F 67 -69.87 33.95 11.45
N LEU F 68 -70.61 33.91 12.55
CA LEU F 68 -72.07 34.00 12.50
C LEU F 68 -72.60 35.42 12.65
N GLU F 69 -71.74 36.38 12.99
CA GLU F 69 -72.17 37.76 13.15
C GLU F 69 -71.18 38.69 12.48
N PRO F 70 -71.64 39.71 11.78
CA PRO F 70 -70.75 40.60 11.03
C PRO F 70 -69.98 41.60 11.86
N GLY F 71 -70.09 41.55 13.20
CA GLY F 71 -69.38 42.50 14.02
C GLY F 71 -67.87 42.33 13.95
N THR F 72 -67.39 41.08 13.99
CA THR F 72 -65.95 40.83 13.97
C THR F 72 -65.36 41.06 12.58
N MET F 73 -66.07 40.64 11.53
CA MET F 73 -65.55 40.77 10.17
C MET F 73 -65.36 42.23 9.79
N ASP F 74 -66.31 43.09 10.15
CA ASP F 74 -66.21 44.50 9.77
C ASP F 74 -65.04 45.20 10.47
N SER F 75 -64.60 44.66 11.61
CA SER F 75 -63.48 45.28 12.32
C SER F 75 -62.17 45.02 11.60
N VAL F 76 -61.95 43.78 11.15
CA VAL F 76 -60.68 43.44 10.50
C VAL F 76 -60.64 44.00 9.07
N ARG F 77 -61.80 44.12 8.42
CA ARG F 77 -61.82 44.63 7.05
C ARG F 77 -61.54 46.14 7.04
N SER F 78 -62.22 46.89 7.92
CA SER F 78 -62.03 48.34 7.94
C SER F 78 -60.73 48.74 8.62
N GLY F 79 -60.22 47.92 9.54
CA GLY F 79 -59.01 48.24 10.25
C GLY F 79 -57.77 48.02 9.41
N ALA F 80 -56.63 48.32 10.02
CA ALA F 80 -55.35 48.16 9.35
C ALA F 80 -55.06 46.68 9.11
N PHE F 81 -54.22 46.43 8.10
CA PHE F 81 -53.81 45.08 7.69
C PHE F 81 -54.99 44.24 7.23
N GLY F 82 -56.08 44.88 6.82
CA GLY F 82 -57.21 44.20 6.23
C GLY F 82 -57.31 44.31 4.72
N HIS F 83 -56.27 44.80 4.06
CA HIS F 83 -56.27 45.03 2.62
C HIS F 83 -55.64 43.88 1.84
N LEU F 84 -55.21 42.81 2.50
CA LEU F 84 -54.55 41.71 1.85
C LEU F 84 -55.36 40.43 1.80
N PHE F 85 -56.35 40.26 2.67
CA PHE F 85 -57.20 39.09 2.63
C PHE F 85 -58.09 39.12 1.38
N ARG F 86 -58.37 37.94 0.85
CA ARG F 86 -59.24 37.85 -0.32
C ARG F 86 -60.69 38.00 0.12
N PRO F 87 -61.47 38.92 -0.47
CA PRO F 87 -62.84 39.15 -0.01
C PRO F 87 -63.75 37.95 -0.15
N ASP F 88 -63.42 36.98 -1.01
CA ASP F 88 -64.23 35.79 -1.13
C ASP F 88 -64.25 35.00 0.17
N ASN F 89 -63.11 34.88 0.84
CA ASN F 89 -63.02 34.15 2.09
C ASN F 89 -63.78 34.80 3.24
N PHE F 90 -64.16 36.07 3.10
CA PHE F 90 -64.91 36.78 4.14
C PHE F 90 -66.35 36.27 4.14
N ILE F 91 -66.57 35.19 4.88
CA ILE F 91 -67.88 34.56 4.99
C ILE F 91 -68.44 34.86 6.37
N PHE F 92 -69.63 35.46 6.41
CA PHE F 92 -70.27 35.78 7.67
C PHE F 92 -71.76 35.46 7.58
N GLY F 93 -72.38 35.31 8.73
CA GLY F 93 -73.82 35.11 8.84
C GLY F 93 -74.56 36.41 9.04
N GLN F 94 -75.71 36.33 9.69
CA GLN F 94 -76.50 37.51 10.00
C GLN F 94 -76.67 37.72 11.50
N SER F 95 -77.00 36.69 12.25
CA SER F 95 -77.14 36.76 13.70
C SER F 95 -76.28 35.70 14.35
N GLY F 96 -75.69 36.04 15.49
CA GLY F 96 -74.81 35.11 16.17
C GLY F 96 -75.56 33.93 16.76
N ALA F 97 -74.79 32.91 17.15
CA ALA F 97 -75.36 31.71 17.73
C ALA F 97 -75.89 31.93 19.14
N GLY F 98 -75.57 33.06 19.76
CA GLY F 98 -76.08 33.35 21.10
C GLY F 98 -75.58 32.41 22.17
N ASN F 99 -74.30 32.03 22.10
CA ASN F 99 -73.67 31.15 23.09
C ASN F 99 -74.42 29.82 23.23
N ASN F 100 -74.94 29.31 22.13
CA ASN F 100 -75.71 28.08 22.11
C ASN F 100 -75.03 27.05 21.23
N TRP F 101 -74.99 25.80 21.72
CA TRP F 101 -74.40 24.71 20.93
C TRP F 101 -75.23 24.43 19.69
N ALA F 102 -76.49 24.05 19.88
CA ALA F 102 -77.34 23.63 18.76
C ALA F 102 -77.61 24.77 17.77
N LYS F 103 -77.56 26.02 18.22
CA LYS F 103 -77.77 27.15 17.32
C LYS F 103 -76.56 27.43 16.44
N GLY F 104 -75.44 26.77 16.67
CA GLY F 104 -74.26 26.97 15.84
C GLY F 104 -73.81 25.69 15.18
N HIS F 105 -74.50 24.58 15.48
CA HIS F 105 -74.16 23.28 14.93
C HIS F 105 -75.31 22.59 14.21
N TYR F 106 -76.55 23.05 14.40
CA TYR F 106 -77.69 22.37 13.82
C TYR F 106 -78.57 23.28 12.97
N THR F 107 -78.76 24.54 13.36
CA THR F 107 -79.75 25.40 12.73
C THR F 107 -79.11 26.53 11.92
N GLU F 108 -78.30 27.37 12.55
CA GLU F 108 -77.72 28.51 11.86
C GLU F 108 -76.41 28.14 11.18
N GLY F 109 -75.58 27.35 11.85
CA GLY F 109 -74.36 26.88 11.25
C GLY F 109 -74.53 25.85 10.15
N ALA F 110 -75.75 25.36 9.94
CA ALA F 110 -75.99 24.39 8.87
C ALA F 110 -76.05 25.04 7.50
N GLU F 111 -76.58 26.27 7.40
CA GLU F 111 -76.70 26.94 6.11
C GLU F 111 -75.39 27.55 5.65
N LEU F 112 -74.47 27.84 6.57
CA LEU F 112 -73.18 28.40 6.20
C LEU F 112 -72.11 27.35 5.94
N VAL F 113 -72.31 26.12 6.43
CA VAL F 113 -71.30 25.08 6.24
C VAL F 113 -71.22 24.68 4.77
N ASP F 114 -72.30 24.88 4.01
CA ASP F 114 -72.27 24.55 2.59
C ASP F 114 -71.48 25.59 1.80
N SER F 115 -71.53 26.85 2.22
CA SER F 115 -70.78 27.89 1.53
C SER F 115 -69.29 27.82 1.84
N VAL F 116 -68.95 27.45 3.08
CA VAL F 116 -67.54 27.38 3.47
C VAL F 116 -66.84 26.22 2.78
N LEU F 117 -67.51 25.06 2.71
CA LEU F 117 -66.88 23.89 2.11
C LEU F 117 -66.54 24.10 0.64
N ASP F 118 -67.34 24.91 -0.07
CA ASP F 118 -67.02 25.22 -1.45
C ASP F 118 -65.73 26.03 -1.55
N VAL F 119 -65.54 26.99 -0.63
CA VAL F 119 -64.31 27.77 -0.61
C VAL F 119 -63.13 26.89 -0.18
N VAL F 120 -63.34 26.04 0.83
CA VAL F 120 -62.28 25.15 1.30
C VAL F 120 -61.84 24.21 0.18
N ARG F 121 -62.80 23.64 -0.54
CA ARG F 121 -62.47 22.74 -1.65
C ARG F 121 -61.71 23.49 -2.75
N LYS F 122 -62.15 24.71 -3.07
CA LYS F 122 -61.49 25.49 -4.11
C LYS F 122 -60.05 25.80 -3.73
N GLU F 123 -59.80 26.08 -2.45
CA GLU F 123 -58.45 26.33 -1.99
C GLU F 123 -57.57 25.09 -2.12
N CYS F 124 -58.14 23.91 -1.86
CA CYS F 124 -57.36 22.69 -1.86
C CYS F 124 -56.97 22.26 -3.26
N GLU F 125 -57.86 22.48 -4.25
CA GLU F 125 -57.52 22.11 -5.62
C GLU F 125 -56.36 22.94 -6.16
N ASN F 126 -56.32 24.23 -5.83
CA ASN F 126 -55.19 25.07 -6.23
C ASN F 126 -53.90 24.59 -5.58
N CYS F 127 -54.00 23.93 -4.43
CA CYS F 127 -52.81 23.44 -3.73
C CYS F 127 -52.07 22.40 -4.56
N ASP F 128 -50.74 22.43 -4.45
CA ASP F 128 -49.92 21.45 -5.15
C ASP F 128 -49.87 20.14 -4.36
N CYS F 129 -49.40 20.19 -3.12
CA CYS F 129 -49.36 19.02 -2.24
C CYS F 129 -49.82 19.48 -0.86
N LEU F 130 -51.11 19.31 -0.58
CA LEU F 130 -51.67 19.77 0.68
C LEU F 130 -51.03 19.04 1.85
N GLN F 131 -50.67 19.82 2.88
CA GLN F 131 -50.08 19.28 4.10
C GLN F 131 -51.14 19.05 5.18
N GLY F 132 -51.89 20.08 5.55
CA GLY F 132 -52.88 19.93 6.60
C GLY F 132 -53.61 21.22 6.85
N PHE F 133 -54.50 21.16 7.83
CA PHE F 133 -55.37 22.28 8.21
C PHE F 133 -55.02 22.77 9.61
N GLN F 134 -55.29 24.05 9.85
CA GLN F 134 -55.13 24.67 11.15
C GLN F 134 -56.42 25.40 11.51
N LEU F 135 -56.96 25.13 12.68
CA LEU F 135 -58.22 25.73 13.12
C LEU F 135 -58.02 26.42 14.45
N THR F 136 -58.55 27.64 14.57
CA THR F 136 -58.48 28.43 15.79
C THR F 136 -59.90 28.74 16.24
N HIS F 137 -60.23 28.36 17.47
CA HIS F 137 -61.58 28.52 17.96
C HIS F 137 -61.57 28.48 19.49
N SER F 138 -62.73 28.72 20.09
CA SER F 138 -62.92 28.69 21.52
C SER F 138 -63.89 27.58 21.89
N LEU F 139 -63.66 26.95 23.04
CA LEU F 139 -64.51 25.89 23.55
C LEU F 139 -65.62 26.40 24.45
N GLY F 140 -65.75 27.72 24.62
CA GLY F 140 -66.76 28.27 25.48
C GLY F 140 -67.90 28.95 24.74
N GLY F 141 -67.61 29.50 23.56
CA GLY F 141 -68.60 30.20 22.79
C GLY F 141 -69.50 29.27 21.99
N GLY F 142 -70.38 29.89 21.20
CA GLY F 142 -71.31 29.13 20.39
C GLY F 142 -70.90 28.99 18.94
N THR F 143 -70.48 30.08 18.31
CA THR F 143 -70.06 30.01 16.92
C THR F 143 -68.67 29.41 16.78
N GLY F 144 -67.77 29.70 17.73
CA GLY F 144 -66.44 29.13 17.68
C GLY F 144 -66.44 27.64 17.89
N SER F 145 -67.33 27.14 18.74
CA SER F 145 -67.42 25.72 19.03
C SER F 145 -68.46 25.01 18.18
N GLY F 146 -69.61 25.64 17.96
CA GLY F 146 -70.69 24.98 17.24
C GLY F 146 -70.34 24.67 15.80
N MET F 147 -69.74 25.64 15.10
CA MET F 147 -69.36 25.43 13.71
C MET F 147 -67.96 24.86 13.57
N GLY F 148 -67.06 25.19 14.50
CA GLY F 148 -65.73 24.61 14.46
C GLY F 148 -65.76 23.09 14.53
N THR F 149 -66.62 22.55 15.39
CA THR F 149 -66.82 21.10 15.43
C THR F 149 -67.44 20.60 14.13
N LEU F 150 -68.44 21.30 13.62
CA LEU F 150 -69.08 20.89 12.37
C LEU F 150 -68.10 20.94 11.21
N LEU F 151 -67.26 21.96 11.17
CA LEU F 151 -66.25 22.05 10.11
C LEU F 151 -65.23 20.94 10.24
N ILE F 152 -64.93 20.52 11.47
CA ILE F 152 -63.98 19.42 11.68
C ILE F 152 -64.53 18.14 11.08
N SER F 153 -65.81 17.83 11.35
CA SER F 153 -66.38 16.57 10.88
C SER F 153 -66.48 16.52 9.36
N LYS F 154 -66.89 17.63 8.74
CA LYS F 154 -67.06 17.63 7.29
C LYS F 154 -65.72 17.53 6.57
N VAL F 155 -64.70 18.24 7.06
CA VAL F 155 -63.39 18.19 6.44
C VAL F 155 -62.78 16.80 6.57
N ARG F 156 -62.91 16.18 7.74
CA ARG F 156 -62.32 14.87 7.97
C ARG F 156 -62.91 13.81 7.03
N GLU F 157 -64.16 14.00 6.60
CA GLU F 157 -64.77 13.03 5.70
C GLU F 157 -64.22 13.15 4.28
N GLU F 158 -63.82 14.35 3.87
CA GLU F 158 -63.33 14.55 2.51
C GLU F 158 -61.84 14.22 2.38
N TYR F 159 -61.05 14.54 3.41
CA TYR F 159 -59.60 14.29 3.41
C TYR F 159 -59.24 13.54 4.68
N PRO F 160 -59.55 12.24 4.74
CA PRO F 160 -59.20 11.46 5.95
C PRO F 160 -57.70 11.36 6.19
N ASP F 161 -56.89 11.35 5.13
CA ASP F 161 -55.45 11.16 5.27
C ASP F 161 -54.75 12.52 5.26
N ARG F 162 -54.93 13.25 6.37
CA ARG F 162 -54.34 14.57 6.50
C ARG F 162 -54.04 14.84 7.97
N ILE F 163 -53.14 15.80 8.20
CA ILE F 163 -52.82 16.30 9.53
C ILE F 163 -53.69 17.51 9.78
N MET F 164 -54.04 17.76 11.04
CA MET F 164 -54.91 18.88 11.37
C MET F 164 -54.77 19.21 12.86
N ASN F 165 -54.78 20.50 13.17
CA ASN F 165 -54.55 20.98 14.51
C ASN F 165 -55.64 21.98 14.89
N THR F 166 -56.02 21.98 16.16
CA THR F 166 -56.97 22.96 16.70
C THR F 166 -56.32 23.68 17.86
N PHE F 167 -56.22 25.00 17.75
CA PHE F 167 -55.65 25.84 18.80
C PHE F 167 -56.74 26.39 19.71
N SER F 168 -57.45 25.46 20.35
CA SER F 168 -58.60 25.81 21.16
C SER F 168 -58.19 26.56 22.42
N VAL F 169 -59.10 27.39 22.92
CA VAL F 169 -58.92 28.14 24.16
C VAL F 169 -59.83 27.52 25.19
N VAL F 170 -59.25 26.84 26.18
CA VAL F 170 -59.99 26.09 27.18
C VAL F 170 -60.70 27.07 28.11
N PRO F 171 -61.86 26.72 28.66
CA PRO F 171 -62.51 27.60 29.63
C PRO F 171 -61.67 27.79 30.89
N SER F 172 -61.80 28.97 31.48
CA SER F 172 -61.03 29.29 32.68
C SER F 172 -61.60 28.57 33.90
N PRO F 173 -60.75 28.10 34.81
CA PRO F 173 -61.27 27.46 36.03
C PRO F 173 -61.77 28.44 37.07
N LYS F 174 -61.13 29.61 37.19
CA LYS F 174 -61.44 30.53 38.28
C LYS F 174 -62.72 31.31 37.99
N VAL F 175 -62.72 32.10 36.93
CA VAL F 175 -63.85 32.96 36.57
C VAL F 175 -64.36 32.54 35.20
N SER F 176 -65.68 32.35 35.10
CA SER F 176 -66.31 31.92 33.86
C SER F 176 -66.77 33.13 33.07
N ASP F 177 -66.34 33.21 31.82
CA ASP F 177 -66.73 34.33 30.96
C ASP F 177 -68.20 34.27 30.60
N THR F 178 -68.71 33.08 30.29
CA THR F 178 -70.11 32.87 29.97
C THR F 178 -70.72 31.93 31.00
N VAL F 179 -72.02 32.14 31.27
CA VAL F 179 -72.68 31.39 32.33
C VAL F 179 -72.74 29.91 32.00
N VAL F 180 -73.20 29.55 30.80
CA VAL F 180 -73.30 28.15 30.39
C VAL F 180 -71.98 27.82 29.67
N GLU F 181 -70.95 27.54 30.47
CA GLU F 181 -69.70 27.03 29.94
C GLU F 181 -69.68 25.50 29.81
N PRO F 182 -70.05 24.73 30.84
CA PRO F 182 -69.87 23.27 30.76
C PRO F 182 -70.63 22.60 29.64
N TYR F 183 -71.83 23.08 29.31
CA TYR F 183 -72.62 22.45 28.26
C TYR F 183 -71.93 22.57 26.90
N ASN F 184 -71.34 23.73 26.61
CA ASN F 184 -70.68 23.92 25.32
C ASN F 184 -69.35 23.17 25.26
N ALA F 185 -68.62 23.13 26.37
CA ALA F 185 -67.30 22.48 26.37
C ALA F 185 -67.44 20.96 26.30
N THR F 186 -68.35 20.39 27.10
CA THR F 186 -68.50 18.94 27.11
C THR F 186 -69.00 18.42 25.78
N LEU F 187 -69.96 19.12 25.16
CA LEU F 187 -70.50 18.69 23.88
C LEU F 187 -69.49 18.84 22.74
N SER F 188 -68.41 19.60 22.95
CA SER F 188 -67.43 19.86 21.91
C SER F 188 -66.25 18.89 21.99
N ILE F 189 -65.70 18.69 23.19
CA ILE F 189 -64.54 17.83 23.37
C ILE F 189 -64.89 16.39 22.98
N HIS F 190 -66.10 15.94 23.31
CA HIS F 190 -66.54 14.62 22.88
C HIS F 190 -66.50 14.48 21.37
N GLN F 191 -66.66 15.59 20.65
CA GLN F 191 -66.60 15.58 19.19
C GLN F 191 -65.18 15.74 18.67
N LEU F 192 -64.37 16.56 19.35
CA LEU F 192 -62.98 16.74 18.93
C LEU F 192 -62.19 15.44 19.02
N VAL F 193 -62.37 14.70 20.12
CA VAL F 193 -61.60 13.48 20.35
C VAL F 193 -61.78 12.49 19.20
N GLU F 194 -62.96 12.48 18.59
CA GLU F 194 -63.24 11.50 17.54
C GLU F 194 -62.41 11.74 16.29
N ASN F 195 -62.36 12.99 15.81
CA ASN F 195 -61.81 13.27 14.49
C ASN F 195 -60.88 14.48 14.52
N THR F 196 -59.97 14.50 15.49
CA THR F 196 -58.83 15.41 15.46
C THR F 196 -57.59 14.63 15.88
N ASP F 197 -56.42 15.18 15.59
CA ASP F 197 -55.19 14.44 15.84
C ASP F 197 -54.38 15.07 16.98
N GLU F 198 -54.20 16.39 17.01
CA GLU F 198 -53.64 17.01 18.21
C GLU F 198 -54.28 18.38 18.43
N THR F 199 -54.51 18.72 19.69
CA THR F 199 -55.05 20.01 20.10
C THR F 199 -54.14 20.63 21.13
N TYR F 200 -53.89 21.93 21.01
CA TYR F 200 -53.07 22.68 21.96
C TYR F 200 -54.02 23.49 22.85
N CYS F 201 -54.35 22.94 24.01
CA CYS F 201 -55.26 23.61 24.94
C CYS F 201 -54.55 24.81 25.56
N ILE F 202 -55.21 25.97 25.51
CA ILE F 202 -54.66 27.22 26.04
C ILE F 202 -55.68 27.83 26.99
N ASP F 203 -55.20 28.30 28.13
CA ASP F 203 -56.06 28.87 29.17
C ASP F 203 -55.88 30.39 29.19
N ASN F 204 -56.94 31.09 29.62
CA ASN F 204 -56.93 32.54 29.59
C ASN F 204 -56.17 33.15 30.77
N GLU F 205 -56.61 32.86 32.00
CA GLU F 205 -55.98 33.51 33.15
C GLU F 205 -54.58 32.99 33.42
N ALA F 206 -54.21 31.83 32.88
CA ALA F 206 -52.81 31.41 32.95
C ALA F 206 -51.92 32.36 32.17
N LEU F 207 -52.46 32.97 31.10
CA LEU F 207 -51.73 33.98 30.36
C LEU F 207 -51.74 35.33 31.10
N TYR F 208 -52.79 35.61 31.87
CA TYR F 208 -52.77 36.78 32.74
C TYR F 208 -51.68 36.67 33.79
N ASP F 209 -51.52 35.48 34.37
CA ASP F 209 -50.48 35.26 35.37
C ASP F 209 -49.10 35.48 34.75
N ILE F 210 -48.89 34.90 33.56
CA ILE F 210 -47.58 35.01 32.92
C ILE F 210 -47.25 36.46 32.59
N CYS F 211 -48.23 37.19 32.03
CA CYS F 211 -47.96 38.56 31.61
C CYS F 211 -47.82 39.51 32.80
N PHE F 212 -48.57 39.25 33.88
CA PHE F 212 -48.51 40.16 35.03
C PHE F 212 -47.21 40.02 35.80
N ARG F 213 -46.76 38.78 36.02
CA ARG F 213 -45.59 38.55 36.87
C ARG F 213 -44.30 38.48 36.06
N THR F 214 -44.25 37.58 35.08
CA THR F 214 -43.01 37.38 34.32
C THR F 214 -42.72 38.58 33.43
N LEU F 215 -43.72 39.04 32.68
CA LEU F 215 -43.54 40.18 31.79
C LEU F 215 -43.60 41.52 32.51
N LYS F 216 -44.09 41.54 33.76
CA LYS F 216 -44.18 42.75 34.58
C LYS F 216 -44.99 43.84 33.86
N LEU F 217 -46.22 43.49 33.51
CA LEU F 217 -47.15 44.41 32.87
C LEU F 217 -48.31 44.70 33.81
N ALA F 218 -48.76 45.95 33.83
CA ALA F 218 -49.80 46.37 34.76
C ALA F 218 -51.21 46.25 34.17
N THR F 219 -51.37 46.55 32.88
CA THR F 219 -52.69 46.56 32.24
C THR F 219 -52.62 45.68 31.00
N PRO F 220 -52.76 44.37 31.16
CA PRO F 220 -52.73 43.46 30.00
C PRO F 220 -54.07 43.46 29.27
N THR F 221 -54.11 44.08 28.10
CA THR F 221 -55.29 44.04 27.27
C THR F 221 -55.28 42.78 26.40
N TYR F 222 -56.28 42.67 25.53
CA TYR F 222 -56.33 41.52 24.63
C TYR F 222 -55.32 41.63 23.50
N GLY F 223 -54.77 42.82 23.26
CA GLY F 223 -53.74 42.95 22.24
C GLY F 223 -52.47 42.23 22.60
N ASP F 224 -52.02 42.36 23.85
CA ASP F 224 -50.83 41.65 24.30
C ASP F 224 -51.11 40.21 24.67
N LEU F 225 -52.35 39.89 25.03
CA LEU F 225 -52.70 38.50 25.32
C LEU F 225 -52.62 37.63 24.07
N ASN F 226 -53.22 38.10 22.97
CA ASN F 226 -53.18 37.33 21.73
C ASN F 226 -51.81 37.35 21.09
N HIS F 227 -50.96 38.32 21.44
CA HIS F 227 -49.60 38.33 20.91
C HIS F 227 -48.79 37.17 21.45
N LEU F 228 -48.97 36.84 22.74
CA LEU F 228 -48.25 35.71 23.32
C LEU F 228 -48.66 34.39 22.68
N VAL F 229 -49.95 34.22 22.40
CA VAL F 229 -50.42 33.00 21.77
C VAL F 229 -49.88 32.87 20.35
N SER F 230 -49.76 34.00 19.65
CA SER F 230 -49.26 33.96 18.27
C SER F 230 -47.80 33.53 18.21
N ALA F 231 -47.00 33.96 19.18
CA ALA F 231 -45.57 33.62 19.16
C ALA F 231 -45.36 32.12 19.27
N THR F 232 -46.06 31.46 20.19
CA THR F 232 -45.97 30.00 20.29
C THR F 232 -46.77 29.32 19.19
N MET F 233 -47.61 30.07 18.47
CA MET F 233 -48.35 29.51 17.34
C MET F 233 -47.48 29.33 16.11
N SER F 234 -46.58 30.28 15.85
CA SER F 234 -45.69 30.22 14.71
C SER F 234 -44.41 29.44 14.99
N GLY F 235 -44.15 29.10 16.25
CA GLY F 235 -42.96 28.33 16.57
C GLY F 235 -43.02 26.92 16.03
N VAL F 236 -44.21 26.30 16.08
CA VAL F 236 -44.34 24.91 15.62
C VAL F 236 -44.17 24.82 14.11
N THR F 237 -44.67 25.81 13.37
CA THR F 237 -44.66 25.75 11.92
C THR F 237 -43.32 26.16 11.31
N THR F 238 -42.53 26.96 12.04
CA THR F 238 -41.31 27.52 11.47
C THR F 238 -40.25 26.49 11.13
N SER F 239 -40.40 25.25 11.63
CA SER F 239 -39.40 24.23 11.32
C SER F 239 -39.44 23.83 9.86
N LEU F 240 -40.63 23.77 9.26
CA LEU F 240 -40.77 23.43 7.85
C LEU F 240 -40.77 24.65 6.95
N ARG F 241 -40.68 25.86 7.51
CA ARG F 241 -40.64 27.08 6.71
C ARG F 241 -39.23 27.57 6.46
N PHE F 242 -38.28 27.19 7.31
CA PHE F 242 -36.91 27.65 7.22
C PHE F 242 -35.96 26.47 7.32
N PRO F 243 -34.79 26.54 6.67
CA PRO F 243 -33.81 25.46 6.82
C PRO F 243 -33.26 25.40 8.22
N GLY F 244 -32.96 24.17 8.67
CA GLY F 244 -32.43 23.97 10.01
C GLY F 244 -31.48 22.79 10.04
N GLN F 245 -30.73 22.72 11.15
CA GLN F 245 -29.79 21.62 11.35
C GLN F 245 -30.48 20.33 11.74
N LEU F 246 -31.71 20.40 12.25
CA LEU F 246 -32.49 19.21 12.56
C LEU F 246 -33.96 19.56 12.32
N ASN F 247 -34.46 19.22 11.14
CA ASN F 247 -35.78 19.68 10.73
C ASN F 247 -36.88 18.84 11.35
N ALA F 248 -38.09 19.41 11.34
CA ALA F 248 -39.30 18.73 11.79
C ALA F 248 -40.48 19.40 11.12
N ASP F 249 -41.63 18.73 11.18
CA ASP F 249 -42.86 19.28 10.60
C ASP F 249 -44.04 18.81 11.42
N LEU F 250 -45.25 19.03 10.88
CA LEU F 250 -46.47 18.70 11.62
C LEU F 250 -46.58 17.21 11.87
N ARG F 251 -46.26 16.38 10.87
CA ARG F 251 -46.41 14.95 11.03
C ARG F 251 -45.33 14.37 11.95
N LYS F 252 -44.12 14.93 11.91
CA LYS F 252 -43.05 14.44 12.78
C LYS F 252 -43.41 14.60 14.24
N LEU F 253 -43.98 15.75 14.61
CA LEU F 253 -44.38 15.97 15.99
C LEU F 253 -45.52 15.03 16.39
N ALA F 254 -46.52 14.88 15.52
CA ALA F 254 -47.70 14.08 15.87
C ALA F 254 -47.34 12.63 16.16
N VAL F 255 -46.26 12.14 15.54
CA VAL F 255 -45.84 10.76 15.80
C VAL F 255 -45.29 10.63 17.23
N ASN F 256 -44.44 11.58 17.63
CA ASN F 256 -43.79 11.50 18.94
C ASN F 256 -44.72 11.88 20.09
N MET F 257 -45.60 12.86 19.89
CA MET F 257 -46.38 13.41 20.99
C MET F 257 -47.60 12.57 21.33
N VAL F 258 -48.00 11.64 20.46
CA VAL F 258 -49.29 10.97 20.63
C VAL F 258 -49.08 9.46 20.73
N PRO F 259 -48.74 8.94 21.92
CA PRO F 259 -48.59 7.48 22.05
C PRO F 259 -49.87 6.72 21.77
N PHE F 260 -51.02 7.28 22.12
CA PHE F 260 -52.31 6.61 21.96
C PHE F 260 -53.30 7.56 21.31
N PRO F 261 -54.25 7.03 20.53
CA PRO F 261 -55.10 7.92 19.71
C PRO F 261 -55.96 8.89 20.50
N ARG F 262 -56.23 8.62 21.79
CA ARG F 262 -57.08 9.49 22.58
C ARG F 262 -56.30 10.51 23.40
N LEU F 263 -55.00 10.29 23.62
CA LEU F 263 -54.20 11.13 24.50
C LEU F 263 -53.41 12.12 23.65
N HIS F 264 -54.10 13.16 23.18
CA HIS F 264 -53.49 14.17 22.31
C HIS F 264 -53.91 15.58 22.72
N PHE F 265 -53.86 15.86 24.02
CA PHE F 265 -54.12 17.21 24.54
C PHE F 265 -52.83 17.73 25.15
N PHE F 266 -52.28 18.78 24.57
CA PHE F 266 -50.95 19.27 24.91
C PHE F 266 -51.03 20.59 25.65
N MET F 267 -49.89 21.00 26.19
CA MET F 267 -49.75 22.28 26.89
C MET F 267 -48.59 23.05 26.29
N PRO F 268 -48.83 24.16 25.61
CA PRO F 268 -47.73 24.91 24.98
C PRO F 268 -46.89 25.69 25.97
N GLY F 269 -45.90 26.42 25.45
CA GLY F 269 -45.03 27.24 26.28
C GLY F 269 -44.17 28.11 25.40
N PHE F 270 -43.45 29.02 26.05
CA PHE F 270 -42.60 29.94 25.32
C PHE F 270 -41.47 30.42 26.23
N ALA F 271 -40.36 30.80 25.60
CA ALA F 271 -39.18 31.33 26.28
C ALA F 271 -38.25 31.95 25.24
N PRO F 272 -37.56 33.04 25.58
CA PRO F 272 -37.57 33.79 26.84
C PRO F 272 -38.72 34.78 26.93
N LEU F 273 -39.14 35.12 28.15
CA LEU F 273 -40.16 36.15 28.39
C LEU F 273 -39.61 37.09 29.45
N THR F 274 -39.26 38.31 29.05
CA THR F 274 -38.68 39.28 29.95
C THR F 274 -39.26 40.65 29.69
N ALA F 275 -39.26 41.48 30.72
CA ALA F 275 -39.73 42.86 30.60
C ALA F 275 -38.72 43.68 29.79
N ARG F 276 -39.19 44.83 29.29
CA ARG F 276 -38.33 45.69 28.49
C ARG F 276 -37.20 46.29 29.33
N GLY F 277 -37.47 46.57 30.61
CA GLY F 277 -36.42 47.12 31.46
C GLY F 277 -35.36 46.09 31.84
N SER F 278 -35.78 44.86 32.11
CA SER F 278 -34.89 43.84 32.66
C SER F 278 -34.39 42.86 31.60
N GLN F 279 -34.42 43.25 30.33
CA GLN F 279 -33.86 42.42 29.26
C GLN F 279 -32.40 42.74 28.97
N GLN F 280 -31.84 43.75 29.63
CA GLN F 280 -30.45 44.12 29.44
C GLN F 280 -29.50 43.48 30.44
N TYR F 281 -30.03 42.78 31.44
CA TYR F 281 -29.20 42.18 32.50
C TYR F 281 -29.18 40.66 32.42
N ARG F 282 -29.67 40.07 31.34
CA ARG F 282 -29.70 38.62 31.18
C ARG F 282 -28.84 38.22 29.99
N ALA F 283 -28.00 37.21 30.18
CA ALA F 283 -27.20 36.66 29.09
C ALA F 283 -28.04 35.65 28.31
N LEU F 284 -28.40 36.01 27.08
CA LEU F 284 -29.23 35.15 26.25
C LEU F 284 -28.41 33.95 25.79
N THR F 285 -28.70 32.78 26.35
CA THR F 285 -27.95 31.58 26.03
C THR F 285 -28.81 30.36 26.29
N VAL F 286 -28.38 29.22 25.76
CA VAL F 286 -29.17 28.00 25.86
C VAL F 286 -29.43 27.55 27.30
N PRO F 287 -28.44 27.53 28.21
CA PRO F 287 -28.72 26.99 29.56
C PRO F 287 -29.85 27.68 30.31
N GLU F 288 -30.04 28.99 30.14
CA GLU F 288 -31.13 29.66 30.83
C GLU F 288 -32.46 29.57 30.09
N LEU F 289 -32.43 29.24 28.79
CA LEU F 289 -33.66 29.06 28.04
C LEU F 289 -34.42 27.82 28.52
N THR F 290 -33.69 26.72 28.73
CA THR F 290 -34.34 25.49 29.20
C THR F 290 -34.82 25.64 30.63
N GLN F 291 -34.08 26.38 31.46
CA GLN F 291 -34.51 26.59 32.84
C GLN F 291 -35.81 27.37 32.89
N GLN F 292 -35.95 28.41 32.06
CA GLN F 292 -37.18 29.18 32.02
C GLN F 292 -38.31 28.39 31.37
N MET F 293 -37.97 27.40 30.55
CA MET F 293 -38.98 26.64 29.83
C MET F 293 -39.70 25.65 30.76
N PHE F 294 -38.94 24.97 31.62
CA PHE F 294 -39.44 23.78 32.31
C PHE F 294 -40.06 24.08 33.67
N ASP F 295 -40.07 25.32 34.12
CA ASP F 295 -40.71 25.64 35.38
C ASP F 295 -42.22 25.69 35.22
N ALA F 296 -42.93 25.37 36.30
CA ALA F 296 -44.39 25.32 36.26
C ALA F 296 -45.02 26.70 36.13
N LYS F 297 -44.27 27.76 36.43
CA LYS F 297 -44.85 29.11 36.37
C LYS F 297 -45.05 29.55 34.93
N ASN F 298 -44.11 29.23 34.05
CA ASN F 298 -44.17 29.65 32.64
C ASN F 298 -44.87 28.56 31.84
N MET F 299 -46.19 28.52 31.96
CA MET F 299 -47.00 27.58 31.20
C MET F 299 -48.34 28.21 30.87
N MET F 300 -48.77 28.06 29.61
CA MET F 300 -49.96 28.72 29.10
C MET F 300 -51.23 27.91 29.34
N ALA F 301 -51.21 26.99 30.29
CA ALA F 301 -52.39 26.20 30.66
C ALA F 301 -52.54 26.21 32.16
N ALA F 302 -53.79 26.32 32.63
CA ALA F 302 -54.09 26.36 34.06
C ALA F 302 -53.98 24.96 34.65
N CYS F 303 -52.75 24.46 34.68
CA CYS F 303 -52.46 23.13 35.19
C CYS F 303 -51.03 23.10 35.70
N ASP F 304 -50.84 22.58 36.92
CA ASP F 304 -49.52 22.49 37.50
C ASP F 304 -48.94 21.11 37.21
N PRO F 305 -47.84 21.01 36.47
CA PRO F 305 -47.30 19.68 36.14
C PRO F 305 -46.83 18.87 37.33
N ARG F 306 -46.58 19.52 38.49
CA ARG F 306 -46.11 18.78 39.65
C ARG F 306 -47.13 17.76 40.14
N HIS F 307 -48.40 17.92 39.78
CA HIS F 307 -49.42 16.92 40.11
C HIS F 307 -49.50 15.79 39.10
N GLY F 308 -48.70 15.84 38.03
CA GLY F 308 -48.72 14.80 37.03
C GLY F 308 -47.33 14.44 36.52
N ARG F 309 -47.28 13.66 35.44
CA ARG F 309 -46.02 13.23 34.85
C ARG F 309 -46.03 13.52 33.36
N TYR F 310 -44.90 14.02 32.85
CA TYR F 310 -44.76 14.31 31.43
C TYR F 310 -44.67 13.01 30.64
N LEU F 311 -45.70 12.70 29.86
CA LEU F 311 -45.67 11.50 29.03
C LEU F 311 -44.55 11.61 27.99
N THR F 312 -44.69 12.55 27.06
CA THR F 312 -43.64 12.87 26.10
C THR F 312 -43.58 14.39 25.94
N VAL F 313 -42.39 14.88 25.60
CA VAL F 313 -42.13 16.31 25.55
C VAL F 313 -41.29 16.62 24.30
N ALA F 314 -41.65 17.70 23.60
CA ALA F 314 -40.87 18.18 22.48
C ALA F 314 -40.56 19.66 22.66
N THR F 315 -39.35 20.04 22.29
CA THR F 315 -38.91 21.43 22.30
C THR F 315 -38.43 21.81 20.91
N VAL F 316 -38.90 22.94 20.40
CA VAL F 316 -38.51 23.41 19.08
C VAL F 316 -37.67 24.67 19.23
N PHE F 317 -36.35 24.50 19.26
CA PHE F 317 -35.45 25.63 19.41
C PHE F 317 -35.39 26.44 18.11
N ARG F 318 -35.00 27.70 18.25
CA ARG F 318 -34.83 28.60 17.11
C ARG F 318 -33.50 29.33 17.27
N GLY F 319 -33.18 30.14 16.28
CA GLY F 319 -31.93 30.86 16.31
C GLY F 319 -30.74 29.97 16.01
N ARG F 320 -29.55 30.53 16.21
CA ARG F 320 -28.29 29.84 16.00
C ARG F 320 -27.70 29.45 17.35
N MET F 321 -27.41 28.17 17.53
CA MET F 321 -26.94 27.65 18.80
C MET F 321 -26.04 26.45 18.56
N SER F 322 -25.19 26.15 19.54
CA SER F 322 -24.35 24.97 19.50
C SER F 322 -25.18 23.75 19.84
N MET F 323 -25.08 22.70 19.03
CA MET F 323 -25.95 21.54 19.21
C MET F 323 -25.59 20.72 20.44
N LYS F 324 -24.40 20.89 20.99
CA LYS F 324 -24.02 20.11 22.17
C LYS F 324 -24.85 20.50 23.39
N GLU F 325 -24.91 21.80 23.69
CA GLU F 325 -25.67 22.24 24.85
C GLU F 325 -27.16 22.03 24.68
N VAL F 326 -27.66 22.07 23.44
CA VAL F 326 -29.06 21.81 23.19
C VAL F 326 -29.43 20.39 23.59
N ASP F 327 -28.52 19.43 23.39
CA ASP F 327 -28.78 18.04 23.76
C ASP F 327 -28.13 17.63 25.07
N GLU F 328 -27.15 18.38 25.57
CA GLU F 328 -26.55 18.04 26.86
C GLU F 328 -27.45 18.43 28.02
N GLN F 329 -28.13 19.57 27.90
CA GLN F 329 -28.94 20.06 29.02
C GLN F 329 -30.20 19.23 29.22
N MET F 330 -30.81 18.75 28.13
CA MET F 330 -31.99 17.90 28.29
C MET F 330 -31.66 16.60 29.00
N LEU F 331 -30.43 16.12 28.86
CA LEU F 331 -29.97 15.00 29.68
C LEU F 331 -29.91 15.39 31.15
N ALA F 332 -29.38 16.59 31.44
CA ALA F 332 -29.33 17.06 32.81
C ALA F 332 -30.73 17.31 33.35
N ILE F 333 -31.62 17.87 32.54
CA ILE F 333 -33.00 18.10 32.97
C ILE F 333 -33.69 16.77 33.26
N GLN F 334 -33.53 15.80 32.36
CA GLN F 334 -34.20 14.51 32.53
C GLN F 334 -33.65 13.75 33.73
N SER F 335 -32.38 13.97 34.08
CA SER F 335 -31.79 13.25 35.21
C SER F 335 -32.24 13.86 36.54
N LYS F 336 -32.03 15.17 36.72
CA LYS F 336 -32.44 15.82 37.97
C LYS F 336 -33.96 15.78 38.12
N ASN F 337 -34.68 16.08 37.04
CA ASN F 337 -36.14 16.02 37.03
C ASN F 337 -36.60 14.65 36.53
N SER F 338 -36.28 13.63 37.33
CA SER F 338 -36.61 12.26 36.99
C SER F 338 -37.87 11.75 37.70
N SER F 339 -38.48 12.56 38.58
CA SER F 339 -39.63 12.09 39.33
C SER F 339 -40.94 12.43 38.62
N TYR F 340 -40.99 13.56 37.92
CA TYR F 340 -42.17 13.93 37.14
C TYR F 340 -42.07 13.48 35.68
N PHE F 341 -41.35 12.38 35.43
CA PHE F 341 -41.27 11.78 34.12
C PHE F 341 -41.68 10.31 34.19
N VAL F 342 -42.34 9.85 33.12
CA VAL F 342 -42.84 8.48 33.09
C VAL F 342 -41.68 7.50 32.97
N GLU F 343 -41.87 6.30 33.53
CA GLU F 343 -40.82 5.31 33.57
C GLU F 343 -40.84 4.36 32.36
N TRP F 344 -42.01 4.05 31.83
CA TRP F 344 -42.11 3.09 30.74
C TRP F 344 -41.95 3.72 29.37
N ILE F 345 -41.73 5.03 29.29
CA ILE F 345 -41.34 5.68 28.05
C ILE F 345 -39.91 6.19 28.23
N PRO F 346 -38.90 5.35 28.01
CA PRO F 346 -37.53 5.86 28.04
C PRO F 346 -37.27 6.80 26.88
N ASN F 347 -36.40 7.77 27.10
CA ASN F 347 -35.97 8.71 26.07
C ASN F 347 -37.17 9.51 25.54
N ASN F 348 -37.88 10.15 26.46
CA ASN F 348 -39.10 10.87 26.13
C ASN F 348 -38.81 12.37 25.95
N VAL F 349 -37.99 12.68 24.95
CA VAL F 349 -37.67 14.05 24.60
C VAL F 349 -37.41 14.12 23.10
N LYS F 350 -38.09 15.03 22.41
CA LYS F 350 -37.86 15.30 21.00
C LYS F 350 -37.37 16.73 20.86
N VAL F 351 -36.28 16.93 20.14
CA VAL F 351 -35.65 18.24 20.01
C VAL F 351 -35.42 18.54 18.54
N ALA F 352 -35.77 19.75 18.13
CA ALA F 352 -35.53 20.23 16.78
C ALA F 352 -34.91 21.63 16.84
N VAL F 353 -34.09 21.94 15.85
CA VAL F 353 -33.35 23.21 15.81
C VAL F 353 -33.57 23.86 14.44
N CYS F 354 -33.93 25.14 14.45
CA CYS F 354 -34.02 25.94 13.25
C CYS F 354 -32.80 26.84 13.15
N ASP F 355 -32.77 27.69 12.13
CA ASP F 355 -31.63 28.57 11.89
C ASP F 355 -32.00 30.04 11.79
N ILE F 356 -33.28 30.39 11.79
CA ILE F 356 -33.71 31.78 11.69
C ILE F 356 -34.30 32.20 13.04
N PRO F 357 -33.64 33.08 13.78
CA PRO F 357 -34.19 33.54 15.05
C PRO F 357 -35.39 34.44 14.83
N PRO F 358 -36.28 34.57 15.82
CA PRO F 358 -37.41 35.49 15.68
C PRO F 358 -36.94 36.94 15.64
N ARG F 359 -37.85 37.80 15.20
CA ARG F 359 -37.52 39.21 15.02
C ARG F 359 -37.14 39.85 16.35
N GLY F 360 -36.02 40.57 16.36
CA GLY F 360 -35.56 41.23 17.56
C GLY F 360 -35.16 40.31 18.69
N LEU F 361 -34.52 39.20 18.39
CA LEU F 361 -34.09 38.25 19.41
C LEU F 361 -32.94 37.43 18.86
N LYS F 362 -31.95 37.16 19.72
CA LYS F 362 -30.82 36.32 19.32
C LYS F 362 -31.24 34.86 19.19
N MET F 363 -31.99 34.35 20.16
CA MET F 363 -32.46 32.98 20.12
C MET F 363 -33.72 32.88 20.96
N SER F 364 -34.53 31.87 20.67
CA SER F 364 -35.79 31.64 21.37
C SER F 364 -36.06 30.15 21.39
N SER F 365 -37.25 29.77 21.85
CA SER F 365 -37.62 28.36 21.96
C SER F 365 -39.13 28.25 22.06
N THR F 366 -39.62 27.02 21.86
CA THR F 366 -41.02 26.69 22.02
C THR F 366 -41.12 25.30 22.62
N PHE F 367 -41.99 25.14 23.62
CA PHE F 367 -42.08 23.91 24.40
C PHE F 367 -43.49 23.36 24.31
N ILE F 368 -43.61 22.11 23.85
CA ILE F 368 -44.88 21.42 23.76
C ILE F 368 -44.77 20.14 24.59
N GLY F 369 -45.65 19.99 25.57
CA GLY F 369 -45.58 18.84 26.45
C GLY F 369 -46.90 18.14 26.67
N ASN F 370 -46.98 16.86 26.31
CA ASN F 370 -48.16 16.05 26.58
C ASN F 370 -48.04 15.53 28.00
N SER F 371 -48.68 16.22 28.94
CA SER F 371 -48.56 15.92 30.36
C SER F 371 -49.83 15.29 30.89
N THR F 372 -49.70 14.63 32.04
CA THR F 372 -50.84 14.01 32.71
C THR F 372 -51.70 15.04 33.43
N ALA F 373 -51.14 16.22 33.77
CA ALA F 373 -51.87 17.20 34.56
C ALA F 373 -53.12 17.71 33.86
N ILE F 374 -53.23 17.52 32.54
CA ILE F 374 -54.45 17.87 31.83
C ILE F 374 -55.65 17.11 32.38
N GLN F 375 -55.41 15.94 32.99
CA GLN F 375 -56.48 15.16 33.59
C GLN F 375 -57.35 15.98 34.53
N GLU F 376 -56.73 16.82 35.36
CA GLU F 376 -57.48 17.59 36.34
C GLU F 376 -58.34 18.67 35.70
N LEU F 377 -58.03 19.10 34.47
CA LEU F 377 -58.84 20.10 33.80
C LEU F 377 -60.15 19.49 33.29
N PHE F 378 -60.09 18.26 32.77
CA PHE F 378 -61.32 17.59 32.35
C PHE F 378 -62.17 17.18 33.55
N LYS F 379 -61.52 16.86 34.68
CA LYS F 379 -62.27 16.48 35.88
C LYS F 379 -63.13 17.64 36.38
N ARG F 380 -62.57 18.86 36.35
CA ARG F 380 -63.34 20.02 36.78
C ARG F 380 -64.53 20.28 35.87
N ILE F 381 -64.33 20.18 34.55
CA ILE F 381 -65.42 20.44 33.61
C ILE F 381 -66.52 19.41 33.77
N SER F 382 -66.15 18.14 33.89
CA SER F 382 -67.15 17.09 34.08
C SER F 382 -67.88 17.24 35.41
N GLU F 383 -67.22 17.82 36.41
CA GLU F 383 -67.88 18.06 37.70
C GLU F 383 -68.97 19.11 37.57
N GLN F 384 -68.66 20.24 36.93
CA GLN F 384 -69.65 21.30 36.76
C GLN F 384 -70.81 20.85 35.88
N PHE F 385 -70.51 20.11 34.81
CA PHE F 385 -71.57 19.67 33.91
C PHE F 385 -72.55 18.73 34.61
N THR F 386 -72.03 17.80 35.42
CA THR F 386 -72.91 16.85 36.10
C THR F 386 -73.85 17.55 37.07
N ALA F 387 -73.33 18.51 37.85
CA ALA F 387 -74.18 19.22 38.80
C ALA F 387 -75.23 20.05 38.09
N MET F 388 -74.86 20.69 36.98
CA MET F 388 -75.81 21.54 36.25
C MET F 388 -76.82 20.72 35.46
N PHE F 389 -76.47 19.48 35.09
CA PHE F 389 -77.36 18.65 34.30
C PHE F 389 -78.34 17.86 35.15
N ARG F 390 -77.99 17.55 36.40
CA ARG F 390 -78.91 16.83 37.28
C ARG F 390 -80.17 17.66 37.54
N ARG F 391 -79.99 18.96 37.79
CA ARG F 391 -81.13 19.84 38.01
C ARG F 391 -81.86 20.19 36.72
N LYS F 392 -81.32 19.79 35.56
CA LYS F 392 -81.91 20.09 34.26
C LYS F 392 -82.07 21.60 34.06
N ALA F 393 -80.96 22.31 34.22
CA ALA F 393 -80.93 23.76 34.11
C ALA F 393 -80.32 24.18 32.78
N PHE F 394 -80.89 25.23 32.20
CA PHE F 394 -80.40 25.92 31.01
C PHE F 394 -80.53 25.10 29.73
N LEU F 395 -81.00 23.86 29.79
CA LEU F 395 -81.14 23.02 28.61
C LEU F 395 -82.55 23.04 28.03
N HIS F 396 -83.44 23.86 28.58
CA HIS F 396 -84.82 23.89 28.10
C HIS F 396 -84.93 24.37 26.65
N TRP F 397 -83.89 25.02 26.12
CA TRP F 397 -83.84 25.36 24.71
C TRP F 397 -82.73 24.64 23.95
N TYR F 398 -81.84 23.93 24.62
CA TYR F 398 -80.95 23.00 23.92
C TYR F 398 -81.76 21.89 23.26
N THR F 399 -82.74 21.34 23.98
CA THR F 399 -83.63 20.34 23.40
C THR F 399 -84.59 20.94 22.39
N GLY F 400 -84.86 22.24 22.48
CA GLY F 400 -85.77 22.92 21.58
C GLY F 400 -85.18 23.32 20.25
N GLU F 401 -83.91 22.99 19.99
CA GLU F 401 -83.25 23.34 18.74
C GLU F 401 -82.78 22.09 17.99
N GLY F 402 -83.44 20.96 18.23
CA GLY F 402 -83.16 19.72 17.54
C GLY F 402 -82.42 18.69 18.37
N MET F 403 -81.80 19.10 19.48
CA MET F 403 -81.07 18.15 20.31
C MET F 403 -82.01 17.46 21.28
N ASP F 404 -81.44 16.64 22.17
CA ASP F 404 -82.24 15.88 23.12
C ASP F 404 -81.35 15.50 24.30
N GLU F 405 -82.01 15.04 25.37
CA GLU F 405 -81.28 14.61 26.56
C GLU F 405 -80.41 13.40 26.27
N MET F 406 -80.78 12.61 25.26
CA MET F 406 -80.01 11.42 24.91
C MET F 406 -78.59 11.81 24.49
N GLU F 407 -78.47 12.90 23.72
CA GLU F 407 -77.15 13.35 23.28
C GLU F 407 -76.24 13.69 24.46
N PHE F 408 -76.80 14.33 25.48
CA PHE F 408 -75.98 14.69 26.64
C PHE F 408 -75.50 13.47 27.42
N THR F 409 -76.18 12.34 27.30
CA THR F 409 -75.77 11.15 28.04
C THR F 409 -74.43 10.63 27.56
N GLU F 410 -74.22 10.60 26.24
CA GLU F 410 -72.96 10.08 25.70
C GLU F 410 -71.81 11.05 25.95
N ALA F 411 -72.07 12.36 25.85
CA ALA F 411 -70.99 13.34 25.97
C ALA F 411 -70.36 13.29 27.36
N GLU F 412 -71.18 13.17 28.40
CA GLU F 412 -70.63 13.09 29.75
C GLU F 412 -69.95 11.75 30.00
N SER F 413 -70.56 10.66 29.49
CA SER F 413 -69.95 9.34 29.64
C SER F 413 -68.62 9.26 28.91
N ASN F 414 -68.55 9.81 27.69
CA ASN F 414 -67.30 9.81 26.94
C ASN F 414 -66.24 10.67 27.63
N MET F 415 -66.64 11.81 28.19
CA MET F 415 -65.70 12.64 28.94
C MET F 415 -65.16 11.89 30.15
N ASN F 416 -66.04 11.24 30.91
CA ASN F 416 -65.58 10.51 32.10
C ASN F 416 -64.74 9.29 31.72
N ASP F 417 -65.01 8.69 30.56
CA ASP F 417 -64.20 7.57 30.09
C ASP F 417 -62.78 8.02 29.78
N LEU F 418 -62.62 9.20 29.17
CA LEU F 418 -61.31 9.68 28.79
C LEU F 418 -60.44 9.92 30.02
N VAL F 419 -61.02 10.49 31.09
CA VAL F 419 -60.26 10.75 32.30
C VAL F 419 -59.80 9.45 32.94
N SER F 420 -60.60 8.39 32.85
CA SER F 420 -60.21 7.11 33.43
C SER F 420 -58.97 6.56 32.74
N GLU F 421 -58.91 6.64 31.41
CA GLU F 421 -57.71 6.20 30.70
C GLU F 421 -56.53 7.12 30.98
N TYR F 422 -56.79 8.43 31.08
CA TYR F 422 -55.70 9.38 31.30
C TYR F 422 -55.08 9.19 32.68
N GLN F 423 -55.90 8.88 33.69
CA GLN F 423 -55.39 8.60 35.02
C GLN F 423 -54.70 7.24 35.09
N GLN F 424 -55.27 6.25 34.40
CA GLN F 424 -54.76 4.88 34.54
C GLN F 424 -53.33 4.75 34.04
N TYR F 425 -52.92 5.61 33.11
CA TYR F 425 -51.58 5.56 32.56
C TYR F 425 -50.56 6.33 33.40
N GLN F 426 -51.01 7.16 34.34
CA GLN F 426 -50.08 7.88 35.19
C GLN F 426 -49.47 6.96 36.24
N ASP F 427 -50.28 6.10 36.85
CA ASP F 427 -49.80 5.17 37.87
C ASP F 427 -49.42 3.81 37.30
N ALA F 428 -49.57 3.60 35.99
CA ALA F 428 -49.20 2.33 35.38
C ALA F 428 -47.69 2.14 35.41
N THR F 429 -47.28 0.88 35.57
CA THR F 429 -45.86 0.54 35.61
C THR F 429 -45.51 -0.49 34.55
N MET G 1 -28.68 16.18 -57.39
CA MET G 1 -28.86 15.43 -58.63
C MET G 1 -30.10 14.56 -58.48
N ARG G 2 -30.26 13.99 -57.29
CA ARG G 2 -31.43 13.18 -56.95
C ARG G 2 -32.42 14.02 -56.18
N GLU G 3 -33.67 14.06 -56.67
CA GLU G 3 -34.67 14.99 -56.19
C GLU G 3 -35.76 14.28 -55.39
N CYS G 4 -36.34 15.02 -54.45
CA CYS G 4 -37.51 14.59 -53.70
C CYS G 4 -38.31 15.81 -53.32
N ILE G 5 -39.62 15.77 -53.51
CA ILE G 5 -40.50 16.89 -53.22
C ILE G 5 -41.41 16.54 -52.06
N SER G 6 -41.87 17.58 -51.36
CA SER G 6 -42.66 17.42 -50.15
C SER G 6 -44.00 18.12 -50.32
N ILE G 7 -45.06 17.46 -49.84
CA ILE G 7 -46.42 17.98 -49.91
C ILE G 7 -46.95 18.10 -48.48
N HIS G 8 -47.50 19.28 -48.16
CA HIS G 8 -48.07 19.53 -46.84
C HIS G 8 -49.55 19.85 -47.01
N VAL G 9 -50.40 19.07 -46.35
CA VAL G 9 -51.84 19.27 -46.40
C VAL G 9 -52.35 19.51 -44.98
N GLY G 10 -53.46 20.24 -44.88
CA GLY G 10 -54.05 20.52 -43.60
C GLY G 10 -53.28 21.54 -42.81
N GLN G 11 -53.78 21.84 -41.61
CA GLN G 11 -53.10 22.78 -40.73
C GLN G 11 -51.89 22.15 -40.07
N ALA G 12 -51.98 20.87 -39.70
CA ALA G 12 -50.85 20.19 -39.07
C ALA G 12 -49.66 20.12 -40.01
N GLY G 13 -49.89 19.79 -41.28
CA GLY G 13 -48.80 19.70 -42.22
C GLY G 13 -48.14 21.04 -42.49
N VAL G 14 -48.94 22.09 -42.65
CA VAL G 14 -48.39 23.42 -42.92
C VAL G 14 -47.62 23.92 -41.71
N GLN G 15 -48.16 23.74 -40.50
CA GLN G 15 -47.48 24.21 -39.31
C GLN G 15 -46.18 23.45 -39.07
N ILE G 16 -46.20 22.13 -39.29
CA ILE G 16 -44.98 21.35 -39.16
C ILE G 16 -43.98 21.73 -40.25
N GLY G 17 -44.46 21.86 -41.49
CA GLY G 17 -43.58 22.23 -42.57
C GLY G 17 -43.00 23.63 -42.42
N ASN G 18 -43.74 24.52 -41.74
CA ASN G 18 -43.21 25.85 -41.48
C ASN G 18 -41.97 25.79 -40.59
N ALA G 19 -41.95 24.87 -39.63
CA ALA G 19 -40.79 24.69 -38.78
C ALA G 19 -39.74 23.80 -39.43
N CYS G 20 -40.15 22.92 -40.34
CA CYS G 20 -39.19 22.04 -41.00
C CYS G 20 -38.34 22.80 -42.00
N TRP G 21 -38.97 23.67 -42.81
CA TRP G 21 -38.22 24.42 -43.80
C TRP G 21 -37.37 25.52 -43.19
N GLU G 22 -37.65 25.91 -41.95
CA GLU G 22 -36.74 26.79 -41.23
C GLU G 22 -35.43 26.08 -40.91
N LEU G 23 -35.49 24.76 -40.68
CA LEU G 23 -34.30 23.99 -40.34
C LEU G 23 -33.41 23.77 -41.55
N TYR G 24 -34.01 23.49 -42.72
CA TYR G 24 -33.22 23.23 -43.92
C TYR G 24 -32.42 24.46 -44.33
N CYS G 25 -33.03 25.64 -44.29
CA CYS G 25 -32.30 26.85 -44.63
C CYS G 25 -31.15 27.10 -43.67
N LEU G 26 -31.26 26.61 -42.44
CA LEU G 26 -30.17 26.75 -41.48
C LEU G 26 -29.03 25.78 -41.80
N GLU G 27 -29.36 24.54 -42.17
CA GLU G 27 -28.34 23.53 -42.42
C GLU G 27 -27.47 23.90 -43.62
N HIS G 28 -28.09 24.40 -44.68
CA HIS G 28 -27.38 24.75 -45.91
C HIS G 28 -26.95 26.21 -45.96
N GLY G 29 -27.18 26.96 -44.88
CA GLY G 29 -26.81 28.37 -44.86
C GLY G 29 -27.61 29.22 -45.83
N ILE G 30 -28.91 29.03 -45.89
CA ILE G 30 -29.78 29.77 -46.80
C ILE G 30 -30.48 30.86 -46.01
N GLN G 31 -30.34 32.11 -46.46
CA GLN G 31 -31.01 33.22 -45.82
C GLN G 31 -32.53 33.14 -46.08
N PRO G 32 -33.34 33.78 -45.23
CA PRO G 32 -34.79 33.72 -45.43
C PRO G 32 -35.24 34.25 -46.78
N ASP G 33 -34.55 35.24 -47.34
CA ASP G 33 -34.91 35.79 -48.64
C ASP G 33 -34.51 34.89 -49.80
N GLY G 34 -33.77 33.80 -49.54
CA GLY G 34 -33.39 32.86 -50.57
C GLY G 34 -31.96 32.96 -51.03
N GLN G 35 -31.28 34.07 -50.73
CA GLN G 35 -29.90 34.25 -51.13
C GLN G 35 -28.97 33.42 -50.23
N MET G 36 -27.67 33.48 -50.53
CA MET G 36 -26.66 32.81 -49.73
C MET G 36 -25.55 33.79 -49.40
N PRO G 37 -24.91 33.65 -48.22
CA PRO G 37 -23.82 34.53 -47.80
C PRO G 37 -22.58 34.39 -48.68
N HIS G 43 -17.00 16.34 -43.63
CA HIS G 43 -18.13 17.03 -43.03
C HIS G 43 -18.59 18.20 -43.90
N HIS G 44 -17.85 19.30 -43.83
CA HIS G 44 -18.18 20.51 -44.58
C HIS G 44 -17.53 20.48 -45.96
N HIS G 45 -18.17 21.17 -46.90
CA HIS G 45 -17.67 21.24 -48.28
C HIS G 45 -17.98 22.59 -48.91
N ASP G 59 -24.86 18.69 -55.71
CA ASP G 59 -24.56 19.52 -54.56
C ASP G 59 -25.46 19.14 -53.37
N SER G 60 -25.33 19.89 -52.28
CA SER G 60 -26.11 19.58 -51.08
C SER G 60 -27.53 20.12 -51.19
N PHE G 61 -27.67 21.43 -51.39
CA PHE G 61 -28.99 22.06 -51.44
C PHE G 61 -29.79 21.68 -52.67
N ASN G 62 -29.17 21.06 -53.68
CA ASN G 62 -29.86 20.81 -54.94
C ASN G 62 -31.02 19.85 -54.77
N THR G 63 -30.90 18.87 -53.86
CA THR G 63 -31.94 17.85 -53.74
C THR G 63 -33.24 18.44 -53.19
N PHE G 64 -33.17 19.51 -52.41
CA PHE G 64 -34.35 20.15 -51.85
C PHE G 64 -34.63 21.53 -52.42
N PHE G 65 -33.60 22.29 -52.76
CA PHE G 65 -33.75 23.65 -53.26
C PHE G 65 -33.45 23.67 -54.75
N SER G 66 -34.34 24.24 -55.54
CA SER G 66 -34.17 24.37 -56.98
C SER G 66 -33.66 25.78 -57.27
N GLU G 67 -32.37 25.89 -57.59
CA GLU G 67 -31.75 27.18 -57.84
C GLU G 67 -32.24 27.78 -59.15
N THR G 68 -32.57 29.07 -59.11
CA THR G 68 -33.05 29.80 -60.27
C THR G 68 -31.87 30.49 -60.97
N GLY G 69 -32.16 31.38 -61.92
CA GLY G 69 -31.11 32.05 -62.65
C GLY G 69 -30.20 32.87 -61.74
N ALA G 70 -30.80 33.61 -60.81
CA ALA G 70 -30.04 34.36 -59.82
C ALA G 70 -29.61 33.44 -58.69
N GLY G 71 -29.12 34.00 -57.60
CA GLY G 71 -28.71 33.21 -56.46
C GLY G 71 -29.85 32.69 -55.59
N LYS G 72 -31.09 33.04 -55.92
CA LYS G 72 -32.23 32.60 -55.13
C LYS G 72 -32.44 31.09 -55.28
N HIS G 73 -32.73 30.43 -54.16
CA HIS G 73 -33.14 29.03 -54.16
C HIS G 73 -34.55 28.94 -53.62
N VAL G 74 -35.45 28.31 -54.37
CA VAL G 74 -36.83 28.16 -53.93
C VAL G 74 -37.07 26.70 -53.54
N PRO G 75 -37.80 26.44 -52.47
CA PRO G 75 -38.01 25.06 -52.03
C PRO G 75 -38.93 24.29 -52.97
N ARG G 76 -38.79 22.97 -52.92
CA ARG G 76 -39.66 22.06 -53.68
C ARG G 76 -40.84 21.62 -52.81
N ALA G 77 -41.59 22.60 -52.33
CA ALA G 77 -42.71 22.36 -51.43
C ALA G 77 -44.00 22.85 -52.04
N VAL G 78 -45.09 22.13 -51.74
CA VAL G 78 -46.43 22.45 -52.24
C VAL G 78 -47.34 22.55 -51.02
N PHE G 79 -47.54 23.75 -50.51
CA PHE G 79 -48.44 23.97 -49.39
C PHE G 79 -49.86 24.09 -49.92
N VAL G 80 -50.73 23.18 -49.50
CA VAL G 80 -52.12 23.17 -49.94
C VAL G 80 -53.03 23.03 -48.74
N ASP G 81 -54.06 23.87 -48.69
CA ASP G 81 -55.08 23.81 -47.65
C ASP G 81 -56.37 24.37 -48.21
N LEU G 82 -57.48 24.01 -47.57
CA LEU G 82 -58.79 24.52 -47.98
C LEU G 82 -59.13 25.84 -47.29
N GLU G 83 -59.00 25.88 -45.96
CA GLU G 83 -59.24 27.12 -45.24
C GLU G 83 -58.01 28.03 -45.34
N PRO G 84 -58.19 29.30 -45.72
CA PRO G 84 -57.04 30.18 -45.96
C PRO G 84 -56.45 30.86 -44.73
N THR G 85 -56.84 30.46 -43.52
CA THR G 85 -56.34 31.16 -42.34
C THR G 85 -54.86 30.90 -42.09
N VAL G 86 -54.47 29.62 -42.13
CA VAL G 86 -53.10 29.27 -41.73
C VAL G 86 -52.10 29.67 -42.82
N ILE G 87 -52.45 29.45 -44.09
CA ILE G 87 -51.52 29.76 -45.17
C ILE G 87 -51.27 31.25 -45.25
N ASP G 88 -52.28 32.07 -44.97
CA ASP G 88 -52.09 33.52 -44.98
C ASP G 88 -51.07 33.97 -43.95
N GLU G 89 -50.80 33.17 -42.93
CA GLU G 89 -49.73 33.49 -41.99
C GLU G 89 -48.37 33.29 -42.64
N VAL G 90 -48.24 32.26 -43.48
CA VAL G 90 -46.98 32.01 -44.18
C VAL G 90 -46.68 33.14 -45.15
N ARG G 91 -47.70 33.61 -45.89
CA ARG G 91 -47.49 34.69 -46.84
C ARG G 91 -47.02 35.96 -46.14
N THR G 92 -47.43 36.16 -44.89
CA THR G 92 -47.09 37.37 -44.15
C THR G 92 -45.86 37.19 -43.28
N GLY G 93 -45.60 35.99 -42.79
CA GLY G 93 -44.49 35.74 -41.88
C GLY G 93 -43.11 36.01 -42.46
N THR G 94 -42.07 35.74 -41.66
CA THR G 94 -40.71 36.06 -42.07
C THR G 94 -40.25 35.26 -43.28
N TYR G 95 -40.83 34.10 -43.53
CA TYR G 95 -40.50 33.31 -44.71
C TYR G 95 -41.49 33.60 -45.84
N ARG G 96 -41.55 34.88 -46.21
CA ARG G 96 -42.47 35.35 -47.23
C ARG G 96 -41.87 35.31 -48.62
N GLN G 97 -40.63 35.75 -48.78
CA GLN G 97 -39.98 35.80 -50.08
C GLN G 97 -39.30 34.48 -50.46
N LEU G 98 -39.31 33.48 -49.58
CA LEU G 98 -38.66 32.22 -49.88
C LEU G 98 -39.50 31.35 -50.79
N PHE G 99 -40.74 31.07 -50.39
CA PHE G 99 -41.58 30.13 -51.12
C PHE G 99 -42.00 30.73 -52.47
N HIS G 100 -42.26 29.85 -53.43
CA HIS G 100 -42.82 30.27 -54.70
C HIS G 100 -44.24 30.76 -54.47
N PRO G 101 -44.60 31.95 -54.97
CA PRO G 101 -45.93 32.50 -54.67
C PRO G 101 -47.08 31.62 -55.14
N GLU G 102 -46.91 30.90 -56.25
CA GLU G 102 -47.99 30.08 -56.76
C GLU G 102 -48.17 28.79 -55.97
N GLN G 103 -47.09 28.25 -55.41
CA GLN G 103 -47.16 26.94 -54.77
C GLN G 103 -48.12 26.92 -53.59
N LEU G 104 -48.30 28.05 -52.93
CA LEU G 104 -49.22 28.13 -51.79
C LEU G 104 -50.65 28.12 -52.32
N ILE G 105 -51.27 26.95 -52.36
CA ILE G 105 -52.60 26.76 -52.89
C ILE G 105 -53.60 26.81 -51.73
N THR G 106 -54.64 27.62 -51.89
CA THR G 106 -55.66 27.79 -50.87
C THR G 106 -57.04 27.74 -51.50
N GLY G 107 -58.02 27.35 -50.70
CA GLY G 107 -59.41 27.27 -51.12
C GLY G 107 -60.25 28.38 -50.53
N LYS G 108 -61.51 28.07 -50.24
CA LYS G 108 -62.45 29.03 -49.68
C LYS G 108 -62.96 28.64 -48.31
N GLU G 109 -63.39 27.39 -48.13
CA GLU G 109 -63.91 26.91 -46.86
C GLU G 109 -63.26 25.57 -46.51
N ASP G 110 -63.14 25.32 -45.21
CA ASP G 110 -62.48 24.13 -44.72
C ASP G 110 -63.39 22.91 -44.84
N ALA G 111 -62.82 21.74 -44.57
CA ALA G 111 -63.59 20.50 -44.55
C ALA G 111 -64.39 20.32 -43.28
N ALA G 112 -64.13 21.13 -42.25
CA ALA G 112 -64.90 21.14 -41.01
C ALA G 112 -64.92 19.77 -40.34
N ASN G 113 -63.73 19.17 -40.21
CA ASN G 113 -63.55 17.89 -39.55
C ASN G 113 -64.42 16.79 -40.15
N ASN G 114 -64.82 16.93 -41.41
CA ASN G 114 -65.67 15.97 -42.09
C ASN G 114 -64.87 15.30 -43.19
N TYR G 115 -64.79 13.97 -43.14
CA TYR G 115 -64.05 13.23 -44.16
C TYR G 115 -64.72 13.37 -45.52
N ALA G 116 -66.05 13.32 -45.55
CA ALA G 116 -66.78 13.40 -46.82
C ALA G 116 -66.57 14.76 -47.49
N ARG G 117 -66.56 15.83 -46.70
CA ARG G 117 -66.44 17.17 -47.27
C ARG G 117 -65.08 17.35 -47.95
N GLY G 118 -64.02 16.83 -47.34
CA GLY G 118 -62.68 16.95 -47.89
C GLY G 118 -62.28 15.86 -48.86
N HIS G 119 -63.19 14.97 -49.25
CA HIS G 119 -62.88 13.89 -50.17
C HIS G 119 -63.87 13.75 -51.31
N TYR G 120 -65.11 14.23 -51.16
CA TYR G 120 -66.12 14.08 -52.19
C TYR G 120 -66.70 15.38 -52.71
N THR G 121 -66.80 16.42 -51.86
CA THR G 121 -67.51 17.64 -52.23
C THR G 121 -66.57 18.83 -52.43
N ILE G 122 -65.74 19.15 -51.44
CA ILE G 122 -64.91 20.34 -51.53
C ILE G 122 -63.53 20.02 -52.11
N GLY G 123 -62.96 18.87 -51.73
CA GLY G 123 -61.66 18.50 -52.24
C GLY G 123 -61.63 18.28 -53.74
N LYS G 124 -62.72 17.78 -54.31
CA LYS G 124 -62.77 17.50 -55.73
C LYS G 124 -62.64 18.76 -56.58
N GLU G 125 -63.04 19.92 -56.07
CA GLU G 125 -62.97 21.16 -56.82
C GLU G 125 -61.58 21.76 -56.86
N ILE G 126 -60.65 21.24 -56.06
CA ILE G 126 -59.29 21.80 -55.99
C ILE G 126 -58.23 20.77 -56.35
N ILE G 127 -58.58 19.49 -56.48
CA ILE G 127 -57.58 18.45 -56.72
C ILE G 127 -56.92 18.63 -58.08
N ASP G 128 -57.61 19.24 -59.04
CA ASP G 128 -57.04 19.42 -60.36
C ASP G 128 -55.96 20.50 -60.37
N LEU G 129 -56.09 21.52 -59.52
CA LEU G 129 -55.08 22.57 -59.45
C LEU G 129 -53.80 22.04 -58.79
N VAL G 130 -53.94 21.20 -57.77
CA VAL G 130 -52.78 20.69 -57.05
C VAL G 130 -51.95 19.77 -57.95
N LEU G 131 -52.63 18.87 -58.68
CA LEU G 131 -51.92 17.94 -59.55
C LEU G 131 -51.16 18.66 -60.66
N ASP G 132 -51.68 19.81 -61.10
CA ASP G 132 -50.97 20.57 -62.13
C ASP G 132 -49.63 21.09 -61.62
N ARG G 133 -49.59 21.58 -60.38
CA ARG G 133 -48.33 22.07 -59.82
C ARG G 133 -47.39 20.92 -59.47
N ILE G 134 -47.92 19.78 -59.05
CA ILE G 134 -47.08 18.61 -58.79
C ILE G 134 -46.41 18.14 -60.07
N ARG G 135 -47.18 18.08 -61.16
CA ARG G 135 -46.62 17.65 -62.44
C ARG G 135 -45.59 18.64 -62.97
N LYS G 136 -45.79 19.93 -62.72
CA LYS G 136 -44.82 20.93 -63.17
C LYS G 136 -43.52 20.84 -62.40
N LEU G 137 -43.58 20.46 -61.12
CA LEU G 137 -42.35 20.30 -60.33
C LEU G 137 -41.59 19.05 -60.72
N ALA G 138 -42.30 17.95 -61.00
CA ALA G 138 -41.64 16.70 -61.34
C ALA G 138 -40.91 16.81 -62.67
N ASP G 139 -41.51 17.48 -63.66
CA ASP G 139 -40.88 17.60 -64.97
C ASP G 139 -39.64 18.47 -64.92
N GLN G 140 -39.64 19.51 -64.07
CA GLN G 140 -38.47 20.36 -63.93
C GLN G 140 -37.26 19.62 -63.38
N CYS G 141 -37.48 18.59 -62.58
CA CYS G 141 -36.41 17.81 -61.98
C CYS G 141 -36.15 16.55 -62.81
N THR G 142 -34.96 15.98 -62.60
CA THR G 142 -34.49 14.84 -63.39
C THR G 142 -34.40 13.55 -62.61
N GLY G 143 -33.98 13.60 -61.35
CA GLY G 143 -33.73 12.40 -60.57
C GLY G 143 -34.69 12.20 -59.42
N LEU G 144 -35.98 12.42 -59.67
CA LEU G 144 -36.99 12.35 -58.62
C LEU G 144 -36.98 10.98 -57.94
N GLN G 145 -36.93 10.99 -56.61
CA GLN G 145 -36.97 9.77 -55.81
C GLN G 145 -38.39 9.45 -55.34
N GLY G 146 -39.01 10.36 -54.62
CA GLY G 146 -40.34 10.11 -54.08
C GLY G 146 -40.89 11.35 -53.41
N PHE G 147 -42.07 11.18 -52.82
CA PHE G 147 -42.80 12.27 -52.19
C PHE G 147 -42.85 12.07 -50.68
N LEU G 148 -42.72 13.18 -49.95
CA LEU G 148 -42.90 13.19 -48.50
C LEU G 148 -44.16 13.99 -48.19
N VAL G 149 -45.09 13.36 -47.47
CA VAL G 149 -46.39 13.95 -47.19
C VAL G 149 -46.53 14.13 -45.69
N PHE G 150 -46.81 15.36 -45.26
CA PHE G 150 -47.02 15.71 -43.86
C PHE G 150 -48.50 15.97 -43.67
N HIS G 151 -49.20 15.05 -43.02
CA HIS G 151 -50.64 15.18 -42.80
C HIS G 151 -51.01 14.60 -41.45
N SER G 152 -52.12 15.08 -40.91
CA SER G 152 -52.65 14.58 -39.65
C SER G 152 -53.64 13.45 -39.92
N PHE G 153 -54.36 13.02 -38.88
CA PHE G 153 -55.32 11.94 -39.00
C PHE G 153 -56.73 12.34 -38.60
N GLY G 154 -56.88 13.18 -37.56
CA GLY G 154 -58.20 13.57 -37.11
C GLY G 154 -58.82 14.72 -37.85
N GLY G 155 -58.07 15.36 -38.75
CA GLY G 155 -58.57 16.50 -39.47
C GLY G 155 -59.48 16.10 -40.63
N GLY G 156 -60.03 17.14 -41.27
CA GLY G 156 -60.89 16.92 -42.42
C GLY G 156 -60.15 17.01 -43.74
N THR G 157 -59.39 18.10 -43.92
CA THR G 157 -58.58 18.26 -45.12
C THR G 157 -57.18 17.69 -44.99
N GLY G 158 -56.81 17.24 -43.78
CA GLY G 158 -55.56 16.52 -43.60
C GLY G 158 -55.70 15.01 -43.64
N SER G 159 -56.93 14.53 -43.68
CA SER G 159 -57.23 13.09 -43.71
C SER G 159 -58.11 12.71 -44.89
N GLY G 160 -59.05 13.57 -45.27
CA GLY G 160 -59.91 13.29 -46.40
C GLY G 160 -59.34 13.77 -47.72
N PHE G 161 -58.40 14.71 -47.67
CA PHE G 161 -57.78 15.23 -48.88
C PHE G 161 -56.48 14.51 -49.23
N THR G 162 -55.65 14.22 -48.22
CA THR G 162 -54.44 13.45 -48.47
C THR G 162 -54.75 12.02 -48.90
N SER G 163 -55.96 11.54 -48.63
CA SER G 163 -56.40 10.27 -49.19
C SER G 163 -56.73 10.39 -50.66
N LEU G 164 -57.20 11.56 -51.10
CA LEU G 164 -57.43 11.80 -52.52
C LEU G 164 -56.13 11.98 -53.28
N LEU G 165 -55.12 12.59 -52.65
CA LEU G 165 -53.83 12.76 -53.30
C LEU G 165 -53.16 11.43 -53.59
N MET G 166 -53.27 10.47 -52.67
CA MET G 166 -52.63 9.17 -52.87
C MET G 166 -53.22 8.44 -54.07
N GLU G 167 -54.53 8.50 -54.25
CA GLU G 167 -55.16 7.85 -55.40
C GLU G 167 -54.72 8.48 -56.72
N ARG G 168 -54.44 9.78 -56.71
CA ARG G 168 -54.01 10.47 -57.92
C ARG G 168 -52.51 10.34 -58.18
N LEU G 169 -51.70 10.48 -57.14
CA LEU G 169 -50.25 10.38 -57.31
C LEU G 169 -49.84 8.96 -57.71
N SER G 170 -50.46 7.95 -57.11
CA SER G 170 -50.11 6.57 -57.41
C SER G 170 -50.51 6.16 -58.83
N VAL G 171 -51.32 6.95 -59.52
CA VAL G 171 -51.70 6.65 -60.89
C VAL G 171 -50.79 7.34 -61.89
N ASP G 172 -50.53 8.64 -61.68
CA ASP G 172 -49.62 9.36 -62.57
C ASP G 172 -48.21 8.79 -62.49
N TYR G 173 -47.73 8.50 -61.30
CA TYR G 173 -46.42 7.89 -61.08
C TYR G 173 -46.63 6.51 -60.48
N GLY G 174 -46.25 5.48 -61.23
CA GLY G 174 -46.54 4.10 -60.86
C GLY G 174 -45.89 3.63 -59.57
N LYS G 175 -44.57 3.51 -59.57
CA LYS G 175 -43.82 2.95 -58.45
C LYS G 175 -42.78 3.96 -57.98
N LYS G 176 -43.16 4.75 -56.97
CA LYS G 176 -42.25 5.69 -56.34
C LYS G 176 -42.43 5.62 -54.83
N SER G 177 -41.38 5.99 -54.10
CA SER G 177 -41.45 6.02 -52.65
C SER G 177 -42.45 7.09 -52.20
N LYS G 178 -43.29 6.73 -51.25
CA LYS G 178 -44.32 7.65 -50.72
C LYS G 178 -44.30 7.51 -49.19
N LEU G 179 -43.50 8.37 -48.54
CA LEU G 179 -43.38 8.35 -47.10
C LEU G 179 -44.32 9.36 -46.48
N GLU G 180 -45.07 8.92 -45.48
CA GLU G 180 -46.02 9.77 -44.77
C GLU G 180 -45.56 9.99 -43.33
N PHE G 181 -45.84 11.18 -42.81
CA PHE G 181 -45.56 11.51 -41.42
C PHE G 181 -46.89 11.90 -40.79
N SER G 182 -47.62 10.90 -40.31
CA SER G 182 -48.96 11.11 -39.77
C SER G 182 -48.87 11.60 -38.33
N ILE G 183 -50.02 12.01 -37.80
CA ILE G 183 -50.16 12.43 -36.40
C ILE G 183 -51.24 11.54 -35.80
N TYR G 184 -50.83 10.49 -35.09
CA TYR G 184 -51.78 9.56 -34.52
C TYR G 184 -52.63 10.24 -33.45
N PRO G 185 -53.94 10.01 -33.43
CA PRO G 185 -54.76 10.55 -32.33
C PRO G 185 -54.37 9.92 -31.01
N ALA G 186 -54.27 10.76 -29.98
CA ALA G 186 -53.83 10.29 -28.68
C ALA G 186 -54.94 9.45 -28.02
N PRO G 187 -54.55 8.49 -27.16
CA PRO G 187 -55.57 7.67 -26.47
C PRO G 187 -56.45 8.49 -25.54
N GLN G 188 -55.86 9.37 -24.74
CA GLN G 188 -56.60 10.19 -23.79
C GLN G 188 -56.77 11.62 -24.28
N VAL G 189 -55.69 12.26 -24.72
CA VAL G 189 -55.79 13.62 -25.26
C VAL G 189 -56.57 13.58 -26.57
N SER G 190 -57.51 14.49 -26.73
CA SER G 190 -58.36 14.50 -27.92
C SER G 190 -58.84 15.93 -28.17
N THR G 191 -58.50 16.47 -29.34
CA THR G 191 -58.99 17.79 -29.71
C THR G 191 -60.34 17.72 -30.40
N ALA G 192 -60.59 16.66 -31.16
CA ALA G 192 -61.85 16.47 -31.88
C ALA G 192 -62.69 15.41 -31.17
N VAL G 193 -63.89 15.18 -31.71
CA VAL G 193 -64.82 14.22 -31.13
C VAL G 193 -65.13 13.14 -32.17
N VAL G 194 -64.94 13.46 -33.44
CA VAL G 194 -65.17 12.53 -34.52
C VAL G 194 -63.86 11.94 -35.04
N GLU G 195 -62.81 11.95 -34.22
CA GLU G 195 -61.53 11.36 -34.61
C GLU G 195 -61.62 9.89 -34.99
N PRO G 196 -62.34 9.01 -34.28
CA PRO G 196 -62.41 7.60 -34.72
C PRO G 196 -63.03 7.43 -36.10
N TYR G 197 -63.92 8.33 -36.51
CA TYR G 197 -64.54 8.21 -37.83
C TYR G 197 -63.56 8.53 -38.95
N ASN G 198 -62.78 9.59 -38.80
CA ASN G 198 -61.85 9.99 -39.85
C ASN G 198 -60.65 9.06 -39.91
N SER G 199 -60.15 8.63 -38.76
CA SER G 199 -58.95 7.78 -38.73
C SER G 199 -59.21 6.43 -39.38
N ILE G 200 -60.36 5.82 -39.09
CA ILE G 200 -60.66 4.51 -39.66
C ILE G 200 -60.82 4.59 -41.17
N LEU G 201 -61.54 5.61 -41.65
CA LEU G 201 -61.79 5.74 -43.09
C LEU G 201 -60.49 6.00 -43.85
N THR G 202 -59.61 6.84 -43.29
CA THR G 202 -58.36 7.17 -43.98
C THR G 202 -57.45 5.94 -44.08
N THR G 203 -57.33 5.19 -42.98
CA THR G 203 -56.41 4.04 -42.98
C THR G 203 -56.83 3.00 -44.01
N HIS G 204 -58.14 2.76 -44.14
CA HIS G 204 -58.62 1.76 -45.10
C HIS G 204 -58.30 2.14 -46.54
N THR G 205 -58.28 3.43 -46.84
CA THR G 205 -58.07 3.87 -48.23
C THR G 205 -56.59 4.01 -48.58
N THR G 206 -55.78 4.59 -47.69
CA THR G 206 -54.36 4.76 -47.93
C THR G 206 -53.53 3.57 -47.48
N LEU G 207 -54.14 2.39 -47.37
CA LEU G 207 -53.43 1.18 -47.03
C LEU G 207 -52.77 0.52 -48.23
N GLU G 208 -53.13 0.93 -49.44
CA GLU G 208 -52.56 0.36 -50.65
C GLU G 208 -51.76 1.39 -51.45
N HIS G 209 -51.70 2.63 -50.99
CA HIS G 209 -51.00 3.70 -51.71
C HIS G 209 -49.96 4.38 -50.81
N SER G 210 -49.45 3.65 -49.82
CA SER G 210 -48.46 4.19 -48.90
C SER G 210 -47.33 3.18 -48.76
N ASP G 211 -46.11 3.62 -49.09
CA ASP G 211 -44.96 2.71 -49.01
C ASP G 211 -44.55 2.47 -47.57
N CYS G 212 -44.53 3.53 -46.76
CA CYS G 212 -44.32 3.42 -45.32
C CYS G 212 -44.88 4.67 -44.67
N ALA G 213 -45.42 4.52 -43.47
CA ALA G 213 -46.12 5.61 -42.78
C ALA G 213 -45.60 5.71 -41.35
N PHE G 214 -44.65 6.62 -41.13
CA PHE G 214 -44.18 6.88 -39.78
C PHE G 214 -45.29 7.49 -38.93
N MET G 215 -45.42 7.00 -37.71
CA MET G 215 -46.50 7.40 -36.82
C MET G 215 -45.95 8.22 -35.66
N VAL G 216 -46.66 9.28 -35.30
CA VAL G 216 -46.31 10.16 -34.19
C VAL G 216 -47.58 10.51 -33.43
N ASP G 217 -47.51 10.46 -32.11
CA ASP G 217 -48.62 10.83 -31.24
C ASP G 217 -48.29 12.13 -30.52
N ASN G 218 -49.29 13.00 -30.40
CA ASN G 218 -49.06 14.31 -29.78
C ASN G 218 -48.85 14.20 -28.28
N GLU G 219 -49.54 13.26 -27.63
CA GLU G 219 -49.41 13.13 -26.17
C GLU G 219 -48.02 12.66 -25.77
N ALA G 220 -47.44 11.75 -26.56
CA ALA G 220 -46.12 11.21 -26.21
C ALA G 220 -45.04 12.28 -26.22
N ILE G 221 -45.18 13.29 -27.08
CA ILE G 221 -44.18 14.35 -27.13
C ILE G 221 -44.23 15.19 -25.87
N TYR G 222 -45.41 15.36 -25.27
CA TYR G 222 -45.53 16.16 -24.06
C TYR G 222 -44.70 15.56 -22.92
N ASP G 223 -44.74 14.23 -22.77
CA ASP G 223 -43.95 13.58 -21.74
C ASP G 223 -42.46 13.75 -22.01
N ILE G 224 -42.05 13.66 -23.27
CA ILE G 224 -40.64 13.82 -23.60
C ILE G 224 -40.16 15.21 -23.27
N CYS G 225 -40.95 16.23 -23.62
CA CYS G 225 -40.54 17.61 -23.38
C CYS G 225 -40.56 17.95 -21.89
N ARG G 226 -41.56 17.44 -21.16
CA ARG G 226 -41.67 17.74 -19.74
C ARG G 226 -40.61 17.03 -18.93
N ARG G 227 -40.39 15.74 -19.20
CA ARG G 227 -39.49 14.94 -18.38
C ARG G 227 -38.03 15.13 -18.77
N ASN G 228 -37.69 14.80 -20.01
CA ASN G 228 -36.28 14.84 -20.43
C ASN G 228 -35.78 16.26 -20.60
N LEU G 229 -36.58 17.13 -21.23
CA LEU G 229 -36.12 18.47 -21.56
C LEU G 229 -36.47 19.49 -20.47
N ASP G 230 -37.41 19.15 -19.58
CA ASP G 230 -37.79 20.00 -18.45
C ASP G 230 -38.32 21.36 -18.92
N ILE G 231 -39.44 21.31 -19.63
CA ILE G 231 -40.20 22.49 -20.00
C ILE G 231 -41.64 22.30 -19.53
N GLU G 232 -42.15 23.25 -18.76
CA GLU G 232 -43.50 23.16 -18.22
C GLU G 232 -44.54 23.82 -19.12
N ARG G 233 -44.12 24.48 -20.19
CA ARG G 233 -45.04 25.14 -21.13
C ARG G 233 -44.73 24.71 -22.56
N PRO G 234 -44.96 23.44 -22.90
CA PRO G 234 -44.67 22.96 -24.26
C PRO G 234 -45.76 23.27 -25.28
N THR G 235 -45.71 24.48 -25.82
CA THR G 235 -46.67 24.90 -26.84
C THR G 235 -46.41 24.12 -28.14
N TYR G 236 -47.26 24.38 -29.13
CA TYR G 236 -47.16 23.64 -30.39
C TYR G 236 -45.91 23.99 -31.18
N THR G 237 -45.31 25.16 -30.94
CA THR G 237 -44.06 25.49 -31.61
C THR G 237 -42.88 24.72 -31.04
N ASN G 238 -42.88 24.47 -29.73
CA ASN G 238 -41.83 23.66 -29.13
C ASN G 238 -42.00 22.19 -29.49
N LEU G 239 -43.24 21.76 -29.73
CA LEU G 239 -43.49 20.38 -30.12
C LEU G 239 -43.05 20.12 -31.57
N ASN G 240 -43.31 21.09 -32.45
CA ASN G 240 -42.98 20.92 -33.87
C ASN G 240 -41.48 20.97 -34.13
N ARG G 241 -40.66 21.40 -33.16
CA ARG G 241 -39.22 21.38 -33.35
C ARG G 241 -38.66 19.97 -33.23
N LEU G 242 -39.24 19.15 -32.35
CA LEU G 242 -38.78 17.77 -32.22
C LEU G 242 -39.13 16.95 -33.46
N ILE G 243 -40.27 17.24 -34.08
CA ILE G 243 -40.68 16.49 -35.28
C ILE G 243 -39.71 16.75 -36.42
N SER G 244 -39.32 18.02 -36.61
CA SER G 244 -38.47 18.37 -37.75
C SER G 244 -37.10 17.70 -37.66
N GLN G 245 -36.60 17.46 -36.44
CA GLN G 245 -35.29 16.83 -36.30
C GLN G 245 -35.29 15.41 -36.83
N ILE G 246 -36.37 14.66 -36.59
CA ILE G 246 -36.46 13.30 -37.14
C ILE G 246 -36.51 13.34 -38.65
N VAL G 247 -37.28 14.27 -39.21
CA VAL G 247 -37.44 14.35 -40.66
C VAL G 247 -36.11 14.66 -41.33
N SER G 248 -35.34 15.57 -40.75
CA SER G 248 -34.03 15.90 -41.31
C SER G 248 -33.05 14.73 -41.17
N SER G 249 -33.24 13.89 -40.17
CA SER G 249 -32.37 12.74 -40.00
C SER G 249 -32.67 11.64 -41.01
N ILE G 250 -33.92 11.54 -41.47
CA ILE G 250 -34.27 10.53 -42.47
C ILE G 250 -33.53 10.79 -43.78
N THR G 251 -33.49 12.06 -44.21
CA THR G 251 -32.86 12.43 -45.46
C THR G 251 -31.48 13.04 -45.25
N ALA G 252 -30.82 12.73 -44.13
CA ALA G 252 -29.49 13.28 -43.88
C ALA G 252 -28.45 12.69 -44.82
N SER G 253 -28.60 11.42 -45.20
CA SER G 253 -27.65 10.78 -46.09
C SER G 253 -27.80 11.19 -47.55
N LEU G 254 -28.95 11.75 -47.92
CA LEU G 254 -29.13 12.23 -49.28
C LEU G 254 -28.39 13.54 -49.52
N ARG G 255 -28.23 14.35 -48.48
CA ARG G 255 -27.62 15.67 -48.61
C ARG G 255 -26.16 15.72 -48.16
N PHE G 256 -25.69 14.70 -47.45
CA PHE G 256 -24.35 14.71 -46.89
C PHE G 256 -23.67 13.37 -47.15
N ASP G 257 -22.35 13.37 -47.07
CA ASP G 257 -21.56 12.18 -47.29
C ASP G 257 -21.19 11.54 -45.95
N GLY G 258 -21.34 10.21 -45.88
CA GLY G 258 -21.07 9.49 -44.65
C GLY G 258 -20.36 8.18 -44.94
N ALA G 259 -19.91 7.54 -43.86
CA ALA G 259 -19.20 6.28 -43.99
C ALA G 259 -20.10 5.16 -44.50
N LEU G 260 -21.38 5.19 -44.14
CA LEU G 260 -22.32 4.16 -44.53
C LEU G 260 -23.65 4.84 -44.87
N ASN G 261 -23.85 5.13 -46.14
CA ASN G 261 -25.01 5.90 -46.58
C ASN G 261 -26.25 5.01 -46.71
N VAL G 262 -27.41 5.66 -46.60
CA VAL G 262 -28.70 5.02 -46.84
C VAL G 262 -29.52 5.94 -47.74
N ASP G 263 -30.51 5.37 -48.40
CA ASP G 263 -31.39 6.13 -49.29
C ASP G 263 -32.83 5.92 -48.87
N LEU G 264 -33.73 6.62 -49.56
CA LEU G 264 -35.16 6.50 -49.26
C LEU G 264 -35.66 5.09 -49.51
N THR G 265 -35.05 4.37 -50.44
CA THR G 265 -35.43 3.00 -50.74
C THR G 265 -34.88 2.01 -49.71
N ASN G 266 -33.85 2.41 -48.95
CA ASN G 266 -33.26 1.49 -47.97
C ASN G 266 -34.23 1.23 -46.82
N PHE G 267 -34.84 2.28 -46.28
CA PHE G 267 -35.87 2.10 -45.26
C PHE G 267 -37.06 1.32 -45.83
N GLN G 268 -37.28 1.47 -47.14
CA GLN G 268 -38.41 0.84 -47.81
C GLN G 268 -38.28 -0.68 -47.80
N THR G 269 -37.11 -1.20 -48.13
CA THR G 269 -36.91 -2.65 -48.14
C THR G 269 -36.72 -3.20 -46.74
N ASN G 270 -36.05 -2.45 -45.86
CA ASN G 270 -35.57 -2.98 -44.60
C ASN G 270 -36.60 -2.95 -43.48
N LEU G 271 -37.74 -2.30 -43.66
CA LEU G 271 -38.71 -2.12 -42.58
C LEU G 271 -40.10 -2.64 -42.90
N VAL G 272 -40.31 -3.25 -44.07
CA VAL G 272 -41.65 -3.68 -44.48
C VAL G 272 -41.61 -5.16 -44.84
N PRO G 273 -41.63 -6.06 -43.85
CA PRO G 273 -41.61 -7.50 -44.16
C PRO G 273 -42.81 -7.96 -44.97
N TYR G 274 -43.99 -7.37 -44.75
CA TYR G 274 -45.21 -7.77 -45.41
C TYR G 274 -45.92 -6.55 -45.98
N PRO G 275 -46.72 -6.73 -47.05
CA PRO G 275 -47.27 -5.55 -47.74
C PRO G 275 -48.13 -4.65 -46.87
N ARG G 276 -48.84 -5.22 -45.88
CA ARG G 276 -49.70 -4.44 -45.02
C ARG G 276 -48.98 -3.90 -43.79
N ILE G 277 -47.90 -4.56 -43.37
CA ILE G 277 -47.18 -4.17 -42.14
C ILE G 277 -46.13 -3.14 -42.56
N HIS G 278 -46.56 -1.89 -42.62
CA HIS G 278 -45.66 -0.77 -42.94
C HIS G 278 -45.96 0.43 -42.05
N PHE G 279 -46.05 0.18 -40.73
CA PHE G 279 -46.36 1.23 -39.75
C PHE G 279 -45.27 1.28 -38.69
N PRO G 280 -44.11 1.83 -39.01
CA PRO G 280 -43.06 2.01 -37.99
C PRO G 280 -43.33 3.25 -37.14
N LEU G 281 -42.63 3.32 -36.01
CA LEU G 281 -42.72 4.44 -35.09
C LEU G 281 -41.33 5.01 -34.84
N ALA G 282 -41.21 6.34 -34.90
CA ALA G 282 -39.94 7.01 -34.81
C ALA G 282 -39.50 7.20 -33.35
N THR G 283 -38.26 7.63 -33.19
CA THR G 283 -37.65 7.87 -31.89
C THR G 283 -36.37 8.68 -32.11
N TYR G 284 -36.12 9.65 -31.24
CA TYR G 284 -34.95 10.51 -31.34
C TYR G 284 -34.17 10.49 -30.04
N ALA G 285 -32.86 10.70 -30.15
CA ALA G 285 -31.97 10.73 -29.01
C ALA G 285 -30.67 11.40 -29.42
N PRO G 286 -30.04 12.21 -28.55
CA PRO G 286 -30.48 12.58 -27.19
C PRO G 286 -31.30 13.85 -27.17
N VAL G 287 -32.28 13.93 -26.27
CA VAL G 287 -33.10 15.13 -26.11
C VAL G 287 -32.88 15.62 -24.67
N ILE G 288 -31.92 16.53 -24.51
CA ILE G 288 -31.59 17.09 -23.21
C ILE G 288 -31.52 18.60 -23.33
N SER G 289 -31.67 19.27 -22.19
CA SER G 289 -31.62 20.72 -22.15
C SER G 289 -30.17 21.20 -22.20
N ALA G 290 -29.98 22.52 -22.14
CA ALA G 290 -28.64 23.09 -22.12
C ALA G 290 -27.99 22.93 -20.75
N GLU G 291 -28.78 23.00 -19.68
CA GLU G 291 -28.23 22.88 -18.34
C GLU G 291 -27.66 21.49 -18.09
N LYS G 292 -28.36 20.45 -18.55
CA LYS G 292 -27.89 19.08 -18.34
C LYS G 292 -26.88 18.63 -19.38
N ALA G 293 -26.58 19.45 -20.38
CA ALA G 293 -25.62 19.05 -21.41
C ALA G 293 -24.18 19.08 -20.88
N TYR G 294 -23.89 19.98 -19.94
CA TYR G 294 -22.53 20.10 -19.42
C TYR G 294 -22.14 18.97 -18.49
N HIS G 295 -23.11 18.26 -17.91
CA HIS G 295 -22.85 17.21 -16.95
C HIS G 295 -22.99 15.81 -17.53
N GLU G 296 -23.08 15.69 -18.85
CA GLU G 296 -23.26 14.39 -19.49
C GLU G 296 -22.17 14.17 -20.53
N GLN G 297 -21.63 12.94 -20.53
CA GLN G 297 -20.58 12.59 -21.49
C GLN G 297 -21.15 12.56 -22.91
N LEU G 298 -22.33 11.96 -23.07
CA LEU G 298 -22.98 11.80 -24.38
C LEU G 298 -22.10 11.01 -25.34
N SER G 299 -21.89 9.76 -24.99
CA SER G 299 -21.11 8.83 -25.81
C SER G 299 -22.03 7.94 -26.64
N VAL G 300 -21.43 7.25 -27.61
CA VAL G 300 -22.20 6.39 -28.51
C VAL G 300 -22.83 5.23 -27.76
N ALA G 301 -22.13 4.70 -26.75
CA ALA G 301 -22.56 3.47 -26.12
C ALA G 301 -23.87 3.62 -25.34
N GLU G 302 -24.22 4.84 -24.95
CA GLU G 302 -25.41 5.04 -24.11
C GLU G 302 -26.54 5.77 -24.80
N ILE G 303 -26.26 6.60 -25.82
CA ILE G 303 -27.34 7.20 -26.58
C ILE G 303 -28.10 6.12 -27.35
N THR G 304 -27.44 5.01 -27.68
CA THR G 304 -28.15 3.85 -28.20
C THR G 304 -29.08 3.27 -27.13
N ASN G 305 -28.62 3.24 -25.89
CA ASN G 305 -29.47 2.77 -24.79
C ASN G 305 -30.60 3.74 -24.51
N ALA G 306 -30.33 5.05 -24.62
CA ALA G 306 -31.36 6.05 -24.35
C ALA G 306 -32.52 5.95 -25.33
N CYS G 307 -32.21 5.72 -26.61
CA CYS G 307 -33.25 5.62 -27.63
C CYS G 307 -34.05 4.33 -27.54
N PHE G 308 -33.62 3.37 -26.72
CA PHE G 308 -34.31 2.09 -26.62
C PHE G 308 -35.20 1.97 -25.38
N GLU G 309 -35.11 2.91 -24.44
CA GLU G 309 -35.94 2.85 -23.26
C GLU G 309 -37.40 3.11 -23.63
N PRO G 310 -38.35 2.51 -22.90
CA PRO G 310 -39.76 2.65 -23.26
C PRO G 310 -40.36 4.02 -22.92
N ALA G 311 -39.67 4.82 -22.12
CA ALA G 311 -40.16 6.14 -21.77
C ALA G 311 -39.75 7.22 -22.77
N ASN G 312 -38.95 6.86 -23.78
CA ASN G 312 -38.50 7.82 -24.78
C ASN G 312 -39.16 7.62 -26.14
N GLN G 313 -39.95 6.57 -26.31
CA GLN G 313 -40.63 6.35 -27.58
C GLN G 313 -41.65 7.46 -27.83
N MET G 314 -41.80 7.82 -29.10
CA MET G 314 -42.62 8.97 -29.49
C MET G 314 -44.02 8.58 -29.90
N VAL G 315 -44.45 7.35 -29.63
CA VAL G 315 -45.82 6.92 -29.77
C VAL G 315 -46.24 6.29 -28.45
N LYS G 316 -47.44 6.63 -27.98
CA LYS G 316 -47.90 6.18 -26.66
C LYS G 316 -48.23 4.69 -26.76
N CYS G 317 -47.18 3.88 -26.74
CA CYS G 317 -47.29 2.42 -26.70
C CYS G 317 -45.96 1.87 -26.20
N ASP G 318 -46.05 0.88 -25.31
CA ASP G 318 -44.85 0.31 -24.70
C ASP G 318 -44.37 -0.88 -25.51
N PRO G 319 -43.15 -0.85 -26.05
CA PRO G 319 -42.68 -1.98 -26.88
C PRO G 319 -42.48 -3.28 -26.11
N ARG G 320 -42.51 -3.25 -24.78
CA ARG G 320 -42.31 -4.47 -24.00
C ARG G 320 -43.41 -5.50 -24.28
N HIS G 321 -44.65 -5.05 -24.46
CA HIS G 321 -45.75 -5.97 -24.72
C HIS G 321 -45.69 -6.60 -26.10
N GLY G 322 -44.82 -6.14 -26.98
CA GLY G 322 -44.72 -6.70 -28.32
C GLY G 322 -43.32 -7.16 -28.69
N LYS G 323 -43.12 -7.48 -29.96
CA LYS G 323 -41.83 -7.91 -30.47
C LYS G 323 -41.39 -7.00 -31.61
N TYR G 324 -40.08 -6.94 -31.81
CA TYR G 324 -39.49 -6.07 -32.83
C TYR G 324 -39.38 -6.85 -34.13
N MET G 325 -40.17 -6.45 -35.13
CA MET G 325 -40.05 -7.05 -36.46
C MET G 325 -38.73 -6.66 -37.11
N ALA G 326 -38.40 -5.37 -37.08
CA ALA G 326 -37.14 -4.87 -37.63
C ALA G 326 -36.84 -3.52 -37.02
N CYS G 327 -35.58 -3.12 -37.09
CA CYS G 327 -35.14 -1.84 -36.57
C CYS G 327 -34.28 -1.13 -37.60
N CYS G 328 -33.98 0.14 -37.33
CA CYS G 328 -33.13 0.94 -38.21
C CYS G 328 -32.59 2.12 -37.42
N LEU G 329 -31.27 2.17 -37.27
CA LEU G 329 -30.60 3.25 -36.55
C LEU G 329 -29.85 4.12 -37.54
N LEU G 330 -29.84 5.43 -37.27
CA LEU G 330 -29.23 6.42 -38.16
C LEU G 330 -28.42 7.39 -37.32
N TYR G 331 -27.14 7.08 -37.14
CA TYR G 331 -26.24 7.95 -36.40
C TYR G 331 -25.78 9.11 -37.27
N ARG G 332 -25.18 10.11 -36.63
CA ARG G 332 -24.59 11.25 -37.33
C ARG G 332 -23.68 11.99 -36.38
N GLY G 333 -22.51 12.38 -36.89
CA GLY G 333 -21.53 13.14 -36.13
C GLY G 333 -20.24 12.36 -35.94
N ASP G 334 -19.57 12.64 -34.83
CA ASP G 334 -18.31 11.98 -34.48
C ASP G 334 -18.61 10.57 -33.97
N VAL G 335 -18.96 9.70 -34.90
CA VAL G 335 -19.36 8.33 -34.61
C VAL G 335 -18.34 7.38 -35.23
N VAL G 336 -17.80 6.49 -34.43
CA VAL G 336 -16.83 5.49 -34.88
C VAL G 336 -17.59 4.21 -35.19
N PRO G 337 -17.41 3.62 -36.38
CA PRO G 337 -18.19 2.42 -36.73
C PRO G 337 -17.94 1.23 -35.83
N LYS G 338 -16.80 1.20 -35.12
CA LYS G 338 -16.54 0.09 -34.19
C LYS G 338 -17.41 0.20 -32.94
N ASP G 339 -17.55 1.40 -32.40
CA ASP G 339 -18.31 1.58 -31.17
C ASP G 339 -19.80 1.30 -31.39
N VAL G 340 -20.30 1.52 -32.60
CA VAL G 340 -21.69 1.21 -32.90
C VAL G 340 -21.93 -0.29 -32.81
N ASN G 341 -21.00 -1.09 -33.34
CA ASN G 341 -21.14 -2.54 -33.29
C ASN G 341 -21.15 -3.04 -31.86
N ALA G 342 -20.25 -2.53 -31.01
CA ALA G 342 -20.21 -2.97 -29.62
C ALA G 342 -21.47 -2.58 -28.88
N ALA G 343 -21.95 -1.35 -29.08
CA ALA G 343 -23.17 -0.91 -28.39
C ALA G 343 -24.39 -1.70 -28.83
N ILE G 344 -24.50 -1.98 -30.14
CA ILE G 344 -25.64 -2.74 -30.64
C ILE G 344 -25.56 -4.20 -30.17
N ALA G 345 -24.34 -4.75 -30.11
CA ALA G 345 -24.19 -6.16 -29.74
C ALA G 345 -24.70 -6.43 -28.34
N THR G 346 -24.43 -5.53 -27.40
CA THR G 346 -24.94 -5.68 -26.04
C THR G 346 -26.39 -5.25 -25.89
N ILE G 347 -26.95 -4.54 -26.87
CA ILE G 347 -28.37 -4.21 -26.83
C ILE G 347 -29.21 -5.46 -27.05
N LYS G 348 -28.80 -6.31 -28.00
CA LYS G 348 -29.43 -7.62 -28.14
C LYS G 348 -29.27 -8.45 -26.88
N THR G 349 -28.20 -8.22 -26.11
CA THR G 349 -28.02 -8.90 -24.84
C THR G 349 -29.03 -8.43 -23.79
N LYS G 350 -29.19 -7.12 -23.63
CA LYS G 350 -30.19 -6.60 -22.72
C LYS G 350 -31.58 -6.98 -23.19
N ARG G 351 -32.52 -7.07 -22.26
CA ARG G 351 -33.79 -7.72 -22.55
C ARG G 351 -34.97 -6.81 -22.26
N SER G 352 -34.85 -5.56 -22.66
CA SER G 352 -36.03 -4.81 -23.10
C SER G 352 -36.33 -5.11 -24.56
N ILE G 353 -35.49 -5.93 -25.20
CA ILE G 353 -35.56 -6.24 -26.62
C ILE G 353 -35.94 -7.71 -26.76
N GLN G 354 -36.94 -7.98 -27.59
CA GLN G 354 -37.36 -9.35 -27.90
C GLN G 354 -37.71 -9.41 -29.38
N PHE G 355 -36.86 -10.04 -30.18
CA PHE G 355 -37.08 -10.11 -31.62
C PHE G 355 -37.99 -11.28 -31.96
N VAL G 356 -38.38 -11.36 -33.23
CA VAL G 356 -39.24 -12.42 -33.73
C VAL G 356 -38.36 -13.59 -34.14
N ASP G 357 -38.94 -14.80 -34.14
CA ASP G 357 -38.18 -16.00 -34.45
C ASP G 357 -37.67 -16.00 -35.88
N TRP G 358 -38.51 -15.57 -36.83
CA TRP G 358 -38.15 -15.62 -38.24
C TRP G 358 -37.34 -14.41 -38.70
N CYS G 359 -36.74 -13.67 -37.77
CA CYS G 359 -35.90 -12.52 -38.11
C CYS G 359 -34.58 -12.65 -37.36
N PRO G 360 -33.70 -13.56 -37.79
CA PRO G 360 -32.40 -13.71 -37.11
C PRO G 360 -31.56 -12.45 -37.15
N THR G 361 -31.62 -11.69 -38.25
CA THR G 361 -30.93 -10.42 -38.38
C THR G 361 -31.97 -9.31 -38.31
N GLY G 362 -31.79 -8.38 -37.37
CA GLY G 362 -32.80 -7.37 -37.15
C GLY G 362 -32.30 -5.96 -36.90
N PHE G 363 -31.20 -5.57 -37.55
CA PHE G 363 -30.67 -4.23 -37.37
C PHE G 363 -30.14 -3.70 -38.70
N LYS G 364 -30.35 -2.41 -38.93
CA LYS G 364 -29.79 -1.69 -40.07
C LYS G 364 -29.15 -0.43 -39.55
N VAL G 365 -27.90 -0.19 -39.94
CA VAL G 365 -27.09 0.89 -39.39
C VAL G 365 -26.68 1.83 -40.52
N GLY G 366 -26.89 3.12 -40.31
CA GLY G 366 -26.45 4.14 -41.24
C GLY G 366 -25.74 5.28 -40.53
N ILE G 367 -24.47 5.50 -40.87
CA ILE G 367 -23.64 6.50 -40.20
C ILE G 367 -23.42 7.66 -41.13
N ASN G 368 -23.65 8.87 -40.63
CA ASN G 368 -23.44 10.11 -41.39
C ASN G 368 -22.36 10.93 -40.71
N TYR G 369 -21.77 11.84 -41.48
CA TYR G 369 -20.63 12.65 -41.01
C TYR G 369 -21.02 14.09 -40.70
N GLN G 370 -22.31 14.42 -40.72
CA GLN G 370 -22.74 15.79 -40.45
C GLN G 370 -23.40 15.87 -39.08
N PRO G 371 -22.82 16.57 -38.12
CA PRO G 371 -23.45 16.68 -36.81
C PRO G 371 -24.74 17.46 -36.92
N PRO G 372 -25.73 17.17 -36.07
CA PRO G 372 -27.00 17.90 -36.13
C PRO G 372 -26.82 19.37 -35.79
N THR G 373 -27.60 20.21 -36.44
CA THR G 373 -27.58 21.64 -36.20
C THR G 373 -28.72 22.03 -35.25
N VAL G 374 -28.58 23.22 -34.65
CA VAL G 374 -29.54 23.71 -33.67
C VAL G 374 -30.13 25.02 -34.17
N VAL G 375 -31.42 25.20 -33.90
CA VAL G 375 -32.11 26.43 -34.28
C VAL G 375 -31.93 27.45 -33.16
N PRO G 376 -31.43 28.66 -33.45
CA PRO G 376 -31.27 29.67 -32.39
C PRO G 376 -32.63 30.04 -31.80
N GLY G 377 -32.65 30.22 -30.48
CA GLY G 377 -33.88 30.43 -29.75
C GLY G 377 -34.63 29.16 -29.42
N GLY G 378 -34.11 28.00 -29.80
CA GLY G 378 -34.75 26.74 -29.52
C GLY G 378 -34.42 26.21 -28.13
N ASP G 379 -34.90 25.00 -27.87
CA ASP G 379 -34.70 24.36 -26.58
C ASP G 379 -33.58 23.33 -26.57
N LEU G 380 -33.34 22.67 -27.69
CA LEU G 380 -32.26 21.69 -27.76
C LEU G 380 -30.90 22.37 -27.70
N ALA G 381 -29.94 21.67 -27.12
CA ALA G 381 -28.57 22.15 -27.01
C ALA G 381 -27.69 21.53 -28.09
N LYS G 382 -26.54 22.15 -28.32
CA LYS G 382 -25.62 21.66 -29.34
C LYS G 382 -25.02 20.33 -28.90
N VAL G 383 -25.05 19.34 -29.81
CA VAL G 383 -24.53 18.02 -29.55
C VAL G 383 -23.67 17.59 -30.72
N GLN G 384 -22.85 16.57 -30.49
CA GLN G 384 -21.98 16.03 -31.53
C GLN G 384 -22.46 14.69 -32.07
N ARG G 385 -23.44 14.05 -31.42
CA ARG G 385 -23.97 12.78 -31.86
C ARG G 385 -25.49 12.80 -31.79
N ALA G 386 -26.12 11.98 -32.61
CA ALA G 386 -27.58 11.89 -32.63
C ALA G 386 -27.98 10.53 -33.17
N VAL G 387 -29.18 10.10 -32.79
CA VAL G 387 -29.74 8.83 -33.23
C VAL G 387 -31.21 9.04 -33.58
N CYS G 388 -31.63 8.47 -34.70
CA CYS G 388 -33.03 8.51 -35.15
C CYS G 388 -33.45 7.07 -35.44
N MET G 389 -33.90 6.37 -34.41
CA MET G 389 -34.33 4.99 -34.56
C MET G 389 -35.73 4.92 -35.15
N LEU G 390 -35.93 3.98 -36.07
CA LEU G 390 -37.23 3.73 -36.69
C LEU G 390 -37.61 2.28 -36.41
N SER G 391 -38.25 2.05 -35.27
CA SER G 391 -38.65 0.70 -34.89
C SER G 391 -39.93 0.30 -35.61
N ASN G 392 -39.98 -0.96 -36.03
CA ASN G 392 -41.19 -1.56 -36.59
C ASN G 392 -41.54 -2.73 -35.67
N THR G 393 -42.40 -2.47 -34.70
CA THR G 393 -42.71 -3.44 -33.65
C THR G 393 -44.15 -3.89 -33.75
N THR G 394 -44.44 -5.02 -33.10
CA THR G 394 -45.79 -5.55 -33.02
C THR G 394 -46.64 -4.82 -31.99
N ALA G 395 -46.02 -4.00 -31.14
CA ALA G 395 -46.75 -3.32 -30.07
C ALA G 395 -47.74 -2.30 -30.59
N ILE G 396 -47.63 -1.87 -31.86
CA ILE G 396 -48.60 -0.93 -32.41
C ILE G 396 -49.95 -1.56 -32.68
N ALA G 397 -50.05 -2.90 -32.59
CA ALA G 397 -51.34 -3.56 -32.75
C ALA G 397 -52.32 -3.14 -31.66
N GLU G 398 -51.82 -2.81 -30.48
CA GLU G 398 -52.68 -2.34 -29.41
C GLU G 398 -53.24 -0.95 -29.73
N ALA G 399 -52.55 -0.19 -30.56
CA ALA G 399 -53.04 1.13 -30.95
C ALA G 399 -54.20 1.03 -31.94
N TRP G 400 -54.19 0.01 -32.79
CA TRP G 400 -55.31 -0.18 -33.71
C TRP G 400 -56.53 -0.74 -32.99
N ALA G 401 -56.31 -1.61 -32.01
CA ALA G 401 -57.44 -2.18 -31.26
C ALA G 401 -58.17 -1.11 -30.47
N ARG G 402 -57.44 -0.17 -29.84
CA ARG G 402 -58.08 0.89 -29.09
C ARG G 402 -58.91 1.78 -30.00
N LEU G 403 -58.38 2.15 -31.16
CA LEU G 403 -59.13 2.99 -32.09
C LEU G 403 -60.33 2.23 -32.66
N ASP G 404 -60.16 0.94 -32.94
CA ASP G 404 -61.26 0.15 -33.46
C ASP G 404 -62.39 -0.02 -32.46
N HIS G 405 -62.09 0.07 -31.16
CA HIS G 405 -63.13 0.00 -30.14
C HIS G 405 -63.95 1.29 -30.10
N LYS G 406 -63.30 2.44 -30.23
CA LYS G 406 -64.02 3.70 -30.23
C LYS G 406 -64.96 3.80 -31.42
N PHE G 407 -64.51 3.37 -32.60
CA PHE G 407 -65.36 3.42 -33.79
C PHE G 407 -66.57 2.51 -33.64
N ASP G 408 -66.37 1.31 -33.08
CA ASP G 408 -67.49 0.38 -32.91
C ASP G 408 -68.50 0.90 -31.89
N LEU G 409 -68.04 1.56 -30.83
CA LEU G 409 -68.95 2.07 -29.82
C LEU G 409 -69.83 3.19 -30.37
N MET G 410 -69.22 4.12 -31.12
CA MET G 410 -69.96 5.27 -31.61
C MET G 410 -70.84 4.92 -32.81
N TYR G 411 -70.42 3.98 -33.64
CA TYR G 411 -71.20 3.58 -34.81
C TYR G 411 -72.37 2.68 -34.47
N ALA G 412 -72.44 2.16 -33.23
CA ALA G 412 -73.54 1.27 -32.86
C ALA G 412 -74.88 1.99 -32.93
N LYS G 413 -74.93 3.25 -32.47
CA LYS G 413 -76.15 4.04 -32.50
C LYS G 413 -76.13 5.07 -33.63
N ARG G 414 -75.21 4.92 -34.58
CA ARG G 414 -75.14 5.78 -35.76
C ARG G 414 -75.04 7.25 -35.39
N ALA G 415 -74.23 7.55 -34.37
CA ALA G 415 -73.98 8.93 -34.00
C ALA G 415 -73.10 9.62 -35.03
N PHE G 416 -73.43 10.87 -35.34
CA PHE G 416 -72.68 11.75 -36.25
C PHE G 416 -72.71 11.25 -37.69
N VAL G 417 -73.41 10.15 -37.99
CA VAL G 417 -73.37 9.59 -39.34
C VAL G 417 -74.11 10.48 -40.33
N HIS G 418 -75.16 11.18 -39.90
CA HIS G 418 -75.98 11.97 -40.81
C HIS G 418 -75.18 13.06 -41.51
N TRP G 419 -74.05 13.49 -40.94
CA TRP G 419 -73.20 14.44 -41.64
C TRP G 419 -72.48 13.79 -42.80
N TYR G 420 -72.00 12.55 -42.62
CA TYR G 420 -71.26 11.87 -43.67
C TYR G 420 -72.20 11.39 -44.79
N VAL G 421 -73.36 10.86 -44.41
CA VAL G 421 -74.28 10.30 -45.40
C VAL G 421 -74.77 11.37 -46.36
N GLY G 422 -75.10 12.54 -45.84
CA GLY G 422 -75.65 13.61 -46.65
C GLY G 422 -74.63 14.40 -47.46
N GLU G 423 -73.36 14.05 -47.37
CA GLU G 423 -72.31 14.77 -48.10
C GLU G 423 -71.70 13.95 -49.23
N GLY G 424 -72.30 12.80 -49.56
CA GLY G 424 -71.82 12.03 -50.69
C GLY G 424 -71.24 10.67 -50.35
N MET G 425 -71.62 10.12 -49.20
CA MET G 425 -71.19 8.80 -48.78
C MET G 425 -72.39 7.93 -48.46
N GLU G 426 -72.16 6.62 -48.48
CA GLU G 426 -73.20 5.63 -48.21
C GLU G 426 -72.91 4.93 -46.89
N GLU G 427 -73.99 4.52 -46.20
CA GLU G 427 -73.84 3.82 -44.94
C GLU G 427 -73.10 2.50 -45.11
N GLY G 428 -73.22 1.87 -46.28
CA GLY G 428 -72.49 0.64 -46.53
C GLY G 428 -70.99 0.83 -46.55
N GLU G 429 -70.51 2.00 -47.00
CA GLU G 429 -69.08 2.26 -47.06
C GLU G 429 -68.47 2.29 -45.66
N PHE G 430 -69.25 2.63 -44.65
CA PHE G 430 -68.72 2.65 -43.28
C PHE G 430 -68.39 1.25 -42.79
N SER G 431 -69.14 0.24 -43.25
CA SER G 431 -68.88 -1.12 -42.81
C SER G 431 -67.66 -1.73 -43.50
N GLU G 432 -67.40 -1.35 -44.74
CA GLU G 432 -66.24 -1.88 -45.45
C GLU G 432 -64.94 -1.49 -44.77
N ALA G 433 -64.84 -0.23 -44.33
CA ALA G 433 -63.64 0.19 -43.60
C ALA G 433 -63.54 -0.46 -42.23
N ARG G 434 -64.67 -0.84 -41.65
CA ARG G 434 -64.65 -1.48 -40.34
C ARG G 434 -64.09 -2.90 -40.44
N GLU G 435 -64.55 -3.68 -41.42
CA GLU G 435 -64.06 -5.04 -41.57
C GLU G 435 -62.63 -5.08 -42.08
N ASP G 436 -62.17 -4.02 -42.74
CA ASP G 436 -60.78 -3.98 -43.21
C ASP G 436 -59.82 -3.88 -42.03
N MET G 437 -60.11 -3.01 -41.06
CA MET G 437 -59.28 -2.90 -39.88
C MET G 437 -59.34 -4.16 -39.03
N ALA G 438 -60.41 -4.95 -39.14
CA ALA G 438 -60.43 -6.25 -38.47
C ALA G 438 -59.46 -7.22 -39.12
N ALA G 439 -59.26 -7.12 -40.44
CA ALA G 439 -58.29 -7.96 -41.11
C ALA G 439 -56.86 -7.52 -40.81
N LEU G 440 -56.64 -6.20 -40.75
CA LEU G 440 -55.30 -5.70 -40.42
C LEU G 440 -54.90 -6.10 -39.00
N GLU G 441 -55.83 -6.00 -38.05
CA GLU G 441 -55.52 -6.39 -36.67
C GLU G 441 -55.23 -7.88 -36.58
N LYS G 442 -56.00 -8.70 -37.29
CA LYS G 442 -55.75 -10.15 -37.29
C LYS G 442 -54.41 -10.48 -37.92
N ASP G 443 -54.09 -9.84 -39.05
CA ASP G 443 -52.82 -10.11 -39.72
C ASP G 443 -51.64 -9.68 -38.85
N TYR G 444 -51.77 -8.56 -38.15
CA TYR G 444 -50.65 -8.04 -37.37
C TYR G 444 -50.29 -8.98 -36.23
N GLU G 445 -51.29 -9.52 -35.54
CA GLU G 445 -51.05 -10.42 -34.42
C GLU G 445 -50.60 -11.80 -34.89
N GLU G 446 -51.23 -12.33 -35.93
CA GLU G 446 -50.92 -13.68 -36.39
C GLU G 446 -49.49 -13.78 -36.90
N VAL G 447 -49.03 -12.78 -37.65
CA VAL G 447 -47.65 -12.79 -38.14
C VAL G 447 -46.68 -12.64 -36.98
N GLY G 448 -46.98 -11.76 -36.04
CA GLY G 448 -46.07 -11.53 -34.92
C GLY G 448 -45.94 -12.74 -34.02
N VAL G 449 -47.04 -13.43 -33.74
CA VAL G 449 -47.00 -14.59 -32.85
C VAL G 449 -46.33 -15.74 -33.57
N ASP G 450 -45.62 -16.57 -32.80
CA ASP G 450 -44.93 -17.72 -33.36
C ASP G 450 -45.92 -18.79 -33.81
N SER G 451 -45.47 -19.62 -34.75
CA SER G 451 -46.26 -20.73 -35.27
C SER G 451 -45.39 -21.96 -35.35
N VAL G 452 -46.04 -23.13 -35.28
CA VAL G 452 -45.31 -24.39 -35.34
C VAL G 452 -44.67 -24.55 -36.72
N GLU G 453 -43.53 -25.22 -36.75
CA GLU G 453 -42.76 -25.43 -37.98
C GLU G 453 -42.42 -24.11 -38.67
N MET H 1 3.84 -6.17 -69.02
CA MET H 1 3.27 -7.45 -69.41
C MET H 1 2.46 -8.06 -68.26
N ARG H 2 1.52 -8.94 -68.62
CA ARG H 2 0.63 -9.59 -67.66
C ARG H 2 -0.12 -8.56 -66.81
N GLU H 3 -0.85 -7.70 -67.51
CA GLU H 3 -1.59 -6.63 -66.85
C GLU H 3 -2.82 -7.18 -66.13
N ILE H 4 -3.26 -6.43 -65.12
CA ILE H 4 -4.40 -6.81 -64.29
C ILE H 4 -5.42 -5.69 -64.34
N VAL H 5 -6.67 -6.04 -64.65
CA VAL H 5 -7.77 -5.08 -64.72
C VAL H 5 -8.51 -5.11 -63.38
N HIS H 6 -8.66 -3.94 -62.77
CA HIS H 6 -9.28 -3.80 -61.46
C HIS H 6 -10.68 -3.23 -61.60
N ILE H 7 -11.66 -3.93 -61.03
CA ILE H 7 -13.06 -3.51 -61.06
C ILE H 7 -13.53 -3.36 -59.63
N GLN H 8 -14.14 -2.20 -59.32
CA GLN H 8 -14.65 -1.91 -58.00
C GLN H 8 -16.13 -1.61 -58.09
N ALA H 9 -16.93 -2.36 -57.31
CA ALA H 9 -18.37 -2.23 -57.33
C ALA H 9 -18.88 -2.02 -55.91
N GLY H 10 -19.99 -1.28 -55.80
CA GLY H 10 -20.57 -1.00 -54.51
C GLY H 10 -19.88 0.14 -53.79
N GLN H 11 -20.23 0.30 -52.52
CA GLN H 11 -19.64 1.33 -51.69
C GLN H 11 -18.36 0.86 -51.01
N CYS H 12 -18.35 -0.38 -50.51
CA CYS H 12 -17.14 -0.92 -49.89
C CYS H 12 -16.01 -1.03 -50.90
N GLY H 13 -16.32 -1.49 -52.11
CA GLY H 13 -15.29 -1.57 -53.14
C GLY H 13 -14.70 -0.22 -53.49
N ASN H 14 -15.55 0.81 -53.55
CA ASN H 14 -15.04 2.15 -53.83
C ASN H 14 -14.28 2.73 -52.66
N GLN H 15 -14.52 2.22 -51.45
CA GLN H 15 -13.79 2.71 -50.29
C GLN H 15 -12.53 1.88 -50.04
N ILE H 16 -12.59 0.58 -50.30
CA ILE H 16 -11.37 -0.24 -50.24
C ILE H 16 -10.45 0.10 -51.40
N GLY H 17 -11.01 0.25 -52.59
CA GLY H 17 -10.18 0.58 -53.74
C GLY H 17 -9.50 1.94 -53.61
N ALA H 18 -10.21 2.92 -53.05
CA ALA H 18 -9.61 4.23 -52.84
C ALA H 18 -8.44 4.17 -51.87
N LYS H 19 -8.48 3.23 -50.92
CA LYS H 19 -7.36 2.99 -50.02
C LYS H 19 -6.38 1.96 -50.56
N PHE H 20 -6.71 1.30 -51.68
CA PHE H 20 -5.80 0.35 -52.31
C PHE H 20 -4.84 1.03 -53.27
N TRP H 21 -5.32 2.00 -54.05
CA TRP H 21 -4.47 2.72 -54.98
C TRP H 21 -3.57 3.73 -54.28
N GLU H 22 -3.75 3.96 -52.98
CA GLU H 22 -2.79 4.71 -52.20
C GLU H 22 -1.56 3.88 -51.85
N VAL H 23 -1.74 2.59 -51.58
CA VAL H 23 -0.62 1.72 -51.28
C VAL H 23 0.22 1.46 -52.52
N ILE H 24 -0.44 1.19 -53.65
CA ILE H 24 0.27 0.90 -54.89
C ILE H 24 1.10 2.09 -55.34
N SER H 25 0.51 3.29 -55.26
CA SER H 25 1.23 4.50 -55.67
C SER H 25 2.47 4.71 -54.80
N ASP H 26 2.34 4.51 -53.49
CA ASP H 26 3.49 4.65 -52.61
C ASP H 26 4.55 3.60 -52.90
N GLU H 27 4.12 2.37 -53.23
CA GLU H 27 5.06 1.32 -53.56
C GLU H 27 5.87 1.66 -54.80
N HIS H 28 5.23 2.21 -55.82
CA HIS H 28 5.87 2.52 -57.08
C HIS H 28 6.38 3.96 -57.15
N GLY H 29 6.21 4.74 -56.09
CA GLY H 29 6.68 6.11 -56.09
C GLY H 29 5.96 7.00 -57.08
N ILE H 30 4.63 6.88 -57.15
CA ILE H 30 3.81 7.65 -58.06
C ILE H 30 3.17 8.80 -57.29
N ASP H 31 3.40 10.02 -57.78
CA ASP H 31 2.84 11.20 -57.13
C ASP H 31 1.32 11.21 -57.27
N PRO H 32 0.62 11.85 -56.32
CA PRO H 32 -0.85 11.98 -56.47
C PRO H 32 -1.27 12.62 -57.77
N SER H 33 -0.50 13.56 -58.31
CA SER H 33 -0.84 14.17 -59.58
C SER H 33 -0.78 13.17 -60.73
N GLY H 34 -0.03 12.08 -60.59
CA GLY H 34 0.04 11.04 -61.59
C GLY H 34 1.36 10.90 -62.31
N ASN H 35 2.40 11.63 -61.90
CA ASN H 35 3.70 11.57 -62.55
C ASN H 35 4.72 10.92 -61.62
N TYR H 36 5.61 10.12 -62.21
CA TYR H 36 6.61 9.40 -61.43
C TYR H 36 7.55 10.37 -60.73
N VAL H 37 7.76 10.13 -59.43
CA VAL H 37 8.65 10.97 -58.61
C VAL H 37 9.60 10.09 -57.81
N GLY H 38 9.60 8.80 -58.12
CA GLY H 38 10.39 7.85 -57.35
C GLY H 38 11.89 7.97 -57.62
N ASP H 39 12.66 7.22 -56.86
CA ASP H 39 14.12 7.24 -56.93
C ASP H 39 14.70 5.96 -57.51
N SER H 40 14.38 4.81 -56.93
CA SER H 40 14.92 3.54 -57.41
C SER H 40 14.32 3.18 -58.77
N ASP H 41 15.16 2.65 -59.66
CA ASP H 41 14.71 2.29 -61.00
C ASP H 41 13.98 0.95 -61.04
N LEU H 42 14.05 0.15 -59.97
CA LEU H 42 13.33 -1.11 -59.95
C LEU H 42 11.82 -0.94 -59.92
N GLN H 43 11.34 0.21 -59.43
CA GLN H 43 9.90 0.45 -59.39
C GLN H 43 9.31 0.53 -60.78
N LEU H 44 9.99 1.20 -61.71
CA LEU H 44 9.48 1.38 -63.07
C LEU H 44 9.72 0.18 -63.97
N GLU H 45 10.44 -0.83 -63.50
CA GLU H 45 10.73 -1.99 -64.36
C GLU H 45 9.45 -2.70 -64.79
N ARG H 46 8.51 -2.88 -63.86
CA ARG H 46 7.20 -3.47 -64.16
C ARG H 46 6.13 -2.54 -63.60
N ILE H 47 5.77 -1.54 -64.39
CA ILE H 47 4.72 -0.60 -64.01
C ILE H 47 3.45 -0.79 -64.83
N SER H 48 3.53 -1.41 -66.01
CA SER H 48 2.37 -1.55 -66.87
C SER H 48 1.35 -2.54 -66.32
N VAL H 49 1.74 -3.38 -65.35
CA VAL H 49 0.83 -4.40 -64.85
C VAL H 49 -0.40 -3.77 -64.21
N TYR H 50 -0.22 -2.71 -63.44
CA TYR H 50 -1.32 -2.01 -62.78
C TYR H 50 -1.62 -0.66 -63.42
N TYR H 51 -0.60 0.14 -63.69
CA TYR H 51 -0.81 1.48 -64.22
C TYR H 51 -0.85 1.44 -65.75
N ASN H 52 -0.92 2.62 -66.36
CA ASN H 52 -1.05 2.72 -67.81
C ASN H 52 -0.35 4.00 -68.27
N GLU H 53 0.65 3.84 -69.13
CA GLU H 53 1.41 4.99 -69.63
C GLU H 53 0.53 5.88 -70.48
N ALA H 54 0.70 7.18 -70.33
CA ALA H 54 -0.04 8.17 -71.11
C ALA H 54 0.94 9.24 -71.58
N SER H 55 0.41 10.33 -72.12
CA SER H 55 1.25 11.40 -72.62
C SER H 55 1.97 12.13 -71.48
N SER H 56 3.20 12.56 -71.75
CA SER H 56 4.01 13.32 -70.80
C SER H 56 4.20 12.57 -69.49
N HIS H 57 4.60 11.30 -69.61
CA HIS H 57 4.97 10.45 -68.47
C HIS H 57 3.92 10.44 -67.37
N LYS H 58 2.65 10.65 -67.75
CA LYS H 58 1.55 10.54 -66.80
C LYS H 58 1.06 9.11 -66.76
N TYR H 59 0.86 8.58 -65.56
CA TYR H 59 0.39 7.23 -65.34
C TYR H 59 -1.02 7.25 -64.78
N VAL H 60 -1.93 6.56 -65.44
CA VAL H 60 -3.31 6.46 -64.98
C VAL H 60 -3.61 5.02 -64.60
N PRO H 61 -4.31 4.78 -63.49
CA PRO H 61 -4.59 3.39 -63.09
C PRO H 61 -5.49 2.69 -64.08
N ARG H 62 -5.30 1.38 -64.19
CA ARG H 62 -6.16 0.53 -65.03
C ARG H 62 -7.31 -0.04 -64.20
N ALA H 63 -8.10 0.87 -63.63
CA ALA H 63 -9.23 0.50 -62.79
C ALA H 63 -10.47 1.26 -63.22
N ILE H 64 -11.62 0.61 -63.05
CA ILE H 64 -12.92 1.22 -63.30
C ILE H 64 -13.70 1.17 -61.99
N LEU H 65 -14.31 2.31 -61.64
CA LEU H 65 -15.06 2.45 -60.40
C LEU H 65 -16.51 2.73 -60.78
N VAL H 66 -17.41 1.81 -60.45
CA VAL H 66 -18.80 1.89 -60.88
C VAL H 66 -19.71 1.52 -59.73
N ASP H 67 -20.74 2.33 -59.50
CA ASP H 67 -21.72 2.10 -58.45
C ASP H 67 -23.02 2.77 -58.85
N LEU H 68 -24.14 2.16 -58.47
CA LEU H 68 -25.44 2.66 -58.89
C LEU H 68 -25.73 4.04 -58.29
N GLU H 69 -25.55 4.18 -56.98
CA GLU H 69 -25.82 5.47 -56.36
C GLU H 69 -24.66 6.43 -56.62
N PRO H 70 -24.94 7.69 -56.97
CA PRO H 70 -23.88 8.64 -57.31
C PRO H 70 -23.22 9.32 -56.12
N GLY H 71 -23.57 8.95 -54.89
CA GLY H 71 -23.02 9.62 -53.72
C GLY H 71 -21.58 9.27 -53.42
N THR H 72 -21.09 8.15 -53.95
CA THR H 72 -19.74 7.71 -53.63
C THR H 72 -18.69 8.34 -54.53
N MET H 73 -19.03 8.60 -55.80
CA MET H 73 -18.06 9.19 -56.71
C MET H 73 -17.61 10.58 -56.26
N ASP H 74 -18.55 11.41 -55.79
CA ASP H 74 -18.18 12.74 -55.34
C ASP H 74 -17.28 12.70 -54.11
N SER H 75 -17.26 11.60 -53.38
CA SER H 75 -16.35 11.46 -52.24
C SER H 75 -14.93 11.14 -52.67
N VAL H 76 -14.74 10.59 -53.88
CA VAL H 76 -13.41 10.26 -54.37
C VAL H 76 -12.98 11.14 -55.52
N ARG H 77 -13.91 11.65 -56.34
CA ARG H 77 -13.54 12.55 -57.41
C ARG H 77 -13.19 13.94 -56.88
N SER H 78 -13.97 14.45 -55.94
CA SER H 78 -13.73 15.77 -55.37
C SER H 78 -12.78 15.73 -54.17
N GLY H 79 -12.45 14.55 -53.67
CA GLY H 79 -11.54 14.41 -52.55
C GLY H 79 -10.09 14.38 -52.98
N ALA H 80 -9.22 14.14 -52.01
CA ALA H 80 -7.79 14.04 -52.28
C ALA H 80 -7.48 12.74 -53.03
N PHE H 81 -6.39 12.77 -53.79
CA PHE H 81 -5.93 11.63 -54.59
C PHE H 81 -6.95 11.19 -55.63
N GLY H 82 -7.85 12.09 -56.02
CA GLY H 82 -8.81 11.82 -57.09
C GLY H 82 -8.48 12.47 -58.41
N HIS H 83 -7.25 12.99 -58.58
CA HIS H 83 -6.85 13.68 -59.79
C HIS H 83 -6.13 12.78 -60.79
N LEU H 84 -5.99 11.49 -60.48
CA LEU H 84 -5.26 10.58 -61.35
C LEU H 84 -6.13 9.58 -62.09
N PHE H 85 -7.33 9.29 -61.60
CA PHE H 85 -8.23 8.39 -62.31
C PHE H 85 -8.71 9.04 -63.60
N ARG H 86 -8.90 8.21 -64.63
CA ARG H 86 -9.40 8.72 -65.90
C ARG H 86 -10.90 8.98 -65.79
N PRO H 87 -11.37 10.18 -66.16
CA PRO H 87 -12.79 10.52 -65.91
C PRO H 87 -13.78 9.64 -66.65
N ASP H 88 -13.36 8.92 -67.69
CA ASP H 88 -14.28 8.05 -68.42
C ASP H 88 -14.73 6.89 -67.56
N ASN H 89 -13.83 6.33 -66.74
CA ASN H 89 -14.13 5.16 -65.94
C ASN H 89 -15.12 5.43 -64.81
N PHE H 90 -15.37 6.70 -64.48
CA PHE H 90 -16.31 7.05 -63.42
C PHE H 90 -17.73 6.85 -63.94
N ILE H 91 -18.24 5.64 -63.71
CA ILE H 91 -19.57 5.23 -64.16
C ILE H 91 -20.48 5.16 -62.95
N PHE H 92 -21.65 5.79 -63.05
CA PHE H 92 -22.63 5.72 -61.97
C PHE H 92 -24.03 5.82 -62.56
N GLY H 93 -25.01 5.38 -61.78
CA GLY H 93 -26.40 5.38 -62.16
C GLY H 93 -27.15 6.57 -61.60
N GLN H 94 -28.43 6.35 -61.30
CA GLN H 94 -29.31 7.40 -60.80
C GLN H 94 -29.71 7.18 -59.35
N SER H 95 -30.24 6.01 -59.03
CA SER H 95 -30.67 5.67 -57.68
C SER H 95 -30.03 4.37 -57.23
N GLY H 96 -29.83 4.24 -55.93
CA GLY H 96 -29.20 3.04 -55.39
C GLY H 96 -30.06 1.81 -55.57
N ALA H 97 -29.41 0.66 -55.41
CA ALA H 97 -30.10 -0.62 -55.54
C ALA H 97 -31.03 -0.92 -54.36
N GLY H 98 -30.96 -0.14 -53.29
CA GLY H 98 -31.85 -0.33 -52.16
C GLY H 98 -31.68 -1.67 -51.46
N ASN H 99 -30.45 -2.16 -51.37
CA ASN H 99 -30.13 -3.40 -50.67
C ASN H 99 -30.97 -4.57 -51.20
N ASN H 100 -31.10 -4.64 -52.52
CA ASN H 100 -31.95 -5.62 -53.18
C ASN H 100 -31.15 -6.38 -54.24
N TRP H 101 -31.46 -7.66 -54.40
CA TRP H 101 -30.87 -8.45 -55.48
C TRP H 101 -31.38 -7.96 -56.83
N ALA H 102 -32.70 -8.04 -57.03
CA ALA H 102 -33.30 -7.80 -58.34
C ALA H 102 -33.06 -6.38 -58.84
N LYS H 103 -33.14 -5.39 -57.95
CA LYS H 103 -32.84 -4.02 -58.35
C LYS H 103 -31.38 -3.81 -58.68
N GLY H 104 -30.51 -4.78 -58.36
CA GLY H 104 -29.12 -4.67 -58.70
C GLY H 104 -28.67 -5.70 -59.72
N HIS H 105 -29.57 -6.58 -60.13
CA HIS H 105 -29.23 -7.62 -61.09
C HIS H 105 -30.18 -7.72 -62.28
N TYR H 106 -31.40 -7.21 -62.17
CA TYR H 106 -32.36 -7.33 -63.26
C TYR H 106 -32.89 -5.99 -63.75
N THR H 107 -33.18 -5.05 -62.85
CA THR H 107 -33.89 -3.83 -63.21
C THR H 107 -32.96 -2.65 -63.42
N GLU H 108 -32.17 -2.29 -62.42
CA GLU H 108 -31.31 -1.11 -62.51
C GLU H 108 -29.88 -1.44 -62.87
N GLY H 109 -29.45 -2.69 -62.74
CA GLY H 109 -28.12 -3.08 -63.13
C GLY H 109 -28.04 -3.46 -64.59
N ALA H 110 -29.18 -3.79 -65.19
CA ALA H 110 -29.23 -4.12 -66.61
C ALA H 110 -29.09 -2.90 -67.51
N GLU H 111 -29.47 -1.73 -67.02
CA GLU H 111 -29.33 -0.50 -67.79
C GLU H 111 -27.91 0.06 -67.77
N LEU H 112 -27.06 -0.43 -66.86
CA LEU H 112 -25.70 0.07 -66.72
C LEU H 112 -24.64 -0.93 -67.10
N VAL H 113 -24.98 -2.22 -67.21
CA VAL H 113 -23.97 -3.24 -67.53
C VAL H 113 -23.47 -3.06 -68.96
N ASP H 114 -24.31 -2.55 -69.86
CA ASP H 114 -23.89 -2.36 -71.24
C ASP H 114 -22.97 -1.15 -71.42
N SER H 115 -23.01 -0.19 -70.49
CA SER H 115 -22.11 0.94 -70.51
C SER H 115 -20.82 0.68 -69.76
N VAL H 116 -20.72 -0.44 -69.05
CA VAL H 116 -19.49 -0.81 -68.36
C VAL H 116 -18.75 -1.94 -69.05
N LEU H 117 -19.41 -2.70 -69.92
CA LEU H 117 -18.72 -3.72 -70.71
C LEU H 117 -18.00 -3.11 -71.91
N ASP H 118 -18.33 -1.88 -72.27
CA ASP H 118 -17.63 -1.18 -73.35
C ASP H 118 -16.37 -0.46 -72.86
N VAL H 119 -16.19 -0.37 -71.54
CA VAL H 119 -14.95 0.17 -70.99
C VAL H 119 -13.99 -0.95 -70.63
N VAL H 120 -14.51 -2.07 -70.13
CA VAL H 120 -13.68 -3.24 -69.91
C VAL H 120 -13.12 -3.75 -71.24
N ARG H 121 -13.97 -3.82 -72.27
CA ARG H 121 -13.53 -4.29 -73.58
C ARG H 121 -12.49 -3.35 -74.16
N LYS H 122 -12.71 -2.03 -74.04
CA LYS H 122 -11.74 -1.07 -74.54
C LYS H 122 -10.43 -1.15 -73.77
N GLU H 123 -10.50 -1.33 -72.45
CA GLU H 123 -9.29 -1.45 -71.66
C GLU H 123 -8.55 -2.75 -71.97
N CYS H 124 -9.26 -3.78 -72.42
CA CYS H 124 -8.63 -5.06 -72.70
C CYS H 124 -7.86 -5.04 -74.01
N GLU H 125 -8.35 -4.31 -75.01
CA GLU H 125 -7.67 -4.28 -76.31
C GLU H 125 -6.34 -3.55 -76.22
N ASN H 126 -6.28 -2.44 -75.47
CA ASN H 126 -5.03 -1.72 -75.30
C ASN H 126 -4.01 -2.53 -74.50
N CYS H 127 -4.44 -3.59 -73.83
CA CYS H 127 -3.53 -4.46 -73.11
C CYS H 127 -2.62 -5.21 -74.06
N ASP H 128 -1.40 -5.48 -73.60
CA ASP H 128 -0.47 -6.29 -74.39
C ASP H 128 -0.79 -7.77 -74.23
N CYS H 129 -0.72 -8.27 -72.99
CA CYS H 129 -1.07 -9.66 -72.70
C CYS H 129 -1.84 -9.67 -71.39
N LEU H 130 -3.15 -9.89 -71.47
CA LEU H 130 -3.99 -9.86 -70.28
C LEU H 130 -3.65 -11.02 -69.35
N GLN H 131 -3.62 -10.74 -68.05
CA GLN H 131 -3.37 -11.74 -67.03
C GLN H 131 -4.65 -12.15 -66.30
N GLY H 132 -5.46 -11.19 -65.88
CA GLY H 132 -6.70 -11.51 -65.21
C GLY H 132 -7.37 -10.26 -64.68
N PHE H 133 -8.50 -10.48 -64.01
CA PHE H 133 -9.32 -9.43 -63.45
C PHE H 133 -9.27 -9.48 -61.92
N GLN H 134 -9.64 -8.35 -61.31
CA GLN H 134 -9.76 -8.24 -59.86
C GLN H 134 -11.04 -7.52 -59.53
N LEU H 135 -11.83 -8.09 -58.62
CA LEU H 135 -13.11 -7.52 -58.21
C LEU H 135 -13.16 -7.42 -56.70
N THR H 136 -13.50 -6.24 -56.19
CA THR H 136 -13.69 -6.01 -54.77
C THR H 136 -15.10 -5.53 -54.53
N HIS H 137 -15.85 -6.28 -53.73
CA HIS H 137 -17.27 -5.99 -53.52
C HIS H 137 -17.69 -6.56 -52.17
N SER H 138 -18.98 -6.43 -51.86
CA SER H 138 -19.56 -6.96 -50.65
C SER H 138 -20.66 -7.96 -51.00
N LEU H 139 -20.91 -8.89 -50.07
CA LEU H 139 -21.92 -9.92 -50.25
C LEU H 139 -23.22 -9.60 -49.51
N GLY H 140 -23.35 -8.37 -48.99
CA GLY H 140 -24.54 -8.01 -48.25
C GLY H 140 -25.32 -6.85 -48.85
N GLY H 141 -24.69 -6.12 -49.76
CA GLY H 141 -25.33 -4.98 -50.39
C GLY H 141 -26.18 -5.35 -51.59
N GLY H 142 -26.65 -4.30 -52.27
CA GLY H 142 -27.49 -4.49 -53.44
C GLY H 142 -26.75 -4.37 -54.75
N THR H 143 -25.91 -3.34 -54.89
CA THR H 143 -25.13 -3.16 -56.11
C THR H 143 -23.75 -3.80 -56.04
N GLY H 144 -23.15 -3.86 -54.86
CA GLY H 144 -21.87 -4.55 -54.73
C GLY H 144 -22.00 -6.04 -54.98
N SER H 145 -23.11 -6.63 -54.55
CA SER H 145 -23.36 -8.05 -54.72
C SER H 145 -24.21 -8.35 -55.95
N GLY H 146 -25.27 -7.58 -56.18
CA GLY H 146 -26.16 -7.82 -57.29
C GLY H 146 -25.55 -7.58 -58.66
N MET H 147 -24.89 -6.43 -58.83
CA MET H 147 -24.38 -6.10 -60.15
C MET H 147 -22.91 -6.49 -60.30
N GLY H 148 -22.18 -6.56 -59.19
CA GLY H 148 -20.84 -7.13 -59.24
C GLY H 148 -20.85 -8.57 -59.69
N THR H 149 -21.90 -9.31 -59.33
CA THR H 149 -22.07 -10.67 -59.85
C THR H 149 -22.40 -10.65 -61.34
N LEU H 150 -23.22 -9.69 -61.76
CA LEU H 150 -23.58 -9.60 -63.18
C LEU H 150 -22.35 -9.34 -64.04
N LEU H 151 -21.40 -8.55 -63.52
CA LEU H 151 -20.16 -8.32 -64.26
C LEU H 151 -19.36 -9.60 -64.40
N ILE H 152 -19.36 -10.44 -63.37
CA ILE H 152 -18.60 -11.69 -63.41
C ILE H 152 -19.15 -12.61 -64.50
N SER H 153 -20.48 -12.73 -64.58
CA SER H 153 -21.08 -13.60 -65.57
C SER H 153 -20.83 -13.11 -66.99
N LYS H 154 -20.88 -11.79 -67.19
CA LYS H 154 -20.65 -11.24 -68.52
C LYS H 154 -19.19 -11.35 -68.93
N VAL H 155 -18.27 -11.06 -68.01
CA VAL H 155 -16.84 -11.12 -68.31
C VAL H 155 -16.41 -12.55 -68.59
N ARG H 156 -16.92 -13.51 -67.80
CA ARG H 156 -16.53 -14.90 -67.98
C ARG H 156 -16.91 -15.41 -69.36
N GLU H 157 -18.00 -14.91 -69.94
CA GLU H 157 -18.39 -15.33 -71.28
C GLU H 157 -17.44 -14.78 -72.33
N GLU H 158 -16.99 -13.54 -72.17
CA GLU H 158 -16.13 -12.92 -73.16
C GLU H 158 -14.69 -13.44 -73.09
N TYR H 159 -14.17 -13.68 -71.88
CA TYR H 159 -12.80 -14.12 -71.68
C TYR H 159 -12.81 -15.38 -70.81
N PRO H 160 -13.19 -16.53 -71.37
CA PRO H 160 -13.22 -17.76 -70.57
C PRO H 160 -11.86 -18.19 -70.04
N ASP H 161 -10.79 -17.96 -70.79
CA ASP H 161 -9.46 -18.42 -70.41
C ASP H 161 -8.70 -17.33 -69.64
N ARG H 162 -9.34 -16.85 -68.57
CA ARG H 162 -8.75 -15.83 -67.71
C ARG H 162 -9.07 -16.16 -66.26
N ILE H 163 -8.26 -15.59 -65.36
CA ILE H 163 -8.37 -15.86 -63.92
C ILE H 163 -8.73 -14.57 -63.22
N MET H 164 -9.83 -14.58 -62.49
CA MET H 164 -10.30 -13.41 -61.76
C MET H 164 -10.50 -13.75 -60.29
N ASN H 165 -10.22 -12.78 -59.42
CA ASN H 165 -10.33 -12.94 -57.98
C ASN H 165 -11.37 -11.97 -57.44
N THR H 166 -12.10 -12.40 -56.43
CA THR H 166 -13.10 -11.58 -55.76
C THR H 166 -12.70 -11.39 -54.31
N PHE H 167 -12.51 -10.13 -53.91
CA PHE H 167 -12.17 -9.80 -52.52
C PHE H 167 -13.45 -9.41 -51.78
N SER H 168 -14.34 -10.38 -51.64
CA SER H 168 -15.63 -10.14 -51.03
C SER H 168 -15.49 -9.91 -49.53
N VAL H 169 -16.49 -9.25 -48.97
CA VAL H 169 -16.57 -8.99 -47.52
C VAL H 169 -17.83 -9.71 -47.03
N VAL H 170 -17.65 -10.94 -46.57
CA VAL H 170 -18.75 -11.81 -46.15
C VAL H 170 -19.33 -11.27 -44.83
N PRO H 171 -20.64 -11.37 -44.61
CA PRO H 171 -21.24 -10.82 -43.39
C PRO H 171 -20.70 -11.47 -42.12
N SER H 172 -21.14 -10.90 -40.98
CA SER H 172 -20.71 -11.21 -39.62
C SER H 172 -21.82 -11.92 -38.84
N PRO H 173 -21.46 -12.80 -37.90
CA PRO H 173 -22.48 -13.53 -37.14
C PRO H 173 -23.11 -12.71 -36.01
N LYS H 174 -22.31 -11.89 -35.34
CA LYS H 174 -22.79 -11.19 -34.15
C LYS H 174 -23.77 -10.09 -34.52
N VAL H 175 -23.33 -9.12 -35.31
CA VAL H 175 -24.18 -8.02 -35.74
C VAL H 175 -24.46 -8.17 -37.23
N SER H 176 -25.57 -7.57 -37.66
CA SER H 176 -25.96 -7.56 -39.07
C SER H 176 -26.11 -6.12 -39.51
N ASP H 177 -25.38 -5.74 -40.56
CA ASP H 177 -25.48 -4.37 -41.07
C ASP H 177 -26.77 -4.17 -41.85
N THR H 178 -27.32 -5.25 -42.41
CA THR H 178 -28.59 -5.20 -43.13
C THR H 178 -29.50 -6.30 -42.61
N VAL H 179 -30.77 -5.96 -42.41
CA VAL H 179 -31.72 -6.94 -41.89
C VAL H 179 -31.88 -8.10 -42.87
N VAL H 180 -32.05 -7.79 -44.15
CA VAL H 180 -32.10 -8.84 -45.18
C VAL H 180 -30.68 -9.02 -45.68
N GLU H 181 -29.88 -9.71 -44.88
CA GLU H 181 -28.54 -10.15 -45.28
C GLU H 181 -28.55 -11.51 -45.99
N PRO H 182 -29.19 -12.55 -45.43
CA PRO H 182 -29.07 -13.88 -46.04
C PRO H 182 -29.58 -13.97 -47.46
N TYR H 183 -30.64 -13.22 -47.81
CA TYR H 183 -31.18 -13.29 -49.16
C TYR H 183 -30.16 -12.84 -50.20
N ASN H 184 -29.43 -11.76 -49.90
CA ASN H 184 -28.42 -11.28 -50.84
C ASN H 184 -27.17 -12.16 -50.85
N ALA H 185 -26.79 -12.71 -49.70
CA ALA H 185 -25.58 -13.53 -49.64
C ALA H 185 -25.80 -14.89 -50.31
N THR H 186 -26.94 -15.53 -50.03
CA THR H 186 -27.20 -16.85 -50.61
C THR H 186 -27.34 -16.77 -52.12
N LEU H 187 -28.04 -15.75 -52.62
CA LEU H 187 -28.21 -15.59 -54.06
C LEU H 187 -26.91 -15.24 -54.77
N SER H 188 -25.92 -14.73 -54.04
CA SER H 188 -24.63 -14.39 -54.63
C SER H 188 -23.65 -15.55 -54.58
N ILE H 189 -23.64 -16.32 -53.49
CA ILE H 189 -22.75 -17.46 -53.37
C ILE H 189 -23.07 -18.50 -54.45
N HIS H 190 -24.36 -18.72 -54.71
CA HIS H 190 -24.76 -19.64 -55.76
C HIS H 190 -24.24 -19.21 -57.12
N GLN H 191 -23.98 -17.91 -57.31
CA GLN H 191 -23.41 -17.41 -58.55
C GLN H 191 -21.89 -17.34 -58.54
N LEU H 192 -21.28 -17.15 -57.37
CA LEU H 192 -19.83 -17.05 -57.31
C LEU H 192 -19.18 -18.42 -57.55
N VAL H 193 -19.68 -19.47 -56.91
CA VAL H 193 -19.10 -20.80 -57.06
C VAL H 193 -19.25 -21.36 -58.47
N GLU H 194 -19.92 -20.63 -59.36
CA GLU H 194 -20.02 -21.06 -60.75
C GLU H 194 -18.81 -20.63 -61.57
N ASN H 195 -18.51 -19.33 -61.59
CA ASN H 195 -17.58 -18.76 -62.57
C ASN H 195 -16.59 -17.81 -61.91
N THR H 196 -15.97 -18.22 -60.81
CA THR H 196 -14.83 -17.50 -60.27
C THR H 196 -13.72 -18.50 -59.99
N ASP H 197 -12.47 -18.05 -60.09
CA ASP H 197 -11.34 -18.96 -59.91
C ASP H 197 -10.95 -19.07 -58.44
N GLU H 198 -10.96 -17.96 -57.70
CA GLU H 198 -10.66 -18.00 -56.27
C GLU H 198 -11.30 -16.78 -55.60
N THR H 199 -11.68 -16.96 -54.34
CA THR H 199 -12.40 -15.94 -53.58
C THR H 199 -11.73 -15.77 -52.22
N TYR H 200 -11.45 -14.53 -51.85
CA TYR H 200 -10.84 -14.20 -50.56
C TYR H 200 -11.91 -13.65 -49.65
N CYS H 201 -12.38 -14.48 -48.71
CA CYS H 201 -13.43 -14.06 -47.79
C CYS H 201 -12.83 -13.26 -46.64
N ILE H 202 -13.40 -12.08 -46.40
CA ILE H 202 -12.92 -11.17 -45.37
C ILE H 202 -14.10 -10.77 -44.48
N ASP H 203 -13.81 -10.51 -43.21
CA ASP H 203 -14.82 -10.21 -42.21
C ASP H 203 -14.54 -8.87 -41.56
N ASN H 204 -15.61 -8.23 -41.10
CA ASN H 204 -15.48 -6.96 -40.39
C ASN H 204 -15.32 -7.15 -38.89
N GLU H 205 -16.04 -8.11 -38.31
CA GLU H 205 -15.92 -8.37 -36.88
C GLU H 205 -14.52 -8.85 -36.51
N ALA H 206 -13.88 -9.62 -37.40
CA ALA H 206 -12.52 -10.08 -37.14
C ALA H 206 -11.51 -8.95 -37.30
N LEU H 207 -11.85 -7.92 -38.09
CA LEU H 207 -10.95 -6.78 -38.22
C LEU H 207 -10.99 -5.90 -36.98
N TYR H 208 -12.16 -5.77 -36.34
CA TYR H 208 -12.22 -5.07 -35.06
C TYR H 208 -11.44 -5.82 -33.99
N ASP H 209 -11.54 -7.15 -33.98
CA ASP H 209 -10.83 -7.95 -32.99
C ASP H 209 -9.32 -7.79 -33.18
N ILE H 210 -8.84 -7.88 -34.41
CA ILE H 210 -7.41 -7.75 -34.68
C ILE H 210 -6.92 -6.35 -34.32
N CYS H 211 -7.69 -5.33 -34.69
CA CYS H 211 -7.24 -3.96 -34.46
C CYS H 211 -7.34 -3.58 -32.99
N PHE H 212 -8.22 -4.23 -32.23
CA PHE H 212 -8.40 -3.87 -30.82
C PHE H 212 -7.34 -4.51 -29.93
N ARG H 213 -7.06 -5.79 -30.11
CA ARG H 213 -6.12 -6.49 -29.24
C ARG H 213 -4.70 -6.44 -29.79
N THR H 214 -4.51 -6.92 -31.01
CA THR H 214 -3.16 -6.99 -31.57
C THR H 214 -2.61 -5.61 -31.88
N LEU H 215 -3.40 -4.77 -32.56
CA LEU H 215 -2.94 -3.43 -32.90
C LEU H 215 -3.07 -2.46 -31.72
N LYS H 216 -3.85 -2.81 -30.71
CA LYS H 216 -4.05 -1.98 -29.52
C LYS H 216 -4.54 -0.58 -29.90
N LEU H 217 -5.72 -0.53 -30.52
CA LEU H 217 -6.37 0.70 -30.91
C LEU H 217 -7.73 0.81 -30.23
N ALA H 218 -8.13 2.05 -29.93
CA ALA H 218 -9.37 2.31 -29.20
C ALA H 218 -10.53 2.70 -30.11
N THR H 219 -10.29 3.51 -31.13
CA THR H 219 -11.33 4.01 -32.03
C THR H 219 -10.96 3.67 -33.45
N PRO H 220 -11.14 2.41 -33.87
CA PRO H 220 -10.82 2.02 -35.25
C PRO H 220 -11.94 2.43 -36.20
N THR H 221 -11.67 3.45 -37.01
CA THR H 221 -12.62 3.86 -38.04
C THR H 221 -12.52 2.94 -39.24
N TYR H 222 -13.30 3.23 -40.28
CA TYR H 222 -13.24 2.44 -41.49
C TYR H 222 -11.98 2.72 -42.30
N GLY H 223 -11.29 3.82 -42.02
CA GLY H 223 -10.01 4.06 -42.67
C GLY H 223 -8.95 3.08 -42.25
N ASP H 224 -8.94 2.68 -40.98
CA ASP H 224 -7.94 1.73 -40.49
C ASP H 224 -8.25 0.30 -40.92
N LEU H 225 -9.53 -0.05 -41.05
CA LEU H 225 -9.88 -1.39 -41.51
C LEU H 225 -9.51 -1.58 -42.98
N ASN H 226 -9.82 -0.59 -43.82
CA ASN H 226 -9.46 -0.69 -45.24
C ASN H 226 -7.96 -0.64 -45.43
N HIS H 227 -7.24 0.07 -44.56
CA HIS H 227 -5.78 0.10 -44.63
C HIS H 227 -5.18 -1.25 -44.28
N LEU H 228 -5.93 -2.12 -43.59
CA LEU H 228 -5.43 -3.43 -43.23
C LEU H 228 -5.76 -4.48 -44.28
N VAL H 229 -6.93 -4.35 -44.92
CA VAL H 229 -7.27 -5.22 -46.04
C VAL H 229 -6.38 -4.93 -47.24
N SER H 230 -6.07 -3.65 -47.46
CA SER H 230 -5.30 -3.26 -48.64
C SER H 230 -3.90 -3.86 -48.63
N ALA H 231 -3.31 -4.06 -47.44
CA ALA H 231 -2.00 -4.66 -47.37
C ALA H 231 -2.01 -6.10 -47.87
N THR H 232 -3.05 -6.86 -47.51
CA THR H 232 -3.17 -8.23 -48.01
C THR H 232 -3.41 -8.25 -49.52
N MET H 233 -4.25 -7.34 -50.01
CA MET H 233 -4.53 -7.29 -51.44
C MET H 233 -3.29 -6.97 -52.26
N SER H 234 -2.33 -6.25 -51.68
CA SER H 234 -1.09 -5.96 -52.36
C SER H 234 -0.03 -7.05 -52.18
N GLY H 235 -0.18 -7.89 -51.14
CA GLY H 235 0.79 -8.96 -50.93
C GLY H 235 0.72 -10.03 -51.99
N VAL H 236 -0.49 -10.34 -52.46
CA VAL H 236 -0.66 -11.40 -53.45
C VAL H 236 0.01 -11.02 -54.76
N THR H 237 -0.17 -9.78 -55.21
CA THR H 237 0.31 -9.36 -56.52
C THR H 237 1.81 -9.14 -56.56
N THR H 238 2.41 -8.70 -55.45
CA THR H 238 3.79 -8.24 -55.43
C THR H 238 4.80 -9.25 -55.94
N SER H 239 4.42 -10.53 -56.07
CA SER H 239 5.37 -11.52 -56.57
C SER H 239 5.67 -11.31 -58.05
N LEU H 240 4.68 -10.87 -58.82
CA LEU H 240 4.85 -10.64 -60.24
C LEU H 240 5.17 -9.19 -60.58
N ARG H 241 5.35 -8.33 -59.58
CA ARG H 241 5.73 -6.94 -59.81
C ARG H 241 7.20 -6.68 -59.51
N PHE H 242 7.83 -7.50 -58.68
CA PHE H 242 9.21 -7.31 -58.27
C PHE H 242 9.98 -8.61 -58.41
N PRO H 243 11.27 -8.55 -58.69
CA PRO H 243 12.06 -9.78 -58.76
C PRO H 243 12.23 -10.41 -57.39
N GLY H 244 12.31 -11.74 -57.37
CA GLY H 244 12.47 -12.47 -56.13
C GLY H 244 13.22 -13.76 -56.33
N GLN H 245 13.62 -14.36 -55.21
CA GLN H 245 14.35 -15.62 -55.27
C GLN H 245 13.47 -16.76 -55.76
N LEU H 246 12.22 -16.81 -55.31
CA LEU H 246 11.26 -17.83 -55.72
C LEU H 246 9.96 -17.11 -56.08
N ASN H 247 9.78 -16.83 -57.37
CA ASN H 247 8.66 -16.02 -57.81
C ASN H 247 7.37 -16.83 -57.87
N ALA H 248 6.25 -16.11 -57.83
CA ALA H 248 4.92 -16.68 -58.00
C ALA H 248 4.05 -15.64 -58.70
N ASP H 249 2.80 -16.00 -58.93
CA ASP H 249 1.85 -15.08 -59.54
C ASP H 249 0.43 -15.57 -59.26
N LEU H 250 -0.55 -14.95 -59.92
CA LEU H 250 -1.95 -15.30 -59.69
C LEU H 250 -2.23 -16.73 -60.12
N ARG H 251 -1.70 -17.14 -61.28
CA ARG H 251 -1.98 -18.48 -61.79
C ARG H 251 -1.35 -19.55 -60.92
N LYS H 252 -0.14 -19.30 -60.42
CA LYS H 252 0.55 -20.30 -59.60
C LYS H 252 -0.20 -20.57 -58.30
N LEU H 253 -0.77 -19.54 -57.69
CA LEU H 253 -1.51 -19.74 -56.45
C LEU H 253 -2.79 -20.53 -56.66
N ALA H 254 -3.46 -20.35 -57.80
CA ALA H 254 -4.70 -21.07 -58.05
C ALA H 254 -4.46 -22.56 -58.24
N VAL H 255 -3.35 -22.92 -58.89
CA VAL H 255 -3.07 -24.33 -59.12
C VAL H 255 -2.81 -25.06 -57.81
N ASN H 256 -2.04 -24.44 -56.92
CA ASN H 256 -1.58 -25.12 -55.71
C ASN H 256 -2.63 -25.21 -54.62
N MET H 257 -3.69 -24.40 -54.67
CA MET H 257 -4.62 -24.28 -53.55
C MET H 257 -6.07 -24.54 -53.91
N VAL H 258 -6.35 -25.09 -55.09
CA VAL H 258 -7.71 -25.41 -55.48
C VAL H 258 -7.77 -26.88 -55.89
N PRO H 259 -7.80 -27.81 -54.94
CA PRO H 259 -7.84 -29.24 -55.31
C PRO H 259 -9.07 -29.62 -56.13
N PHE H 260 -10.21 -29.00 -55.86
CA PHE H 260 -11.44 -29.29 -56.58
C PHE H 260 -12.09 -27.99 -57.04
N PRO H 261 -12.81 -28.02 -58.17
CA PRO H 261 -13.30 -26.76 -58.76
C PRO H 261 -14.26 -25.99 -57.86
N ARG H 262 -14.95 -26.65 -56.93
CA ARG H 262 -15.92 -25.98 -56.08
C ARG H 262 -15.34 -25.53 -54.74
N LEU H 263 -14.05 -25.74 -54.51
CA LEU H 263 -13.40 -25.39 -53.24
C LEU H 263 -12.35 -24.33 -53.52
N HIS H 264 -12.76 -23.06 -53.48
CA HIS H 264 -11.86 -21.94 -53.72
C HIS H 264 -12.21 -20.77 -52.82
N PHE H 265 -12.48 -21.03 -51.54
CA PHE H 265 -12.79 -19.99 -50.56
C PHE H 265 -11.67 -19.95 -49.53
N PHE H 266 -10.89 -18.87 -49.56
CA PHE H 266 -9.67 -18.77 -48.76
C PHE H 266 -9.87 -17.82 -47.58
N MET H 267 -8.98 -17.95 -46.61
CA MET H 267 -8.97 -17.08 -45.42
C MET H 267 -7.61 -16.39 -45.34
N PRO H 268 -7.55 -15.09 -45.66
CA PRO H 268 -6.25 -14.42 -45.70
C PRO H 268 -5.67 -14.14 -44.32
N GLY H 269 -4.49 -13.52 -44.29
CA GLY H 269 -3.83 -13.18 -43.05
C GLY H 269 -2.70 -12.22 -43.33
N PHE H 270 -2.07 -11.75 -42.26
CA PHE H 270 -0.98 -10.79 -42.38
C PHE H 270 -0.11 -10.84 -41.15
N ALA H 271 1.15 -10.44 -41.32
CA ALA H 271 2.15 -10.39 -40.25
C ALA H 271 3.37 -9.62 -40.74
N PRO H 272 4.04 -8.85 -39.88
CA PRO H 272 3.74 -8.61 -38.46
C PRO H 272 2.71 -7.51 -38.25
N LEU H 273 1.94 -7.59 -37.17
CA LEU H 273 1.01 -6.54 -36.77
C LEU H 273 1.34 -6.15 -35.34
N THR H 274 1.90 -4.96 -35.16
CA THR H 274 2.31 -4.50 -33.84
C THR H 274 1.91 -3.04 -33.67
N ALA H 275 1.72 -2.64 -32.41
CA ALA H 275 1.38 -1.27 -32.09
C ALA H 275 2.57 -0.35 -32.35
N ARG H 276 2.33 0.95 -32.20
CA ARG H 276 3.39 1.93 -32.43
C ARG H 276 4.42 1.92 -31.29
N GLY H 277 3.94 1.82 -30.05
CA GLY H 277 4.84 1.87 -28.91
C GLY H 277 5.61 0.58 -28.66
N SER H 278 5.02 -0.56 -29.02
CA SER H 278 5.62 -1.87 -28.73
C SER H 278 6.29 -2.48 -29.95
N GLN H 279 6.90 -1.66 -30.81
CA GLN H 279 7.58 -2.15 -31.99
C GLN H 279 9.09 -2.23 -31.84
N GLN H 280 9.67 -1.51 -30.87
CA GLN H 280 11.10 -1.56 -30.64
C GLN H 280 11.51 -2.67 -29.69
N TYR H 281 10.56 -3.41 -29.13
CA TYR H 281 10.84 -4.49 -28.20
C TYR H 281 10.76 -5.87 -28.85
N ARG H 282 10.66 -5.92 -30.18
CA ARG H 282 10.54 -7.16 -30.91
C ARG H 282 11.64 -7.26 -31.95
N ALA H 283 12.21 -8.45 -32.10
CA ALA H 283 13.23 -8.70 -33.10
C ALA H 283 12.54 -9.19 -34.39
N LEU H 284 12.72 -8.43 -35.46
CA LEU H 284 12.06 -8.74 -36.73
C LEU H 284 12.82 -9.86 -37.42
N THR H 285 12.31 -11.08 -37.31
CA THR H 285 12.97 -12.24 -37.90
C THR H 285 11.90 -13.24 -38.34
N VAL H 286 12.29 -14.12 -39.27
CA VAL H 286 11.36 -15.11 -39.79
C VAL H 286 10.80 -16.01 -38.69
N PRO H 287 11.61 -16.48 -37.69
CA PRO H 287 11.06 -17.22 -36.56
C PRO H 287 9.71 -16.73 -36.04
N GLU H 288 9.64 -15.45 -35.67
CA GLU H 288 8.44 -14.89 -35.07
C GLU H 288 7.40 -14.45 -36.10
N LEU H 289 7.76 -14.36 -37.38
CA LEU H 289 6.76 -14.06 -38.41
C LEU H 289 5.84 -15.24 -38.64
N THR H 290 6.41 -16.45 -38.77
CA THR H 290 5.58 -17.64 -38.98
C THR H 290 4.78 -18.01 -37.74
N GLN H 291 5.22 -17.59 -36.55
CA GLN H 291 4.44 -17.83 -35.35
C GLN H 291 3.19 -16.96 -35.33
N GLN H 292 3.27 -15.75 -35.86
CA GLN H 292 2.13 -14.84 -35.88
C GLN H 292 1.07 -15.26 -36.89
N MET H 293 1.45 -16.00 -37.93
CA MET H 293 0.48 -16.43 -38.94
C MET H 293 -0.53 -17.41 -38.36
N PHE H 294 -0.04 -18.46 -37.71
CA PHE H 294 -0.81 -19.68 -37.50
C PHE H 294 -1.62 -19.68 -36.21
N ASP H 295 -1.59 -18.59 -35.45
CA ASP H 295 -2.45 -18.47 -34.28
C ASP H 295 -3.83 -17.98 -34.71
N ALA H 296 -4.87 -18.56 -34.10
CA ALA H 296 -6.24 -18.25 -34.51
C ALA H 296 -6.61 -16.78 -34.27
N LYS H 297 -5.88 -16.09 -33.39
CA LYS H 297 -6.19 -14.70 -33.13
C LYS H 297 -5.93 -13.83 -34.36
N ASN H 298 -4.84 -14.09 -35.08
CA ASN H 298 -4.47 -13.28 -36.24
C ASN H 298 -5.00 -13.92 -37.53
N MET H 299 -6.32 -14.04 -37.60
CA MET H 299 -7.02 -14.52 -38.77
C MET H 299 -8.00 -13.46 -39.23
N MET H 300 -8.03 -13.21 -40.55
CA MET H 300 -8.83 -12.12 -41.09
C MET H 300 -10.31 -12.47 -41.23
N ALA H 301 -10.67 -13.75 -41.12
CA ALA H 301 -12.05 -14.18 -41.21
C ALA H 301 -12.46 -14.80 -39.88
N ALA H 302 -13.69 -14.51 -39.45
CA ALA H 302 -14.19 -14.98 -38.16
C ALA H 302 -14.53 -16.48 -38.27
N CYS H 303 -13.47 -17.27 -38.37
CA CYS H 303 -13.59 -18.73 -38.40
C CYS H 303 -12.37 -19.31 -37.72
N ASP H 304 -12.57 -20.03 -36.64
CA ASP H 304 -11.46 -20.59 -35.88
C ASP H 304 -10.87 -21.77 -36.65
N PRO H 305 -9.58 -21.73 -37.01
CA PRO H 305 -8.98 -22.87 -37.73
C PRO H 305 -8.97 -24.16 -36.93
N ARG H 306 -9.07 -24.09 -35.60
CA ARG H 306 -9.04 -25.30 -34.79
C ARG H 306 -10.24 -26.20 -35.04
N HIS H 307 -11.32 -25.67 -35.60
CA HIS H 307 -12.50 -26.48 -35.90
C HIS H 307 -12.40 -27.22 -37.22
N GLY H 308 -11.33 -27.02 -37.98
CA GLY H 308 -11.16 -27.69 -39.26
C GLY H 308 -9.73 -28.03 -39.56
N ARG H 309 -9.47 -28.52 -40.78
CA ARG H 309 -8.13 -28.91 -41.21
C ARG H 309 -7.74 -28.10 -42.44
N TYR H 310 -6.50 -27.61 -42.43
CA TYR H 310 -5.97 -26.86 -43.57
C TYR H 310 -5.80 -27.79 -44.76
N LEU H 311 -6.58 -27.56 -45.81
CA LEU H 311 -6.40 -28.34 -47.04
C LEU H 311 -5.05 -28.04 -47.68
N THR H 312 -4.84 -26.78 -48.07
CA THR H 312 -3.57 -26.30 -48.57
C THR H 312 -3.28 -24.94 -47.99
N VAL H 313 -2.01 -24.59 -47.90
CA VAL H 313 -1.56 -23.33 -47.33
C VAL H 313 -0.47 -22.74 -48.21
N ALA H 314 -0.55 -21.44 -48.47
CA ALA H 314 0.49 -20.73 -49.19
C ALA H 314 0.84 -19.44 -48.45
N THR H 315 2.13 -19.21 -48.23
CA THR H 315 2.61 -18.01 -47.57
C THR H 315 3.52 -17.26 -48.52
N VAL H 316 3.26 -15.97 -48.70
CA VAL H 316 4.04 -15.14 -49.61
C VAL H 316 4.90 -14.17 -48.81
N PHE H 317 6.14 -14.56 -48.55
CA PHE H 317 7.05 -13.71 -47.79
C PHE H 317 7.48 -12.51 -48.63
N ARG H 318 8.00 -11.50 -47.95
CA ARG H 318 8.54 -10.30 -48.61
C ARG H 318 9.84 -9.94 -47.92
N GLY H 319 10.41 -8.81 -48.29
CA GLY H 319 11.67 -8.38 -47.73
C GLY H 319 12.81 -9.25 -48.18
N ARG H 320 13.93 -9.13 -47.46
CA ARG H 320 15.13 -9.91 -47.72
C ARG H 320 15.36 -10.85 -46.55
N MET H 321 15.45 -12.14 -46.84
CA MET H 321 15.61 -13.14 -45.80
C MET H 321 16.38 -14.32 -46.36
N SER H 322 16.99 -15.09 -45.45
CA SER H 322 17.66 -16.32 -45.85
C SER H 322 16.64 -17.36 -46.27
N MET H 323 16.98 -18.14 -47.29
CA MET H 323 16.02 -19.08 -47.85
C MET H 323 15.95 -20.36 -47.01
N LYS H 324 16.93 -20.59 -46.14
CA LYS H 324 16.92 -21.78 -45.30
C LYS H 324 15.92 -21.64 -44.16
N GLU H 325 15.91 -20.48 -43.48
CA GLU H 325 15.01 -20.29 -42.36
C GLU H 325 13.56 -20.44 -42.77
N VAL H 326 13.23 -20.09 -44.02
CA VAL H 326 11.86 -20.19 -44.48
C VAL H 326 11.42 -21.64 -44.55
N ASP H 327 12.22 -22.51 -45.18
CA ASP H 327 11.85 -23.91 -45.29
C ASP H 327 12.03 -24.67 -43.99
N GLU H 328 12.89 -24.20 -43.09
CA GLU H 328 13.12 -24.91 -41.83
C GLU H 328 11.92 -24.84 -40.91
N GLN H 329 11.16 -23.75 -40.96
CA GLN H 329 10.06 -23.55 -40.03
C GLN H 329 8.72 -24.05 -40.56
N MET H 330 8.49 -24.01 -41.87
CA MET H 330 7.29 -24.65 -42.41
C MET H 330 7.32 -26.16 -42.23
N LEU H 331 8.52 -26.74 -42.09
CA LEU H 331 8.62 -28.13 -41.68
C LEU H 331 8.32 -28.29 -40.20
N ALA H 332 8.84 -27.37 -39.38
CA ALA H 332 8.57 -27.43 -37.94
C ALA H 332 7.11 -27.17 -37.64
N ILE H 333 6.50 -26.20 -38.33
CA ILE H 333 5.08 -25.93 -38.13
C ILE H 333 4.24 -27.14 -38.53
N GLN H 334 4.57 -27.74 -39.67
CA GLN H 334 3.83 -28.91 -40.12
C GLN H 334 4.03 -30.10 -39.19
N SER H 335 5.26 -30.29 -38.69
CA SER H 335 5.53 -31.42 -37.81
C SER H 335 4.88 -31.23 -36.45
N LYS H 336 5.01 -30.03 -35.87
CA LYS H 336 4.39 -29.77 -34.57
C LYS H 336 2.87 -29.78 -34.69
N ASN H 337 2.32 -29.03 -35.65
CA ASN H 337 0.88 -28.95 -35.86
C ASN H 337 0.45 -29.94 -36.95
N SER H 338 0.74 -31.22 -36.69
CA SER H 338 0.42 -32.27 -37.65
C SER H 338 -1.04 -32.70 -37.61
N SER H 339 -1.80 -32.29 -36.59
CA SER H 339 -3.18 -32.72 -36.45
C SER H 339 -4.17 -31.81 -37.18
N TYR H 340 -3.75 -30.61 -37.58
CA TYR H 340 -4.62 -29.66 -38.25
C TYR H 340 -4.40 -29.62 -39.75
N PHE H 341 -3.64 -30.55 -40.30
CA PHE H 341 -3.42 -30.66 -41.74
C PHE H 341 -3.99 -31.96 -42.26
N VAL H 342 -4.50 -31.92 -43.49
CA VAL H 342 -5.12 -33.11 -44.07
C VAL H 342 -4.06 -34.15 -44.37
N GLU H 343 -4.46 -35.43 -44.30
CA GLU H 343 -3.52 -36.54 -44.40
C GLU H 343 -3.26 -36.99 -45.83
N TRP H 344 -4.23 -36.82 -46.73
CA TRP H 344 -4.04 -37.27 -48.11
C TRP H 344 -3.42 -36.19 -49.00
N ILE H 345 -3.02 -35.06 -48.44
CA ILE H 345 -2.23 -34.06 -49.15
C ILE H 345 -0.92 -33.89 -48.42
N PRO H 346 0.14 -34.56 -48.87
CA PRO H 346 1.46 -34.35 -48.27
C PRO H 346 1.99 -32.96 -48.59
N ASN H 347 2.97 -32.54 -47.80
CA ASN H 347 3.73 -31.29 -47.97
C ASN H 347 2.85 -30.14 -48.50
N ASN H 348 1.73 -29.94 -47.81
CA ASN H 348 0.71 -28.98 -48.24
C ASN H 348 1.03 -27.57 -47.77
N VAL H 349 2.18 -27.07 -48.22
CA VAL H 349 2.62 -25.70 -47.95
C VAL H 349 3.29 -25.16 -49.19
N LYS H 350 2.84 -24.02 -49.68
CA LYS H 350 3.44 -23.34 -50.82
C LYS H 350 4.17 -22.09 -50.35
N VAL H 351 5.38 -21.89 -50.85
CA VAL H 351 6.24 -20.80 -50.40
C VAL H 351 6.67 -19.96 -51.59
N ALA H 352 6.57 -18.65 -51.45
CA ALA H 352 7.10 -17.70 -52.42
C ALA H 352 7.80 -16.58 -51.68
N VAL H 353 8.89 -16.06 -52.25
CA VAL H 353 9.70 -15.04 -51.61
C VAL H 353 9.96 -13.92 -52.61
N CYS H 354 9.66 -12.69 -52.20
CA CYS H 354 9.98 -11.50 -52.98
C CYS H 354 11.26 -10.88 -52.43
N ASP H 355 11.62 -9.71 -52.96
CA ASP H 355 12.86 -9.06 -52.55
C ASP H 355 12.72 -7.59 -52.20
N ILE H 356 11.53 -7.02 -52.31
CA ILE H 356 11.30 -5.62 -51.98
C ILE H 356 10.41 -5.56 -50.73
N PRO H 357 10.93 -5.13 -49.59
CA PRO H 357 10.10 -4.99 -48.39
C PRO H 357 9.12 -3.84 -48.55
N PRO H 358 8.01 -3.86 -47.82
CA PRO H 358 7.05 -2.75 -47.92
C PRO H 358 7.60 -1.46 -47.34
N ARG H 359 6.84 -0.38 -47.44
CA ARG H 359 7.31 0.93 -46.99
C ARG H 359 7.38 0.96 -45.47
N GLY H 360 8.56 1.24 -44.93
CA GLY H 360 8.72 1.37 -43.49
C GLY H 360 8.75 0.08 -42.71
N LEU H 361 9.24 -1.00 -43.32
CA LEU H 361 9.31 -2.28 -42.64
C LEU H 361 10.48 -3.07 -43.19
N LYS H 362 11.18 -3.78 -42.30
CA LYS H 362 12.32 -4.59 -42.74
C LYS H 362 11.86 -5.81 -43.52
N MET H 363 10.84 -6.51 -43.02
CA MET H 363 10.32 -7.68 -43.71
C MET H 363 8.91 -7.97 -43.21
N SER H 364 8.09 -8.55 -44.08
CA SER H 364 6.73 -8.94 -43.74
C SER H 364 6.36 -10.13 -44.61
N SER H 365 5.10 -10.55 -44.49
CA SER H 365 4.64 -11.72 -45.25
C SER H 365 3.11 -11.75 -45.22
N THR H 366 2.56 -12.58 -46.10
CA THR H 366 1.12 -12.74 -46.26
C THR H 366 0.77 -14.22 -46.23
N PHE H 367 -0.33 -14.56 -45.56
CA PHE H 367 -0.76 -15.93 -45.38
C PHE H 367 -2.13 -16.12 -46.01
N ILE H 368 -2.26 -17.14 -46.85
CA ILE H 368 -3.51 -17.45 -47.55
C ILE H 368 -3.74 -18.94 -47.42
N GLY H 369 -4.68 -19.33 -46.57
CA GLY H 369 -4.90 -20.74 -46.31
C GLY H 369 -6.31 -21.22 -46.62
N ASN H 370 -6.42 -22.17 -47.55
CA ASN H 370 -7.70 -22.80 -47.89
C ASN H 370 -8.00 -23.86 -46.84
N SER H 371 -8.81 -23.50 -45.85
CA SER H 371 -9.12 -24.37 -44.73
C SER H 371 -10.51 -24.98 -44.90
N THR H 372 -10.89 -25.80 -43.91
CA THR H 372 -12.20 -26.42 -43.88
C THR H 372 -13.13 -25.76 -42.86
N ALA H 373 -12.60 -24.91 -41.98
CA ALA H 373 -13.41 -24.18 -41.02
C ALA H 373 -14.36 -23.19 -41.68
N ILE H 374 -14.18 -22.91 -42.98
CA ILE H 374 -15.10 -22.05 -43.72
C ILE H 374 -16.50 -22.64 -43.72
N GLN H 375 -16.60 -23.97 -43.59
CA GLN H 375 -17.90 -24.64 -43.61
C GLN H 375 -18.84 -24.09 -42.54
N GLU H 376 -18.29 -23.59 -41.43
CA GLU H 376 -19.12 -23.04 -40.37
C GLU H 376 -19.74 -21.71 -40.77
N LEU H 377 -19.13 -20.99 -41.71
CA LEU H 377 -19.72 -19.75 -42.20
C LEU H 377 -20.91 -20.02 -43.11
N PHE H 378 -20.79 -21.00 -44.01
CA PHE H 378 -21.89 -21.31 -44.91
C PHE H 378 -23.02 -22.03 -44.19
N LYS H 379 -22.70 -22.77 -43.13
CA LYS H 379 -23.76 -23.40 -42.34
C LYS H 379 -24.61 -22.38 -41.63
N ARG H 380 -24.00 -21.29 -41.14
CA ARG H 380 -24.74 -20.26 -40.45
C ARG H 380 -25.66 -19.50 -41.40
N ILE H 381 -25.15 -19.12 -42.57
CA ILE H 381 -25.95 -18.36 -43.52
C ILE H 381 -27.12 -19.20 -44.03
N SER H 382 -26.87 -20.46 -44.36
CA SER H 382 -27.94 -21.35 -44.82
C SER H 382 -28.98 -21.59 -43.73
N GLU H 383 -28.61 -21.46 -42.46
CA GLU H 383 -29.57 -21.58 -41.38
C GLU H 383 -30.49 -20.35 -41.32
N GLN H 384 -29.91 -19.16 -41.44
CA GLN H 384 -30.71 -17.94 -41.41
C GLN H 384 -31.63 -17.85 -42.61
N PHE H 385 -31.14 -18.26 -43.79
CA PHE H 385 -31.96 -18.20 -45.00
C PHE H 385 -33.17 -19.11 -44.88
N THR H 386 -33.00 -20.30 -44.28
CA THR H 386 -34.11 -21.22 -44.14
C THR H 386 -35.21 -20.65 -43.25
N ALA H 387 -34.83 -20.00 -42.14
CA ALA H 387 -35.82 -19.45 -41.22
C ALA H 387 -36.64 -18.34 -41.88
N MET H 388 -35.99 -17.45 -42.63
CA MET H 388 -36.71 -16.34 -43.25
C MET H 388 -37.53 -16.82 -44.45
N PHE H 389 -36.97 -17.72 -45.27
CA PHE H 389 -37.66 -18.16 -46.47
C PHE H 389 -38.92 -18.96 -46.15
N ARG H 390 -38.92 -19.68 -45.04
CA ARG H 390 -40.09 -20.47 -44.66
C ARG H 390 -41.29 -19.58 -44.40
N ARG H 391 -41.07 -18.44 -43.75
CA ARG H 391 -42.14 -17.48 -43.47
C ARG H 391 -42.34 -16.47 -44.59
N LYS H 392 -41.54 -16.55 -45.66
CA LYS H 392 -41.64 -15.65 -46.82
C LYS H 392 -41.49 -14.18 -46.42
N ALA H 393 -40.69 -13.91 -45.40
CA ALA H 393 -40.44 -12.55 -44.99
C ALA H 393 -39.56 -11.84 -46.01
N PHE H 394 -39.94 -10.61 -46.37
CA PHE H 394 -39.23 -9.72 -47.29
C PHE H 394 -39.19 -10.26 -48.72
N LEU H 395 -39.79 -11.41 -48.98
CA LEU H 395 -39.68 -12.05 -50.29
C LEU H 395 -40.52 -11.35 -51.36
N HIS H 396 -41.64 -10.73 -50.98
CA HIS H 396 -42.51 -10.09 -51.97
C HIS H 396 -41.98 -8.77 -52.50
N TRP H 397 -40.71 -8.43 -52.25
CA TRP H 397 -40.02 -7.42 -53.03
C TRP H 397 -38.88 -7.98 -53.86
N TYR H 398 -38.60 -9.28 -53.77
CA TYR H 398 -37.69 -9.94 -54.69
C TYR H 398 -38.44 -10.56 -55.87
N THR H 399 -39.70 -10.93 -55.68
CA THR H 399 -40.54 -11.44 -56.75
C THR H 399 -41.10 -10.32 -57.63
N GLY H 400 -41.32 -9.14 -57.07
CA GLY H 400 -41.93 -8.06 -57.81
C GLY H 400 -41.04 -7.39 -58.83
N GLU H 401 -39.79 -7.80 -58.95
CA GLU H 401 -38.85 -7.22 -59.90
C GLU H 401 -38.17 -8.30 -60.73
N GLY H 402 -38.91 -9.35 -61.08
CA GLY H 402 -38.42 -10.33 -62.02
C GLY H 402 -38.26 -11.74 -61.48
N MET H 403 -37.77 -11.87 -60.25
CA MET H 403 -37.45 -13.18 -59.71
C MET H 403 -38.72 -13.91 -59.27
N ASP H 404 -38.54 -15.12 -58.74
CA ASP H 404 -39.66 -15.93 -58.28
C ASP H 404 -39.15 -16.91 -57.22
N GLU H 405 -40.07 -17.67 -56.64
CA GLU H 405 -39.70 -18.63 -55.61
C GLU H 405 -38.81 -19.73 -56.18
N MET H 406 -39.01 -20.08 -57.45
CA MET H 406 -38.23 -21.15 -58.07
C MET H 406 -36.74 -20.83 -58.05
N GLU H 407 -36.39 -19.55 -58.26
CA GLU H 407 -34.98 -19.18 -58.25
C GLU H 407 -34.38 -19.33 -56.86
N PHE H 408 -35.15 -19.03 -55.81
CA PHE H 408 -34.64 -19.15 -54.45
C PHE H 408 -34.37 -20.60 -54.07
N THR H 409 -35.15 -21.54 -54.60
CA THR H 409 -34.97 -22.94 -54.26
C THR H 409 -33.60 -23.45 -54.70
N GLU H 410 -33.17 -23.08 -55.91
CA GLU H 410 -31.88 -23.53 -56.41
C GLU H 410 -30.74 -22.97 -55.58
N ALA H 411 -30.83 -21.70 -55.16
CA ALA H 411 -29.75 -21.07 -54.42
C ALA H 411 -29.53 -21.73 -53.06
N GLU H 412 -30.59 -22.26 -52.46
CA GLU H 412 -30.44 -22.90 -51.15
C GLU H 412 -29.92 -24.32 -51.28
N SER H 413 -30.43 -25.08 -52.26
CA SER H 413 -29.96 -26.44 -52.46
C SER H 413 -28.49 -26.46 -52.89
N ASN H 414 -28.10 -25.52 -53.75
CA ASN H 414 -26.70 -25.46 -54.18
C ASN H 414 -25.77 -25.16 -53.01
N MET H 415 -26.17 -24.23 -52.14
CA MET H 415 -25.32 -23.88 -51.00
C MET H 415 -25.26 -25.03 -50.01
N ASN H 416 -26.36 -25.75 -49.80
CA ASN H 416 -26.34 -26.91 -48.91
C ASN H 416 -25.49 -28.03 -49.47
N ASP H 417 -25.52 -28.22 -50.80
CA ASP H 417 -24.68 -29.24 -51.42
C ASP H 417 -23.21 -28.93 -51.24
N LEU H 418 -22.83 -27.65 -51.37
CA LEU H 418 -21.43 -27.27 -51.25
C LEU H 418 -20.89 -27.51 -49.84
N VAL H 419 -21.76 -27.35 -48.83
CA VAL H 419 -21.35 -27.63 -47.46
C VAL H 419 -21.05 -29.11 -47.28
N SER H 420 -21.88 -29.98 -47.86
CA SER H 420 -21.67 -31.42 -47.72
C SER H 420 -20.36 -31.85 -48.34
N GLU H 421 -20.02 -31.32 -49.52
CA GLU H 421 -18.74 -31.65 -50.14
C GLU H 421 -17.58 -31.04 -49.38
N TYR H 422 -17.82 -29.97 -48.63
CA TYR H 422 -16.74 -29.31 -47.90
C TYR H 422 -16.37 -30.10 -46.65
N GLN H 423 -17.33 -30.80 -46.05
CA GLN H 423 -17.06 -31.60 -44.87
C GLN H 423 -16.62 -33.02 -45.23
N GLN H 424 -17.09 -33.53 -46.36
CA GLN H 424 -16.74 -34.89 -46.77
C GLN H 424 -15.23 -35.05 -46.94
N TYR H 425 -14.55 -34.00 -47.40
CA TYR H 425 -13.11 -34.04 -47.57
C TYR H 425 -12.35 -33.74 -46.28
N GLN H 426 -13.05 -33.45 -45.18
CA GLN H 426 -12.40 -33.22 -43.90
C GLN H 426 -12.20 -34.51 -43.12
N ASP H 427 -13.21 -35.37 -43.09
CA ASP H 427 -13.11 -36.66 -42.41
C ASP H 427 -12.62 -37.78 -43.32
N ALA H 428 -12.47 -37.53 -44.62
CA ALA H 428 -12.01 -38.57 -45.53
C ALA H 428 -10.54 -38.89 -45.30
N THR H 429 -10.19 -40.15 -45.54
CA THR H 429 -8.82 -40.61 -45.37
C THR H 429 -8.38 -41.49 -46.54
N MET I 1 37.71 -27.55 -81.27
CA MET I 1 37.81 -28.93 -81.73
C MET I 1 36.81 -29.79 -80.98
N ARG I 2 36.72 -29.57 -79.66
CA ARG I 2 35.75 -30.25 -78.81
C ARG I 2 34.79 -29.23 -78.24
N GLU I 3 33.59 -29.14 -78.80
CA GLU I 3 32.59 -28.17 -78.38
C GLU I 3 31.45 -28.86 -77.67
N CYS I 4 30.83 -28.15 -76.73
CA CYS I 4 29.61 -28.60 -76.08
C CYS I 4 28.81 -27.37 -75.67
N ILE I 5 27.49 -27.46 -75.80
CA ILE I 5 26.61 -26.33 -75.52
C ILE I 5 25.70 -26.70 -74.35
N SER I 6 25.26 -25.68 -73.63
CA SER I 6 24.47 -25.85 -72.41
C SER I 6 23.13 -25.14 -72.56
N ILE I 7 22.06 -25.81 -72.12
CA ILE I 7 20.71 -25.28 -72.17
C ILE I 7 20.20 -25.16 -70.74
N HIS I 8 19.67 -23.97 -70.41
CA HIS I 8 19.15 -23.69 -69.08
C HIS I 8 17.66 -23.43 -69.18
N VAL I 9 16.88 -24.24 -68.48
CA VAL I 9 15.42 -24.21 -68.58
C VAL I 9 14.83 -23.90 -67.22
N GLY I 10 13.85 -23.01 -67.18
CA GLY I 10 13.18 -22.65 -65.95
C GLY I 10 13.97 -21.65 -65.13
N GLN I 11 13.42 -21.35 -63.95
CA GLN I 11 14.10 -20.42 -63.05
C GLN I 11 15.30 -21.08 -62.38
N ALA I 12 15.18 -22.36 -62.03
CA ALA I 12 16.30 -23.06 -61.40
C ALA I 12 17.49 -23.14 -62.35
N GLY I 13 17.24 -23.46 -63.62
CA GLY I 13 18.33 -23.54 -64.57
C GLY I 13 19.00 -22.21 -64.82
N VAL I 14 18.20 -21.14 -64.95
CA VAL I 14 18.77 -19.82 -65.20
C VAL I 14 19.55 -19.32 -63.99
N GLN I 15 19.00 -19.51 -62.79
CA GLN I 15 19.67 -19.03 -61.59
C GLN I 15 20.97 -19.80 -61.34
N ILE I 16 20.95 -21.11 -61.57
CA ILE I 16 22.16 -21.90 -61.45
C ILE I 16 23.17 -21.48 -62.52
N GLY I 17 22.70 -21.30 -63.76
CA GLY I 17 23.57 -20.87 -64.82
C GLY I 17 24.09 -19.45 -64.67
N ASN I 18 23.40 -18.63 -63.89
CA ASN I 18 23.91 -17.29 -63.61
C ASN I 18 25.18 -17.33 -62.78
N ALA I 19 25.33 -18.36 -61.95
CA ALA I 19 26.55 -18.54 -61.18
C ALA I 19 27.55 -19.46 -61.86
N CYS I 20 27.09 -20.35 -62.75
CA CYS I 20 27.99 -21.22 -63.47
C CYS I 20 28.86 -20.44 -64.45
N TRP I 21 28.23 -19.55 -65.24
CA TRP I 21 28.99 -18.74 -66.19
C TRP I 21 29.78 -17.65 -65.51
N GLU I 22 29.54 -17.38 -64.23
CA GLU I 22 30.41 -16.49 -63.48
C GLU I 22 31.73 -17.19 -63.12
N LEU I 23 31.76 -18.51 -63.17
CA LEU I 23 32.94 -19.29 -62.85
C LEU I 23 33.80 -19.58 -64.06
N TYR I 24 33.20 -19.99 -65.18
CA TYR I 24 33.97 -20.19 -66.41
C TYR I 24 34.59 -18.88 -66.88
N CYS I 25 33.83 -17.79 -66.81
CA CYS I 25 34.37 -16.49 -67.18
C CYS I 25 35.51 -16.07 -66.27
N LEU I 26 35.61 -16.66 -65.08
CA LEU I 26 36.70 -16.38 -64.15
C LEU I 26 37.87 -17.33 -64.31
N GLU I 27 37.61 -18.59 -64.67
CA GLU I 27 38.69 -19.56 -64.83
C GLU I 27 39.61 -19.20 -65.99
N HIS I 28 39.05 -18.69 -67.09
CA HIS I 28 39.81 -18.40 -68.29
C HIS I 28 40.26 -16.94 -68.35
N GLY I 29 40.09 -16.19 -67.27
CA GLY I 29 40.51 -14.79 -67.25
C GLY I 29 39.75 -13.89 -68.19
N ILE I 30 38.43 -14.05 -68.26
CA ILE I 30 37.57 -13.26 -69.14
C ILE I 30 36.93 -12.16 -68.33
N GLN I 31 36.93 -10.95 -68.87
CA GLN I 31 36.24 -9.84 -68.23
C GLN I 31 34.72 -9.99 -68.41
N PRO I 32 33.92 -9.33 -67.56
CA PRO I 32 32.46 -9.46 -67.69
C PRO I 32 31.91 -9.05 -69.03
N ASP I 33 32.55 -8.11 -69.72
CA ASP I 33 32.08 -7.63 -71.01
C ASP I 33 32.53 -8.48 -72.18
N GLY I 34 33.27 -9.56 -71.93
CA GLY I 34 33.70 -10.48 -72.97
C GLY I 34 35.14 -10.34 -73.40
N GLN I 35 35.81 -9.25 -73.03
CA GLN I 35 37.21 -9.07 -73.38
C GLN I 35 38.10 -9.86 -72.43
N MET I 36 39.41 -9.83 -72.69
CA MET I 36 40.37 -10.45 -71.79
C MET I 36 41.68 -9.70 -71.89
N PRO I 37 42.40 -9.49 -70.78
CA PRO I 37 43.68 -8.77 -70.77
C PRO I 37 44.76 -9.49 -71.55
N HIS I 43 47.96 -25.96 -69.93
CA HIS I 43 46.73 -25.24 -69.59
C HIS I 43 46.31 -24.33 -70.75
N HIS I 44 47.12 -23.32 -71.03
CA HIS I 44 46.88 -22.41 -72.14
C HIS I 44 47.85 -22.73 -73.27
N HIS I 45 47.33 -22.90 -74.47
CA HIS I 45 48.13 -23.30 -75.62
C HIS I 45 48.26 -22.18 -76.64
N ASP I 59 42.19 -23.82 -78.05
CA ASP I 59 42.60 -23.24 -76.78
C ASP I 59 41.70 -23.71 -75.65
N SER I 60 41.86 -23.11 -74.47
CA SER I 60 41.06 -23.51 -73.32
C SER I 60 39.60 -23.07 -73.47
N PHE I 61 39.39 -21.83 -73.88
CA PHE I 61 38.04 -21.27 -73.95
C PHE I 61 37.28 -21.69 -75.21
N ASN I 62 37.92 -22.43 -76.12
CA ASN I 62 37.27 -22.79 -77.38
C ASN I 62 36.07 -23.69 -77.11
N THR I 63 36.17 -24.56 -76.10
CA THR I 63 35.11 -25.54 -75.87
C THR I 63 33.82 -24.89 -75.41
N PHE I 64 33.90 -23.76 -74.71
CA PHE I 64 32.72 -23.08 -74.18
C PHE I 64 32.48 -21.71 -74.79
N PHE I 65 33.52 -20.93 -75.03
CA PHE I 65 33.39 -19.56 -75.53
C PHE I 65 33.67 -19.54 -77.02
N SER I 66 32.69 -19.11 -77.81
CA SER I 66 32.90 -18.90 -79.23
C SER I 66 33.47 -17.51 -79.47
N GLU I 67 34.57 -17.44 -80.23
CA GLU I 67 35.37 -16.23 -80.35
C GLU I 67 34.99 -15.50 -81.63
N THR I 68 34.67 -14.21 -81.51
CA THR I 68 34.12 -13.40 -82.59
C THR I 68 35.23 -12.60 -83.28
N GLY I 69 34.84 -11.68 -84.16
CA GLY I 69 35.82 -10.95 -84.95
C GLY I 69 36.79 -10.16 -84.09
N ALA I 70 36.27 -9.44 -83.10
CA ALA I 70 37.10 -8.75 -82.13
C ALA I 70 37.53 -9.74 -81.05
N GLY I 71 38.09 -9.23 -79.95
CA GLY I 71 38.47 -10.08 -78.84
C GLY I 71 37.32 -10.56 -78.00
N LYS I 72 36.09 -10.18 -78.35
CA LYS I 72 34.92 -10.58 -77.56
C LYS I 72 34.65 -12.07 -77.70
N HIS I 73 34.43 -12.74 -76.57
CA HIS I 73 33.99 -14.12 -76.53
C HIS I 73 32.56 -14.17 -76.03
N VAL I 74 31.71 -14.94 -76.72
CA VAL I 74 30.32 -15.09 -76.29
C VAL I 74 30.07 -16.54 -75.91
N PRO I 75 29.32 -16.79 -74.84
CA PRO I 75 29.12 -18.17 -74.38
C PRO I 75 28.22 -18.96 -75.32
N ARG I 76 28.34 -20.28 -75.23
CA ARG I 76 27.46 -21.21 -75.96
C ARG I 76 26.31 -21.65 -75.07
N ALA I 77 25.47 -20.69 -74.69
CA ALA I 77 24.35 -20.94 -73.79
C ALA I 77 23.05 -20.48 -74.43
N VAL I 78 21.97 -21.19 -74.11
CA VAL I 78 20.63 -20.88 -74.60
C VAL I 78 19.73 -20.78 -73.37
N PHE I 79 19.53 -19.56 -72.87
CA PHE I 79 18.65 -19.33 -71.74
C PHE I 79 17.21 -19.26 -72.24
N VAL I 80 16.37 -20.19 -71.78
CA VAL I 80 14.99 -20.27 -72.22
C VAL I 80 14.08 -20.32 -71.00
N ASP I 81 13.04 -19.50 -70.99
CA ASP I 81 12.03 -19.52 -69.94
C ASP I 81 10.72 -19.00 -70.53
N LEU I 82 9.62 -19.31 -69.84
CA LEU I 82 8.31 -18.85 -70.25
C LEU I 82 7.95 -17.52 -69.59
N GLU I 83 8.05 -17.43 -68.28
CA GLU I 83 7.80 -16.18 -67.60
C GLU I 83 9.02 -15.27 -67.72
N PRO I 84 8.84 -14.01 -68.10
CA PRO I 84 10.01 -13.15 -68.36
C PRO I 84 10.52 -12.42 -67.13
N THR I 85 10.12 -12.84 -65.93
CA THR I 85 10.48 -12.10 -64.73
C THR I 85 11.91 -12.33 -64.28
N VAL I 86 12.58 -13.36 -64.80
CA VAL I 86 13.93 -13.70 -64.38
C VAL I 86 14.96 -13.37 -65.46
N ILE I 87 14.58 -13.51 -66.73
CA ILE I 87 15.51 -13.21 -67.82
C ILE I 87 15.86 -11.72 -67.83
N ASP I 88 14.91 -10.86 -67.47
CA ASP I 88 15.23 -9.43 -67.38
C ASP I 88 16.21 -9.12 -66.26
N GLU I 89 16.42 -10.05 -65.33
CA GLU I 89 17.44 -9.82 -64.30
C GLU I 89 18.85 -9.97 -64.86
N VAL I 90 19.10 -11.01 -65.65
CA VAL I 90 20.42 -11.17 -66.26
C VAL I 90 20.60 -10.15 -67.38
N ARG I 91 19.53 -9.78 -68.07
CA ARG I 91 19.62 -8.74 -69.09
C ARG I 91 20.07 -7.41 -68.50
N THR I 92 19.83 -7.20 -67.21
CA THR I 92 20.14 -5.95 -66.54
C THR I 92 21.39 -6.03 -65.68
N GLY I 93 21.67 -7.20 -65.10
CA GLY I 93 22.80 -7.37 -64.20
C GLY I 93 24.17 -7.13 -64.82
N THR I 94 25.23 -7.36 -64.05
CA THR I 94 26.57 -7.06 -64.51
C THR I 94 26.97 -7.90 -65.72
N TYR I 95 26.38 -9.08 -65.87
CA TYR I 95 26.66 -9.94 -67.02
C TYR I 95 25.68 -9.68 -68.16
N ARG I 96 25.56 -8.41 -68.56
CA ARG I 96 24.65 -7.99 -69.61
C ARG I 96 25.32 -7.98 -70.98
N GLN I 97 26.57 -7.52 -71.05
CA GLN I 97 27.29 -7.43 -72.31
C GLN I 97 27.87 -8.77 -72.76
N LEU I 98 27.85 -9.79 -71.90
CA LEU I 98 28.49 -11.06 -72.25
C LEU I 98 27.61 -11.88 -73.18
N PHE I 99 26.39 -12.19 -72.75
CA PHE I 99 25.53 -13.10 -73.51
C PHE I 99 25.09 -12.48 -74.83
N HIS I 100 24.85 -13.35 -75.80
CA HIS I 100 24.30 -12.90 -77.08
C HIS I 100 22.84 -12.50 -76.89
N PRO I 101 22.44 -11.30 -77.32
CA PRO I 101 21.08 -10.82 -77.02
C PRO I 101 19.98 -11.73 -77.53
N GLU I 102 20.19 -12.44 -78.64
CA GLU I 102 19.13 -13.27 -79.19
C GLU I 102 18.95 -14.56 -78.41
N GLN I 103 20.02 -15.08 -77.80
CA GLN I 103 19.94 -16.38 -77.14
C GLN I 103 18.96 -16.37 -75.98
N LEU I 104 18.83 -15.25 -75.27
CA LEU I 104 17.90 -15.16 -74.15
C LEU I 104 16.47 -15.16 -74.69
N ILE I 105 15.80 -16.30 -74.55
CA ILE I 105 14.45 -16.49 -75.09
C ILE I 105 13.45 -16.46 -73.94
N THR I 106 12.42 -15.63 -74.07
CA THR I 106 11.37 -15.52 -73.08
C THR I 106 10.01 -15.69 -73.75
N GLY I 107 9.01 -16.01 -72.93
CA GLY I 107 7.65 -16.09 -73.41
C GLY I 107 6.79 -14.96 -72.87
N LYS I 108 5.55 -15.25 -72.51
CA LYS I 108 4.65 -14.25 -71.96
C LYS I 108 4.16 -14.58 -70.56
N GLU I 109 3.79 -15.84 -70.31
CA GLU I 109 3.35 -16.28 -69.00
C GLU I 109 3.93 -17.66 -68.70
N ASP I 110 4.10 -17.94 -67.42
CA ASP I 110 4.74 -19.18 -67.00
C ASP I 110 3.79 -20.36 -67.12
N ALA I 111 4.33 -21.56 -66.87
CA ALA I 111 3.53 -22.77 -66.84
C ALA I 111 2.73 -22.91 -65.56
N ALA I 112 3.07 -22.13 -64.53
CA ALA I 112 2.32 -22.10 -63.27
C ALA I 112 2.29 -23.49 -62.61
N ASN I 113 3.46 -24.09 -62.45
CA ASN I 113 3.64 -25.38 -61.78
C ASN I 113 2.78 -26.47 -62.42
N ASN I 114 2.39 -26.29 -63.68
CA ASN I 114 1.56 -27.26 -64.38
C ASN I 114 2.40 -27.95 -65.45
N TYR I 115 2.43 -29.28 -65.40
CA TYR I 115 3.16 -30.03 -66.43
C TYR I 115 2.46 -29.94 -67.78
N ALA I 116 1.13 -29.97 -67.78
CA ALA I 116 0.38 -29.91 -69.04
C ALA I 116 0.49 -28.54 -69.70
N ARG I 117 0.58 -27.46 -68.93
CA ARG I 117 0.64 -26.14 -69.53
C ARG I 117 1.98 -25.91 -70.23
N GLY I 118 3.07 -26.30 -69.61
CA GLY I 118 4.40 -26.09 -70.15
C GLY I 118 4.89 -27.17 -71.10
N HIS I 119 4.05 -28.14 -71.45
CA HIS I 119 4.44 -29.21 -72.34
C HIS I 119 3.48 -29.44 -73.50
N TYR I 120 2.22 -29.02 -73.40
CA TYR I 120 1.23 -29.28 -74.43
C TYR I 120 0.73 -28.03 -75.12
N THR I 121 0.40 -26.98 -74.38
CA THR I 121 -0.25 -25.80 -74.95
C THR I 121 0.64 -24.56 -74.94
N ILE I 122 1.10 -24.14 -73.76
CA ILE I 122 1.88 -22.90 -73.68
C ILE I 122 3.29 -23.12 -74.23
N GLY I 123 3.92 -24.24 -73.87
CA GLY I 123 5.29 -24.49 -74.31
C GLY I 123 5.41 -24.86 -75.78
N LYS I 124 4.31 -25.23 -76.42
CA LYS I 124 4.34 -25.59 -77.84
C LYS I 124 4.43 -24.38 -78.75
N GLU I 125 4.11 -23.19 -78.26
CA GLU I 125 4.17 -21.97 -79.06
C GLU I 125 5.55 -21.34 -79.09
N ILE I 126 6.52 -21.93 -78.39
CA ILE I 126 7.88 -21.37 -78.32
C ILE I 126 8.95 -22.38 -78.68
N ILE I 127 8.67 -23.69 -78.63
CA ILE I 127 9.70 -24.71 -78.83
C ILE I 127 10.33 -24.56 -80.22
N ASP I 128 9.52 -24.25 -81.23
CA ASP I 128 10.05 -24.13 -82.58
C ASP I 128 11.07 -23.00 -82.69
N LEU I 129 10.91 -21.95 -81.89
CA LEU I 129 11.89 -20.86 -81.90
C LEU I 129 13.18 -21.28 -81.19
N VAL I 130 13.07 -22.06 -80.11
CA VAL I 130 14.26 -22.47 -79.37
C VAL I 130 15.11 -23.41 -80.21
N LEU I 131 14.48 -24.37 -80.88
CA LEU I 131 15.23 -25.34 -81.68
C LEU I 131 15.96 -24.67 -82.84
N ASP I 132 15.41 -23.56 -83.34
CA ASP I 132 16.09 -22.82 -84.41
C ASP I 132 17.43 -22.27 -83.92
N ARG I 133 17.47 -21.75 -82.69
CA ARG I 133 18.71 -21.19 -82.16
C ARG I 133 19.72 -22.29 -81.85
N ILE I 134 19.25 -23.44 -81.37
CA ILE I 134 20.15 -24.56 -81.09
C ILE I 134 20.81 -25.05 -82.37
N ARG I 135 20.02 -25.20 -83.44
CA ARG I 135 20.58 -25.62 -84.72
C ARG I 135 21.57 -24.60 -85.27
N LYS I 136 21.33 -23.30 -85.00
CA LYS I 136 22.27 -22.28 -85.43
C LYS I 136 23.60 -22.41 -84.70
N LEU I 137 23.57 -22.79 -83.42
CA LEU I 137 24.79 -22.94 -82.65
C LEU I 137 25.55 -24.20 -83.06
N ALA I 138 24.83 -25.30 -83.29
CA ALA I 138 25.49 -26.56 -83.64
C ALA I 138 26.18 -26.48 -85.00
N ASP I 139 25.54 -25.80 -85.96
CA ASP I 139 26.14 -25.70 -87.29
C ASP I 139 27.41 -24.87 -87.28
N GLN I 140 27.52 -23.91 -86.36
CA GLN I 140 28.70 -23.06 -86.32
C GLN I 140 29.92 -23.82 -85.81
N CYS I 141 29.73 -24.76 -84.89
CA CYS I 141 30.82 -25.53 -84.33
C CYS I 141 31.06 -26.80 -85.16
N THR I 142 32.22 -27.42 -84.94
CA THR I 142 32.66 -28.56 -85.72
C THR I 142 32.63 -29.87 -84.94
N GLY I 143 33.17 -29.88 -83.73
CA GLY I 143 33.33 -31.11 -82.97
C GLY I 143 32.39 -31.24 -81.79
N LEU I 144 31.11 -30.92 -82.01
CA LEU I 144 30.12 -30.95 -80.94
C LEU I 144 30.07 -32.34 -80.29
N GLN I 145 30.08 -32.35 -78.95
CA GLN I 145 30.07 -33.59 -78.18
C GLN I 145 28.68 -33.89 -77.61
N GLY I 146 28.09 -32.94 -76.90
CA GLY I 146 26.80 -33.19 -76.28
C GLY I 146 26.26 -31.94 -75.62
N PHE I 147 25.08 -32.08 -75.03
CA PHE I 147 24.36 -30.98 -74.41
C PHE I 147 24.33 -31.15 -72.90
N LEU I 148 24.40 -30.03 -72.19
CA LEU I 148 24.23 -29.98 -70.74
C LEU I 148 22.93 -29.23 -70.44
N VAL I 149 21.97 -29.92 -69.85
CA VAL I 149 20.65 -29.37 -69.59
C VAL I 149 20.51 -29.14 -68.09
N PHE I 150 20.30 -27.89 -67.70
CA PHE I 150 20.06 -27.53 -66.32
C PHE I 150 18.58 -27.24 -66.12
N HIS I 151 17.94 -28.01 -65.24
CA HIS I 151 16.52 -27.86 -65.00
C HIS I 151 16.17 -28.49 -63.66
N SER I 152 15.04 -28.07 -63.11
CA SER I 152 14.53 -28.63 -61.87
C SER I 152 13.55 -29.77 -62.18
N PHE I 153 12.85 -30.24 -61.17
CA PHE I 153 11.89 -31.33 -61.33
C PHE I 153 10.47 -30.97 -60.89
N GLY I 154 10.32 -30.12 -59.87
CA GLY I 154 9.00 -29.74 -59.40
C GLY I 154 8.36 -28.57 -60.12
N GLY I 155 9.09 -27.90 -61.01
CA GLY I 155 8.56 -26.74 -61.68
C GLY I 155 7.63 -27.11 -62.82
N GLY I 156 7.05 -26.07 -63.42
CA GLY I 156 6.16 -26.25 -64.55
C GLY I 156 6.89 -26.25 -65.88
N THR I 157 7.67 -25.20 -66.14
CA THR I 157 8.48 -25.14 -67.35
C THR I 157 9.84 -25.79 -67.20
N GLY I 158 10.28 -26.06 -65.96
CA GLY I 158 11.51 -26.80 -65.75
C GLY I 158 11.36 -28.29 -65.82
N SER I 159 10.13 -28.79 -65.82
CA SER I 159 9.85 -30.21 -65.88
C SER I 159 8.98 -30.63 -67.05
N GLY I 160 8.15 -29.72 -67.56
CA GLY I 160 7.30 -30.03 -68.70
C GLY I 160 7.91 -29.60 -70.02
N PHE I 161 8.54 -28.42 -70.02
CA PHE I 161 9.18 -27.93 -71.24
C PHE I 161 10.47 -28.67 -71.55
N THR I 162 11.24 -29.06 -70.53
CA THR I 162 12.48 -29.78 -70.77
C THR I 162 12.24 -31.20 -71.24
N SER I 163 11.05 -31.75 -71.02
CA SER I 163 10.68 -33.03 -71.60
C SER I 163 10.26 -32.91 -73.06
N LEU I 164 9.96 -31.69 -73.52
CA LEU I 164 9.70 -31.42 -74.92
C LEU I 164 10.97 -31.13 -75.70
N LEU I 165 11.90 -30.38 -75.09
CA LEU I 165 13.19 -30.14 -75.72
C LEU I 165 13.98 -31.43 -75.88
N MET I 166 13.96 -32.28 -74.87
CA MET I 166 14.75 -33.52 -74.90
C MET I 166 14.23 -34.47 -75.97
N GLU I 167 12.91 -34.58 -76.12
CA GLU I 167 12.34 -35.44 -77.15
C GLU I 167 12.64 -34.91 -78.54
N ARG I 168 12.62 -33.58 -78.71
CA ARG I 168 12.90 -32.99 -80.01
C ARG I 168 14.38 -33.07 -80.38
N LEU I 169 15.26 -32.85 -79.39
CA LEU I 169 16.70 -32.87 -79.68
C LEU I 169 17.17 -34.26 -80.06
N SER I 170 16.60 -35.29 -79.44
CA SER I 170 17.03 -36.67 -79.74
C SER I 170 16.71 -37.03 -81.19
N VAL I 171 15.60 -36.52 -81.72
CA VAL I 171 15.24 -36.81 -83.11
C VAL I 171 16.20 -36.11 -84.06
N ASP I 172 16.47 -34.83 -83.81
CA ASP I 172 17.34 -34.07 -84.70
C ASP I 172 18.77 -34.59 -84.68
N TYR I 173 19.34 -34.76 -83.49
CA TYR I 173 20.68 -35.30 -83.32
C TYR I 173 20.54 -36.72 -82.76
N GLY I 174 20.90 -37.71 -83.58
CA GLY I 174 20.66 -39.11 -83.26
C GLY I 174 21.26 -39.60 -81.95
N LYS I 175 22.58 -39.67 -81.88
CA LYS I 175 23.27 -40.24 -80.73
C LYS I 175 24.31 -39.24 -80.22
N LYS I 176 23.93 -38.44 -79.23
CA LYS I 176 24.84 -37.55 -78.55
C LYS I 176 24.60 -37.65 -77.05
N SER I 177 25.68 -37.50 -76.28
CA SER I 177 25.56 -37.53 -74.83
C SER I 177 24.74 -36.34 -74.35
N LYS I 178 23.78 -36.60 -73.46
CA LYS I 178 22.86 -35.58 -72.96
C LYS I 178 22.87 -35.65 -71.43
N LEU I 179 23.83 -34.95 -70.81
CA LEU I 179 23.91 -34.90 -69.36
C LEU I 179 22.94 -33.87 -68.81
N GLU I 180 22.30 -34.20 -67.71
CA GLU I 180 21.37 -33.30 -67.05
C GLU I 180 21.78 -33.12 -65.59
N PHE I 181 21.37 -32.00 -65.01
CA PHE I 181 21.61 -31.69 -63.61
C PHE I 181 20.27 -31.30 -62.99
N SER I 182 19.53 -32.30 -62.54
CA SER I 182 18.20 -32.08 -62.01
C SER I 182 18.27 -31.57 -60.56
N ILE I 183 17.10 -31.25 -60.02
CA ILE I 183 16.95 -30.83 -58.63
C ILE I 183 15.86 -31.71 -58.04
N TYR I 184 16.26 -32.77 -57.34
CA TYR I 184 15.29 -33.68 -56.76
C TYR I 184 14.47 -32.98 -55.69
N PRO I 185 13.15 -33.17 -55.66
CA PRO I 185 12.35 -32.63 -54.56
C PRO I 185 12.74 -33.29 -53.24
N ALA I 186 13.03 -32.46 -52.24
CA ALA I 186 13.50 -32.96 -50.97
C ALA I 186 12.38 -33.70 -50.24
N PRO I 187 12.74 -34.63 -49.33
CA PRO I 187 11.69 -35.39 -48.63
C PRO I 187 10.80 -34.52 -47.73
N GLN I 188 11.41 -33.68 -46.89
CA GLN I 188 10.66 -32.83 -45.98
C GLN I 188 10.50 -31.41 -46.50
N VAL I 189 11.61 -30.74 -46.81
CA VAL I 189 11.55 -29.39 -47.34
C VAL I 189 11.00 -29.42 -48.76
N SER I 190 10.01 -28.57 -49.03
CA SER I 190 9.41 -28.52 -50.36
C SER I 190 8.59 -27.25 -50.49
N THR I 191 8.65 -26.65 -51.68
CA THR I 191 7.91 -25.43 -51.95
C THR I 191 6.56 -25.71 -52.62
N ALA I 192 6.58 -26.40 -53.76
CA ALA I 192 5.34 -26.68 -54.46
C ALA I 192 4.51 -27.71 -53.71
N VAL I 193 3.20 -27.69 -53.97
CA VAL I 193 2.27 -28.62 -53.35
C VAL I 193 2.02 -29.78 -54.31
N VAL I 194 2.08 -29.49 -55.61
CA VAL I 194 1.79 -30.47 -56.63
C VAL I 194 3.09 -31.13 -57.16
N GLU I 195 4.17 -31.04 -56.39
CA GLU I 195 5.45 -31.59 -56.83
C GLU I 195 5.41 -33.06 -57.21
N PRO I 196 4.76 -33.97 -56.44
CA PRO I 196 4.77 -35.38 -56.86
C PRO I 196 4.16 -35.62 -58.23
N TYR I 197 3.18 -34.82 -58.64
CA TYR I 197 2.57 -35.00 -59.96
C TYR I 197 3.55 -34.66 -61.07
N ASN I 198 4.32 -33.59 -60.91
CA ASN I 198 5.26 -33.18 -61.96
C ASN I 198 6.44 -34.12 -62.06
N SER I 199 7.01 -34.53 -60.91
CA SER I 199 8.23 -35.33 -60.92
C SER I 199 7.99 -36.70 -61.56
N ILE I 200 6.85 -37.32 -61.28
CA ILE I 200 6.55 -38.63 -61.84
C ILE I 200 6.40 -38.54 -63.35
N LEU I 201 5.68 -37.51 -63.83
CA LEU I 201 5.39 -37.41 -65.26
C LEU I 201 6.64 -37.17 -66.08
N THR I 202 7.55 -36.32 -65.61
CA THR I 202 8.74 -36.02 -66.40
C THR I 202 9.71 -37.20 -66.41
N THR I 203 9.80 -37.93 -65.30
CA THR I 203 10.72 -39.05 -65.23
C THR I 203 10.37 -40.13 -66.25
N HIS I 204 9.08 -40.44 -66.37
CA HIS I 204 8.65 -41.42 -67.36
C HIS I 204 8.89 -40.93 -68.78
N THR I 205 8.75 -39.62 -69.02
CA THR I 205 8.91 -39.08 -70.36
C THR I 205 10.38 -39.03 -70.78
N THR I 206 11.27 -38.64 -69.88
CA THR I 206 12.68 -38.45 -70.21
C THR I 206 13.54 -39.68 -69.88
N LEU I 207 12.91 -40.78 -69.48
CA LEU I 207 13.66 -41.98 -69.12
C LEU I 207 14.33 -42.63 -70.33
N GLU I 208 13.84 -42.36 -71.53
CA GLU I 208 14.38 -42.98 -72.74
C GLU I 208 15.07 -41.99 -73.67
N HIS I 209 15.30 -40.75 -73.20
CA HIS I 209 15.95 -39.73 -74.01
C HIS I 209 17.12 -39.10 -73.26
N SER I 210 17.79 -39.87 -72.40
CA SER I 210 18.88 -39.36 -71.59
C SER I 210 19.98 -40.39 -71.50
N ASP I 211 21.21 -39.92 -71.26
CA ASP I 211 22.36 -40.78 -71.07
C ASP I 211 22.87 -40.78 -69.64
N CYS I 212 22.73 -39.67 -68.92
CA CYS I 212 23.16 -39.59 -67.53
C CYS I 212 22.47 -38.39 -66.89
N ALA I 213 21.86 -38.61 -65.74
CA ALA I 213 21.11 -37.57 -65.03
C ALA I 213 21.67 -37.44 -63.62
N PHE I 214 22.67 -36.57 -63.46
CA PHE I 214 23.20 -36.28 -62.14
C PHE I 214 22.12 -35.62 -61.28
N MET I 215 21.99 -36.08 -60.04
CA MET I 215 20.87 -35.71 -59.19
C MET I 215 21.39 -34.90 -58.00
N VAL I 216 20.72 -33.80 -57.69
CA VAL I 216 21.09 -32.90 -56.61
C VAL I 216 19.84 -32.53 -55.84
N ASP I 217 19.94 -32.52 -54.52
CA ASP I 217 18.81 -32.19 -53.65
C ASP I 217 19.10 -30.92 -52.87
N ASN I 218 18.04 -30.13 -52.62
CA ASN I 218 18.20 -28.87 -51.91
C ASN I 218 18.38 -29.06 -50.42
N GLU I 219 17.71 -30.07 -49.83
CA GLU I 219 17.82 -30.29 -48.39
C GLU I 219 19.23 -30.70 -48.00
N ALA I 220 19.86 -31.58 -48.79
CA ALA I 220 21.18 -32.08 -48.43
C ALA I 220 22.22 -30.96 -48.42
N ILE I 221 22.16 -30.06 -49.39
CA ILE I 221 23.12 -28.96 -49.44
C ILE I 221 22.93 -28.00 -48.26
N TYR I 222 21.72 -27.92 -47.71
CA TYR I 222 21.52 -27.09 -46.52
C TYR I 222 22.35 -27.58 -45.35
N ASP I 223 22.39 -28.90 -45.14
CA ASP I 223 23.16 -29.44 -44.02
C ASP I 223 24.66 -29.32 -44.26
N ILE I 224 25.10 -29.47 -45.52
CA ILE I 224 26.52 -29.38 -45.82
C ILE I 224 27.04 -27.98 -45.54
N CYS I 225 26.29 -26.95 -45.95
CA CYS I 225 26.72 -25.58 -45.70
C CYS I 225 26.57 -25.22 -44.23
N ARG I 226 25.64 -25.84 -43.51
CA ARG I 226 25.42 -25.51 -42.11
C ARG I 226 26.53 -26.10 -41.23
N ARG I 227 26.94 -27.33 -41.50
CA ARG I 227 27.84 -28.04 -40.59
C ARG I 227 29.31 -27.89 -41.01
N ASN I 228 29.63 -28.26 -42.25
CA ASN I 228 31.02 -28.25 -42.68
C ASN I 228 31.54 -26.82 -42.85
N LEU I 229 30.76 -25.95 -43.49
CA LEU I 229 31.23 -24.62 -43.83
C LEU I 229 30.82 -23.57 -42.81
N ASP I 230 29.85 -23.88 -41.94
CA ASP I 230 29.44 -23.02 -40.83
C ASP I 230 28.88 -21.68 -41.32
N ILE I 231 27.74 -21.78 -42.00
CA ILE I 231 26.89 -20.62 -42.31
C ILE I 231 25.49 -20.91 -41.79
N GLU I 232 24.91 -19.93 -41.09
CA GLU I 232 23.56 -20.07 -40.56
C GLU I 232 22.50 -19.43 -41.44
N ARG I 233 22.89 -18.70 -42.49
CA ARG I 233 21.96 -18.07 -43.42
C ARG I 233 22.35 -18.41 -44.85
N PRO I 234 22.22 -19.68 -45.25
CA PRO I 234 22.57 -20.10 -46.62
C PRO I 234 21.46 -19.88 -47.64
N THR I 235 21.40 -18.67 -48.18
CA THR I 235 20.42 -18.33 -49.20
C THR I 235 20.69 -19.13 -50.47
N TYR I 236 19.79 -18.97 -51.45
CA TYR I 236 19.91 -19.71 -52.70
C TYR I 236 21.16 -19.33 -53.49
N THR I 237 21.75 -18.16 -53.21
CA THR I 237 23.00 -17.80 -53.86
C THR I 237 24.14 -18.69 -53.40
N ASN I 238 24.12 -19.12 -52.14
CA ASN I 238 25.19 -19.98 -51.62
C ASN I 238 25.08 -21.40 -52.18
N LEU I 239 23.86 -21.91 -52.33
CA LEU I 239 23.68 -23.24 -52.89
C LEU I 239 24.11 -23.30 -54.35
N ASN I 240 23.73 -22.30 -55.14
CA ASN I 240 24.08 -22.29 -56.55
C ASN I 240 25.58 -22.09 -56.77
N ARG I 241 26.30 -21.55 -55.79
CA ARG I 241 27.74 -21.42 -55.90
C ARG I 241 28.45 -22.73 -55.58
N LEU I 242 27.75 -23.68 -54.95
CA LEU I 242 28.33 -24.98 -54.64
C LEU I 242 28.04 -25.99 -55.74
N ILE I 243 26.84 -25.92 -56.33
CA ILE I 243 26.51 -26.82 -57.43
C ILE I 243 27.38 -26.50 -58.65
N SER I 244 27.72 -25.23 -58.86
CA SER I 244 28.51 -24.85 -60.01
C SER I 244 29.90 -25.46 -59.98
N GLN I 245 30.45 -25.69 -58.79
CA GLN I 245 31.79 -26.28 -58.69
C GLN I 245 31.79 -27.72 -59.21
N ILE I 246 30.74 -28.48 -58.91
CA ILE I 246 30.65 -29.85 -59.41
C ILE I 246 30.55 -29.87 -60.92
N VAL I 247 29.74 -28.97 -61.48
CA VAL I 247 29.55 -28.94 -62.94
C VAL I 247 30.86 -28.59 -63.63
N SER I 248 31.61 -27.63 -63.10
CA SER I 248 32.88 -27.25 -63.71
C SER I 248 33.93 -28.34 -63.54
N SER I 249 33.84 -29.13 -62.46
CA SER I 249 34.82 -30.18 -62.24
C SER I 249 34.63 -31.37 -63.19
N ILE I 250 33.39 -31.62 -63.62
CA ILE I 250 33.14 -32.72 -64.55
C ILE I 250 33.83 -32.47 -65.88
N THR I 251 33.75 -31.24 -66.39
CA THR I 251 34.37 -30.86 -67.65
C THR I 251 35.73 -30.23 -67.47
N ALA I 252 36.43 -30.56 -66.37
CA ALA I 252 37.75 -29.98 -66.13
C ALA I 252 38.80 -30.59 -67.06
N SER I 253 38.72 -31.90 -67.28
CA SER I 253 39.67 -32.57 -68.15
C SER I 253 39.46 -32.24 -69.62
N LEU I 254 38.30 -31.70 -69.99
CA LEU I 254 38.02 -31.32 -71.36
C LEU I 254 38.65 -29.98 -71.73
N ARG I 255 39.05 -29.17 -70.75
CA ARG I 255 39.62 -27.85 -70.99
C ARG I 255 41.06 -27.71 -70.54
N PHE I 256 41.57 -28.60 -69.71
CA PHE I 256 42.92 -28.49 -69.18
C PHE I 256 43.65 -29.82 -69.34
N ASP I 257 44.96 -29.74 -69.55
CA ASP I 257 45.77 -30.95 -69.68
C ASP I 257 45.96 -31.61 -68.31
N GLY I 258 45.93 -32.94 -68.31
CA GLY I 258 46.08 -33.69 -67.08
C GLY I 258 46.84 -34.98 -67.31
N ALA I 259 47.18 -35.64 -66.19
CA ALA I 259 47.93 -36.89 -66.27
C ALA I 259 47.05 -38.05 -66.73
N LEU I 260 45.75 -37.98 -66.46
CA LEU I 260 44.81 -39.04 -66.85
C LEU I 260 43.48 -38.36 -67.17
N ASN I 261 43.26 -38.08 -68.45
CA ASN I 261 42.10 -37.33 -68.88
C ASN I 261 40.86 -38.20 -68.93
N VAL I 262 39.70 -37.56 -68.73
CA VAL I 262 38.40 -38.22 -68.82
C VAL I 262 37.49 -37.33 -69.64
N ASP I 263 36.93 -37.87 -70.72
CA ASP I 263 36.04 -37.11 -71.58
C ASP I 263 34.58 -37.34 -71.18
N LEU I 264 33.67 -36.65 -71.86
CA LEU I 264 32.26 -36.76 -71.55
C LEU I 264 31.74 -38.16 -71.85
N THR I 265 32.20 -38.78 -72.94
CA THR I 265 31.72 -40.10 -73.31
C THR I 265 32.19 -41.17 -72.33
N ASN I 266 33.20 -40.88 -71.51
CA ASN I 266 33.69 -41.87 -70.55
C ASN I 266 32.70 -42.15 -69.44
N PHE I 267 31.77 -41.22 -69.17
CA PHE I 267 30.82 -41.42 -68.08
C PHE I 267 29.71 -42.40 -68.45
N GLN I 268 29.27 -42.40 -69.72
CA GLN I 268 28.20 -43.30 -70.12
C GLN I 268 28.63 -44.75 -70.02
N THR I 269 29.86 -45.06 -70.43
CA THR I 269 30.34 -46.43 -70.49
C THR I 269 30.95 -46.91 -69.18
N ASN I 270 30.96 -46.08 -68.14
CA ASN I 270 31.51 -46.46 -66.85
C ASN I 270 30.51 -46.36 -65.70
N LEU I 271 29.43 -45.59 -65.86
CA LEU I 271 28.47 -45.38 -64.78
C LEU I 271 27.07 -45.88 -65.11
N VAL I 272 26.86 -46.47 -66.29
CA VAL I 272 25.52 -46.88 -66.70
C VAL I 272 25.56 -48.36 -67.07
N PRO I 273 25.53 -49.27 -66.09
CA PRO I 273 25.55 -50.71 -66.42
C PRO I 273 24.35 -51.15 -67.25
N TYR I 274 23.18 -50.56 -67.04
CA TYR I 274 21.96 -50.93 -67.72
C TYR I 274 21.28 -49.69 -68.26
N PRO I 275 20.50 -49.82 -69.35
CA PRO I 275 19.94 -48.62 -69.99
C PRO I 275 19.02 -47.81 -69.09
N ARG I 276 18.38 -48.42 -68.11
CA ARG I 276 17.48 -47.68 -67.22
C ARG I 276 18.18 -47.11 -66.00
N ILE I 277 19.25 -47.75 -65.53
CA ILE I 277 19.92 -47.33 -64.29
C ILE I 277 21.00 -46.32 -64.71
N HIS I 278 20.59 -45.08 -64.84
CA HIS I 278 21.50 -43.98 -65.17
C HIS I 278 21.21 -42.77 -64.29
N PHE I 279 21.11 -43.00 -62.98
CA PHE I 279 20.80 -41.95 -62.00
C PHE I 279 21.87 -41.91 -60.93
N PRO I 280 23.05 -41.37 -61.25
CA PRO I 280 24.09 -41.19 -60.23
C PRO I 280 23.76 -40.00 -59.34
N LEU I 281 24.69 -39.71 -58.42
CA LEU I 281 24.54 -38.58 -57.52
C LEU I 281 25.92 -37.98 -57.25
N ALA I 282 25.99 -36.66 -57.26
CA ALA I 282 27.25 -35.95 -57.17
C ALA I 282 27.68 -35.77 -55.71
N THR I 283 28.97 -35.52 -55.54
CA THR I 283 29.56 -35.21 -54.24
C THR I 283 30.80 -34.36 -54.47
N TYR I 284 31.16 -33.58 -53.46
CA TYR I 284 32.31 -32.69 -53.56
C TYR I 284 33.11 -32.71 -52.26
N ALA I 285 34.40 -32.45 -52.39
CA ALA I 285 35.32 -32.41 -51.26
C ALA I 285 36.62 -31.73 -51.69
N PRO I 286 37.23 -30.90 -50.84
CA PRO I 286 36.79 -30.54 -49.49
C PRO I 286 35.96 -29.25 -49.45
N VAL I 287 34.87 -29.25 -48.70
CA VAL I 287 34.08 -28.04 -48.50
C VAL I 287 34.29 -27.54 -47.07
N ILE I 288 35.26 -26.64 -46.90
CA ILE I 288 35.60 -26.10 -45.60
C ILE I 288 35.64 -24.58 -45.69
N SER I 289 35.49 -23.94 -44.53
CA SER I 289 35.47 -22.49 -44.46
C SER I 289 36.90 -21.94 -44.53
N ALA I 290 37.01 -20.62 -44.42
CA ALA I 290 38.32 -19.96 -44.51
C ALA I 290 39.14 -20.16 -43.24
N GLU I 291 38.50 -20.09 -42.07
CA GLU I 291 39.25 -20.22 -40.82
C GLU I 291 39.67 -21.66 -40.54
N LYS I 292 38.85 -22.63 -40.94
CA LYS I 292 39.20 -24.03 -40.72
C LYS I 292 40.23 -24.55 -41.71
N ALA I 293 40.55 -23.78 -42.76
CA ALA I 293 41.52 -24.23 -43.75
C ALA I 293 42.95 -24.14 -43.23
N TYR I 294 43.23 -23.21 -42.32
CA TYR I 294 44.60 -23.03 -41.84
C TYR I 294 45.05 -24.18 -40.95
N HIS I 295 44.12 -24.86 -40.29
CA HIS I 295 44.43 -25.91 -39.33
C HIS I 295 44.27 -27.32 -39.90
N GLU I 296 44.12 -27.44 -41.22
CA GLU I 296 43.94 -28.72 -41.87
C GLU I 296 45.03 -28.92 -42.91
N GLN I 297 45.63 -30.13 -42.92
CA GLN I 297 46.69 -30.41 -43.87
C GLN I 297 46.14 -30.61 -45.28
N LEU I 298 44.96 -31.23 -45.39
CA LEU I 298 44.27 -31.45 -46.66
C LEU I 298 45.15 -32.25 -47.64
N SER I 299 45.44 -33.48 -47.24
CA SER I 299 46.20 -34.39 -48.09
C SER I 299 45.26 -35.19 -48.99
N VAL I 300 45.84 -36.04 -49.83
CA VAL I 300 45.04 -36.88 -50.71
C VAL I 300 44.45 -38.07 -49.96
N ALA I 301 45.00 -38.42 -48.80
CA ALA I 301 44.56 -39.62 -48.09
C ALA I 301 43.20 -39.41 -47.43
N GLU I 302 42.96 -38.22 -46.87
CA GLU I 302 41.71 -37.97 -46.16
C GLU I 302 40.70 -37.18 -46.97
N ILE I 303 41.12 -36.53 -48.05
CA ILE I 303 40.15 -35.92 -48.96
C ILE I 303 39.28 -36.99 -49.60
N THR I 304 39.88 -38.11 -50.00
CA THR I 304 39.10 -39.24 -50.47
C THR I 304 38.22 -39.81 -49.37
N ASN I 305 38.72 -39.81 -48.13
CA ASN I 305 37.92 -40.31 -47.01
C ASN I 305 36.71 -39.43 -46.74
N ALA I 306 36.87 -38.11 -46.89
CA ALA I 306 35.78 -37.18 -46.60
C ALA I 306 34.62 -37.36 -47.57
N CYS I 307 34.92 -37.56 -48.86
CA CYS I 307 33.87 -37.65 -49.86
C CYS I 307 33.06 -38.94 -49.76
N PHE I 308 33.58 -39.95 -49.06
CA PHE I 308 32.88 -41.22 -48.92
C PHE I 308 32.01 -41.29 -47.67
N GLU I 309 32.08 -40.29 -46.80
CA GLU I 309 31.26 -40.32 -45.59
C GLU I 309 29.80 -40.03 -45.93
N PRO I 310 28.86 -40.56 -45.16
CA PRO I 310 27.44 -40.36 -45.49
C PRO I 310 26.94 -38.96 -45.22
N ALA I 311 27.59 -38.20 -44.33
CA ALA I 311 27.14 -36.85 -44.03
C ALA I 311 27.49 -35.84 -45.11
N ASN I 312 28.43 -36.18 -46.00
CA ASN I 312 28.86 -35.29 -47.06
C ASN I 312 28.12 -35.53 -48.37
N GLN I 313 27.19 -36.47 -48.41
CA GLN I 313 26.43 -36.74 -49.63
C GLN I 313 25.55 -35.55 -49.98
N MET I 314 25.39 -35.30 -51.28
CA MET I 314 24.60 -34.18 -51.76
C MET I 314 23.17 -34.56 -52.09
N VAL I 315 22.78 -35.81 -51.84
CA VAL I 315 21.41 -36.27 -51.97
C VAL I 315 21.00 -36.92 -50.66
N LYS I 316 19.79 -36.62 -50.20
CA LYS I 316 19.35 -37.09 -48.89
C LYS I 316 19.03 -38.59 -48.93
N CYS I 317 20.06 -39.40 -49.13
CA CYS I 317 19.94 -40.85 -49.08
C CYS I 317 21.17 -41.42 -48.39
N ASP I 318 20.99 -42.51 -47.66
CA ASP I 318 22.08 -43.14 -46.94
C ASP I 318 22.75 -44.18 -47.83
N PRO I 319 24.00 -43.98 -48.23
CA PRO I 319 24.68 -44.99 -49.04
C PRO I 319 24.91 -46.31 -48.32
N ARG I 320 24.84 -46.32 -46.99
CA ARG I 320 25.05 -47.56 -46.24
C ARG I 320 23.95 -48.56 -46.52
N HIS I 321 22.73 -48.10 -46.74
CA HIS I 321 21.60 -48.99 -46.98
C HIS I 321 21.65 -49.66 -48.34
N GLY I 322 22.51 -49.19 -49.23
CA GLY I 322 22.60 -49.78 -50.56
C GLY I 322 24.00 -50.26 -50.92
N LYS I 323 24.20 -50.61 -52.18
CA LYS I 323 25.47 -51.10 -52.68
C LYS I 323 25.95 -50.21 -53.82
N TYR I 324 27.27 -50.00 -53.88
CA TYR I 324 27.85 -49.15 -54.92
C TYR I 324 28.02 -49.97 -56.20
N MET I 325 27.26 -49.61 -57.23
CA MET I 325 27.40 -50.28 -58.52
C MET I 325 28.64 -49.81 -59.26
N ALA I 326 28.94 -48.52 -59.19
CA ALA I 326 30.12 -47.95 -59.83
C ALA I 326 30.45 -46.63 -59.16
N CYS I 327 31.69 -46.18 -59.38
CA CYS I 327 32.15 -44.91 -58.83
C CYS I 327 33.02 -44.21 -59.86
N CYS I 328 33.30 -42.94 -59.59
CA CYS I 328 34.14 -42.13 -60.48
C CYS I 328 34.67 -40.94 -59.70
N LEU I 329 35.98 -40.88 -59.52
CA LEU I 329 36.63 -39.78 -58.81
C LEU I 329 37.44 -38.95 -59.80
N LEU I 330 37.27 -37.64 -59.76
CA LEU I 330 37.93 -36.71 -60.67
C LEU I 330 38.77 -35.75 -59.82
N TYR I 331 40.01 -36.13 -59.55
CA TYR I 331 40.93 -35.29 -58.81
C TYR I 331 41.39 -34.12 -59.67
N ARG I 332 41.92 -33.10 -59.00
CA ARG I 332 42.52 -31.96 -59.70
C ARG I 332 43.45 -31.23 -58.75
N GLY I 333 44.52 -30.67 -59.29
CA GLY I 333 45.47 -29.93 -58.50
C GLY I 333 46.77 -30.68 -58.28
N ASP I 334 47.43 -30.39 -57.15
CA ASP I 334 48.69 -31.03 -56.80
C ASP I 334 48.32 -32.43 -56.32
N VAL I 335 48.32 -33.38 -57.24
CA VAL I 335 47.99 -34.77 -56.94
C VAL I 335 48.96 -35.67 -57.68
N VAL I 336 49.53 -36.63 -56.97
CA VAL I 336 50.41 -37.62 -57.59
C VAL I 336 49.63 -38.93 -57.73
N PRO I 337 49.85 -39.70 -58.79
CA PRO I 337 49.06 -40.91 -59.02
C PRO I 337 49.43 -42.09 -58.15
N LYS I 338 50.26 -41.92 -57.12
CA LYS I 338 50.65 -43.03 -56.26
C LYS I 338 49.72 -43.17 -55.05
N ASP I 339 49.61 -42.11 -54.24
CA ASP I 339 48.76 -42.17 -53.06
C ASP I 339 47.28 -42.23 -53.41
N VAL I 340 46.91 -41.83 -54.62
CA VAL I 340 45.53 -42.03 -55.09
C VAL I 340 45.23 -43.52 -55.16
N ASN I 341 46.17 -44.30 -55.69
CA ASN I 341 46.02 -45.75 -55.70
C ASN I 341 46.01 -46.30 -54.27
N ALA I 342 46.88 -45.77 -53.41
CA ALA I 342 46.96 -46.25 -52.03
C ALA I 342 45.70 -45.90 -51.24
N ALA I 343 45.22 -44.66 -51.38
CA ALA I 343 44.02 -44.25 -50.63
C ALA I 343 42.79 -45.02 -51.09
N ILE I 344 42.66 -45.25 -52.40
CA ILE I 344 41.51 -45.97 -52.91
C ILE I 344 41.56 -47.44 -52.49
N ALA I 345 42.75 -48.02 -52.46
CA ALA I 345 42.88 -49.42 -52.04
C ALA I 345 42.44 -49.59 -50.59
N THR I 346 42.76 -48.62 -49.72
CA THR I 346 42.32 -48.68 -48.34
C THR I 346 40.79 -48.59 -48.25
N ILE I 347 40.19 -47.73 -49.09
CA ILE I 347 38.74 -47.52 -49.03
C ILE I 347 37.99 -48.81 -49.35
N LYS I 348 38.49 -49.57 -50.32
CA LYS I 348 37.84 -50.83 -50.69
C LYS I 348 37.74 -51.80 -49.53
N THR I 349 38.66 -51.73 -48.57
CA THR I 349 38.68 -52.63 -47.43
C THR I 349 37.86 -52.13 -46.25
N LYS I 350 37.25 -50.95 -46.36
CA LYS I 350 36.46 -50.42 -45.27
C LYS I 350 35.14 -51.17 -45.15
N ARG I 351 34.55 -51.13 -43.96
CA ARG I 351 33.34 -51.87 -43.66
C ARG I 351 32.07 -51.16 -44.09
N SER I 352 32.15 -49.87 -44.42
CA SER I 352 30.98 -49.10 -44.83
C SER I 352 30.82 -49.05 -46.35
N ILE I 353 31.75 -49.62 -47.11
CA ILE I 353 31.70 -49.65 -48.55
C ILE I 353 31.46 -51.08 -48.99
N GLN I 354 30.32 -51.32 -49.65
CA GLN I 354 29.95 -52.66 -50.12
C GLN I 354 29.63 -52.59 -51.60
N PHE I 355 30.39 -53.30 -52.41
CA PHE I 355 30.18 -53.33 -53.84
C PHE I 355 29.32 -54.53 -54.23
N VAL I 356 28.75 -54.47 -55.43
CA VAL I 356 27.94 -55.57 -55.94
C VAL I 356 28.84 -56.70 -56.41
N ASP I 357 28.29 -57.92 -56.39
CA ASP I 357 29.09 -59.09 -56.72
C ASP I 357 29.54 -59.08 -58.18
N TRP I 358 28.66 -58.68 -59.10
CA TRP I 358 28.97 -58.73 -60.52
C TRP I 358 29.82 -57.55 -60.98
N CYS I 359 30.42 -56.79 -60.07
CA CYS I 359 31.30 -55.67 -60.40
C CYS I 359 32.60 -55.84 -59.63
N PRO I 360 33.48 -56.74 -60.08
CA PRO I 360 34.75 -56.93 -59.36
C PRO I 360 35.61 -55.67 -59.31
N THR I 361 35.60 -54.87 -60.37
CA THR I 361 36.29 -53.59 -60.40
C THR I 361 35.25 -52.48 -60.51
N GLY I 362 35.29 -51.54 -59.58
CA GLY I 362 34.26 -50.53 -59.51
C GLY I 362 34.74 -49.12 -59.27
N PHE I 363 35.93 -48.77 -59.79
CA PHE I 363 36.46 -47.43 -59.62
C PHE I 363 37.01 -46.92 -60.95
N LYS I 364 36.88 -45.62 -61.17
CA LYS I 364 37.42 -44.95 -62.33
C LYS I 364 37.99 -43.61 -61.89
N VAL I 365 39.28 -43.39 -62.12
CA VAL I 365 39.97 -42.22 -61.62
C VAL I 365 40.30 -41.28 -62.77
N GLY I 366 40.51 -40.02 -62.44
CA GLY I 366 40.93 -39.02 -63.39
C GLY I 366 41.63 -37.87 -62.71
N ILE I 367 42.82 -37.52 -63.19
CA ILE I 367 43.67 -36.52 -62.53
C ILE I 367 43.86 -35.34 -63.48
N ASN I 368 43.72 -34.14 -62.95
CA ASN I 368 43.89 -32.91 -63.70
C ASN I 368 44.97 -32.05 -63.05
N TYR I 369 45.54 -31.15 -63.84
CA TYR I 369 46.62 -30.28 -63.38
C TYR I 369 46.16 -28.86 -63.09
N GLN I 370 44.85 -28.60 -63.09
CA GLN I 370 44.34 -27.28 -62.82
C GLN I 370 43.69 -27.24 -61.45
N PRO I 371 44.29 -26.58 -60.46
CA PRO I 371 43.66 -26.51 -59.15
C PRO I 371 42.37 -25.72 -59.22
N PRO I 372 41.40 -26.05 -58.37
CA PRO I 372 40.12 -25.32 -58.41
C PRO I 372 40.30 -23.85 -58.07
N THR I 373 39.55 -23.00 -58.76
CA THR I 373 39.61 -21.57 -58.54
C THR I 373 38.51 -21.14 -57.58
N VAL I 374 38.69 -19.97 -56.97
CA VAL I 374 37.77 -19.43 -55.99
C VAL I 374 37.24 -18.09 -56.50
N VAL I 375 35.93 -17.96 -56.55
CA VAL I 375 35.33 -16.67 -56.92
C VAL I 375 35.45 -15.69 -55.74
N PRO I 376 35.82 -14.44 -55.98
CA PRO I 376 35.92 -13.50 -54.86
C PRO I 376 34.56 -13.30 -54.20
N GLY I 377 34.58 -13.16 -52.88
CA GLY I 377 33.36 -13.10 -52.10
C GLY I 377 32.70 -14.43 -51.83
N GLY I 378 33.31 -15.53 -52.27
CA GLY I 378 32.73 -16.83 -52.04
C GLY I 378 32.98 -17.35 -50.63
N ASP I 379 32.19 -18.35 -50.25
CA ASP I 379 32.30 -18.92 -48.91
C ASP I 379 33.52 -19.83 -48.79
N LEU I 380 33.81 -20.61 -49.83
CA LEU I 380 34.91 -21.56 -49.78
C LEU I 380 36.25 -20.84 -49.85
N ALA I 381 37.28 -21.49 -49.31
CA ALA I 381 38.63 -20.95 -49.29
C ALA I 381 39.47 -21.58 -50.39
N LYS I 382 40.62 -20.96 -50.67
CA LYS I 382 41.50 -21.44 -51.72
C LYS I 382 42.14 -22.76 -51.30
N VAL I 383 42.10 -23.74 -52.20
CA VAL I 383 42.67 -25.06 -51.96
C VAL I 383 43.49 -25.46 -53.19
N GLN I 384 44.33 -26.48 -53.01
CA GLN I 384 45.15 -27.01 -54.08
C GLN I 384 44.73 -28.42 -54.50
N ARG I 385 43.74 -29.01 -53.82
CA ARG I 385 43.23 -30.33 -54.19
C ARG I 385 41.71 -30.31 -54.08
N ALA I 386 41.07 -31.17 -54.88
CA ALA I 386 39.62 -31.28 -54.86
C ALA I 386 39.22 -32.63 -55.44
N VAL I 387 38.04 -33.09 -55.05
CA VAL I 387 37.50 -34.37 -55.52
C VAL I 387 36.01 -34.19 -55.80
N CYS I 388 35.57 -34.67 -56.96
CA CYS I 388 34.16 -34.72 -57.32
C CYS I 388 33.80 -36.16 -57.63
N MET I 389 33.07 -36.80 -56.72
CA MET I 389 32.75 -38.22 -56.83
C MET I 389 31.32 -38.37 -57.32
N LEU I 390 31.13 -39.19 -58.35
CA LEU I 390 29.83 -39.46 -58.95
C LEU I 390 29.55 -40.95 -58.84
N SER I 391 28.80 -41.35 -57.82
CA SER I 391 28.54 -42.75 -57.55
C SER I 391 27.13 -43.13 -58.02
N ASN I 392 27.04 -44.27 -58.70
CA ASN I 392 25.75 -44.82 -59.13
C ASN I 392 25.40 -45.95 -58.15
N THR I 393 24.81 -45.56 -57.03
CA THR I 393 24.50 -46.49 -55.95
C THR I 393 23.07 -46.99 -56.04
N THR I 394 22.79 -48.06 -55.30
CA THR I 394 21.46 -48.63 -55.24
C THR I 394 20.57 -47.92 -54.22
N ALA I 395 21.16 -47.08 -53.36
CA ALA I 395 20.38 -46.37 -52.35
C ALA I 395 19.43 -45.36 -52.97
N ILE I 396 19.60 -45.04 -54.25
CA ILE I 396 18.67 -44.14 -54.94
C ILE I 396 17.28 -44.76 -54.99
N ALA I 397 17.19 -46.09 -55.02
CA ALA I 397 15.90 -46.76 -55.09
C ALA I 397 14.97 -46.34 -53.95
N GLU I 398 15.53 -46.08 -52.77
CA GLU I 398 14.70 -45.60 -51.65
C GLU I 398 14.13 -44.22 -51.93
N ALA I 399 14.75 -43.43 -52.80
CA ALA I 399 14.22 -42.12 -53.13
C ALA I 399 13.03 -42.19 -54.07
N TRP I 400 13.04 -43.14 -55.02
CA TRP I 400 11.90 -43.28 -55.92
C TRP I 400 10.68 -43.79 -55.17
N ALA I 401 10.87 -44.69 -54.21
CA ALA I 401 9.74 -45.25 -53.47
C ALA I 401 9.01 -44.17 -52.67
N ARG I 402 9.76 -43.23 -52.07
CA ARG I 402 9.11 -42.15 -51.33
C ARG I 402 8.26 -41.29 -52.23
N LEU I 403 8.80 -40.90 -53.39
CA LEU I 403 8.04 -40.09 -54.33
C LEU I 403 6.86 -40.87 -54.91
N ASP I 404 7.06 -42.15 -55.19
CA ASP I 404 5.98 -42.98 -55.71
C ASP I 404 4.87 -43.18 -54.69
N HIS I 405 5.18 -43.05 -53.40
CA HIS I 405 4.15 -43.14 -52.37
C HIS I 405 3.30 -41.88 -52.32
N LYS I 406 3.92 -40.72 -52.49
CA LYS I 406 3.16 -39.47 -52.50
C LYS I 406 2.21 -39.41 -53.68
N PHE I 407 2.64 -39.92 -54.84
CA PHE I 407 1.77 -39.92 -56.02
C PHE I 407 0.52 -40.75 -55.79
N ASP I 408 0.67 -41.92 -55.16
CA ASP I 408 -0.47 -42.79 -54.94
C ASP I 408 -1.42 -42.23 -53.89
N LEU I 409 -0.93 -41.38 -52.99
CA LEU I 409 -1.81 -40.81 -51.97
C LEU I 409 -2.75 -39.75 -52.56
N MET I 410 -2.22 -38.90 -53.42
CA MET I 410 -3.03 -37.81 -53.97
C MET I 410 -3.86 -38.27 -55.16
N TYR I 411 -3.33 -39.17 -55.99
CA TYR I 411 -4.07 -39.64 -57.15
C TYR I 411 -5.19 -40.60 -56.77
N ALA I 412 -5.14 -41.18 -55.57
CA ALA I 412 -6.21 -42.09 -55.15
C ALA I 412 -7.55 -41.36 -55.02
N LYS I 413 -7.52 -40.09 -54.62
CA LYS I 413 -8.73 -39.30 -54.49
C LYS I 413 -8.82 -38.19 -55.53
N ARG I 414 -8.01 -38.29 -56.59
CA ARG I 414 -8.10 -37.41 -57.76
C ARG I 414 -7.94 -35.94 -57.39
N ALA I 415 -7.02 -35.65 -56.47
CA ALA I 415 -6.74 -34.28 -56.09
C ALA I 415 -5.86 -33.60 -57.13
N PHE I 416 -6.18 -32.35 -57.45
CA PHE I 416 -5.45 -31.49 -58.38
C PHE I 416 -5.48 -32.00 -59.81
N VAL I 417 -6.20 -33.10 -60.10
CA VAL I 417 -6.18 -33.67 -61.43
C VAL I 417 -6.89 -32.77 -62.43
N HIS I 418 -7.96 -32.09 -61.99
CA HIS I 418 -8.78 -31.30 -62.91
C HIS I 418 -8.00 -30.20 -63.60
N TRP I 419 -6.87 -29.76 -63.04
CA TRP I 419 -6.04 -28.79 -63.73
C TRP I 419 -5.30 -29.43 -64.91
N TYR I 420 -4.82 -30.66 -64.73
CA TYR I 420 -4.07 -31.33 -65.79
C TYR I 420 -4.99 -31.81 -66.91
N VAL I 421 -6.15 -32.37 -66.55
CA VAL I 421 -7.04 -32.94 -67.55
C VAL I 421 -7.56 -31.86 -68.49
N GLY I 422 -7.93 -30.70 -67.95
CA GLY I 422 -8.49 -29.64 -68.74
C GLY I 422 -7.49 -28.81 -69.51
N GLU I 423 -6.22 -29.19 -69.52
CA GLU I 423 -5.17 -28.45 -70.22
C GLU I 423 -4.46 -29.31 -71.25
N GLY I 424 -5.15 -30.32 -71.78
CA GLY I 424 -4.58 -31.15 -72.83
C GLY I 424 -3.89 -32.40 -72.31
N MET I 425 -4.57 -33.15 -71.45
CA MET I 425 -4.07 -34.43 -70.98
C MET I 425 -5.25 -35.37 -70.73
N GLU I 426 -4.95 -36.66 -70.73
CA GLU I 426 -5.94 -37.70 -70.49
C GLU I 426 -5.70 -38.33 -69.11
N GLU I 427 -6.79 -38.74 -68.48
CA GLU I 427 -6.69 -39.39 -67.18
C GLU I 427 -5.90 -40.70 -67.27
N GLY I 428 -5.95 -41.36 -68.42
CA GLY I 428 -5.18 -42.59 -68.61
C GLY I 428 -3.69 -42.36 -68.72
N GLU I 429 -3.26 -41.14 -69.03
CA GLU I 429 -1.83 -40.85 -69.10
C GLU I 429 -1.17 -40.92 -67.73
N PHE I 430 -1.92 -40.61 -66.66
CA PHE I 430 -1.37 -40.69 -65.32
C PHE I 430 -1.09 -42.14 -64.91
N SER I 431 -1.96 -43.07 -65.34
CA SER I 431 -1.76 -44.47 -64.98
C SER I 431 -0.52 -45.05 -65.65
N GLU I 432 -0.26 -44.67 -66.91
CA GLU I 432 0.92 -45.17 -67.60
C GLU I 432 2.21 -44.73 -66.92
N ALA I 433 2.28 -43.46 -66.53
CA ALA I 433 3.46 -42.97 -65.81
C ALA I 433 3.55 -43.53 -64.41
N ARG I 434 2.46 -44.08 -63.88
CA ARG I 434 2.50 -44.69 -62.54
C ARG I 434 3.06 -46.10 -62.59
N GLU I 435 2.60 -46.91 -63.53
CA GLU I 435 3.10 -48.28 -63.63
C GLU I 435 4.54 -48.32 -64.11
N ASP I 436 4.97 -47.31 -64.88
CA ASP I 436 6.34 -47.28 -65.36
C ASP I 436 7.32 -47.15 -64.21
N MET I 437 7.03 -46.28 -63.24
CA MET I 437 7.89 -46.17 -62.06
C MET I 437 7.86 -47.43 -61.20
N ALA I 438 6.79 -48.21 -61.27
CA ALA I 438 6.79 -49.50 -60.58
C ALA I 438 7.75 -50.48 -61.25
N ALA I 439 7.85 -50.42 -62.58
CA ALA I 439 8.82 -51.27 -63.27
C ALA I 439 10.24 -50.82 -63.00
N LEU I 440 10.48 -49.51 -62.98
CA LEU I 440 11.83 -49.01 -62.68
C LEU I 440 12.25 -49.37 -61.27
N GLU I 441 11.32 -49.27 -60.31
CA GLU I 441 11.62 -49.68 -58.93
C GLU I 441 11.92 -51.17 -58.86
N LYS I 442 11.16 -51.99 -59.58
CA LYS I 442 11.42 -53.43 -59.57
C LYS I 442 12.78 -53.74 -60.16
N ASP I 443 13.14 -53.07 -61.27
CA ASP I 443 14.42 -53.34 -61.91
C ASP I 443 15.59 -52.84 -61.08
N TYR I 444 15.39 -51.80 -60.28
CA TYR I 444 16.50 -51.20 -59.54
C TYR I 444 16.96 -52.10 -58.40
N GLU I 445 16.03 -52.86 -57.82
CA GLU I 445 16.38 -53.75 -56.72
C GLU I 445 16.59 -55.19 -57.16
N GLU I 446 15.91 -55.62 -58.24
CA GLU I 446 16.09 -56.99 -58.72
C GLU I 446 17.50 -57.22 -59.23
N VAL I 447 18.06 -56.25 -59.96
CA VAL I 447 19.42 -56.41 -60.47
C VAL I 447 20.45 -56.14 -59.37
N GLY I 448 20.04 -55.48 -58.28
CA GLY I 448 20.94 -55.24 -57.18
C GLY I 448 21.00 -56.33 -56.14
N VAL I 449 20.16 -57.35 -56.25
CA VAL I 449 20.13 -58.44 -55.29
C VAL I 449 21.23 -59.44 -55.66
N ASP I 450 21.52 -60.37 -54.75
CA ASP I 450 22.53 -61.39 -55.01
C ASP I 450 22.11 -62.27 -56.19
N SER I 451 23.11 -62.70 -56.96
CA SER I 451 22.89 -63.53 -58.14
C SER I 451 23.08 -64.99 -57.76
N VAL I 452 22.12 -65.83 -58.15
CA VAL I 452 22.21 -67.26 -57.85
C VAL I 452 23.27 -67.90 -58.73
N GLU I 453 24.17 -68.65 -58.11
CA GLU I 453 25.27 -69.33 -58.80
C GLU I 453 26.13 -68.35 -59.59
N MET J 1 -63.89 37.15 -47.04
CA MET J 1 -63.87 35.69 -47.07
C MET J 1 -64.70 35.11 -45.93
N ARG J 2 -65.65 34.24 -46.29
CA ARG J 2 -66.55 33.61 -45.33
C ARG J 2 -67.31 34.66 -44.51
N GLU J 3 -67.95 35.57 -45.22
CA GLU J 3 -68.68 36.66 -44.57
C GLU J 3 -69.94 36.12 -43.89
N ILE J 4 -70.37 36.84 -42.85
CA ILE J 4 -71.52 36.44 -42.06
C ILE J 4 -72.54 37.57 -42.08
N VAL J 5 -73.79 37.23 -42.37
CA VAL J 5 -74.89 38.19 -42.41
C VAL J 5 -75.61 38.15 -41.07
N HIS J 6 -75.76 39.33 -40.45
CA HIS J 6 -76.39 39.45 -39.14
C HIS J 6 -77.78 40.02 -39.28
N ILE J 7 -78.77 39.33 -38.71
CA ILE J 7 -80.16 39.75 -38.75
C ILE J 7 -80.66 39.90 -37.32
N GLN J 8 -81.25 41.05 -37.01
CA GLN J 8 -81.77 41.34 -35.68
C GLN J 8 -83.26 41.63 -35.78
N ALA J 9 -84.06 40.93 -34.98
CA ALA J 9 -85.50 41.08 -34.99
C ALA J 9 -86.01 41.28 -33.57
N GLY J 10 -87.04 42.11 -33.45
CA GLY J 10 -87.65 42.38 -32.15
C GLY J 10 -86.90 43.43 -31.36
N GLN J 11 -87.45 43.74 -30.18
CA GLN J 11 -86.82 44.73 -29.32
C GLN J 11 -85.56 44.18 -28.68
N CYS J 12 -85.60 42.93 -28.20
CA CYS J 12 -84.43 42.33 -27.57
C CYS J 12 -83.29 42.19 -28.57
N GLY J 13 -83.60 41.78 -29.80
CA GLY J 13 -82.56 41.65 -30.81
C GLY J 13 -81.87 42.97 -31.10
N ASN J 14 -82.64 44.05 -31.19
CA ASN J 14 -82.04 45.36 -31.44
C ASN J 14 -81.21 45.81 -30.25
N GLN J 15 -81.70 45.59 -29.03
CA GLN J 15 -80.96 46.00 -27.85
C GLN J 15 -79.70 45.16 -27.68
N ILE J 16 -79.79 43.85 -27.92
CA ILE J 16 -78.60 43.00 -27.88
C ILE J 16 -77.67 43.36 -29.04
N GLY J 17 -78.22 43.56 -30.23
CA GLY J 17 -77.40 43.90 -31.37
C GLY J 17 -76.69 45.23 -31.22
N ALA J 18 -77.35 46.20 -30.56
CA ALA J 18 -76.72 47.50 -30.34
C ALA J 18 -75.47 47.36 -29.48
N LYS J 19 -75.52 46.53 -28.45
CA LYS J 19 -74.34 46.28 -27.63
C LYS J 19 -73.38 45.28 -28.27
N PHE J 20 -73.83 44.53 -29.27
CA PHE J 20 -72.94 43.58 -29.94
C PHE J 20 -71.93 44.30 -30.82
N TRP J 21 -72.39 45.29 -31.60
CA TRP J 21 -71.48 46.04 -32.45
C TRP J 21 -70.59 47.00 -31.67
N GLU J 22 -70.87 47.20 -30.38
CA GLU J 22 -69.92 47.93 -29.55
C GLU J 22 -68.66 47.10 -29.30
N VAL J 23 -68.80 45.78 -29.24
CA VAL J 23 -67.67 44.91 -28.96
C VAL J 23 -66.84 44.67 -30.22
N ILE J 24 -67.51 44.39 -31.34
CA ILE J 24 -66.80 44.11 -32.59
C ILE J 24 -65.99 45.32 -33.03
N SER J 25 -66.58 46.51 -32.93
CA SER J 25 -65.86 47.73 -33.31
C SER J 25 -64.65 47.96 -32.41
N ASP J 26 -64.80 47.74 -31.11
CA ASP J 26 -63.66 47.87 -30.21
C ASP J 26 -62.60 46.81 -30.50
N GLU J 27 -63.03 45.61 -30.87
CA GLU J 27 -62.08 44.55 -31.21
C GLU J 27 -61.26 44.91 -32.44
N HIS J 28 -61.90 45.47 -33.47
CA HIS J 28 -61.25 45.81 -34.72
C HIS J 28 -60.77 47.25 -34.78
N GLY J 29 -60.98 48.02 -33.71
CA GLY J 29 -60.55 49.41 -33.69
C GLY J 29 -61.28 50.28 -34.68
N ILE J 30 -62.59 50.12 -34.78
CA ILE J 30 -63.43 50.88 -35.71
C ILE J 30 -64.04 52.04 -34.94
N ASP J 31 -63.80 53.25 -35.42
CA ASP J 31 -64.37 54.45 -34.80
C ASP J 31 -65.88 54.46 -34.99
N PRO J 32 -66.62 55.06 -34.05
CA PRO J 32 -68.08 55.18 -34.24
C PRO J 32 -68.47 55.86 -35.54
N SER J 33 -67.64 56.77 -36.06
CA SER J 33 -67.91 57.37 -37.36
C SER J 33 -67.90 56.33 -38.46
N GLY J 34 -66.94 55.41 -38.42
CA GLY J 34 -66.89 54.33 -39.39
C GLY J 34 -65.55 54.16 -40.08
N ASN J 35 -64.53 54.86 -39.59
CA ASN J 35 -63.19 54.81 -40.17
C ASN J 35 -62.22 54.14 -39.22
N TYR J 36 -61.28 53.38 -39.77
CA TYR J 36 -60.33 52.62 -38.97
C TYR J 36 -59.35 53.55 -38.28
N VAL J 37 -59.18 53.36 -36.97
CA VAL J 37 -58.25 54.15 -36.17
C VAL J 37 -57.33 53.24 -35.37
N GLY J 38 -57.36 51.94 -35.68
CA GLY J 38 -56.59 50.97 -34.94
C GLY J 38 -55.10 51.08 -35.21
N ASP J 39 -54.33 50.23 -34.54
CA ASP J 39 -52.88 50.25 -34.59
C ASP J 39 -52.29 49.00 -35.24
N SER J 40 -52.68 47.81 -34.79
CA SER J 40 -52.13 46.57 -35.32
C SER J 40 -52.83 46.17 -36.60
N ASP J 41 -52.03 45.76 -37.60
CA ASP J 41 -52.58 45.37 -38.89
C ASP J 41 -53.27 44.00 -38.86
N LEU J 42 -53.12 43.23 -37.78
CA LEU J 42 -53.79 41.94 -37.70
C LEU J 42 -55.31 42.09 -37.65
N GLN J 43 -55.80 43.22 -37.13
CA GLN J 43 -57.24 43.44 -37.08
C GLN J 43 -57.82 43.58 -38.48
N LEU J 44 -57.13 44.28 -39.37
CA LEU J 44 -57.62 44.52 -40.73
C LEU J 44 -57.39 43.34 -41.67
N GLU J 45 -56.70 42.28 -41.22
CA GLU J 45 -56.45 41.14 -42.09
C GLU J 45 -57.76 40.48 -42.52
N ARG J 46 -58.69 40.31 -41.57
CA ARG J 46 -60.01 39.75 -41.86
C ARG J 46 -61.05 40.72 -41.29
N ILE J 47 -61.40 41.72 -42.08
CA ILE J 47 -62.44 42.68 -41.70
C ILE J 47 -63.71 42.52 -42.52
N SER J 48 -63.65 41.87 -43.68
CA SER J 48 -64.81 41.71 -44.53
C SER J 48 -65.81 40.70 -43.99
N VAL J 49 -65.41 39.86 -43.04
CA VAL J 49 -66.30 38.82 -42.54
C VAL J 49 -67.53 39.44 -41.88
N TYR J 50 -67.34 40.48 -41.08
CA TYR J 50 -68.43 41.19 -40.43
C TYR J 50 -68.71 42.55 -41.06
N TYR J 51 -67.68 43.38 -41.21
CA TYR J 51 -67.86 44.71 -41.78
C TYR J 51 -67.86 44.64 -43.31
N ASN J 52 -68.15 45.77 -43.93
CA ASN J 52 -68.20 45.89 -45.39
C ASN J 52 -67.49 47.18 -45.79
N GLU J 53 -66.40 47.04 -46.56
CA GLU J 53 -65.64 48.19 -46.99
C GLU J 53 -66.44 49.05 -47.95
N ALA J 54 -66.35 50.37 -47.78
CA ALA J 54 -67.06 51.30 -48.65
C ALA J 54 -66.12 52.40 -49.12
N SER J 55 -66.66 53.39 -49.82
CA SER J 55 -65.85 54.45 -50.39
C SER J 55 -65.22 55.31 -49.30
N SER J 56 -64.06 55.89 -49.62
CA SER J 56 -63.33 56.79 -48.73
C SER J 56 -62.99 56.12 -47.40
N HIS J 57 -62.64 54.83 -47.46
CA HIS J 57 -62.17 54.06 -46.31
C HIS J 57 -63.18 54.11 -45.15
N LYS J 58 -64.43 53.85 -45.48
CA LYS J 58 -65.50 53.77 -44.48
C LYS J 58 -66.00 52.34 -44.41
N TYR J 59 -66.19 51.84 -43.19
CA TYR J 59 -66.67 50.49 -42.96
C TYR J 59 -68.09 50.53 -42.42
N VAL J 60 -68.98 49.76 -43.03
CA VAL J 60 -70.38 49.69 -42.60
C VAL J 60 -70.70 48.25 -42.23
N PRO J 61 -71.39 48.04 -41.11
CA PRO J 61 -71.69 46.66 -40.69
C PRO J 61 -72.65 45.97 -41.64
N ARG J 62 -72.54 44.65 -41.69
CA ARG J 62 -73.44 43.82 -42.49
C ARG J 62 -74.62 43.35 -41.64
N ALA J 63 -75.36 44.32 -41.10
CA ALA J 63 -76.48 44.06 -40.21
C ALA J 63 -77.77 44.52 -40.87
N ILE J 64 -78.85 43.78 -40.60
CA ILE J 64 -80.18 44.07 -41.13
C ILE J 64 -81.12 44.14 -39.94
N LEU J 65 -81.34 45.35 -39.43
CA LEU J 65 -82.20 45.57 -38.28
C LEU J 65 -83.65 45.73 -38.76
N VAL J 66 -84.53 44.85 -38.29
CA VAL J 66 -85.93 44.85 -38.70
C VAL J 66 -86.80 44.78 -37.44
N ASP J 67 -87.83 45.62 -37.41
CA ASP J 67 -88.77 45.64 -36.29
C ASP J 67 -90.15 45.99 -36.82
N LEU J 68 -91.18 45.60 -36.06
CA LEU J 68 -92.54 45.90 -36.46
C LEU J 68 -93.05 47.23 -35.92
N GLU J 69 -92.30 47.89 -35.06
CA GLU J 69 -92.66 49.20 -34.54
C GLU J 69 -91.46 50.14 -34.61
N PRO J 70 -91.70 51.45 -34.72
CA PRO J 70 -90.60 52.40 -34.80
C PRO J 70 -90.02 52.84 -33.46
N GLY J 71 -90.49 52.26 -32.35
CA GLY J 71 -89.98 52.69 -31.06
C GLY J 71 -88.52 52.36 -30.85
N THR J 72 -88.10 51.14 -31.21
CA THR J 72 -86.72 50.73 -31.02
C THR J 72 -85.79 51.34 -32.07
N MET J 73 -86.28 51.51 -33.29
CA MET J 73 -85.43 52.04 -34.36
C MET J 73 -84.97 53.45 -34.07
N ASP J 74 -85.87 54.31 -33.58
CA ASP J 74 -85.50 55.70 -33.34
C ASP J 74 -84.50 55.84 -32.21
N SER J 75 -84.47 54.89 -31.28
CA SER J 75 -83.53 54.96 -30.17
C SER J 75 -82.10 54.71 -30.66
N VAL J 76 -81.90 53.67 -31.46
CA VAL J 76 -80.55 53.34 -31.94
C VAL J 76 -80.08 54.36 -32.97
N ARG J 77 -80.98 54.92 -33.77
CA ARG J 77 -80.58 55.88 -34.79
C ARG J 77 -80.19 57.22 -34.18
N SER J 78 -81.01 57.72 -33.26
CA SER J 78 -80.74 59.01 -32.64
C SER J 78 -79.63 58.93 -31.59
N GLY J 79 -79.44 57.76 -30.98
CA GLY J 79 -78.43 57.61 -29.96
C GLY J 79 -77.03 57.51 -30.54
N ALA J 80 -76.08 57.34 -29.63
CA ALA J 80 -74.69 57.21 -30.04
C ALA J 80 -74.48 55.91 -30.82
N PHE J 81 -73.45 55.93 -31.66
CA PHE J 81 -73.07 54.78 -32.49
C PHE J 81 -74.20 54.42 -33.46
N GLY J 82 -75.01 55.42 -33.83
CA GLY J 82 -76.03 55.27 -34.84
C GLY J 82 -75.69 55.91 -36.17
N HIS J 83 -74.44 56.32 -36.38
CA HIS J 83 -74.02 57.00 -37.59
C HIS J 83 -73.31 56.08 -38.58
N LEU J 84 -73.17 54.79 -38.27
CA LEU J 84 -72.43 53.87 -39.12
C LEU J 84 -73.32 52.87 -39.85
N PHE J 85 -74.50 52.55 -39.32
CA PHE J 85 -75.41 51.65 -40.01
C PHE J 85 -75.91 52.30 -41.29
N ARG J 86 -76.01 51.51 -42.34
CA ARG J 86 -76.52 52.01 -43.61
C ARG J 86 -78.02 52.20 -43.51
N PRO J 87 -78.56 53.38 -43.84
CA PRO J 87 -79.99 53.64 -43.58
C PRO J 87 -80.93 52.73 -44.34
N ASP J 88 -80.47 52.06 -45.40
CA ASP J 88 -81.35 51.16 -46.15
C ASP J 88 -81.82 50.01 -45.26
N ASN J 89 -80.90 49.44 -44.47
CA ASN J 89 -81.23 48.29 -43.64
C ASN J 89 -82.23 48.61 -42.53
N PHE J 90 -82.45 49.89 -42.22
CA PHE J 90 -83.37 50.27 -41.15
C PHE J 90 -84.79 50.09 -41.65
N ILE J 91 -85.35 48.90 -41.40
CA ILE J 91 -86.69 48.55 -41.83
C ILE J 91 -87.58 48.46 -40.59
N PHE J 92 -88.66 49.24 -40.58
CA PHE J 92 -89.60 49.22 -39.48
C PHE J 92 -91.03 49.12 -40.02
N GLY J 93 -91.93 48.65 -39.18
CA GLY J 93 -93.34 48.56 -39.51
C GLY J 93 -94.08 49.82 -39.12
N GLN J 94 -95.38 49.65 -38.87
CA GLN J 94 -96.25 50.74 -38.43
C GLN J 94 -96.71 50.57 -37.00
N SER J 95 -97.23 49.40 -36.64
CA SER J 95 -97.64 49.10 -35.28
C SER J 95 -97.11 47.73 -34.88
N GLY J 96 -96.91 47.54 -33.57
CA GLY J 96 -96.34 46.31 -33.09
C GLY J 96 -97.27 45.12 -33.26
N ALA J 97 -96.69 43.93 -33.11
CA ALA J 97 -97.45 42.69 -33.24
C ALA J 97 -98.34 42.41 -32.03
N GLY J 98 -98.14 43.13 -30.93
CA GLY J 98 -98.98 42.94 -29.76
C GLY J 98 -98.84 41.58 -29.11
N ASN J 99 -97.62 41.05 -29.06
CA ASN J 99 -97.34 39.76 -28.41
C ASN J 99 -98.22 38.64 -28.97
N ASN J 100 -98.39 38.63 -30.29
CA ASN J 100 -99.26 37.67 -30.96
C ASN J 100 -98.47 36.93 -32.03
N TRP J 101 -98.63 35.61 -32.07
CA TRP J 101 -98.00 34.81 -33.13
C TRP J 101 -98.55 35.19 -34.50
N ALA J 102 -99.88 35.19 -34.64
CA ALA J 102 -100.50 35.43 -35.94
C ALA J 102 -100.22 36.82 -36.46
N LYS J 103 -100.24 37.83 -35.60
CA LYS J 103 -99.95 39.19 -36.03
C LYS J 103 -98.51 39.41 -36.43
N GLY J 104 -97.61 38.47 -36.10
CA GLY J 104 -96.22 38.61 -36.48
C GLY J 104 -95.78 37.58 -37.49
N HIS J 105 -96.70 36.72 -37.92
CA HIS J 105 -96.39 35.66 -38.86
C HIS J 105 -97.36 35.55 -40.02
N TYR J 106 -98.57 36.11 -39.92
CA TYR J 106 -99.55 35.95 -40.98
C TYR J 106 -100.10 37.29 -41.48
N THR J 107 -100.29 38.25 -40.58
CA THR J 107 -101.02 39.48 -40.89
C THR J 107 -100.11 40.68 -41.08
N GLU J 108 -99.31 41.03 -40.07
CA GLU J 108 -98.47 42.21 -40.14
C GLU J 108 -97.02 41.91 -40.49
N GLY J 109 -96.62 40.65 -40.46
CA GLY J 109 -95.27 40.27 -40.84
C GLY J 109 -95.18 39.84 -42.29
N ALA J 110 -96.34 39.62 -42.92
CA ALA J 110 -96.34 39.22 -44.32
C ALA J 110 -96.04 40.39 -45.25
N GLU J 111 -96.47 41.59 -44.88
CA GLU J 111 -96.21 42.76 -45.72
C GLU J 111 -94.77 43.23 -45.61
N LEU J 112 -94.08 42.87 -44.53
CA LEU J 112 -92.71 43.32 -44.33
C LEU J 112 -91.67 42.29 -44.76
N VAL J 113 -92.05 41.01 -44.83
CA VAL J 113 -91.09 39.97 -45.22
C VAL J 113 -90.62 40.14 -46.65
N ASP J 114 -91.43 40.74 -47.52
CA ASP J 114 -91.01 40.95 -48.91
C ASP J 114 -90.01 42.09 -49.03
N SER J 115 -90.15 43.14 -48.21
CA SER J 115 -89.22 44.25 -48.28
C SER J 115 -87.86 43.89 -47.67
N VAL J 116 -87.85 43.08 -46.62
CA VAL J 116 -86.60 42.71 -45.98
C VAL J 116 -85.88 41.58 -46.71
N LEU J 117 -86.60 40.78 -47.50
CA LEU J 117 -85.95 39.71 -48.25
C LEU J 117 -85.11 40.27 -49.40
N ASP J 118 -85.54 41.38 -49.99
CA ASP J 118 -84.75 42.00 -51.06
C ASP J 118 -83.44 42.56 -50.54
N VAL J 119 -83.44 43.10 -49.31
CA VAL J 119 -82.20 43.58 -48.72
C VAL J 119 -81.26 42.41 -48.42
N VAL J 120 -81.83 41.28 -47.98
CA VAL J 120 -81.01 40.09 -47.72
C VAL J 120 -80.36 39.62 -49.01
N ARG J 121 -81.13 39.56 -50.10
CA ARG J 121 -80.59 39.12 -51.38
C ARG J 121 -79.54 40.09 -51.91
N LYS J 122 -79.80 41.39 -51.79
CA LYS J 122 -78.83 42.38 -52.27
C LYS J 122 -77.54 42.31 -51.47
N GLU J 123 -77.64 42.10 -50.16
CA GLU J 123 -76.44 41.94 -49.34
C GLU J 123 -75.69 40.66 -49.71
N CYS J 124 -76.42 39.64 -50.16
CA CYS J 124 -75.79 38.36 -50.46
C CYS J 124 -75.02 38.38 -51.77
N GLU J 125 -75.47 39.15 -52.75
CA GLU J 125 -74.77 39.19 -54.03
C GLU J 125 -73.45 39.95 -53.93
N ASN J 126 -73.39 40.98 -53.09
CA ASN J 126 -72.13 41.68 -52.85
C ASN J 126 -71.11 40.77 -52.18
N CYS J 127 -71.57 39.70 -51.52
CA CYS J 127 -70.67 38.78 -50.84
C CYS J 127 -69.76 38.07 -51.84
N ASP J 128 -68.57 37.70 -51.37
CA ASP J 128 -67.66 36.92 -52.18
C ASP J 128 -67.94 35.43 -52.01
N CYS J 129 -67.90 34.95 -50.78
CA CYS J 129 -68.24 33.56 -50.46
C CYS J 129 -69.01 33.57 -49.14
N LEU J 130 -70.33 33.39 -49.22
CA LEU J 130 -71.16 33.45 -48.03
C LEU J 130 -70.85 32.28 -47.10
N GLN J 131 -70.78 32.59 -45.80
CA GLN J 131 -70.56 31.58 -44.77
C GLN J 131 -71.84 31.19 -44.06
N GLY J 132 -72.63 32.16 -43.62
CA GLY J 132 -73.87 31.85 -42.95
C GLY J 132 -74.54 33.09 -42.40
N PHE J 133 -75.65 32.85 -41.70
CA PHE J 133 -76.47 33.89 -41.11
C PHE J 133 -76.44 33.80 -39.60
N GLN J 134 -76.68 34.95 -38.95
CA GLN J 134 -76.79 35.03 -37.50
C GLN J 134 -78.06 35.80 -37.16
N LEU J 135 -78.88 35.23 -36.28
CA LEU J 135 -80.15 35.82 -35.91
C LEU J 135 -80.24 35.89 -34.39
N THR J 136 -80.59 37.06 -33.87
CA THR J 136 -80.82 37.26 -32.44
C THR J 136 -82.27 37.71 -32.24
N HIS J 137 -83.01 36.96 -31.44
CA HIS J 137 -84.43 37.24 -31.25
C HIS J 137 -84.85 36.68 -29.89
N SER J 138 -86.12 36.89 -29.54
CA SER J 138 -86.71 36.38 -28.32
C SER J 138 -87.82 35.39 -28.66
N LEU J 139 -87.98 34.39 -27.81
CA LEU J 139 -89.01 33.37 -28.01
C LEU J 139 -90.31 33.70 -27.28
N GLY J 140 -90.41 34.86 -26.66
CA GLY J 140 -91.61 35.22 -25.92
C GLY J 140 -92.40 36.34 -26.55
N GLY J 141 -91.74 37.18 -27.34
CA GLY J 141 -92.39 38.30 -27.98
C GLY J 141 -93.15 37.92 -29.23
N GLY J 142 -93.79 38.93 -29.82
CA GLY J 142 -94.58 38.71 -31.02
C GLY J 142 -93.80 38.86 -32.31
N THR J 143 -93.18 40.02 -32.52
CA THR J 143 -92.43 40.25 -33.75
C THR J 143 -91.09 39.54 -33.74
N GLY J 144 -90.41 39.51 -32.59
CA GLY J 144 -89.12 38.85 -32.52
C GLY J 144 -89.21 37.37 -32.77
N SER J 145 -90.24 36.72 -32.22
CA SER J 145 -90.43 35.29 -32.41
C SER J 145 -91.24 34.97 -33.65
N GLY J 146 -92.20 35.82 -34.00
CA GLY J 146 -93.07 35.58 -35.14
C GLY J 146 -92.42 35.85 -36.48
N MET J 147 -92.02 37.11 -36.71
CA MET J 147 -91.41 37.45 -37.98
C MET J 147 -90.02 36.86 -38.13
N GLY J 148 -89.28 36.74 -37.04
CA GLY J 148 -87.97 36.10 -37.10
C GLY J 148 -88.06 34.66 -37.55
N THR J 149 -89.09 33.95 -37.09
CA THR J 149 -89.32 32.59 -37.58
C THR J 149 -89.65 32.58 -39.07
N LEU J 150 -90.44 33.55 -39.52
CA LEU J 150 -90.76 33.64 -40.94
C LEU J 150 -89.53 33.88 -41.79
N LEU J 151 -88.57 34.66 -41.28
CA LEU J 151 -87.33 34.88 -42.00
C LEU J 151 -86.53 33.59 -42.14
N ILE J 152 -86.58 32.72 -41.13
CA ILE J 152 -85.85 31.46 -41.18
C ILE J 152 -86.37 30.58 -42.31
N SER J 153 -87.70 30.48 -42.44
CA SER J 153 -88.28 29.66 -43.49
C SER J 153 -87.97 30.21 -44.88
N LYS J 154 -88.05 31.52 -45.05
CA LYS J 154 -87.78 32.11 -46.36
C LYS J 154 -86.31 31.98 -46.74
N VAL J 155 -85.41 32.22 -45.78
CA VAL J 155 -83.97 32.17 -46.07
C VAL J 155 -83.54 30.73 -46.39
N ARG J 156 -84.10 29.75 -45.66
CA ARG J 156 -83.72 28.36 -45.88
C ARG J 156 -84.04 27.89 -47.29
N GLU J 157 -85.17 28.34 -47.85
CA GLU J 157 -85.53 27.93 -49.19
C GLU J 157 -84.57 28.51 -50.23
N GLU J 158 -84.14 29.75 -50.05
CA GLU J 158 -83.27 30.38 -51.05
C GLU J 158 -81.85 29.83 -50.98
N TYR J 159 -81.32 29.61 -49.78
CA TYR J 159 -79.96 29.11 -49.59
C TYR J 159 -80.00 27.89 -48.68
N PRO J 160 -80.42 26.74 -49.20
CA PRO J 160 -80.44 25.53 -48.35
C PRO J 160 -79.06 25.08 -47.89
N ASP J 161 -78.02 25.32 -48.69
CA ASP J 161 -76.67 24.86 -48.36
C ASP J 161 -75.91 25.94 -47.60
N ARG J 162 -76.46 26.29 -46.43
CA ARG J 162 -75.84 27.30 -45.57
C ARG J 162 -76.12 26.93 -44.12
N ILE J 163 -75.34 27.53 -43.23
CA ILE J 163 -75.45 27.31 -41.79
C ILE J 163 -75.90 28.62 -41.14
N MET J 164 -76.76 28.52 -40.14
CA MET J 164 -77.22 29.70 -39.42
C MET J 164 -77.45 29.35 -37.96
N ASN J 165 -77.18 30.34 -37.10
CA ASN J 165 -77.32 30.19 -35.65
C ASN J 165 -78.29 31.22 -35.13
N THR J 166 -79.17 30.82 -34.22
CA THR J 166 -80.14 31.72 -33.60
C THR J 166 -79.80 31.84 -32.12
N PHE J 167 -79.58 33.07 -31.67
CA PHE J 167 -79.27 33.34 -30.27
C PHE J 167 -80.55 33.75 -29.52
N SER J 168 -81.49 32.80 -29.47
CA SER J 168 -82.79 33.08 -28.88
C SER J 168 -82.69 33.23 -27.37
N VAL J 169 -83.60 34.03 -26.82
CA VAL J 169 -83.70 34.24 -25.38
C VAL J 169 -84.91 33.46 -24.88
N VAL J 170 -84.66 32.38 -24.16
CA VAL J 170 -85.71 31.46 -23.73
C VAL J 170 -86.54 32.15 -22.64
N PRO J 171 -87.83 31.85 -22.52
CA PRO J 171 -88.63 32.44 -21.44
C PRO J 171 -88.15 31.99 -20.06
N SER J 172 -88.36 32.86 -19.09
CA SER J 172 -87.88 32.61 -17.72
C SER J 172 -88.86 31.71 -16.97
N PRO J 173 -88.39 30.61 -16.39
CA PRO J 173 -89.29 29.76 -15.58
C PRO J 173 -89.88 30.46 -14.37
N LYS J 174 -89.14 31.38 -13.74
CA LYS J 174 -89.57 31.96 -12.48
C LYS J 174 -90.71 32.97 -12.68
N VAL J 175 -90.45 34.04 -13.41
CA VAL J 175 -91.42 35.11 -13.63
C VAL J 175 -91.63 35.27 -15.13
N SER J 176 -92.89 35.24 -15.55
CA SER J 176 -93.24 35.38 -16.96
C SER J 176 -93.34 36.85 -17.31
N ASP J 177 -92.52 37.30 -18.27
CA ASP J 177 -92.57 38.69 -18.71
C ASP J 177 -93.91 39.01 -19.38
N THR J 178 -94.41 38.09 -20.19
CA THR J 178 -95.69 38.25 -20.87
C THR J 178 -96.66 37.18 -20.39
N VAL J 179 -97.94 37.53 -20.35
CA VAL J 179 -98.95 36.61 -19.83
C VAL J 179 -99.04 35.38 -20.73
N VAL J 180 -99.20 35.58 -22.03
CA VAL J 180 -99.27 34.46 -22.97
C VAL J 180 -97.84 34.21 -23.46
N GLU J 181 -97.09 33.51 -22.61
CA GLU J 181 -95.76 33.03 -22.99
C GLU J 181 -95.78 31.67 -23.69
N PRO J 182 -96.47 30.65 -23.15
CA PRO J 182 -96.35 29.30 -23.74
C PRO J 182 -96.82 29.21 -25.18
N TYR J 183 -97.85 29.97 -25.56
CA TYR J 183 -98.35 29.89 -26.93
C TYR J 183 -97.31 30.36 -27.93
N ASN J 184 -96.58 31.43 -27.60
CA ASN J 184 -95.57 31.94 -28.52
C ASN J 184 -94.36 31.01 -28.57
N ALA J 185 -93.93 30.48 -27.43
CA ALA J 185 -92.74 29.64 -27.40
C ALA J 185 -92.98 28.30 -28.09
N THR J 186 -94.11 27.66 -27.79
CA THR J 186 -94.39 26.35 -28.37
C THR J 186 -94.56 26.45 -29.88
N LEU J 187 -95.26 27.48 -30.37
CA LEU J 187 -95.46 27.64 -31.80
C LEU J 187 -94.18 28.00 -32.53
N SER J 188 -93.20 28.57 -31.84
CA SER J 188 -91.95 28.99 -32.46
C SER J 188 -90.92 27.87 -32.52
N ILE J 189 -90.78 27.11 -31.43
CA ILE J 189 -89.78 26.05 -31.39
C ILE J 189 -90.11 24.95 -32.41
N HIS J 190 -91.41 24.68 -32.60
CA HIS J 190 -91.82 23.68 -33.58
C HIS J 190 -91.32 24.04 -34.98
N GLN J 191 -91.17 25.33 -35.29
CA GLN J 191 -90.65 25.75 -36.58
C GLN J 191 -89.13 25.83 -36.58
N LEU J 192 -88.52 26.23 -35.46
CA LEU J 192 -87.07 26.30 -35.39
C LEU J 192 -86.44 24.94 -35.57
N VAL J 193 -87.02 23.90 -34.95
CA VAL J 193 -86.43 22.57 -34.97
C VAL J 193 -86.27 22.07 -36.40
N GLU J 194 -87.24 22.38 -37.26
CA GLU J 194 -87.24 21.83 -38.62
C GLU J 194 -86.08 22.36 -39.45
N ASN J 195 -85.85 23.67 -39.44
CA ASN J 195 -84.97 24.30 -40.43
C ASN J 195 -83.98 25.26 -39.77
N THR J 196 -83.30 24.82 -38.72
CA THR J 196 -82.16 25.56 -38.20
C THR J 196 -81.01 24.58 -37.96
N ASP J 197 -79.83 25.14 -37.75
CA ASP J 197 -78.62 24.34 -37.56
C ASP J 197 -78.20 24.22 -36.10
N GLU J 198 -78.25 25.33 -35.34
CA GLU J 198 -77.85 25.31 -33.95
C GLU J 198 -78.37 26.55 -33.26
N THR J 199 -79.00 26.38 -32.10
CA THR J 199 -79.58 27.47 -31.34
C THR J 199 -78.93 27.51 -29.95
N TYR J 200 -78.62 28.72 -29.49
CA TYR J 200 -78.02 28.94 -28.18
C TYR J 200 -79.08 29.52 -27.26
N CYS J 201 -79.65 28.68 -26.40
CA CYS J 201 -80.69 29.11 -25.48
C CYS J 201 -80.08 29.90 -24.33
N ILE J 202 -80.48 31.15 -24.19
CA ILE J 202 -80.00 32.03 -23.13
C ILE J 202 -81.20 32.52 -22.33
N ASP J 203 -81.12 32.39 -21.02
CA ASP J 203 -82.25 32.72 -20.13
C ASP J 203 -81.90 33.97 -19.34
N ASN J 204 -82.94 34.58 -18.75
CA ASN J 204 -82.83 35.90 -18.14
C ASN J 204 -82.42 35.86 -16.67
N GLU J 205 -83.19 35.19 -15.81
CA GLU J 205 -82.84 35.24 -14.39
C GLU J 205 -81.61 34.40 -14.08
N ALA J 206 -81.29 33.40 -14.90
CA ALA J 206 -80.01 32.73 -14.76
C ALA J 206 -78.86 33.70 -14.99
N LEU J 207 -79.08 34.72 -15.82
CA LEU J 207 -78.10 35.79 -16.00
C LEU J 207 -78.13 36.76 -14.83
N TYR J 208 -79.30 36.96 -14.21
CA TYR J 208 -79.38 37.81 -13.02
C TYR J 208 -78.57 37.22 -11.87
N ASP J 209 -78.66 35.90 -11.67
CA ASP J 209 -77.92 35.28 -10.58
C ASP J 209 -76.42 35.39 -10.80
N ILE J 210 -75.97 35.25 -12.05
CA ILE J 210 -74.54 35.40 -12.35
C ILE J 210 -74.09 36.82 -12.05
N CYS J 211 -74.89 37.82 -12.44
CA CYS J 211 -74.53 39.20 -12.19
C CYS J 211 -74.71 39.60 -10.73
N PHE J 212 -75.36 38.75 -9.93
CA PHE J 212 -75.60 39.09 -8.52
C PHE J 212 -74.47 38.56 -7.63
N ARG J 213 -74.19 37.26 -7.71
CA ARG J 213 -73.18 36.66 -6.85
C ARG J 213 -71.77 36.87 -7.43
N THR J 214 -71.53 36.34 -8.63
CA THR J 214 -70.18 36.33 -9.17
C THR J 214 -69.70 37.74 -9.49
N LEU J 215 -70.51 38.52 -10.22
CA LEU J 215 -70.11 39.88 -10.58
C LEU J 215 -70.30 40.85 -9.42
N LYS J 216 -71.10 40.49 -8.42
CA LYS J 216 -71.34 41.33 -7.24
C LYS J 216 -71.84 42.73 -7.63
N LEU J 217 -72.89 42.75 -8.43
CA LEU J 217 -73.53 43.99 -8.86
C LEU J 217 -74.86 44.15 -8.14
N ALA J 218 -75.06 45.29 -7.50
CA ALA J 218 -76.28 45.52 -6.72
C ALA J 218 -77.48 45.81 -7.62
N THR J 219 -77.28 46.60 -8.68
CA THR J 219 -78.38 47.03 -9.56
C THR J 219 -78.02 46.69 -11.00
N PRO J 220 -78.25 45.44 -11.42
CA PRO J 220 -77.94 45.05 -12.81
C PRO J 220 -79.04 45.51 -13.74
N THR J 221 -78.74 46.54 -14.55
CA THR J 221 -79.67 47.02 -15.55
C THR J 221 -79.58 46.16 -16.80
N TYR J 222 -80.37 46.52 -17.82
CA TYR J 222 -80.32 45.80 -19.08
C TYR J 222 -79.08 46.12 -19.90
N GLY J 223 -78.42 47.24 -19.62
CA GLY J 223 -77.17 47.54 -20.30
C GLY J 223 -76.07 46.56 -19.93
N ASP J 224 -75.95 46.24 -18.64
CA ASP J 224 -74.97 45.26 -18.20
C ASP J 224 -75.42 43.82 -18.46
N LEU J 225 -76.72 43.61 -18.66
CA LEU J 225 -77.20 42.26 -18.97
C LEU J 225 -76.80 41.84 -20.37
N ASN J 226 -76.99 42.72 -21.35
CA ASN J 226 -76.64 42.41 -22.72
C ASN J 226 -75.13 42.42 -22.96
N HIS J 227 -74.35 42.99 -22.04
CA HIS J 227 -72.90 42.96 -22.17
C HIS J 227 -72.37 41.53 -22.03
N LEU J 228 -72.97 40.74 -21.15
CA LEU J 228 -72.53 39.36 -20.97
C LEU J 228 -72.89 38.51 -22.17
N VAL J 229 -74.08 38.72 -22.75
CA VAL J 229 -74.49 37.94 -23.91
C VAL J 229 -73.61 38.27 -25.11
N SER J 230 -73.27 39.54 -25.30
CA SER J 230 -72.47 39.95 -26.45
C SER J 230 -71.09 39.31 -26.41
N ALA J 231 -70.47 39.28 -25.23
CA ALA J 231 -69.14 38.68 -25.10
C ALA J 231 -69.16 37.20 -25.42
N THR J 232 -70.17 36.48 -24.94
CA THR J 232 -70.27 35.05 -25.21
C THR J 232 -70.46 34.77 -26.69
N MET J 233 -71.34 35.51 -27.34
CA MET J 233 -71.63 35.27 -28.74
C MET J 233 -70.64 35.93 -29.69
N SER J 234 -69.76 36.79 -29.19
CA SER J 234 -68.66 37.31 -29.98
C SER J 234 -67.42 36.44 -29.89
N GLY J 235 -67.41 35.43 -29.01
CA GLY J 235 -66.29 34.53 -28.91
C GLY J 235 -66.40 33.29 -29.77
N VAL J 236 -67.59 33.02 -30.30
CA VAL J 236 -67.76 31.89 -31.21
C VAL J 236 -67.07 32.14 -32.53
N THR J 237 -67.21 33.36 -33.07
CA THR J 237 -66.67 33.68 -34.38
C THR J 237 -65.24 34.21 -34.32
N THR J 238 -64.68 34.37 -33.12
CA THR J 238 -63.32 34.91 -33.01
C THR J 238 -62.28 33.94 -33.54
N SER J 239 -62.62 32.66 -33.71
CA SER J 239 -61.64 31.70 -34.21
C SER J 239 -61.37 31.91 -35.70
N LEU J 240 -62.40 32.27 -36.46
CA LEU J 240 -62.25 32.51 -37.89
C LEU J 240 -61.90 33.96 -38.21
N ARG J 241 -61.93 34.85 -37.21
CA ARG J 241 -61.55 36.25 -37.43
C ARG J 241 -60.08 36.52 -37.15
N PHE J 242 -59.44 35.70 -36.33
CA PHE J 242 -58.06 35.90 -35.93
C PHE J 242 -57.28 34.60 -36.08
N PRO J 243 -55.98 34.68 -36.37
CA PRO J 243 -55.16 33.47 -36.44
C PRO J 243 -54.99 32.83 -35.07
N GLY J 244 -54.87 31.51 -35.07
CA GLY J 244 -54.71 30.77 -33.84
C GLY J 244 -53.94 29.49 -34.05
N GLN J 245 -53.54 28.89 -32.93
CA GLN J 245 -52.78 27.64 -32.98
C GLN J 245 -53.66 26.49 -33.48
N LEU J 246 -54.92 26.46 -33.08
CA LEU J 246 -55.87 25.42 -33.50
C LEU J 246 -57.18 26.14 -33.84
N ASN J 247 -57.35 26.46 -35.12
CA ASN J 247 -58.50 27.24 -35.56
C ASN J 247 -59.77 26.39 -35.55
N ALA J 248 -60.91 27.08 -35.42
CA ALA J 248 -62.22 26.46 -35.49
C ALA J 248 -63.12 27.33 -36.37
N ASP J 249 -64.16 26.70 -36.92
CA ASP J 249 -65.08 27.36 -37.83
C ASP J 249 -66.50 27.08 -37.38
N LEU J 250 -67.42 27.94 -37.81
CA LEU J 250 -68.83 27.76 -37.49
C LEU J 250 -69.34 26.39 -37.90
N ARG J 251 -68.90 25.91 -39.07
CA ARG J 251 -69.27 24.56 -39.49
C ARG J 251 -68.57 23.50 -38.65
N LYS J 252 -67.35 23.77 -38.19
CA LYS J 252 -66.63 22.81 -37.36
C LYS J 252 -67.36 22.58 -36.04
N LEU J 253 -67.90 23.65 -35.45
CA LEU J 253 -68.63 23.51 -34.19
C LEU J 253 -69.91 22.68 -34.38
N ALA J 254 -70.61 22.88 -35.50
CA ALA J 254 -71.85 22.16 -35.72
C ALA J 254 -71.63 20.66 -35.86
N VAL J 255 -70.54 20.27 -36.52
CA VAL J 255 -70.27 18.85 -36.71
C VAL J 255 -69.98 18.18 -35.37
N ASN J 256 -69.26 18.87 -34.48
CA ASN J 256 -68.82 18.28 -33.23
C ASN J 256 -69.83 18.39 -32.10
N MET J 257 -70.94 19.11 -32.30
CA MET J 257 -71.91 19.32 -31.23
C MET J 257 -73.32 18.86 -31.57
N VAL J 258 -73.56 18.36 -32.78
CA VAL J 258 -74.91 17.95 -33.19
C VAL J 258 -74.87 16.50 -33.64
N PRO J 259 -74.89 15.54 -32.71
CA PRO J 259 -74.90 14.13 -33.12
C PRO J 259 -76.12 13.74 -33.94
N PHE J 260 -77.27 14.34 -33.66
CA PHE J 260 -78.51 14.00 -34.36
C PHE J 260 -79.21 15.28 -34.79
N PRO J 261 -79.94 15.25 -35.90
CA PRO J 261 -80.47 16.50 -36.48
C PRO J 261 -81.42 17.26 -35.56
N ARG J 262 -82.12 16.58 -34.65
CA ARG J 262 -83.07 17.26 -33.78
C ARG J 262 -82.44 17.78 -32.50
N LEU J 263 -81.24 17.31 -32.13
CA LEU J 263 -80.61 17.67 -30.87
C LEU J 263 -79.54 18.73 -31.14
N HIS J 264 -79.99 19.98 -31.22
CA HIS J 264 -79.08 21.10 -31.48
C HIS J 264 -79.45 22.30 -30.62
N PHE J 265 -79.72 22.07 -29.34
CA PHE J 265 -80.02 23.13 -28.38
C PHE J 265 -78.87 23.19 -27.37
N PHE J 266 -78.11 24.27 -27.40
CA PHE J 266 -76.89 24.40 -26.62
C PHE J 266 -77.09 25.34 -25.44
N MET J 267 -76.19 25.23 -24.47
CA MET J 267 -76.19 26.09 -23.28
C MET J 267 -74.82 26.76 -23.19
N PRO J 268 -74.72 28.06 -23.42
CA PRO J 268 -73.43 28.74 -23.45
C PRO J 268 -72.89 28.98 -22.04
N GLY J 269 -71.69 29.56 -21.99
CA GLY J 269 -71.04 29.89 -20.73
C GLY J 269 -69.82 30.76 -20.96
N PHE J 270 -69.40 31.51 -19.95
CA PHE J 270 -68.29 32.43 -20.10
C PHE J 270 -67.43 32.40 -18.84
N ALA J 271 -66.14 32.71 -19.03
CA ALA J 271 -65.17 32.76 -17.95
C ALA J 271 -63.94 33.51 -18.45
N PRO J 272 -63.27 34.28 -17.58
CA PRO J 272 -63.56 34.53 -16.17
C PRO J 272 -64.57 35.64 -15.94
N LEU J 273 -65.23 35.63 -14.78
CA LEU J 273 -66.15 36.70 -14.39
C LEU J 273 -65.82 37.08 -12.96
N THR J 274 -65.28 38.28 -12.77
CA THR J 274 -64.89 38.74 -11.45
C THR J 274 -65.26 40.20 -11.27
N ALA J 275 -65.47 40.59 -10.02
CA ALA J 275 -65.78 41.97 -9.70
C ALA J 275 -64.54 42.85 -9.86
N ARG J 276 -64.78 44.16 -9.93
CA ARG J 276 -63.68 45.11 -10.08
C ARG J 276 -62.77 45.10 -8.86
N GLY J 277 -63.35 44.99 -7.66
CA GLY J 277 -62.54 44.97 -6.46
C GLY J 277 -61.70 43.72 -6.31
N SER J 278 -62.25 42.57 -6.70
CA SER J 278 -61.64 41.28 -6.41
C SER J 278 -60.93 40.67 -7.63
N GLN J 279 -60.60 41.47 -8.64
CA GLN J 279 -59.83 40.97 -9.77
C GLN J 279 -58.33 41.10 -9.57
N GLN J 280 -57.90 41.76 -8.49
CA GLN J 280 -56.49 41.93 -8.19
C GLN J 280 -55.91 40.81 -7.33
N TYR J 281 -56.75 39.89 -6.84
CA TYR J 281 -56.31 38.84 -5.94
C TYR J 281 -56.38 37.45 -6.58
N ARG J 282 -56.53 37.39 -7.90
CA ARG J 282 -56.62 36.12 -8.61
C ARG J 282 -55.51 36.03 -9.66
N ALA J 283 -54.93 34.85 -9.79
CA ALA J 283 -53.91 34.59 -10.79
C ALA J 283 -54.59 34.12 -12.06
N LEU J 284 -54.53 34.93 -13.11
CA LEU J 284 -55.18 34.62 -14.38
C LEU J 284 -54.41 33.51 -15.06
N THR J 285 -54.94 32.29 -15.00
CA THR J 285 -54.23 31.13 -15.55
C THR J 285 -55.26 30.06 -15.92
N VAL J 286 -54.80 29.10 -16.73
CA VAL J 286 -55.72 28.08 -17.25
C VAL J 286 -56.41 27.27 -16.15
N PRO J 287 -55.74 26.81 -15.09
CA PRO J 287 -56.44 25.95 -14.11
C PRO J 287 -57.67 26.58 -13.48
N GLU J 288 -57.71 27.90 -13.30
CA GLU J 288 -58.88 28.51 -12.70
C GLU J 288 -59.93 28.91 -13.73
N LEU J 289 -59.58 28.96 -15.01
CA LEU J 289 -60.60 29.17 -16.05
C LEU J 289 -61.50 27.95 -16.19
N THR J 290 -60.90 26.76 -16.31
CA THR J 290 -61.69 25.56 -16.50
C THR J 290 -62.53 25.24 -15.27
N GLN J 291 -61.99 25.47 -14.07
CA GLN J 291 -62.76 25.26 -12.85
C GLN J 291 -63.94 26.21 -12.78
N GLN J 292 -63.74 27.47 -13.14
CA GLN J 292 -64.82 28.44 -13.15
C GLN J 292 -65.79 28.18 -14.30
N MET J 293 -65.31 27.54 -15.37
CA MET J 293 -66.16 27.30 -16.53
C MET J 293 -67.13 26.15 -16.31
N PHE J 294 -66.73 25.11 -15.59
CA PHE J 294 -67.47 23.86 -15.55
C PHE J 294 -68.39 23.73 -14.35
N ASP J 295 -68.42 24.71 -13.45
CA ASP J 295 -69.34 24.63 -12.32
C ASP J 295 -70.77 24.89 -12.76
N ALA J 296 -71.72 24.30 -12.04
CA ALA J 296 -73.11 24.36 -12.44
C ALA J 296 -73.72 25.74 -12.27
N LYS J 297 -73.13 26.60 -11.45
CA LYS J 297 -73.73 27.91 -11.19
C LYS J 297 -73.37 28.94 -12.25
N ASN J 298 -72.10 28.97 -12.69
CA ASN J 298 -71.66 29.92 -13.69
C ASN J 298 -72.09 29.46 -15.09
N MET J 299 -73.40 29.40 -15.28
CA MET J 299 -73.99 28.99 -16.54
C MET J 299 -75.10 29.96 -16.90
N MET J 300 -75.15 30.38 -18.17
CA MET J 300 -76.08 31.40 -18.62
C MET J 300 -77.41 30.82 -19.08
N ALA J 301 -77.76 29.62 -18.63
CA ALA J 301 -79.07 29.02 -18.86
C ALA J 301 -79.56 28.39 -17.57
N ALA J 302 -80.82 28.65 -17.22
CA ALA J 302 -81.37 28.14 -15.96
C ALA J 302 -81.67 26.66 -16.06
N CYS J 303 -80.62 25.84 -16.10
CA CYS J 303 -80.78 24.39 -16.12
C CYS J 303 -79.56 23.80 -15.45
N ASP J 304 -79.76 23.10 -14.33
CA ASP J 304 -78.66 22.55 -13.58
C ASP J 304 -78.11 21.33 -14.33
N PRO J 305 -76.83 21.35 -14.74
CA PRO J 305 -76.28 20.19 -15.44
C PRO J 305 -76.21 18.93 -14.61
N ARG J 306 -76.28 19.05 -13.27
CA ARG J 306 -76.22 17.87 -12.41
C ARG J 306 -77.39 16.93 -12.63
N HIS J 307 -78.50 17.42 -13.18
CA HIS J 307 -79.66 16.59 -13.47
C HIS J 307 -79.57 15.88 -14.80
N GLY J 308 -78.51 16.11 -15.57
CA GLY J 308 -78.34 15.47 -16.86
C GLY J 308 -76.90 15.13 -17.17
N ARG J 309 -76.64 14.68 -18.40
CA ARG J 309 -75.30 14.32 -18.83
C ARG J 309 -74.94 15.09 -20.10
N TYR J 310 -73.70 15.58 -20.15
CA TYR J 310 -73.22 16.30 -21.31
C TYR J 310 -73.04 15.34 -22.48
N LEU J 311 -73.84 15.52 -23.54
CA LEU J 311 -73.65 14.75 -24.75
C LEU J 311 -72.29 15.06 -25.38
N THR J 312 -72.09 16.30 -25.80
CA THR J 312 -70.81 16.79 -26.30
C THR J 312 -70.56 18.16 -25.72
N VAL J 313 -69.28 18.52 -25.62
CA VAL J 313 -68.87 19.79 -25.03
C VAL J 313 -67.82 20.44 -25.92
N ALA J 314 -68.02 21.72 -26.24
CA ALA J 314 -67.04 22.50 -26.96
C ALA J 314 -66.36 23.49 -26.01
N THR J 315 -65.25 24.05 -26.46
CA THR J 315 -64.50 25.01 -25.66
C THR J 315 -63.65 25.85 -26.59
N VAL J 316 -63.86 27.16 -26.60
CA VAL J 316 -63.10 28.07 -27.44
C VAL J 316 -62.26 29.00 -26.57
N PHE J 317 -61.01 28.62 -26.34
CA PHE J 317 -60.11 29.45 -25.56
C PHE J 317 -59.67 30.68 -26.35
N ARG J 318 -59.20 31.68 -25.63
CA ARG J 318 -58.70 32.91 -26.22
C ARG J 318 -57.45 33.34 -25.47
N GLY J 319 -56.70 34.26 -26.08
CA GLY J 319 -55.47 34.73 -25.49
C GLY J 319 -54.30 33.79 -25.74
N ARG J 320 -53.18 34.11 -25.11
CA ARG J 320 -51.95 33.37 -25.28
C ARG J 320 -51.80 32.35 -24.15
N MET J 321 -51.76 31.07 -24.51
CA MET J 321 -51.58 30.01 -23.53
C MET J 321 -50.86 28.84 -24.19
N SER J 322 -50.21 28.02 -23.38
CA SER J 322 -49.59 26.81 -23.88
C SER J 322 -50.65 25.74 -24.13
N MET J 323 -50.38 24.89 -25.13
CA MET J 323 -51.31 23.84 -25.52
C MET J 323 -51.15 22.57 -24.69
N LYS J 324 -50.54 22.64 -23.51
CA LYS J 324 -50.36 21.48 -22.65
C LYS J 324 -51.42 21.40 -21.56
N GLU J 325 -51.54 22.44 -20.74
CA GLU J 325 -52.58 22.45 -19.72
C GLU J 325 -53.97 22.42 -20.36
N VAL J 326 -54.12 23.10 -21.49
CA VAL J 326 -55.39 23.05 -22.22
C VAL J 326 -55.71 21.63 -22.64
N ASP J 327 -54.70 20.90 -23.14
CA ASP J 327 -54.92 19.53 -23.57
C ASP J 327 -54.95 18.54 -22.42
N GLU J 328 -54.45 18.91 -21.25
CA GLU J 328 -54.39 18.02 -20.10
C GLU J 328 -55.53 18.21 -19.12
N GLN J 329 -55.96 19.46 -18.89
CA GLN J 329 -56.96 19.72 -17.86
C GLN J 329 -58.34 19.21 -18.26
N MET J 330 -58.69 19.30 -19.55
CA MET J 330 -59.95 18.73 -20.00
C MET J 330 -59.98 17.21 -19.86
N LEU J 331 -58.80 16.58 -19.81
CA LEU J 331 -58.74 15.16 -19.47
C LEU J 331 -58.98 14.95 -17.98
N ALA J 332 -58.39 15.82 -17.14
CA ALA J 332 -58.61 15.71 -15.71
C ALA J 332 -60.06 16.02 -15.34
N ILE J 333 -60.65 17.03 -15.97
CA ILE J 333 -62.05 17.36 -15.71
C ILE J 333 -62.97 16.24 -16.19
N GLN J 334 -62.53 15.49 -17.21
CA GLN J 334 -63.33 14.37 -17.69
C GLN J 334 -63.23 13.15 -16.77
N SER J 335 -62.05 12.92 -16.19
CA SER J 335 -61.87 11.76 -15.31
C SER J 335 -62.58 11.97 -13.98
N LYS J 336 -62.42 13.15 -13.38
CA LYS J 336 -63.01 13.41 -12.07
C LYS J 336 -64.52 13.64 -12.13
N ASN J 337 -65.05 14.02 -13.29
CA ASN J 337 -66.48 14.26 -13.48
C ASN J 337 -67.06 13.31 -14.51
N SER J 338 -66.57 12.06 -14.51
CA SER J 338 -67.01 11.07 -15.49
C SER J 338 -68.46 10.66 -15.32
N SER J 339 -69.07 10.95 -14.16
CA SER J 339 -70.46 10.56 -13.95
C SER J 339 -71.42 11.42 -14.78
N TYR J 340 -71.04 12.65 -15.08
CA TYR J 340 -71.89 13.59 -15.81
C TYR J 340 -71.63 13.59 -17.31
N PHE J 341 -70.95 12.57 -17.83
CA PHE J 341 -70.64 12.49 -19.25
C PHE J 341 -71.24 11.23 -19.85
N VAL J 342 -71.60 11.33 -21.13
CA VAL J 342 -72.23 10.20 -21.83
C VAL J 342 -71.20 9.10 -22.04
N GLU J 343 -71.60 7.86 -21.73
CA GLU J 343 -70.67 6.75 -21.80
C GLU J 343 -70.40 6.31 -23.24
N TRP J 344 -71.41 6.36 -24.10
CA TRP J 344 -71.26 5.83 -25.45
C TRP J 344 -70.65 6.84 -26.42
N ILE J 345 -70.33 8.04 -25.96
CA ILE J 345 -69.57 8.99 -26.78
C ILE J 345 -68.21 9.19 -26.12
N PRO J 346 -67.15 8.55 -26.61
CA PRO J 346 -65.83 8.75 -26.02
C PRO J 346 -65.30 10.14 -26.34
N ASN J 347 -64.27 10.52 -25.59
CA ASN J 347 -63.45 11.74 -25.80
C ASN J 347 -64.29 12.91 -26.32
N ASN J 348 -65.42 13.13 -25.65
CA ASN J 348 -66.42 14.11 -26.09
C ASN J 348 -66.04 15.52 -25.61
N VAL J 349 -64.95 16.03 -26.16
CA VAL J 349 -64.49 17.39 -25.89
C VAL J 349 -63.85 17.94 -27.16
N LYS J 350 -64.35 19.08 -27.62
CA LYS J 350 -63.75 19.81 -28.72
C LYS J 350 -63.15 21.10 -28.19
N VAL J 351 -61.87 21.33 -28.48
CA VAL J 351 -61.13 22.45 -27.93
C VAL J 351 -60.45 23.21 -29.06
N ALA J 352 -60.59 24.54 -29.04
CA ALA J 352 -59.93 25.41 -29.99
C ALA J 352 -59.26 26.56 -29.25
N VAL J 353 -58.18 27.08 -29.83
CA VAL J 353 -57.38 28.12 -29.19
C VAL J 353 -57.14 29.23 -30.21
N CYS J 354 -57.39 30.48 -29.79
CA CYS J 354 -57.08 31.66 -30.58
C CYS J 354 -55.82 32.31 -30.03
N ASP J 355 -55.43 33.44 -30.63
CA ASP J 355 -54.21 34.12 -30.24
C ASP J 355 -54.40 35.58 -29.85
N ILE J 356 -55.62 36.12 -29.95
CA ILE J 356 -55.88 37.50 -29.59
C ILE J 356 -56.78 37.54 -28.36
N PRO J 357 -56.27 37.97 -27.21
CA PRO J 357 -57.10 38.03 -26.01
C PRO J 357 -58.15 39.13 -26.13
N PRO J 358 -59.25 39.02 -25.38
CA PRO J 358 -60.26 40.09 -25.41
C PRO J 358 -59.72 41.38 -24.82
N ARG J 359 -60.47 42.45 -25.04
CA ARG J 359 -60.03 43.78 -24.61
C ARG J 359 -59.91 43.83 -23.08
N GLY J 360 -58.76 44.30 -22.61
CA GLY J 360 -58.54 44.43 -21.18
C GLY J 360 -58.51 43.13 -20.41
N LEU J 361 -57.89 42.09 -20.97
CA LEU J 361 -57.81 40.80 -20.29
C LEU J 361 -56.64 40.02 -20.85
N LYS J 362 -55.91 39.34 -19.96
CA LYS J 362 -54.78 38.52 -20.41
C LYS J 362 -55.27 37.31 -21.19
N MET J 363 -56.29 36.61 -20.69
CA MET J 363 -56.82 35.42 -21.34
C MET J 363 -58.25 35.21 -20.91
N SER J 364 -58.99 34.47 -21.73
CA SER J 364 -60.40 34.20 -21.46
C SER J 364 -60.80 32.95 -22.24
N SER J 365 -62.05 32.55 -22.09
CA SER J 365 -62.55 31.36 -22.75
C SER J 365 -64.07 31.43 -22.88
N THR J 366 -64.61 30.58 -23.75
CA THR J 366 -66.05 30.48 -23.97
C THR J 366 -66.42 29.00 -23.97
N PHE J 367 -67.48 28.66 -23.25
CA PHE J 367 -67.90 27.28 -23.07
C PHE J 367 -69.25 27.06 -23.73
N ILE J 368 -69.34 26.04 -24.57
CA ILE J 368 -70.58 25.67 -25.25
C ILE J 368 -70.81 24.18 -25.01
N GLY J 369 -71.94 23.85 -24.40
CA GLY J 369 -72.22 22.47 -24.05
C GLY J 369 -73.60 22.00 -24.42
N ASN J 370 -73.67 20.92 -25.20
CA ASN J 370 -74.94 20.29 -25.58
C ASN J 370 -75.29 19.28 -24.51
N SER J 371 -76.05 19.70 -23.51
CA SER J 371 -76.37 18.88 -22.35
C SER J 371 -77.80 18.34 -22.44
N THR J 372 -78.05 17.29 -21.67
CA THR J 372 -79.38 16.69 -21.57
C THR J 372 -80.33 17.54 -20.72
N ALA J 373 -79.80 18.37 -19.82
CA ALA J 373 -80.62 19.13 -18.89
C ALA J 373 -81.56 20.10 -19.59
N ILE J 374 -81.35 20.40 -20.88
CA ILE J 374 -82.30 21.21 -21.63
C ILE J 374 -83.67 20.54 -21.64
N GLN J 375 -83.71 19.21 -21.47
CA GLN J 375 -84.97 18.48 -21.39
C GLN J 375 -85.92 19.10 -20.38
N GLU J 376 -85.42 19.43 -19.19
CA GLU J 376 -86.28 19.95 -18.13
C GLU J 376 -86.88 21.30 -18.46
N LEU J 377 -86.33 22.02 -19.43
CA LEU J 377 -86.90 23.30 -19.83
C LEU J 377 -88.03 23.12 -20.83
N PHE J 378 -87.90 22.15 -21.74
CA PHE J 378 -88.98 21.85 -22.67
C PHE J 378 -90.17 21.21 -21.96
N LYS J 379 -89.92 20.42 -20.92
CA LYS J 379 -91.00 19.79 -20.18
C LYS J 379 -91.87 20.83 -19.49
N ARG J 380 -91.24 21.85 -18.89
CA ARG J 380 -92.01 22.89 -18.22
C ARG J 380 -92.86 23.68 -19.20
N ILE J 381 -92.31 24.02 -20.37
CA ILE J 381 -93.06 24.79 -21.35
C ILE J 381 -94.25 24.00 -21.86
N SER J 382 -94.05 22.71 -22.17
CA SER J 382 -95.14 21.87 -22.63
C SER J 382 -96.21 21.69 -21.57
N GLU J 383 -95.83 21.75 -20.29
CA GLU J 383 -96.80 21.63 -19.21
C GLU J 383 -97.71 22.86 -19.18
N GLN J 384 -97.13 24.06 -19.23
CA GLN J 384 -97.94 25.27 -19.17
C GLN J 384 -98.83 25.39 -20.40
N PHE J 385 -98.32 25.04 -21.58
CA PHE J 385 -99.12 25.12 -22.79
C PHE J 385 -100.31 24.17 -22.72
N THR J 386 -100.08 22.94 -22.23
CA THR J 386 -101.15 21.95 -22.17
C THR J 386 -102.27 22.41 -21.25
N ALA J 387 -101.93 22.92 -20.07
CA ALA J 387 -102.94 23.34 -19.11
C ALA J 387 -103.74 24.53 -19.65
N MET J 388 -103.07 25.47 -20.30
CA MET J 388 -103.75 26.66 -20.80
C MET J 388 -104.58 26.34 -22.03
N PHE J 389 -104.13 25.39 -22.86
CA PHE J 389 -104.83 25.10 -24.10
C PHE J 389 -106.12 24.32 -23.86
N ARG J 390 -106.19 23.55 -22.78
CA ARG J 390 -107.40 22.79 -22.48
C ARG J 390 -108.58 23.73 -22.23
N ARG J 391 -108.35 24.83 -21.52
CA ARG J 391 -109.39 25.81 -21.26
C ARG J 391 -109.58 26.78 -22.41
N LYS J 392 -108.76 26.68 -23.45
CA LYS J 392 -108.86 27.56 -24.63
C LYS J 392 -108.70 29.03 -24.25
N ALA J 393 -107.89 29.30 -23.23
CA ALA J 393 -107.64 30.66 -22.82
C ALA J 393 -106.79 31.39 -23.85
N PHE J 394 -107.15 32.64 -24.12
CA PHE J 394 -106.45 33.53 -25.04
C PHE J 394 -106.45 33.02 -26.48
N LEU J 395 -107.19 31.94 -26.76
CA LEU J 395 -107.17 31.35 -28.09
C LEU J 395 -107.96 32.15 -29.12
N HIS J 396 -109.03 32.83 -28.70
CA HIS J 396 -109.84 33.58 -29.64
C HIS J 396 -109.07 34.73 -30.27
N TRP J 397 -108.05 35.26 -29.58
CA TRP J 397 -107.20 36.29 -30.16
C TRP J 397 -106.16 35.71 -31.11
N TYR J 398 -106.03 34.38 -31.18
CA TYR J 398 -105.08 33.71 -32.06
C TYR J 398 -105.73 33.16 -33.33
N THR J 399 -106.83 32.42 -33.19
CA THR J 399 -107.50 31.81 -34.33
C THR J 399 -108.24 32.81 -35.19
N GLY J 400 -108.38 34.06 -34.74
CA GLY J 400 -109.08 35.06 -35.50
C GLY J 400 -108.27 35.75 -36.56
N GLU J 401 -107.01 35.35 -36.77
CA GLU J 401 -106.13 35.96 -37.75
C GLU J 401 -105.47 34.89 -38.62
N GLY J 402 -106.24 33.90 -39.03
CA GLY J 402 -105.74 32.89 -39.95
C GLY J 402 -105.50 31.53 -39.34
N MET J 403 -104.97 31.51 -38.12
CA MET J 403 -104.63 30.24 -37.49
C MET J 403 -105.88 29.51 -37.02
N ASP J 404 -105.69 28.26 -36.60
CA ASP J 404 -106.79 27.41 -36.17
C ASP J 404 -106.29 26.46 -35.10
N GLU J 405 -107.23 25.70 -34.54
CA GLU J 405 -106.87 24.72 -33.50
C GLU J 405 -106.00 23.60 -34.06
N MET J 406 -106.11 23.33 -35.37
CA MET J 406 -105.32 22.27 -35.98
C MET J 406 -103.83 22.55 -35.85
N GLU J 407 -103.44 23.82 -36.02
CA GLU J 407 -102.03 24.18 -35.91
C GLU J 407 -101.49 23.90 -34.52
N PHE J 408 -102.27 24.19 -33.48
CA PHE J 408 -101.81 23.96 -32.11
C PHE J 408 -101.65 22.49 -31.77
N THR J 409 -102.32 21.60 -32.51
CA THR J 409 -102.20 20.18 -32.23
C THR J 409 -100.82 19.65 -32.56
N GLU J 410 -100.26 20.05 -33.71
CA GLU J 410 -98.95 19.57 -34.12
C GLU J 410 -97.84 20.18 -33.27
N ALA J 411 -98.00 21.46 -32.89
CA ALA J 411 -96.95 22.13 -32.12
C ALA J 411 -96.73 21.45 -30.78
N GLU J 412 -97.80 21.06 -30.09
CA GLU J 412 -97.66 20.38 -28.81
C GLU J 412 -97.17 18.95 -28.99
N SER J 413 -97.66 18.26 -30.03
CA SER J 413 -97.21 16.89 -30.28
C SER J 413 -95.73 16.86 -30.66
N ASN J 414 -95.28 17.81 -31.47
CA ASN J 414 -93.87 17.86 -31.84
C ASN J 414 -92.99 18.16 -30.63
N MET J 415 -93.42 19.08 -29.76
CA MET J 415 -92.66 19.38 -28.57
C MET J 415 -92.55 18.18 -27.64
N ASN J 416 -93.66 17.46 -27.45
CA ASN J 416 -93.64 16.28 -26.61
C ASN J 416 -92.85 15.14 -27.25
N ASP J 417 -92.83 15.08 -28.58
CA ASP J 417 -92.03 14.07 -29.26
C ASP J 417 -90.54 14.32 -29.08
N LEU J 418 -90.13 15.59 -29.17
CA LEU J 418 -88.70 15.91 -29.04
C LEU J 418 -88.19 15.60 -27.64
N VAL J 419 -88.98 15.90 -26.61
CA VAL J 419 -88.54 15.63 -25.25
C VAL J 419 -88.46 14.14 -24.97
N SER J 420 -89.16 13.32 -25.76
CA SER J 420 -89.04 11.87 -25.60
C SER J 420 -87.71 11.37 -26.17
N GLU J 421 -87.31 11.88 -27.33
CA GLU J 421 -86.02 11.49 -27.90
C GLU J 421 -84.87 12.04 -27.07
N TYR J 422 -85.04 13.21 -26.46
CA TYR J 422 -83.99 13.80 -25.65
C TYR J 422 -83.75 12.99 -24.39
N GLN J 423 -84.83 12.45 -23.79
CA GLN J 423 -84.70 11.64 -22.57
C GLN J 423 -84.15 10.26 -22.88
N GLN J 424 -84.60 9.65 -23.98
CA GLN J 424 -84.26 8.27 -24.29
C GLN J 424 -82.78 8.06 -24.59
N TYR J 425 -82.02 9.14 -24.77
CA TYR J 425 -80.58 9.03 -24.99
C TYR J 425 -79.75 9.25 -23.73
N GLN J 426 -80.31 9.94 -22.74
CA GLN J 426 -79.60 10.10 -21.47
C GLN J 426 -79.46 8.78 -20.74
N ASP J 427 -80.52 7.97 -20.72
CA ASP J 427 -80.50 6.67 -20.06
C ASP J 427 -80.05 5.54 -20.97
N ALA J 428 -79.84 5.81 -22.25
CA ALA J 428 -79.40 4.77 -23.17
C ALA J 428 -77.97 4.35 -22.87
N THR J 429 -77.66 3.09 -23.16
CA THR J 429 -76.33 2.55 -22.92
C THR J 429 -75.79 1.86 -24.16
N MET K 1 19.92 10.16 26.62
CA MET K 1 19.76 8.72 26.80
C MET K 1 19.32 8.39 28.22
N ARG K 2 19.71 9.27 29.16
CA ARG K 2 19.36 9.13 30.56
C ARG K 2 18.32 10.19 30.90
N GLU K 3 17.21 9.77 31.49
CA GLU K 3 16.03 10.62 31.61
C GLU K 3 15.55 10.68 33.05
N CYS K 4 15.12 11.87 33.47
CA CYS K 4 14.47 12.07 34.76
C CYS K 4 13.42 13.15 34.60
N ILE K 5 12.23 12.92 35.16
CA ILE K 5 11.13 13.86 35.06
C ILE K 5 10.88 14.46 36.44
N SER K 6 10.31 15.66 36.45
CA SER K 6 10.10 16.42 37.67
C SER K 6 8.61 16.70 37.86
N ILE K 7 8.14 16.55 39.10
CA ILE K 7 6.75 16.81 39.47
C ILE K 7 6.73 17.89 40.52
N HIS K 8 5.94 18.93 40.29
CA HIS K 8 5.81 20.05 41.21
C HIS K 8 4.40 20.06 41.79
N VAL K 9 4.30 19.97 43.11
CA VAL K 9 3.02 19.83 43.80
C VAL K 9 2.86 20.99 44.77
N GLY K 10 1.69 21.63 44.75
CA GLY K 10 1.42 22.72 45.65
C GLY K 10 1.95 24.05 45.12
N GLN K 11 1.74 25.09 45.92
CA GLN K 11 2.22 26.42 45.54
C GLN K 11 3.72 26.53 45.69
N ALA K 12 4.28 25.93 46.75
CA ALA K 12 5.73 25.99 46.94
C ALA K 12 6.47 25.29 45.80
N GLY K 13 5.97 24.14 45.37
CA GLY K 13 6.63 23.43 44.27
C GLY K 13 6.55 24.19 42.96
N VAL K 14 5.38 24.76 42.65
CA VAL K 14 5.22 25.49 41.40
C VAL K 14 6.06 26.75 41.40
N GLN K 15 6.06 27.49 42.52
CA GLN K 15 6.83 28.73 42.58
C GLN K 15 8.33 28.45 42.51
N ILE K 16 8.79 27.40 43.17
CA ILE K 16 10.20 27.01 43.09
C ILE K 16 10.53 26.54 41.69
N GLY K 17 9.67 25.69 41.11
CA GLY K 17 9.91 25.18 39.77
C GLY K 17 9.90 26.27 38.71
N ASN K 18 9.14 27.34 38.94
CA ASN K 18 9.15 28.45 38.01
C ASN K 18 10.53 29.09 37.94
N ALA K 19 11.20 29.24 39.09
CA ALA K 19 12.57 29.74 39.10
C ALA K 19 13.57 28.67 38.66
N CYS K 20 13.28 27.40 38.96
CA CYS K 20 14.21 26.32 38.59
C CYS K 20 14.29 26.16 37.08
N TRP K 21 13.12 26.16 36.41
CA TRP K 21 13.12 26.00 34.96
C TRP K 21 13.60 27.25 34.23
N GLU K 22 13.68 28.38 34.92
CA GLU K 22 14.34 29.55 34.34
C GLU K 22 15.86 29.34 34.27
N LEU K 23 16.41 28.59 35.22
CA LEU K 23 17.85 28.35 35.26
C LEU K 23 18.29 27.37 34.18
N TYR K 24 17.52 26.28 33.97
CA TYR K 24 17.92 25.28 32.99
C TYR K 24 17.92 25.84 31.58
N CYS K 25 16.94 26.67 31.23
CA CYS K 25 16.92 27.28 29.91
C CYS K 25 18.15 28.17 29.69
N LEU K 26 18.67 28.76 30.76
CA LEU K 26 19.88 29.59 30.64
C LEU K 26 21.13 28.74 30.49
N GLU K 27 21.20 27.61 31.21
CA GLU K 27 22.39 26.76 31.15
C GLU K 27 22.56 26.16 29.76
N HIS K 28 21.47 25.70 29.15
CA HIS K 28 21.53 25.06 27.84
C HIS K 28 21.27 26.03 26.70
N GLY K 29 21.14 27.31 26.98
CA GLY K 29 20.91 28.29 25.93
C GLY K 29 19.57 28.16 25.23
N ILE K 30 18.50 27.94 25.99
CA ILE K 30 17.16 27.78 25.43
C ILE K 30 16.39 29.08 25.63
N GLN K 31 15.84 29.61 24.53
CA GLN K 31 15.05 30.83 24.61
C GLN K 31 13.73 30.55 25.30
N PRO K 32 13.08 31.59 25.84
CA PRO K 32 11.79 31.37 26.52
C PRO K 32 10.73 30.76 25.62
N ASP K 33 10.72 31.10 24.33
CA ASP K 33 9.71 30.54 23.43
C ASP K 33 9.96 29.06 23.15
N GLY K 34 11.20 28.59 23.31
CA GLY K 34 11.50 27.18 23.10
C GLY K 34 12.65 26.95 22.14
N GLN K 35 12.84 27.86 21.19
CA GLN K 35 13.92 27.73 20.23
C GLN K 35 15.26 28.01 20.91
N MET K 36 16.34 27.72 20.19
CA MET K 36 17.68 28.06 20.65
C MET K 36 18.46 28.64 19.48
N PRO K 37 19.36 29.59 19.73
CA PRO K 37 20.16 30.22 18.66
C PRO K 37 21.11 29.23 17.98
N HIS K 43 31.72 20.37 26.36
CA HIS K 43 30.58 20.23 27.24
C HIS K 43 29.27 20.20 26.45
N HIS K 44 29.21 21.03 25.41
CA HIS K 44 28.04 21.13 24.55
C HIS K 44 28.39 20.61 23.16
N HIS K 45 27.61 19.65 22.69
CA HIS K 45 27.84 19.06 21.36
C HIS K 45 27.11 19.85 20.28
N ASP K 59 22.92 13.95 23.98
CA ASP K 59 23.22 15.38 24.08
C ASP K 59 23.04 15.84 25.52
N SER K 60 23.08 17.16 25.72
CA SER K 60 22.97 17.74 27.06
C SER K 60 21.51 17.96 27.45
N PHE K 61 20.75 18.70 26.63
CA PHE K 61 19.38 19.04 26.96
C PHE K 61 18.43 17.85 26.85
N ASN K 62 18.88 16.72 26.30
CA ASN K 62 17.98 15.58 26.11
C ASN K 62 17.51 14.99 27.43
N THR K 63 18.27 15.14 28.50
CA THR K 63 17.88 14.54 29.78
C THR K 63 16.70 15.28 30.40
N PHE K 64 16.55 16.57 30.12
CA PHE K 64 15.48 17.37 30.69
C PHE K 64 14.49 17.89 29.65
N PHE K 65 14.93 18.20 28.44
CA PHE K 65 14.08 18.79 27.41
C PHE K 65 13.81 17.73 26.35
N SER K 66 12.53 17.52 26.05
CA SER K 66 12.13 16.60 25.00
C SER K 66 12.01 17.38 23.70
N GLU K 67 12.87 17.08 22.74
CA GLU K 67 12.94 17.85 21.50
C GLU K 67 11.88 17.33 20.53
N THR K 68 11.01 18.23 20.07
CA THR K 68 9.90 17.88 19.21
C THR K 68 10.31 17.95 17.74
N GLY K 69 9.34 17.88 16.83
CA GLY K 69 9.66 17.84 15.41
C GLY K 69 10.45 19.06 14.95
N ALA K 70 10.00 20.25 15.36
CA ALA K 70 10.72 21.47 15.04
C ALA K 70 11.86 21.65 16.03
N GLY K 71 12.50 22.83 16.00
CA GLY K 71 13.56 23.13 16.94
C GLY K 71 13.10 23.38 18.36
N LYS K 72 11.79 23.38 18.59
CA LYS K 72 11.26 23.64 19.92
C LYS K 72 11.65 22.52 20.89
N HIS K 73 12.01 22.91 22.11
CA HIS K 73 12.25 21.99 23.20
C HIS K 73 11.23 22.27 24.30
N VAL K 74 10.52 21.23 24.73
CA VAL K 74 9.55 21.39 25.81
C VAL K 74 10.04 20.62 27.04
N PRO K 75 9.82 21.14 28.25
CA PRO K 75 10.33 20.46 29.44
C PRO K 75 9.61 19.16 29.75
N ARG K 76 10.03 18.48 30.80
CA ARG K 76 9.43 17.23 31.25
C ARG K 76 8.79 17.40 32.63
N ALA K 77 8.18 18.54 32.87
CA ALA K 77 7.59 18.87 34.16
C ALA K 77 6.08 18.66 34.14
N VAL K 78 5.54 18.25 35.27
CA VAL K 78 4.11 18.02 35.44
C VAL K 78 3.67 18.92 36.60
N PHE K 79 3.19 20.12 36.27
CA PHE K 79 2.71 21.07 37.26
C PHE K 79 1.30 20.68 37.69
N VAL K 80 1.13 20.30 38.95
CA VAL K 80 -0.16 19.88 39.48
C VAL K 80 -0.48 20.74 40.69
N ASP K 81 -1.70 21.26 40.73
CA ASP K 81 -2.19 22.00 41.88
C ASP K 81 -3.71 21.89 41.92
N LEU K 82 -4.27 22.15 43.10
CA LEU K 82 -5.72 22.09 43.27
C LEU K 82 -6.38 23.44 43.06
N GLU K 83 -5.80 24.52 43.59
CA GLU K 83 -6.30 25.88 43.40
C GLU K 83 -5.65 26.52 42.18
N PRO K 84 -6.43 27.21 41.35
CA PRO K 84 -5.95 27.66 40.03
C PRO K 84 -5.32 29.04 39.99
N THR K 85 -5.03 29.68 41.12
CA THR K 85 -4.49 31.03 41.07
C THR K 85 -3.05 31.04 40.59
N VAL K 86 -2.22 30.14 41.12
CA VAL K 86 -0.79 30.17 40.83
C VAL K 86 -0.48 29.54 39.47
N ILE K 87 -1.20 28.48 39.09
CA ILE K 87 -1.01 27.89 37.77
C ILE K 87 -1.35 28.89 36.69
N ASP K 88 -2.43 29.65 36.87
CA ASP K 88 -2.80 30.68 35.91
C ASP K 88 -1.75 31.78 35.80
N GLU K 89 -0.91 31.96 36.82
CA GLU K 89 0.18 32.92 36.74
C GLU K 89 1.27 32.42 35.79
N VAL K 90 1.52 31.11 35.79
CA VAL K 90 2.51 30.54 34.89
C VAL K 90 2.03 30.63 33.44
N ARG K 91 0.73 30.38 33.23
CA ARG K 91 0.18 30.43 31.88
C ARG K 91 0.32 31.81 31.26
N THR K 92 0.11 32.86 32.06
CA THR K 92 0.17 34.23 31.57
C THR K 92 1.59 34.80 31.58
N GLY K 93 2.48 34.25 32.41
CA GLY K 93 3.82 34.78 32.55
C GLY K 93 4.68 34.70 31.30
N THR K 94 5.94 35.13 31.41
CA THR K 94 6.83 35.15 30.26
C THR K 94 7.13 33.75 29.75
N TYR K 95 7.09 32.75 30.62
CA TYR K 95 7.31 31.35 30.22
C TYR K 95 5.97 30.70 29.86
N ARG K 96 5.29 31.31 28.90
CA ARG K 96 3.96 30.86 28.48
C ARG K 96 4.03 29.82 27.36
N GLN K 97 4.90 30.03 26.37
CA GLN K 97 5.00 29.15 25.22
C GLN K 97 5.92 27.96 25.45
N LEU K 98 6.64 27.92 26.58
CA LEU K 98 7.59 26.84 26.82
C LEU K 98 6.89 25.55 27.22
N PHE K 99 6.10 25.59 28.29
CA PHE K 99 5.50 24.38 28.84
C PHE K 99 4.46 23.81 27.89
N HIS K 100 4.27 22.50 27.97
CA HIS K 100 3.20 21.84 27.24
C HIS K 100 1.87 22.20 27.86
N PRO K 101 0.93 22.79 27.11
CA PRO K 101 -0.30 23.29 27.74
C PRO K 101 -1.12 22.22 28.42
N GLU K 102 -1.03 20.97 27.97
CA GLU K 102 -1.83 19.90 28.57
C GLU K 102 -1.18 19.34 29.84
N GLN K 103 0.08 19.68 30.10
CA GLN K 103 0.74 19.19 31.30
C GLN K 103 0.26 19.93 32.55
N LEU K 104 -0.05 21.22 32.42
CA LEU K 104 -0.46 22.03 33.57
C LEU K 104 -1.84 21.59 34.01
N ILE K 105 -1.90 20.83 35.12
CA ILE K 105 -3.14 20.29 35.65
C ILE K 105 -3.57 21.14 36.84
N THR K 106 -4.83 21.54 36.86
CA THR K 106 -5.38 22.35 37.93
C THR K 106 -6.76 21.84 38.30
N GLY K 107 -7.12 22.02 39.56
CA GLY K 107 -8.43 21.69 40.07
C GLY K 107 -9.35 22.90 40.11
N LYS K 108 -10.24 22.91 41.10
CA LYS K 108 -11.16 24.03 41.26
C LYS K 108 -11.00 24.73 42.60
N GLU K 109 -10.87 23.99 43.70
CA GLU K 109 -10.68 24.56 45.02
C GLU K 109 -9.55 23.85 45.74
N ASP K 110 -8.84 24.59 46.59
CA ASP K 110 -7.65 24.10 47.25
C ASP K 110 -8.00 23.17 48.41
N ALA K 111 -6.98 22.48 48.91
CA ALA K 111 -7.15 21.63 50.09
C ALA K 111 -7.32 22.43 51.37
N ALA K 112 -6.95 23.71 51.35
CA ALA K 112 -7.18 24.63 52.46
C ALA K 112 -6.48 24.17 53.74
N ASN K 113 -5.17 23.95 53.62
CA ASN K 113 -4.30 23.57 54.73
C ASN K 113 -4.80 22.33 55.46
N ASN K 114 -5.55 21.48 54.78
CA ASN K 114 -6.11 20.27 55.38
C ASN K 114 -5.50 19.06 54.71
N TYR K 115 -4.89 18.19 55.50
CA TYR K 115 -4.32 16.95 54.96
C TYR K 115 -5.43 16.02 54.45
N ALA K 116 -6.54 15.96 55.19
CA ALA K 116 -7.63 15.07 54.79
C ALA K 116 -8.24 15.50 53.46
N ARG K 117 -8.41 16.80 53.25
CA ARG K 117 -9.03 17.28 52.02
C ARG K 117 -8.17 16.95 50.80
N GLY K 118 -6.86 17.08 50.93
CA GLY K 118 -5.94 16.83 49.83
C GLY K 118 -5.49 15.39 49.67
N HIS K 119 -6.03 14.46 50.45
CA HIS K 119 -5.64 13.06 50.37
C HIS K 119 -6.80 12.09 50.29
N TYR K 120 -7.98 12.45 50.76
CA TYR K 120 -9.12 11.55 50.79
C TYR K 120 -10.32 12.05 50.00
N THR K 121 -10.61 13.35 50.04
CA THR K 121 -11.83 13.89 49.46
C THR K 121 -11.62 14.56 48.11
N ILE K 122 -10.71 15.53 48.04
CA ILE K 122 -10.54 16.34 46.83
C ILE K 122 -9.43 15.80 45.94
N GLY K 123 -8.33 15.34 46.53
CA GLY K 123 -7.22 14.83 45.74
C GLY K 123 -7.50 13.49 45.07
N LYS K 124 -8.56 12.80 45.49
CA LYS K 124 -8.85 11.49 44.93
C LYS K 124 -9.46 11.59 43.53
N GLU K 125 -10.21 12.65 43.25
CA GLU K 125 -10.86 12.80 41.95
C GLU K 125 -9.93 13.35 40.87
N ILE K 126 -8.73 13.78 41.23
CA ILE K 126 -7.79 14.35 40.26
C ILE K 126 -6.58 13.46 40.06
N ILE K 127 -6.26 12.57 41.01
CA ILE K 127 -5.04 11.76 40.93
C ILE K 127 -5.04 10.87 39.70
N ASP K 128 -6.22 10.51 39.19
CA ASP K 128 -6.29 9.67 38.00
C ASP K 128 -5.82 10.40 36.76
N LEU K 129 -6.08 11.71 36.67
CA LEU K 129 -5.63 12.49 35.53
C LEU K 129 -4.11 12.69 35.59
N VAL K 130 -3.57 12.90 36.79
CA VAL K 130 -2.14 13.15 36.93
C VAL K 130 -1.35 11.91 36.52
N LEU K 131 -1.79 10.74 36.97
CA LEU K 131 -1.08 9.50 36.63
C LEU K 131 -1.12 9.21 35.14
N ASP K 132 -2.13 9.71 34.44
CA ASP K 132 -2.19 9.55 32.99
C ASP K 132 -1.02 10.26 32.32
N ARG K 133 -0.73 11.48 32.76
CA ARG K 133 0.38 12.23 32.16
C ARG K 133 1.73 11.61 32.50
N ILE K 134 1.87 11.02 33.69
CA ILE K 134 3.13 10.38 34.06
C ILE K 134 3.41 9.20 33.13
N ARG K 135 2.38 8.40 32.85
CA ARG K 135 2.55 7.27 31.94
C ARG K 135 2.87 7.75 30.52
N LYS K 136 2.25 8.85 30.08
CA LYS K 136 2.51 9.35 28.74
C LYS K 136 3.89 9.99 28.60
N LEU K 137 4.54 10.32 29.71
CA LEU K 137 5.89 10.87 29.66
C LEU K 137 6.95 9.80 29.87
N ALA K 138 6.69 8.83 30.74
CA ALA K 138 7.64 7.74 30.96
C ALA K 138 7.80 6.89 29.71
N ASP K 139 6.69 6.64 29.00
CA ASP K 139 6.77 5.83 27.78
C ASP K 139 7.49 6.56 26.67
N GLN K 140 7.40 7.89 26.63
CA GLN K 140 8.09 8.65 25.59
C GLN K 140 9.60 8.51 25.71
N CYS K 141 10.12 8.54 26.93
CA CYS K 141 11.55 8.41 27.17
C CYS K 141 11.95 6.94 27.23
N THR K 142 13.24 6.69 27.10
CA THR K 142 13.79 5.34 27.05
C THR K 142 14.65 4.97 28.25
N GLY K 143 15.38 5.93 28.81
CA GLY K 143 16.33 5.66 29.89
C GLY K 143 15.98 6.30 31.21
N LEU K 144 14.71 6.25 31.59
CA LEU K 144 14.23 6.92 32.80
C LEU K 144 15.01 6.47 34.03
N GLN K 145 15.50 7.45 34.80
CA GLN K 145 16.14 7.18 36.08
C GLN K 145 15.16 7.25 37.23
N GLY K 146 14.54 8.41 37.44
CA GLY K 146 13.67 8.58 38.59
C GLY K 146 12.96 9.92 38.54
N PHE K 147 12.24 10.21 39.61
CA PHE K 147 11.37 11.37 39.69
C PHE K 147 11.92 12.38 40.70
N LEU K 148 11.81 13.66 40.35
CA LEU K 148 12.17 14.75 41.26
C LEU K 148 10.89 15.46 41.67
N VAL K 149 10.63 15.54 42.96
CA VAL K 149 9.38 16.07 43.49
C VAL K 149 9.69 17.29 44.34
N PHE K 150 9.07 18.43 44.01
CA PHE K 150 9.21 19.66 44.76
C PHE K 150 7.87 19.93 45.45
N HIS K 151 7.87 19.84 46.78
CA HIS K 151 6.65 20.07 47.54
C HIS K 151 7.02 20.60 48.92
N SER K 152 6.05 21.24 49.56
CA SER K 152 6.23 21.77 50.90
C SER K 152 5.79 20.72 51.92
N PHE K 153 5.70 21.12 53.18
CA PHE K 153 5.29 20.23 54.26
C PHE K 153 4.10 20.72 55.06
N GLY K 154 3.98 22.03 55.28
CA GLY K 154 2.85 22.57 56.03
C GLY K 154 1.61 22.84 55.21
N GLY K 155 1.65 22.64 53.89
CA GLY K 155 0.52 22.91 53.04
C GLY K 155 -0.50 21.80 53.04
N GLY K 156 -1.59 22.03 52.30
CA GLY K 156 -2.64 21.05 52.18
C GLY K 156 -2.47 20.14 50.99
N THR K 157 -2.30 20.72 49.80
CA THR K 157 -2.05 19.93 48.61
C THR K 157 -0.57 19.66 48.37
N GLY K 158 0.32 20.41 49.02
CA GLY K 158 1.74 20.12 48.94
C GLY K 158 2.21 19.03 49.87
N SER K 159 1.36 18.60 50.78
CA SER K 159 1.68 17.55 51.75
C SER K 159 0.69 16.39 51.74
N GLY K 160 -0.60 16.67 51.52
CA GLY K 160 -1.59 15.63 51.50
C GLY K 160 -1.78 15.00 50.13
N PHE K 161 -1.39 15.71 49.08
CA PHE K 161 -1.51 15.20 47.73
C PHE K 161 -0.23 14.59 47.21
N THR K 162 0.94 15.14 47.56
CA THR K 162 2.20 14.51 47.18
C THR K 162 2.42 13.20 47.93
N SER K 163 1.73 12.99 49.04
CA SER K 163 1.75 11.69 49.71
C SER K 163 0.90 10.67 48.98
N LEU K 164 -0.11 11.12 48.22
CA LEU K 164 -0.89 10.22 47.37
C LEU K 164 -0.12 9.81 46.13
N LEU K 165 0.70 10.71 45.58
CA LEU K 165 1.50 10.38 44.41
C LEU K 165 2.53 9.31 44.71
N MET K 166 3.14 9.36 45.91
CA MET K 166 4.14 8.36 46.27
C MET K 166 3.54 6.97 46.33
N GLU K 167 2.34 6.84 46.90
CA GLU K 167 1.68 5.55 46.99
C GLU K 167 1.30 5.00 45.61
N ARG K 168 1.16 5.86 44.61
CA ARG K 168 0.78 5.42 43.27
C ARG K 168 1.99 5.24 42.36
N LEU K 169 2.96 6.15 42.43
CA LEU K 169 4.16 6.02 41.60
C LEU K 169 4.96 4.79 41.97
N SER K 170 5.08 4.50 43.27
CA SER K 170 5.85 3.34 43.71
C SER K 170 5.21 2.03 43.25
N VAL K 171 3.87 1.98 43.18
CA VAL K 171 3.20 0.78 42.72
C VAL K 171 3.43 0.57 41.23
N ASP K 172 3.30 1.62 40.43
CA ASP K 172 3.46 1.50 38.99
C ASP K 172 4.90 1.19 38.62
N TYR K 173 5.85 1.93 39.18
CA TYR K 173 7.27 1.73 38.94
C TYR K 173 7.89 1.18 40.23
N GLY K 174 8.35 -0.06 40.19
CA GLY K 174 8.79 -0.76 41.37
C GLY K 174 9.91 -0.09 42.15
N LYS K 175 11.11 -0.02 41.57
CA LYS K 175 12.28 0.51 42.25
C LYS K 175 12.94 1.54 41.35
N LYS K 176 12.62 2.82 41.58
CA LYS K 176 13.26 3.94 40.91
C LYS K 176 13.60 5.00 41.94
N SER K 177 14.60 5.81 41.62
CA SER K 177 14.99 6.90 42.51
C SER K 177 13.85 7.90 42.64
N LYS K 178 13.56 8.29 43.88
CA LYS K 178 12.50 9.26 44.16
C LYS K 178 13.05 10.27 45.16
N LEU K 179 13.65 11.34 44.64
CA LEU K 179 14.25 12.38 45.47
C LEU K 179 13.26 13.51 45.65
N GLU K 180 13.00 13.88 46.89
CA GLU K 180 12.10 14.98 47.23
C GLU K 180 12.91 16.17 47.71
N PHE K 181 12.47 17.36 47.32
CA PHE K 181 13.04 18.62 47.79
C PHE K 181 11.96 19.30 48.62
N SER K 182 11.89 18.94 49.89
CA SER K 182 10.82 19.44 50.75
C SER K 182 11.18 20.79 51.34
N ILE K 183 10.23 21.37 52.06
CA ILE K 183 10.40 22.64 52.76
C ILE K 183 10.03 22.37 54.21
N TYR K 184 11.04 22.15 55.06
CA TYR K 184 10.78 21.84 56.45
C TYR K 184 10.20 23.06 57.16
N PRO K 185 9.14 22.89 57.96
CA PRO K 185 8.62 24.00 58.75
C PRO K 185 9.66 24.51 59.73
N ALA K 186 9.69 25.83 59.90
CA ALA K 186 10.69 26.46 60.74
C ALA K 186 10.30 26.40 62.21
N PRO K 187 11.29 26.42 63.12
CA PRO K 187 10.98 26.38 64.56
C PRO K 187 10.16 27.56 65.04
N GLN K 188 10.67 28.78 64.82
CA GLN K 188 10.00 30.00 65.23
C GLN K 188 9.16 30.61 64.11
N VAL K 189 9.63 30.52 62.86
CA VAL K 189 8.88 31.06 61.74
C VAL K 189 7.70 30.13 61.45
N SER K 190 6.51 30.72 61.28
CA SER K 190 5.31 29.92 61.05
C SER K 190 4.33 30.76 60.25
N THR K 191 3.89 30.24 59.11
CA THR K 191 2.85 30.88 58.33
C THR K 191 1.48 30.26 58.57
N ALA K 192 1.43 29.02 59.04
CA ALA K 192 0.19 28.32 59.33
C ALA K 192 0.14 27.95 60.81
N VAL K 193 -1.06 27.59 61.26
CA VAL K 193 -1.29 27.21 62.66
C VAL K 193 -1.47 25.71 62.83
N VAL K 194 -1.80 24.97 61.78
CA VAL K 194 -2.02 23.53 61.85
C VAL K 194 -0.82 22.77 61.29
N GLU K 195 0.33 23.44 61.18
CA GLU K 195 1.52 22.83 60.61
C GLU K 195 1.94 21.53 61.30
N PRO K 196 1.97 21.43 62.62
CA PRO K 196 2.36 20.14 63.24
C PRO K 196 1.47 18.98 62.84
N TYR K 197 0.18 19.22 62.61
CA TYR K 197 -0.71 18.15 62.21
C TYR K 197 -0.37 17.62 60.82
N ASN K 198 -0.03 18.53 59.89
CA ASN K 198 0.25 18.10 58.51
C ASN K 198 1.61 17.42 58.41
N SER K 199 2.62 17.95 59.10
CA SER K 199 3.97 17.42 58.98
C SER K 199 4.07 16.00 59.51
N ILE K 200 3.45 15.72 60.66
CA ILE K 200 3.53 14.41 61.26
C ILE K 200 2.87 13.37 60.36
N LEU K 201 1.68 13.69 59.83
CA LEU K 201 0.95 12.73 59.00
C LEU K 201 1.71 12.44 57.70
N THR K 202 2.30 13.46 57.10
CA THR K 202 3.01 13.27 55.83
C THR K 202 4.25 12.40 56.01
N THR K 203 5.03 12.67 57.05
CA THR K 203 6.29 11.94 57.25
C THR K 203 6.02 10.45 57.47
N HIS K 204 4.99 10.11 58.24
CA HIS K 204 4.69 8.71 58.50
C HIS K 204 4.29 7.97 57.24
N THR K 205 3.66 8.65 56.29
CA THR K 205 3.18 7.98 55.08
C THR K 205 4.25 7.88 54.00
N THR K 206 5.06 8.91 53.83
CA THR K 206 6.11 8.92 52.82
C THR K 206 7.46 8.50 53.39
N LEU K 207 7.46 7.72 54.47
CA LEU K 207 8.71 7.19 55.02
C LEU K 207 9.12 5.89 54.36
N GLU K 208 8.22 5.25 53.61
CA GLU K 208 8.50 3.98 52.97
C GLU K 208 8.48 4.08 51.45
N HIS K 209 8.37 5.30 50.90
CA HIS K 209 8.30 5.50 49.46
C HIS K 209 9.20 6.63 49.01
N SER K 210 10.37 6.77 49.64
CA SER K 210 11.31 7.83 49.29
C SER K 210 12.74 7.31 49.46
N ASP K 211 13.54 7.45 48.40
CA ASP K 211 14.92 7.03 48.46
C ASP K 211 15.78 8.05 49.22
N CYS K 212 15.48 9.33 49.07
CA CYS K 212 16.24 10.39 49.72
C CYS K 212 15.42 11.67 49.72
N ALA K 213 15.27 12.27 50.89
CA ALA K 213 14.48 13.49 51.06
C ALA K 213 15.38 14.61 51.55
N PHE K 214 15.57 15.63 50.72
CA PHE K 214 16.40 16.78 51.09
C PHE K 214 15.55 17.79 51.84
N MET K 215 16.01 18.17 53.03
CA MET K 215 15.29 19.10 53.89
C MET K 215 15.84 20.51 53.71
N VAL K 216 14.94 21.46 53.54
CA VAL K 216 15.29 22.87 53.40
C VAL K 216 14.33 23.69 54.26
N ASP K 217 14.86 24.64 55.01
CA ASP K 217 14.07 25.48 55.90
C ASP K 217 14.06 26.92 55.39
N ASN K 218 12.92 27.59 55.59
CA ASN K 218 12.79 28.97 55.13
C ASN K 218 13.52 29.95 56.03
N GLU K 219 13.55 29.70 57.34
CA GLU K 219 14.19 30.63 58.25
C GLU K 219 15.70 30.63 58.08
N ALA K 220 16.29 29.45 57.82
CA ALA K 220 17.74 29.36 57.69
C ALA K 220 18.23 30.16 56.48
N ILE K 221 17.49 30.11 55.37
CA ILE K 221 17.88 30.87 54.19
C ILE K 221 17.77 32.37 54.42
N TYR K 222 16.88 32.80 55.31
CA TYR K 222 16.77 34.22 55.61
C TYR K 222 18.06 34.77 56.21
N ASP K 223 18.66 34.02 57.14
CA ASP K 223 19.91 34.47 57.75
C ASP K 223 21.06 34.43 56.75
N ILE K 224 21.09 33.43 55.88
CA ILE K 224 22.14 33.34 54.86
C ILE K 224 22.05 34.53 53.92
N CYS K 225 20.83 34.88 53.49
CA CYS K 225 20.67 36.03 52.59
C CYS K 225 20.95 37.34 53.30
N ARG K 226 20.64 37.42 54.60
CA ARG K 226 20.87 38.66 55.33
C ARG K 226 22.35 38.89 55.59
N ARG K 227 23.08 37.86 56.00
CA ARG K 227 24.47 38.02 56.41
C ARG K 227 25.41 38.01 55.20
N ASN K 228 25.46 36.89 54.48
CA ASN K 228 26.45 36.74 53.42
C ASN K 228 26.15 37.63 52.23
N LEU K 229 24.91 37.61 51.75
CA LEU K 229 24.56 38.38 50.55
C LEU K 229 24.26 39.84 50.85
N ASP K 230 24.08 40.20 52.12
CA ASP K 230 23.78 41.58 52.53
C ASP K 230 22.57 42.12 51.78
N ILE K 231 21.44 41.43 51.96
CA ILE K 231 20.16 41.86 51.39
C ILE K 231 19.18 42.01 52.53
N GLU K 232 18.52 43.16 52.61
CA GLU K 232 17.57 43.45 53.67
C GLU K 232 16.12 43.37 53.21
N ARG K 233 15.88 43.07 51.93
CA ARG K 233 14.52 42.80 51.42
C ARG K 233 14.53 41.44 50.72
N PRO K 234 14.67 40.35 51.48
CA PRO K 234 14.71 39.01 50.86
C PRO K 234 13.32 38.40 50.63
N THR K 235 12.69 38.82 49.54
CA THR K 235 11.38 38.29 49.16
C THR K 235 11.50 36.82 48.76
N TYR K 236 10.35 36.20 48.51
CA TYR K 236 10.33 34.80 48.13
C TYR K 236 10.96 34.56 46.76
N THR K 237 11.09 35.59 45.93
CA THR K 237 11.78 35.44 44.66
C THR K 237 13.27 35.23 44.86
N ASN K 238 13.86 35.91 45.86
CA ASN K 238 15.28 35.74 46.14
C ASN K 238 15.57 34.40 46.81
N LEU K 239 14.66 33.91 47.65
CA LEU K 239 14.85 32.63 48.29
C LEU K 239 14.82 31.49 47.27
N ASN K 240 13.92 31.56 46.29
CA ASN K 240 13.79 30.50 45.31
C ASN K 240 14.98 30.42 44.36
N ARG K 241 15.67 31.54 44.12
CA ARG K 241 16.86 31.51 43.28
C ARG K 241 18.01 30.78 43.97
N LEU K 242 18.10 30.88 45.29
CA LEU K 242 19.16 30.20 46.03
C LEU K 242 18.89 28.71 46.13
N ILE K 243 17.63 28.32 46.27
CA ILE K 243 17.29 26.90 46.34
C ILE K 243 17.53 26.23 45.00
N SER K 244 17.21 26.92 43.90
CA SER K 244 17.33 26.32 42.57
C SER K 244 18.76 25.95 42.22
N GLN K 245 19.75 26.61 42.83
CA GLN K 245 21.14 26.25 42.54
C GLN K 245 21.51 24.90 43.12
N ILE K 246 20.90 24.53 44.26
CA ILE K 246 21.15 23.20 44.84
C ILE K 246 20.64 22.12 43.89
N VAL K 247 19.44 22.31 43.33
CA VAL K 247 18.87 21.30 42.45
C VAL K 247 19.71 21.16 41.18
N SER K 248 20.24 22.28 40.68
CA SER K 248 21.07 22.23 39.48
C SER K 248 22.40 21.54 39.73
N SER K 249 22.95 21.68 40.94
CA SER K 249 24.23 21.03 41.24
C SER K 249 24.07 19.53 41.43
N ILE K 250 22.89 19.08 41.88
CA ILE K 250 22.65 17.66 42.08
C ILE K 250 22.72 16.92 40.74
N THR K 251 22.09 17.48 39.71
CA THR K 251 22.01 16.85 38.40
C THR K 251 23.01 17.42 37.41
N ALA K 252 23.98 18.20 37.88
CA ALA K 252 24.97 18.79 36.98
C ALA K 252 25.87 17.74 36.35
N SER K 253 26.03 16.57 36.98
CA SER K 253 26.89 15.54 36.42
C SER K 253 26.20 14.74 35.33
N LEU K 254 24.87 14.72 35.32
CA LEU K 254 24.15 14.01 34.26
C LEU K 254 24.22 14.77 32.95
N ARG K 255 24.15 16.10 32.99
CA ARG K 255 24.08 16.92 31.80
C ARG K 255 25.45 17.34 31.28
N PHE K 256 26.51 17.19 32.08
CA PHE K 256 27.83 17.66 31.70
C PHE K 256 28.88 16.61 32.05
N ASP K 257 30.01 16.68 31.34
CA ASP K 257 31.11 15.78 31.60
C ASP K 257 32.02 16.35 32.69
N GLY K 258 32.72 15.45 33.37
CA GLY K 258 33.60 15.87 34.45
C GLY K 258 34.66 14.83 34.70
N ALA K 259 35.64 15.21 35.52
CA ALA K 259 36.75 14.32 35.83
C ALA K 259 36.31 13.16 36.73
N LEU K 260 35.22 13.33 37.46
CA LEU K 260 34.71 12.26 38.33
C LEU K 260 33.21 12.46 38.45
N ASN K 261 32.45 11.66 37.69
CA ASN K 261 31.01 11.84 37.59
C ASN K 261 30.27 11.13 38.70
N VAL K 262 29.06 11.62 38.97
CA VAL K 262 28.13 11.00 39.92
C VAL K 262 26.76 10.94 39.25
N ASP K 263 25.93 10.02 39.73
CA ASP K 263 24.59 9.83 39.20
C ASP K 263 23.58 9.89 40.33
N LEU K 264 22.30 9.80 39.98
CA LEU K 264 21.25 9.84 40.98
C LEU K 264 21.34 8.66 41.94
N THR K 265 21.81 7.51 41.45
CA THR K 265 21.98 6.36 42.33
C THR K 265 23.20 6.51 43.24
N ASN K 266 24.22 7.24 42.78
CA ASN K 266 25.44 7.40 43.57
C ASN K 266 25.17 8.15 44.87
N PHE K 267 24.37 9.21 44.79
CA PHE K 267 23.97 9.92 46.01
C PHE K 267 23.18 9.00 46.93
N GLN K 268 22.30 8.20 46.34
CA GLN K 268 21.38 7.36 47.09
C GLN K 268 22.12 6.26 47.84
N THR K 269 23.12 5.65 47.20
CA THR K 269 23.87 4.57 47.84
C THR K 269 24.82 5.11 48.91
N ASN K 270 25.34 6.31 48.73
CA ASN K 270 26.40 6.85 49.57
C ASN K 270 25.90 7.64 50.76
N LEU K 271 24.59 7.85 50.89
CA LEU K 271 24.06 8.73 51.93
C LEU K 271 23.00 8.07 52.81
N VAL K 272 22.65 6.81 52.58
CA VAL K 272 21.55 6.18 53.29
C VAL K 272 22.05 4.89 53.95
N PRO K 273 22.72 4.97 55.10
CA PRO K 273 23.18 3.73 55.76
C PRO K 273 22.06 2.80 56.17
N TYR K 274 20.91 3.33 56.56
CA TYR K 274 19.78 2.54 57.00
C TYR K 274 18.52 2.98 56.27
N PRO K 275 17.55 2.09 56.06
CA PRO K 275 16.39 2.44 55.22
C PRO K 275 15.58 3.61 55.75
N ARG K 276 15.49 3.79 57.07
CA ARG K 276 14.72 4.90 57.63
C ARG K 276 15.50 6.20 57.68
N ILE K 277 16.83 6.14 57.76
CA ILE K 277 17.66 7.34 57.87
C ILE K 277 18.04 7.84 56.48
N HIS K 278 17.16 8.63 55.87
CA HIS K 278 17.40 9.20 54.55
C HIS K 278 16.98 10.66 54.51
N PHE K 279 17.45 11.44 55.50
CA PHE K 279 17.09 12.85 55.63
C PHE K 279 18.35 13.71 55.68
N PRO K 280 19.02 13.90 54.55
CA PRO K 280 20.16 14.82 54.51
C PRO K 280 19.70 16.26 54.39
N LEU K 281 20.64 17.18 54.63
CA LEU K 281 20.39 18.60 54.55
C LEU K 281 21.41 19.24 53.60
N ALA K 282 20.93 20.14 52.75
CA ALA K 282 21.76 20.73 51.72
C ALA K 282 22.58 21.90 52.27
N THR K 283 23.50 22.39 51.43
CA THR K 283 24.39 23.50 51.75
C THR K 283 25.04 23.95 50.46
N TYR K 284 25.24 25.26 50.33
CA TYR K 284 25.84 25.85 49.15
C TYR K 284 27.03 26.71 49.53
N ALA K 285 27.96 26.85 48.58
CA ALA K 285 29.14 27.68 48.75
C ALA K 285 29.78 27.92 47.38
N PRO K 286 30.22 29.15 47.08
CA PRO K 286 30.15 30.35 47.91
C PRO K 286 28.90 31.19 47.64
N VAL K 287 28.40 31.88 48.65
CA VAL K 287 27.26 32.77 48.52
C VAL K 287 27.73 34.16 48.95
N ILE K 288 28.17 34.96 47.98
CA ILE K 288 28.69 36.30 48.24
C ILE K 288 28.05 37.28 47.27
N SER K 289 28.06 38.55 47.66
CA SER K 289 27.47 39.60 46.85
C SER K 289 28.39 39.95 45.69
N ALA K 290 27.95 40.93 44.89
CA ALA K 290 28.75 41.37 43.76
C ALA K 290 29.94 42.22 44.20
N GLU K 291 29.75 43.07 45.20
CA GLU K 291 30.83 43.95 45.64
C GLU K 291 31.89 43.19 46.43
N LYS K 292 31.50 42.18 47.21
CA LYS K 292 32.45 41.41 47.99
C LYS K 292 33.22 40.40 47.15
N ALA K 293 32.86 40.20 45.89
CA ALA K 293 33.53 39.20 45.07
C ALA K 293 34.91 39.66 44.64
N TYR K 294 35.13 40.97 44.52
CA TYR K 294 36.42 41.47 44.03
C TYR K 294 37.53 41.33 45.07
N HIS K 295 37.18 41.29 46.35
CA HIS K 295 38.18 41.24 47.42
C HIS K 295 38.43 39.83 47.94
N GLU K 296 37.89 38.81 47.27
CA GLU K 296 38.08 37.42 47.68
C GLU K 296 38.75 36.66 46.55
N GLN K 297 39.81 35.91 46.88
CA GLN K 297 40.49 35.11 45.86
C GLN K 297 39.68 33.88 45.48
N LEU K 298 38.84 33.38 46.40
CA LEU K 298 37.93 32.27 46.13
C LEU K 298 38.67 31.01 45.67
N SER K 299 39.49 30.49 46.57
CA SER K 299 40.25 29.27 46.30
C SER K 299 39.48 28.04 46.75
N VAL K 300 39.93 26.88 46.28
CA VAL K 300 39.28 25.62 46.62
C VAL K 300 39.41 25.32 48.10
N ALA K 301 40.56 25.68 48.69
CA ALA K 301 40.86 25.30 50.07
C ALA K 301 39.99 26.00 51.10
N GLU K 302 39.24 27.03 50.71
CA GLU K 302 38.41 27.76 51.67
C GLU K 302 36.92 27.66 51.40
N ILE K 303 36.49 27.48 50.15
CA ILE K 303 35.07 27.22 49.89
C ILE K 303 34.66 25.89 50.51
N THR K 304 35.59 24.93 50.61
CA THR K 304 35.32 23.73 51.38
C THR K 304 35.16 24.05 52.85
N ASN K 305 35.96 24.98 53.36
CA ASN K 305 35.83 25.40 54.75
C ASN K 305 34.55 26.21 54.98
N ALA K 306 34.17 27.04 54.01
CA ALA K 306 32.98 27.86 54.17
C ALA K 306 31.71 27.01 54.26
N CYS K 307 31.62 25.95 53.45
CA CYS K 307 30.43 25.11 53.45
C CYS K 307 30.30 24.26 54.71
N PHE K 308 31.36 24.13 55.50
CA PHE K 308 31.32 23.34 56.72
C PHE K 308 31.03 24.16 57.96
N GLU K 309 30.98 25.49 57.85
CA GLU K 309 30.68 26.33 59.00
C GLU K 309 29.22 26.16 59.42
N PRO K 310 28.92 26.28 60.71
CA PRO K 310 27.54 26.08 61.19
C PRO K 310 26.57 27.18 60.84
N ALA K 311 27.05 28.34 60.38
CA ALA K 311 26.19 29.44 60.00
C ALA K 311 25.76 29.41 58.53
N ASN K 312 26.26 28.44 57.76
CA ASN K 312 25.96 28.35 56.34
C ASN K 312 25.00 27.22 56.00
N GLN K 313 24.63 26.38 56.97
CA GLN K 313 23.71 25.29 56.71
C GLN K 313 22.33 25.82 56.36
N MET K 314 21.62 25.07 55.51
CA MET K 314 20.32 25.49 54.99
C MET K 314 19.16 25.05 55.86
N VAL K 315 19.41 24.41 56.98
CA VAL K 315 18.37 23.99 57.92
C VAL K 315 18.71 24.57 59.28
N LYS K 316 17.69 25.05 59.99
CA LYS K 316 17.93 25.70 61.28
C LYS K 316 18.27 24.64 62.33
N CYS K 317 19.44 24.03 62.17
CA CYS K 317 20.01 23.13 63.18
C CYS K 317 21.50 23.01 62.87
N ASP K 318 22.33 23.34 63.85
CA ASP K 318 23.76 23.26 63.65
C ASP K 318 24.26 21.84 63.89
N PRO K 319 25.23 21.37 63.09
CA PRO K 319 25.70 19.99 63.24
C PRO K 319 26.60 19.75 64.44
N ARG K 320 26.86 20.77 65.26
CA ARG K 320 27.80 20.60 66.37
C ARG K 320 27.30 19.62 67.41
N HIS K 321 26.00 19.64 67.73
CA HIS K 321 25.47 18.68 68.68
C HIS K 321 25.42 17.26 68.13
N GLY K 322 25.40 17.11 66.80
CA GLY K 322 25.34 15.82 66.17
C GLY K 322 26.67 15.36 65.60
N LYS K 323 26.64 14.16 65.03
CA LYS K 323 27.80 13.54 64.41
C LYS K 323 27.48 13.16 62.98
N TYR K 324 28.36 13.52 62.05
CA TYR K 324 28.13 13.21 60.65
C TYR K 324 28.20 11.71 60.41
N MET K 325 27.26 11.21 59.60
CA MET K 325 27.27 9.81 59.16
C MET K 325 27.83 9.67 57.75
N ALA K 326 27.53 10.61 56.87
CA ALA K 326 28.07 10.61 55.52
C ALA K 326 27.99 12.02 54.96
N CYS K 327 28.87 12.31 54.01
CA CYS K 327 28.91 13.61 53.35
C CYS K 327 29.01 13.42 51.84
N CYS K 328 28.90 14.51 51.11
CA CYS K 328 28.99 14.47 49.65
C CYS K 328 29.37 15.86 49.15
N LEU K 329 30.58 15.99 48.63
CA LEU K 329 31.05 17.24 48.05
C LEU K 329 30.92 17.17 46.53
N LEU K 330 30.30 18.19 45.95
CA LEU K 330 30.04 18.27 44.51
C LEU K 330 30.65 19.57 43.99
N TYR K 331 31.93 19.52 43.61
CA TYR K 331 32.57 20.69 43.05
C TYR K 331 32.21 20.86 41.58
N ARG K 332 32.51 22.03 41.04
CA ARG K 332 32.31 22.31 39.62
C ARG K 332 33.12 23.54 39.25
N GLY K 333 33.81 23.49 38.12
CA GLY K 333 34.58 24.62 37.62
C GLY K 333 36.06 24.28 37.53
N ASP K 334 36.89 25.32 37.67
CA ASP K 334 38.33 25.18 37.61
C ASP K 334 38.85 24.59 38.93
N VAL K 335 38.56 23.30 39.11
CA VAL K 335 38.91 22.56 40.31
C VAL K 335 39.82 21.40 39.90
N VAL K 336 40.97 21.29 40.57
CA VAL K 336 41.89 20.18 40.33
C VAL K 336 41.66 19.12 41.40
N PRO K 337 41.77 17.84 41.05
CA PRO K 337 41.50 16.78 42.05
C PRO K 337 42.49 16.75 43.20
N LYS K 338 43.70 17.31 43.02
CA LYS K 338 44.68 17.28 44.11
C LYS K 338 44.31 18.22 45.23
N ASP K 339 43.88 19.45 44.89
CA ASP K 339 43.56 20.43 45.91
C ASP K 339 42.35 20.03 46.73
N VAL K 340 41.41 19.28 46.12
CA VAL K 340 40.26 18.79 46.87
C VAL K 340 40.72 17.83 47.96
N ASN K 341 41.66 16.95 47.63
CA ASN K 341 42.17 15.98 48.61
C ASN K 341 42.83 16.70 49.78
N ALA K 342 43.67 17.69 49.48
CA ALA K 342 44.38 18.40 50.54
C ALA K 342 43.40 19.16 51.44
N ALA K 343 42.41 19.83 50.84
CA ALA K 343 41.46 20.60 51.62
C ALA K 343 40.61 19.69 52.50
N ILE K 344 40.18 18.55 51.98
CA ILE K 344 39.33 17.63 52.74
C ILE K 344 40.14 16.99 53.87
N ALA K 345 41.41 16.70 53.63
CA ALA K 345 42.23 16.04 54.65
C ALA K 345 42.37 16.92 55.89
N THR K 346 42.53 18.23 55.71
CA THR K 346 42.61 19.12 56.86
C THR K 346 41.26 19.26 57.55
N ILE K 347 40.17 19.10 56.82
CA ILE K 347 38.84 19.18 57.43
C ILE K 347 38.59 17.96 58.33
N LYS K 348 39.00 16.78 57.88
CA LYS K 348 38.76 15.57 58.66
C LYS K 348 39.49 15.61 59.99
N THR K 349 40.72 16.12 60.01
CA THR K 349 41.50 16.17 61.23
C THR K 349 41.11 17.33 62.15
N LYS K 350 40.26 18.25 61.67
CA LYS K 350 39.78 19.32 62.53
C LYS K 350 38.89 18.75 63.62
N ARG K 351 39.04 19.29 64.83
CA ARG K 351 38.31 18.78 65.98
C ARG K 351 36.92 19.37 66.12
N SER K 352 36.53 20.29 65.24
CA SER K 352 35.16 20.78 65.23
C SER K 352 34.23 19.83 64.47
N ILE K 353 34.77 19.07 63.52
CA ILE K 353 34.00 18.10 62.74
C ILE K 353 34.26 16.72 63.31
N GLN K 354 33.21 16.02 63.70
CA GLN K 354 33.31 14.69 64.29
C GLN K 354 32.43 13.73 63.52
N PHE K 355 32.94 12.52 63.31
CA PHE K 355 32.22 11.48 62.58
C PHE K 355 31.78 10.38 63.54
N VAL K 356 31.16 9.34 62.99
CA VAL K 356 30.69 8.20 63.75
C VAL K 356 31.74 7.11 63.69
N ASP K 357 31.82 6.30 64.76
CA ASP K 357 32.87 5.30 64.86
C ASP K 357 32.76 4.25 63.76
N TRP K 358 31.55 3.78 63.47
CA TRP K 358 31.37 2.72 62.49
C TRP K 358 31.42 3.21 61.05
N CYS K 359 31.90 4.43 60.80
CA CYS K 359 32.05 4.97 59.45
C CYS K 359 33.47 5.50 59.30
N PRO K 360 34.46 4.61 59.15
CA PRO K 360 35.85 5.08 58.99
C PRO K 360 36.04 5.95 57.76
N THR K 361 35.32 5.68 56.68
CA THR K 361 35.34 6.50 55.48
C THR K 361 34.03 7.27 55.41
N GLY K 362 34.12 8.60 55.32
CA GLY K 362 32.93 9.41 55.36
C GLY K 362 32.89 10.57 54.39
N PHE K 363 33.48 10.41 53.21
CA PHE K 363 33.49 11.48 52.22
C PHE K 363 33.30 10.89 50.82
N LYS K 364 32.45 11.53 50.03
CA LYS K 364 32.27 11.22 48.62
C LYS K 364 32.41 12.50 47.83
N VAL K 365 33.22 12.47 46.77
CA VAL K 365 33.54 13.67 46.01
C VAL K 365 33.08 13.50 44.57
N GLY K 366 32.88 14.63 43.91
CA GLY K 366 32.51 14.66 42.51
C GLY K 366 32.88 15.99 41.88
N ILE K 367 33.58 15.95 40.75
CA ILE K 367 34.11 17.15 40.11
C ILE K 367 33.49 17.28 38.73
N ASN K 368 32.99 18.46 38.41
CA ASN K 368 32.38 18.76 37.12
C ASN K 368 33.15 19.87 36.44
N TYR K 369 33.07 19.90 35.11
CA TYR K 369 33.80 20.87 34.30
C TYR K 369 32.96 22.06 33.89
N GLN K 370 31.71 22.16 34.34
CA GLN K 370 30.83 23.24 33.96
C GLN K 370 30.71 24.24 35.11
N PRO K 371 31.27 25.45 34.97
CA PRO K 371 31.13 26.43 36.04
C PRO K 371 29.68 26.85 36.20
N PRO K 372 29.26 27.21 37.41
CA PRO K 372 27.87 27.62 37.62
C PRO K 372 27.56 28.90 36.85
N THR K 373 26.34 28.99 36.35
CA THR K 373 25.87 30.15 35.61
C THR K 373 25.13 31.11 36.53
N VAL K 374 24.97 32.35 36.06
CA VAL K 374 24.31 33.40 36.82
C VAL K 374 23.13 33.92 36.01
N VAL K 375 21.96 33.94 36.62
CA VAL K 375 20.76 34.47 35.95
C VAL K 375 20.84 36.00 35.97
N PRO K 376 20.54 36.68 34.86
CA PRO K 376 20.54 38.15 34.86
C PRO K 376 19.56 38.70 35.89
N GLY K 377 19.98 39.76 36.58
CA GLY K 377 19.19 40.33 37.65
C GLY K 377 19.32 39.61 38.98
N GLY K 378 20.13 38.55 39.06
CA GLY K 378 20.27 37.82 40.29
C GLY K 378 21.17 38.51 41.30
N ASP K 379 20.99 38.13 42.57
CA ASP K 379 21.80 38.70 43.64
C ASP K 379 23.22 38.15 43.63
N LEU K 380 23.39 36.86 43.37
CA LEU K 380 24.71 36.25 43.37
C LEU K 380 25.53 36.73 42.19
N ALA K 381 26.84 36.79 42.38
CA ALA K 381 27.78 37.23 41.35
C ALA K 381 28.39 36.03 40.64
N LYS K 382 29.07 36.31 39.54
CA LYS K 382 29.71 35.26 38.75
C LYS K 382 30.87 34.66 39.50
N VAL K 383 30.91 33.33 39.56
CA VAL K 383 31.98 32.59 40.23
C VAL K 383 32.45 31.48 39.31
N GLN K 384 33.72 31.08 39.47
CA GLN K 384 34.28 30.00 38.69
C GLN K 384 34.35 28.68 39.46
N ARG K 385 33.94 28.68 40.73
CA ARG K 385 33.91 27.46 41.54
C ARG K 385 32.64 27.45 42.37
N ALA K 386 32.19 26.25 42.74
CA ALA K 386 31.00 26.09 43.55
C ALA K 386 31.06 24.76 44.27
N VAL K 387 30.36 24.67 45.39
CA VAL K 387 30.30 23.47 46.21
C VAL K 387 28.86 23.25 46.64
N CYS K 388 28.40 22.01 46.53
CA CYS K 388 27.06 21.61 47.00
C CYS K 388 27.25 20.42 47.94
N MET K 389 27.13 20.67 49.24
CA MET K 389 27.47 19.69 50.26
C MET K 389 26.19 19.10 50.86
N LEU K 390 26.08 17.77 50.82
CA LEU K 390 24.93 17.04 51.36
C LEU K 390 25.42 16.19 52.52
N SER K 391 24.96 16.50 53.73
CA SER K 391 25.34 15.77 54.94
C SER K 391 24.14 15.04 55.51
N ASN K 392 24.32 13.75 55.80
CA ASN K 392 23.32 12.96 56.52
C ASN K 392 23.81 12.90 57.97
N THR K 393 23.50 13.94 58.74
CA THR K 393 24.00 14.10 60.09
C THR K 393 22.94 13.68 61.10
N THR K 394 23.39 13.44 62.34
CA THR K 394 22.49 13.09 63.43
C THR K 394 21.85 14.31 64.07
N ALA K 395 22.34 15.51 63.74
CA ALA K 395 21.80 16.73 64.33
C ALA K 395 20.37 17.00 63.92
N ILE K 396 19.87 16.34 62.87
CA ILE K 396 18.48 16.52 62.45
C ILE K 396 17.51 15.86 63.42
N ALA K 397 18.00 15.03 64.34
CA ALA K 397 17.13 14.42 65.34
C ALA K 397 16.49 15.46 66.25
N GLU K 398 17.12 16.63 66.42
CA GLU K 398 16.51 17.70 67.19
C GLU K 398 15.29 18.27 66.48
N ALA K 399 15.30 18.30 65.15
CA ALA K 399 14.16 18.82 64.41
C ALA K 399 12.92 17.97 64.62
N TRP K 400 13.07 16.64 64.62
CA TRP K 400 11.93 15.77 64.84
C TRP K 400 11.40 15.91 66.27
N ALA K 401 12.30 16.05 67.24
CA ALA K 401 11.87 16.17 68.64
C ALA K 401 11.05 17.44 68.85
N ARG K 402 11.47 18.55 68.23
CA ARG K 402 10.72 19.80 68.37
C ARG K 402 9.34 19.68 67.73
N LEU K 403 9.27 19.09 66.54
CA LEU K 403 7.99 18.93 65.86
C LEU K 403 7.09 17.96 66.61
N ASP K 404 7.67 16.88 67.15
CA ASP K 404 6.88 15.91 67.91
C ASP K 404 6.31 16.49 69.19
N HIS K 405 6.96 17.52 69.75
CA HIS K 405 6.42 18.16 70.94
C HIS K 405 5.21 19.02 70.62
N LYS K 406 5.26 19.75 69.50
CA LYS K 406 4.12 20.58 69.10
C LYS K 406 2.89 19.73 68.81
N PHE K 407 3.07 18.60 68.12
CA PHE K 407 1.95 17.73 67.81
C PHE K 407 1.32 17.17 69.07
N ASP K 408 2.14 16.76 70.04
CA ASP K 408 1.62 16.20 71.27
C ASP K 408 0.92 17.26 72.12
N LEU K 409 1.31 18.52 71.99
CA LEU K 409 0.71 19.58 72.79
C LEU K 409 -0.72 19.87 72.33
N MET K 410 -0.93 20.01 71.03
CA MET K 410 -2.25 20.34 70.51
C MET K 410 -3.16 19.13 70.38
N TYR K 411 -2.61 17.92 70.26
CA TYR K 411 -3.45 16.74 70.20
C TYR K 411 -3.92 16.29 71.58
N ALA K 412 -3.28 16.75 72.64
CA ALA K 412 -3.71 16.38 73.98
C ALA K 412 -5.10 16.92 74.29
N LYS K 413 -5.38 18.16 73.87
CA LYS K 413 -6.68 18.77 74.06
C LYS K 413 -7.58 18.61 72.84
N ARG K 414 -7.13 17.87 71.83
CA ARG K 414 -7.93 17.54 70.65
C ARG K 414 -8.40 18.79 69.91
N ALA K 415 -7.46 19.68 69.65
CA ALA K 415 -7.73 20.91 68.93
C ALA K 415 -7.57 20.69 67.42
N PHE K 416 -8.47 21.29 66.65
CA PHE K 416 -8.50 21.24 65.19
C PHE K 416 -8.80 19.85 64.64
N VAL K 417 -9.04 18.86 65.50
CA VAL K 417 -9.23 17.50 65.03
C VAL K 417 -10.56 17.35 64.31
N HIS K 418 -11.57 18.13 64.71
CA HIS K 418 -12.90 17.98 64.10
C HIS K 418 -12.90 18.29 62.61
N TRP K 419 -11.92 19.05 62.13
CA TRP K 419 -11.81 19.27 60.69
C TRP K 419 -11.29 18.04 59.96
N TYR K 420 -10.32 17.35 60.56
CA TYR K 420 -9.76 16.16 59.92
C TYR K 420 -10.70 14.98 60.00
N VAL K 421 -11.36 14.79 61.16
CA VAL K 421 -12.24 13.63 61.35
C VAL K 421 -13.41 13.68 60.37
N GLY K 422 -13.99 14.86 60.19
CA GLY K 422 -15.15 15.01 59.33
C GLY K 422 -14.86 15.01 57.85
N GLU K 423 -13.61 14.79 57.44
CA GLU K 423 -13.24 14.78 56.03
C GLU K 423 -12.68 13.44 55.58
N GLY K 424 -13.01 12.36 56.30
CA GLY K 424 -12.59 11.03 55.88
C GLY K 424 -11.36 10.49 56.60
N MET K 425 -11.32 10.65 57.93
CA MET K 425 -10.27 10.05 58.74
C MET K 425 -10.87 9.59 60.05
N GLU K 426 -10.02 8.98 60.89
CA GLU K 426 -10.42 8.47 62.18
C GLU K 426 -9.48 8.99 63.26
N GLU K 427 -9.97 9.03 64.49
CA GLU K 427 -9.13 9.47 65.60
C GLU K 427 -7.97 8.52 65.83
N GLY K 428 -8.15 7.23 65.51
CA GLY K 428 -7.08 6.26 65.69
C GLY K 428 -5.91 6.50 64.76
N GLU K 429 -6.17 7.00 63.55
CA GLU K 429 -5.11 7.20 62.57
C GLU K 429 -4.09 8.23 63.05
N PHE K 430 -4.50 9.15 63.91
CA PHE K 430 -3.55 10.13 64.46
C PHE K 430 -2.58 9.48 65.43
N SER K 431 -3.01 8.44 66.15
CA SER K 431 -2.13 7.77 67.09
C SER K 431 -1.07 6.95 66.36
N GLU K 432 -1.44 6.31 65.25
CA GLU K 432 -0.47 5.51 64.50
C GLU K 432 0.66 6.37 63.96
N ALA K 433 0.34 7.54 63.42
CA ALA K 433 1.38 8.44 62.92
C ALA K 433 2.17 9.08 64.05
N ARG K 434 1.68 9.00 65.29
CA ARG K 434 2.40 9.57 66.43
C ARG K 434 3.45 8.59 66.96
N GLU K 435 3.08 7.32 67.11
CA GLU K 435 4.03 6.34 67.61
C GLU K 435 5.13 6.06 66.59
N ASP K 436 4.82 6.19 65.30
CA ASP K 436 5.84 5.97 64.27
C ASP K 436 6.96 6.99 64.38
N MET K 437 6.61 8.26 64.61
CA MET K 437 7.62 9.29 64.79
C MET K 437 8.42 9.09 66.08
N ALA K 438 7.83 8.43 67.07
CA ALA K 438 8.60 8.10 68.27
C ALA K 438 9.60 6.99 68.00
N ALA K 439 9.23 6.02 67.15
CA ALA K 439 10.16 4.97 66.78
C ALA K 439 11.30 5.51 65.92
N LEU K 440 10.98 6.40 64.97
CA LEU K 440 12.02 6.99 64.13
C LEU K 440 12.97 7.87 64.95
N GLU K 441 12.42 8.63 65.90
CA GLU K 441 13.27 9.48 66.74
C GLU K 441 14.22 8.65 67.59
N LYS K 442 13.71 7.54 68.16
CA LYS K 442 14.58 6.66 68.94
C LYS K 442 15.61 5.97 68.06
N ASP K 443 15.22 5.55 66.85
CA ASP K 443 16.16 4.88 65.95
C ASP K 443 17.28 5.83 65.52
N TYR K 444 16.96 7.11 65.35
CA TYR K 444 17.96 8.07 64.87
C TYR K 444 19.05 8.32 65.91
N GLU K 445 18.75 8.07 67.18
CA GLU K 445 19.72 8.29 68.25
C GLU K 445 20.42 7.00 68.66
N GLU K 446 19.70 5.87 68.68
CA GLU K 446 20.30 4.62 69.10
C GLU K 446 21.40 4.15 68.16
N VAL K 447 21.41 4.63 66.91
CA VAL K 447 22.46 4.28 65.96
C VAL K 447 23.53 5.36 65.86
N GLY K 448 23.21 6.61 66.16
CA GLY K 448 24.22 7.65 66.20
C GLY K 448 25.06 7.64 67.45
N VAL K 449 24.64 6.89 68.47
CA VAL K 449 25.40 6.79 69.70
C VAL K 449 26.41 5.65 69.59
N ASP K 450 27.45 5.72 70.41
CA ASP K 450 28.47 4.67 70.43
C ASP K 450 27.88 3.38 71.01
N SER K 451 28.47 2.26 70.60
CA SER K 451 28.05 0.95 71.05
C SER K 451 29.24 0.20 71.62
N VAL K 452 28.95 -0.69 72.58
CA VAL K 452 30.01 -1.46 73.25
C VAL K 452 30.70 -2.38 72.24
N GLU K 453 32.01 -2.55 72.44
CA GLU K 453 32.87 -3.30 71.53
C GLU K 453 32.93 -2.64 70.17
N MET L 1 53.63 -11.25 16.42
CA MET L 1 53.24 -12.43 17.18
C MET L 1 53.14 -12.12 18.68
N ARG L 2 52.54 -13.04 19.42
CA ARG L 2 52.36 -12.91 20.88
C ARG L 2 51.63 -11.62 21.23
N GLU L 3 50.52 -11.38 20.54
CA GLU L 3 49.71 -10.20 20.78
C GLU L 3 48.88 -10.35 22.05
N ILE L 4 48.51 -9.22 22.63
CA ILE L 4 47.73 -9.18 23.86
C ILE L 4 46.47 -8.34 23.63
N VAL L 5 45.44 -8.65 24.41
CA VAL L 5 44.14 -8.00 24.30
C VAL L 5 43.97 -7.06 25.50
N HIS L 6 43.61 -5.82 25.22
CA HIS L 6 43.47 -4.80 26.25
C HIS L 6 41.99 -4.58 26.55
N ILE L 7 41.62 -4.72 27.82
CA ILE L 7 40.24 -4.52 28.27
C ILE L 7 40.23 -3.42 29.31
N GLN L 8 39.39 -2.41 29.09
CA GLN L 8 39.29 -1.26 29.98
C GLN L 8 37.87 -1.18 30.53
N ALA L 9 37.75 -1.28 31.85
CA ALA L 9 36.46 -1.26 32.53
C ALA L 9 36.40 -0.10 33.51
N GLY L 10 35.21 0.45 33.68
CA GLY L 10 35.01 1.55 34.59
C GLY L 10 35.39 2.89 33.98
N GLN L 11 35.39 3.91 34.83
CA GLN L 11 35.75 5.24 34.38
C GLN L 11 37.25 5.47 34.43
N CYS L 12 37.90 4.99 35.51
CA CYS L 12 39.35 5.15 35.62
C CYS L 12 40.07 4.38 34.52
N GLY L 13 39.60 3.17 34.21
CA GLY L 13 40.21 2.41 33.14
C GLY L 13 40.11 3.10 31.79
N ASN L 14 38.96 3.71 31.51
CA ASN L 14 38.79 4.43 30.27
C ASN L 14 39.67 5.68 30.22
N GLN L 15 39.81 6.36 31.36
CA GLN L 15 40.66 7.56 31.40
C GLN L 15 42.14 7.20 31.36
N ILE L 16 42.54 6.14 32.06
CA ILE L 16 43.91 5.66 31.97
C ILE L 16 44.18 5.12 30.57
N GLY L 17 43.25 4.35 30.03
CA GLY L 17 43.42 3.79 28.70
C GLY L 17 43.48 4.85 27.61
N ALA L 18 42.71 5.93 27.76
CA ALA L 18 42.75 6.99 26.76
C ALA L 18 44.11 7.67 26.72
N LYS L 19 44.84 7.66 27.83
CA LYS L 19 46.21 8.16 27.86
C LYS L 19 47.23 7.06 27.60
N PHE L 20 46.84 5.79 27.72
CA PHE L 20 47.75 4.70 27.43
C PHE L 20 48.00 4.58 25.93
N TRP L 21 46.94 4.68 25.12
CA TRP L 21 47.08 4.57 23.68
C TRP L 21 47.67 5.84 23.05
N GLU L 22 47.82 6.91 23.82
CA GLU L 22 48.59 8.05 23.36
C GLU L 22 50.08 7.77 23.38
N VAL L 23 50.55 7.00 24.36
CA VAL L 23 51.96 6.66 24.46
C VAL L 23 52.34 5.59 23.44
N ILE L 24 51.52 4.54 23.31
CA ILE L 24 51.83 3.47 22.37
C ILE L 24 51.84 3.99 20.94
N SER L 25 50.88 4.85 20.59
CA SER L 25 50.85 5.41 19.25
C SER L 25 52.08 6.25 18.97
N ASP L 26 52.52 7.05 19.94
CA ASP L 26 53.72 7.86 19.74
C ASP L 26 54.97 6.98 19.65
N GLU L 27 55.01 5.88 20.39
CA GLU L 27 56.16 4.98 20.32
C GLU L 27 56.31 4.38 18.93
N HIS L 28 55.20 3.97 18.32
CA HIS L 28 55.21 3.32 17.02
C HIS L 28 55.01 4.29 15.86
N GLY L 29 54.90 5.59 16.13
CA GLY L 29 54.72 6.57 15.08
C GLY L 29 53.41 6.42 14.33
N ILE L 30 52.32 6.20 15.06
CA ILE L 30 50.99 6.02 14.48
C ILE L 30 50.26 7.35 14.57
N ASP L 31 49.79 7.84 13.43
CA ASP L 31 49.05 9.09 13.40
C ASP L 31 47.72 8.93 14.11
N PRO L 32 47.17 10.01 14.68
CA PRO L 32 45.84 9.91 15.30
C PRO L 32 44.76 9.43 14.34
N SER L 33 44.89 9.73 13.05
CA SER L 33 43.93 9.21 12.07
C SER L 33 44.02 7.70 11.91
N GLY L 34 45.13 7.08 12.31
CA GLY L 34 45.27 5.64 12.28
C GLY L 34 46.21 5.08 11.24
N ASN L 35 46.93 5.92 10.50
CA ASN L 35 47.84 5.46 9.46
C ASN L 35 49.28 5.73 9.87
N TYR L 36 50.18 4.81 9.52
CA TYR L 36 51.57 4.92 9.92
C TYR L 36 52.23 6.14 9.29
N VAL L 37 52.97 6.89 10.11
CA VAL L 37 53.68 8.07 9.66
C VAL L 37 55.13 8.09 10.11
N GLY L 38 55.59 7.07 10.83
CA GLY L 38 56.93 7.08 11.37
C GLY L 38 58.01 6.94 10.32
N ASP L 39 59.26 7.01 10.78
CA ASP L 39 60.42 7.00 9.90
C ASP L 39 61.22 5.70 10.01
N SER L 40 61.63 5.32 11.21
CA SER L 40 62.43 4.12 11.38
C SER L 40 61.59 2.87 11.13
N ASP L 41 62.22 1.84 10.56
CA ASP L 41 61.52 0.60 10.25
C ASP L 41 61.45 -0.37 11.42
N LEU L 42 62.19 -0.11 12.51
CA LEU L 42 62.14 -0.99 13.66
C LEU L 42 60.80 -0.92 14.37
N GLN L 43 60.09 0.21 14.26
CA GLN L 43 58.79 0.34 14.91
C GLN L 43 57.77 -0.62 14.32
N LEU L 44 57.78 -0.81 13.01
CA LEU L 44 56.80 -1.65 12.34
C LEU L 44 57.16 -3.12 12.34
N GLU L 45 58.34 -3.49 12.89
CA GLU L 45 58.72 -4.90 12.90
C GLU L 45 57.74 -5.74 13.71
N ARG L 46 57.32 -5.25 14.87
CA ARG L 46 56.33 -5.91 15.70
C ARG L 46 55.23 -4.90 16.02
N ILE L 47 54.26 -4.78 15.13
CA ILE L 47 53.11 -3.92 15.34
C ILE L 47 51.85 -4.71 15.66
N SER L 48 51.80 -6.00 15.32
CA SER L 48 50.63 -6.82 15.55
C SER L 48 50.44 -7.18 17.02
N VAL L 49 51.42 -6.90 17.88
CA VAL L 49 51.28 -7.23 19.29
C VAL L 49 50.17 -6.42 19.93
N TYR L 50 50.09 -5.13 19.61
CA TYR L 50 49.05 -4.25 20.14
C TYR L 50 48.04 -3.82 19.09
N TYR L 51 48.51 -3.44 17.91
CA TYR L 51 47.63 -2.95 16.87
C TYR L 51 47.15 -4.08 15.96
N ASN L 52 46.17 -3.77 15.12
CA ASN L 52 45.56 -4.73 14.21
C ASN L 52 45.55 -4.13 12.81
N GLU L 53 46.15 -4.83 11.86
CA GLU L 53 46.21 -4.35 10.49
C GLU L 53 44.82 -4.38 9.88
N ALA L 54 44.46 -3.31 9.17
CA ALA L 54 43.16 -3.23 8.51
C ALA L 54 43.35 -2.89 7.03
N SER L 55 42.24 -2.61 6.34
CA SER L 55 42.30 -2.30 4.92
C SER L 55 42.95 -0.93 4.70
N SER L 56 43.65 -0.81 3.57
CA SER L 56 44.29 0.44 3.15
C SER L 56 45.28 0.95 4.20
N HIS L 57 46.06 0.03 4.76
CA HIS L 57 47.16 0.37 5.67
C HIS L 57 46.68 1.15 6.90
N LYS L 58 45.49 0.82 7.41
CA LYS L 58 45.00 1.43 8.63
C LYS L 58 45.22 0.50 9.81
N TYR L 59 45.59 1.08 10.94
CA TYR L 59 45.85 0.33 12.17
C TYR L 59 44.79 0.69 13.20
N VAL L 60 44.14 -0.32 13.75
CA VAL L 60 43.09 -0.15 14.75
C VAL L 60 43.55 -0.84 16.02
N PRO L 61 43.53 -0.18 17.17
CA PRO L 61 44.00 -0.82 18.40
C PRO L 61 43.14 -2.00 18.79
N ARG L 62 43.78 -2.98 19.43
CA ARG L 62 43.09 -4.17 19.94
C ARG L 62 42.59 -3.91 21.36
N ALA L 63 41.67 -2.96 21.48
CA ALA L 63 41.13 -2.53 22.76
C ALA L 63 39.63 -2.73 22.80
N ILE L 64 39.13 -3.00 24.00
CA ILE L 64 37.70 -3.21 24.24
C ILE L 64 37.31 -2.31 25.41
N LEU L 65 36.79 -1.14 25.11
CA LEU L 65 36.41 -0.16 26.13
C LEU L 65 34.94 -0.38 26.48
N VAL L 66 34.67 -0.69 27.74
CA VAL L 66 33.33 -0.99 28.21
C VAL L 66 33.09 -0.34 29.55
N ASP L 67 31.88 0.21 29.74
CA ASP L 67 31.50 0.85 30.98
C ASP L 67 29.98 0.90 31.04
N LEU L 68 29.44 0.85 32.26
CA LEU L 68 28.00 0.73 32.43
C LEU L 68 27.25 2.02 32.10
N GLU L 69 27.90 3.17 32.23
CA GLU L 69 27.22 4.41 31.92
C GLU L 69 27.75 5.01 30.62
N PRO L 70 26.93 5.74 29.86
CA PRO L 70 27.38 6.31 28.59
C PRO L 70 28.10 7.64 28.72
N GLY L 71 28.34 8.13 29.93
CA GLY L 71 29.01 9.43 30.07
C GLY L 71 30.45 9.40 29.64
N THR L 72 31.16 8.31 29.94
CA THR L 72 32.60 8.28 29.66
C THR L 72 32.88 8.09 28.17
N MET L 73 32.12 7.24 27.50
CA MET L 73 32.37 6.99 26.08
C MET L 73 32.12 8.22 25.22
N ASP L 74 31.31 9.17 25.69
CA ASP L 74 31.09 10.40 24.93
C ASP L 74 32.40 11.17 24.79
N SER L 75 33.18 11.26 25.86
CA SER L 75 34.40 12.06 25.84
C SER L 75 35.43 11.47 24.87
N VAL L 76 35.65 10.15 24.93
CA VAL L 76 36.66 9.54 24.08
C VAL L 76 36.24 9.54 22.62
N ARG L 77 34.97 9.24 22.35
CA ARG L 77 34.50 9.19 20.97
C ARG L 77 34.48 10.58 20.34
N SER L 78 33.88 11.55 21.03
CA SER L 78 33.75 12.89 20.47
C SER L 78 35.03 13.71 20.57
N GLY L 79 35.93 13.37 21.50
CA GLY L 79 37.16 14.11 21.66
C GLY L 79 38.21 13.71 20.65
N ALA L 80 39.38 14.34 20.78
CA ALA L 80 40.49 14.04 19.90
C ALA L 80 41.03 12.64 20.17
N PHE L 81 41.68 12.06 19.16
CA PHE L 81 42.23 10.70 19.22
C PHE L 81 41.15 9.67 19.53
N GLY L 82 39.94 9.90 19.02
CA GLY L 82 38.87 8.93 19.13
C GLY L 82 38.40 8.46 17.77
N HIS L 83 39.18 8.80 16.74
CA HIS L 83 38.88 8.46 15.36
C HIS L 83 39.50 7.14 14.92
N LEU L 84 40.25 6.47 15.80
CA LEU L 84 40.95 5.25 15.44
C LEU L 84 40.40 3.99 16.09
N PHE L 85 39.64 4.10 17.18
CA PHE L 85 39.03 2.93 17.78
C PHE L 85 37.91 2.40 16.90
N ARG L 86 37.64 1.11 17.03
CA ARG L 86 36.55 0.49 16.27
C ARG L 86 35.23 0.70 17.00
N PRO L 87 34.20 1.22 16.32
CA PRO L 87 32.93 1.52 17.03
C PRO L 87 32.25 0.29 17.60
N ASP L 88 32.56 -0.91 17.10
CA ASP L 88 31.99 -2.13 17.68
C ASP L 88 32.46 -2.32 19.12
N ASN L 89 33.73 -2.01 19.39
CA ASN L 89 34.28 -2.20 20.73
C ASN L 89 33.64 -1.27 21.76
N PHE L 90 33.02 -0.18 21.33
CA PHE L 90 32.39 0.77 22.25
C PHE L 90 31.11 0.14 22.78
N ILE L 91 31.20 -0.50 23.93
CA ILE L 91 30.08 -1.18 24.58
C ILE L 91 29.74 -0.41 25.86
N PHE L 92 28.46 -0.05 26.00
CA PHE L 92 28.02 0.66 27.18
C PHE L 92 26.56 0.38 27.43
N GLY L 93 26.14 0.59 28.68
CA GLY L 93 24.76 0.45 29.10
C GLY L 93 24.05 1.78 29.14
N GLN L 94 23.08 1.89 30.04
CA GLN L 94 22.30 3.11 30.19
C GLN L 94 22.37 3.67 31.61
N SER L 95 22.33 2.82 32.63
CA SER L 95 22.38 3.24 34.01
C SER L 95 23.65 2.71 34.67
N GLY L 96 24.36 3.58 35.36
CA GLY L 96 25.59 3.18 36.01
C GLY L 96 25.35 2.25 37.19
N ALA L 97 26.44 1.63 37.64
CA ALA L 97 26.37 0.69 38.75
C ALA L 97 26.07 1.38 40.09
N GLY L 98 26.21 2.70 40.16
CA GLY L 98 25.90 3.42 41.38
C GLY L 98 26.78 3.05 42.55
N ASN L 99 28.08 2.83 42.29
CA ASN L 99 29.05 2.49 43.32
C ASN L 99 28.64 1.26 44.12
N ASN L 100 27.98 0.31 43.46
CA ASN L 100 27.50 -0.90 44.09
C ASN L 100 28.13 -2.12 43.43
N TRP L 101 28.60 -3.06 44.24
CA TRP L 101 29.18 -4.28 43.69
C TRP L 101 28.10 -5.20 43.13
N ALA L 102 26.98 -5.32 43.85
CA ALA L 102 25.89 -6.18 43.39
C ALA L 102 25.29 -5.67 42.09
N LYS L 103 25.18 -4.35 41.92
CA LYS L 103 24.65 -3.77 40.69
C LYS L 103 25.63 -3.86 39.53
N GLY L 104 26.85 -4.34 39.76
CA GLY L 104 27.82 -4.45 38.69
C GLY L 104 28.27 -5.87 38.46
N HIS L 105 27.79 -6.80 39.28
CA HIS L 105 28.18 -8.20 39.18
C HIS L 105 27.02 -9.17 39.03
N TYR L 106 25.80 -8.78 39.41
CA TYR L 106 24.67 -9.70 39.32
C TYR L 106 23.51 -9.12 38.52
N THR L 107 23.23 -7.83 38.72
CA THR L 107 22.01 -7.22 38.19
C THR L 107 22.22 -6.56 36.83
N GLU L 108 23.09 -5.55 36.77
CA GLU L 108 23.31 -4.82 35.52
C GLU L 108 24.47 -5.38 34.71
N GLY L 109 25.52 -5.87 35.37
CA GLY L 109 26.65 -6.44 34.66
C GLY L 109 26.33 -7.72 33.92
N ALA L 110 25.29 -8.44 34.34
CA ALA L 110 24.89 -9.66 33.66
C ALA L 110 24.25 -9.39 32.30
N GLU L 111 23.75 -8.18 32.07
CA GLU L 111 23.18 -7.86 30.77
C GLU L 111 24.26 -7.60 29.72
N LEU L 112 25.39 -7.03 30.13
CA LEU L 112 26.44 -6.66 29.18
C LEU L 112 27.54 -7.70 29.07
N VAL L 113 27.64 -8.64 30.01
CA VAL L 113 28.73 -9.61 29.99
C VAL L 113 28.59 -10.57 28.80
N ASP L 114 27.39 -10.73 28.25
CA ASP L 114 27.22 -11.62 27.11
C ASP L 114 27.47 -10.91 25.77
N SER L 115 27.62 -9.59 25.78
CA SER L 115 27.93 -8.83 24.57
C SER L 115 29.42 -8.55 24.44
N VAL L 116 30.10 -8.25 25.54
CA VAL L 116 31.54 -8.05 25.50
C VAL L 116 32.27 -9.37 25.24
N LEU L 117 31.76 -10.46 25.83
CA LEU L 117 32.41 -11.76 25.63
C LEU L 117 32.31 -12.22 24.18
N ASP L 118 31.32 -11.74 23.44
CA ASP L 118 31.24 -12.03 22.02
C ASP L 118 32.20 -11.18 21.20
N VAL L 119 32.80 -10.15 21.80
CA VAL L 119 33.84 -9.38 21.14
C VAL L 119 35.23 -9.86 21.57
N VAL L 120 35.38 -10.27 22.82
CA VAL L 120 36.63 -10.89 23.27
C VAL L 120 36.91 -12.15 22.48
N ARG L 121 35.88 -12.99 22.31
CA ARG L 121 36.04 -14.23 21.57
C ARG L 121 36.36 -13.97 20.10
N LYS L 122 35.70 -12.97 19.50
CA LYS L 122 35.98 -12.63 18.11
C LYS L 122 37.40 -12.13 17.93
N GLU L 123 37.91 -11.35 18.89
CA GLU L 123 39.27 -10.83 18.79
C GLU L 123 40.31 -11.94 18.89
N CYS L 124 40.01 -13.02 19.62
CA CYS L 124 40.98 -14.09 19.81
C CYS L 124 41.15 -14.91 18.53
N GLU L 125 40.07 -15.18 17.80
CA GLU L 125 40.17 -15.99 16.60
C GLU L 125 40.99 -15.28 15.52
N ASN L 126 40.75 -13.98 15.33
CA ASN L 126 41.57 -13.23 14.38
C ASN L 126 43.02 -13.15 14.84
N CYS L 127 43.26 -13.32 16.13
CA CYS L 127 44.61 -13.28 16.66
C CYS L 127 45.37 -14.54 16.25
N ASP L 128 46.66 -14.38 15.94
CA ASP L 128 47.47 -15.50 15.46
C ASP L 128 47.89 -16.40 16.62
N CYS L 129 48.65 -15.86 17.56
CA CYS L 129 49.10 -16.60 18.75
C CYS L 129 48.88 -15.70 19.95
N LEU L 130 47.79 -15.95 20.67
CA LEU L 130 47.44 -15.11 21.81
C LEU L 130 48.47 -15.26 22.92
N GLN L 131 48.88 -14.13 23.50
CA GLN L 131 49.84 -14.11 24.59
C GLN L 131 49.17 -13.92 25.95
N GLY L 132 48.24 -12.99 26.06
CA GLY L 132 47.56 -12.76 27.32
C GLY L 132 46.61 -11.59 27.24
N PHE L 133 46.05 -11.24 28.40
CA PHE L 133 45.09 -10.16 28.51
C PHE L 133 45.64 -9.07 29.42
N GLN L 134 45.11 -7.86 29.27
CA GLN L 134 45.47 -6.73 30.11
C GLN L 134 44.19 -6.01 30.52
N LEU L 135 43.99 -5.84 31.83
CA LEU L 135 42.80 -5.20 32.35
C LEU L 135 43.21 -4.04 33.25
N THR L 136 42.61 -2.88 33.03
CA THR L 136 42.82 -1.69 33.85
C THR L 136 41.49 -1.29 34.46
N HIS L 137 41.42 -1.27 35.78
CA HIS L 137 40.17 -1.00 36.48
C HIS L 137 40.49 -0.39 37.85
N SER L 138 39.45 -0.21 38.65
CA SER L 138 39.57 0.32 40.00
C SER L 138 38.92 -0.63 40.99
N LEU L 139 39.43 -0.62 42.22
CA LEU L 139 38.93 -1.49 43.28
C LEU L 139 37.93 -0.79 44.18
N GLY L 140 37.50 0.42 43.84
CA GLY L 140 36.57 1.16 44.67
C GLY L 140 35.25 1.47 44.01
N GLY L 141 35.19 1.31 42.69
CA GLY L 141 33.99 1.63 41.94
C GLY L 141 32.99 0.49 41.92
N GLY L 142 31.96 0.66 41.11
CA GLY L 142 30.91 -0.34 40.97
C GLY L 142 31.08 -1.22 39.76
N THR L 143 31.36 -0.62 38.60
CA THR L 143 31.56 -1.39 37.38
C THR L 143 33.01 -1.79 37.18
N GLY L 144 33.96 -0.94 37.56
CA GLY L 144 35.36 -1.32 37.45
C GLY L 144 35.73 -2.44 38.40
N SER L 145 35.16 -2.44 39.60
CA SER L 145 35.45 -3.44 40.62
C SER L 145 34.48 -4.63 40.57
N GLY L 146 33.23 -4.40 40.20
CA GLY L 146 32.25 -5.47 40.15
C GLY L 146 32.24 -6.21 38.83
N MET L 147 32.04 -5.48 37.73
CA MET L 147 31.97 -6.12 36.42
C MET L 147 33.33 -6.53 35.90
N GLY L 148 34.37 -5.74 36.19
CA GLY L 148 35.71 -6.13 35.80
C GLY L 148 36.13 -7.45 36.41
N THR L 149 35.65 -7.74 37.63
CA THR L 149 35.84 -9.06 38.21
C THR L 149 35.08 -10.12 37.43
N LEU L 150 33.86 -9.80 36.99
CA LEU L 150 33.05 -10.76 36.25
C LEU L 150 33.72 -11.17 34.94
N LEU L 151 34.32 -10.20 34.24
CA LEU L 151 35.04 -10.52 33.01
C LEU L 151 36.23 -11.43 33.30
N ILE L 152 36.89 -11.22 34.43
CA ILE L 152 38.04 -12.04 34.79
C ILE L 152 37.63 -13.49 34.98
N SER L 153 36.52 -13.71 35.69
CA SER L 153 36.07 -15.08 35.94
C SER L 153 35.64 -15.79 34.67
N LYS L 154 34.97 -15.07 33.76
CA LYS L 154 34.49 -15.70 32.53
C LYS L 154 35.64 -15.97 31.56
N VAL L 155 36.59 -15.04 31.44
CA VAL L 155 37.73 -15.24 30.55
C VAL L 155 38.58 -16.40 31.05
N ARG L 156 38.83 -16.47 32.35
CA ARG L 156 39.62 -17.56 32.92
C ARG L 156 38.95 -18.91 32.72
N GLU L 157 37.64 -18.94 32.52
CA GLU L 157 36.93 -20.18 32.25
C GLU L 157 37.04 -20.61 30.79
N GLU L 158 37.50 -19.73 29.90
CA GLU L 158 37.59 -20.04 28.47
C GLU L 158 39.01 -20.12 27.96
N TYR L 159 39.96 -19.44 28.60
CA TYR L 159 41.37 -19.49 28.21
C TYR L 159 42.21 -19.76 29.45
N PRO L 160 42.17 -20.99 29.97
CA PRO L 160 42.91 -21.29 31.21
C PRO L 160 44.42 -21.13 31.06
N ASP L 161 44.97 -21.44 29.89
CA ASP L 161 46.41 -21.36 29.68
C ASP L 161 46.87 -20.00 29.15
N ARG L 162 46.41 -18.93 29.80
CA ARG L 162 46.76 -17.58 29.43
C ARG L 162 47.10 -16.78 30.67
N ILE L 163 47.87 -15.72 30.47
CA ILE L 163 48.38 -14.87 31.55
C ILE L 163 47.77 -13.49 31.40
N MET L 164 47.08 -13.02 32.44
CA MET L 164 46.43 -11.72 32.41
C MET L 164 46.90 -10.87 33.58
N ASN L 165 46.98 -9.57 33.36
CA ASN L 165 47.43 -8.61 34.36
C ASN L 165 46.32 -7.61 34.66
N THR L 166 46.24 -7.17 35.90
CA THR L 166 45.27 -6.18 36.34
C THR L 166 46.01 -4.98 36.90
N PHE L 167 45.80 -3.82 36.28
CA PHE L 167 46.41 -2.57 36.74
C PHE L 167 45.41 -1.82 37.62
N SER L 168 45.09 -2.45 38.75
CA SER L 168 44.09 -1.90 39.65
C SER L 168 44.61 -0.64 40.34
N VAL L 169 43.68 0.23 40.72
CA VAL L 169 43.99 1.42 41.50
C VAL L 169 43.38 1.20 42.88
N VAL L 170 44.19 0.65 43.79
CA VAL L 170 43.75 0.26 45.13
C VAL L 170 43.45 1.52 45.93
N PRO L 171 42.45 1.50 46.82
CA PRO L 171 42.10 2.71 47.58
C PRO L 171 43.25 3.20 48.46
N SER L 172 43.01 4.37 49.07
CA SER L 172 43.99 5.11 49.84
C SER L 172 43.56 5.25 51.30
N PRO L 173 44.52 5.27 52.23
CA PRO L 173 44.16 5.38 53.66
C PRO L 173 43.74 6.77 54.10
N LYS L 174 44.42 7.81 53.60
CA LYS L 174 44.21 9.15 54.12
C LYS L 174 42.86 9.71 53.71
N VAL L 175 42.48 9.55 52.43
CA VAL L 175 41.25 10.10 51.91
C VAL L 175 40.48 8.97 51.21
N SER L 176 39.16 8.99 51.34
CA SER L 176 38.28 8.04 50.69
C SER L 176 37.47 8.76 49.64
N ASP L 177 37.56 8.29 48.39
CA ASP L 177 36.78 8.90 47.31
C ASP L 177 35.31 8.52 47.41
N THR L 178 35.02 7.33 47.93
CA THR L 178 33.65 6.88 48.14
C THR L 178 33.50 6.38 49.57
N VAL L 179 32.31 6.59 50.14
CA VAL L 179 32.10 6.23 51.54
C VAL L 179 32.16 4.71 51.72
N VAL L 180 31.46 3.97 50.87
CA VAL L 180 31.50 2.50 50.94
C VAL L 180 32.62 2.06 49.99
N GLU L 181 33.85 2.22 50.46
CA GLU L 181 35.03 1.66 49.79
C GLU L 181 35.35 0.24 50.24
N PRO L 182 35.42 -0.04 51.55
CA PRO L 182 35.88 -1.38 51.97
C PRO L 182 35.00 -2.51 51.49
N TYR L 183 33.68 -2.30 51.37
CA TYR L 183 32.80 -3.37 50.91
C TYR L 183 33.14 -3.77 49.49
N ASN L 184 33.41 -2.80 48.61
CA ASN L 184 33.75 -3.11 47.23
C ASN L 184 35.15 -3.69 47.10
N ALA L 185 36.12 -3.14 47.85
CA ALA L 185 37.50 -3.60 47.73
C ALA L 185 37.66 -5.02 48.27
N THR L 186 37.04 -5.32 49.42
CA THR L 186 37.17 -6.65 49.99
C THR L 186 36.52 -7.71 49.10
N LEU L 187 35.36 -7.39 48.52
CA LEU L 187 34.66 -8.34 47.68
C LEU L 187 35.37 -8.57 46.35
N SER L 188 36.19 -7.62 45.91
CA SER L 188 36.89 -7.78 44.64
C SER L 188 38.20 -8.55 44.80
N ILE L 189 38.93 -8.29 45.90
CA ILE L 189 40.20 -8.97 46.12
C ILE L 189 39.99 -10.46 46.31
N HIS L 190 38.87 -10.84 46.95
CA HIS L 190 38.55 -12.24 47.14
C HIS L 190 38.41 -12.98 45.81
N GLN L 191 38.12 -12.26 44.73
CA GLN L 191 38.06 -12.85 43.40
C GLN L 191 39.33 -12.64 42.58
N LEU L 192 40.03 -11.53 42.80
CA LEU L 192 41.27 -11.28 42.08
C LEU L 192 42.39 -12.20 42.56
N VAL L 193 42.26 -12.75 43.77
CA VAL L 193 43.30 -13.62 44.31
C VAL L 193 43.24 -15.02 43.72
N GLU L 194 42.20 -15.34 42.95
CA GLU L 194 42.00 -16.69 42.44
C GLU L 194 42.19 -16.81 40.93
N ASN L 195 41.86 -15.78 40.16
CA ASN L 195 41.87 -15.85 38.70
C ASN L 195 42.72 -14.75 38.10
N THR L 196 43.91 -14.54 38.64
CA THR L 196 44.82 -13.52 38.13
C THR L 196 46.24 -13.94 38.41
N ASP L 197 47.12 -13.78 37.41
CA ASP L 197 48.50 -14.23 37.55
C ASP L 197 49.37 -13.21 38.28
N GLU L 198 49.39 -11.96 37.82
CA GLU L 198 50.00 -10.89 38.62
C GLU L 198 49.09 -9.68 38.61
N THR L 199 49.17 -8.91 39.69
CA THR L 199 48.39 -7.68 39.86
C THR L 199 49.32 -6.56 40.32
N TYR L 200 49.23 -5.42 39.66
CA TYR L 200 50.02 -4.23 40.00
C TYR L 200 49.10 -3.26 40.75
N CYS L 201 49.39 -3.04 42.03
CA CYS L 201 48.60 -2.14 42.87
C CYS L 201 49.17 -0.74 42.81
N ILE L 202 48.30 0.24 42.60
CA ILE L 202 48.68 1.64 42.48
C ILE L 202 47.79 2.48 43.38
N ASP L 203 48.39 3.38 44.15
CA ASP L 203 47.65 4.31 44.99
C ASP L 203 47.42 5.61 44.22
N ASN L 204 46.77 6.58 44.88
CA ASN L 204 46.48 7.87 44.27
C ASN L 204 47.26 9.01 44.89
N GLU L 205 47.35 9.07 46.23
CA GLU L 205 48.13 10.13 46.86
C GLU L 205 49.63 9.87 46.74
N ALA L 206 50.03 8.59 46.65
CA ALA L 206 51.44 8.29 46.39
C ALA L 206 51.86 8.82 45.03
N LEU L 207 50.90 9.01 44.12
CA LEU L 207 51.17 9.70 42.87
C LEU L 207 51.13 11.21 43.03
N TYR L 208 50.42 11.70 44.05
CA TYR L 208 50.40 13.15 44.30
C TYR L 208 51.71 13.61 44.92
N ASP L 209 52.24 12.85 45.88
CA ASP L 209 53.51 13.21 46.50
C ASP L 209 54.65 13.17 45.48
N ILE L 210 54.64 12.17 44.60
CA ILE L 210 55.66 12.11 43.55
C ILE L 210 55.56 13.32 42.63
N CYS L 211 54.34 13.71 42.27
CA CYS L 211 54.13 14.89 41.43
C CYS L 211 54.38 16.19 42.18
N PHE L 212 54.54 16.15 43.50
CA PHE L 212 54.73 17.36 44.30
C PHE L 212 56.19 17.60 44.63
N ARG L 213 56.85 16.65 45.29
CA ARG L 213 58.21 16.86 45.76
C ARG L 213 59.26 16.48 44.72
N THR L 214 58.92 15.61 43.76
CA THR L 214 59.87 15.18 42.75
C THR L 214 59.66 15.89 41.42
N LEU L 215 58.44 15.81 40.88
CA LEU L 215 58.14 16.48 39.61
C LEU L 215 57.99 17.98 39.78
N LYS L 216 57.83 18.46 41.02
CA LYS L 216 57.70 19.88 41.32
C LYS L 216 56.51 20.51 40.56
N LEU L 217 55.32 20.00 40.85
CA LEU L 217 54.08 20.49 40.28
C LEU L 217 53.17 20.95 41.40
N ALA L 218 52.51 22.09 41.20
CA ALA L 218 51.64 22.66 42.23
C ALA L 218 50.20 22.19 42.12
N THR L 219 49.67 22.09 40.89
CA THR L 219 48.28 21.68 40.66
C THR L 219 48.28 20.52 39.67
N PRO L 220 48.56 19.31 40.14
CA PRO L 220 48.55 18.14 39.26
C PRO L 220 47.13 17.62 39.06
N THR L 221 46.60 17.78 37.85
CA THR L 221 45.29 17.28 37.51
C THR L 221 45.38 15.78 37.23
N TYR L 222 44.27 15.18 36.80
CA TYR L 222 44.27 13.77 36.45
C TYR L 222 44.94 13.51 35.10
N GLY L 223 45.10 14.54 34.28
CA GLY L 223 45.86 14.37 33.05
C GLY L 223 47.33 14.10 33.30
N ASP L 224 47.92 14.79 34.27
CA ASP L 224 49.31 14.57 34.64
C ASP L 224 49.48 13.39 35.59
N LEU L 225 48.39 12.78 36.04
CA LEU L 225 48.47 11.60 36.91
C LEU L 225 48.40 10.31 36.12
N ASN L 226 47.48 10.24 35.16
CA ASN L 226 47.39 9.05 34.30
C ASN L 226 48.57 8.97 33.32
N HIS L 227 49.20 10.10 33.02
CA HIS L 227 50.40 10.08 32.17
C HIS L 227 51.54 9.36 32.87
N LEU L 228 51.63 9.48 34.19
CA LEU L 228 52.71 8.83 34.92
C LEU L 228 52.47 7.33 35.06
N VAL L 229 51.20 6.91 35.18
CA VAL L 229 50.89 5.49 35.25
C VAL L 229 51.13 4.82 33.90
N SER L 230 50.77 5.51 32.81
CA SER L 230 50.88 4.92 31.48
C SER L 230 52.32 4.59 31.13
N ALA L 231 53.28 5.40 31.60
CA ALA L 231 54.69 5.12 31.33
C ALA L 231 55.12 3.80 31.96
N THR L 232 54.66 3.54 33.20
CA THR L 232 54.95 2.25 33.82
C THR L 232 54.24 1.13 33.08
N MET L 233 53.00 1.36 32.64
CA MET L 233 52.25 0.33 31.91
C MET L 233 52.93 -0.02 30.59
N SER L 234 53.54 0.97 29.93
CA SER L 234 54.21 0.71 28.66
C SER L 234 55.64 0.20 28.83
N GLY L 235 56.18 0.23 30.06
CA GLY L 235 57.52 -0.27 30.26
C GLY L 235 57.61 -1.77 30.41
N VAL L 236 56.54 -2.40 30.88
CA VAL L 236 56.54 -3.85 31.03
C VAL L 236 56.50 -4.54 29.68
N THR L 237 55.66 -4.04 28.76
CA THR L 237 55.45 -4.68 27.47
C THR L 237 56.62 -4.46 26.51
N THR L 238 57.39 -3.39 26.68
CA THR L 238 58.37 -2.98 25.68
C THR L 238 59.46 -4.01 25.45
N SER L 239 59.62 -4.98 26.35
CA SER L 239 60.65 -5.99 26.15
C SER L 239 60.34 -6.89 24.97
N LEU L 240 59.06 -7.19 24.74
CA LEU L 240 58.64 -8.05 23.65
C LEU L 240 58.18 -7.27 22.42
N ARG L 241 58.35 -5.95 22.41
CA ARG L 241 58.03 -5.14 21.26
C ARG L 241 59.26 -4.65 20.49
N PHE L 242 60.41 -4.61 21.15
CA PHE L 242 61.65 -4.12 20.55
C PHE L 242 62.78 -5.07 20.87
N PRO L 243 63.77 -5.18 19.98
CA PRO L 243 64.93 -6.04 20.27
C PRO L 243 65.76 -5.47 21.40
N GLY L 244 66.41 -6.37 22.14
CA GLY L 244 67.23 -5.96 23.26
C GLY L 244 68.33 -6.97 23.53
N GLN L 245 69.29 -6.54 24.35
CA GLN L 245 70.41 -7.40 24.70
C GLN L 245 69.96 -8.59 25.53
N LEU L 246 69.07 -8.36 26.50
CA LEU L 246 68.55 -9.41 27.38
C LEU L 246 67.03 -9.24 27.43
N ASN L 247 66.33 -9.98 26.57
CA ASN L 247 64.89 -9.80 26.42
C ASN L 247 64.13 -10.46 27.56
N ALA L 248 62.90 -9.99 27.76
CA ALA L 248 61.96 -10.57 28.70
C ALA L 248 60.57 -10.51 28.08
N ASP L 249 59.57 -11.01 28.79
CA ASP L 249 58.20 -10.98 28.30
C ASP L 249 57.25 -11.10 29.50
N LEU L 250 55.95 -11.12 29.19
CA LEU L 250 54.94 -11.17 30.25
C LEU L 250 55.04 -12.45 31.05
N ARG L 251 55.21 -13.59 30.38
CA ARG L 251 55.31 -14.86 31.10
C ARG L 251 56.63 -14.99 31.84
N LYS L 252 57.70 -14.38 31.32
CA LYS L 252 59.00 -14.48 31.97
C LYS L 252 58.98 -13.82 33.34
N LEU L 253 58.29 -12.68 33.46
CA LEU L 253 58.21 -11.99 34.74
C LEU L 253 57.43 -12.80 35.76
N ALA L 254 56.30 -13.40 35.34
CA ALA L 254 55.45 -14.11 36.29
C ALA L 254 56.17 -15.28 36.95
N VAL L 255 57.15 -15.87 36.26
CA VAL L 255 57.91 -16.96 36.85
C VAL L 255 58.80 -16.44 37.98
N ASN L 256 59.49 -15.32 37.74
CA ASN L 256 60.45 -14.80 38.70
C ASN L 256 59.80 -14.08 39.88
N MET L 257 58.71 -13.36 39.65
CA MET L 257 58.15 -12.49 40.68
C MET L 257 57.08 -13.16 41.54
N VAL L 258 56.64 -14.36 41.21
CA VAL L 258 55.55 -14.99 41.94
C VAL L 258 56.04 -16.30 42.55
N PRO L 259 56.67 -16.28 43.72
CA PRO L 259 57.11 -17.53 44.34
C PRO L 259 55.97 -18.46 44.71
N PHE L 260 54.82 -17.93 45.09
CA PHE L 260 53.69 -18.74 45.54
C PHE L 260 52.42 -18.25 44.87
N PRO L 261 51.44 -19.14 44.66
CA PRO L 261 50.29 -18.77 43.81
C PRO L 261 49.47 -17.61 44.33
N ARG L 262 49.49 -17.33 45.63
CA ARG L 262 48.69 -16.25 46.18
C ARG L 262 49.46 -14.94 46.35
N LEU L 263 50.79 -14.98 46.31
CA LEU L 263 51.62 -13.81 46.57
C LEU L 263 52.02 -13.15 45.25
N HIS L 264 51.05 -12.47 44.63
CA HIS L 264 51.25 -11.82 43.34
C HIS L 264 50.68 -10.41 43.33
N PHE L 265 50.97 -9.64 44.38
CA PHE L 265 50.57 -8.24 44.47
C PHE L 265 51.83 -7.39 44.49
N PHE L 266 52.07 -6.65 43.42
CA PHE L 266 53.34 -5.96 43.20
C PHE L 266 53.20 -4.47 43.46
N MET L 267 54.35 -3.81 43.52
CA MET L 267 54.42 -2.36 43.69
C MET L 267 55.31 -1.80 42.60
N PRO L 268 54.77 -1.08 41.63
CA PRO L 268 55.57 -0.57 40.51
C PRO L 268 56.38 0.65 40.90
N GLY L 269 57.11 1.18 39.92
CA GLY L 269 57.95 2.35 40.11
C GLY L 269 58.54 2.83 38.80
N PHE L 270 59.06 4.06 38.78
CA PHE L 270 59.59 4.64 37.55
C PHE L 270 60.78 5.54 37.87
N ALA L 271 61.66 5.70 36.88
CA ALA L 271 62.83 6.55 36.97
C ALA L 271 63.41 6.75 35.57
N PRO L 272 63.97 7.93 35.27
CA PRO L 272 64.08 9.13 36.10
C PRO L 272 62.82 9.98 36.12
N LEU L 273 62.57 10.68 37.22
CA LEU L 273 61.48 11.64 37.32
C LEU L 273 62.08 12.96 37.76
N THR L 274 62.18 13.91 36.81
CA THR L 274 62.79 15.20 37.08
C THR L 274 61.91 16.31 36.53
N ALA L 275 61.98 17.47 37.19
CA ALA L 275 61.24 18.64 36.72
C ALA L 275 61.85 19.15 35.41
N ARG L 276 61.05 19.93 34.69
CA ARG L 276 61.50 20.48 33.42
C ARG L 276 62.68 21.44 33.61
N GLY L 277 62.62 22.27 34.65
CA GLY L 277 63.70 23.22 34.87
C GLY L 277 65.00 22.57 35.29
N SER L 278 64.93 21.52 36.10
CA SER L 278 66.10 20.92 36.73
C SER L 278 66.53 19.62 36.06
N GLN L 279 66.43 19.56 34.74
CA GLN L 279 66.91 18.39 34.00
C GLN L 279 68.28 18.60 33.39
N GLN L 280 68.80 19.83 33.38
CA GLN L 280 70.12 20.10 32.83
C GLN L 280 71.23 19.96 33.86
N TYR L 281 70.89 19.76 35.13
CA TYR L 281 71.87 19.67 36.20
C TYR L 281 72.15 18.23 36.63
N ARG L 282 71.65 17.24 35.89
CA ARG L 282 71.84 15.84 36.21
C ARG L 282 72.42 15.12 35.01
N ALA L 283 73.34 14.20 35.26
CA ALA L 283 73.92 13.37 34.22
C ALA L 283 73.12 12.07 34.12
N LEU L 284 72.48 11.85 32.97
CA LEU L 284 71.66 10.66 32.76
C LEU L 284 72.58 9.46 32.61
N THR L 285 72.66 8.64 33.67
CA THR L 285 73.55 7.49 33.68
C THR L 285 72.95 6.42 34.58
N VAL L 286 73.43 5.19 34.38
CA VAL L 286 72.89 4.05 35.13
C VAL L 286 73.05 4.19 36.64
N PRO L 287 74.20 4.63 37.17
CA PRO L 287 74.35 4.67 38.63
C PRO L 287 73.33 5.51 39.36
N GLU L 288 72.83 6.60 38.76
CA GLU L 288 71.81 7.40 39.44
C GLU L 288 70.39 6.90 39.17
N LEU L 289 70.18 6.18 38.07
CA LEU L 289 68.86 5.62 37.80
C LEU L 289 68.48 4.57 38.84
N THR L 290 69.43 3.68 39.18
CA THR L 290 69.15 2.65 40.18
C THR L 290 69.04 3.25 41.57
N GLN L 291 69.76 4.33 41.83
CA GLN L 291 69.68 4.98 43.14
C GLN L 291 68.33 5.66 43.34
N GLN L 292 67.77 6.22 42.26
CA GLN L 292 66.53 6.98 42.39
C GLN L 292 65.33 6.07 42.64
N MET L 293 65.31 4.90 42.00
CA MET L 293 64.14 4.04 42.05
C MET L 293 64.07 3.16 43.28
N PHE L 294 65.14 3.10 44.08
CA PHE L 294 65.20 2.19 45.21
C PHE L 294 64.93 2.87 46.54
N ASP L 295 64.50 4.13 46.54
CA ASP L 295 64.14 4.84 47.75
C ASP L 295 62.63 4.85 47.92
N ALA L 296 62.19 4.87 49.18
CA ALA L 296 60.77 4.80 49.48
C ALA L 296 60.01 6.02 48.98
N LYS L 297 60.69 7.14 48.76
CA LYS L 297 60.00 8.34 48.26
C LYS L 297 59.44 8.11 46.87
N ASN L 298 60.20 7.44 46.00
CA ASN L 298 59.79 7.21 44.62
C ASN L 298 59.19 5.81 44.49
N MET L 299 57.96 5.69 44.95
CA MET L 299 57.18 4.46 44.81
C MET L 299 55.71 4.81 44.64
N MET L 300 55.08 4.18 43.66
CA MET L 300 53.73 4.56 43.23
C MET L 300 52.64 3.96 44.11
N ALA L 301 52.99 3.12 45.08
CA ALA L 301 52.05 2.61 46.06
C ALA L 301 52.46 3.11 47.44
N ALA L 302 51.51 3.71 48.16
CA ALA L 302 51.82 4.33 49.44
C ALA L 302 52.06 3.29 50.51
N CYS L 303 53.18 2.56 50.41
CA CYS L 303 53.57 1.59 51.42
C CYS L 303 55.09 1.63 51.53
N ASP L 304 55.59 2.05 52.69
CA ASP L 304 57.03 2.20 52.86
C ASP L 304 57.68 0.82 52.91
N PRO L 305 58.63 0.52 52.01
CA PRO L 305 59.25 -0.80 52.02
C PRO L 305 60.08 -1.08 53.27
N ARG L 306 60.46 -0.05 54.04
CA ARG L 306 61.26 -0.28 55.23
C ARG L 306 60.52 -1.11 56.28
N HIS L 307 59.19 -1.19 56.19
CA HIS L 307 58.42 -2.02 57.10
C HIS L 307 58.35 -3.48 56.66
N GLY L 308 58.96 -3.83 55.54
CA GLY L 308 58.94 -5.19 55.05
C GLY L 308 60.21 -5.57 54.30
N ARG L 309 60.20 -6.73 53.66
CA ARG L 309 61.37 -7.23 52.93
C ARG L 309 60.97 -7.57 51.51
N TYR L 310 61.83 -7.22 50.56
CA TYR L 310 61.59 -7.55 49.16
C TYR L 310 61.75 -9.04 48.93
N LEU L 311 60.67 -9.71 48.50
CA LEU L 311 60.78 -11.11 48.14
C LEU L 311 61.57 -11.30 46.85
N THR L 312 61.06 -10.75 45.76
CA THR L 312 61.77 -10.72 44.49
C THR L 312 61.61 -9.33 43.88
N VAL L 313 62.56 -8.97 43.02
CA VAL L 313 62.61 -7.64 42.43
C VAL L 313 62.92 -7.76 40.94
N ALA L 314 62.21 -6.99 40.12
CA ALA L 314 62.50 -6.85 38.70
C ALA L 314 63.01 -5.45 38.41
N THR L 315 63.71 -5.32 37.29
CA THR L 315 64.21 -4.02 36.85
C THR L 315 64.32 -4.08 35.32
N VAL L 316 63.36 -3.45 34.64
CA VAL L 316 63.30 -3.47 33.19
C VAL L 316 63.90 -2.16 32.70
N PHE L 317 65.19 -2.18 32.41
CA PHE L 317 65.86 -1.01 31.87
C PHE L 317 65.45 -0.76 30.43
N ARG L 318 65.71 0.44 29.95
CA ARG L 318 65.48 0.82 28.57
C ARG L 318 66.66 1.63 28.09
N GLY L 319 66.53 2.22 26.90
CA GLY L 319 67.65 2.97 26.37
C GLY L 319 68.79 2.05 25.97
N ARG L 320 69.98 2.64 25.84
CA ARG L 320 71.19 1.91 25.51
C ARG L 320 72.21 2.12 26.62
N MET L 321 72.65 1.02 27.24
CA MET L 321 73.58 1.09 28.35
C MET L 321 74.62 -0.02 28.15
N SER L 322 75.44 -0.23 29.18
CA SER L 322 76.43 -1.29 29.20
C SER L 322 76.00 -2.34 30.21
N MET L 323 76.06 -3.61 29.80
CA MET L 323 75.62 -4.69 30.68
C MET L 323 76.48 -4.80 31.93
N LYS L 324 77.73 -4.37 31.86
CA LYS L 324 78.59 -4.41 33.04
C LYS L 324 78.11 -3.41 34.09
N GLU L 325 77.77 -2.19 33.67
CA GLU L 325 77.32 -1.17 34.62
C GLU L 325 76.04 -1.59 35.32
N VAL L 326 75.10 -2.17 34.58
CA VAL L 326 73.83 -2.57 35.17
C VAL L 326 74.05 -3.68 36.20
N ASP L 327 74.77 -4.73 35.83
CA ASP L 327 74.97 -5.85 36.73
C ASP L 327 75.95 -5.54 37.86
N GLU L 328 76.75 -4.48 37.71
CA GLU L 328 77.69 -4.11 38.78
C GLU L 328 76.95 -3.44 39.94
N GLN L 329 75.93 -2.64 39.64
CA GLN L 329 75.26 -1.87 40.68
C GLN L 329 74.20 -2.66 41.44
N MET L 330 73.46 -3.52 40.76
CA MET L 330 72.47 -4.32 41.46
C MET L 330 73.11 -5.29 42.45
N LEU L 331 74.39 -5.60 42.27
CA LEU L 331 75.14 -6.29 43.31
C LEU L 331 75.47 -5.34 44.45
N ALA L 332 75.87 -4.11 44.14
CA ALA L 332 76.16 -3.12 45.17
C ALA L 332 74.91 -2.77 45.96
N ILE L 333 73.78 -2.62 45.28
CA ILE L 333 72.52 -2.34 45.97
C ILE L 333 72.15 -3.49 46.89
N GLN L 334 72.28 -4.72 46.41
CA GLN L 334 71.97 -5.88 47.24
C GLN L 334 72.94 -6.01 48.41
N SER L 335 74.22 -5.75 48.17
CA SER L 335 75.22 -5.90 49.23
C SER L 335 75.10 -4.78 50.27
N LYS L 336 74.97 -3.53 49.80
CA LYS L 336 74.86 -2.41 50.73
C LYS L 336 73.54 -2.43 51.48
N ASN L 337 72.47 -2.87 50.83
CA ASN L 337 71.13 -2.84 51.39
C ASN L 337 70.58 -4.26 51.60
N SER L 338 71.40 -5.14 52.17
CA SER L 338 71.00 -6.53 52.39
C SER L 338 70.01 -6.69 53.53
N SER L 339 69.68 -5.63 54.26
CA SER L 339 68.83 -5.73 55.44
C SER L 339 67.37 -6.00 55.10
N TYR L 340 66.85 -5.46 54.00
CA TYR L 340 65.46 -5.69 53.61
C TYR L 340 65.33 -6.59 52.40
N PHE L 341 66.14 -7.64 52.33
CA PHE L 341 65.98 -8.69 51.34
C PHE L 341 65.85 -10.04 52.03
N VAL L 342 64.96 -10.89 51.51
CA VAL L 342 64.68 -12.16 52.15
C VAL L 342 65.88 -13.08 52.03
N GLU L 343 66.10 -13.89 53.08
CA GLU L 343 67.30 -14.71 53.15
C GLU L 343 67.15 -16.01 52.37
N TRP L 344 65.98 -16.63 52.40
CA TRP L 344 65.79 -17.91 51.72
C TRP L 344 65.53 -17.76 50.23
N ILE L 345 65.79 -16.58 49.66
CA ILE L 345 65.77 -16.41 48.21
C ILE L 345 67.10 -15.77 47.81
N PRO L 346 68.16 -16.56 47.61
CA PRO L 346 69.41 -15.99 47.13
C PRO L 346 69.25 -15.44 45.72
N ASN L 347 69.90 -14.30 45.48
CA ASN L 347 69.86 -13.63 44.18
C ASN L 347 68.41 -13.30 43.79
N ASN L 348 67.79 -12.44 44.58
CA ASN L 348 66.40 -12.05 44.36
C ASN L 348 66.33 -10.75 43.56
N VAL L 349 66.85 -10.80 42.34
CA VAL L 349 66.84 -9.65 41.43
C VAL L 349 66.77 -10.19 40.01
N LYS L 350 65.82 -9.66 39.22
CA LYS L 350 65.71 -9.97 37.80
C LYS L 350 65.91 -8.70 37.00
N VAL L 351 66.74 -8.76 35.98
CA VAL L 351 67.12 -7.60 35.19
C VAL L 351 66.93 -7.91 33.71
N ALA L 352 66.29 -6.99 32.99
CA ALA L 352 66.13 -7.07 31.55
C ALA L 352 66.47 -5.71 30.93
N VAL L 353 66.98 -5.75 29.70
CA VAL L 353 67.44 -4.55 29.02
C VAL L 353 66.86 -4.52 27.61
N CYS L 354 66.28 -3.39 27.24
CA CYS L 354 65.80 -3.15 25.89
C CYS L 354 66.80 -2.26 25.15
N ASP L 355 66.46 -1.85 23.94
CA ASP L 355 67.38 -1.04 23.13
C ASP L 355 66.76 0.24 22.58
N ILE L 356 65.47 0.49 22.78
CA ILE L 356 64.82 1.68 22.26
C ILE L 356 64.48 2.58 23.46
N PRO L 357 65.13 3.74 23.59
CA PRO L 357 64.81 4.64 24.70
C PRO L 357 63.43 5.26 24.53
N PRO L 358 62.81 5.69 25.63
CA PRO L 358 61.50 6.35 25.51
C PRO L 358 61.59 7.68 24.78
N ARG L 359 60.44 8.24 24.42
CA ARG L 359 60.41 9.46 23.62
C ARG L 359 60.94 10.63 24.44
N GLY L 360 62.02 11.25 23.95
CA GLY L 360 62.58 12.42 24.59
C GLY L 360 63.46 12.15 25.78
N LEU L 361 64.07 10.97 25.87
CA LEU L 361 64.94 10.64 26.98
C LEU L 361 66.06 9.74 26.49
N LYS L 362 67.23 9.89 27.11
CA LYS L 362 68.37 9.04 26.76
C LYS L 362 68.18 7.62 27.28
N MET L 363 67.73 7.49 28.53
CA MET L 363 67.52 6.18 29.11
C MET L 363 66.51 6.30 30.25
N SER L 364 65.88 5.17 30.57
CA SER L 364 64.91 5.09 31.65
C SER L 364 64.89 3.65 32.15
N SER L 365 63.95 3.35 33.04
CA SER L 365 63.79 2.01 33.56
C SER L 365 62.40 1.87 34.18
N THR L 366 62.18 0.73 34.83
CA THR L 366 60.91 0.44 35.48
C THR L 366 61.17 -0.59 36.58
N PHE L 367 60.68 -0.31 37.78
CA PHE L 367 60.95 -1.13 38.94
C PHE L 367 59.67 -1.81 39.41
N ILE L 368 59.71 -3.13 39.57
CA ILE L 368 58.57 -3.93 40.00
C ILE L 368 59.04 -4.81 41.14
N GLY L 369 58.57 -4.52 42.35
CA GLY L 369 59.00 -5.28 43.51
C GLY L 369 57.87 -5.98 44.25
N ASN L 370 58.00 -7.30 44.42
CA ASN L 370 57.02 -8.08 45.17
C ASN L 370 57.38 -8.03 46.66
N SER L 371 57.24 -6.84 47.23
CA SER L 371 57.61 -6.60 48.62
C SER L 371 56.55 -7.14 49.57
N THR L 372 56.94 -7.29 50.83
CA THR L 372 56.04 -7.71 51.89
C THR L 372 55.28 -6.55 52.52
N ALA L 373 55.71 -5.31 52.28
CA ALA L 373 55.06 -4.15 52.85
C ALA L 373 53.64 -3.97 52.35
N ILE L 374 53.25 -4.66 51.28
CA ILE L 374 51.86 -4.65 50.81
C ILE L 374 50.92 -5.18 51.89
N GLN L 375 51.43 -6.01 52.81
CA GLN L 375 50.62 -6.54 53.91
C GLN L 375 49.91 -5.43 54.66
N GLU L 376 50.59 -4.30 54.89
CA GLU L 376 50.00 -3.23 55.69
C GLU L 376 48.80 -2.58 54.99
N LEU L 377 48.63 -2.81 53.69
CA LEU L 377 47.46 -2.26 53.00
C LEU L 377 46.25 -3.16 53.16
N PHE L 378 46.44 -4.48 53.09
CA PHE L 378 45.32 -5.40 53.29
C PHE L 378 44.89 -5.44 54.75
N LYS L 379 45.83 -5.18 55.68
CA LYS L 379 45.46 -5.12 57.09
C LYS L 379 44.52 -3.95 57.35
N ARG L 380 44.77 -2.80 56.71
CA ARG L 380 43.93 -1.63 56.93
C ARG L 380 42.52 -1.83 56.36
N ILE L 381 42.43 -2.38 55.15
CA ILE L 381 41.12 -2.57 54.52
C ILE L 381 40.29 -3.55 55.32
N SER L 382 40.89 -4.65 55.76
CA SER L 382 40.19 -5.60 56.61
C SER L 382 39.79 -5.01 57.94
N GLU L 383 40.51 -3.98 58.42
CA GLU L 383 40.11 -3.29 59.64
C GLU L 383 38.87 -2.43 59.40
N GLN L 384 38.85 -1.68 58.30
CA GLN L 384 37.70 -0.85 57.99
C GLN L 384 36.46 -1.69 57.68
N PHE L 385 36.66 -2.81 56.98
CA PHE L 385 35.52 -3.67 56.65
C PHE L 385 34.89 -4.25 57.91
N THR L 386 35.70 -4.63 58.89
CA THR L 386 35.17 -5.22 60.11
C THR L 386 34.30 -4.22 60.87
N ALA L 387 34.75 -2.97 60.96
CA ALA L 387 34.01 -1.96 61.72
C ALA L 387 32.64 -1.71 61.12
N MET L 388 32.54 -1.64 59.79
CA MET L 388 31.25 -1.38 59.15
C MET L 388 30.36 -2.61 59.18
N PHE L 389 30.94 -3.80 59.03
CA PHE L 389 30.13 -5.02 58.94
C PHE L 389 29.45 -5.34 60.27
N ARG L 390 30.10 -5.02 61.39
CA ARG L 390 29.48 -5.30 62.70
C ARG L 390 28.19 -4.51 62.87
N ARG L 391 28.20 -3.24 62.48
CA ARG L 391 27.01 -2.41 62.57
C ARG L 391 26.07 -2.59 61.39
N LYS L 392 26.46 -3.38 60.39
CA LYS L 392 25.63 -3.69 59.22
C LYS L 392 25.27 -2.41 58.46
N ALA L 393 26.19 -1.45 58.44
CA ALA L 393 25.97 -0.20 57.72
C ALA L 393 26.15 -0.39 56.22
N PHE L 394 25.27 0.24 55.45
CA PHE L 394 25.28 0.22 53.99
C PHE L 394 25.10 -1.18 53.41
N LEU L 395 24.90 -2.18 54.25
CA LEU L 395 24.85 -3.57 53.81
C LEU L 395 23.53 -3.93 53.13
N HIS L 396 22.47 -3.17 53.34
CA HIS L 396 21.16 -3.62 52.90
C HIS L 396 20.82 -3.18 51.48
N TRP L 397 21.77 -2.62 50.73
CA TRP L 397 21.61 -2.52 49.28
C TRP L 397 22.51 -3.51 48.55
N TYR L 398 23.29 -4.30 49.28
CA TYR L 398 23.98 -5.45 48.72
C TYR L 398 23.15 -6.72 48.84
N THR L 399 22.44 -6.89 49.95
CA THR L 399 21.55 -8.03 50.12
C THR L 399 20.29 -7.91 49.28
N GLY L 400 19.89 -6.70 48.91
CA GLY L 400 18.69 -6.49 48.14
C GLY L 400 18.81 -6.75 46.66
N GLU L 401 20.00 -7.10 46.17
CA GLU L 401 20.21 -7.37 44.76
C GLU L 401 20.98 -8.68 44.57
N GLY L 402 20.66 -9.69 45.38
CA GLY L 402 21.19 -11.01 45.15
C GLY L 402 22.08 -11.57 46.25
N MET L 403 22.93 -10.73 46.83
CA MET L 403 23.94 -11.20 47.77
C MET L 403 23.29 -11.47 49.12
N ASP L 404 24.10 -11.88 50.10
CA ASP L 404 23.61 -12.19 51.44
C ASP L 404 24.74 -11.99 52.43
N GLU L 405 24.42 -12.13 53.72
CA GLU L 405 25.42 -11.97 54.77
C GLU L 405 26.48 -13.07 54.71
N MET L 406 26.08 -14.29 54.33
CA MET L 406 27.03 -15.40 54.30
C MET L 406 28.14 -15.15 53.28
N GLU L 407 27.84 -14.42 52.21
CA GLU L 407 28.84 -14.13 51.20
C GLU L 407 29.91 -13.19 51.75
N PHE L 408 29.49 -12.20 52.55
CA PHE L 408 30.46 -11.26 53.10
C PHE L 408 31.42 -11.93 54.06
N THR L 409 30.92 -12.78 54.95
CA THR L 409 31.76 -13.39 55.98
C THR L 409 32.77 -14.38 55.41
N GLU L 410 32.63 -14.78 54.15
CA GLU L 410 33.61 -15.63 53.48
C GLU L 410 34.64 -14.83 52.68
N ALA L 411 34.27 -13.63 52.22
CA ALA L 411 35.20 -12.76 51.52
C ALA L 411 36.15 -12.01 52.46
N GLU L 412 35.87 -12.03 53.77
CA GLU L 412 36.75 -11.42 54.74
C GLU L 412 37.65 -12.41 55.46
N SER L 413 37.17 -13.64 55.68
CA SER L 413 38.03 -14.68 56.21
C SER L 413 39.15 -15.02 55.24
N ASN L 414 38.83 -15.04 53.94
CA ASN L 414 39.86 -15.25 52.93
C ASN L 414 40.86 -14.09 52.92
N MET L 415 40.38 -12.87 53.08
CA MET L 415 41.27 -11.71 53.12
C MET L 415 42.22 -11.79 54.31
N ASN L 416 41.70 -12.17 55.48
CA ASN L 416 42.56 -12.29 56.66
C ASN L 416 43.53 -13.45 56.55
N ASP L 417 43.14 -14.51 55.84
CA ASP L 417 44.05 -15.64 55.64
C ASP L 417 45.27 -15.22 54.82
N LEU L 418 45.06 -14.39 53.80
CA LEU L 418 46.17 -13.94 52.98
C LEU L 418 47.15 -13.09 53.79
N VAL L 419 46.64 -12.24 54.68
CA VAL L 419 47.51 -11.41 55.50
C VAL L 419 48.38 -12.27 56.41
N SER L 420 47.79 -13.32 56.99
CA SER L 420 48.55 -14.19 57.88
C SER L 420 49.70 -14.87 57.16
N GLU L 421 49.46 -15.34 55.92
CA GLU L 421 50.51 -15.99 55.15
C GLU L 421 51.45 -15.00 54.48
N TYR L 422 51.06 -13.73 54.39
CA TYR L 422 51.96 -12.70 53.88
C TYR L 422 52.96 -12.23 54.92
N GLN L 423 52.71 -12.52 56.21
CA GLN L 423 53.62 -12.14 57.28
C GLN L 423 54.47 -13.30 57.78
N GLN L 424 53.94 -14.52 57.77
CA GLN L 424 54.69 -15.69 58.20
C GLN L 424 55.86 -16.01 57.28
N TYR L 425 55.90 -15.40 56.09
CA TYR L 425 57.03 -15.56 55.18
C TYR L 425 58.04 -14.44 55.29
N GLN L 426 57.66 -13.32 55.90
CA GLN L 426 58.61 -12.24 56.15
C GLN L 426 59.57 -12.58 57.29
N ASP L 427 59.05 -13.19 58.36
CA ASP L 427 59.87 -13.59 59.49
C ASP L 427 60.37 -15.02 59.39
N ALA L 428 60.02 -15.74 58.32
CA ALA L 428 60.48 -17.10 58.15
C ALA L 428 61.98 -17.13 57.89
N THR L 429 62.64 -18.16 58.42
CA THR L 429 64.07 -18.32 58.25
C THR L 429 64.40 -19.58 57.48
N MET M 1 86.42 -33.01 4.03
CA MET M 1 86.94 -34.30 4.44
C MET M 1 86.63 -34.54 5.91
N ARG M 2 86.94 -33.56 6.75
CA ARG M 2 86.63 -33.58 8.17
C ARG M 2 85.57 -32.52 8.44
N GLU M 3 84.38 -32.95 8.84
CA GLU M 3 83.24 -32.07 8.99
C GLU M 3 82.75 -32.07 10.43
N CYS M 4 82.40 -30.88 10.93
CA CYS M 4 81.77 -30.72 12.22
C CYS M 4 80.72 -29.62 12.12
N ILE M 5 79.55 -29.88 12.70
CA ILE M 5 78.43 -28.94 12.65
C ILE M 5 78.20 -28.37 14.04
N SER M 6 77.70 -27.14 14.07
CA SER M 6 77.51 -26.41 15.32
C SER M 6 76.03 -26.09 15.50
N ILE M 7 75.54 -26.28 16.73
CA ILE M 7 74.15 -26.04 17.09
C ILE M 7 74.12 -24.93 18.13
N HIS M 8 73.35 -23.89 17.86
CA HIS M 8 73.20 -22.75 18.78
C HIS M 8 71.79 -22.76 19.33
N VAL M 9 71.68 -22.83 20.66
CA VAL M 9 70.40 -22.98 21.33
C VAL M 9 70.22 -21.81 22.30
N GLY M 10 69.05 -21.19 22.25
CA GLY M 10 68.75 -20.08 23.14
C GLY M 10 69.28 -18.77 22.62
N GLN M 11 69.07 -17.73 23.43
CA GLN M 11 69.58 -16.40 23.06
C GLN M 11 71.08 -16.30 23.24
N ALA M 12 71.62 -16.92 24.28
CA ALA M 12 73.06 -16.88 24.51
C ALA M 12 73.82 -17.56 23.37
N GLY M 13 73.33 -18.72 22.92
CA GLY M 13 73.99 -19.41 21.82
C GLY M 13 73.89 -18.64 20.52
N VAL M 14 72.71 -18.09 20.21
CA VAL M 14 72.54 -17.35 18.97
C VAL M 14 73.39 -16.08 18.96
N GLN M 15 73.41 -15.36 20.09
CA GLN M 15 74.19 -14.12 20.15
C GLN M 15 75.69 -14.41 20.07
N ILE M 16 76.14 -15.48 20.71
CA ILE M 16 77.55 -15.86 20.62
C ILE M 16 77.89 -16.29 19.20
N GLY M 17 77.03 -17.12 18.61
CA GLY M 17 77.25 -17.57 17.24
C GLY M 17 77.17 -16.47 16.21
N ASN M 18 76.43 -15.40 16.51
CA ASN M 18 76.40 -14.25 15.60
C ASN M 18 77.76 -13.58 15.50
N ALA M 19 78.57 -13.68 16.55
CA ALA M 19 79.93 -13.17 16.53
C ALA M 19 80.96 -14.23 16.17
N CYS M 20 80.63 -15.51 16.35
CA CYS M 20 81.56 -16.56 15.98
C CYS M 20 81.65 -16.71 14.46
N TRP M 21 80.52 -16.68 13.77
CA TRP M 21 80.52 -16.80 12.32
C TRP M 21 80.99 -15.54 11.63
N GLU M 22 81.05 -14.41 12.34
CA GLU M 22 81.71 -13.23 11.80
C GLU M 22 83.21 -13.40 11.78
N LEU M 23 83.75 -14.28 12.62
CA LEU M 23 85.18 -14.54 12.70
C LEU M 23 85.64 -15.57 11.68
N TYR M 24 84.88 -16.65 11.49
CA TYR M 24 85.24 -17.64 10.48
C TYR M 24 85.17 -17.04 9.08
N CYS M 25 84.16 -16.21 8.82
CA CYS M 25 84.04 -15.57 7.51
C CYS M 25 85.21 -14.64 7.23
N LEU M 26 85.92 -14.19 8.26
CA LEU M 26 87.09 -13.33 8.09
C LEU M 26 88.39 -14.09 7.99
N GLU M 27 88.51 -15.22 8.69
CA GLU M 27 89.74 -16.02 8.61
C GLU M 27 89.92 -16.62 7.22
N HIS M 28 88.83 -17.09 6.62
CA HIS M 28 88.88 -17.73 5.31
C HIS M 28 88.63 -16.76 4.17
N GLY M 29 88.50 -15.47 4.47
CA GLY M 29 88.28 -14.49 3.41
C GLY M 29 86.95 -14.62 2.70
N ILE M 30 85.87 -14.86 3.44
CA ILE M 30 84.54 -15.04 2.87
C ILE M 30 83.76 -13.74 3.04
N GLN M 31 83.19 -13.24 1.96
CA GLN M 31 82.37 -12.05 2.01
C GLN M 31 81.10 -12.31 2.80
N PRO M 32 80.48 -11.27 3.36
CA PRO M 32 79.25 -11.48 4.14
C PRO M 32 78.12 -12.15 3.37
N ASP M 33 78.07 -11.97 2.05
CA ASP M 33 77.03 -12.55 1.23
C ASP M 33 77.38 -13.94 0.71
N GLY M 34 78.52 -14.49 1.11
CA GLY M 34 78.89 -15.85 0.76
C GLY M 34 79.90 -15.99 -0.37
N GLN M 35 80.12 -14.94 -1.15
CA GLN M 35 81.08 -15.01 -2.25
C GLN M 35 82.50 -14.94 -1.72
N MET M 36 83.46 -14.97 -2.65
CA MET M 36 84.87 -14.81 -2.33
C MET M 36 85.48 -13.79 -3.26
N PRO M 37 86.49 -13.03 -2.80
CA PRO M 37 87.14 -12.01 -3.62
C PRO M 37 87.91 -12.60 -4.80
N HIS M 43 98.70 -23.12 3.94
CA HIS M 43 97.47 -23.03 4.71
C HIS M 43 96.25 -23.10 3.80
N HIS M 44 96.34 -22.44 2.66
CA HIS M 44 95.26 -22.44 1.67
C HIS M 44 95.77 -23.05 0.37
N HIS M 45 95.02 -24.01 -0.16
CA HIS M 45 95.41 -24.70 -1.37
C HIS M 45 94.64 -24.18 -2.59
N ASP M 59 90.16 -28.70 1.82
CA ASP M 59 90.55 -27.29 1.85
C ASP M 59 90.28 -26.71 3.24
N SER M 60 90.43 -25.39 3.36
CA SER M 60 90.24 -24.72 4.65
C SER M 60 88.76 -24.62 5.02
N PHE M 61 87.97 -23.97 4.16
CA PHE M 61 86.57 -23.75 4.46
C PHE M 61 85.72 -25.01 4.38
N ASN M 62 86.26 -26.10 3.87
CA ASN M 62 85.45 -27.30 3.66
C ASN M 62 84.96 -27.87 4.99
N THR M 63 85.71 -27.66 6.07
CA THR M 63 85.32 -28.26 7.35
C THR M 63 84.11 -27.55 7.95
N PHE M 64 83.92 -26.27 7.66
CA PHE M 64 82.83 -25.48 8.21
C PHE M 64 81.86 -24.97 7.17
N PHE M 65 82.33 -24.57 6.01
CA PHE M 65 81.51 -23.97 4.96
C PHE M 65 81.26 -25.01 3.88
N SER M 66 80.01 -25.46 3.77
CA SER M 66 79.63 -26.31 2.65
C SER M 66 79.57 -25.47 1.38
N GLU M 67 80.04 -26.04 0.28
CA GLU M 67 80.22 -25.31 -0.97
C GLU M 67 79.11 -25.69 -1.93
N THR M 68 78.41 -24.70 -2.48
CA THR M 68 77.26 -24.91 -3.34
C THR M 68 77.70 -24.92 -4.81
N GLY M 69 76.72 -24.95 -5.72
CA GLY M 69 77.05 -24.99 -7.14
C GLY M 69 77.80 -23.75 -7.59
N ALA M 70 77.33 -22.58 -7.20
CA ALA M 70 78.03 -21.33 -7.49
C ALA M 70 79.15 -21.14 -6.48
N GLY M 71 79.75 -19.95 -6.46
CA GLY M 71 80.81 -19.66 -5.52
C GLY M 71 80.35 -19.46 -4.09
N LYS M 72 79.04 -19.49 -3.85
CA LYS M 72 78.51 -19.24 -2.51
C LYS M 72 78.83 -20.39 -1.57
N HIS M 73 79.26 -20.06 -0.36
CA HIS M 73 79.42 -21.02 0.72
C HIS M 73 78.41 -20.73 1.82
N VAL M 74 77.78 -21.78 2.33
CA VAL M 74 76.82 -21.61 3.41
C VAL M 74 77.34 -22.34 4.65
N PRO M 75 77.12 -21.79 5.84
CA PRO M 75 77.65 -22.43 7.06
C PRO M 75 76.91 -23.70 7.41
N ARG M 76 77.58 -24.54 8.18
CA ARG M 76 76.98 -25.75 8.75
C ARG M 76 76.43 -25.48 10.15
N ALA M 77 75.54 -24.50 10.24
CA ALA M 77 74.99 -24.05 11.50
C ALA M 77 73.48 -24.27 11.53
N VAL M 78 72.97 -24.57 12.72
CA VAL M 78 71.54 -24.78 12.95
C VAL M 78 71.14 -23.88 14.11
N PHE M 79 70.61 -22.70 13.78
CA PHE M 79 70.14 -21.76 14.80
C PHE M 79 68.73 -22.16 15.22
N VAL M 80 68.53 -22.41 16.50
CA VAL M 80 67.23 -22.83 17.03
C VAL M 80 66.90 -21.97 18.24
N ASP M 81 65.64 -21.52 18.31
CA ASP M 81 65.14 -20.79 19.46
C ASP M 81 63.63 -20.96 19.52
N LEU M 82 63.09 -20.75 20.72
CA LEU M 82 61.64 -20.83 20.91
C LEU M 82 60.95 -19.49 20.69
N GLU M 83 61.50 -18.42 21.25
CA GLU M 83 60.93 -17.12 20.91
C GLU M 83 61.52 -16.60 19.61
N PRO M 84 60.76 -15.81 18.85
CA PRO M 84 61.25 -15.28 17.57
C PRO M 84 61.88 -13.89 17.66
N THR M 85 62.10 -13.35 18.85
CA THR M 85 62.53 -11.95 18.97
C THR M 85 64.01 -11.76 18.65
N VAL M 86 64.79 -12.83 18.59
CA VAL M 86 66.22 -12.72 18.34
C VAL M 86 66.63 -13.28 16.98
N ILE M 87 65.89 -14.25 16.44
CA ILE M 87 66.25 -14.80 15.14
C ILE M 87 66.04 -13.76 14.04
N ASP M 88 64.95 -12.98 14.15
CA ASP M 88 64.70 -11.93 13.16
C ASP M 88 65.78 -10.87 13.14
N GLU M 89 66.55 -10.72 14.23
CA GLU M 89 67.71 -9.85 14.19
C GLU M 89 68.77 -10.40 13.25
N VAL M 90 68.96 -11.72 13.25
CA VAL M 90 69.90 -12.34 12.32
C VAL M 90 69.38 -12.25 10.90
N ARG M 91 68.08 -12.50 10.71
CA ARG M 91 67.49 -12.46 9.37
C ARG M 91 67.58 -11.07 8.76
N THR M 92 67.57 -10.03 9.60
CA THR M 92 67.58 -8.66 9.13
C THR M 92 68.99 -8.07 9.06
N GLY M 93 69.88 -8.49 9.96
CA GLY M 93 71.22 -7.94 10.04
C GLY M 93 72.08 -8.15 8.80
N THR M 94 73.34 -7.71 8.88
CA THR M 94 74.22 -7.74 7.71
C THR M 94 74.52 -9.16 7.24
N TYR M 95 74.41 -10.15 8.11
CA TYR M 95 74.63 -11.54 7.71
C TYR M 95 73.30 -12.21 7.37
N ARG M 96 72.61 -11.62 6.41
CA ARG M 96 71.31 -12.10 5.96
C ARG M 96 71.43 -13.10 4.81
N GLN M 97 72.29 -12.81 3.84
CA GLN M 97 72.43 -13.67 2.67
C GLN M 97 73.29 -14.90 2.92
N LEU M 98 73.93 -14.99 4.09
CA LEU M 98 74.86 -16.09 4.34
C LEU M 98 74.14 -17.36 4.73
N PHE M 99 73.35 -17.31 5.80
CA PHE M 99 72.75 -18.52 6.35
C PHE M 99 71.68 -19.08 5.42
N HIS M 100 71.51 -20.40 5.50
CA HIS M 100 70.45 -21.08 4.76
C HIS M 100 69.12 -20.80 5.45
N PRO M 101 68.13 -20.21 4.75
CA PRO M 101 66.90 -19.80 5.43
C PRO M 101 66.17 -20.94 6.13
N GLU M 102 66.27 -22.17 5.61
CA GLU M 102 65.61 -23.30 6.25
C GLU M 102 66.26 -23.69 7.57
N GLN M 103 67.53 -23.33 7.78
CA GLN M 103 68.22 -23.70 9.00
C GLN M 103 67.68 -22.96 10.21
N LEU M 104 67.36 -21.68 10.05
CA LEU M 104 66.94 -20.83 11.18
C LEU M 104 65.55 -21.27 11.62
N ILE M 105 65.50 -22.05 12.70
CA ILE M 105 64.25 -22.60 13.23
C ILE M 105 63.81 -21.75 14.41
N THR M 106 62.55 -21.33 14.40
CA THR M 106 61.98 -20.52 15.47
C THR M 106 60.60 -21.05 15.83
N GLY M 107 60.20 -20.81 17.07
CA GLY M 107 58.91 -21.21 17.57
C GLY M 107 57.93 -20.07 17.63
N LYS M 108 57.05 -20.12 18.63
CA LYS M 108 56.04 -19.09 18.84
C LYS M 108 56.25 -18.29 20.12
N GLU M 109 56.41 -18.97 21.25
CA GLU M 109 56.65 -18.32 22.53
C GLU M 109 57.80 -19.02 23.25
N ASP M 110 58.50 -18.25 24.08
CA ASP M 110 59.71 -18.73 24.74
C ASP M 110 59.36 -19.66 25.90
N ALA M 111 60.41 -20.17 26.56
CA ALA M 111 60.23 -21.02 27.73
C ALA M 111 60.04 -20.22 29.01
N ALA M 112 60.26 -18.91 28.97
CA ALA M 112 60.03 -18.03 30.12
C ALA M 112 60.82 -18.47 31.34
N ASN M 113 62.10 -18.75 31.13
CA ASN M 113 63.04 -19.14 32.18
C ASN M 113 62.58 -20.37 32.95
N ASN M 114 61.78 -21.23 32.32
CA ASN M 114 61.25 -22.43 32.95
C ASN M 114 61.87 -23.65 32.30
N TYR M 115 62.39 -24.56 33.13
CA TYR M 115 62.97 -25.79 32.59
C TYR M 115 61.88 -26.72 32.08
N ALA M 116 60.75 -26.78 32.78
CA ALA M 116 59.66 -27.66 32.37
C ALA M 116 59.07 -27.25 31.03
N ARG M 117 58.87 -25.95 30.81
CA ARG M 117 58.25 -25.49 29.57
C ARG M 117 59.10 -25.81 28.35
N GLY M 118 60.41 -25.62 28.45
CA GLY M 118 61.31 -25.85 27.34
C GLY M 118 61.83 -27.26 27.21
N HIS M 119 61.34 -28.20 28.00
CA HIS M 119 61.81 -29.59 27.95
C HIS M 119 60.69 -30.62 27.90
N TYR M 120 59.47 -30.29 28.32
CA TYR M 120 58.38 -31.25 28.37
C TYR M 120 57.19 -30.90 27.50
N THR M 121 56.78 -29.64 27.45
CA THR M 121 55.54 -29.25 26.79
C THR M 121 55.78 -28.41 25.53
N ILE M 122 56.48 -27.29 25.65
CA ILE M 122 56.63 -26.39 24.52
C ILE M 122 57.76 -26.84 23.60
N GLY M 123 58.88 -27.29 24.17
CA GLY M 123 60.00 -27.73 23.35
C GLY M 123 59.78 -29.06 22.67
N LYS M 124 58.75 -29.80 23.05
CA LYS M 124 58.45 -31.09 22.41
C LYS M 124 57.71 -30.93 21.09
N GLU M 125 57.15 -29.75 20.81
CA GLU M 125 56.44 -29.50 19.56
C GLU M 125 57.37 -29.02 18.46
N ILE M 126 58.67 -28.90 18.73
CA ILE M 126 59.64 -28.42 17.75
C ILE M 126 60.84 -29.34 17.60
N ILE M 127 61.07 -30.26 18.54
CA ILE M 127 62.27 -31.10 18.51
C ILE M 127 62.32 -31.95 17.25
N ASP M 128 61.16 -32.40 16.77
CA ASP M 128 61.14 -33.24 15.58
C ASP M 128 61.58 -32.48 14.34
N LEU M 129 61.24 -31.19 14.25
CA LEU M 129 61.68 -30.39 13.12
C LEU M 129 63.19 -30.16 13.16
N VAL M 130 63.74 -29.96 14.36
CA VAL M 130 65.18 -29.67 14.49
C VAL M 130 65.99 -30.89 14.06
N LEU M 131 65.59 -32.08 14.51
CA LEU M 131 66.35 -33.28 14.17
C LEU M 131 66.32 -33.58 12.68
N ASP M 132 65.27 -33.14 11.98
CA ASP M 132 65.21 -33.30 10.53
C ASP M 132 66.32 -32.51 9.85
N ARG M 133 66.57 -31.29 10.32
CA ARG M 133 67.64 -30.48 9.74
C ARG M 133 69.02 -31.06 10.04
N ILE M 134 69.19 -31.63 11.23
CA ILE M 134 70.48 -32.24 11.58
C ILE M 134 70.77 -33.43 10.67
N ARG M 135 69.77 -34.28 10.44
CA ARG M 135 69.96 -35.42 9.56
C ARG M 135 70.23 -34.99 8.13
N LYS M 136 69.53 -33.95 7.66
CA LYS M 136 69.77 -33.43 6.32
C LYS M 136 71.15 -32.81 6.18
N LEU M 137 71.80 -32.45 7.28
CA LEU M 137 73.15 -31.89 7.25
C LEU M 137 74.22 -32.97 7.40
N ALA M 138 73.99 -33.95 8.27
CA ALA M 138 74.97 -35.01 8.47
C ALA M 138 75.08 -35.91 7.25
N ASP M 139 73.95 -36.15 6.57
CA ASP M 139 73.96 -37.04 5.41
C ASP M 139 74.70 -36.42 4.23
N GLN M 140 74.71 -35.09 4.13
CA GLN M 140 75.40 -34.44 3.03
C GLN M 140 76.91 -34.54 3.17
N CYS M 141 77.40 -34.56 4.40
CA CYS M 141 78.83 -34.65 4.67
C CYS M 141 79.27 -36.10 4.81
N THR M 142 80.57 -36.31 4.72
CA THR M 142 81.16 -37.66 4.73
C THR M 142 82.00 -37.95 5.96
N GLY M 143 82.82 -37.01 6.40
CA GLY M 143 83.73 -37.25 7.50
C GLY M 143 83.34 -36.57 8.79
N LEU M 144 82.06 -36.65 9.15
CA LEU M 144 81.55 -35.97 10.33
C LEU M 144 82.33 -36.37 11.57
N GLN M 145 82.78 -35.38 12.33
CA GLN M 145 83.56 -35.61 13.56
C GLN M 145 82.69 -35.50 14.81
N GLY M 146 82.02 -34.37 14.99
CA GLY M 146 81.23 -34.17 16.19
C GLY M 146 80.45 -32.89 16.12
N PHE M 147 79.71 -32.63 17.20
CA PHE M 147 78.82 -31.48 17.29
C PHE M 147 79.36 -30.48 18.31
N LEU M 148 79.16 -29.19 18.02
CA LEU M 148 79.46 -28.12 18.97
C LEU M 148 78.15 -27.45 19.37
N VAL M 149 77.90 -27.39 20.66
CA VAL M 149 76.64 -26.85 21.20
C VAL M 149 76.96 -25.60 21.99
N PHE M 150 76.37 -24.48 21.59
CA PHE M 150 76.50 -23.21 22.30
C PHE M 150 75.19 -22.93 23.00
N HIS M 151 75.18 -23.06 24.33
CA HIS M 151 73.97 -22.87 25.11
C HIS M 151 74.32 -22.34 26.48
N SER M 152 73.36 -21.69 27.11
CA SER M 152 73.54 -21.14 28.45
C SER M 152 73.15 -22.19 29.48
N PHE M 153 73.06 -21.79 30.74
CA PHE M 153 72.68 -22.67 31.83
C PHE M 153 71.51 -22.16 32.66
N GLY M 154 71.30 -20.85 32.73
CA GLY M 154 70.21 -20.29 33.50
C GLY M 154 68.93 -20.04 32.75
N GLY M 155 68.94 -20.18 31.43
CA GLY M 155 67.77 -19.91 30.62
C GLY M 155 66.78 -21.08 30.64
N GLY M 156 65.68 -20.87 29.91
CA GLY M 156 64.66 -21.89 29.81
C GLY M 156 64.84 -22.78 28.60
N THR M 157 65.00 -22.19 27.42
CA THR M 157 65.26 -22.95 26.21
C THR M 157 66.75 -23.16 25.95
N GLY M 158 67.62 -22.53 26.73
CA GLY M 158 69.04 -22.73 26.59
C GLY M 158 69.56 -23.75 27.59
N SER M 159 68.69 -24.18 28.49
CA SER M 159 69.04 -25.15 29.51
C SER M 159 68.08 -26.34 29.59
N GLY M 160 66.86 -26.19 29.07
CA GLY M 160 65.92 -27.29 29.08
C GLY M 160 65.72 -27.91 27.72
N PHE M 161 65.89 -27.11 26.67
CA PHE M 161 65.77 -27.61 25.30
C PHE M 161 67.06 -28.26 24.80
N THR M 162 68.21 -27.68 25.18
CA THR M 162 69.48 -28.30 24.79
C THR M 162 69.72 -29.62 25.50
N SER M 163 69.07 -29.84 26.64
CA SER M 163 69.13 -31.14 27.30
C SER M 163 68.23 -32.17 26.62
N LEU M 164 67.29 -31.73 25.80
CA LEU M 164 66.50 -32.64 24.97
C LEU M 164 67.23 -33.04 23.70
N LEU M 165 68.14 -32.20 23.21
CA LEU M 165 68.90 -32.53 22.00
C LEU M 165 69.90 -33.64 22.24
N MET M 166 70.61 -33.63 23.38
CA MET M 166 71.60 -34.66 23.64
C MET M 166 70.96 -36.04 23.79
N GLU M 167 69.79 -36.10 24.43
CA GLU M 167 69.09 -37.38 24.53
C GLU M 167 68.70 -37.92 23.17
N ARG M 168 68.52 -37.04 22.18
CA ARG M 168 68.16 -37.47 20.84
C ARG M 168 69.37 -37.62 19.92
N LEU M 169 70.36 -36.73 20.04
CA LEU M 169 71.55 -36.84 19.21
C LEU M 169 72.39 -38.06 19.58
N SER M 170 72.48 -38.37 20.89
CA SER M 170 73.26 -39.52 21.33
C SER M 170 72.64 -40.84 20.94
N VAL M 171 71.39 -40.83 20.48
CA VAL M 171 70.73 -42.06 20.04
C VAL M 171 70.87 -42.25 18.54
N ASP M 172 70.61 -41.20 17.75
CA ASP M 172 70.76 -41.30 16.31
C ASP M 172 72.21 -41.55 15.93
N TYR M 173 73.15 -40.84 16.56
CA TYR M 173 74.57 -41.02 16.34
C TYR M 173 75.17 -41.57 17.64
N GLY M 174 75.67 -42.80 17.58
CA GLY M 174 76.10 -43.52 18.76
C GLY M 174 77.25 -42.89 19.53
N LYS M 175 78.44 -42.88 18.93
CA LYS M 175 79.66 -42.44 19.61
C LYS M 175 80.33 -41.35 18.77
N LYS M 176 80.01 -40.10 19.06
CA LYS M 176 80.67 -38.95 18.46
C LYS M 176 80.95 -37.92 19.54
N SER M 177 82.05 -37.20 19.39
CA SER M 177 82.41 -36.17 20.36
C SER M 177 81.37 -35.06 20.34
N LYS M 178 80.94 -34.64 21.52
CA LYS M 178 79.91 -33.61 21.67
C LYS M 178 80.43 -32.55 22.63
N LEU M 179 81.17 -31.58 22.10
CA LEU M 179 81.68 -30.49 22.91
C LEU M 179 80.59 -29.47 23.19
N GLU M 180 80.70 -28.82 24.34
CA GLU M 180 79.76 -27.77 24.73
C GLU M 180 80.54 -26.53 25.13
N PHE M 181 79.89 -25.38 24.99
CA PHE M 181 80.43 -24.10 25.45
C PHE M 181 79.34 -23.43 26.27
N SER M 182 79.30 -23.76 27.55
CA SER M 182 78.25 -23.30 28.44
C SER M 182 78.54 -21.88 28.93
N ILE M 183 77.61 -21.34 29.71
CA ILE M 183 77.76 -20.05 30.38
C ILE M 183 77.39 -20.29 31.83
N TYR M 184 78.39 -20.50 32.67
CA TYR M 184 78.12 -20.79 34.07
C TYR M 184 77.50 -19.57 34.76
N PRO M 185 76.51 -19.77 35.62
CA PRO M 185 75.97 -18.64 36.39
C PRO M 185 77.01 -18.14 37.40
N ALA M 186 77.25 -16.84 37.38
CA ALA M 186 78.26 -16.23 38.23
C ALA M 186 77.78 -16.20 39.68
N PRO M 187 78.71 -16.12 40.64
CA PRO M 187 78.31 -16.10 42.06
C PRO M 187 77.52 -14.88 42.45
N GLN M 188 78.03 -13.69 42.11
CA GLN M 188 77.39 -12.43 42.50
C GLN M 188 76.52 -11.87 41.38
N VAL M 189 77.10 -11.65 40.20
CA VAL M 189 76.35 -11.09 39.08
C VAL M 189 75.48 -12.19 38.47
N SER M 190 74.17 -11.96 38.45
CA SER M 190 73.25 -12.94 37.89
C SER M 190 71.91 -12.26 37.63
N THR M 191 71.23 -12.71 36.57
CA THR M 191 69.99 -12.08 36.13
C THR M 191 68.74 -12.85 36.57
N ALA M 192 68.70 -14.15 36.31
CA ALA M 192 67.52 -14.93 36.66
C ALA M 192 67.43 -15.12 38.18
N VAL M 193 66.24 -15.52 38.63
CA VAL M 193 65.99 -15.74 40.04
C VAL M 193 65.92 -17.25 40.30
N VAL M 194 65.59 -18.01 39.26
CA VAL M 194 65.46 -19.46 39.38
C VAL M 194 66.65 -20.13 38.72
N GLU M 195 67.77 -19.42 38.64
CA GLU M 195 68.98 -20.00 38.07
C GLU M 195 69.44 -21.28 38.79
N PRO M 196 69.45 -21.36 40.13
CA PRO M 196 69.83 -22.64 40.76
C PRO M 196 68.94 -23.80 40.37
N TYR M 197 67.67 -23.54 40.05
CA TYR M 197 66.77 -24.62 39.66
C TYR M 197 67.08 -25.15 38.28
N ASN M 198 67.36 -24.25 37.32
CA ASN M 198 67.62 -24.69 35.96
C ASN M 198 68.97 -25.36 35.83
N SER M 199 69.99 -24.86 36.53
CA SER M 199 71.33 -25.39 36.35
C SER M 199 71.47 -26.79 36.95
N ILE M 200 70.87 -27.02 38.12
CA ILE M 200 70.97 -28.34 38.75
C ILE M 200 70.27 -29.40 37.90
N LEU M 201 69.08 -29.08 37.39
CA LEU M 201 68.34 -30.04 36.59
C LEU M 201 69.05 -30.35 35.28
N THR M 202 69.67 -29.33 34.67
CA THR M 202 70.36 -29.54 33.39
C THR M 202 71.60 -30.41 33.58
N THR M 203 72.40 -30.12 34.61
CA THR M 203 73.65 -30.85 34.81
C THR M 203 73.38 -32.33 35.07
N HIS M 204 72.35 -32.65 35.86
CA HIS M 204 72.04 -34.04 36.16
C HIS M 204 71.64 -34.80 34.90
N THR M 205 71.02 -34.14 33.93
CA THR M 205 70.55 -34.82 32.74
C THR M 205 71.59 -34.89 31.63
N THR M 206 72.41 -33.85 31.49
CA THR M 206 73.45 -33.81 30.46
C THR M 206 74.76 -34.44 30.91
N LEU M 207 74.82 -34.96 32.15
CA LEU M 207 76.05 -35.54 32.66
C LEU M 207 76.41 -36.85 31.98
N GLU M 208 75.47 -37.48 31.28
CA GLU M 208 75.71 -38.77 30.66
C GLU M 208 75.80 -38.71 29.14
N HIS M 209 75.32 -37.64 28.51
CA HIS M 209 75.32 -37.53 27.05
C HIS M 209 76.26 -36.43 26.55
N SER M 210 77.31 -36.11 27.31
CA SER M 210 78.27 -35.09 26.93
C SER M 210 79.68 -35.65 27.05
N ASP M 211 80.58 -35.18 26.19
CA ASP M 211 81.96 -35.64 26.18
C ASP M 211 82.92 -34.66 26.85
N CYS M 212 82.72 -33.37 26.66
CA CYS M 212 83.58 -32.36 27.26
C CYS M 212 82.83 -31.03 27.28
N ALA M 213 82.56 -30.51 28.47
CA ALA M 213 81.76 -29.31 28.66
C ALA M 213 82.66 -28.18 29.16
N PHE M 214 83.06 -27.29 28.25
CA PHE M 214 83.82 -26.11 28.64
C PHE M 214 82.93 -25.11 29.35
N MET M 215 83.40 -24.57 30.46
CA MET M 215 82.66 -23.56 31.22
C MET M 215 83.29 -22.18 31.03
N VAL M 216 82.43 -21.19 30.88
CA VAL M 216 82.82 -19.78 30.79
C VAL M 216 81.86 -18.99 31.67
N ASP M 217 82.41 -18.08 32.47
CA ASP M 217 81.62 -17.27 33.38
C ASP M 217 81.53 -15.84 32.88
N ASN M 218 80.36 -15.21 33.11
CA ASN M 218 80.16 -13.84 32.68
C ASN M 218 80.88 -12.83 33.58
N GLU M 219 80.96 -13.12 34.89
CA GLU M 219 81.61 -12.19 35.80
C GLU M 219 83.12 -12.15 35.58
N ALA M 220 83.74 -13.30 35.33
CA ALA M 220 85.19 -13.34 35.16
C ALA M 220 85.63 -12.54 33.95
N ILE M 221 84.90 -12.64 32.84
CA ILE M 221 85.24 -11.88 31.65
C ILE M 221 85.06 -10.38 31.86
N TYR M 222 84.16 -9.99 32.77
CA TYR M 222 84.03 -8.57 33.09
C TYR M 222 85.32 -8.01 33.65
N ASP M 223 85.96 -8.75 34.57
CA ASP M 223 87.21 -8.28 35.16
C ASP M 223 88.36 -8.36 34.16
N ILE M 224 88.38 -9.41 33.34
CA ILE M 224 89.46 -9.56 32.36
C ILE M 224 89.41 -8.42 31.35
N CYS M 225 88.22 -8.08 30.87
CA CYS M 225 88.05 -7.00 29.91
C CYS M 225 88.22 -5.62 30.53
N ARG M 226 88.21 -5.52 31.86
CA ARG M 226 88.33 -4.23 32.54
C ARG M 226 89.78 -3.84 32.78
N ARG M 227 90.60 -4.77 33.30
CA ARG M 227 91.98 -4.46 33.63
C ARG M 227 92.91 -4.60 32.42
N ASN M 228 92.93 -5.80 31.81
CA ASN M 228 93.87 -6.07 30.74
C ASN M 228 93.58 -5.21 29.51
N LEU M 229 92.32 -5.19 29.06
CA LEU M 229 91.96 -4.40 27.89
C LEU M 229 91.75 -2.93 28.19
N ASP M 230 91.63 -2.56 29.47
CA ASP M 230 91.47 -1.18 29.90
C ASP M 230 90.27 -0.52 29.22
N ILE M 231 89.09 -1.07 29.51
CA ILE M 231 87.83 -0.54 28.99
C ILE M 231 86.89 -0.32 30.17
N GLU M 232 85.90 0.54 29.94
CA GLU M 232 84.96 0.92 30.99
C GLU M 232 83.52 0.50 30.71
N ARG M 233 83.15 0.28 29.45
CA ARG M 233 81.77 -0.05 29.08
C ARG M 233 81.78 -1.35 28.27
N PRO M 234 82.05 -2.49 28.92
CA PRO M 234 82.08 -3.77 28.20
C PRO M 234 80.70 -4.38 28.01
N THR M 235 79.99 -3.97 26.97
CA THR M 235 78.68 -4.53 26.68
C THR M 235 78.80 -6.01 26.30
N TYR M 236 77.64 -6.65 26.08
CA TYR M 236 77.64 -8.07 25.72
C TYR M 236 78.29 -8.32 24.37
N THR M 237 78.40 -7.31 23.51
CA THR M 237 79.11 -7.48 22.25
C THR M 237 80.61 -7.67 22.47
N ASN M 238 81.17 -7.04 23.51
CA ASN M 238 82.59 -7.19 23.77
C ASN M 238 82.90 -8.57 24.36
N LEU M 239 82.02 -9.07 25.23
CA LEU M 239 82.23 -10.39 25.82
C LEU M 239 82.13 -11.49 24.77
N ASN M 240 81.16 -11.40 23.86
CA ASN M 240 80.98 -12.43 22.85
C ASN M 240 82.13 -12.42 21.84
N ARG M 241 82.76 -11.26 21.61
CA ARG M 241 83.88 -11.20 20.69
C ARG M 241 85.12 -11.87 21.26
N LEU M 242 85.19 -11.98 22.59
CA LEU M 242 86.34 -12.61 23.23
C LEU M 242 86.13 -14.11 23.43
N ILE M 243 84.89 -14.52 23.70
CA ILE M 243 84.60 -15.95 23.82
C ILE M 243 84.83 -16.66 22.49
N SER M 244 84.51 -15.99 21.38
CA SER M 244 84.64 -16.61 20.07
C SER M 244 86.10 -16.92 19.74
N GLN M 245 87.04 -16.18 20.32
CA GLN M 245 88.45 -16.44 20.05
C GLN M 245 88.88 -17.81 20.58
N ILE M 246 88.38 -18.19 21.76
CA ILE M 246 88.70 -19.51 22.31
C ILE M 246 88.11 -20.60 21.43
N VAL M 247 86.88 -20.40 20.96
CA VAL M 247 86.23 -21.41 20.13
C VAL M 247 87.01 -21.63 18.83
N SER M 248 87.46 -20.54 18.20
CA SER M 248 88.22 -20.66 16.97
C SER M 248 89.61 -21.25 17.22
N SER M 249 90.16 -21.02 18.41
CA SER M 249 91.49 -21.55 18.72
C SER M 249 91.46 -23.07 18.90
N ILE M 250 90.35 -23.61 19.40
CA ILE M 250 90.25 -25.06 19.61
C ILE M 250 90.29 -25.79 18.28
N THR M 251 89.53 -25.31 17.29
CA THR M 251 89.45 -25.93 15.97
C THR M 251 90.43 -25.33 14.97
N ALA M 252 91.55 -24.78 15.45
CA ALA M 252 92.52 -24.18 14.55
C ALA M 252 93.32 -25.22 13.78
N SER M 253 93.59 -26.37 14.40
CA SER M 253 94.38 -27.41 13.74
C SER M 253 93.58 -28.13 12.66
N LEU M 254 92.25 -28.16 12.79
CA LEU M 254 91.43 -28.81 11.77
C LEU M 254 91.51 -28.09 10.45
N ARG M 255 91.50 -26.75 10.48
CA ARG M 255 91.43 -25.95 9.27
C ARG M 255 92.79 -25.49 8.75
N PHE M 256 93.85 -25.63 9.54
CA PHE M 256 95.17 -25.14 9.15
C PHE M 256 96.23 -26.17 9.47
N ASP M 257 97.33 -26.10 8.74
CA ASP M 257 98.47 -26.98 9.00
C ASP M 257 99.28 -26.46 10.18
N GLY M 258 100.10 -27.33 10.74
CA GLY M 258 100.92 -26.97 11.88
C GLY M 258 102.00 -27.99 12.12
N ALA M 259 102.94 -27.61 12.99
CA ALA M 259 104.05 -28.49 13.31
C ALA M 259 103.61 -29.65 14.21
N LEU M 260 102.56 -29.45 15.00
CA LEU M 260 102.06 -30.50 15.88
C LEU M 260 100.54 -30.33 15.97
N ASN M 261 99.82 -31.07 15.15
CA ASN M 261 98.37 -30.91 15.07
C ASN M 261 97.67 -31.60 16.24
N VAL M 262 96.46 -31.13 16.53
CA VAL M 262 95.63 -31.68 17.59
C VAL M 262 94.18 -31.70 17.08
N ASP M 263 93.62 -32.89 16.91
CA ASP M 263 92.26 -33.03 16.42
C ASP M 263 91.27 -32.91 17.58
N LEU M 264 89.98 -33.03 17.24
CA LEU M 264 88.94 -32.89 18.27
C LEU M 264 88.96 -34.05 19.25
N THR M 265 89.25 -35.27 18.79
CA THR M 265 89.26 -36.43 19.67
C THR M 265 90.41 -36.40 20.67
N ASN M 266 91.42 -35.55 20.43
CA ASN M 266 92.57 -35.50 21.34
C ASN M 266 92.17 -34.96 22.70
N PHE M 267 91.20 -34.04 22.74
CA PHE M 267 90.78 -33.48 24.02
C PHE M 267 90.03 -34.50 24.86
N GLN M 268 89.32 -35.43 24.23
CA GLN M 268 88.55 -36.42 24.97
C GLN M 268 89.47 -37.34 25.77
N THR M 269 90.58 -37.78 25.18
CA THR M 269 91.45 -38.76 25.79
C THR M 269 92.62 -38.14 26.56
N ASN M 270 92.66 -36.81 26.67
CA ASN M 270 93.71 -36.13 27.40
C ASN M 270 93.23 -35.29 28.56
N LEU M 271 91.97 -34.88 28.58
CA LEU M 271 91.43 -34.00 29.61
C LEU M 271 90.35 -34.66 30.46
N VAL M 272 90.03 -35.92 30.21
CA VAL M 272 88.92 -36.58 30.91
C VAL M 272 89.43 -37.86 31.57
N PRO M 273 90.09 -37.77 32.72
CA PRO M 273 90.58 -39.00 33.38
C PRO M 273 89.47 -39.95 33.78
N TYR M 274 88.30 -39.44 34.16
CA TYR M 274 87.19 -40.26 34.60
C TYR M 274 85.92 -39.85 33.87
N PRO M 275 84.97 -40.77 33.69
CA PRO M 275 83.79 -40.46 32.86
C PRO M 275 82.95 -39.31 33.39
N ARG M 276 83.00 -39.01 34.68
CA ARG M 276 82.21 -37.93 35.25
C ARG M 276 82.95 -36.61 35.35
N ILE M 277 84.28 -36.62 35.37
CA ILE M 277 85.08 -35.41 35.51
C ILE M 277 85.47 -34.98 34.10
N HIS M 278 84.61 -34.18 33.48
CA HIS M 278 84.84 -33.66 32.14
C HIS M 278 84.44 -32.20 32.06
N PHE M 279 84.88 -31.39 33.02
CA PHE M 279 84.51 -29.98 33.14
C PHE M 279 85.74 -29.10 33.16
N PRO M 280 86.42 -28.93 32.03
CA PRO M 280 87.55 -28.00 31.97
C PRO M 280 87.06 -26.56 31.89
N LEU M 281 87.99 -25.64 32.16
CA LEU M 281 87.72 -24.21 32.10
C LEU M 281 88.71 -23.56 31.15
N ALA M 282 88.21 -22.73 30.24
CA ALA M 282 89.03 -22.14 29.20
C ALA M 282 89.84 -20.97 29.72
N THR M 283 90.84 -20.58 28.94
CA THR M 283 91.70 -19.44 29.25
C THR M 283 92.38 -18.99 27.96
N TYR M 284 92.52 -17.69 27.78
CA TYR M 284 93.11 -17.12 26.58
C TYR M 284 94.19 -16.11 26.96
N ALA M 285 95.19 -15.99 26.09
CA ALA M 285 96.30 -15.07 26.29
C ALA M 285 97.02 -14.90 24.96
N PRO M 286 97.53 -13.70 24.64
CA PRO M 286 97.47 -12.46 25.42
C PRO M 286 96.23 -11.63 25.10
N VAL M 287 95.72 -10.89 26.08
CA VAL M 287 94.59 -9.99 25.89
C VAL M 287 95.07 -8.60 26.31
N ILE M 288 95.53 -7.80 25.34
CA ILE M 288 96.05 -6.47 25.61
C ILE M 288 95.39 -5.49 24.65
N SER M 289 95.41 -4.22 25.05
CA SER M 289 94.83 -3.16 24.24
C SER M 289 95.77 -2.81 23.08
N ALA M 290 95.35 -1.82 22.28
CA ALA M 290 96.16 -1.38 21.16
C ALA M 290 97.36 -0.55 21.62
N GLU M 291 97.16 0.30 22.62
CA GLU M 291 98.26 1.16 23.09
C GLU M 291 99.28 0.36 23.89
N LYS M 292 98.84 -0.61 24.69
CA LYS M 292 99.76 -1.40 25.49
C LYS M 292 100.53 -2.41 24.65
N ALA M 293 100.17 -2.62 23.39
CA ALA M 293 100.84 -3.62 22.56
C ALA M 293 102.22 -3.16 22.12
N TYR M 294 102.42 -1.85 21.96
CA TYR M 294 103.72 -1.36 21.48
C TYR M 294 104.81 -1.53 22.52
N HIS M 295 104.48 -1.41 23.80
CA HIS M 295 105.46 -1.48 24.88
C HIS M 295 105.62 -2.88 25.45
N GLU M 296 105.31 -3.91 24.68
CA GLU M 296 105.42 -5.29 25.13
C GLU M 296 106.16 -6.11 24.09
N GLN M 297 107.12 -6.93 24.53
CA GLN M 297 107.88 -7.77 23.62
C GLN M 297 107.05 -8.92 23.07
N LEU M 298 106.15 -9.47 23.88
CA LEU M 298 105.26 -10.57 23.48
C LEU M 298 106.06 -11.79 23.02
N SER M 299 106.80 -12.36 23.96
CA SER M 299 107.58 -13.56 23.73
C SER M 299 106.81 -14.81 24.17
N VAL M 300 107.28 -15.96 23.71
CA VAL M 300 106.62 -17.22 24.03
C VAL M 300 106.74 -17.52 25.53
N ALA M 301 107.86 -17.15 26.14
CA ALA M 301 108.13 -17.54 27.52
C ALA M 301 107.27 -16.79 28.54
N GLU M 302 106.57 -15.73 28.13
CA GLU M 302 105.76 -14.96 29.07
C GLU M 302 104.27 -15.09 28.83
N ILE M 303 103.82 -15.27 27.59
CA ILE M 303 102.40 -15.54 27.36
C ILE M 303 101.99 -16.86 27.99
N THR M 304 102.93 -17.80 28.11
CA THR M 304 102.68 -18.99 28.91
C THR M 304 102.49 -18.63 30.38
N ASN M 305 103.29 -17.68 30.87
CA ASN M 305 103.14 -17.21 32.25
C ASN M 305 101.86 -16.42 32.43
N ALA M 306 101.44 -15.67 31.41
CA ALA M 306 100.24 -14.85 31.52
C ALA M 306 98.99 -15.71 31.61
N CYS M 307 98.97 -16.85 30.92
CA CYS M 307 97.80 -17.72 30.92
C CYS M 307 97.67 -18.55 32.19
N PHE M 308 98.67 -18.53 33.06
CA PHE M 308 98.64 -19.34 34.27
C PHE M 308 98.34 -18.54 35.53
N GLU M 309 98.34 -17.21 35.47
CA GLU M 309 98.05 -16.43 36.64
C GLU M 309 96.57 -16.54 37.02
N PRO M 310 96.24 -16.47 38.31
CA PRO M 310 94.85 -16.67 38.73
C PRO M 310 93.90 -15.54 38.35
N ALA M 311 94.43 -14.39 37.93
CA ALA M 311 93.59 -13.26 37.54
C ALA M 311 93.21 -13.28 36.07
N ASN M 312 93.65 -14.28 35.31
CA ASN M 312 93.35 -14.37 33.89
C ASN M 312 92.44 -15.54 33.55
N GLN M 313 92.09 -16.37 34.53
CA GLN M 313 91.12 -17.43 34.30
C GLN M 313 89.75 -16.85 34.00
N MET M 314 88.99 -17.55 33.16
CA MET M 314 87.69 -17.06 32.71
C MET M 314 86.53 -17.70 33.46
N VAL M 315 86.81 -18.37 34.56
CA VAL M 315 85.78 -18.86 35.49
C VAL M 315 86.13 -18.34 36.87
N LYS M 316 85.12 -17.84 37.59
CA LYS M 316 85.37 -17.20 38.87
C LYS M 316 85.72 -18.23 39.93
N CYS M 317 86.90 -18.83 39.80
CA CYS M 317 87.45 -19.74 40.78
C CYS M 317 88.96 -19.68 40.72
N ASP M 318 89.61 -19.77 41.87
CA ASP M 318 91.06 -19.66 41.94
C ASP M 318 91.69 -21.05 41.84
N PRO M 319 92.56 -21.30 40.85
CA PRO M 319 93.19 -22.62 40.75
C PRO M 319 94.12 -22.94 41.91
N ARG M 320 94.53 -21.93 42.69
CA ARG M 320 95.44 -22.19 43.81
C ARG M 320 94.82 -23.11 44.85
N HIS M 321 93.51 -23.01 45.07
CA HIS M 321 92.87 -23.87 46.06
C HIS M 321 92.86 -25.33 45.64
N GLY M 322 92.83 -25.60 44.34
CA GLY M 322 92.78 -26.95 43.83
C GLY M 322 94.08 -27.40 43.21
N LYS M 323 94.01 -28.54 42.52
CA LYS M 323 95.14 -29.14 41.84
C LYS M 323 94.82 -29.36 40.38
N TYR M 324 95.84 -29.26 39.53
CA TYR M 324 95.68 -29.41 38.10
C TYR M 324 95.71 -30.89 37.75
N MET M 325 94.57 -31.44 37.31
CA MET M 325 94.53 -32.83 36.88
C MET M 325 95.18 -33.00 35.52
N ALA M 326 94.92 -32.08 34.60
CA ALA M 326 95.49 -32.13 33.26
C ALA M 326 95.44 -30.72 32.67
N CYS M 327 96.25 -30.51 31.63
CA CYS M 327 96.31 -29.23 30.95
C CYS M 327 96.40 -29.45 29.45
N CYS M 328 96.22 -28.37 28.69
CA CYS M 328 96.31 -28.42 27.24
C CYS M 328 96.55 -27.02 26.73
N LEU M 329 97.71 -26.78 26.12
CA LEU M 329 98.06 -25.48 25.56
C LEU M 329 98.12 -25.58 24.05
N LEU M 330 97.45 -24.66 23.36
CA LEU M 330 97.35 -24.67 21.91
C LEU M 330 97.94 -23.36 21.39
N TYR M 331 99.24 -23.35 21.14
CA TYR M 331 99.90 -22.20 20.57
C TYR M 331 99.53 -22.05 19.09
N ARG M 332 99.77 -20.85 18.56
CA ARG M 332 99.56 -20.60 17.15
C ARG M 332 100.35 -19.35 16.75
N GLY M 333 100.85 -19.35 15.52
CA GLY M 333 101.61 -18.22 15.02
C GLY M 333 103.10 -18.51 14.95
N ASP M 334 103.92 -17.47 15.05
CA ASP M 334 105.37 -17.61 15.00
C ASP M 334 105.78 -18.17 16.36
N VAL M 335 105.80 -19.50 16.46
CA VAL M 335 106.16 -20.20 17.67
C VAL M 335 107.18 -21.28 17.33
N VAL M 336 108.26 -21.32 18.08
CA VAL M 336 109.32 -22.33 17.89
C VAL M 336 109.10 -23.43 18.91
N PRO M 337 109.20 -24.71 18.52
CA PRO M 337 108.93 -25.81 19.46
C PRO M 337 110.01 -26.03 20.51
N LYS M 338 111.02 -25.17 20.60
CA LYS M 338 112.06 -25.32 21.61
C LYS M 338 111.76 -24.53 22.87
N ASP M 339 111.58 -23.21 22.75
CA ASP M 339 111.29 -22.38 23.92
C ASP M 339 109.91 -22.68 24.50
N VAL M 340 109.03 -23.33 23.74
CA VAL M 340 107.78 -23.83 24.31
C VAL M 340 108.08 -24.88 25.37
N ASN M 341 109.00 -25.80 25.08
CA ASN M 341 109.41 -26.80 26.06
C ASN M 341 110.12 -26.14 27.23
N ALA M 342 110.99 -25.16 26.96
CA ALA M 342 111.73 -24.49 28.03
C ALA M 342 110.79 -23.71 28.94
N ALA M 343 109.82 -23.00 28.37
CA ALA M 343 108.88 -22.23 29.19
C ALA M 343 108.01 -23.15 30.03
N ILE M 344 107.57 -24.27 29.47
CA ILE M 344 106.72 -25.20 30.20
C ILE M 344 107.49 -25.86 31.33
N ALA M 345 108.75 -26.20 31.10
CA ALA M 345 109.56 -26.83 32.13
C ALA M 345 109.75 -25.90 33.32
N THR M 346 109.93 -24.59 33.06
CA THR M 346 110.02 -23.62 34.15
C THR M 346 108.72 -23.55 34.93
N ILE M 347 107.59 -23.62 34.23
CA ILE M 347 106.28 -23.48 34.87
C ILE M 347 106.06 -24.59 35.89
N LYS M 348 106.43 -25.83 35.54
CA LYS M 348 106.24 -26.95 36.45
C LYS M 348 107.06 -26.77 37.72
N THR M 349 108.26 -26.19 37.61
CA THR M 349 109.13 -26.04 38.76
C THR M 349 108.57 -25.04 39.77
N LYS M 350 107.82 -24.05 39.29
CA LYS M 350 107.25 -23.05 40.20
C LYS M 350 106.25 -23.72 41.15
N ARG M 351 106.30 -23.31 42.42
CA ARG M 351 105.49 -23.93 43.46
C ARG M 351 104.11 -23.29 43.59
N SER M 352 103.80 -22.28 42.77
CA SER M 352 102.45 -21.71 42.80
C SER M 352 101.43 -22.70 42.28
N ILE M 353 101.76 -23.44 41.22
CA ILE M 353 100.89 -24.46 40.67
C ILE M 353 101.35 -25.82 41.18
N GLN M 354 100.43 -26.78 41.21
CA GLN M 354 100.73 -28.12 41.69
C GLN M 354 99.83 -29.11 40.99
N PHE M 355 100.38 -30.28 40.68
CA PHE M 355 99.65 -31.33 39.99
C PHE M 355 99.25 -32.42 40.99
N VAL M 356 98.51 -33.40 40.48
CA VAL M 356 98.08 -34.53 41.30
C VAL M 356 99.14 -35.61 41.27
N ASP M 357 99.15 -36.45 42.31
CA ASP M 357 100.19 -37.47 42.44
C ASP M 357 100.09 -38.52 41.33
N TRP M 358 98.88 -38.93 40.98
CA TRP M 358 98.69 -40.00 40.00
C TRP M 358 98.78 -39.51 38.56
N CYS M 359 99.29 -38.31 38.32
CA CYS M 359 99.46 -37.75 36.98
C CYS M 359 100.89 -37.25 36.85
N PRO M 360 101.84 -38.16 36.66
CA PRO M 360 103.25 -37.71 36.52
C PRO M 360 103.46 -36.77 35.34
N THR M 361 102.77 -36.99 34.23
CA THR M 361 102.82 -36.10 33.08
C THR M 361 101.44 -35.47 32.90
N GLY M 362 101.40 -34.15 32.86
CA GLY M 362 100.13 -33.45 32.82
C GLY M 362 100.08 -32.28 31.85
N PHE M 363 100.78 -32.38 30.72
CA PHE M 363 100.78 -31.32 29.73
C PHE M 363 100.62 -31.91 28.34
N LYS M 364 99.81 -31.24 27.52
CA LYS M 364 99.62 -31.60 26.12
C LYS M 364 99.71 -30.33 25.29
N VAL M 365 100.65 -30.31 24.34
CA VAL M 365 100.93 -29.11 23.57
C VAL M 365 100.46 -29.31 22.13
N GLY M 366 100.22 -28.19 21.45
CA GLY M 366 99.86 -28.19 20.06
C GLY M 366 100.19 -26.87 19.41
N ILE M 367 100.91 -26.90 18.29
CA ILE M 367 101.43 -25.70 17.64
C ILE M 367 100.79 -25.59 16.26
N ASN M 368 100.24 -24.42 15.97
CA ASN M 368 99.64 -24.12 14.68
C ASN M 368 100.49 -23.09 13.95
N TYR M 369 100.25 -22.96 12.64
CA TYR M 369 101.02 -22.06 11.79
C TYR M 369 100.23 -20.84 11.35
N GLN M 370 99.00 -20.67 11.84
CA GLN M 370 98.15 -19.55 11.44
C GLN M 370 98.05 -18.55 12.59
N PRO M 371 98.60 -17.35 12.46
CA PRO M 371 98.48 -16.38 13.53
C PRO M 371 97.03 -15.94 13.69
N PRO M 372 96.63 -15.59 14.92
CA PRO M 372 95.24 -15.17 15.13
C PRO M 372 94.90 -13.90 14.37
N THR M 373 93.66 -13.83 13.89
CA THR M 373 93.19 -12.68 13.13
C THR M 373 92.42 -11.72 14.04
N VAL M 374 92.25 -10.50 13.55
CA VAL M 374 91.57 -9.44 14.28
C VAL M 374 90.47 -8.87 13.40
N VAL M 375 89.26 -8.77 13.96
CA VAL M 375 88.12 -8.22 13.24
C VAL M 375 88.24 -6.69 13.23
N PRO M 376 87.72 -6.01 12.21
CA PRO M 376 87.75 -4.55 12.22
C PRO M 376 86.94 -4.00 13.39
N GLY M 377 87.45 -2.92 13.98
CA GLY M 377 86.79 -2.33 15.13
C GLY M 377 86.88 -3.13 16.40
N GLY M 378 87.70 -4.17 16.44
CA GLY M 378 87.80 -5.00 17.62
C GLY M 378 88.59 -4.34 18.73
N ASP M 379 88.31 -4.76 19.96
CA ASP M 379 89.03 -4.21 21.11
C ASP M 379 90.46 -4.73 21.16
N LEU M 380 90.68 -5.99 20.82
CA LEU M 380 92.01 -6.56 20.84
C LEU M 380 92.84 -6.04 19.66
N ALA M 381 94.15 -6.13 19.81
CA ALA M 381 95.10 -5.68 18.80
C ALA M 381 95.73 -6.88 18.10
N LYS M 382 96.31 -6.60 16.94
CA LYS M 382 96.93 -7.66 16.14
C LYS M 382 98.18 -8.20 16.85
N VAL M 383 98.27 -9.52 16.94
CA VAL M 383 99.40 -10.18 17.57
C VAL M 383 99.88 -11.30 16.66
N GLN M 384 101.11 -11.76 16.91
CA GLN M 384 101.67 -12.87 16.15
C GLN M 384 101.72 -14.17 16.94
N ARG M 385 101.40 -14.15 18.23
CA ARG M 385 101.36 -15.34 19.06
C ARG M 385 100.10 -15.32 19.91
N ALA M 386 99.61 -16.51 20.26
CA ALA M 386 98.43 -16.65 21.09
C ALA M 386 98.46 -18.00 21.78
N VAL M 387 97.80 -18.07 22.94
CA VAL M 387 97.74 -19.28 23.75
C VAL M 387 96.31 -19.48 24.21
N CYS M 388 95.78 -20.69 24.00
CA CYS M 388 94.47 -21.07 24.52
C CYS M 388 94.66 -22.29 25.42
N MET M 389 94.49 -22.11 26.72
CA MET M 389 94.79 -23.13 27.70
C MET M 389 93.47 -23.66 28.28
N LEU M 390 93.27 -24.98 28.19
CA LEU M 390 92.09 -25.65 28.71
C LEU M 390 92.55 -26.59 29.81
N SER M 391 92.25 -26.26 31.07
CA SER M 391 92.72 -27.00 32.22
C SER M 391 91.55 -27.67 32.93
N ASN M 392 91.72 -28.95 33.24
CA ASN M 392 90.77 -29.69 34.07
C ASN M 392 91.34 -29.71 35.48
N THR M 393 90.78 -28.89 36.37
CA THR M 393 91.30 -28.70 37.70
C THR M 393 90.26 -29.06 38.75
N THR M 394 90.74 -29.42 39.94
CA THR M 394 89.86 -29.72 41.06
C THR M 394 89.17 -28.48 41.61
N ALA M 395 89.74 -27.29 41.35
CA ALA M 395 89.20 -26.06 41.92
C ALA M 395 87.77 -25.78 41.47
N ILE M 396 87.31 -26.40 40.38
CA ILE M 396 85.92 -26.22 39.95
C ILE M 396 84.94 -26.90 40.89
N ALA M 397 85.42 -27.76 41.80
CA ALA M 397 84.53 -28.38 42.77
C ALA M 397 83.92 -27.37 43.73
N GLU M 398 84.57 -26.21 43.92
CA GLU M 398 83.96 -25.16 44.74
C GLU M 398 82.82 -24.48 44.01
N ALA M 399 82.77 -24.58 42.68
CA ALA M 399 81.67 -23.99 41.93
C ALA M 399 80.40 -24.81 42.06
N TRP M 400 80.52 -26.14 42.12
CA TRP M 400 79.35 -26.98 42.33
C TRP M 400 78.81 -26.84 43.74
N ALA M 401 79.69 -26.67 44.73
CA ALA M 401 79.25 -26.53 46.12
C ALA M 401 78.42 -25.26 46.31
N ARG M 402 78.84 -24.16 45.70
CA ARG M 402 78.10 -22.91 45.85
C ARG M 402 76.70 -23.03 45.23
N LEU M 403 76.61 -23.63 44.05
CA LEU M 403 75.32 -23.77 43.40
C LEU M 403 74.44 -24.79 44.13
N ASP M 404 75.05 -25.84 44.68
CA ASP M 404 74.29 -26.83 45.44
C ASP M 404 73.74 -26.26 46.74
N HIS M 405 74.37 -25.21 47.28
CA HIS M 405 73.84 -24.56 48.47
C HIS M 405 72.63 -23.70 48.13
N LYS M 406 72.67 -23.00 46.99
CA LYS M 406 71.53 -22.19 46.58
C LYS M 406 70.30 -23.06 46.31
N PHE M 407 70.49 -24.21 45.66
CA PHE M 407 69.37 -25.09 45.37
C PHE M 407 68.73 -25.61 46.65
N ASP M 408 69.54 -25.98 47.64
CA ASP M 408 69.00 -26.50 48.89
C ASP M 408 68.32 -25.42 49.72
N LEU M 409 68.71 -24.16 49.54
CA LEU M 409 68.09 -23.08 50.31
C LEU M 409 66.66 -22.81 49.84
N MET M 410 66.46 -22.74 48.53
CA MET M 410 65.13 -22.44 48.00
C MET M 410 64.20 -23.65 48.07
N TYR M 411 64.74 -24.85 47.86
CA TYR M 411 63.90 -26.04 47.86
C TYR M 411 63.40 -26.39 49.26
N ALA M 412 64.07 -25.92 50.31
CA ALA M 412 63.60 -26.18 51.67
C ALA M 412 62.23 -25.55 51.90
N LYS M 413 62.03 -24.33 51.42
CA LYS M 413 60.75 -23.65 51.52
C LYS M 413 59.86 -23.91 50.30
N ARG M 414 60.32 -24.72 49.35
CA ARG M 414 59.53 -25.10 48.17
C ARG M 414 59.12 -23.87 47.36
N ALA M 415 60.01 -22.88 47.29
CA ALA M 415 59.74 -21.69 46.51
C ALA M 415 59.87 -21.98 45.01
N PHE M 416 58.99 -21.38 44.22
CA PHE M 416 58.95 -21.45 42.76
C PHE M 416 58.67 -22.85 42.24
N VAL M 417 58.43 -23.83 43.12
CA VAL M 417 58.24 -25.21 42.68
C VAL M 417 56.94 -25.36 41.89
N HIS M 418 55.89 -24.62 42.29
CA HIS M 418 54.58 -24.78 41.69
C HIS M 418 54.58 -24.47 40.20
N TRP M 419 55.56 -23.72 39.70
CA TRP M 419 55.66 -23.49 38.26
C TRP M 419 56.19 -24.72 37.54
N TYR M 420 57.04 -25.51 38.18
CA TYR M 420 57.59 -26.71 37.54
C TYR M 420 56.65 -27.89 37.66
N VAL M 421 56.01 -28.07 38.81
CA VAL M 421 55.14 -29.23 39.03
C VAL M 421 53.94 -29.18 38.08
N GLY M 422 53.35 -28.00 37.91
CA GLY M 422 52.18 -27.87 37.07
C GLY M 422 52.45 -27.74 35.59
N GLU M 423 53.71 -27.95 35.16
CA GLU M 423 54.07 -27.85 33.75
C GLU M 423 54.74 -29.12 33.25
N GLY M 424 54.39 -30.27 33.83
CA GLY M 424 54.88 -31.54 33.35
C GLY M 424 56.07 -32.10 34.10
N MET M 425 56.05 -32.03 35.42
CA MET M 425 57.06 -32.65 36.26
C MET M 425 56.43 -33.15 37.55
N GLU M 426 57.21 -33.95 38.27
CA GLU M 426 56.83 -34.48 39.57
C GLU M 426 57.83 -33.99 40.61
N GLU M 427 57.39 -33.94 41.87
CA GLU M 427 58.25 -33.46 42.94
C GLU M 427 59.44 -34.39 43.18
N GLY M 428 59.34 -35.65 42.78
CA GLY M 428 60.45 -36.58 42.98
C GLY M 428 61.62 -36.34 42.05
N GLU M 429 61.40 -35.68 40.91
CA GLU M 429 62.50 -35.39 40.00
C GLU M 429 63.50 -34.42 40.62
N PHE M 430 63.01 -33.43 41.38
CA PHE M 430 63.89 -32.49 42.04
C PHE M 430 64.81 -33.17 43.06
N SER M 431 64.34 -34.24 43.69
CA SER M 431 65.17 -34.95 44.67
C SER M 431 66.26 -35.76 43.98
N GLU M 432 65.94 -36.43 42.88
CA GLU M 432 66.94 -37.22 42.17
C GLU M 432 68.05 -36.34 41.62
N ALA M 433 67.69 -35.17 41.06
CA ALA M 433 68.70 -34.23 40.57
C ALA M 433 69.55 -33.65 41.68
N ARG M 434 69.13 -33.78 42.94
CA ARG M 434 69.91 -33.30 44.07
C ARG M 434 70.92 -34.33 44.56
N GLU M 435 70.51 -35.60 44.66
CA GLU M 435 71.44 -36.64 45.07
C GLU M 435 72.54 -36.86 44.03
N ASP M 436 72.22 -36.70 42.75
CA ASP M 436 73.23 -36.87 41.71
C ASP M 436 74.34 -35.83 41.84
N MET M 437 73.96 -34.57 42.11
CA MET M 437 74.97 -33.54 42.27
C MET M 437 75.74 -33.69 43.57
N ALA M 438 75.19 -34.38 44.56
CA ALA M 438 75.94 -34.67 45.77
C ALA M 438 76.99 -35.75 45.53
N ALA M 439 76.70 -36.72 44.66
CA ALA M 439 77.69 -37.75 44.34
C ALA M 439 78.79 -37.19 43.45
N LEU M 440 78.44 -36.34 42.49
CA LEU M 440 79.45 -35.77 41.60
C LEU M 440 80.42 -34.88 42.38
N GLU M 441 79.90 -34.08 43.31
CA GLU M 441 80.77 -33.24 44.13
C GLU M 441 81.68 -34.10 45.01
N LYS M 442 81.13 -35.17 45.58
CA LYS M 442 81.95 -36.06 46.40
C LYS M 442 83.05 -36.73 45.58
N ASP M 443 82.73 -37.16 44.36
CA ASP M 443 83.73 -37.80 43.52
C ASP M 443 84.80 -36.81 43.06
N TYR M 444 84.45 -35.53 42.94
CA TYR M 444 85.41 -34.56 42.46
C TYR M 444 86.51 -34.27 43.48
N GLU M 445 86.27 -34.61 44.76
CA GLU M 445 87.29 -34.45 45.78
C GLU M 445 87.83 -35.77 46.31
N GLU M 446 87.07 -36.86 46.19
CA GLU M 446 87.56 -38.16 46.62
C GLU M 446 88.75 -38.60 45.79
N VAL M 447 88.68 -38.40 44.47
CA VAL M 447 89.80 -38.76 43.60
C VAL M 447 90.84 -37.64 43.48
N GLY M 448 90.48 -36.40 43.84
CA GLY M 448 91.44 -35.33 43.88
C GLY M 448 92.29 -35.28 45.14
N VAL M 449 91.91 -36.04 46.16
CA VAL M 449 92.66 -36.10 47.41
C VAL M 449 93.82 -37.06 47.22
N ASP M 450 94.77 -37.05 48.17
CA ASP M 450 95.92 -37.93 48.09
C ASP M 450 95.47 -39.38 48.16
N SER M 451 96.14 -40.24 47.39
CA SER M 451 95.85 -41.66 47.36
C SER M 451 96.85 -42.41 48.23
N VAL M 452 96.34 -43.22 49.17
CA VAL M 452 97.21 -43.93 50.09
C VAL M 452 98.03 -44.97 49.34
N GLU M 453 99.18 -45.33 49.91
CA GLU M 453 100.10 -46.29 49.33
C GLU M 453 100.51 -45.91 47.91
N MET N 1 -15.00 31.15 38.77
CA MET N 1 -14.12 30.34 39.61
C MET N 1 -14.28 30.71 41.09
N ARG N 2 -14.87 29.80 41.86
CA ARG N 2 -15.11 29.98 43.28
C ARG N 2 -15.92 31.26 43.54
N GLU N 3 -17.08 31.32 42.90
CA GLU N 3 -17.92 32.50 43.01
C GLU N 3 -18.54 32.59 44.40
N ILE N 4 -18.88 33.81 44.80
CA ILE N 4 -19.43 34.09 46.13
C ILE N 4 -20.77 34.79 45.95
N VAL N 5 -21.79 34.28 46.64
CA VAL N 5 -23.13 34.86 46.62
C VAL N 5 -23.28 35.75 47.85
N HIS N 6 -23.70 37.00 47.63
CA HIS N 6 -23.80 37.99 48.69
C HIS N 6 -25.27 38.28 48.97
N ILE N 7 -25.67 38.11 50.22
CA ILE N 7 -27.05 38.33 50.66
C ILE N 7 -27.05 39.42 51.71
N GLN N 8 -27.91 40.41 51.55
CA GLN N 8 -28.03 41.54 52.46
C GLN N 8 -29.46 41.64 52.97
N ALA N 9 -29.61 41.71 54.28
CA ALA N 9 -30.92 41.78 54.91
C ALA N 9 -30.96 42.93 55.91
N GLY N 10 -32.14 43.52 56.06
CA GLY N 10 -32.33 44.61 57.00
C GLY N 10 -31.86 45.94 56.42
N GLN N 11 -32.05 46.99 57.22
CA GLN N 11 -31.62 48.32 56.81
C GLN N 11 -30.10 48.45 56.88
N CYS N 12 -29.49 47.93 57.95
CA CYS N 12 -28.03 48.00 58.07
C CYS N 12 -27.35 47.22 56.96
N GLY N 13 -27.90 46.05 56.62
CA GLY N 13 -27.31 45.26 55.54
C GLY N 13 -27.36 45.99 54.21
N ASN N 14 -28.49 46.64 53.90
CA ASN N 14 -28.61 47.38 52.65
C ASN N 14 -27.73 48.62 52.64
N GLN N 15 -27.57 49.28 53.81
CA GLN N 15 -26.73 50.46 53.86
C GLN N 15 -25.25 50.09 53.78
N ILE N 16 -24.85 49.03 54.47
CA ILE N 16 -23.48 48.54 54.36
C ILE N 16 -23.23 48.01 52.95
N GLY N 17 -24.18 47.23 52.42
CA GLY N 17 -24.01 46.67 51.09
C GLY N 17 -23.92 47.73 50.01
N ALA N 18 -24.68 48.81 50.16
CA ALA N 18 -24.62 49.89 49.17
C ALA N 18 -23.25 50.54 49.13
N LYS N 19 -22.52 50.51 50.24
CA LYS N 19 -21.15 51.00 50.28
C LYS N 19 -20.13 49.92 49.97
N PHE N 20 -20.45 48.66 50.25
CA PHE N 20 -19.52 47.56 49.95
C PHE N 20 -19.32 47.42 48.45
N TRP N 21 -20.40 47.49 47.66
CA TRP N 21 -20.28 47.37 46.22
C TRP N 21 -19.69 48.63 45.58
N GLU N 22 -19.57 49.72 46.34
CA GLU N 22 -18.82 50.87 45.84
C GLU N 22 -17.33 50.58 45.82
N VAL N 23 -16.83 49.90 46.85
CA VAL N 23 -15.40 49.58 46.93
C VAL N 23 -15.02 48.56 45.86
N ILE N 24 -15.84 47.53 45.68
CA ILE N 24 -15.52 46.48 44.72
C ILE N 24 -15.47 47.03 43.30
N SER N 25 -16.43 47.90 42.96
CA SER N 25 -16.44 48.49 41.63
C SER N 25 -15.19 49.33 41.39
N ASP N 26 -14.76 50.10 42.39
CA ASP N 26 -13.54 50.88 42.25
C ASP N 26 -12.32 49.97 42.13
N GLU N 27 -12.31 48.85 42.87
CA GLU N 27 -11.18 47.93 42.80
C GLU N 27 -11.03 47.33 41.41
N HIS N 28 -12.14 46.94 40.79
CA HIS N 28 -12.12 46.29 39.49
C HIS N 28 -12.32 47.27 38.33
N GLY N 29 -12.42 48.56 38.61
CA GLY N 29 -12.58 49.55 37.56
C GLY N 29 -13.87 49.41 36.78
N ILE N 30 -14.98 49.23 37.49
CA ILE N 30 -16.29 49.03 36.87
C ILE N 30 -17.06 50.34 36.95
N ASP N 31 -17.52 50.82 35.80
CA ASP N 31 -18.29 52.06 35.76
C ASP N 31 -19.63 51.85 36.47
N PRO N 32 -20.17 52.89 37.12
CA PRO N 32 -21.50 52.77 37.73
C PRO N 32 -22.57 52.27 36.78
N SER N 33 -22.46 52.59 35.49
CA SER N 33 -23.41 52.07 34.50
C SER N 33 -23.29 50.55 34.35
N GLY N 34 -22.17 49.96 34.73
CA GLY N 34 -22.00 48.52 34.68
C GLY N 34 -21.06 47.99 33.63
N ASN N 35 -20.32 48.86 32.93
CA ASN N 35 -19.41 48.44 31.88
C ASN N 35 -17.97 48.68 32.32
N TYR N 36 -17.08 47.76 31.93
CA TYR N 36 -15.69 47.84 32.34
C TYR N 36 -15.00 49.04 31.70
N VAL N 37 -14.30 49.82 32.52
CA VAL N 37 -13.59 51.01 32.05
C VAL N 37 -12.17 51.00 32.59
N GLY N 38 -11.75 49.89 33.17
CA GLY N 38 -10.45 49.79 33.79
C GLY N 38 -9.32 49.78 32.77
N ASP N 39 -8.10 49.81 33.30
CA ASP N 39 -6.88 49.87 32.49
C ASP N 39 -6.04 48.61 32.56
N SER N 40 -5.76 48.12 33.76
CA SER N 40 -4.92 46.94 33.92
C SER N 40 -5.74 45.67 33.70
N ASP N 41 -5.16 44.71 32.97
CA ASP N 41 -5.84 43.47 32.66
C ASP N 41 -5.87 42.49 33.82
N LEU N 42 -5.12 42.75 34.89
CA LEU N 42 -5.13 41.85 36.04
C LEU N 42 -6.47 41.86 36.75
N GLN N 43 -7.18 42.99 36.74
CA GLN N 43 -8.47 43.08 37.41
C GLN N 43 -9.49 42.16 36.78
N LEU N 44 -9.51 42.09 35.45
CA LEU N 44 -10.49 41.28 34.74
C LEU N 44 -10.16 39.79 34.74
N GLU N 45 -9.00 39.40 35.26
CA GLU N 45 -8.64 37.98 35.27
C GLU N 45 -9.62 37.17 36.09
N ARG N 46 -10.00 37.66 37.28
CA ARG N 46 -10.98 37.02 38.14
C ARG N 46 -12.06 38.03 38.47
N ILE N 47 -13.04 38.14 37.59
CA ILE N 47 -14.19 39.02 37.81
C ILE N 47 -15.48 38.24 38.08
N SER N 48 -15.53 36.96 37.71
CA SER N 48 -16.74 36.16 37.91
C SER N 48 -17.00 35.85 39.38
N VAL N 49 -15.99 35.98 40.25
CA VAL N 49 -16.15 35.59 41.65
C VAL N 49 -17.24 36.43 42.32
N TYR N 50 -17.24 37.73 42.08
CA TYR N 50 -18.24 38.63 42.63
C TYR N 50 -19.25 39.10 41.60
N TYR N 51 -18.80 39.48 40.40
CA TYR N 51 -19.69 39.99 39.37
C TYR N 51 -20.14 38.86 38.45
N ASN N 52 -21.10 39.18 37.60
CA ASN N 52 -21.67 38.23 36.64
C ASN N 52 -21.68 38.88 35.26
N GLU N 53 -21.10 38.18 34.28
CA GLU N 53 -21.05 38.68 32.92
C GLU N 53 -22.41 38.55 32.26
N ALA N 54 -22.84 39.61 31.57
CA ALA N 54 -24.10 39.60 30.85
C ALA N 54 -23.87 40.00 29.39
N SER N 55 -24.95 40.22 28.66
CA SER N 55 -24.85 40.57 27.25
C SER N 55 -24.20 41.94 27.08
N SER N 56 -23.46 42.10 25.98
CA SER N 56 -22.79 43.35 25.64
C SER N 56 -21.83 43.80 26.72
N HIS N 57 -21.05 42.84 27.26
CA HIS N 57 -19.96 43.11 28.21
C HIS N 57 -20.43 43.95 29.40
N LYS N 58 -21.68 43.77 29.80
CA LYS N 58 -22.22 44.46 30.98
C LYS N 58 -22.15 43.54 32.19
N TYR N 59 -21.62 44.06 33.29
CA TYR N 59 -21.44 43.27 34.51
C TYR N 59 -22.51 43.65 35.53
N VAL N 60 -23.14 42.63 36.10
CA VAL N 60 -24.18 42.80 37.12
C VAL N 60 -23.71 42.08 38.37
N PRO N 61 -23.77 42.71 39.55
CA PRO N 61 -23.30 42.05 40.77
C PRO N 61 -24.16 40.85 41.14
N ARG N 62 -23.54 39.90 41.84
CA ARG N 62 -24.23 38.71 42.33
C ARG N 62 -24.72 38.94 43.76
N ALA N 63 -25.56 39.94 43.92
CA ALA N 63 -26.09 40.34 45.22
C ALA N 63 -27.60 40.17 45.25
N ILE N 64 -28.12 39.85 46.44
CA ILE N 64 -29.55 39.70 46.67
C ILE N 64 -29.91 40.58 47.84
N LEU N 65 -30.77 41.57 47.60
CA LEU N 65 -31.18 42.53 48.62
C LEU N 65 -32.61 42.22 49.05
N VAL N 66 -32.80 42.03 50.36
CA VAL N 66 -34.10 41.64 50.90
C VAL N 66 -34.38 42.45 52.17
N ASP N 67 -35.61 42.91 52.31
CA ASP N 67 -36.04 43.64 53.51
C ASP N 67 -37.55 43.54 53.60
N LEU N 68 -38.08 43.80 54.80
CA LEU N 68 -39.52 43.75 55.03
C LEU N 68 -40.25 45.01 54.59
N GLU N 69 -39.55 46.12 54.40
CA GLU N 69 -40.19 47.38 54.09
C GLU N 69 -39.56 48.00 52.84
N PRO N 70 -40.33 48.76 52.07
CA PRO N 70 -39.80 49.36 50.84
C PRO N 70 -39.03 50.66 51.06
N GLY N 71 -38.83 51.09 52.30
CA GLY N 71 -38.13 52.34 52.54
C GLY N 71 -36.68 52.30 52.13
N THR N 72 -36.00 51.18 52.39
CA THR N 72 -34.57 51.10 52.10
C THR N 72 -34.32 50.93 50.61
N MET N 73 -35.13 50.10 49.93
CA MET N 73 -34.88 49.82 48.52
C MET N 73 -35.05 51.06 47.65
N ASP N 74 -36.07 51.87 47.92
CA ASP N 74 -36.30 53.06 47.11
C ASP N 74 -35.16 54.06 47.19
N SER N 75 -34.38 54.03 48.28
CA SER N 75 -33.22 54.92 48.37
C SER N 75 -32.09 54.45 47.45
N VAL N 76 -31.80 53.15 47.47
CA VAL N 76 -30.69 52.63 46.66
C VAL N 76 -31.05 52.59 45.18
N ARG N 77 -32.31 52.32 44.85
CA ARG N 77 -32.70 52.25 43.44
C ARG N 77 -32.72 53.63 42.81
N SER N 78 -33.34 54.61 43.48
CA SER N 78 -33.43 55.94 42.93
C SER N 78 -32.12 56.70 43.04
N GLY N 79 -31.27 56.35 44.01
CA GLY N 79 -30.01 57.02 44.20
C GLY N 79 -28.95 56.58 43.22
N ALA N 80 -27.75 57.13 43.40
CA ALA N 80 -26.63 56.79 42.55
C ALA N 80 -26.20 55.34 42.77
N PHE N 81 -25.56 54.78 41.75
CA PHE N 81 -25.09 53.39 41.75
C PHE N 81 -26.22 52.39 41.92
N GLY N 82 -27.44 52.78 41.56
CA GLY N 82 -28.57 51.87 41.53
C GLY N 82 -28.97 51.40 40.15
N HIS N 83 -28.16 51.66 39.14
CA HIS N 83 -28.47 51.30 37.76
C HIS N 83 -27.82 49.99 37.33
N LEU N 84 -27.10 49.32 38.22
CA LEU N 84 -26.38 48.09 37.87
C LEU N 84 -26.94 46.85 38.52
N PHE N 85 -27.69 46.97 39.62
CA PHE N 85 -28.31 45.80 40.23
C PHE N 85 -29.43 45.27 39.34
N ARG N 86 -29.64 43.97 39.41
CA ARG N 86 -30.73 43.35 38.66
C ARG N 86 -32.05 43.55 39.39
N PRO N 87 -33.08 44.09 38.72
CA PRO N 87 -34.34 44.38 39.43
C PRO N 87 -35.02 43.15 40.01
N ASP N 88 -34.71 41.95 39.51
CA ASP N 88 -35.29 40.74 40.08
C ASP N 88 -34.84 40.57 41.52
N ASN N 89 -33.57 40.83 41.81
CA ASN N 89 -33.03 40.66 43.15
C ASN N 89 -33.62 41.63 44.17
N PHE N 90 -34.27 42.69 43.72
CA PHE N 90 -34.90 43.66 44.63
C PHE N 90 -36.19 43.04 45.16
N ILE N 91 -36.07 42.36 46.29
CA ILE N 91 -37.20 41.69 46.94
C ILE N 91 -37.52 42.43 48.23
N PHE N 92 -38.79 42.76 48.42
CA PHE N 92 -39.21 43.47 49.63
C PHE N 92 -40.63 43.07 49.99
N GLY N 93 -41.01 43.36 51.22
CA GLY N 93 -42.37 43.22 51.68
C GLY N 93 -43.14 44.51 51.58
N GLN N 94 -44.10 44.68 52.48
CA GLN N 94 -44.88 45.91 52.54
C GLN N 94 -44.82 46.59 53.89
N SER N 95 -44.83 45.82 54.99
CA SER N 95 -44.74 46.36 56.33
C SER N 95 -43.54 45.75 57.05
N GLY N 96 -42.83 46.57 57.81
CA GLY N 96 -41.65 46.11 58.50
C GLY N 96 -41.97 45.16 59.64
N ALA N 97 -40.92 44.50 60.13
CA ALA N 97 -41.06 43.54 61.22
C ALA N 97 -41.33 44.21 62.56
N GLY N 98 -41.11 45.52 62.66
CA GLY N 98 -41.39 46.23 63.91
C GLY N 98 -40.51 45.82 65.07
N ASN N 99 -39.23 45.54 64.80
CA ASN N 99 -38.26 45.18 65.83
C ASN N 99 -38.74 43.97 66.64
N ASN N 100 -39.34 43.00 65.94
CA ASN N 100 -39.85 41.80 66.57
C ASN N 100 -39.23 40.58 65.89
N TRP N 101 -38.69 39.67 66.70
CA TRP N 101 -38.11 38.45 66.16
C TRP N 101 -39.17 37.55 65.55
N ALA N 102 -40.28 37.35 66.29
CA ALA N 102 -41.34 36.48 65.80
C ALA N 102 -41.99 37.02 64.53
N LYS N 103 -42.14 38.35 64.44
CA LYS N 103 -42.74 38.95 63.26
C LYS N 103 -41.86 38.83 62.02
N GLY N 104 -40.57 38.55 62.19
CA GLY N 104 -39.68 38.44 61.05
C GLY N 104 -39.16 37.04 60.84
N HIS N 105 -39.67 36.08 61.62
CA HIS N 105 -39.26 34.70 61.53
C HIS N 105 -40.41 33.70 61.44
N TYR N 106 -41.64 34.10 61.76
CA TYR N 106 -42.76 33.17 61.76
C TYR N 106 -43.94 33.67 60.94
N THR N 107 -44.18 34.98 60.94
CA THR N 107 -45.41 35.54 60.39
C THR N 107 -45.18 36.29 59.09
N GLU N 108 -44.33 37.31 59.09
CA GLU N 108 -44.13 38.11 57.90
C GLU N 108 -42.92 37.68 57.09
N GLY N 109 -41.96 36.99 57.71
CA GLY N 109 -40.83 36.44 56.99
C GLY N 109 -41.07 35.11 56.31
N ALA N 110 -42.20 34.46 56.62
CA ALA N 110 -42.52 33.20 55.97
C ALA N 110 -42.98 33.38 54.53
N GLU N 111 -43.65 34.50 54.24
CA GLU N 111 -44.12 34.77 52.89
C GLU N 111 -43.01 35.26 51.96
N LEU N 112 -41.89 35.72 52.51
CA LEU N 112 -40.79 36.22 51.70
C LEU N 112 -39.69 35.19 51.50
N VAL N 113 -39.57 34.21 52.41
CA VAL N 113 -38.50 33.23 52.29
C VAL N 113 -38.72 32.31 51.09
N ASP N 114 -39.98 32.07 50.71
CA ASP N 114 -40.25 31.23 49.55
C ASP N 114 -39.80 31.90 48.27
N SER N 115 -40.01 33.21 48.15
CA SER N 115 -39.60 33.94 46.95
C SER N 115 -38.10 34.14 46.89
N VAL N 116 -37.44 34.33 48.04
CA VAL N 116 -36.00 34.57 48.05
C VAL N 116 -35.24 33.31 47.66
N LEU N 117 -35.68 32.15 48.17
CA LEU N 117 -34.96 30.90 47.89
C LEU N 117 -34.98 30.56 46.41
N ASP N 118 -36.03 30.96 45.69
CA ASP N 118 -36.06 30.73 44.25
C ASP N 118 -34.99 31.55 43.55
N VAL N 119 -34.77 32.79 43.98
CA VAL N 119 -33.71 33.61 43.39
C VAL N 119 -32.35 33.08 43.80
N VAL N 120 -32.21 32.64 45.04
CA VAL N 120 -30.93 32.07 45.51
C VAL N 120 -30.59 30.83 44.71
N ARG N 121 -31.57 29.94 44.52
CA ARG N 121 -31.33 28.72 43.75
C ARG N 121 -31.02 29.03 42.29
N LYS N 122 -31.74 29.99 41.70
CA LYS N 122 -31.51 30.36 40.32
C LYS N 122 -30.10 30.93 40.14
N GLU N 123 -29.64 31.72 41.10
CA GLU N 123 -28.29 32.27 41.03
C GLU N 123 -27.24 31.17 41.11
N CYS N 124 -27.50 30.14 41.92
CA CYS N 124 -26.49 29.10 42.14
C CYS N 124 -26.35 28.19 40.93
N GLU N 125 -27.44 27.91 40.22
CA GLU N 125 -27.35 27.05 39.04
C GLU N 125 -26.52 27.70 37.94
N ASN N 126 -26.61 29.03 37.79
CA ASN N 126 -25.75 29.74 36.85
C ASN N 126 -24.28 29.60 37.25
N CYS N 127 -24.01 29.48 38.54
CA CYS N 127 -22.65 29.34 39.03
C CYS N 127 -21.97 28.09 38.47
N ASP N 128 -20.68 28.21 38.20
CA ASP N 128 -19.88 27.06 37.76
C ASP N 128 -19.49 26.21 38.97
N CYS N 129 -18.74 26.80 39.90
CA CYS N 129 -18.35 26.11 41.14
C CYS N 129 -18.56 27.09 42.29
N LEU N 130 -19.62 26.86 43.06
CA LEU N 130 -19.95 27.75 44.16
C LEU N 130 -18.90 27.62 45.28
N GLN N 131 -18.53 28.77 45.85
CA GLN N 131 -17.58 28.81 46.95
C GLN N 131 -18.27 28.98 48.30
N GLY N 132 -19.19 29.93 48.41
CA GLY N 132 -19.90 30.13 49.65
C GLY N 132 -20.79 31.35 49.60
N PHE N 133 -21.44 31.60 50.73
CA PHE N 133 -22.37 32.71 50.88
C PHE N 133 -21.83 33.75 51.86
N GLN N 134 -22.32 34.97 51.72
CA GLN N 134 -21.98 36.07 52.60
C GLN N 134 -23.26 36.78 53.00
N LEU N 135 -23.46 36.96 54.31
CA LEU N 135 -24.68 37.57 54.82
C LEU N 135 -24.31 38.76 55.70
N THR N 136 -24.99 39.88 55.45
CA THR N 136 -24.81 41.11 56.23
C THR N 136 -26.13 41.42 56.93
N HIS N 137 -26.09 41.53 58.26
CA HIS N 137 -27.31 41.78 59.01
C HIS N 137 -26.94 42.35 60.37
N SER N 138 -27.97 42.70 61.14
CA SER N 138 -27.82 43.22 62.50
C SER N 138 -28.46 42.24 63.48
N LEU N 139 -27.88 42.15 64.67
CA LEU N 139 -28.37 41.27 65.71
C LEU N 139 -29.37 41.94 66.63
N GLY N 140 -29.74 43.20 66.35
CA GLY N 140 -30.67 43.91 67.21
C GLY N 140 -32.00 44.22 66.54
N GLY N 141 -32.01 44.23 65.20
CA GLY N 141 -33.22 44.55 64.47
C GLY N 141 -34.17 43.37 64.36
N GLY N 142 -35.30 43.63 63.70
CA GLY N 142 -36.31 42.60 63.52
C GLY N 142 -36.12 41.76 62.28
N THR N 143 -36.04 42.41 61.11
CA THR N 143 -35.87 41.66 59.87
C THR N 143 -34.43 41.19 59.70
N GLY N 144 -33.45 41.99 60.13
CA GLY N 144 -32.07 41.59 60.01
C GLY N 144 -31.76 40.34 60.81
N SER N 145 -32.33 40.24 62.03
CA SER N 145 -32.16 39.06 62.86
C SER N 145 -33.23 38.02 62.60
N GLY N 146 -34.40 38.43 62.14
CA GLY N 146 -35.49 37.51 61.89
C GLY N 146 -35.30 36.62 60.68
N MET N 147 -35.34 37.19 59.48
CA MET N 147 -35.15 36.38 58.28
C MET N 147 -33.70 35.99 58.10
N GLY N 148 -32.77 36.82 58.54
CA GLY N 148 -31.36 36.47 58.44
C GLY N 148 -31.05 35.13 59.10
N THR N 149 -31.75 34.83 60.19
CA THR N 149 -31.67 33.48 60.76
C THR N 149 -32.43 32.48 59.89
N LEU N 150 -33.62 32.85 59.43
CA LEU N 150 -34.42 31.92 58.62
C LEU N 150 -33.70 31.59 57.31
N LEU N 151 -33.06 32.59 56.69
CA LEU N 151 -32.29 32.33 55.48
C LEU N 151 -31.12 31.39 55.75
N ILE N 152 -30.47 31.53 56.91
CA ILE N 152 -29.35 30.67 57.26
C ILE N 152 -29.82 29.22 57.36
N SER N 153 -30.92 28.99 58.06
CA SER N 153 -31.40 27.63 58.27
C SER N 153 -31.84 26.98 56.97
N LYS N 154 -32.53 27.73 56.11
CA LYS N 154 -33.03 27.15 54.86
C LYS N 154 -31.89 26.84 53.89
N VAL N 155 -30.91 27.74 53.80
CA VAL N 155 -29.79 27.53 52.89
C VAL N 155 -28.95 26.34 53.35
N ARG N 156 -28.72 26.21 54.66
CA ARG N 156 -27.90 25.12 55.17
C ARG N 156 -28.51 23.76 54.89
N GLU N 157 -29.85 23.69 54.77
CA GLU N 157 -30.51 22.43 54.49
C GLU N 157 -30.36 21.99 53.04
N GLU N 158 -29.98 22.90 52.14
CA GLU N 158 -29.83 22.58 50.73
C GLU N 158 -28.38 22.52 50.28
N TYR N 159 -27.48 23.30 50.89
CA TYR N 159 -26.05 23.30 50.56
C TYR N 159 -25.28 23.12 51.86
N PRO N 160 -25.23 21.91 52.41
CA PRO N 160 -24.53 21.72 53.69
C PRO N 160 -23.02 21.81 53.57
N ASP N 161 -22.45 21.41 52.45
CA ASP N 161 -20.99 21.42 52.27
C ASP N 161 -20.51 22.71 51.61
N ARG N 162 -20.86 23.85 52.21
CA ARG N 162 -20.47 25.14 51.69
C ARG N 162 -20.02 26.04 52.84
N ILE N 163 -19.13 26.97 52.51
CA ILE N 163 -18.65 27.97 53.46
C ILE N 163 -19.68 29.09 53.53
N MET N 164 -19.70 29.80 54.65
CA MET N 164 -20.64 30.90 54.82
C MET N 164 -20.19 31.75 56.00
N ASN N 165 -20.30 33.08 55.85
CA ASN N 165 -19.87 34.03 56.85
C ASN N 165 -20.96 35.07 57.09
N THR N 166 -21.14 35.47 58.33
CA THR N 166 -22.11 36.48 58.70
C THR N 166 -21.39 37.69 59.28
N PHE N 167 -21.61 38.85 58.68
CA PHE N 167 -21.00 40.10 59.15
C PHE N 167 -21.96 40.85 60.05
N SER N 168 -22.29 40.23 61.19
CA SER N 168 -23.28 40.79 62.09
C SER N 168 -22.74 42.02 62.80
N VAL N 169 -23.66 42.94 63.13
CA VAL N 169 -23.35 44.14 63.88
C VAL N 169 -23.91 43.94 65.29
N VAL N 170 -23.03 43.57 66.23
CA VAL N 170 -23.42 43.24 67.59
C VAL N 170 -23.93 44.49 68.30
N PRO N 171 -24.97 44.39 69.13
CA PRO N 171 -25.43 45.55 69.89
C PRO N 171 -24.37 46.03 70.88
N SER N 172 -24.38 47.36 71.14
CA SER N 172 -23.46 48.11 71.98
C SER N 172 -23.86 48.02 73.45
N PRO N 173 -22.88 47.95 74.36
CA PRO N 173 -23.18 47.94 75.79
C PRO N 173 -23.72 49.27 76.33
N LYS N 174 -23.07 50.37 75.97
CA LYS N 174 -23.35 51.65 76.62
C LYS N 174 -24.68 52.23 76.16
N VAL N 175 -24.84 52.41 74.85
CA VAL N 175 -26.04 53.02 74.28
C VAL N 175 -26.80 51.96 73.49
N SER N 176 -28.09 51.84 73.75
CA SER N 176 -28.95 50.87 73.09
C SER N 176 -29.82 51.59 72.06
N ASP N 177 -29.78 51.11 70.82
CA ASP N 177 -30.57 51.72 69.76
C ASP N 177 -32.06 51.38 69.89
N THR N 178 -32.36 50.15 70.28
CA THR N 178 -33.73 49.70 70.47
C THR N 178 -33.93 49.26 71.91
N VAL N 179 -35.16 49.46 72.42
CA VAL N 179 -35.43 49.16 73.82
C VAL N 179 -35.32 47.66 74.08
N VAL N 180 -35.96 46.84 73.25
CA VAL N 180 -35.89 45.38 73.40
C VAL N 180 -34.74 44.92 72.50
N GLU N 181 -33.52 45.08 73.00
CA GLU N 181 -32.33 44.54 72.36
C GLU N 181 -32.03 43.09 72.76
N PRO N 182 -32.00 42.76 74.07
CA PRO N 182 -31.54 41.41 74.44
C PRO N 182 -32.39 40.28 73.89
N TYR N 183 -33.71 40.48 73.75
CA TYR N 183 -34.56 39.40 73.27
C TYR N 183 -34.22 39.00 71.85
N ASN N 184 -33.94 39.98 70.99
CA ASN N 184 -33.62 39.66 69.60
C ASN N 184 -32.23 39.06 69.48
N ALA N 185 -31.26 39.58 70.25
CA ALA N 185 -29.89 39.09 70.15
C ALA N 185 -29.77 37.67 70.68
N THR N 186 -30.40 37.40 71.83
CA THR N 186 -30.29 36.07 72.43
C THR N 186 -30.97 35.01 71.56
N LEU N 187 -32.14 35.33 71.00
CA LEU N 187 -32.85 34.37 70.17
C LEU N 187 -32.17 34.13 68.84
N SER N 188 -31.26 35.01 68.42
CA SER N 188 -30.56 34.86 67.15
C SER N 188 -29.23 34.13 67.31
N ILE N 189 -28.48 34.46 68.36
CA ILE N 189 -27.18 33.83 68.58
C ILE N 189 -27.33 32.33 68.80
N HIS N 190 -28.37 31.94 69.54
CA HIS N 190 -28.67 30.52 69.72
C HIS N 190 -28.92 29.82 68.38
N GLN N 191 -29.38 30.55 67.38
CA GLN N 191 -29.63 29.98 66.06
C GLN N 191 -28.40 30.04 65.16
N LEU N 192 -27.61 31.12 65.27
CA LEU N 192 -26.39 31.22 64.46
C LEU N 192 -25.40 30.13 64.82
N VAL N 193 -25.22 29.86 66.12
CA VAL N 193 -24.23 28.90 66.57
C VAL N 193 -24.46 27.53 65.95
N GLU N 194 -25.72 27.17 65.70
CA GLU N 194 -26.03 25.84 65.20
C GLU N 194 -25.52 25.64 63.78
N ASN N 195 -25.80 26.59 62.88
CA ASN N 195 -25.59 26.36 61.45
C ASN N 195 -24.91 27.56 60.79
N THR N 196 -23.84 28.05 61.39
CA THR N 196 -22.91 28.94 60.70
C THR N 196 -21.50 28.47 61.00
N ASP N 197 -20.55 28.98 60.21
CA ASP N 197 -19.16 28.52 60.32
C ASP N 197 -18.25 29.57 60.96
N GLU N 198 -18.40 30.84 60.61
CA GLU N 198 -17.54 31.88 61.14
C GLU N 198 -18.23 33.23 61.04
N THR N 199 -18.25 33.97 62.15
CA THR N 199 -18.98 35.23 62.26
C THR N 199 -18.06 36.32 62.78
N TYR N 200 -18.06 37.46 62.11
CA TYR N 200 -17.30 38.63 62.54
C TYR N 200 -18.24 39.57 63.29
N CYS N 201 -18.05 39.67 64.61
CA CYS N 201 -18.85 40.57 65.43
C CYS N 201 -18.24 41.97 65.37
N ILE N 202 -18.97 42.91 64.79
CA ILE N 202 -18.52 44.29 64.66
C ILE N 202 -19.44 45.16 65.51
N ASP N 203 -18.85 45.90 66.45
CA ASP N 203 -19.64 46.76 67.31
C ASP N 203 -19.79 48.14 66.68
N ASN N 204 -20.63 48.97 67.31
CA ASN N 204 -21.00 50.26 66.72
C ASN N 204 -20.20 51.43 67.27
N GLU N 205 -20.22 51.64 68.59
CA GLU N 205 -19.52 52.79 69.15
C GLU N 205 -18.00 52.60 69.12
N ALA N 206 -17.53 51.35 69.08
CA ALA N 206 -16.10 51.11 68.91
C ALA N 206 -15.60 51.69 67.60
N LEU N 207 -16.48 51.83 66.62
CA LEU N 207 -16.14 52.54 65.40
C LEU N 207 -16.15 54.05 65.60
N TYR N 208 -17.01 54.55 66.51
CA TYR N 208 -16.99 55.96 66.84
C TYR N 208 -15.69 56.35 67.52
N ASP N 209 -15.22 55.53 68.46
CA ASP N 209 -13.98 55.83 69.15
C ASP N 209 -12.79 55.82 68.20
N ILE N 210 -12.76 54.85 67.28
CA ILE N 210 -11.68 54.80 66.28
C ILE N 210 -11.73 56.03 65.38
N CYS N 211 -12.93 56.40 64.93
CA CYS N 211 -13.05 57.54 64.02
C CYS N 211 -12.77 58.86 64.73
N PHE N 212 -13.18 58.99 65.99
CA PHE N 212 -13.02 60.26 66.68
C PHE N 212 -11.57 60.50 67.09
N ARG N 213 -10.87 59.47 67.58
CA ARG N 213 -9.54 59.66 68.12
C ARG N 213 -8.46 59.36 67.07
N THR N 214 -8.45 58.14 66.53
CA THR N 214 -7.40 57.75 65.60
C THR N 214 -7.51 58.49 64.28
N LEU N 215 -8.70 58.51 63.70
CA LEU N 215 -8.91 59.20 62.43
C LEU N 215 -9.09 60.70 62.60
N LYS N 216 -9.43 61.15 63.81
CA LYS N 216 -9.61 62.56 64.14
C LYS N 216 -10.69 63.19 63.26
N LEU N 217 -11.92 62.68 63.42
CA LEU N 217 -13.09 63.22 62.75
C LEU N 217 -14.07 63.73 63.79
N ALA N 218 -14.62 64.92 63.55
CA ALA N 218 -15.48 65.57 64.53
C ALA N 218 -16.90 65.00 64.49
N THR N 219 -17.48 64.89 63.30
CA THR N 219 -18.87 64.46 63.13
C THR N 219 -18.89 63.24 62.21
N PRO N 220 -18.72 62.04 62.77
CA PRO N 220 -18.78 60.82 61.96
C PRO N 220 -20.21 60.39 61.71
N THR N 221 -20.66 60.54 60.47
CA THR N 221 -21.99 60.11 60.08
C THR N 221 -22.00 58.60 59.83
N TYR N 222 -23.14 58.06 59.39
CA TYR N 222 -23.22 56.64 59.07
C TYR N 222 -22.53 56.30 57.76
N GLY N 223 -22.30 57.30 56.90
CA GLY N 223 -21.56 57.04 55.67
C GLY N 223 -20.11 56.68 55.92
N ASP N 224 -19.48 57.32 56.92
CA ASP N 224 -18.09 57.03 57.24
C ASP N 224 -17.95 55.71 57.98
N LEU N 225 -18.91 55.35 58.83
CA LEU N 225 -18.85 54.08 59.55
C LEU N 225 -18.97 52.91 58.59
N ASN N 226 -19.92 52.97 57.66
CA ASN N 226 -20.09 51.89 56.69
C ASN N 226 -18.89 51.80 55.76
N HIS N 227 -18.24 52.93 55.49
CA HIS N 227 -17.02 52.91 54.67
C HIS N 227 -15.92 52.14 55.38
N LEU N 228 -15.76 52.35 56.69
CA LEU N 228 -14.67 51.71 57.41
C LEU N 228 -14.89 50.21 57.52
N VAL N 229 -16.14 49.78 57.68
CA VAL N 229 -16.42 48.35 57.75
C VAL N 229 -16.16 47.66 56.42
N SER N 230 -16.50 48.32 55.32
CA SER N 230 -16.34 47.70 54.00
C SER N 230 -14.88 47.45 53.66
N ALA N 231 -13.96 48.28 54.17
CA ALA N 231 -12.55 48.06 53.91
C ALA N 231 -12.09 46.73 54.50
N THR N 232 -12.52 46.43 55.72
CA THR N 232 -12.25 45.12 56.30
C THR N 232 -12.95 44.02 55.51
N MET N 233 -14.16 44.32 55.01
CA MET N 233 -14.91 43.32 54.25
C MET N 233 -14.18 42.93 52.97
N SER N 234 -13.61 43.90 52.26
CA SER N 234 -12.94 43.62 51.00
C SER N 234 -11.55 43.03 51.19
N GLY N 235 -10.99 43.08 52.41
CA GLY N 235 -9.67 42.52 52.65
C GLY N 235 -9.68 41.02 52.89
N VAL N 236 -10.81 40.46 53.31
CA VAL N 236 -10.87 39.02 53.57
C VAL N 236 -10.82 38.25 52.26
N THR N 237 -11.59 38.69 51.26
CA THR N 237 -11.73 37.98 50.00
C THR N 237 -10.77 38.48 48.93
N THR N 238 -9.87 39.40 49.25
CA THR N 238 -8.94 39.91 48.25
C THR N 238 -7.85 38.89 47.90
N SER N 239 -7.68 37.86 48.71
CA SER N 239 -6.63 36.88 48.44
C SER N 239 -7.00 35.94 47.31
N LEU N 240 -8.29 35.65 47.14
CA LEU N 240 -8.75 34.79 46.05
C LEU N 240 -9.22 35.59 44.85
N ARG N 241 -9.04 36.91 44.86
CA ARG N 241 -9.36 37.73 43.70
C ARG N 241 -8.12 38.22 42.95
N PHE N 242 -6.97 38.27 43.61
CA PHE N 242 -5.73 38.77 43.03
C PHE N 242 -4.60 37.80 43.32
N PRO N 243 -3.61 37.71 42.44
CA PRO N 243 -2.46 36.85 42.71
C PRO N 243 -1.62 37.39 43.86
N GLY N 244 -0.99 36.48 44.59
CA GLY N 244 -0.18 36.86 45.73
C GLY N 244 0.95 35.88 45.96
N GLN N 245 1.88 36.29 46.82
CA GLN N 245 3.02 35.44 47.15
C GLN N 245 2.61 34.27 48.01
N LEU N 246 1.66 34.47 48.93
CA LEU N 246 1.14 33.42 49.81
C LEU N 246 -0.37 33.58 49.84
N ASN N 247 -1.05 32.84 48.97
CA ASN N 247 -2.49 33.00 48.79
C ASN N 247 -3.27 32.37 49.94
N ALA N 248 -4.54 32.77 50.03
CA ALA N 248 -5.47 32.23 51.01
C ALA N 248 -6.88 32.38 50.45
N ASP N 249 -7.83 31.72 51.09
CA ASP N 249 -9.23 31.84 50.67
C ASP N 249 -10.11 31.66 51.90
N LEU N 250 -11.43 31.59 51.66
CA LEU N 250 -12.38 31.52 52.76
C LEU N 250 -12.21 30.23 53.57
N ARG N 251 -11.97 29.11 52.90
CA ARG N 251 -11.84 27.84 53.60
C ARG N 251 -10.55 27.78 54.42
N LYS N 252 -9.47 28.41 53.91
CA LYS N 252 -8.21 28.41 54.65
C LYS N 252 -8.35 29.16 55.97
N LEU N 253 -9.08 30.28 55.97
CA LEU N 253 -9.28 31.03 57.20
C LEU N 253 -10.12 30.25 58.20
N ALA N 254 -11.13 29.52 57.72
CA ALA N 254 -12.02 28.79 58.62
C ALA N 254 -11.27 27.68 59.34
N VAL N 255 -10.37 26.99 58.64
CA VAL N 255 -9.64 25.88 59.26
C VAL N 255 -8.75 26.38 60.39
N ASN N 256 -8.02 27.48 60.15
CA ASN N 256 -7.05 27.95 61.12
C ASN N 256 -7.68 28.67 62.30
N MET N 257 -8.77 29.41 62.09
CA MET N 257 -9.32 30.28 63.12
C MET N 257 -10.44 29.64 63.92
N VAL N 258 -10.80 28.38 63.65
CA VAL N 258 -11.90 27.74 64.37
C VAL N 258 -11.41 26.43 64.97
N PRO N 259 -10.74 26.46 66.13
CA PRO N 259 -10.28 25.21 66.75
C PRO N 259 -11.42 24.27 67.13
N PHE N 260 -12.57 24.82 67.53
CA PHE N 260 -13.71 24.02 67.97
C PHE N 260 -14.97 24.52 67.30
N PRO N 261 -15.96 23.65 67.08
CA PRO N 261 -17.11 24.04 66.25
C PRO N 261 -17.92 25.20 66.81
N ARG N 262 -17.94 25.40 68.13
CA ARG N 262 -18.73 26.48 68.72
C ARG N 262 -17.95 27.78 68.89
N LEU N 263 -16.62 27.74 68.83
CA LEU N 263 -15.79 28.91 69.09
C LEU N 263 -15.38 29.53 67.77
N HIS N 264 -16.34 30.22 67.14
CA HIS N 264 -16.11 30.84 65.83
C HIS N 264 -16.68 32.25 65.80
N PHE N 265 -16.39 33.03 66.83
CA PHE N 265 -16.79 34.43 66.91
C PHE N 265 -15.53 35.29 66.92
N PHE N 266 -15.29 36.00 65.82
CA PHE N 266 -14.06 36.75 65.62
C PHE N 266 -14.29 38.24 65.86
N MET N 267 -13.18 38.98 65.95
CA MET N 267 -13.19 40.44 66.06
C MET N 267 -12.19 40.99 65.05
N PRO N 268 -12.63 41.77 64.08
CA PRO N 268 -11.75 42.21 63.01
C PRO N 268 -10.93 43.44 63.41
N GLY N 269 -10.16 43.94 62.45
CA GLY N 269 -9.34 45.12 62.65
C GLY N 269 -8.75 45.60 61.34
N PHE N 270 -8.32 46.86 61.29
CA PHE N 270 -7.78 47.45 60.07
C PHE N 270 -6.62 48.37 60.39
N ALA N 271 -5.71 48.50 59.43
CA ALA N 271 -4.55 49.37 59.56
C ALA N 271 -3.96 49.58 58.17
N PRO N 272 -3.42 50.77 57.86
CA PRO N 272 -3.31 51.96 58.70
C PRO N 272 -4.60 52.79 58.70
N LEU N 273 -4.83 53.55 59.77
CA LEU N 273 -5.96 54.48 59.87
C LEU N 273 -5.40 55.82 60.33
N THR N 274 -5.23 56.75 59.39
CA THR N 274 -4.64 58.05 59.69
C THR N 274 -5.47 59.15 59.03
N ALA N 275 -5.42 60.33 59.63
CA ALA N 275 -6.12 61.48 59.10
C ALA N 275 -5.42 61.99 57.83
N ARG N 276 -6.15 62.82 57.08
CA ARG N 276 -5.58 63.38 55.86
C ARG N 276 -4.38 64.26 56.15
N GLY N 277 -4.48 65.10 57.18
CA GLY N 277 -3.40 66.02 57.49
C GLY N 277 -2.15 65.32 57.98
N SER N 278 -2.31 64.32 58.84
CA SER N 278 -1.18 63.66 59.49
C SER N 278 -0.69 62.42 58.74
N GLN N 279 -1.09 62.26 57.48
CA GLN N 279 -0.61 61.14 56.67
C GLN N 279 0.74 61.41 56.02
N GLN N 280 1.20 62.67 56.01
CA GLN N 280 2.46 63.03 55.40
C GLN N 280 3.64 62.90 56.34
N TYR N 281 3.41 62.66 57.63
CA TYR N 281 4.47 62.59 58.62
C TYR N 281 4.81 61.17 59.05
N ARG N 282 4.26 60.17 58.37
CA ARG N 282 4.49 58.78 58.71
C ARG N 282 5.01 58.04 57.49
N ALA N 283 5.99 57.16 57.70
CA ALA N 283 6.53 56.31 56.65
C ALA N 283 5.76 55.00 56.64
N LEU N 284 5.07 54.73 55.53
CA LEU N 284 4.27 53.52 55.41
C LEU N 284 5.19 52.32 55.25
N THR N 285 5.28 51.49 56.28
CA THR N 285 6.16 50.33 56.24
C THR N 285 5.60 49.25 57.16
N VAL N 286 6.07 48.02 56.93
CA VAL N 286 5.54 46.86 57.68
C VAL N 286 5.74 47.00 59.18
N PRO N 287 6.90 47.43 59.71
CA PRO N 287 7.07 47.44 61.17
C PRO N 287 6.04 48.25 61.93
N GLU N 288 5.53 49.34 61.37
CA GLU N 288 4.51 50.12 62.07
C GLU N 288 3.09 49.65 61.77
N LEU N 289 2.89 48.93 60.67
CA LEU N 289 1.57 48.38 60.38
C LEU N 289 1.17 47.34 61.43
N THR N 290 2.11 46.46 61.81
CA THR N 290 1.80 45.45 62.82
C THR N 290 1.63 46.07 64.20
N GLN N 291 2.36 47.15 64.49
CA GLN N 291 2.20 47.83 65.77
C GLN N 291 0.82 48.46 65.89
N GLN N 292 0.30 49.01 64.79
CA GLN N 292 -1.01 49.64 64.81
C GLN N 292 -2.14 48.61 64.86
N MET N 293 -1.85 47.35 64.56
CA MET N 293 -2.89 46.33 64.53
C MET N 293 -3.15 45.73 65.91
N PHE N 294 -2.09 45.52 66.69
CA PHE N 294 -2.17 44.71 67.90
C PHE N 294 -2.48 45.52 69.15
N ASP N 295 -2.67 46.83 69.04
CA ASP N 295 -3.06 47.63 70.19
C ASP N 295 -4.57 47.51 70.42
N ALA N 296 -4.97 47.60 71.70
CA ALA N 296 -6.37 47.44 72.05
C ALA N 296 -7.22 48.61 71.58
N LYS N 297 -6.62 49.76 71.29
CA LYS N 297 -7.39 50.94 70.91
C LYS N 297 -7.97 50.79 69.49
N ASN N 298 -7.20 50.19 68.58
CA ASN N 298 -7.61 50.07 67.19
C ASN N 298 -8.27 48.71 66.97
N MET N 299 -9.46 48.55 67.55
CA MET N 299 -10.22 47.33 67.42
C MET N 299 -11.69 47.67 67.20
N MET N 300 -12.34 46.92 66.31
CA MET N 300 -13.71 47.21 65.91
C MET N 300 -14.75 46.65 66.88
N ALA N 301 -14.34 45.84 67.85
CA ALA N 301 -15.25 45.28 68.84
C ALA N 301 -14.93 45.87 70.21
N ALA N 302 -15.98 46.26 70.92
CA ALA N 302 -15.83 46.90 72.24
C ALA N 302 -15.49 45.85 73.28
N CYS N 303 -14.31 45.26 73.11
CA CYS N 303 -13.81 44.24 74.04
C CYS N 303 -12.29 44.37 74.09
N ASP N 304 -11.76 44.70 75.26
CA ASP N 304 -10.32 44.86 75.41
C ASP N 304 -9.65 43.50 75.38
N PRO N 305 -8.72 43.25 74.45
CA PRO N 305 -8.04 41.94 74.42
C PRO N 305 -7.19 41.68 75.65
N ARG N 306 -6.82 42.71 76.41
CA ARG N 306 -6.01 42.50 77.60
C ARG N 306 -6.74 41.69 78.66
N HIS N 307 -8.08 41.66 78.62
CA HIS N 307 -8.84 40.87 79.57
C HIS N 307 -8.92 39.39 79.19
N GLY N 308 -8.41 39.02 78.01
CA GLY N 308 -8.43 37.64 77.58
C GLY N 308 -7.15 37.23 76.87
N ARG N 309 -7.18 36.07 76.19
CA ARG N 309 -6.03 35.55 75.46
C ARG N 309 -6.44 35.22 74.04
N TYR N 310 -5.53 35.49 73.10
CA TYR N 310 -5.77 35.21 71.68
C TYR N 310 -5.63 33.71 71.45
N LEU N 311 -6.73 33.04 71.11
CA LEU N 311 -6.66 31.63 70.75
C LEU N 311 -5.84 31.45 69.48
N THR N 312 -6.34 32.00 68.36
CA THR N 312 -5.62 32.03 67.09
C THR N 312 -5.78 33.40 66.47
N VAL N 313 -4.81 33.79 65.65
CA VAL N 313 -4.79 35.11 65.03
C VAL N 313 -4.44 34.96 63.56
N ALA N 314 -5.21 35.60 62.69
CA ALA N 314 -4.91 35.68 61.27
C ALA N 314 -4.43 37.08 60.93
N THR N 315 -3.80 37.19 59.76
CA THR N 315 -3.28 38.49 59.30
C THR N 315 -3.20 38.43 57.78
N VAL N 316 -4.00 39.26 57.11
CA VAL N 316 -4.01 39.29 55.66
C VAL N 316 -3.41 40.60 55.16
N PHE N 317 -2.11 40.58 54.87
CA PHE N 317 -1.44 41.77 54.36
C PHE N 317 -1.83 42.02 52.91
N ARG N 318 -1.59 43.26 52.47
CA ARG N 318 -1.85 43.66 51.10
C ARG N 318 -0.70 44.52 50.62
N GLY N 319 -0.72 44.86 49.34
CA GLY N 319 0.35 45.64 48.75
C GLY N 319 1.59 44.82 48.50
N ARG N 320 2.67 45.52 48.15
CA ARG N 320 3.96 44.90 47.87
C ARG N 320 4.89 45.12 49.05
N MET N 321 5.42 44.02 49.58
CA MET N 321 6.30 44.09 50.74
C MET N 321 7.20 42.86 50.75
N SER N 322 8.33 42.99 51.43
CA SER N 322 9.24 41.87 51.60
C SER N 322 8.64 40.85 52.56
N MET N 323 8.93 39.58 52.33
CA MET N 323 8.37 38.51 53.14
C MET N 323 9.17 38.25 54.41
N LYS N 324 10.27 38.97 54.64
CA LYS N 324 11.04 38.77 55.87
C LYS N 324 10.47 39.62 57.00
N GLU N 325 10.25 40.91 56.76
CA GLU N 325 9.70 41.78 57.79
C GLU N 325 8.30 41.34 58.21
N VAL N 326 7.50 40.87 57.25
CA VAL N 326 6.21 40.30 57.57
C VAL N 326 6.38 39.10 58.50
N ASP N 327 7.43 38.32 58.29
CA ASP N 327 7.72 37.14 59.08
C ASP N 327 8.43 37.53 60.38
N GLU N 328 9.49 38.33 60.28
CA GLU N 328 10.32 38.63 61.45
C GLU N 328 9.53 39.39 62.50
N GLN N 329 8.75 40.39 62.09
CA GLN N 329 8.02 41.19 63.08
C GLN N 329 6.91 40.40 63.75
N MET N 330 6.30 39.45 63.03
CA MET N 330 5.28 38.60 63.64
C MET N 330 5.86 37.74 64.75
N LEU N 331 7.13 37.37 64.64
CA LEU N 331 7.79 36.64 65.73
C LEU N 331 8.12 37.56 66.89
N ALA N 332 8.54 38.79 66.59
CA ALA N 332 8.86 39.74 67.65
C ALA N 332 7.63 40.07 68.48
N ILE N 333 6.47 40.19 67.84
CA ILE N 333 5.23 40.43 68.58
C ILE N 333 4.94 39.25 69.51
N GLN N 334 5.07 38.03 69.00
CA GLN N 334 4.72 36.86 69.79
C GLN N 334 5.63 36.68 71.00
N SER N 335 6.86 37.18 70.92
CA SER N 335 7.79 37.05 72.05
C SER N 335 7.55 38.14 73.09
N LYS N 336 7.48 39.40 72.65
CA LYS N 336 7.23 40.50 73.57
C LYS N 336 5.82 40.42 74.15
N ASN N 337 4.85 39.95 73.36
CA ASN N 337 3.45 39.89 73.75
C ASN N 337 3.02 38.45 74.01
N SER N 338 3.89 37.68 74.67
CA SER N 338 3.61 36.28 74.95
C SER N 338 2.68 36.06 76.13
N SER N 339 2.30 37.13 76.85
CA SER N 339 1.51 36.96 78.07
C SER N 339 0.03 36.75 77.78
N TYR N 340 -0.53 37.37 76.74
CA TYR N 340 -1.92 37.16 76.35
C TYR N 340 -2.06 36.24 75.14
N PHE N 341 -1.23 35.21 75.06
CA PHE N 341 -1.36 34.18 74.03
C PHE N 341 -1.53 32.82 74.68
N VAL N 342 -2.34 31.97 74.05
CA VAL N 342 -2.68 30.67 74.60
C VAL N 342 -1.46 29.76 74.56
N GLU N 343 -1.20 29.06 75.67
CA GLU N 343 0.01 28.26 75.80
C GLU N 343 -0.07 26.94 75.03
N TRP N 344 -1.26 26.34 74.93
CA TRP N 344 -1.37 25.02 74.33
C TRP N 344 -1.57 25.06 72.82
N ILE N 345 -1.57 26.25 72.21
CA ILE N 345 -1.51 26.37 70.77
C ILE N 345 -0.25 27.14 70.42
N PRO N 346 0.83 26.47 70.02
CA PRO N 346 2.03 27.18 69.58
C PRO N 346 1.80 27.85 68.24
N ASN N 347 2.80 28.66 67.85
CA ASN N 347 2.88 29.30 66.52
C ASN N 347 1.52 29.74 65.98
N ASN N 348 0.70 30.32 66.87
CA ASN N 348 -0.71 30.59 66.58
C ASN N 348 -0.90 31.92 65.83
N VAL N 349 -0.21 32.04 64.70
CA VAL N 349 -0.41 33.16 63.78
C VAL N 349 -0.46 32.62 62.37
N LYS N 350 -1.50 33.02 61.62
CA LYS N 350 -1.63 32.69 60.21
C LYS N 350 -1.49 33.97 59.40
N VAL N 351 -0.57 33.97 58.44
CA VAL N 351 -0.23 35.17 57.69
C VAL N 351 -0.36 34.88 56.20
N ALA N 352 -1.00 35.79 55.47
CA ALA N 352 -1.12 35.72 54.03
C ALA N 352 -0.78 37.07 53.43
N VAL N 353 -0.22 37.05 52.22
CA VAL N 353 0.26 38.26 51.55
C VAL N 353 -0.34 38.30 50.15
N CYS N 354 -0.93 39.44 49.79
CA CYS N 354 -1.43 39.69 48.45
C CYS N 354 -0.44 40.58 47.70
N ASP N 355 -0.79 40.98 46.48
CA ASP N 355 0.10 41.78 45.66
C ASP N 355 -0.54 43.04 45.09
N ILE N 356 -1.80 43.32 45.41
CA ILE N 356 -2.46 44.52 44.90
C ILE N 356 -2.80 45.44 46.07
N PRO N 357 -2.16 46.61 46.17
CA PRO N 357 -2.50 47.54 47.26
C PRO N 357 -3.86 48.16 47.04
N PRO N 358 -4.50 48.65 48.11
CA PRO N 358 -5.79 49.31 47.96
C PRO N 358 -5.64 50.63 47.22
N ARG N 359 -6.79 51.23 46.90
CA ARG N 359 -6.79 52.47 46.14
C ARG N 359 -6.21 53.60 46.98
N GLY N 360 -5.19 54.26 46.43
CA GLY N 360 -4.55 55.38 47.12
C GLY N 360 -3.81 55.01 48.38
N LEU N 361 -3.08 53.89 48.38
CA LEU N 361 -2.27 53.50 49.52
C LEU N 361 -1.16 52.56 49.06
N LYS N 362 0.01 52.71 49.69
CA LYS N 362 1.13 51.84 49.36
C LYS N 362 0.91 50.43 49.87
N MET N 363 0.45 50.29 51.11
CA MET N 363 0.24 48.99 51.70
C MET N 363 -0.78 49.11 52.83
N SER N 364 -1.38 47.99 53.19
CA SER N 364 -2.38 47.95 54.26
C SER N 364 -2.30 46.60 54.93
N SER N 365 -3.34 46.27 55.69
CA SER N 365 -3.42 44.98 56.37
C SER N 365 -4.86 44.73 56.79
N THR N 366 -5.07 43.58 57.42
CA THR N 366 -6.38 43.22 57.96
C THR N 366 -6.16 42.16 59.03
N PHE N 367 -6.58 42.44 60.25
CA PHE N 367 -6.31 41.58 61.39
C PHE N 367 -7.61 40.93 61.86
N ILE N 368 -7.63 39.61 61.88
CA ILE N 368 -8.78 38.83 62.34
C ILE N 368 -8.28 37.95 63.47
N GLY N 369 -8.80 38.18 64.67
CA GLY N 369 -8.36 37.43 65.83
C GLY N 369 -9.46 36.76 66.60
N ASN N 370 -9.39 35.43 66.74
CA ASN N 370 -10.35 34.68 67.53
C ASN N 370 -9.92 34.74 68.99
N SER N 371 -10.23 35.86 69.63
CA SER N 371 -9.80 36.12 70.99
C SER N 371 -10.76 35.49 71.99
N THR N 372 -10.50 35.75 73.28
CA THR N 372 -11.33 35.27 74.37
C THR N 372 -12.19 36.37 74.97
N ALA N 373 -11.83 37.64 74.76
CA ALA N 373 -12.57 38.75 75.34
C ALA N 373 -13.98 38.85 74.79
N ILE N 374 -14.30 38.13 73.71
CA ILE N 374 -15.67 38.02 73.25
C ILE N 374 -16.57 37.48 74.35
N GLN N 375 -16.02 36.62 75.21
CA GLN N 375 -16.77 36.06 76.34
C GLN N 375 -17.45 37.14 77.16
N GLU N 376 -16.76 38.26 77.41
CA GLU N 376 -17.34 39.32 78.22
C GLU N 376 -18.53 39.98 77.56
N LEU N 377 -18.67 39.88 76.23
CA LEU N 377 -19.82 40.46 75.55
C LEU N 377 -21.04 39.55 75.68
N PHE N 378 -20.84 38.25 75.65
CA PHE N 378 -21.96 37.32 75.83
C PHE N 378 -22.44 37.32 77.27
N LYS N 379 -21.55 37.54 78.23
CA LYS N 379 -21.95 37.61 79.63
C LYS N 379 -22.88 38.79 79.87
N ARG N 380 -22.57 39.94 79.25
CA ARG N 380 -23.41 41.12 79.43
C ARG N 380 -24.79 40.92 78.84
N ILE N 381 -24.87 40.36 77.62
CA ILE N 381 -26.16 40.17 76.97
C ILE N 381 -27.02 39.20 77.77
N SER N 382 -26.44 38.10 78.23
CA SER N 382 -27.19 37.15 79.05
C SER N 382 -27.60 37.76 80.39
N GLU N 383 -26.88 38.77 80.88
CA GLU N 383 -27.27 39.43 82.12
C GLU N 383 -28.53 40.27 81.92
N GLN N 384 -28.56 41.06 80.83
CA GLN N 384 -29.72 41.89 80.57
C GLN N 384 -30.95 41.05 80.25
N PHE N 385 -30.77 39.96 79.49
CA PHE N 385 -31.91 39.11 79.14
C PHE N 385 -32.51 38.47 80.36
N THR N 386 -31.67 37.98 81.28
CA THR N 386 -32.18 37.30 82.48
C THR N 386 -33.01 38.25 83.34
N ALA N 387 -32.50 39.48 83.54
CA ALA N 387 -33.22 40.44 84.37
C ALA N 387 -34.56 40.83 83.74
N MET N 388 -34.58 41.03 82.42
CA MET N 388 -35.80 41.43 81.74
C MET N 388 -36.78 40.28 81.58
N PHE N 389 -36.27 39.05 81.43
CA PHE N 389 -37.16 37.90 81.26
C PHE N 389 -37.84 37.51 82.57
N ARG N 390 -37.19 37.78 83.70
CA ARG N 390 -37.78 37.43 84.99
C ARG N 390 -39.06 38.20 85.23
N ARG N 391 -39.08 39.48 84.86
CA ARG N 391 -40.28 40.31 85.01
C ARG N 391 -41.27 40.12 83.87
N LYS N 392 -40.92 39.32 82.86
CA LYS N 392 -41.79 39.04 81.72
C LYS N 392 -42.17 40.33 80.98
N ALA N 393 -41.22 41.24 80.88
CA ALA N 393 -41.44 42.51 80.20
C ALA N 393 -41.28 42.33 78.69
N PHE N 394 -42.21 42.91 77.94
CA PHE N 394 -42.26 42.91 76.47
C PHE N 394 -42.50 41.52 75.90
N LEU N 395 -42.65 40.49 76.73
CA LEU N 395 -42.78 39.12 76.25
C LEU N 395 -44.15 38.83 75.66
N HIS N 396 -45.17 39.60 76.02
CA HIS N 396 -46.51 39.36 75.49
C HIS N 396 -46.62 39.68 74.00
N TRP N 397 -45.66 40.42 73.43
CA TRP N 397 -45.65 40.66 72.00
C TRP N 397 -45.07 39.49 71.21
N TYR N 398 -44.33 38.60 71.87
CA TYR N 398 -43.72 37.47 71.20
C TYR N 398 -44.62 36.23 71.17
N THR N 399 -45.26 35.90 72.29
CA THR N 399 -46.14 34.75 72.34
C THR N 399 -47.39 34.93 71.51
N GLY N 400 -47.69 36.16 71.09
CA GLY N 400 -48.84 36.43 70.24
C GLY N 400 -48.61 36.17 68.77
N GLU N 401 -47.42 35.70 68.40
CA GLU N 401 -47.09 35.43 67.00
C GLU N 401 -46.55 34.02 66.82
N GLY N 402 -47.03 33.07 67.62
CA GLY N 402 -46.64 31.69 67.52
C GLY N 402 -45.54 31.27 68.47
N MET N 403 -44.80 32.22 69.04
CA MET N 403 -43.73 31.88 69.96
C MET N 403 -44.29 31.48 71.32
N ASP N 404 -43.40 30.99 72.19
CA ASP N 404 -43.80 30.57 73.52
C ASP N 404 -42.62 30.74 74.47
N GLU N 405 -42.94 30.79 75.76
CA GLU N 405 -41.92 30.91 76.79
C GLU N 405 -40.99 29.71 76.80
N MET N 406 -41.46 28.55 76.33
CA MET N 406 -40.62 27.36 76.32
C MET N 406 -39.38 27.57 75.47
N GLU N 407 -39.52 28.26 74.34
CA GLU N 407 -38.37 28.52 73.48
C GLU N 407 -37.34 29.41 74.17
N PHE N 408 -37.80 30.33 75.02
CA PHE N 408 -36.90 31.26 75.69
C PHE N 408 -35.99 30.55 76.70
N THR N 409 -36.44 29.44 77.27
CA THR N 409 -35.61 28.72 78.24
C THR N 409 -34.35 28.17 77.58
N GLU N 410 -34.48 27.59 76.38
CA GLU N 410 -33.32 27.04 75.70
C GLU N 410 -32.39 28.11 75.14
N ALA N 411 -32.95 29.22 74.67
CA ALA N 411 -32.12 30.27 74.08
C ALA N 411 -31.18 30.88 75.11
N GLU N 412 -31.60 30.96 76.36
CA GLU N 412 -30.73 31.46 77.42
C GLU N 412 -29.81 30.39 77.99
N SER N 413 -30.29 29.16 78.10
CA SER N 413 -29.44 28.06 78.57
C SER N 413 -28.32 27.79 77.59
N ASN N 414 -28.61 27.86 76.28
CA ASN N 414 -27.57 27.66 75.28
C ASN N 414 -26.51 28.73 75.35
N MET N 415 -26.92 29.99 75.53
CA MET N 415 -25.96 31.08 75.65
C MET N 415 -25.08 30.91 76.88
N ASN N 416 -25.68 30.54 78.02
CA ASN N 416 -24.89 30.31 79.22
C ASN N 416 -23.99 29.10 79.08
N ASP N 417 -24.43 28.07 78.34
CA ASP N 417 -23.59 26.92 78.08
C ASP N 417 -22.38 27.31 77.22
N LEU N 418 -22.59 28.16 76.21
CA LEU N 418 -21.50 28.56 75.34
C LEU N 418 -20.45 29.37 76.08
N VAL N 419 -20.89 30.29 76.95
CA VAL N 419 -19.94 31.10 77.70
C VAL N 419 -19.20 30.29 78.75
N SER N 420 -19.74 29.13 79.15
CA SER N 420 -19.02 28.27 80.08
C SER N 420 -17.85 27.59 79.40
N GLU N 421 -18.05 27.10 78.17
CA GLU N 421 -16.95 26.49 77.43
C GLU N 421 -15.91 27.54 77.04
N TYR N 422 -16.35 28.77 76.76
CA TYR N 422 -15.43 29.83 76.38
C TYR N 422 -14.52 30.21 77.55
N GLN N 423 -15.07 30.26 78.77
CA GLN N 423 -14.27 30.54 79.95
C GLN N 423 -13.30 29.41 80.25
N GLN N 424 -13.74 28.16 80.07
CA GLN N 424 -12.92 27.02 80.46
C GLN N 424 -11.60 26.98 79.69
N TYR N 425 -11.64 27.33 78.41
CA TYR N 425 -10.44 27.21 77.58
C TYR N 425 -9.47 28.35 77.78
N GLN N 426 -9.88 29.44 78.43
CA GLN N 426 -8.95 30.53 78.71
C GLN N 426 -7.97 30.15 79.81
N ASP N 427 -8.46 29.54 80.89
CA ASP N 427 -7.62 29.13 82.00
C ASP N 427 -7.15 27.69 81.89
N ALA N 428 -7.53 26.97 80.84
CA ALA N 428 -7.10 25.60 80.68
C ALA N 428 -5.61 25.52 80.42
N THR N 429 -4.96 24.51 80.99
CA THR N 429 -3.53 24.32 80.83
C THR N 429 -3.23 22.95 80.23
#